data_2L3Y
#
_entry.id   2L3Y
#
_entity_poly.entity_id   1
_entity_poly.type   'polypeptide(L)'
_entity_poly.pdbx_seq_one_letter_code
;GAMGSTSQVRRGDFTEDTTPNRPVYTTSQVGGLITHVLWEIVEMRKELCNGNSDCMNNDDALAENNLKLPEIQRNDGCYQ
TGYNQEICLLKISSGLLEYHSYLEYMKNNLKDNKKDKARVLQRDTETLIHIFNQEVKDLHKIVLPTPISNALLTDKLESQ
KEWLRTKTIQFILKSLEEFLKVTLRSTRQT
;
_entity_poly.pdbx_strand_id   A
#
# COMPACT_ATOMS: atom_id res chain seq x y z
N SER A 7 6.93 -14.65 -1.84
CA SER A 7 7.23 -16.04 -2.11
C SER A 7 6.11 -16.95 -1.60
N GLN A 8 4.88 -16.61 -1.95
CA GLN A 8 3.73 -17.39 -1.52
C GLN A 8 2.43 -16.83 -2.12
N VAL A 9 1.77 -17.63 -2.94
CA VAL A 9 0.53 -17.21 -3.58
C VAL A 9 -0.51 -16.81 -2.54
N ARG A 10 -1.30 -15.79 -2.86
CA ARG A 10 -2.34 -15.30 -1.96
C ARG A 10 -3.65 -15.08 -2.71
N ARG A 11 -4.76 -15.35 -2.01
CA ARG A 11 -6.08 -15.19 -2.61
C ARG A 11 -6.36 -13.72 -2.93
N GLY A 12 -7.45 -13.47 -3.64
CA GLY A 12 -7.82 -12.11 -3.99
C GLY A 12 -9.06 -11.64 -3.28
N ASP A 13 -10.03 -12.54 -3.10
CA ASP A 13 -11.27 -12.20 -2.42
C ASP A 13 -11.97 -11.04 -3.12
N PHE A 14 -13.12 -10.64 -2.59
CA PHE A 14 -13.89 -9.54 -3.16
C PHE A 14 -13.01 -8.29 -3.33
N THR A 15 -13.39 -7.44 -4.27
CA THR A 15 -12.64 -6.23 -4.54
C THR A 15 -13.57 -5.04 -4.68
N GLU A 16 -14.85 -5.25 -4.41
CA GLU A 16 -15.85 -4.19 -4.51
C GLU A 16 -16.74 -4.16 -3.26
N ASP A 17 -17.15 -2.96 -2.86
CA ASP A 17 -18.00 -2.80 -1.69
C ASP A 17 -18.40 -1.34 -1.51
N THR A 18 -18.55 -0.63 -2.62
CA THR A 18 -18.92 0.77 -2.58
C THR A 18 -17.99 1.57 -1.68
N THR A 19 -18.31 2.85 -1.47
CA THR A 19 -17.50 3.71 -0.62
C THR A 19 -18.22 4.05 0.68
N PRO A 20 -17.46 4.47 1.69
CA PRO A 20 -18.01 4.82 3.00
C PRO A 20 -18.82 6.12 2.95
N ASN A 21 -19.19 6.61 4.13
CA ASN A 21 -19.98 7.84 4.22
C ASN A 21 -19.25 8.89 5.05
N ARG A 22 -18.56 8.43 6.10
CA ARG A 22 -17.82 9.32 6.98
C ARG A 22 -16.79 8.55 7.81
N PRO A 23 -15.75 9.25 8.27
CA PRO A 23 -14.69 8.65 9.08
C PRO A 23 -15.17 8.25 10.47
N VAL A 24 -15.84 7.10 10.54
CA VAL A 24 -16.35 6.59 11.81
C VAL A 24 -15.24 5.97 12.65
N TYR A 25 -14.12 5.66 12.00
CA TYR A 25 -12.99 5.06 12.68
C TYR A 25 -13.35 3.68 13.22
N THR A 26 -14.34 3.05 12.61
CA THR A 26 -14.78 1.72 13.03
C THR A 26 -14.31 0.65 12.05
N THR A 27 -14.42 -0.61 12.47
CA THR A 27 -14.01 -1.72 11.63
C THR A 27 -14.63 -1.65 10.25
N SER A 28 -15.86 -1.15 10.18
CA SER A 28 -16.57 -1.00 8.91
C SER A 28 -15.93 0.06 8.05
N GLN A 29 -15.62 1.21 8.65
CA GLN A 29 -15.00 2.30 7.93
C GLN A 29 -13.65 1.89 7.34
N VAL A 30 -12.80 1.32 8.20
CA VAL A 30 -11.48 0.88 7.76
C VAL A 30 -11.59 -0.19 6.68
N GLY A 31 -12.50 -1.14 6.88
CA GLY A 31 -12.69 -2.21 5.92
C GLY A 31 -13.03 -1.69 4.54
N GLY A 32 -14.05 -0.83 4.47
CA GLY A 32 -14.45 -0.28 3.18
C GLY A 32 -13.36 0.56 2.54
N LEU A 33 -12.63 1.30 3.36
CA LEU A 33 -11.55 2.15 2.86
C LEU A 33 -10.41 1.31 2.30
N ILE A 34 -10.17 0.15 2.92
CA ILE A 34 -9.11 -0.74 2.48
C ILE A 34 -9.45 -1.38 1.13
N THR A 35 -10.67 -1.92 1.02
CA THR A 35 -11.11 -2.56 -0.20
C THR A 35 -11.19 -1.56 -1.35
N HIS A 36 -11.64 -0.35 -1.04
CA HIS A 36 -11.77 0.70 -2.04
C HIS A 36 -10.39 1.12 -2.55
N VAL A 37 -9.52 1.52 -1.63
CA VAL A 37 -8.17 1.94 -1.99
C VAL A 37 -7.40 0.83 -2.68
N LEU A 38 -7.69 -0.41 -2.29
CA LEU A 38 -7.03 -1.57 -2.87
C LEU A 38 -7.41 -1.73 -4.35
N TRP A 39 -8.70 -1.67 -4.63
CA TRP A 39 -9.20 -1.79 -6.00
C TRP A 39 -8.66 -0.67 -6.88
N GLU A 40 -8.68 0.55 -6.35
CA GLU A 40 -8.20 1.70 -7.10
C GLU A 40 -6.72 1.54 -7.44
N ILE A 41 -5.92 1.17 -6.46
CA ILE A 41 -4.49 0.98 -6.66
C ILE A 41 -4.21 -0.05 -7.75
N VAL A 42 -4.92 -1.18 -7.67
CA VAL A 42 -4.76 -2.25 -8.65
C VAL A 42 -5.04 -1.75 -10.06
N GLU A 43 -6.22 -1.16 -10.25
CA GLU A 43 -6.62 -0.64 -11.55
C GLU A 43 -5.63 0.42 -12.04
N MET A 44 -5.27 1.33 -11.13
CA MET A 44 -4.33 2.40 -11.46
C MET A 44 -2.97 1.84 -11.83
N ARG A 45 -2.61 0.70 -11.22
CA ARG A 45 -1.33 0.07 -11.47
C ARG A 45 -1.30 -0.52 -12.88
N LYS A 46 -2.31 -1.32 -13.21
CA LYS A 46 -2.39 -1.94 -14.51
C LYS A 46 -2.69 -0.92 -15.60
N GLU A 47 -3.38 0.16 -15.21
CA GLU A 47 -3.73 1.21 -16.15
C GLU A 47 -2.49 1.75 -16.86
N LEU A 48 -1.39 1.83 -16.13
CA LEU A 48 -0.13 2.33 -16.68
C LEU A 48 0.25 1.55 -17.94
N CYS A 49 -0.12 0.26 -17.97
CA CYS A 49 0.18 -0.59 -19.11
C CYS A 49 -1.00 -0.66 -20.07
N ASN A 50 -1.75 0.44 -20.15
CA ASN A 50 -2.91 0.49 -21.03
C ASN A 50 -3.95 -0.56 -20.64
N GLY A 51 -3.93 -0.95 -19.37
CA GLY A 51 -4.87 -1.95 -18.90
C GLY A 51 -4.66 -3.31 -19.55
N ASN A 52 -3.40 -3.71 -19.67
CA ASN A 52 -3.06 -4.99 -20.28
C ASN A 52 -2.88 -6.07 -19.22
N SER A 53 -3.78 -7.06 -19.24
CA SER A 53 -3.72 -8.15 -18.27
C SER A 53 -2.35 -8.84 -18.31
N ASP A 54 -1.70 -8.78 -19.46
CA ASP A 54 -0.40 -9.40 -19.64
C ASP A 54 0.65 -8.70 -18.77
N CYS A 55 0.58 -7.37 -18.72
CA CYS A 55 1.52 -6.59 -17.95
C CYS A 55 1.41 -6.91 -16.46
N MET A 56 0.18 -7.12 -16.00
CA MET A 56 -0.07 -7.44 -14.60
C MET A 56 0.66 -8.72 -14.20
N ASN A 57 0.78 -9.65 -15.15
CA ASN A 57 1.45 -10.91 -14.89
C ASN A 57 2.68 -11.06 -15.78
N ASN A 58 3.28 -9.93 -16.15
CA ASN A 58 4.46 -9.94 -17.00
C ASN A 58 5.72 -10.18 -16.17
N ASP A 59 6.01 -9.26 -15.26
CA ASP A 59 7.18 -9.37 -14.40
C ASP A 59 6.80 -9.85 -13.01
N ASP A 60 5.72 -10.63 -12.94
CA ASP A 60 5.24 -11.15 -11.66
C ASP A 60 5.76 -12.57 -11.43
N ALA A 61 6.95 -12.84 -11.94
CA ALA A 61 7.56 -14.16 -11.79
C ALA A 61 8.87 -14.08 -11.03
N LEU A 62 9.57 -12.96 -11.18
CA LEU A 62 10.85 -12.75 -10.51
C LEU A 62 10.78 -11.56 -9.57
N ALA A 63 10.08 -10.51 -9.99
CA ALA A 63 9.94 -9.31 -9.19
C ALA A 63 9.42 -9.64 -7.79
N GLU A 64 8.52 -10.61 -7.72
CA GLU A 64 7.95 -11.03 -6.44
C GLU A 64 9.05 -11.42 -5.45
N ASN A 65 10.18 -11.84 -5.98
CA ASN A 65 11.31 -12.24 -5.14
C ASN A 65 12.57 -11.46 -5.50
N ASN A 66 12.38 -10.18 -5.79
CA ASN A 66 13.51 -9.31 -6.15
C ASN A 66 13.19 -7.85 -5.86
N LEU A 67 12.38 -7.63 -4.82
CA LEU A 67 11.99 -6.27 -4.43
C LEU A 67 12.91 -5.74 -3.32
N LYS A 68 13.24 -4.45 -3.41
CA LYS A 68 14.09 -3.82 -2.41
C LYS A 68 13.31 -3.47 -1.16
N LEU A 69 12.01 -3.27 -1.32
CA LEU A 69 11.14 -2.93 -0.19
C LEU A 69 10.76 -4.17 0.61
N PRO A 70 10.44 -3.96 1.89
CA PRO A 70 10.06 -5.05 2.79
C PRO A 70 8.71 -5.65 2.44
N GLU A 71 8.48 -6.90 2.84
CA GLU A 71 7.22 -7.58 2.56
C GLU A 71 6.87 -8.55 3.68
N ILE A 72 5.59 -8.59 4.05
CA ILE A 72 5.12 -9.48 5.10
C ILE A 72 5.23 -10.94 4.68
N GLN A 73 5.71 -11.78 5.60
CA GLN A 73 5.86 -13.20 5.32
C GLN A 73 6.34 -13.95 6.56
N ARG A 74 5.69 -13.69 7.69
CA ARG A 74 6.04 -14.33 8.94
C ARG A 74 5.02 -15.40 9.32
N ASN A 75 3.79 -14.96 9.58
CA ASN A 75 2.72 -15.88 9.96
C ASN A 75 1.37 -15.17 9.94
N ASP A 76 0.30 -15.93 10.19
CA ASP A 76 -1.04 -15.37 10.20
C ASP A 76 -1.60 -15.31 11.63
N GLY A 77 -0.70 -15.13 12.58
CA GLY A 77 -1.12 -15.06 13.98
C GLY A 77 0.06 -14.99 14.93
N CYS A 78 -0.19 -14.50 16.14
CA CYS A 78 0.86 -14.38 17.15
C CYS A 78 1.09 -15.71 17.86
N TYR A 79 0.11 -16.12 18.66
CA TYR A 79 0.20 -17.37 19.40
C TYR A 79 -1.08 -17.65 20.16
N GLN A 80 -1.56 -18.89 20.08
CA GLN A 80 -2.78 -19.30 20.76
C GLN A 80 -2.55 -19.39 22.26
N THR A 81 -1.37 -19.85 22.66
CA THR A 81 -1.03 -19.99 24.07
C THR A 81 0.47 -20.14 24.25
N GLY A 82 0.92 -19.98 25.50
CA GLY A 82 2.35 -20.12 25.78
C GLY A 82 3.03 -18.77 25.96
N TYR A 83 2.42 -17.73 25.41
CA TYR A 83 2.98 -16.38 25.51
C TYR A 83 4.43 -16.36 25.02
N ASN A 84 4.69 -17.08 23.95
CA ASN A 84 6.04 -17.14 23.37
C ASN A 84 6.24 -16.07 22.32
N GLN A 85 7.42 -15.46 22.32
CA GLN A 85 7.73 -14.41 21.36
C GLN A 85 6.70 -13.28 21.41
N GLU A 86 6.65 -12.60 22.55
CA GLU A 86 5.70 -11.51 22.74
C GLU A 86 5.98 -10.37 21.76
N ILE A 87 5.16 -9.33 21.82
CA ILE A 87 5.32 -8.17 20.95
C ILE A 87 5.22 -8.57 19.48
N CYS A 88 4.00 -8.83 19.02
CA CYS A 88 3.76 -9.23 17.64
C CYS A 88 3.05 -8.11 16.87
N LEU A 89 3.09 -8.20 15.55
CA LEU A 89 2.45 -7.21 14.70
C LEU A 89 3.09 -5.84 14.88
N LEU A 90 3.97 -5.47 13.96
CA LEU A 90 4.66 -4.18 14.02
C LEU A 90 5.34 -3.86 12.70
N LYS A 91 6.14 -2.79 12.70
CA LYS A 91 6.86 -2.38 11.49
C LYS A 91 5.89 -2.19 10.33
N ILE A 92 4.82 -1.44 10.56
CA ILE A 92 3.83 -1.19 9.52
C ILE A 92 3.85 0.28 9.10
N SER A 93 4.19 1.16 10.03
CA SER A 93 4.24 2.59 9.76
C SER A 93 5.24 2.89 8.65
N SER A 94 6.39 2.22 8.69
CA SER A 94 7.43 2.42 7.70
C SER A 94 6.93 2.07 6.30
N GLY A 95 6.36 0.88 6.16
CA GLY A 95 5.84 0.45 4.88
C GLY A 95 4.80 1.40 4.32
N LEU A 96 3.79 1.71 5.13
CA LEU A 96 2.72 2.61 4.71
C LEU A 96 3.27 4.01 4.45
N LEU A 97 4.28 4.40 5.22
CA LEU A 97 4.89 5.71 5.06
C LEU A 97 5.58 5.83 3.71
N GLU A 98 6.40 4.84 3.38
CA GLU A 98 7.13 4.83 2.12
C GLU A 98 6.16 4.81 0.94
N TYR A 99 5.23 3.86 0.95
CA TYR A 99 4.24 3.73 -0.12
C TYR A 99 3.47 5.03 -0.31
N HIS A 100 3.05 5.63 0.80
CA HIS A 100 2.31 6.88 0.75
C HIS A 100 3.14 7.99 0.12
N SER A 101 4.42 8.05 0.48
CA SER A 101 5.32 9.07 -0.05
C SER A 101 5.59 8.83 -1.53
N TYR A 102 5.52 7.57 -1.95
CA TYR A 102 5.77 7.21 -3.34
C TYR A 102 4.59 7.64 -4.22
N LEU A 103 3.39 7.22 -3.86
CA LEU A 103 2.20 7.56 -4.61
C LEU A 103 1.97 9.07 -4.62
N GLU A 104 2.15 9.69 -3.46
CA GLU A 104 1.97 11.14 -3.33
C GLU A 104 3.05 11.89 -4.11
N TYR A 105 4.23 11.31 -4.17
CA TYR A 105 5.35 11.93 -4.88
C TYR A 105 5.08 11.98 -6.38
N MET A 106 4.72 10.82 -6.94
CA MET A 106 4.43 10.73 -8.37
C MET A 106 3.09 11.39 -8.71
N LYS A 107 2.20 11.44 -7.72
CA LYS A 107 0.89 12.05 -7.90
C LYS A 107 1.02 13.49 -8.38
N ASN A 108 1.97 14.21 -7.82
CA ASN A 108 2.19 15.61 -8.20
C ASN A 108 2.54 15.72 -9.68
N ASN A 109 3.30 14.75 -10.18
CA ASN A 109 3.70 14.75 -11.58
C ASN A 109 3.00 13.62 -12.34
N LEU A 110 1.71 13.81 -12.61
CA LEU A 110 0.92 12.82 -13.33
C LEU A 110 -0.06 13.49 -14.28
N LYS A 111 -0.81 12.67 -15.02
CA LYS A 111 -1.79 13.19 -15.98
C LYS A 111 -3.06 13.64 -15.26
N ASP A 112 -4.05 14.05 -16.03
CA ASP A 112 -5.32 14.50 -15.48
C ASP A 112 -6.02 13.37 -14.73
N ASN A 113 -6.16 12.23 -15.39
CA ASN A 113 -6.82 11.07 -14.79
C ASN A 113 -5.96 10.48 -13.67
N LYS A 114 -4.67 10.28 -13.96
CA LYS A 114 -3.75 9.72 -12.98
C LYS A 114 -3.74 10.57 -11.70
N LYS A 115 -3.80 11.89 -11.87
CA LYS A 115 -3.80 12.80 -10.74
C LYS A 115 -5.10 12.68 -9.95
N ASP A 116 -6.22 12.65 -10.67
CA ASP A 116 -7.53 12.55 -10.03
C ASP A 116 -7.60 11.32 -9.12
N LYS A 117 -7.20 10.17 -9.66
CA LYS A 117 -7.21 8.93 -8.90
C LYS A 117 -6.12 8.92 -7.83
N ALA A 118 -4.96 9.47 -8.18
CA ALA A 118 -3.84 9.54 -7.25
C ALA A 118 -4.24 10.23 -5.95
N ARG A 119 -4.96 11.34 -6.07
CA ARG A 119 -5.41 12.08 -4.89
C ARG A 119 -6.21 11.18 -3.95
N VAL A 120 -7.18 10.47 -4.50
CA VAL A 120 -8.02 9.57 -3.71
C VAL A 120 -7.17 8.48 -3.04
N LEU A 121 -6.21 7.95 -3.79
CA LEU A 121 -5.33 6.90 -3.27
C LEU A 121 -4.58 7.39 -2.03
N GLN A 122 -3.97 8.56 -2.13
CA GLN A 122 -3.22 9.13 -1.02
C GLN A 122 -4.13 9.35 0.19
N ARG A 123 -5.29 9.95 -0.05
CA ARG A 123 -6.24 10.22 1.02
C ARG A 123 -6.58 8.94 1.79
N ASP A 124 -6.98 7.92 1.07
CA ASP A 124 -7.33 6.63 1.68
C ASP A 124 -6.17 6.10 2.50
N THR A 125 -4.98 6.08 1.90
CA THR A 125 -3.79 5.59 2.58
C THR A 125 -3.58 6.30 3.91
N GLU A 126 -3.61 7.63 3.88
CA GLU A 126 -3.43 8.43 5.07
C GLU A 126 -4.51 8.12 6.11
N THR A 127 -5.71 7.82 5.62
CA THR A 127 -6.84 7.51 6.50
C THR A 127 -6.58 6.23 7.29
N LEU A 128 -6.32 5.15 6.58
CA LEU A 128 -6.06 3.85 7.21
C LEU A 128 -4.81 3.93 8.09
N ILE A 129 -3.85 4.75 7.68
CA ILE A 129 -2.62 4.91 8.43
C ILE A 129 -2.86 5.67 9.74
N HIS A 130 -3.76 6.65 9.69
CA HIS A 130 -4.08 7.45 10.87
C HIS A 130 -4.85 6.62 11.88
N ILE A 131 -5.83 5.86 11.39
CA ILE A 131 -6.65 5.03 12.27
C ILE A 131 -5.82 3.90 12.88
N PHE A 132 -5.05 3.22 12.05
CA PHE A 132 -4.20 2.12 12.51
C PHE A 132 -3.16 2.62 13.50
N ASN A 133 -2.45 3.68 13.12
CA ASN A 133 -1.41 4.25 13.98
C ASN A 133 -2.00 4.72 15.31
N GLN A 134 -3.18 5.33 15.24
CA GLN A 134 -3.86 5.82 16.44
C GLN A 134 -4.20 4.67 17.39
N GLU A 135 -4.78 3.62 16.83
CA GLU A 135 -5.17 2.45 17.63
C GLU A 135 -3.95 1.84 18.31
N VAL A 136 -2.91 1.56 17.54
CA VAL A 136 -1.69 0.98 18.07
C VAL A 136 -0.98 1.94 19.02
N LYS A 137 -1.17 3.24 18.78
CA LYS A 137 -0.55 4.26 19.61
C LYS A 137 -1.17 4.29 21.00
N ASP A 138 -2.50 4.14 21.05
CA ASP A 138 -3.22 4.15 22.32
C ASP A 138 -2.99 2.83 23.07
N LEU A 139 -3.00 1.73 22.33
CA LEU A 139 -2.81 0.41 22.91
C LEU A 139 -1.36 0.23 23.37
N HIS A 140 -0.43 0.36 22.42
CA HIS A 140 0.99 0.21 22.72
C HIS A 140 1.77 1.42 22.25
N LYS A 141 3.10 1.31 22.27
CA LYS A 141 3.97 2.41 21.85
C LYS A 141 4.46 2.18 20.43
N ILE A 142 5.22 3.14 19.91
CA ILE A 142 5.76 3.04 18.56
C ILE A 142 6.68 4.23 18.25
N VAL A 143 7.71 3.97 17.45
CA VAL A 143 8.66 5.02 17.08
C VAL A 143 9.15 4.82 15.64
N LEU A 144 9.48 5.92 14.98
CA LEU A 144 9.97 5.87 13.61
C LEU A 144 10.89 7.05 13.32
N PRO A 145 11.99 6.78 12.59
CA PRO A 145 12.96 7.82 12.23
C PRO A 145 12.41 8.80 11.20
N THR A 146 12.53 8.44 9.92
CA THR A 146 12.05 9.29 8.84
C THR A 146 12.35 8.68 7.48
N PRO A 147 11.46 8.92 6.51
CA PRO A 147 11.61 8.40 5.14
C PRO A 147 12.75 9.07 4.40
N ILE A 148 13.61 8.25 3.78
CA ILE A 148 14.75 8.77 3.03
C ILE A 148 14.64 8.41 1.56
N SER A 149 13.87 7.37 1.26
CA SER A 149 13.68 6.92 -0.11
C SER A 149 13.25 8.08 -1.01
N ASN A 150 12.42 8.96 -0.46
CA ASN A 150 11.94 10.12 -1.21
C ASN A 150 13.09 10.88 -1.85
N ALA A 151 14.14 11.14 -1.06
CA ALA A 151 15.31 11.86 -1.55
C ALA A 151 15.90 11.17 -2.78
N LEU A 152 16.21 9.88 -2.64
CA LEU A 152 16.79 9.11 -3.73
C LEU A 152 15.95 9.25 -5.00
N LEU A 153 14.65 9.01 -4.86
CA LEU A 153 13.73 9.11 -5.99
C LEU A 153 13.86 10.48 -6.68
N THR A 154 13.50 11.53 -5.95
CA THR A 154 13.57 12.89 -6.48
C THR A 154 14.95 13.18 -7.06
N ASP A 155 15.97 12.58 -6.46
CA ASP A 155 17.35 12.78 -6.91
C ASP A 155 17.48 12.47 -8.39
N LYS A 156 16.66 11.55 -8.88
CA LYS A 156 16.69 11.16 -10.28
C LYS A 156 18.07 10.66 -10.69
N LEU A 157 18.23 10.33 -11.96
CA LEU A 157 19.50 9.85 -12.47
C LEU A 157 19.47 9.75 -14.00
N GLU A 158 19.61 10.90 -14.67
CA GLU A 158 19.61 10.94 -16.12
C GLU A 158 18.26 10.48 -16.67
N SER A 159 17.32 11.41 -16.78
CA SER A 159 15.99 11.10 -17.29
C SER A 159 15.14 12.36 -17.38
N GLN A 160 14.15 12.34 -18.27
CA GLN A 160 13.26 13.48 -18.46
C GLN A 160 11.84 13.03 -18.74
N LYS A 161 11.62 12.48 -19.94
CA LYS A 161 10.32 12.00 -20.34
C LYS A 161 10.42 10.67 -21.07
N GLU A 162 11.13 9.71 -20.46
CA GLU A 162 11.30 8.39 -21.05
C GLU A 162 10.27 7.41 -20.50
N TRP A 163 10.32 6.17 -20.99
CA TRP A 163 9.40 5.14 -20.55
C TRP A 163 10.09 4.14 -19.62
N LEU A 164 11.05 4.63 -18.85
CA LEU A 164 11.79 3.78 -17.92
C LEU A 164 11.24 3.92 -16.50
N ARG A 165 10.64 5.07 -16.22
CA ARG A 165 10.07 5.33 -14.90
C ARG A 165 8.97 4.33 -14.58
N THR A 166 8.29 3.84 -15.61
CA THR A 166 7.21 2.88 -15.44
C THR A 166 7.65 1.70 -14.57
N LYS A 167 8.95 1.43 -14.57
CA LYS A 167 9.50 0.33 -13.77
C LYS A 167 9.42 0.66 -12.28
N THR A 168 10.21 1.63 -11.85
CA THR A 168 10.24 2.03 -10.44
C THR A 168 8.82 2.25 -9.91
N ILE A 169 7.99 2.94 -10.69
CA ILE A 169 6.62 3.21 -10.30
C ILE A 169 5.82 1.92 -10.16
N GLN A 170 5.96 1.04 -11.14
CA GLN A 170 5.25 -0.24 -11.13
C GLN A 170 5.68 -1.08 -9.93
N PHE A 171 6.95 -0.94 -9.53
CA PHE A 171 7.48 -1.69 -8.41
C PHE A 171 6.87 -1.21 -7.09
N ILE A 172 6.99 0.09 -6.84
CA ILE A 172 6.44 0.68 -5.62
C ILE A 172 4.93 0.47 -5.53
N LEU A 173 4.27 0.54 -6.67
CA LEU A 173 2.82 0.36 -6.74
C LEU A 173 2.44 -1.08 -6.37
N LYS A 174 3.06 -2.03 -7.05
CA LYS A 174 2.79 -3.45 -6.81
C LYS A 174 3.02 -3.80 -5.34
N SER A 175 4.15 -3.36 -4.80
CA SER A 175 4.49 -3.63 -3.41
C SER A 175 3.46 -3.01 -2.47
N LEU A 176 3.11 -1.75 -2.73
CA LEU A 176 2.13 -1.05 -1.90
C LEU A 176 0.83 -1.83 -1.81
N GLU A 177 0.23 -2.10 -2.97
CA GLU A 177 -1.03 -2.84 -3.02
C GLU A 177 -0.89 -4.17 -2.28
N GLU A 178 0.12 -4.95 -2.66
CA GLU A 178 0.35 -6.25 -2.04
C GLU A 178 0.41 -6.12 -0.52
N PHE A 179 1.24 -5.19 -0.04
CA PHE A 179 1.40 -4.97 1.38
C PHE A 179 0.07 -4.58 2.03
N LEU A 180 -0.76 -3.87 1.27
CA LEU A 180 -2.06 -3.42 1.77
C LEU A 180 -2.97 -4.62 2.02
N LYS A 181 -3.27 -5.37 0.95
CA LYS A 181 -4.13 -6.54 1.05
C LYS A 181 -3.64 -7.49 2.14
N VAL A 182 -2.33 -7.75 2.14
CA VAL A 182 -1.74 -8.64 3.13
C VAL A 182 -1.97 -8.13 4.54
N THR A 183 -1.62 -6.87 4.78
CA THR A 183 -1.79 -6.27 6.10
C THR A 183 -3.23 -6.41 6.59
N LEU A 184 -4.18 -6.16 5.69
CA LEU A 184 -5.59 -6.25 6.02
C LEU A 184 -5.95 -7.68 6.45
N ARG A 185 -5.59 -8.65 5.61
CA ARG A 185 -5.89 -10.05 5.90
C ARG A 185 -5.23 -10.47 7.22
N SER A 186 -4.04 -9.95 7.49
CA SER A 186 -3.33 -10.27 8.72
C SER A 186 -4.08 -9.77 9.94
N THR A 187 -4.45 -8.49 9.92
CA THR A 187 -5.17 -7.89 11.03
C THR A 187 -6.59 -8.45 11.13
N ARG A 188 -7.11 -8.94 10.01
CA ARG A 188 -8.45 -9.50 9.98
C ARG A 188 -8.43 -10.96 10.44
N GLN A 189 -7.29 -11.62 10.28
CA GLN A 189 -7.15 -13.01 10.67
C GLN A 189 -8.08 -13.91 9.86
N THR A 190 -8.58 -13.38 8.75
CA THR A 190 -9.49 -14.13 7.89
C THR A 190 -9.30 -13.74 6.43
N SER A 7 1.79 -16.57 -1.07
CA SER A 7 0.56 -16.79 -0.32
C SER A 7 -0.56 -17.28 -1.23
N GLN A 8 -1.66 -17.71 -0.63
CA GLN A 8 -2.81 -18.21 -1.39
C GLN A 8 -4.04 -17.34 -1.15
N VAL A 9 -3.98 -16.09 -1.63
CA VAL A 9 -5.09 -15.16 -1.47
C VAL A 9 -5.73 -14.83 -2.81
N ARG A 10 -7.04 -14.62 -2.80
CA ARG A 10 -7.77 -14.30 -4.02
C ARG A 10 -8.91 -13.31 -3.74
N ARG A 11 -8.60 -12.02 -3.82
CA ARG A 11 -9.58 -10.98 -3.55
C ARG A 11 -9.57 -9.94 -4.66
N GLY A 12 -10.44 -8.94 -4.54
CA GLY A 12 -10.51 -7.88 -5.54
C GLY A 12 -11.93 -7.60 -5.98
N ASP A 13 -12.82 -8.55 -5.75
CA ASP A 13 -14.22 -8.40 -6.13
C ASP A 13 -14.82 -7.16 -5.49
N PHE A 14 -15.51 -6.35 -6.30
CA PHE A 14 -16.14 -5.13 -5.81
C PHE A 14 -17.63 -5.10 -6.15
N THR A 15 -18.32 -4.08 -5.67
CA THR A 15 -19.75 -3.94 -5.93
C THR A 15 -20.06 -2.61 -6.62
N GLU A 16 -19.32 -1.57 -6.25
CA GLU A 16 -19.51 -0.25 -6.82
C GLU A 16 -20.96 0.23 -6.62
N ASP A 17 -21.25 1.41 -7.14
CA ASP A 17 -22.59 1.98 -7.02
C ASP A 17 -22.93 2.24 -5.55
N THR A 18 -21.91 2.47 -4.74
CA THR A 18 -22.10 2.74 -3.31
C THR A 18 -21.09 3.76 -2.81
N THR A 19 -21.59 4.79 -2.13
CA THR A 19 -20.73 5.84 -1.59
C THR A 19 -20.43 5.60 -0.12
N PRO A 20 -19.36 6.22 0.38
CA PRO A 20 -18.94 6.09 1.78
C PRO A 20 -19.90 6.78 2.74
N ASN A 21 -19.63 6.67 4.03
CA ASN A 21 -20.46 7.29 5.05
C ASN A 21 -19.62 8.07 6.05
N ARG A 22 -18.80 8.98 5.54
CA ARG A 22 -17.94 9.80 6.39
C ARG A 22 -16.95 8.93 7.16
N PRO A 23 -15.87 9.55 7.66
CA PRO A 23 -14.83 8.84 8.41
C PRO A 23 -15.32 8.39 9.79
N VAL A 24 -15.63 7.11 9.92
CA VAL A 24 -16.11 6.54 11.17
C VAL A 24 -14.96 5.97 12.00
N TYR A 25 -13.86 5.65 11.32
CA TYR A 25 -12.69 5.09 11.99
C TYR A 25 -13.03 3.75 12.65
N THR A 26 -14.07 3.09 12.14
CA THR A 26 -14.49 1.80 12.67
C THR A 26 -14.14 0.67 11.72
N THR A 27 -14.32 -0.56 12.17
CA THR A 27 -14.01 -1.74 11.38
C THR A 27 -14.67 -1.65 10.01
N SER A 28 -15.94 -1.24 9.99
CA SER A 28 -16.68 -1.12 8.74
C SER A 28 -16.01 -0.13 7.80
N GLN A 29 -15.72 1.06 8.31
CA GLN A 29 -15.07 2.10 7.51
C GLN A 29 -13.70 1.64 7.03
N VAL A 30 -12.97 0.95 7.91
CA VAL A 30 -11.65 0.45 7.57
C VAL A 30 -11.71 -0.56 6.43
N GLY A 31 -12.53 -1.59 6.61
CA GLY A 31 -12.67 -2.61 5.59
C GLY A 31 -13.06 -2.03 4.24
N GLY A 32 -14.12 -1.24 4.23
CA GLY A 32 -14.59 -0.64 2.99
C GLY A 32 -13.55 0.28 2.37
N LEU A 33 -12.84 1.00 3.22
CA LEU A 33 -11.81 1.93 2.74
C LEU A 33 -10.66 1.18 2.08
N ILE A 34 -10.19 0.13 2.75
CA ILE A 34 -9.09 -0.68 2.23
C ILE A 34 -9.46 -1.32 0.89
N THR A 35 -10.70 -1.80 0.80
CA THR A 35 -11.18 -2.43 -0.42
C THR A 35 -11.23 -1.44 -1.57
N HIS A 36 -11.80 -0.27 -1.31
CA HIS A 36 -11.92 0.77 -2.33
C HIS A 36 -10.53 1.21 -2.82
N VAL A 37 -9.69 1.62 -1.87
CA VAL A 37 -8.35 2.07 -2.21
C VAL A 37 -7.55 0.97 -2.90
N LEU A 38 -7.82 -0.28 -2.52
CA LEU A 38 -7.14 -1.42 -3.10
C LEU A 38 -7.46 -1.55 -4.59
N TRP A 39 -8.75 -1.48 -4.91
CA TRP A 39 -9.20 -1.59 -6.30
C TRP A 39 -8.66 -0.43 -7.14
N GLU A 40 -8.69 0.77 -6.56
CA GLU A 40 -8.21 1.96 -7.26
C GLU A 40 -6.72 1.82 -7.58
N ILE A 41 -5.94 1.37 -6.61
CA ILE A 41 -4.50 1.20 -6.80
C ILE A 41 -4.21 0.18 -7.90
N VAL A 42 -4.90 -0.96 -7.84
CA VAL A 42 -4.72 -2.01 -8.83
C VAL A 42 -5.00 -1.49 -10.23
N GLU A 43 -6.09 -0.75 -10.38
CA GLU A 43 -6.49 -0.20 -11.68
C GLU A 43 -5.49 0.86 -12.13
N MET A 44 -5.06 1.71 -11.19
CA MET A 44 -4.12 2.77 -11.50
C MET A 44 -2.75 2.19 -11.87
N ARG A 45 -2.42 1.06 -11.26
CA ARG A 45 -1.14 0.41 -11.52
C ARG A 45 -1.14 -0.26 -12.89
N LYS A 46 -2.17 -1.06 -13.15
CA LYS A 46 -2.29 -1.76 -14.43
C LYS A 46 -2.58 -0.78 -15.56
N GLU A 47 -3.25 0.32 -15.22
CA GLU A 47 -3.58 1.34 -16.22
C GLU A 47 -2.34 1.79 -16.98
N LEU A 48 -1.21 1.82 -16.29
CA LEU A 48 0.06 2.24 -16.89
C LEU A 48 0.45 1.31 -18.03
N CYS A 49 0.02 0.04 -17.93
CA CYS A 49 0.33 -0.95 -18.94
C CYS A 49 -0.83 -1.09 -19.94
N ASN A 50 -1.57 0.00 -20.12
CA ASN A 50 -2.71 -0.01 -21.05
C ASN A 50 -3.78 -0.99 -20.59
N GLY A 51 -3.88 -1.18 -19.27
CA GLY A 51 -4.87 -2.10 -18.73
C GLY A 51 -4.66 -3.52 -19.23
N ASN A 52 -3.40 -3.94 -19.30
CA ASN A 52 -3.07 -5.28 -19.77
C ASN A 52 -3.07 -6.28 -18.60
N SER A 53 -4.04 -7.18 -18.61
CA SER A 53 -4.16 -8.18 -17.56
C SER A 53 -2.92 -9.06 -17.50
N ASP A 54 -2.25 -9.21 -18.64
CA ASP A 54 -1.04 -10.02 -18.73
C ASP A 54 0.15 -9.29 -18.10
N CYS A 55 0.10 -7.97 -18.11
CA CYS A 55 1.18 -7.16 -17.55
C CYS A 55 1.28 -7.38 -16.03
N MET A 56 0.13 -7.59 -15.39
CA MET A 56 0.10 -7.82 -13.95
C MET A 56 0.98 -9.00 -13.57
N ASN A 57 0.82 -10.10 -14.28
CA ASN A 57 1.60 -11.31 -14.00
C ASN A 57 2.73 -11.46 -15.02
N ASN A 58 3.21 -10.33 -15.54
CA ASN A 58 4.29 -10.35 -16.53
C ASN A 58 5.64 -10.52 -15.84
N ASP A 59 5.94 -9.62 -14.90
CA ASP A 59 7.20 -9.68 -14.17
C ASP A 59 6.96 -9.97 -12.69
N ASP A 60 5.86 -10.65 -12.40
CA ASP A 60 5.51 -11.00 -11.04
C ASP A 60 5.97 -12.42 -10.69
N ALA A 61 7.06 -12.84 -11.34
CA ALA A 61 7.60 -14.18 -11.11
C ALA A 61 8.94 -14.11 -10.39
N LEU A 62 9.65 -13.01 -10.60
CA LEU A 62 10.96 -12.81 -9.97
C LEU A 62 10.99 -11.54 -9.14
N ALA A 63 10.31 -10.51 -9.64
CA ALA A 63 10.25 -9.22 -8.95
C ALA A 63 9.69 -9.38 -7.54
N GLU A 64 8.67 -10.22 -7.41
CA GLU A 64 8.05 -10.46 -6.11
C GLU A 64 9.09 -10.87 -5.06
N ASN A 65 10.16 -11.51 -5.53
CA ASN A 65 11.23 -11.94 -4.64
C ASN A 65 12.52 -11.16 -4.90
N ASN A 66 12.36 -9.89 -5.28
CA ASN A 66 13.50 -9.03 -5.56
C ASN A 66 13.15 -7.56 -5.36
N LEU A 67 12.22 -7.30 -4.45
CA LEU A 67 11.79 -5.94 -4.16
C LEU A 67 12.64 -5.33 -3.05
N LYS A 68 13.07 -4.08 -3.27
CA LYS A 68 13.88 -3.38 -2.30
C LYS A 68 13.08 -3.06 -1.04
N LEU A 69 11.77 -2.95 -1.20
CA LEU A 69 10.88 -2.65 -0.07
C LEU A 69 10.62 -3.90 0.76
N PRO A 70 10.28 -3.70 2.05
CA PRO A 70 9.99 -4.80 2.97
C PRO A 70 8.68 -5.50 2.63
N GLU A 71 8.54 -6.74 3.10
CA GLU A 71 7.33 -7.51 2.85
C GLU A 71 7.04 -8.46 4.02
N ILE A 72 5.76 -8.60 4.35
CA ILE A 72 5.35 -9.47 5.44
C ILE A 72 5.68 -10.93 5.15
N GLN A 73 6.41 -11.56 6.06
CA GLN A 73 6.80 -12.96 5.89
C GLN A 73 5.84 -13.88 6.65
N ARG A 74 5.23 -13.36 7.70
CA ARG A 74 4.30 -14.14 8.51
C ARG A 74 4.96 -15.40 9.06
N ASN A 75 5.63 -15.26 10.19
CA ASN A 75 6.32 -16.38 10.82
C ASN A 75 5.36 -17.18 11.70
N ASP A 76 4.32 -16.52 12.18
CA ASP A 76 3.32 -17.16 13.03
C ASP A 76 3.98 -17.81 14.25
N GLY A 77 4.51 -16.98 15.14
CA GLY A 77 5.16 -17.47 16.33
C GLY A 77 5.66 -16.37 17.24
N CYS A 78 4.77 -15.45 17.59
CA CYS A 78 5.13 -14.33 18.45
C CYS A 78 5.03 -14.72 19.92
N TYR A 79 3.97 -15.44 20.26
CA TYR A 79 3.75 -15.88 21.64
C TYR A 79 3.64 -17.39 21.72
N GLN A 80 3.54 -17.91 22.94
CA GLN A 80 3.43 -19.35 23.15
C GLN A 80 4.67 -20.07 22.65
N THR A 81 4.76 -21.37 22.92
CA THR A 81 5.90 -22.17 22.50
C THR A 81 7.20 -21.58 23.01
N GLY A 82 7.13 -20.87 24.13
CA GLY A 82 8.32 -20.26 24.70
C GLY A 82 7.98 -19.26 25.80
N TYR A 83 8.72 -19.35 26.90
CA TYR A 83 8.50 -18.45 28.03
C TYR A 83 9.20 -17.10 27.81
N ASN A 84 10.40 -17.16 27.24
CA ASN A 84 11.18 -15.95 26.97
C ASN A 84 10.46 -15.06 25.97
N GLN A 85 10.05 -15.66 24.85
CA GLN A 85 9.36 -14.91 23.80
C GLN A 85 8.12 -14.22 24.36
N GLU A 86 8.05 -12.91 24.15
CA GLU A 86 6.91 -12.12 24.63
C GLU A 86 6.52 -11.05 23.62
N ILE A 87 7.51 -10.26 23.20
CA ILE A 87 7.27 -9.19 22.24
C ILE A 87 7.79 -9.56 20.85
N CYS A 88 7.42 -8.78 19.85
CA CYS A 88 7.86 -9.04 18.48
C CYS A 88 7.54 -7.84 17.59
N LEU A 89 8.49 -7.50 16.71
CA LEU A 89 8.32 -6.38 15.79
C LEU A 89 7.70 -6.85 14.48
N LEU A 90 6.82 -6.01 13.92
CA LEU A 90 6.16 -6.34 12.66
C LEU A 90 6.67 -5.45 11.54
N LYS A 91 7.12 -4.25 11.89
CA LYS A 91 7.65 -3.31 10.91
C LYS A 91 6.63 -3.04 9.82
N ILE A 92 5.49 -2.44 10.20
CA ILE A 92 4.44 -2.12 9.25
C ILE A 92 4.40 -0.64 8.95
N SER A 93 4.86 0.17 9.90
CA SER A 93 4.88 1.62 9.72
C SER A 93 5.85 2.02 8.62
N SER A 94 7.04 1.43 8.63
CA SER A 94 8.05 1.73 7.63
C SER A 94 7.49 1.54 6.22
N GLY A 95 6.90 0.37 5.96
CA GLY A 95 6.34 0.10 4.66
C GLY A 95 5.20 1.04 4.31
N LEU A 96 4.23 1.16 5.21
CA LEU A 96 3.09 2.03 5.00
C LEU A 96 3.53 3.46 4.68
N LEU A 97 4.42 3.98 5.51
CA LEU A 97 4.94 5.34 5.31
C LEU A 97 5.58 5.48 3.94
N GLU A 98 6.45 4.55 3.59
CA GLU A 98 7.14 4.58 2.31
C GLU A 98 6.13 4.66 1.16
N TYR A 99 5.13 3.79 1.20
CA TYR A 99 4.10 3.77 0.16
C TYR A 99 3.41 5.12 0.05
N HIS A 100 3.00 5.66 1.19
CA HIS A 100 2.32 6.96 1.23
C HIS A 100 3.15 8.03 0.53
N SER A 101 4.44 8.08 0.87
CA SER A 101 5.34 9.06 0.27
C SER A 101 5.47 8.83 -1.23
N TYR A 102 5.49 7.57 -1.63
CA TYR A 102 5.62 7.22 -3.04
C TYR A 102 4.46 7.77 -3.85
N LEU A 103 3.25 7.30 -3.54
CA LEU A 103 2.05 7.75 -4.24
C LEU A 103 1.91 9.26 -4.17
N GLU A 104 2.24 9.83 -3.01
CA GLU A 104 2.16 11.28 -2.82
C GLU A 104 3.12 12.01 -3.74
N TYR A 105 4.29 11.42 -3.95
CA TYR A 105 5.30 12.02 -4.82
C TYR A 105 4.87 11.99 -6.28
N MET A 106 4.35 10.83 -6.70
CA MET A 106 3.89 10.67 -8.07
C MET A 106 2.67 11.55 -8.35
N LYS A 107 1.83 11.72 -7.33
CA LYS A 107 0.63 12.54 -7.47
C LYS A 107 0.99 13.99 -7.77
N ASN A 108 2.19 14.39 -7.35
CA ASN A 108 2.65 15.76 -7.57
C ASN A 108 2.71 16.08 -9.06
N ASN A 109 3.12 15.09 -9.85
CA ASN A 109 3.23 15.28 -11.30
C ASN A 109 2.57 14.11 -12.04
N LEU A 110 1.33 14.32 -12.49
CA LEU A 110 0.60 13.29 -13.21
C LEU A 110 -0.35 13.91 -14.22
N LYS A 111 -1.02 13.06 -15.00
CA LYS A 111 -1.96 13.52 -16.01
C LYS A 111 -3.27 13.97 -15.36
N ASP A 112 -4.23 14.34 -16.20
CA ASP A 112 -5.54 14.80 -15.71
C ASP A 112 -6.24 13.68 -14.94
N ASN A 113 -6.32 12.50 -15.56
CA ASN A 113 -6.97 11.36 -14.93
C ASN A 113 -6.13 10.82 -13.78
N LYS A 114 -4.84 10.63 -14.03
CA LYS A 114 -3.92 10.12 -13.02
C LYS A 114 -3.95 10.99 -11.77
N LYS A 115 -4.11 12.29 -11.98
CA LYS A 115 -4.15 13.25 -10.87
C LYS A 115 -5.43 13.06 -10.04
N ASP A 116 -6.57 13.09 -10.72
CA ASP A 116 -7.85 12.91 -10.05
C ASP A 116 -7.86 11.64 -9.19
N LYS A 117 -7.38 10.55 -9.78
CA LYS A 117 -7.33 9.27 -9.08
C LYS A 117 -6.26 9.29 -7.98
N ALA A 118 -5.13 9.91 -8.29
CA ALA A 118 -4.02 10.00 -7.34
C ALA A 118 -4.48 10.62 -6.02
N ARG A 119 -5.28 11.68 -6.13
CA ARG A 119 -5.79 12.38 -4.96
C ARG A 119 -6.53 11.41 -4.04
N VAL A 120 -7.45 10.64 -4.61
CA VAL A 120 -8.22 9.68 -3.85
C VAL A 120 -7.33 8.63 -3.21
N LEU A 121 -6.36 8.13 -3.98
CA LEU A 121 -5.43 7.13 -3.49
C LEU A 121 -4.67 7.63 -2.26
N GLN A 122 -4.15 8.85 -2.35
CA GLN A 122 -3.41 9.44 -1.25
C GLN A 122 -4.29 9.58 -0.01
N ARG A 123 -5.48 10.14 -0.19
CA ARG A 123 -6.41 10.33 0.91
C ARG A 123 -6.67 9.02 1.64
N ASP A 124 -7.05 7.99 0.89
CA ASP A 124 -7.32 6.68 1.46
C ASP A 124 -6.12 6.17 2.25
N THR A 125 -4.95 6.23 1.63
CA THR A 125 -3.72 5.77 2.27
C THR A 125 -3.51 6.46 3.62
N GLU A 126 -3.69 7.78 3.64
CA GLU A 126 -3.53 8.55 4.85
C GLU A 126 -4.60 8.19 5.88
N THR A 127 -5.77 7.79 5.40
CA THR A 127 -6.88 7.42 6.27
C THR A 127 -6.59 6.10 6.98
N LEU A 128 -6.33 5.06 6.20
CA LEU A 128 -6.04 3.74 6.75
C LEU A 128 -4.80 3.78 7.63
N ILE A 129 -3.81 4.57 7.22
CA ILE A 129 -2.57 4.69 7.97
C ILE A 129 -2.79 5.47 9.26
N HIS A 130 -3.62 6.50 9.20
CA HIS A 130 -3.92 7.32 10.37
C HIS A 130 -4.65 6.50 11.43
N ILE A 131 -5.60 5.68 11.00
CA ILE A 131 -6.36 4.85 11.92
C ILE A 131 -5.49 3.76 12.53
N PHE A 132 -4.76 3.04 11.67
CA PHE A 132 -3.89 1.97 12.12
C PHE A 132 -2.78 2.52 13.02
N ASN A 133 -2.12 3.58 12.57
CA ASN A 133 -1.05 4.19 13.34
C ASN A 133 -1.56 4.73 14.67
N GLN A 134 -2.76 5.31 14.64
CA GLN A 134 -3.36 5.88 15.84
C GLN A 134 -3.58 4.79 16.89
N GLU A 135 -4.27 3.72 16.50
CA GLU A 135 -4.54 2.62 17.41
C GLU A 135 -3.25 2.01 17.93
N VAL A 136 -2.37 1.64 16.99
CA VAL A 136 -1.09 1.04 17.35
C VAL A 136 -0.28 1.96 18.27
N LYS A 137 -0.39 3.27 18.03
CA LYS A 137 0.33 4.26 18.82
C LYS A 137 -0.23 4.32 20.24
N ASP A 138 -1.55 4.23 20.36
CA ASP A 138 -2.20 4.27 21.66
C ASP A 138 -1.92 2.99 22.46
N LEU A 139 -1.80 1.87 21.75
CA LEU A 139 -1.54 0.59 22.37
C LEU A 139 -0.06 0.44 22.72
N HIS A 140 0.80 0.55 21.70
CA HIS A 140 2.23 0.44 21.90
C HIS A 140 2.97 1.63 21.29
N LYS A 141 4.29 1.54 21.22
CA LYS A 141 5.10 2.61 20.67
C LYS A 141 5.42 2.34 19.20
N ILE A 142 6.27 3.18 18.62
CA ILE A 142 6.66 3.03 17.22
C ILE A 142 7.73 4.05 16.84
N VAL A 143 8.62 3.64 15.94
CA VAL A 143 9.70 4.51 15.48
C VAL A 143 9.74 4.58 13.96
N LEU A 144 9.22 5.68 13.41
CA LEU A 144 9.20 5.87 11.96
C LEU A 144 8.65 7.25 11.60
N PRO A 145 9.53 8.25 11.57
CA PRO A 145 9.16 9.62 11.24
C PRO A 145 8.77 9.78 9.77
N THR A 146 9.55 9.16 8.88
CA THR A 146 9.29 9.23 7.45
C THR A 146 10.27 8.36 6.67
N PRO A 147 9.88 8.00 5.44
CA PRO A 147 10.71 7.16 4.56
C PRO A 147 11.95 7.90 4.06
N ILE A 148 12.77 7.21 3.27
CA ILE A 148 13.99 7.79 2.73
C ILE A 148 13.94 7.84 1.21
N SER A 149 13.02 7.08 0.63
CA SER A 149 12.88 7.02 -0.83
C SER A 149 12.66 8.43 -1.40
N ASN A 150 12.12 9.32 -0.57
CA ASN A 150 11.86 10.69 -0.99
C ASN A 150 13.11 11.31 -1.62
N ALA A 151 14.23 11.22 -0.91
CA ALA A 151 15.48 11.77 -1.40
C ALA A 151 15.91 11.10 -2.70
N LEU A 152 15.65 9.81 -2.81
CA LEU A 152 16.00 9.05 -4.00
C LEU A 152 15.28 9.60 -5.23
N LEU A 153 13.96 9.49 -5.23
CA LEU A 153 13.16 9.98 -6.35
C LEU A 153 13.48 11.44 -6.65
N THR A 154 13.45 12.28 -5.61
CA THR A 154 13.73 13.70 -5.77
C THR A 154 15.12 13.91 -6.37
N ASP A 155 16.05 13.04 -6.01
CA ASP A 155 17.42 13.13 -6.52
C ASP A 155 17.47 12.84 -8.01
N LYS A 156 16.81 11.77 -8.43
CA LYS A 156 16.77 11.38 -9.83
C LYS A 156 18.16 11.47 -10.46
N LEU A 157 18.21 11.49 -11.78
CA LEU A 157 19.47 11.58 -12.50
C LEU A 157 19.33 12.44 -13.75
N GLU A 158 20.43 12.61 -14.48
CA GLU A 158 20.41 13.41 -15.70
C GLU A 158 20.13 12.54 -16.92
N SER A 159 18.96 12.73 -17.51
CA SER A 159 18.56 11.95 -18.68
C SER A 159 17.55 12.73 -19.53
N GLN A 160 17.26 12.21 -20.71
CA GLN A 160 16.30 12.85 -21.61
C GLN A 160 15.98 11.94 -22.79
N LYS A 161 14.72 11.95 -23.21
CA LYS A 161 14.28 11.13 -24.33
C LYS A 161 14.68 9.67 -24.13
N GLU A 162 14.74 9.25 -22.87
CA GLU A 162 15.11 7.88 -22.54
C GLU A 162 15.08 7.66 -21.03
N TRP A 163 13.99 7.07 -20.54
CA TRP A 163 13.84 6.80 -19.12
C TRP A 163 12.90 5.63 -18.88
N LEU A 164 13.10 4.93 -17.77
CA LEU A 164 12.27 3.78 -17.43
C LEU A 164 11.66 3.94 -16.04
N ARG A 165 11.00 5.07 -15.81
CA ARG A 165 10.38 5.35 -14.52
C ARG A 165 9.21 4.41 -14.27
N THR A 166 8.56 3.97 -15.35
CA THR A 166 7.42 3.07 -15.25
C THR A 166 7.73 1.90 -14.33
N LYS A 167 9.01 1.56 -14.22
CA LYS A 167 9.44 0.45 -13.37
C LYS A 167 9.27 0.80 -11.90
N THR A 168 10.07 1.75 -11.42
CA THR A 168 10.00 2.17 -10.02
C THR A 168 8.56 2.46 -9.61
N ILE A 169 7.78 3.01 -10.53
CA ILE A 169 6.39 3.32 -10.25
C ILE A 169 5.56 2.05 -10.05
N GLN A 170 5.64 1.15 -11.02
CA GLN A 170 4.91 -0.10 -10.96
C GLN A 170 5.39 -0.96 -9.79
N PHE A 171 6.64 -0.76 -9.39
CA PHE A 171 7.23 -1.51 -8.28
C PHE A 171 6.62 -1.06 -6.94
N ILE A 172 6.71 0.23 -6.68
CA ILE A 172 6.18 0.79 -5.43
C ILE A 172 4.67 0.60 -5.35
N LEU A 173 4.00 0.72 -6.49
CA LEU A 173 2.55 0.57 -6.54
C LEU A 173 2.15 -0.88 -6.25
N LYS A 174 2.76 -1.81 -6.99
CA LYS A 174 2.46 -3.23 -6.82
C LYS A 174 2.71 -3.66 -5.37
N SER A 175 3.85 -3.25 -4.83
CA SER A 175 4.21 -3.60 -3.46
C SER A 175 3.19 -3.04 -2.46
N LEU A 176 2.85 -1.77 -2.64
CA LEU A 176 1.88 -1.11 -1.77
C LEU A 176 0.57 -1.90 -1.71
N GLU A 177 0.01 -2.17 -2.88
CA GLU A 177 -1.24 -2.91 -2.98
C GLU A 177 -1.12 -4.27 -2.28
N GLU A 178 -0.12 -5.05 -2.69
CA GLU A 178 0.09 -6.37 -2.10
C GLU A 178 0.17 -6.28 -0.58
N PHE A 179 0.89 -5.28 -0.08
CA PHE A 179 1.05 -5.08 1.35
C PHE A 179 -0.31 -4.83 2.01
N LEU A 180 -1.06 -3.88 1.47
CA LEU A 180 -2.37 -3.55 2.02
C LEU A 180 -3.27 -4.77 2.06
N LYS A 181 -3.14 -5.64 1.06
CA LYS A 181 -3.93 -6.86 0.98
C LYS A 181 -3.56 -7.82 2.11
N VAL A 182 -2.31 -8.25 2.12
CA VAL A 182 -1.82 -9.18 3.14
C VAL A 182 -2.04 -8.61 4.54
N THR A 183 -1.95 -7.29 4.66
CA THR A 183 -2.14 -6.63 5.94
C THR A 183 -3.58 -6.74 6.42
N LEU A 184 -4.51 -6.26 5.59
CA LEU A 184 -5.92 -6.31 5.93
C LEU A 184 -6.37 -7.74 6.22
N ARG A 185 -5.81 -8.69 5.47
CA ARG A 185 -6.14 -10.10 5.66
C ARG A 185 -5.64 -10.61 7.01
N SER A 186 -4.38 -10.33 7.30
CA SER A 186 -3.78 -10.76 8.56
C SER A 186 -4.55 -10.20 9.76
N THR A 187 -4.76 -8.89 9.75
CA THR A 187 -5.49 -8.23 10.83
C THR A 187 -6.91 -8.77 10.95
N ARG A 188 -7.43 -9.28 9.84
CA ARG A 188 -8.78 -9.83 9.81
C ARG A 188 -8.81 -11.26 10.34
N GLN A 189 -8.96 -11.41 11.64
CA GLN A 189 -8.99 -12.72 12.27
C GLN A 189 -10.36 -12.99 12.91
N THR A 190 -11.35 -12.19 12.53
CA THR A 190 -12.70 -12.33 13.06
C THR A 190 -13.63 -12.95 12.03
N SER A 7 -13.83 -22.00 -20.18
CA SER A 7 -14.40 -21.23 -19.08
C SER A 7 -13.65 -19.91 -18.90
N GLN A 8 -14.20 -18.84 -19.46
CA GLN A 8 -13.58 -17.52 -19.36
C GLN A 8 -14.64 -16.45 -19.12
N VAL A 9 -14.97 -16.23 -17.84
CA VAL A 9 -15.96 -15.23 -17.48
C VAL A 9 -15.32 -13.85 -17.33
N ARG A 10 -16.07 -12.81 -17.68
CA ARG A 10 -15.58 -11.44 -17.59
C ARG A 10 -16.53 -10.58 -16.76
N ARG A 11 -15.96 -9.65 -16.00
CA ARG A 11 -16.76 -8.76 -15.16
C ARG A 11 -16.62 -7.31 -15.62
N GLY A 12 -17.40 -6.42 -15.00
CA GLY A 12 -17.34 -5.02 -15.36
C GLY A 12 -17.40 -4.11 -14.15
N ASP A 13 -18.31 -4.39 -13.24
CA ASP A 13 -18.46 -3.58 -12.03
C ASP A 13 -18.70 -2.12 -12.38
N PHE A 14 -18.84 -1.29 -11.35
CA PHE A 14 -19.08 0.14 -11.55
C PHE A 14 -17.84 0.96 -11.16
N THR A 15 -17.98 2.27 -11.23
CA THR A 15 -16.87 3.16 -10.88
C THR A 15 -17.20 4.00 -9.65
N GLU A 16 -18.49 4.26 -9.45
CA GLU A 16 -18.94 5.06 -8.32
C GLU A 16 -18.45 4.44 -7.00
N ASP A 17 -18.12 5.31 -6.05
CA ASP A 17 -17.63 4.86 -4.75
C ASP A 17 -17.35 6.05 -3.83
N THR A 18 -18.25 7.04 -3.85
CA THR A 18 -18.09 8.22 -3.02
C THR A 18 -18.53 7.96 -1.59
N THR A 19 -17.87 8.60 -0.64
CA THR A 19 -18.19 8.43 0.77
C THR A 19 -18.32 9.78 1.48
N PRO A 20 -19.01 9.79 2.62
CA PRO A 20 -19.21 11.01 3.41
C PRO A 20 -17.93 11.51 4.07
N ASN A 21 -18.06 12.49 4.94
CA ASN A 21 -16.91 13.06 5.63
C ASN A 21 -17.06 12.91 7.14
N ARG A 22 -17.44 11.72 7.58
CA ARG A 22 -17.62 11.44 9.01
C ARG A 22 -16.77 10.25 9.45
N PRO A 23 -15.45 10.47 9.55
CA PRO A 23 -14.50 9.43 9.96
C PRO A 23 -14.66 9.05 11.43
N VAL A 24 -15.38 7.96 11.69
CA VAL A 24 -15.60 7.49 13.05
C VAL A 24 -14.52 6.49 13.47
N TYR A 25 -13.74 6.04 12.50
CA TYR A 25 -12.68 5.08 12.76
C TYR A 25 -13.25 3.75 13.23
N THR A 26 -14.23 3.23 12.49
CA THR A 26 -14.86 1.97 12.84
C THR A 26 -14.46 0.86 11.87
N THR A 27 -14.61 -0.39 12.30
CA THR A 27 -14.25 -1.53 11.48
C THR A 27 -14.88 -1.43 10.10
N SER A 28 -16.18 -1.16 10.06
CA SER A 28 -16.91 -1.04 8.80
C SER A 28 -16.21 -0.06 7.86
N GLN A 29 -15.93 1.14 8.37
CA GLN A 29 -15.27 2.17 7.58
C GLN A 29 -13.90 1.69 7.11
N VAL A 30 -13.19 0.97 7.98
CA VAL A 30 -11.87 0.46 7.66
C VAL A 30 -11.93 -0.53 6.49
N GLY A 31 -12.78 -1.55 6.63
CA GLY A 31 -12.92 -2.55 5.59
C GLY A 31 -13.30 -1.94 4.26
N GLY A 32 -14.37 -1.14 4.26
CA GLY A 32 -14.81 -0.50 3.03
C GLY A 32 -13.74 0.35 2.39
N LEU A 33 -13.04 1.13 3.21
CA LEU A 33 -11.98 2.01 2.71
C LEU A 33 -10.85 1.19 2.11
N ILE A 34 -10.38 0.19 2.85
CA ILE A 34 -9.30 -0.67 2.39
C ILE A 34 -9.61 -1.26 1.02
N THR A 35 -10.85 -1.74 0.86
CA THR A 35 -11.27 -2.33 -0.41
C THR A 35 -11.29 -1.30 -1.53
N HIS A 36 -11.81 -0.11 -1.22
CA HIS A 36 -11.88 0.97 -2.20
C HIS A 36 -10.49 1.33 -2.72
N VAL A 37 -9.58 1.64 -1.80
CA VAL A 37 -8.21 2.00 -2.17
C VAL A 37 -7.53 0.86 -2.91
N LEU A 38 -7.83 -0.37 -2.50
CA LEU A 38 -7.24 -1.56 -3.12
C LEU A 38 -7.59 -1.62 -4.61
N TRP A 39 -8.87 -1.44 -4.91
CA TRP A 39 -9.33 -1.47 -6.29
C TRP A 39 -8.74 -0.32 -7.10
N GLU A 40 -8.75 0.87 -6.51
CA GLU A 40 -8.22 2.05 -7.17
C GLU A 40 -6.74 1.86 -7.52
N ILE A 41 -5.98 1.32 -6.58
CA ILE A 41 -4.55 1.09 -6.78
C ILE A 41 -4.33 0.07 -7.91
N VAL A 42 -5.06 -1.04 -7.84
CA VAL A 42 -4.94 -2.08 -8.85
C VAL A 42 -5.18 -1.53 -10.25
N GLU A 43 -6.23 -0.72 -10.40
CA GLU A 43 -6.57 -0.14 -11.68
C GLU A 43 -5.48 0.84 -12.14
N MET A 44 -4.99 1.65 -11.20
CA MET A 44 -3.95 2.63 -11.50
C MET A 44 -2.64 1.94 -11.86
N ARG A 45 -2.41 0.77 -11.25
CA ARG A 45 -1.19 0.01 -11.51
C ARG A 45 -1.22 -0.60 -12.91
N LYS A 46 -2.31 -1.29 -13.22
CA LYS A 46 -2.46 -1.93 -14.53
C LYS A 46 -2.62 -0.89 -15.63
N GLU A 47 -3.17 0.26 -15.27
CA GLU A 47 -3.37 1.34 -16.23
C GLU A 47 -2.06 1.69 -16.94
N LEU A 48 -0.96 1.64 -16.20
CA LEU A 48 0.35 1.95 -16.76
C LEU A 48 0.64 1.07 -17.98
N CYS A 49 0.03 -0.11 -18.00
CA CYS A 49 0.22 -1.04 -19.10
C CYS A 49 -0.97 -1.04 -20.05
N ASN A 50 -1.62 0.13 -20.15
CA ASN A 50 -2.78 0.27 -21.02
C ASN A 50 -3.93 -0.63 -20.57
N GLY A 51 -4.05 -0.82 -19.26
CA GLY A 51 -5.09 -1.67 -18.73
C GLY A 51 -5.00 -3.08 -19.22
N ASN A 52 -3.79 -3.64 -19.19
CA ASN A 52 -3.57 -5.01 -19.64
C ASN A 52 -3.48 -5.97 -18.45
N SER A 53 -4.39 -6.93 -18.39
CA SER A 53 -4.41 -7.90 -17.31
C SER A 53 -3.21 -8.82 -17.39
N ASP A 54 -2.79 -9.15 -18.61
CA ASP A 54 -1.64 -10.02 -18.81
C ASP A 54 -0.36 -9.38 -18.29
N CYS A 55 -0.32 -8.05 -18.34
CA CYS A 55 0.84 -7.30 -17.88
C CYS A 55 1.09 -7.55 -16.39
N MET A 56 0.02 -7.86 -15.66
CA MET A 56 0.11 -8.11 -14.23
C MET A 56 1.00 -9.33 -13.95
N ASN A 57 0.75 -10.41 -14.67
CA ASN A 57 1.52 -11.64 -14.50
C ASN A 57 2.54 -11.80 -15.63
N ASN A 58 3.02 -10.68 -16.15
CA ASN A 58 3.98 -10.70 -17.24
C ASN A 58 5.41 -10.70 -16.69
N ASP A 59 5.78 -9.63 -15.99
CA ASP A 59 7.11 -9.51 -15.41
C ASP A 59 7.05 -9.56 -13.88
N ASP A 60 5.99 -10.17 -13.36
CA ASP A 60 5.80 -10.28 -11.92
C ASP A 60 6.15 -11.68 -11.45
N ALA A 61 7.04 -12.35 -12.17
CA ALA A 61 7.46 -13.69 -11.82
C ALA A 61 8.73 -13.67 -10.98
N LEU A 62 9.57 -12.67 -11.21
CA LEU A 62 10.82 -12.52 -10.47
C LEU A 62 10.84 -11.22 -9.67
N ALA A 63 10.17 -10.21 -10.20
CA ALA A 63 10.10 -8.91 -9.53
C ALA A 63 9.62 -9.06 -8.09
N GLU A 64 8.62 -9.91 -7.89
CA GLU A 64 8.08 -10.14 -6.56
C GLU A 64 9.17 -10.51 -5.56
N ASN A 65 10.21 -11.18 -6.07
CA ASN A 65 11.32 -11.59 -5.22
C ASN A 65 12.56 -10.75 -5.51
N ASN A 66 12.35 -9.52 -5.97
CA ASN A 66 13.44 -8.61 -6.29
C ASN A 66 13.18 -7.22 -5.72
N LEU A 67 12.39 -7.17 -4.65
CA LEU A 67 12.05 -5.90 -4.01
C LEU A 67 12.91 -5.68 -2.76
N LYS A 68 13.58 -4.54 -2.71
CA LYS A 68 14.42 -4.20 -1.57
C LYS A 68 13.60 -3.62 -0.42
N LEU A 69 12.51 -2.95 -0.77
CA LEU A 69 11.63 -2.34 0.22
C LEU A 69 11.00 -3.42 1.11
N PRO A 70 10.59 -3.01 2.32
CA PRO A 70 9.95 -3.92 3.29
C PRO A 70 8.56 -4.35 2.86
N GLU A 71 8.39 -5.66 2.67
CA GLU A 71 7.10 -6.20 2.24
C GLU A 71 6.88 -7.60 2.82
N ILE A 72 5.75 -7.80 3.47
CA ILE A 72 5.42 -9.09 4.06
C ILE A 72 5.58 -10.22 3.04
N GLN A 73 6.04 -11.37 3.51
CA GLN A 73 6.23 -12.53 2.64
C GLN A 73 6.42 -13.80 3.46
N ARG A 74 7.22 -13.70 4.52
CA ARG A 74 7.49 -14.84 5.39
C ARG A 74 6.34 -15.06 6.36
N ASN A 75 6.46 -16.11 7.17
CA ASN A 75 5.43 -16.42 8.16
C ASN A 75 5.98 -16.32 9.57
N ASP A 76 5.09 -16.34 10.56
CA ASP A 76 5.49 -16.24 11.96
C ASP A 76 6.08 -17.56 12.45
N GLY A 77 7.13 -17.47 13.25
CA GLY A 77 7.78 -18.66 13.77
C GLY A 77 9.29 -18.58 13.70
N CYS A 78 9.85 -18.97 12.56
CA CYS A 78 11.29 -18.95 12.36
C CYS A 78 12.00 -19.77 13.43
N TYR A 79 11.78 -21.08 13.40
CA TYR A 79 12.40 -21.98 14.37
C TYR A 79 13.50 -22.80 13.73
N GLN A 80 14.19 -22.21 12.75
CA GLN A 80 15.27 -22.89 12.05
C GLN A 80 16.52 -22.03 12.01
N THR A 81 17.20 -21.93 13.15
CA THR A 81 18.42 -21.14 13.24
C THR A 81 19.56 -21.76 12.44
N GLY A 82 20.04 -21.03 11.44
CA GLY A 82 21.13 -21.54 10.62
C GLY A 82 21.53 -20.57 9.53
N TYR A 83 20.77 -20.54 8.45
CA TYR A 83 21.05 -19.65 7.32
C TYR A 83 20.80 -18.19 7.71
N ASN A 84 21.29 -17.27 6.89
CA ASN A 84 21.12 -15.85 7.14
C ASN A 84 19.63 -15.49 7.25
N GLN A 85 19.21 -15.13 8.46
CA GLN A 85 17.82 -14.77 8.69
C GLN A 85 17.65 -13.26 8.73
N GLU A 86 18.36 -12.61 9.65
CA GLU A 86 18.29 -11.16 9.79
C GLU A 86 16.85 -10.71 10.05
N ILE A 87 16.31 -11.09 11.20
CA ILE A 87 14.95 -10.73 11.57
C ILE A 87 13.94 -11.37 10.62
N CYS A 88 12.74 -11.62 11.13
CA CYS A 88 11.67 -12.23 10.35
C CYS A 88 10.51 -11.26 10.15
N LEU A 89 9.91 -10.84 11.27
CA LEU A 89 8.79 -9.90 11.21
C LEU A 89 9.28 -8.47 11.14
N LEU A 90 8.97 -7.79 10.04
CA LEU A 90 9.38 -6.41 9.84
C LEU A 90 8.32 -5.46 10.40
N LYS A 91 8.56 -4.16 10.25
CA LYS A 91 7.64 -3.14 10.74
C LYS A 91 6.58 -2.82 9.68
N ILE A 92 5.39 -2.46 10.13
CA ILE A 92 4.30 -2.12 9.22
C ILE A 92 4.25 -0.63 8.94
N SER A 93 4.79 0.16 9.87
CA SER A 93 4.81 1.60 9.72
C SER A 93 5.80 2.03 8.64
N SER A 94 6.97 1.39 8.63
CA SER A 94 8.01 1.69 7.65
C SER A 94 7.46 1.61 6.23
N GLY A 95 6.82 0.48 5.92
CA GLY A 95 6.26 0.29 4.59
C GLY A 95 5.13 1.26 4.30
N LEU A 96 4.20 1.38 5.23
CA LEU A 96 3.06 2.28 5.07
C LEU A 96 3.53 3.70 4.77
N LEU A 97 4.45 4.20 5.60
CA LEU A 97 4.98 5.54 5.43
C LEU A 97 5.67 5.69 4.06
N GLU A 98 6.55 4.74 3.75
CA GLU A 98 7.27 4.76 2.49
C GLU A 98 6.29 4.83 1.31
N TYR A 99 5.31 3.95 1.31
CA TYR A 99 4.31 3.91 0.24
C TYR A 99 3.61 5.26 0.11
N HIS A 100 3.13 5.79 1.22
CA HIS A 100 2.44 7.07 1.23
C HIS A 100 3.29 8.16 0.59
N SER A 101 4.58 8.18 0.94
CA SER A 101 5.50 9.17 0.40
C SER A 101 5.66 8.99 -1.11
N TYR A 102 5.74 7.74 -1.55
CA TYR A 102 5.90 7.44 -2.97
C TYR A 102 4.70 7.93 -3.77
N LEU A 103 3.54 7.37 -3.49
CA LEU A 103 2.31 7.75 -4.18
C LEU A 103 2.11 9.26 -4.13
N GLU A 104 2.39 9.86 -2.97
CA GLU A 104 2.24 11.30 -2.80
C GLU A 104 3.18 12.06 -3.73
N TYR A 105 4.40 11.54 -3.88
CA TYR A 105 5.40 12.17 -4.74
C TYR A 105 4.96 12.15 -6.20
N MET A 106 4.59 10.97 -6.68
CA MET A 106 4.14 10.81 -8.06
C MET A 106 2.83 11.55 -8.30
N LYS A 107 1.97 11.55 -7.28
CA LYS A 107 0.68 12.23 -7.38
C LYS A 107 0.86 13.68 -7.81
N ASN A 108 1.98 14.28 -7.42
CA ASN A 108 2.27 15.67 -7.77
C ASN A 108 2.41 15.83 -9.28
N ASN A 109 3.02 14.83 -9.93
CA ASN A 109 3.22 14.86 -11.37
C ASN A 109 2.60 13.64 -12.03
N LEU A 110 1.37 13.79 -12.51
CA LEU A 110 0.67 12.70 -13.17
C LEU A 110 -0.28 13.22 -14.25
N LYS A 111 -0.79 12.32 -15.07
CA LYS A 111 -1.70 12.70 -16.14
C LYS A 111 -3.03 13.18 -15.58
N ASP A 112 -3.98 13.48 -16.47
CA ASP A 112 -5.29 13.97 -16.06
C ASP A 112 -6.01 12.92 -15.22
N ASN A 113 -6.08 11.69 -15.72
CA ASN A 113 -6.74 10.61 -15.02
C ASN A 113 -5.91 10.15 -13.82
N LYS A 114 -4.63 9.93 -14.04
CA LYS A 114 -3.73 9.50 -12.98
C LYS A 114 -3.77 10.47 -11.80
N LYS A 115 -3.97 11.74 -12.10
CA LYS A 115 -4.03 12.78 -11.07
C LYS A 115 -5.29 12.62 -10.22
N ASP A 116 -6.44 12.55 -10.88
CA ASP A 116 -7.71 12.40 -10.18
C ASP A 116 -7.69 11.18 -9.28
N LYS A 117 -7.16 10.07 -9.79
CA LYS A 117 -7.08 8.83 -9.04
C LYS A 117 -5.99 8.92 -7.96
N ALA A 118 -4.93 9.66 -8.26
CA ALA A 118 -3.83 9.83 -7.32
C ALA A 118 -4.30 10.48 -6.03
N ARG A 119 -5.09 11.55 -6.16
CA ARG A 119 -5.60 12.26 -5.00
C ARG A 119 -6.37 11.31 -4.08
N VAL A 120 -7.28 10.54 -4.65
CA VAL A 120 -8.08 9.59 -3.88
C VAL A 120 -7.19 8.55 -3.20
N LEU A 121 -6.21 8.04 -3.95
CA LEU A 121 -5.30 7.03 -3.42
C LEU A 121 -4.54 7.57 -2.20
N GLN A 122 -3.99 8.76 -2.34
CA GLN A 122 -3.25 9.39 -1.25
C GLN A 122 -4.13 9.55 -0.01
N ARG A 123 -5.32 10.11 -0.21
CA ARG A 123 -6.25 10.33 0.89
C ARG A 123 -6.51 9.02 1.64
N ASP A 124 -6.90 7.98 0.91
CA ASP A 124 -7.18 6.68 1.49
C ASP A 124 -6.00 6.18 2.30
N THR A 125 -4.80 6.31 1.74
CA THR A 125 -3.58 5.88 2.40
C THR A 125 -3.43 6.55 3.76
N GLU A 126 -3.53 7.88 3.77
CA GLU A 126 -3.40 8.65 4.99
C GLU A 126 -4.51 8.30 5.98
N THR A 127 -5.66 7.91 5.45
CA THR A 127 -6.81 7.54 6.27
C THR A 127 -6.57 6.22 6.99
N LEU A 128 -6.28 5.17 6.23
CA LEU A 128 -6.03 3.86 6.79
C LEU A 128 -4.83 3.88 7.72
N ILE A 129 -3.82 4.68 7.36
CA ILE A 129 -2.61 4.80 8.17
C ILE A 129 -2.89 5.55 9.47
N HIS A 130 -3.67 6.62 9.37
CA HIS A 130 -4.02 7.42 10.54
C HIS A 130 -4.83 6.60 11.54
N ILE A 131 -5.76 5.81 11.02
CA ILE A 131 -6.60 4.98 11.87
C ILE A 131 -5.80 3.87 12.54
N PHE A 132 -5.04 3.12 11.74
CA PHE A 132 -4.22 2.03 12.26
C PHE A 132 -3.16 2.57 13.22
N ASN A 133 -2.50 3.64 12.83
CA ASN A 133 -1.47 4.25 13.66
C ASN A 133 -2.05 4.78 14.96
N GLN A 134 -3.24 5.37 14.87
CA GLN A 134 -3.90 5.92 16.05
C GLN A 134 -4.21 4.82 17.06
N GLU A 135 -4.86 3.75 16.59
CA GLU A 135 -5.20 2.64 17.47
C GLU A 135 -3.96 2.02 18.10
N VAL A 136 -2.98 1.69 17.26
CA VAL A 136 -1.73 1.09 17.73
C VAL A 136 -1.01 2.03 18.67
N LYS A 137 -1.08 3.33 18.39
CA LYS A 137 -0.42 4.34 19.22
C LYS A 137 -1.05 4.37 20.62
N ASP A 138 -2.37 4.30 20.67
CA ASP A 138 -3.08 4.33 21.94
C ASP A 138 -2.86 3.04 22.72
N LEU A 139 -2.75 1.93 22.00
CA LEU A 139 -2.54 0.63 22.63
C LEU A 139 -1.08 0.48 23.07
N HIS A 140 -0.18 1.12 22.33
CA HIS A 140 1.25 1.05 22.65
C HIS A 140 2.01 2.17 21.94
N LYS A 141 3.22 2.45 22.41
CA LYS A 141 4.06 3.49 21.82
C LYS A 141 4.27 3.23 20.34
N ILE A 142 4.92 4.18 19.66
CA ILE A 142 5.18 4.07 18.24
C ILE A 142 6.03 5.22 17.73
N VAL A 143 6.92 4.94 16.79
CA VAL A 143 7.79 5.96 16.23
C VAL A 143 7.69 5.99 14.70
N LEU A 144 8.18 7.08 14.10
CA LEU A 144 8.14 7.23 12.66
C LEU A 144 9.40 6.67 12.01
N PRO A 145 9.23 6.02 10.84
CA PRO A 145 10.34 5.42 10.11
C PRO A 145 11.26 6.46 9.50
N THR A 146 10.68 7.46 8.84
CA THR A 146 11.45 8.53 8.21
C THR A 146 12.31 7.98 7.07
N PRO A 147 11.66 7.63 5.95
CA PRO A 147 12.35 7.11 4.78
C PRO A 147 13.20 8.16 4.08
N ILE A 148 14.16 7.70 3.27
CA ILE A 148 15.04 8.61 2.54
C ILE A 148 14.88 8.44 1.04
N SER A 149 14.25 7.34 0.64
CA SER A 149 14.03 7.04 -0.77
C SER A 149 13.40 8.23 -1.49
N ASN A 150 12.61 9.00 -0.75
CA ASN A 150 11.94 10.17 -1.30
C ASN A 150 12.93 11.07 -2.04
N ALA A 151 14.11 11.23 -1.44
CA ALA A 151 15.15 12.07 -2.03
C ALA A 151 15.63 11.48 -3.36
N LEU A 152 15.68 10.16 -3.44
CA LEU A 152 16.11 9.48 -4.66
C LEU A 152 15.11 9.69 -5.79
N LEU A 153 13.84 9.39 -5.50
CA LEU A 153 12.78 9.54 -6.50
C LEU A 153 12.70 10.98 -6.99
N THR A 154 12.64 11.92 -6.06
CA THR A 154 12.55 13.33 -6.39
C THR A 154 13.80 13.80 -7.14
N ASP A 155 14.95 13.30 -6.72
CA ASP A 155 16.22 13.65 -7.36
C ASP A 155 16.15 13.43 -8.86
N LYS A 156 15.48 12.37 -9.26
CA LYS A 156 15.34 12.05 -10.69
C LYS A 156 14.06 12.63 -11.25
N LEU A 157 14.18 13.39 -12.34
CA LEU A 157 13.01 14.00 -12.97
C LEU A 157 13.38 14.51 -14.37
N GLU A 158 13.19 13.66 -15.37
CA GLU A 158 13.49 14.03 -16.75
C GLU A 158 12.28 13.82 -17.64
N SER A 159 11.43 14.85 -17.72
CA SER A 159 10.23 14.78 -18.54
C SER A 159 9.32 13.65 -18.08
N GLN A 160 8.14 13.56 -18.67
CA GLN A 160 7.17 12.52 -18.33
C GLN A 160 6.95 11.57 -19.50
N LYS A 161 6.16 10.53 -19.26
CA LYS A 161 5.87 9.54 -20.30
C LYS A 161 7.16 8.94 -20.85
N GLU A 162 8.01 8.45 -19.96
CA GLU A 162 9.28 7.84 -20.36
C GLU A 162 9.26 6.33 -20.12
N TRP A 163 10.30 5.66 -20.61
CA TRP A 163 10.40 4.21 -20.45
C TRP A 163 11.48 3.85 -19.44
N LEU A 164 11.39 4.44 -18.26
CA LEU A 164 12.37 4.18 -17.19
C LEU A 164 11.72 4.30 -15.82
N ARG A 165 10.95 5.36 -15.63
CA ARG A 165 10.27 5.60 -14.35
C ARG A 165 9.18 4.55 -14.12
N THR A 166 8.60 4.06 -15.21
CA THR A 166 7.54 3.06 -15.13
C THR A 166 7.95 1.90 -14.24
N LYS A 167 9.25 1.67 -14.13
CA LYS A 167 9.78 0.59 -13.31
C LYS A 167 9.57 0.89 -11.83
N THR A 168 10.29 1.89 -11.32
CA THR A 168 10.18 2.27 -9.92
C THR A 168 8.72 2.43 -9.51
N ILE A 169 7.94 3.09 -10.35
CA ILE A 169 6.53 3.31 -10.07
C ILE A 169 5.77 1.99 -9.99
N GLN A 170 6.03 1.10 -10.94
CA GLN A 170 5.37 -0.19 -10.98
C GLN A 170 5.73 -1.01 -9.75
N PHE A 171 6.94 -0.82 -9.23
CA PHE A 171 7.40 -1.54 -8.05
C PHE A 171 6.66 -1.07 -6.81
N ILE A 172 6.71 0.24 -6.56
CA ILE A 172 6.04 0.81 -5.40
C ILE A 172 4.53 0.55 -5.43
N LEU A 173 3.96 0.55 -6.63
CA LEU A 173 2.53 0.31 -6.80
C LEU A 173 2.19 -1.13 -6.46
N LYS A 174 2.88 -2.07 -7.10
CA LYS A 174 2.65 -3.49 -6.86
C LYS A 174 2.90 -3.85 -5.40
N SER A 175 4.05 -3.41 -4.89
CA SER A 175 4.42 -3.69 -3.49
C SER A 175 3.39 -3.11 -2.54
N LEU A 176 2.96 -1.88 -2.81
CA LEU A 176 1.98 -1.21 -1.97
C LEU A 176 0.68 -2.01 -1.89
N GLU A 177 0.08 -2.28 -3.04
CA GLU A 177 -1.16 -3.05 -3.11
C GLU A 177 -1.01 -4.38 -2.38
N GLU A 178 0.05 -5.11 -2.71
CA GLU A 178 0.30 -6.40 -2.08
C GLU A 178 0.42 -6.27 -0.57
N PHE A 179 1.24 -5.32 -0.12
CA PHE A 179 1.44 -5.07 1.30
C PHE A 179 0.12 -4.72 1.98
N LEU A 180 -0.75 -4.04 1.25
CA LEU A 180 -2.05 -3.65 1.78
C LEU A 180 -2.94 -4.86 2.03
N LYS A 181 -3.24 -5.58 0.96
CA LYS A 181 -4.09 -6.77 1.07
C LYS A 181 -3.56 -7.73 2.13
N VAL A 182 -2.24 -7.90 2.17
CA VAL A 182 -1.61 -8.77 3.15
C VAL A 182 -1.84 -8.27 4.57
N THR A 183 -1.59 -6.97 4.78
CA THR A 183 -1.76 -6.36 6.09
C THR A 183 -3.20 -6.49 6.56
N LEU A 184 -4.15 -6.40 5.63
CA LEU A 184 -5.56 -6.51 5.96
C LEU A 184 -5.92 -7.93 6.41
N ARG A 185 -5.59 -8.90 5.57
CA ARG A 185 -5.87 -10.29 5.88
C ARG A 185 -5.06 -10.75 7.09
N SER A 186 -3.93 -10.10 7.33
CA SER A 186 -3.07 -10.44 8.45
C SER A 186 -3.68 -9.97 9.77
N THR A 187 -4.08 -8.71 9.81
CA THR A 187 -4.68 -8.13 11.00
C THR A 187 -6.07 -8.71 11.25
N ARG A 188 -6.71 -9.19 10.20
CA ARG A 188 -8.04 -9.77 10.31
C ARG A 188 -7.96 -11.22 10.79
N GLN A 189 -7.58 -11.39 12.05
CA GLN A 189 -7.47 -12.71 12.64
C GLN A 189 -8.84 -13.38 12.76
N THR A 190 -9.89 -12.58 12.68
CA THR A 190 -11.24 -13.08 12.78
C THR A 190 -11.53 -14.11 11.69
N SER A 7 -19.00 -14.05 -16.67
CA SER A 7 -19.56 -12.81 -17.19
C SER A 7 -18.65 -11.62 -16.88
N GLN A 8 -18.29 -10.87 -17.92
CA GLN A 8 -17.41 -9.71 -17.75
C GLN A 8 -18.20 -8.41 -17.91
N VAL A 9 -19.15 -8.19 -17.00
CA VAL A 9 -19.97 -6.99 -17.03
C VAL A 9 -19.24 -5.81 -16.41
N ARG A 10 -19.40 -4.63 -17.01
CA ARG A 10 -18.75 -3.42 -16.52
C ARG A 10 -19.61 -2.75 -15.45
N ARG A 11 -19.02 -2.54 -14.27
CA ARG A 11 -19.72 -1.90 -13.17
C ARG A 11 -19.32 -0.43 -13.04
N GLY A 12 -20.19 0.37 -12.44
CA GLY A 12 -19.90 1.77 -12.26
C GLY A 12 -19.62 2.13 -10.82
N ASP A 13 -18.94 1.24 -10.11
CA ASP A 13 -18.60 1.46 -8.71
C ASP A 13 -19.85 1.83 -7.90
N PHE A 14 -20.81 0.91 -7.86
CA PHE A 14 -22.05 1.14 -7.13
C PHE A 14 -22.81 2.33 -7.70
N THR A 15 -24.04 2.53 -7.23
CA THR A 15 -24.87 3.62 -7.71
C THR A 15 -24.32 4.97 -7.25
N GLU A 16 -23.59 4.96 -6.14
CA GLU A 16 -23.00 6.18 -5.61
C GLU A 16 -21.68 6.49 -6.30
N ASP A 17 -21.13 7.67 -6.01
CA ASP A 17 -19.86 8.09 -6.60
C ASP A 17 -19.13 9.06 -5.69
N THR A 18 -19.33 8.91 -4.38
CA THR A 18 -18.70 9.78 -3.40
C THR A 18 -19.03 9.35 -1.98
N THR A 19 -18.26 9.83 -1.01
CA THR A 19 -18.48 9.50 0.39
C THR A 19 -18.65 10.75 1.24
N PRO A 20 -19.25 10.59 2.42
CA PRO A 20 -19.49 11.69 3.35
C PRO A 20 -18.20 12.21 3.98
N ASN A 21 -18.33 13.09 4.96
CA ASN A 21 -17.17 13.65 5.65
C ASN A 21 -17.29 13.46 7.15
N ARG A 22 -17.96 12.39 7.56
CA ARG A 22 -18.14 12.09 8.98
C ARG A 22 -17.48 10.77 9.35
N PRO A 23 -16.13 10.80 9.42
CA PRO A 23 -15.33 9.61 9.75
C PRO A 23 -15.50 9.19 11.21
N VAL A 24 -15.91 7.94 11.44
CA VAL A 24 -16.10 7.43 12.78
C VAL A 24 -14.93 6.55 13.21
N TYR A 25 -14.10 6.17 12.25
CA TYR A 25 -12.94 5.33 12.53
C TYR A 25 -13.38 3.96 13.06
N THR A 26 -14.33 3.34 12.36
CA THR A 26 -14.83 2.03 12.76
C THR A 26 -14.39 0.95 11.77
N THR A 27 -14.54 -0.30 12.17
CA THR A 27 -14.16 -1.43 11.32
C THR A 27 -14.78 -1.31 9.95
N SER A 28 -16.08 -1.00 9.92
CA SER A 28 -16.81 -0.87 8.66
C SER A 28 -16.12 0.14 7.74
N GLN A 29 -15.84 1.32 8.27
CA GLN A 29 -15.17 2.37 7.50
C GLN A 29 -13.79 1.92 7.04
N VAL A 30 -13.07 1.24 7.94
CA VAL A 30 -11.73 0.77 7.63
C VAL A 30 -11.76 -0.23 6.47
N GLY A 31 -12.58 -1.27 6.62
CA GLY A 31 -12.68 -2.28 5.58
C GLY A 31 -13.06 -1.69 4.23
N GLY A 32 -14.14 -0.89 4.21
CA GLY A 32 -14.58 -0.28 2.98
C GLY A 32 -13.53 0.59 2.35
N LEU A 33 -12.81 1.35 3.19
CA LEU A 33 -11.76 2.24 2.70
C LEU A 33 -10.63 1.45 2.04
N ILE A 34 -10.24 0.34 2.67
CA ILE A 34 -9.18 -0.50 2.14
C ILE A 34 -9.58 -1.10 0.80
N THR A 35 -10.84 -1.53 0.69
CA THR A 35 -11.34 -2.13 -0.53
C THR A 35 -11.33 -1.12 -1.68
N HIS A 36 -11.83 0.08 -1.40
CA HIS A 36 -11.87 1.14 -2.41
C HIS A 36 -10.47 1.50 -2.89
N VAL A 37 -9.61 1.86 -1.94
CA VAL A 37 -8.23 2.22 -2.27
C VAL A 37 -7.50 1.09 -2.96
N LEU A 38 -7.85 -0.15 -2.60
CA LEU A 38 -7.23 -1.32 -3.20
C LEU A 38 -7.58 -1.42 -4.68
N TRP A 39 -8.86 -1.28 -4.99
CA TRP A 39 -9.32 -1.36 -6.37
C TRP A 39 -8.72 -0.23 -7.21
N GLU A 40 -8.65 0.96 -6.63
CA GLU A 40 -8.10 2.12 -7.32
C GLU A 40 -6.63 1.90 -7.66
N ILE A 41 -5.87 1.42 -6.67
CA ILE A 41 -4.44 1.17 -6.86
C ILE A 41 -4.21 0.12 -7.94
N VAL A 42 -5.00 -0.94 -7.91
CA VAL A 42 -4.87 -2.01 -8.89
C VAL A 42 -5.13 -1.50 -10.30
N GLU A 43 -6.24 -0.79 -10.47
CA GLU A 43 -6.60 -0.24 -11.78
C GLU A 43 -5.58 0.80 -12.23
N MET A 44 -5.14 1.65 -11.29
CA MET A 44 -4.17 2.69 -11.59
C MET A 44 -2.82 2.08 -11.94
N ARG A 45 -2.49 0.96 -11.30
CA ARG A 45 -1.23 0.27 -11.55
C ARG A 45 -1.20 -0.34 -12.94
N LYS A 46 -2.23 -1.12 -13.25
CA LYS A 46 -2.34 -1.78 -14.56
C LYS A 46 -2.59 -0.76 -15.66
N GLU A 47 -3.24 0.35 -15.31
CA GLU A 47 -3.54 1.40 -16.26
C GLU A 47 -2.28 1.87 -16.97
N LEU A 48 -1.17 1.87 -16.24
CA LEU A 48 0.11 2.31 -16.79
C LEU A 48 0.56 1.36 -17.90
N CYS A 49 0.11 0.12 -17.85
CA CYS A 49 0.46 -0.87 -18.85
C CYS A 49 -0.61 -0.96 -19.93
N ASN A 50 -1.29 0.15 -20.19
CA ASN A 50 -2.34 0.19 -21.20
C ASN A 50 -3.49 -0.73 -20.83
N GLY A 51 -3.72 -0.89 -19.53
CA GLY A 51 -4.80 -1.75 -19.06
C GLY A 51 -4.58 -3.20 -19.45
N ASN A 52 -3.34 -3.67 -19.30
CA ASN A 52 -3.00 -5.04 -19.63
C ASN A 52 -2.92 -5.91 -18.36
N SER A 53 -3.95 -6.71 -18.13
CA SER A 53 -4.00 -7.58 -16.97
C SER A 53 -2.77 -8.47 -16.90
N ASP A 54 -2.17 -8.73 -18.06
CA ASP A 54 -0.98 -9.58 -18.12
C ASP A 54 0.21 -8.88 -17.47
N CYS A 55 0.19 -7.56 -17.48
CA CYS A 55 1.27 -6.77 -16.89
C CYS A 55 1.34 -7.00 -15.38
N MET A 56 0.20 -7.37 -14.79
CA MET A 56 0.14 -7.62 -13.35
C MET A 56 1.08 -8.75 -12.95
N ASN A 57 0.99 -9.86 -13.67
CA ASN A 57 1.83 -11.02 -13.39
C ASN A 57 2.86 -11.24 -14.50
N ASN A 58 3.19 -10.15 -15.19
CA ASN A 58 4.17 -10.21 -16.29
C ASN A 58 5.59 -10.36 -15.74
N ASP A 59 6.02 -9.38 -14.96
CA ASP A 59 7.36 -9.40 -14.37
C ASP A 59 7.31 -9.91 -12.94
N ASP A 60 6.36 -10.80 -12.65
CA ASP A 60 6.22 -11.35 -11.32
C ASP A 60 6.93 -12.70 -11.21
N ALA A 61 7.95 -12.89 -12.04
CA ALA A 61 8.71 -14.13 -12.04
C ALA A 61 10.02 -13.96 -11.28
N LEU A 62 10.58 -12.75 -11.30
CA LEU A 62 11.82 -12.47 -10.60
C LEU A 62 11.66 -11.28 -9.66
N ALA A 63 10.88 -10.30 -10.09
CA ALA A 63 10.64 -9.10 -9.28
C ALA A 63 10.15 -9.49 -7.89
N GLU A 64 9.41 -10.59 -7.81
CA GLU A 64 8.88 -11.06 -6.53
C GLU A 64 9.98 -11.20 -5.49
N ASN A 65 11.19 -11.46 -5.96
CA ASN A 65 12.35 -11.63 -5.08
C ASN A 65 13.44 -10.61 -5.41
N ASN A 66 13.04 -9.49 -6.00
CA ASN A 66 13.98 -8.45 -6.37
C ASN A 66 13.44 -7.07 -6.01
N LEU A 67 12.56 -7.02 -5.01
CA LEU A 67 11.96 -5.77 -4.57
C LEU A 67 12.70 -5.21 -3.35
N LYS A 68 12.92 -6.07 -2.36
CA LYS A 68 13.61 -5.66 -1.15
C LYS A 68 12.88 -4.52 -0.45
N LEU A 69 11.59 -4.39 -0.76
CA LEU A 69 10.78 -3.33 -0.16
C LEU A 69 10.24 -3.75 1.21
N PRO A 70 9.87 -2.77 2.03
CA PRO A 70 9.33 -3.01 3.37
C PRO A 70 7.95 -3.65 3.33
N GLU A 71 7.91 -4.96 3.09
CA GLU A 71 6.64 -5.68 3.02
C GLU A 71 6.56 -6.71 4.14
N ILE A 72 5.34 -7.15 4.44
CA ILE A 72 5.12 -8.14 5.49
C ILE A 72 4.83 -9.52 4.90
N GLN A 73 4.94 -10.55 5.73
CA GLN A 73 4.68 -11.91 5.29
C GLN A 73 4.78 -12.90 6.45
N ARG A 74 3.98 -13.96 6.40
CA ARG A 74 3.97 -14.96 7.45
C ARG A 74 4.81 -16.18 7.05
N ASN A 75 4.57 -16.68 5.84
CA ASN A 75 5.29 -17.84 5.34
C ASN A 75 5.06 -19.06 6.23
N ASP A 76 5.64 -20.19 5.84
CA ASP A 76 5.49 -21.42 6.60
C ASP A 76 6.79 -21.78 7.31
N GLY A 77 7.35 -20.81 8.03
CA GLY A 77 8.60 -21.04 8.74
C GLY A 77 8.86 -19.99 9.80
N CYS A 78 9.67 -19.00 9.46
CA CYS A 78 10.00 -17.93 10.39
C CYS A 78 10.52 -18.50 11.71
N TYR A 79 11.65 -19.18 11.65
CA TYR A 79 12.25 -19.77 12.83
C TYR A 79 13.35 -18.88 13.40
N GLN A 80 13.52 -18.93 14.72
CA GLN A 80 14.54 -18.13 15.39
C GLN A 80 15.93 -18.48 14.88
N THR A 81 16.73 -17.46 14.55
CA THR A 81 18.07 -17.66 14.05
C THR A 81 19.04 -18.00 15.19
N GLY A 82 18.83 -17.38 16.35
CA GLY A 82 19.68 -17.62 17.49
C GLY A 82 18.96 -17.40 18.81
N TYR A 83 18.26 -16.28 18.91
CA TYR A 83 17.53 -15.94 20.13
C TYR A 83 16.13 -15.43 19.80
N ASN A 84 15.34 -15.18 20.84
CA ASN A 84 13.98 -14.68 20.67
C ASN A 84 13.15 -15.63 19.80
N GLN A 85 11.92 -15.24 19.52
CA GLN A 85 11.03 -16.06 18.70
C GLN A 85 9.82 -15.24 18.24
N GLU A 86 9.06 -15.81 17.31
CA GLU A 86 7.88 -15.15 16.78
C GLU A 86 8.23 -13.78 16.21
N ILE A 87 8.96 -13.77 15.10
CA ILE A 87 9.36 -12.53 14.45
C ILE A 87 9.70 -12.76 12.98
N CYS A 88 9.37 -11.78 12.14
CA CYS A 88 9.64 -11.87 10.72
C CYS A 88 9.31 -10.56 10.02
N LEU A 89 10.35 -9.86 9.57
CA LEU A 89 10.17 -8.58 8.89
C LEU A 89 9.73 -7.49 9.85
N LEU A 90 8.49 -7.62 10.36
CA LEU A 90 7.95 -6.65 11.30
C LEU A 90 7.93 -5.25 10.69
N LYS A 91 7.50 -4.27 11.48
CA LYS A 91 7.43 -2.90 11.02
C LYS A 91 6.44 -2.74 9.88
N ILE A 92 5.27 -2.18 10.18
CA ILE A 92 4.24 -1.98 9.17
C ILE A 92 4.14 -0.52 8.77
N SER A 93 4.32 0.38 9.73
CA SER A 93 4.25 1.81 9.48
C SER A 93 5.28 2.22 8.42
N SER A 94 6.46 1.62 8.48
CA SER A 94 7.53 1.92 7.54
C SER A 94 7.04 1.78 6.10
N GLY A 95 6.45 0.63 5.80
CA GLY A 95 5.94 0.39 4.45
C GLY A 95 4.82 1.32 4.08
N LEU A 96 3.81 1.40 4.95
CA LEU A 96 2.65 2.26 4.70
C LEU A 96 3.09 3.70 4.43
N LEU A 97 3.98 4.21 5.28
CA LEU A 97 4.48 5.57 5.13
C LEU A 97 5.21 5.74 3.81
N GLU A 98 6.13 4.81 3.52
CA GLU A 98 6.90 4.86 2.29
C GLU A 98 5.97 4.88 1.06
N TYR A 99 5.03 3.95 1.03
CA TYR A 99 4.08 3.86 -0.08
C TYR A 99 3.33 5.17 -0.26
N HIS A 100 2.82 5.70 0.85
CA HIS A 100 2.08 6.95 0.82
C HIS A 100 2.91 8.06 0.18
N SER A 101 4.15 8.20 0.62
CA SER A 101 5.04 9.23 0.08
C SER A 101 5.31 8.99 -1.40
N TYR A 102 5.40 7.73 -1.79
CA TYR A 102 5.66 7.37 -3.17
C TYR A 102 4.52 7.83 -4.08
N LEU A 103 3.34 7.27 -3.87
CA LEU A 103 2.17 7.62 -4.66
C LEU A 103 1.93 9.13 -4.63
N GLU A 104 2.13 9.74 -3.46
CA GLU A 104 1.94 11.17 -3.31
C GLU A 104 2.95 11.95 -4.15
N TYR A 105 4.17 11.43 -4.22
CA TYR A 105 5.24 12.08 -4.98
C TYR A 105 4.92 12.05 -6.48
N MET A 106 4.53 10.88 -6.97
CA MET A 106 4.21 10.71 -8.37
C MET A 106 2.88 11.37 -8.71
N LYS A 107 2.02 11.50 -7.71
CA LYS A 107 0.70 12.12 -7.90
C LYS A 107 0.84 13.49 -8.53
N ASN A 108 1.79 14.29 -8.02
CA ASN A 108 2.02 15.62 -8.54
C ASN A 108 2.40 15.58 -10.02
N ASN A 109 3.07 14.51 -10.42
CA ASN A 109 3.49 14.35 -11.81
C ASN A 109 2.70 13.23 -12.48
N LEU A 110 1.44 13.49 -12.79
CA LEU A 110 0.58 12.50 -13.43
C LEU A 110 -0.39 13.18 -14.40
N LYS A 111 -1.20 12.36 -15.08
CA LYS A 111 -2.17 12.89 -16.03
C LYS A 111 -3.43 13.36 -15.31
N ASP A 112 -4.42 13.77 -16.09
CA ASP A 112 -5.68 14.24 -15.53
C ASP A 112 -6.38 13.14 -14.74
N ASN A 113 -6.52 11.98 -15.35
CA ASN A 113 -7.16 10.84 -14.69
C ASN A 113 -6.31 10.32 -13.55
N LYS A 114 -5.05 10.07 -13.83
CA LYS A 114 -4.12 9.57 -12.81
C LYS A 114 -4.09 10.50 -11.60
N LYS A 115 -4.21 11.80 -11.85
CA LYS A 115 -4.20 12.79 -10.78
C LYS A 115 -5.46 12.68 -9.93
N ASP A 116 -6.61 12.72 -10.58
CA ASP A 116 -7.89 12.62 -9.88
C ASP A 116 -7.92 11.40 -8.97
N LYS A 117 -7.48 10.27 -9.50
CA LYS A 117 -7.46 9.03 -8.72
C LYS A 117 -6.34 9.06 -7.68
N ALA A 118 -5.22 9.67 -8.05
CA ALA A 118 -4.08 9.76 -7.14
C ALA A 118 -4.48 10.40 -5.82
N ARG A 119 -5.23 11.50 -5.90
CA ARG A 119 -5.68 12.20 -4.71
C ARG A 119 -6.43 11.27 -3.77
N VAL A 120 -7.34 10.47 -4.34
CA VAL A 120 -8.12 9.53 -3.55
C VAL A 120 -7.25 8.43 -2.96
N LEU A 121 -6.21 8.05 -3.71
CA LEU A 121 -5.29 7.01 -3.27
C LEU A 121 -4.49 7.47 -2.05
N GLN A 122 -3.89 8.65 -2.15
CA GLN A 122 -3.10 9.21 -1.07
C GLN A 122 -3.97 9.47 0.15
N ARG A 123 -5.18 9.96 -0.08
CA ARG A 123 -6.10 10.27 1.01
C ARG A 123 -6.47 9.00 1.78
N ASP A 124 -6.87 7.96 1.04
CA ASP A 124 -7.25 6.70 1.66
C ASP A 124 -6.09 6.12 2.46
N THR A 125 -4.92 6.06 1.84
CA THR A 125 -3.73 5.53 2.50
C THR A 125 -3.45 6.25 3.81
N GLU A 126 -3.43 7.58 3.75
CA GLU A 126 -3.16 8.40 4.94
C GLU A 126 -4.20 8.11 6.02
N THR A 127 -5.45 7.92 5.61
CA THR A 127 -6.53 7.66 6.54
C THR A 127 -6.30 6.35 7.30
N LEU A 128 -6.11 5.26 6.56
CA LEU A 128 -5.86 3.96 7.17
C LEU A 128 -4.58 3.97 7.98
N ILE A 129 -3.63 4.80 7.57
CA ILE A 129 -2.35 4.90 8.27
C ILE A 129 -2.52 5.59 9.62
N HIS A 130 -3.37 6.62 9.66
CA HIS A 130 -3.62 7.36 10.89
C HIS A 130 -4.44 6.53 11.86
N ILE A 131 -5.42 5.79 11.33
CA ILE A 131 -6.27 4.94 12.15
C ILE A 131 -5.48 3.79 12.76
N PHE A 132 -4.73 3.08 11.92
CA PHE A 132 -3.93 1.95 12.38
C PHE A 132 -2.84 2.41 13.34
N ASN A 133 -2.10 3.45 12.94
CA ASN A 133 -1.03 3.99 13.76
C ASN A 133 -1.56 4.47 15.11
N GLN A 134 -2.72 5.12 15.08
CA GLN A 134 -3.33 5.63 16.31
C GLN A 134 -3.68 4.49 17.25
N GLU A 135 -4.40 3.50 16.73
CA GLU A 135 -4.81 2.35 17.53
C GLU A 135 -3.60 1.60 18.07
N VAL A 136 -2.67 1.27 17.18
CA VAL A 136 -1.47 0.55 17.57
C VAL A 136 -0.66 1.35 18.60
N LYS A 137 -0.35 2.59 18.26
CA LYS A 137 0.41 3.46 19.17
C LYS A 137 -0.23 3.50 20.55
N ASP A 138 -1.55 3.62 20.58
CA ASP A 138 -2.28 3.67 21.84
C ASP A 138 -2.25 2.31 22.54
N LEU A 139 -2.20 1.25 21.74
CA LEU A 139 -2.17 -0.11 22.28
C LEU A 139 -0.81 -0.41 22.93
N HIS A 140 0.26 -0.10 22.21
CA HIS A 140 1.60 -0.33 22.72
C HIS A 140 2.52 0.85 22.39
N LYS A 141 2.92 0.96 21.13
CA LYS A 141 3.80 2.03 20.69
C LYS A 141 4.10 1.92 19.20
N ILE A 142 4.99 2.78 18.72
CA ILE A 142 5.37 2.77 17.31
C ILE A 142 6.48 3.78 17.03
N VAL A 143 7.36 3.44 16.10
CA VAL A 143 8.48 4.31 15.74
C VAL A 143 8.57 4.48 14.23
N LEU A 144 8.19 5.65 13.74
CA LEU A 144 8.23 5.95 12.31
C LEU A 144 7.85 7.39 12.03
N PRO A 145 8.85 8.30 12.10
CA PRO A 145 8.63 9.72 11.86
C PRO A 145 8.32 10.03 10.40
N THR A 146 9.14 9.48 9.50
CA THR A 146 8.95 9.69 8.07
C THR A 146 10.02 8.97 7.26
N PRO A 147 9.65 8.51 6.06
CA PRO A 147 10.57 7.80 5.17
C PRO A 147 11.64 8.72 4.59
N ILE A 148 12.67 8.13 3.99
CA ILE A 148 13.76 8.89 3.40
C ILE A 148 13.84 8.65 1.90
N SER A 149 13.34 7.50 1.45
CA SER A 149 13.36 7.14 0.04
C SER A 149 12.76 8.26 -0.80
N ASN A 150 11.77 8.95 -0.24
CA ASN A 150 11.10 10.04 -0.94
C ASN A 150 12.12 11.03 -1.50
N ALA A 151 13.03 11.48 -0.64
CA ALA A 151 14.06 12.42 -1.04
C ALA A 151 14.83 11.91 -2.26
N LEU A 152 15.27 10.66 -2.18
CA LEU A 152 16.02 10.05 -3.27
C LEU A 152 15.25 10.14 -4.58
N LEU A 153 14.01 9.66 -4.56
CA LEU A 153 13.17 9.68 -5.75
C LEU A 153 13.08 11.10 -6.34
N THR A 154 12.53 12.01 -5.56
CA THR A 154 12.38 13.40 -6.00
C THR A 154 13.71 13.95 -6.50
N ASP A 155 14.80 13.49 -5.91
CA ASP A 155 16.13 13.94 -6.30
C ASP A 155 16.40 13.64 -7.77
N LYS A 156 15.93 12.48 -8.22
CA LYS A 156 16.12 12.07 -9.61
C LYS A 156 14.90 12.43 -10.46
N LEU A 157 14.69 13.73 -10.63
CA LEU A 157 13.55 14.22 -11.42
C LEU A 157 13.78 13.97 -12.91
N GLU A 158 14.97 14.31 -13.38
CA GLU A 158 15.32 14.13 -14.79
C GLU A 158 14.39 14.94 -15.69
N SER A 159 14.66 14.92 -16.99
CA SER A 159 13.86 15.65 -17.95
C SER A 159 13.71 14.86 -19.25
N GLN A 160 13.75 13.53 -19.14
CA GLN A 160 13.62 12.66 -20.30
C GLN A 160 12.64 11.52 -20.03
N LYS A 161 12.18 10.88 -21.08
CA LYS A 161 11.24 9.77 -20.96
C LYS A 161 11.58 8.65 -21.95
N GLU A 162 11.88 7.47 -21.41
CA GLU A 162 12.23 6.32 -22.26
C GLU A 162 11.58 5.05 -21.72
N TRP A 163 10.37 5.19 -21.19
CA TRP A 163 9.64 4.05 -20.64
C TRP A 163 10.49 3.30 -19.62
N LEU A 164 11.08 4.04 -18.67
CA LEU A 164 11.90 3.44 -17.64
C LEU A 164 11.29 3.64 -16.26
N ARG A 165 10.72 4.83 -16.04
CA ARG A 165 10.09 5.14 -14.75
C ARG A 165 8.97 4.15 -14.45
N THR A 166 8.34 3.62 -15.49
CA THR A 166 7.26 2.66 -15.33
C THR A 166 7.66 1.52 -14.39
N LYS A 167 8.96 1.26 -14.33
CA LYS A 167 9.47 0.19 -13.47
C LYS A 167 9.33 0.57 -12.00
N THR A 168 10.10 1.56 -11.56
CA THR A 168 10.06 2.01 -10.18
C THR A 168 8.63 2.25 -9.71
N ILE A 169 7.84 2.89 -10.57
CA ILE A 169 6.45 3.17 -10.24
C ILE A 169 5.65 1.89 -10.08
N GLN A 170 5.81 0.98 -11.04
CA GLN A 170 5.10 -0.29 -11.00
C GLN A 170 5.51 -1.11 -9.77
N PHE A 171 6.76 -0.93 -9.34
CA PHE A 171 7.28 -1.66 -8.19
C PHE A 171 6.63 -1.16 -6.90
N ILE A 172 6.72 0.15 -6.67
CA ILE A 172 6.13 0.74 -5.47
C ILE A 172 4.62 0.54 -5.43
N LEU A 173 3.99 0.59 -6.59
CA LEU A 173 2.55 0.40 -6.69
C LEU A 173 2.16 -1.02 -6.33
N LYS A 174 2.78 -1.99 -7.02
CA LYS A 174 2.50 -3.41 -6.77
C LYS A 174 2.72 -3.76 -5.30
N SER A 175 3.83 -3.29 -4.74
CA SER A 175 4.17 -3.56 -3.35
C SER A 175 3.11 -2.98 -2.42
N LEU A 176 2.76 -1.72 -2.65
CA LEU A 176 1.75 -1.04 -1.83
C LEU A 176 0.45 -1.85 -1.80
N GLU A 177 -0.11 -2.09 -2.97
CA GLU A 177 -1.36 -2.83 -3.08
C GLU A 177 -1.25 -4.17 -2.33
N GLU A 178 -0.21 -4.93 -2.65
CA GLU A 178 0.01 -6.23 -2.02
C GLU A 178 0.10 -6.09 -0.51
N PHE A 179 0.72 -4.99 -0.06
CA PHE A 179 0.87 -4.75 1.38
C PHE A 179 -0.48 -4.41 2.01
N LEU A 180 -1.36 -3.79 1.24
CA LEU A 180 -2.67 -3.41 1.73
C LEU A 180 -3.56 -4.64 1.89
N LYS A 181 -3.57 -5.50 0.88
CA LYS A 181 -4.37 -6.71 0.91
C LYS A 181 -3.89 -7.66 2.00
N VAL A 182 -2.58 -7.82 2.11
CA VAL A 182 -1.98 -8.70 3.11
C VAL A 182 -2.17 -8.13 4.52
N THR A 183 -2.13 -6.80 4.63
CA THR A 183 -2.30 -6.13 5.90
C THR A 183 -3.73 -6.26 6.41
N LEU A 184 -4.69 -5.99 5.54
CA LEU A 184 -6.10 -6.08 5.89
C LEU A 184 -6.52 -7.53 6.06
N ARG A 185 -5.89 -8.43 5.31
CA ARG A 185 -6.20 -9.85 5.38
C ARG A 185 -5.64 -10.47 6.65
N SER A 186 -4.46 -10.02 7.06
CA SER A 186 -3.81 -10.53 8.26
C SER A 186 -4.49 -10.00 9.51
N THR A 187 -4.66 -8.67 9.57
CA THR A 187 -5.30 -8.03 10.71
C THR A 187 -6.64 -8.69 11.05
N ARG A 188 -7.29 -9.22 10.02
CA ARG A 188 -8.58 -9.89 10.20
C ARG A 188 -8.49 -10.94 11.30
N GLN A 189 -7.74 -12.01 11.04
CA GLN A 189 -7.58 -13.08 12.00
C GLN A 189 -6.66 -14.18 11.45
N THR A 190 -6.73 -14.40 10.14
CA THR A 190 -5.91 -15.40 9.49
C THR A 190 -4.42 -15.19 9.79
N SER A 7 -0.28 -16.36 -2.52
CA SER A 7 -1.68 -16.01 -2.31
C SER A 7 -2.37 -15.74 -3.64
N GLN A 8 -3.59 -16.25 -3.77
CA GLN A 8 -4.37 -16.06 -4.99
C GLN A 8 -5.86 -15.99 -4.69
N VAL A 9 -6.37 -14.77 -4.55
CA VAL A 9 -7.79 -14.56 -4.26
C VAL A 9 -8.48 -13.81 -5.39
N ARG A 10 -9.77 -14.09 -5.56
CA ARG A 10 -10.54 -13.44 -6.62
C ARG A 10 -11.43 -12.34 -6.03
N ARG A 11 -10.83 -11.19 -5.74
CA ARG A 11 -11.57 -10.06 -5.17
C ARG A 11 -11.74 -8.96 -6.21
N GLY A 12 -12.56 -7.98 -5.87
CA GLY A 12 -12.81 -6.87 -6.79
C GLY A 12 -14.28 -6.54 -6.93
N ASP A 13 -14.96 -6.33 -5.80
CA ASP A 13 -16.38 -6.02 -5.81
C ASP A 13 -16.68 -4.87 -4.86
N PHE A 14 -17.50 -3.93 -5.30
CA PHE A 14 -17.87 -2.77 -4.48
C PHE A 14 -19.39 -2.56 -4.49
N THR A 15 -19.91 -2.03 -3.40
CA THR A 15 -21.34 -1.77 -3.27
C THR A 15 -21.62 -0.28 -3.11
N GLU A 16 -20.65 0.45 -2.58
CA GLU A 16 -20.80 1.88 -2.38
C GLU A 16 -21.22 2.57 -3.66
N ASP A 17 -22.09 3.58 -3.53
CA ASP A 17 -22.58 4.32 -4.69
C ASP A 17 -23.27 5.60 -4.24
N THR A 18 -22.84 6.16 -3.11
CA THR A 18 -23.42 7.38 -2.58
C THR A 18 -22.39 8.17 -1.78
N THR A 19 -22.81 9.33 -1.27
CA THR A 19 -21.92 10.18 -0.48
C THR A 19 -21.34 9.42 0.71
N PRO A 20 -20.23 9.93 1.24
CA PRO A 20 -19.56 9.32 2.40
C PRO A 20 -20.37 9.47 3.68
N ASN A 21 -19.86 8.89 4.77
CA ASN A 21 -20.54 8.96 6.06
C ASN A 21 -19.59 9.51 7.14
N ARG A 22 -18.64 10.33 6.71
CA ARG A 22 -17.68 10.92 7.64
C ARG A 22 -16.81 9.85 8.29
N PRO A 23 -15.60 10.23 8.70
CA PRO A 23 -14.66 9.32 9.35
C PRO A 23 -15.11 8.90 10.74
N VAL A 24 -15.43 7.62 10.90
CA VAL A 24 -15.87 7.10 12.19
C VAL A 24 -14.80 6.23 12.84
N TYR A 25 -13.88 5.74 12.02
CA TYR A 25 -12.79 4.89 12.51
C TYR A 25 -13.34 3.58 13.07
N THR A 26 -14.23 2.95 12.32
CA THR A 26 -14.83 1.69 12.74
C THR A 26 -14.40 0.54 11.85
N THR A 27 -14.57 -0.68 12.32
CA THR A 27 -14.21 -1.86 11.56
C THR A 27 -14.82 -1.82 10.16
N SER A 28 -16.08 -1.41 10.08
CA SER A 28 -16.78 -1.32 8.80
C SER A 28 -16.07 -0.35 7.86
N GLN A 29 -15.80 0.85 8.34
CA GLN A 29 -15.13 1.86 7.53
C GLN A 29 -13.73 1.40 7.12
N VAL A 30 -13.08 0.66 8.02
CA VAL A 30 -11.73 0.15 7.75
C VAL A 30 -11.74 -0.82 6.57
N GLY A 31 -12.59 -1.84 6.66
CA GLY A 31 -12.67 -2.83 5.60
C GLY A 31 -13.06 -2.21 4.28
N GLY A 32 -14.15 -1.45 4.27
CA GLY A 32 -14.62 -0.82 3.05
C GLY A 32 -13.57 0.08 2.43
N LEU A 33 -12.89 0.84 3.27
CA LEU A 33 -11.84 1.75 2.80
C LEU A 33 -10.69 0.99 2.16
N ILE A 34 -10.20 -0.03 2.86
CA ILE A 34 -9.10 -0.85 2.35
C ILE A 34 -9.43 -1.42 0.98
N THR A 35 -10.66 -1.90 0.82
CA THR A 35 -11.10 -2.48 -0.43
C THR A 35 -11.14 -1.44 -1.54
N HIS A 36 -11.68 -0.26 -1.21
CA HIS A 36 -11.77 0.83 -2.17
C HIS A 36 -10.39 1.22 -2.70
N VAL A 37 -9.48 1.54 -1.79
CA VAL A 37 -8.12 1.93 -2.16
C VAL A 37 -7.44 0.81 -2.93
N LEU A 38 -7.71 -0.43 -2.54
CA LEU A 38 -7.10 -1.59 -3.19
C LEU A 38 -7.47 -1.64 -4.67
N TRP A 39 -8.75 -1.47 -4.96
CA TRP A 39 -9.23 -1.48 -6.35
C TRP A 39 -8.65 -0.31 -7.13
N GLU A 40 -8.63 0.87 -6.50
CA GLU A 40 -8.10 2.05 -7.15
C GLU A 40 -6.63 1.88 -7.50
N ILE A 41 -5.85 1.36 -6.56
CA ILE A 41 -4.43 1.14 -6.78
C ILE A 41 -4.19 0.17 -7.92
N VAL A 42 -4.91 -0.96 -7.90
CA VAL A 42 -4.77 -1.98 -8.93
C VAL A 42 -5.06 -1.39 -10.32
N GLU A 43 -6.19 -0.71 -10.44
CA GLU A 43 -6.58 -0.10 -11.71
C GLU A 43 -5.51 0.87 -12.19
N MET A 44 -5.03 1.71 -11.29
CA MET A 44 -3.99 2.70 -11.62
C MET A 44 -2.68 2.01 -11.97
N ARG A 45 -2.44 0.86 -11.36
CA ARG A 45 -1.21 0.10 -11.61
C ARG A 45 -1.27 -0.57 -12.98
N LYS A 46 -2.35 -1.29 -13.24
CA LYS A 46 -2.52 -1.98 -14.51
C LYS A 46 -2.75 -0.99 -15.64
N GLU A 47 -3.32 0.16 -15.32
CA GLU A 47 -3.59 1.20 -16.31
C GLU A 47 -2.31 1.60 -17.03
N LEU A 48 -1.19 1.53 -16.31
CA LEU A 48 0.10 1.90 -16.88
C LEU A 48 0.45 0.99 -18.06
N CYS A 49 -0.08 -0.23 -18.03
CA CYS A 49 0.17 -1.19 -19.10
C CYS A 49 -0.99 -1.22 -20.09
N ASN A 50 -1.65 -0.09 -20.26
CA ASN A 50 -2.78 0.01 -21.17
C ASN A 50 -3.92 -0.90 -20.73
N GLY A 51 -3.98 -1.17 -19.43
CA GLY A 51 -5.03 -2.01 -18.90
C GLY A 51 -4.92 -3.45 -19.40
N ASN A 52 -3.70 -3.93 -19.53
CA ASN A 52 -3.46 -5.29 -20.00
C ASN A 52 -3.30 -6.26 -18.83
N SER A 53 -4.29 -7.13 -18.65
CA SER A 53 -4.27 -8.11 -17.57
C SER A 53 -2.98 -8.94 -17.62
N ASP A 54 -2.42 -9.09 -18.81
CA ASP A 54 -1.20 -9.86 -18.99
C ASP A 54 -0.05 -9.24 -18.21
N CYS A 55 0.01 -7.90 -18.20
CA CYS A 55 1.06 -7.19 -17.49
C CYS A 55 1.04 -7.52 -16.00
N MET A 56 -0.16 -7.74 -15.47
CA MET A 56 -0.31 -8.07 -14.06
C MET A 56 0.45 -9.33 -13.71
N ASN A 57 0.55 -10.24 -14.66
CA ASN A 57 1.27 -11.50 -14.45
C ASN A 57 2.39 -11.68 -15.47
N ASN A 58 2.90 -10.55 -15.98
CA ASN A 58 3.96 -10.58 -16.97
C ASN A 58 5.33 -10.57 -16.29
N ASP A 59 5.62 -9.50 -15.55
CA ASP A 59 6.89 -9.38 -14.85
C ASP A 59 6.72 -9.66 -13.36
N ASP A 60 5.72 -10.46 -13.03
CA ASP A 60 5.45 -10.81 -11.64
C ASP A 60 5.93 -12.23 -11.34
N ALA A 61 6.93 -12.68 -12.08
CA ALA A 61 7.48 -14.02 -11.89
C ALA A 61 8.81 -13.95 -11.17
N LEU A 62 9.54 -12.86 -11.36
CA LEU A 62 10.84 -12.67 -10.72
C LEU A 62 10.82 -11.49 -9.76
N ALA A 63 10.05 -10.46 -10.12
CA ALA A 63 9.94 -9.26 -9.30
C ALA A 63 9.41 -9.61 -7.90
N GLU A 64 8.47 -10.54 -7.84
CA GLU A 64 7.88 -10.95 -6.57
C GLU A 64 8.97 -11.36 -5.59
N ASN A 65 10.05 -11.93 -6.11
CA ASN A 65 11.17 -12.37 -5.28
C ASN A 65 12.41 -11.55 -5.56
N ASN A 66 12.21 -10.32 -6.02
CA ASN A 66 13.33 -9.42 -6.32
C ASN A 66 13.00 -7.99 -5.92
N LEU A 67 12.10 -7.85 -4.94
CA LEU A 67 11.70 -6.53 -4.46
C LEU A 67 12.62 -6.05 -3.35
N LYS A 68 13.02 -4.78 -3.40
CA LYS A 68 13.89 -4.21 -2.40
C LYS A 68 13.08 -3.54 -1.29
N LEU A 69 11.87 -3.12 -1.62
CA LEU A 69 10.99 -2.47 -0.65
C LEU A 69 10.62 -3.43 0.48
N PRO A 70 10.17 -2.86 1.60
CA PRO A 70 9.78 -3.65 2.78
C PRO A 70 8.49 -4.44 2.54
N GLU A 71 8.41 -5.62 3.15
CA GLU A 71 7.23 -6.47 2.99
C GLU A 71 6.99 -7.29 4.26
N ILE A 72 5.72 -7.51 4.58
CA ILE A 72 5.35 -8.28 5.75
C ILE A 72 5.61 -9.77 5.54
N GLN A 73 6.39 -10.36 6.43
CA GLN A 73 6.72 -11.78 6.34
C GLN A 73 5.54 -12.64 6.78
N ARG A 74 5.30 -12.68 8.09
CA ARG A 74 4.19 -13.47 8.63
C ARG A 74 3.94 -13.10 10.09
N ASN A 75 2.74 -12.57 10.35
CA ASN A 75 2.37 -12.16 11.71
C ASN A 75 1.04 -12.77 12.11
N ASP A 76 0.82 -12.91 13.41
CA ASP A 76 -0.42 -13.49 13.93
C ASP A 76 -0.52 -13.28 15.44
N GLY A 77 0.61 -13.43 16.13
CA GLY A 77 0.62 -13.27 17.57
C GLY A 77 1.75 -14.02 18.23
N CYS A 78 2.77 -13.30 18.69
CA CYS A 78 3.91 -13.91 19.34
C CYS A 78 3.65 -14.13 20.82
N TYR A 79 2.82 -13.27 21.40
CA TYR A 79 2.48 -13.36 22.82
C TYR A 79 3.73 -13.21 23.69
N GLN A 80 3.55 -13.31 25.00
CA GLN A 80 4.66 -13.20 25.94
C GLN A 80 5.24 -14.57 26.27
N THR A 81 6.57 -14.67 26.18
CA THR A 81 7.26 -15.92 26.46
C THR A 81 8.75 -15.70 26.64
N GLY A 82 9.38 -16.55 27.45
CA GLY A 82 10.80 -16.43 27.68
C GLY A 82 11.62 -16.71 26.44
N TYR A 83 12.20 -17.91 26.37
CA TYR A 83 13.01 -18.30 25.22
C TYR A 83 12.24 -19.25 24.30
N ASN A 84 11.43 -18.67 23.43
CA ASN A 84 10.63 -19.47 22.49
C ASN A 84 10.49 -18.74 21.16
N GLN A 85 9.78 -17.61 21.18
CA GLN A 85 9.56 -16.83 19.96
C GLN A 85 10.89 -16.52 19.27
N GLU A 86 10.87 -16.53 17.95
CA GLU A 86 12.08 -16.26 17.16
C GLU A 86 12.03 -14.85 16.59
N ILE A 87 11.16 -14.64 15.61
CA ILE A 87 11.02 -13.33 14.98
C ILE A 87 9.56 -12.97 14.75
N CYS A 88 9.21 -11.71 14.98
CA CYS A 88 7.84 -11.25 14.79
C CYS A 88 7.76 -10.27 13.63
N LEU A 89 8.55 -9.21 13.70
CA LEU A 89 8.56 -8.19 12.65
C LEU A 89 7.20 -7.50 12.53
N LEU A 90 7.10 -6.31 13.11
CA LEU A 90 5.86 -5.55 13.07
C LEU A 90 6.09 -4.16 12.48
N LYS A 91 6.97 -4.09 11.49
CA LYS A 91 7.27 -2.82 10.84
C LYS A 91 6.24 -2.49 9.76
N ILE A 92 5.19 -1.77 10.17
CA ILE A 92 4.13 -1.39 9.25
C ILE A 92 4.16 0.11 8.96
N SER A 93 4.53 0.89 9.97
CA SER A 93 4.59 2.34 9.82
C SER A 93 5.59 2.73 8.72
N SER A 94 6.77 2.14 8.78
CA SER A 94 7.82 2.43 7.80
C SER A 94 7.30 2.21 6.38
N GLY A 95 6.73 1.04 6.14
CA GLY A 95 6.20 0.73 4.82
C GLY A 95 5.05 1.64 4.43
N LEU A 96 4.10 1.83 5.34
CA LEU A 96 2.95 2.68 5.09
C LEU A 96 3.39 4.09 4.72
N LEU A 97 4.17 4.71 5.60
CA LEU A 97 4.67 6.07 5.38
C LEU A 97 5.40 6.16 4.04
N GLU A 98 6.31 5.22 3.80
CA GLU A 98 7.07 5.20 2.57
C GLU A 98 6.14 5.25 1.35
N TYR A 99 5.15 4.37 1.33
CA TYR A 99 4.20 4.31 0.23
C TYR A 99 3.49 5.65 0.06
N HIS A 100 3.03 6.22 1.17
CA HIS A 100 2.33 7.49 1.14
C HIS A 100 3.18 8.56 0.46
N SER A 101 4.46 8.61 0.81
CA SER A 101 5.38 9.59 0.25
C SER A 101 5.59 9.34 -1.25
N TYR A 102 5.68 8.06 -1.61
CA TYR A 102 5.88 7.68 -3.00
C TYR A 102 4.73 8.18 -3.88
N LEU A 103 3.52 7.72 -3.58
CA LEU A 103 2.34 8.12 -4.33
C LEU A 103 2.16 9.64 -4.31
N GLU A 104 2.37 10.23 -3.14
CA GLU A 104 2.24 11.67 -2.97
C GLU A 104 3.24 12.42 -3.85
N TYR A 105 4.42 11.83 -4.02
CA TYR A 105 5.47 12.43 -4.83
C TYR A 105 5.12 12.36 -6.32
N MET A 106 4.69 11.18 -6.76
CA MET A 106 4.31 10.98 -8.16
C MET A 106 3.03 11.72 -8.49
N LYS A 107 2.20 11.93 -7.47
CA LYS A 107 0.93 12.63 -7.65
C LYS A 107 1.15 14.08 -8.06
N ASN A 108 2.26 14.64 -7.61
CA ASN A 108 2.60 16.03 -7.93
C ASN A 108 2.73 16.22 -9.43
N ASN A 109 3.33 15.25 -10.10
CA ASN A 109 3.51 15.31 -11.54
C ASN A 109 2.85 14.11 -12.23
N LEU A 110 1.62 14.31 -12.68
CA LEU A 110 0.87 13.25 -13.35
C LEU A 110 -0.09 13.82 -14.38
N LYS A 111 -0.79 12.95 -15.09
CA LYS A 111 -1.75 13.37 -16.10
C LYS A 111 -3.07 13.80 -15.46
N ASP A 112 -4.05 14.13 -16.29
CA ASP A 112 -5.35 14.54 -15.80
C ASP A 112 -6.04 13.42 -15.03
N ASN A 113 -6.09 12.24 -15.64
CA ASN A 113 -6.71 11.08 -15.00
C ASN A 113 -5.87 10.57 -13.85
N LYS A 114 -4.57 10.42 -14.09
CA LYS A 114 -3.65 9.94 -13.08
C LYS A 114 -3.71 10.81 -11.83
N LYS A 115 -3.84 12.12 -12.04
CA LYS A 115 -3.91 13.07 -10.93
C LYS A 115 -5.21 12.88 -10.14
N ASP A 116 -6.33 12.88 -10.85
CA ASP A 116 -7.64 12.72 -10.23
C ASP A 116 -7.65 11.48 -9.34
N LYS A 117 -7.18 10.36 -9.87
CA LYS A 117 -7.14 9.11 -9.13
C LYS A 117 -6.08 9.15 -8.04
N ALA A 118 -4.95 9.79 -8.35
CA ALA A 118 -3.86 9.91 -7.38
C ALA A 118 -4.34 10.54 -6.09
N ARG A 119 -5.13 11.61 -6.21
CA ARG A 119 -5.65 12.31 -5.03
C ARG A 119 -6.42 11.35 -4.13
N VAL A 120 -7.33 10.58 -4.72
CA VAL A 120 -8.14 9.63 -3.98
C VAL A 120 -7.25 8.58 -3.29
N LEU A 121 -6.27 8.08 -4.03
CA LEU A 121 -5.36 7.08 -3.51
C LEU A 121 -4.62 7.60 -2.27
N GLN A 122 -4.07 8.80 -2.38
CA GLN A 122 -3.34 9.42 -1.28
C GLN A 122 -4.23 9.55 -0.06
N ARG A 123 -5.42 10.12 -0.25
CA ARG A 123 -6.36 10.32 0.84
C ARG A 123 -6.63 9.00 1.57
N ASP A 124 -7.01 7.97 0.81
CA ASP A 124 -7.29 6.67 1.38
C ASP A 124 -6.10 6.16 2.20
N THR A 125 -4.91 6.30 1.64
CA THR A 125 -3.69 5.86 2.32
C THR A 125 -3.53 6.54 3.67
N GLU A 126 -3.63 7.87 3.67
CA GLU A 126 -3.50 8.64 4.90
C GLU A 126 -4.57 8.26 5.91
N THR A 127 -5.75 7.88 5.40
CA THR A 127 -6.86 7.49 6.26
C THR A 127 -6.57 6.16 6.95
N LEU A 128 -6.29 5.13 6.15
CA LEU A 128 -6.00 3.81 6.69
C LEU A 128 -4.78 3.85 7.60
N ILE A 129 -3.84 4.72 7.28
CA ILE A 129 -2.62 4.85 8.07
C ILE A 129 -2.91 5.54 9.40
N HIS A 130 -3.74 6.57 9.37
CA HIS A 130 -4.11 7.30 10.57
C HIS A 130 -4.86 6.41 11.55
N ILE A 131 -5.81 5.64 11.03
CA ILE A 131 -6.61 4.74 11.84
C ILE A 131 -5.75 3.60 12.41
N PHE A 132 -4.97 2.97 11.55
CA PHE A 132 -4.11 1.86 11.96
C PHE A 132 -3.05 2.35 12.94
N ASN A 133 -2.35 3.43 12.59
CA ASN A 133 -1.32 4.00 13.43
C ASN A 133 -1.89 4.43 14.79
N GLN A 134 -3.09 5.01 14.74
CA GLN A 134 -3.74 5.46 15.97
C GLN A 134 -4.05 4.29 16.89
N GLU A 135 -4.61 3.23 16.32
CA GLU A 135 -4.95 2.03 17.09
C GLU A 135 -3.71 1.43 17.75
N VAL A 136 -2.69 1.19 16.94
CA VAL A 136 -1.45 0.62 17.44
C VAL A 136 -0.75 1.56 18.40
N LYS A 137 -0.91 2.86 18.17
CA LYS A 137 -0.30 3.87 19.02
C LYS A 137 -0.90 3.84 20.43
N ASP A 138 -2.22 3.71 20.50
CA ASP A 138 -2.92 3.68 21.78
C ASP A 138 -2.81 2.29 22.41
N LEU A 139 -2.62 1.27 21.57
CA LEU A 139 -2.50 -0.10 22.04
C LEU A 139 -1.12 -0.34 22.65
N HIS A 140 -0.09 0.09 21.94
CA HIS A 140 1.28 -0.08 22.41
C HIS A 140 2.11 1.18 22.16
N LYS A 141 2.49 1.39 20.91
CA LYS A 141 3.28 2.56 20.54
C LYS A 141 3.58 2.56 19.04
N ILE A 142 4.47 3.46 18.62
CA ILE A 142 4.84 3.56 17.21
C ILE A 142 6.02 4.51 17.02
N VAL A 143 6.87 4.21 16.05
CA VAL A 143 8.04 5.05 15.77
C VAL A 143 8.26 5.17 14.26
N LEU A 144 7.97 6.35 13.72
CA LEU A 144 8.15 6.60 12.30
C LEU A 144 7.84 8.05 11.96
N PRO A 145 8.86 8.91 12.07
CA PRO A 145 8.72 10.35 11.77
C PRO A 145 8.53 10.62 10.29
N THR A 146 9.31 9.93 9.47
CA THR A 146 9.23 10.10 8.02
C THR A 146 10.16 9.11 7.30
N PRO A 147 9.85 8.87 6.01
CA PRO A 147 10.65 7.95 5.19
C PRO A 147 12.04 8.50 4.87
N ILE A 148 12.77 7.80 4.01
CA ILE A 148 14.11 8.22 3.62
C ILE A 148 14.28 8.17 2.11
N SER A 149 13.72 7.15 1.48
CA SER A 149 13.82 6.98 0.04
C SER A 149 13.10 8.12 -0.68
N ASN A 150 12.13 8.71 -0.02
CA ASN A 150 11.36 9.81 -0.59
C ASN A 150 12.29 10.88 -1.15
N ALA A 151 13.23 11.32 -0.32
CA ALA A 151 14.20 12.35 -0.73
C ALA A 151 14.92 11.94 -2.01
N LEU A 152 15.40 10.70 -2.05
CA LEU A 152 16.12 10.19 -3.22
C LEU A 152 15.27 10.33 -4.47
N LEU A 153 14.06 9.78 -4.43
CA LEU A 153 13.15 9.84 -5.57
C LEU A 153 12.96 11.29 -6.04
N THR A 154 12.39 12.11 -5.16
CA THR A 154 12.16 13.52 -5.48
C THR A 154 13.42 14.19 -5.98
N ASP A 155 14.57 13.75 -5.47
CA ASP A 155 15.86 14.31 -5.87
C ASP A 155 16.23 13.85 -7.27
N LYS A 156 15.85 12.63 -7.62
CA LYS A 156 16.14 12.08 -8.94
C LYS A 156 17.63 11.81 -9.08
N LEU A 157 18.41 12.87 -9.28
CA LEU A 157 19.85 12.74 -9.43
C LEU A 157 20.51 14.11 -9.57
N GLU A 158 20.24 14.79 -10.68
CA GLU A 158 20.79 16.11 -10.93
C GLU A 158 19.92 16.89 -11.90
N SER A 159 18.61 16.90 -11.66
CA SER A 159 17.68 17.60 -12.51
C SER A 159 17.70 17.06 -13.94
N GLN A 160 17.03 15.93 -14.14
CA GLN A 160 16.98 15.30 -15.46
C GLN A 160 15.71 14.45 -15.61
N LYS A 161 15.56 13.84 -16.77
CA LYS A 161 14.40 13.00 -17.05
C LYS A 161 14.83 11.60 -17.46
N GLU A 162 13.84 10.72 -17.66
CA GLU A 162 14.12 9.34 -18.06
C GLU A 162 12.84 8.65 -18.51
N TRP A 163 13.00 7.51 -19.17
CA TRP A 163 11.86 6.74 -19.66
C TRP A 163 11.82 5.36 -19.01
N LEU A 164 12.32 5.27 -17.79
CA LEU A 164 12.34 4.00 -17.06
C LEU A 164 11.71 4.17 -15.68
N ARG A 165 10.80 5.13 -15.55
CA ARG A 165 10.12 5.39 -14.29
C ARG A 165 9.04 4.35 -14.02
N THR A 166 8.47 3.81 -15.10
CA THR A 166 7.43 2.80 -14.99
C THR A 166 7.86 1.65 -14.09
N LYS A 167 9.17 1.43 -14.01
CA LYS A 167 9.72 0.36 -13.19
C LYS A 167 9.55 0.67 -11.71
N THR A 168 10.29 1.66 -11.22
CA THR A 168 10.21 2.06 -9.82
C THR A 168 8.77 2.25 -9.38
N ILE A 169 7.98 2.93 -10.21
CA ILE A 169 6.58 3.18 -9.90
C ILE A 169 5.81 1.87 -9.77
N GLN A 170 6.01 0.98 -10.74
CA GLN A 170 5.34 -0.31 -10.73
C GLN A 170 5.71 -1.13 -9.50
N PHE A 171 6.94 -0.94 -9.03
CA PHE A 171 7.42 -1.66 -7.87
C PHE A 171 6.73 -1.17 -6.60
N ILE A 172 6.80 0.13 -6.36
CA ILE A 172 6.18 0.73 -5.19
C ILE A 172 4.67 0.49 -5.19
N LEU A 173 4.07 0.53 -6.37
CA LEU A 173 2.63 0.32 -6.50
C LEU A 173 2.26 -1.12 -6.15
N LYS A 174 2.94 -2.08 -6.77
CA LYS A 174 2.68 -3.49 -6.52
C LYS A 174 2.92 -3.84 -5.06
N SER A 175 4.04 -3.39 -4.52
CA SER A 175 4.38 -3.64 -3.12
C SER A 175 3.35 -3.02 -2.19
N LEU A 176 2.90 -1.82 -2.54
CA LEU A 176 1.91 -1.11 -1.72
C LEU A 176 0.60 -1.88 -1.67
N GLU A 177 0.15 -2.36 -2.83
CA GLU A 177 -1.09 -3.12 -2.90
C GLU A 177 -0.99 -4.41 -2.10
N GLU A 178 0.00 -5.24 -2.43
CA GLU A 178 0.20 -6.51 -1.74
C GLU A 178 0.38 -6.28 -0.24
N PHE A 179 1.06 -5.20 0.12
CA PHE A 179 1.31 -4.88 1.52
C PHE A 179 0.00 -4.60 2.24
N LEU A 180 -0.83 -3.75 1.65
CA LEU A 180 -2.12 -3.40 2.24
C LEU A 180 -3.00 -4.63 2.41
N LYS A 181 -3.00 -5.49 1.39
CA LYS A 181 -3.80 -6.71 1.42
C LYS A 181 -3.37 -7.63 2.57
N VAL A 182 -2.07 -7.90 2.64
CA VAL A 182 -1.52 -8.75 3.69
C VAL A 182 -1.73 -8.12 5.06
N THR A 183 -1.68 -6.80 5.12
CA THR A 183 -1.86 -6.08 6.38
C THR A 183 -3.29 -6.20 6.89
N LEU A 184 -4.26 -5.98 5.99
CA LEU A 184 -5.67 -6.07 6.35
C LEU A 184 -6.06 -7.52 6.64
N ARG A 185 -5.41 -8.45 5.95
CA ARG A 185 -5.69 -9.87 6.14
C ARG A 185 -5.06 -10.39 7.42
N SER A 186 -3.85 -9.91 7.70
CA SER A 186 -3.13 -10.33 8.91
C SER A 186 -3.70 -9.65 10.15
N THR A 187 -3.89 -8.34 10.07
CA THR A 187 -4.43 -7.57 11.19
C THR A 187 -5.74 -8.17 11.69
N ARG A 188 -6.45 -8.83 10.79
CA ARG A 188 -7.73 -9.46 11.14
C ARG A 188 -7.57 -10.35 12.36
N GLN A 189 -6.44 -11.04 12.45
CA GLN A 189 -6.18 -11.93 13.57
C GLN A 189 -7.18 -13.07 13.61
N THR A 190 -7.87 -13.29 12.49
CA THR A 190 -8.86 -14.35 12.39
C THR A 190 -8.28 -15.58 11.72
N SER A 7 2.00 -16.62 -5.65
CA SER A 7 0.58 -16.88 -5.53
C SER A 7 -0.13 -15.76 -4.77
N GLN A 8 -1.27 -15.33 -5.28
CA GLN A 8 -2.03 -14.26 -4.64
C GLN A 8 -3.34 -14.01 -5.38
N VAL A 9 -4.44 -13.94 -4.63
CA VAL A 9 -5.75 -13.71 -5.23
C VAL A 9 -6.08 -12.22 -5.25
N ARG A 10 -6.74 -11.78 -6.32
CA ARG A 10 -7.11 -10.39 -6.47
C ARG A 10 -8.63 -10.21 -6.35
N ARG A 11 -9.04 -9.13 -5.69
CA ARG A 11 -10.46 -8.85 -5.50
C ARG A 11 -10.84 -7.53 -6.15
N GLY A 12 -12.15 -7.25 -6.20
CA GLY A 12 -12.62 -6.02 -6.80
C GLY A 12 -13.75 -6.26 -7.78
N ASP A 13 -14.79 -6.95 -7.34
CA ASP A 13 -15.93 -7.24 -8.19
C ASP A 13 -17.17 -6.47 -7.73
N PHE A 14 -17.15 -5.17 -7.94
CA PHE A 14 -18.27 -4.32 -7.55
C PHE A 14 -18.54 -3.25 -8.60
N THR A 15 -19.69 -2.58 -8.47
CA THR A 15 -20.07 -1.54 -9.41
C THR A 15 -20.26 -0.20 -8.70
N GLU A 16 -20.72 -0.25 -7.46
CA GLU A 16 -20.95 0.95 -6.67
C GLU A 16 -19.71 1.32 -5.86
N ASP A 17 -19.70 2.52 -5.30
CA ASP A 17 -18.58 2.98 -4.50
C ASP A 17 -18.98 4.17 -3.63
N THR A 18 -20.06 4.01 -2.88
CA THR A 18 -20.56 5.08 -2.01
C THR A 18 -19.75 5.16 -0.73
N THR A 19 -19.96 6.22 0.05
CA THR A 19 -19.24 6.41 1.30
C THR A 19 -20.20 6.84 2.41
N PRO A 20 -19.77 6.64 3.67
CA PRO A 20 -20.57 6.99 4.84
C PRO A 20 -20.70 8.51 5.03
N ASN A 21 -21.29 8.91 6.14
CA ASN A 21 -21.48 10.33 6.43
C ASN A 21 -20.28 10.89 7.20
N ARG A 22 -19.82 10.13 8.20
CA ARG A 22 -18.69 10.55 9.02
C ARG A 22 -17.80 9.36 9.37
N PRO A 23 -16.53 9.65 9.68
CA PRO A 23 -15.55 8.61 10.04
C PRO A 23 -15.86 7.97 11.40
N VAL A 24 -15.89 6.65 11.42
CA VAL A 24 -16.16 5.92 12.66
C VAL A 24 -14.90 5.26 13.20
N TYR A 25 -13.93 5.05 12.32
CA TYR A 25 -12.67 4.42 12.71
C TYR A 25 -12.89 2.99 13.18
N THR A 26 -13.97 2.38 12.68
CA THR A 26 -14.30 1.00 13.05
C THR A 26 -13.81 0.02 12.00
N THR A 27 -13.84 -1.27 12.33
CA THR A 27 -13.41 -2.31 11.42
C THR A 27 -14.10 -2.18 10.07
N SER A 28 -15.35 -1.71 10.08
CA SER A 28 -16.11 -1.53 8.85
C SER A 28 -15.52 -0.42 8.00
N GLN A 29 -15.17 0.69 8.64
CA GLN A 29 -14.60 1.83 7.94
C GLN A 29 -13.28 1.45 7.27
N VAL A 30 -12.39 0.85 8.03
CA VAL A 30 -11.09 0.44 7.52
C VAL A 30 -11.25 -0.60 6.40
N GLY A 31 -12.17 -1.53 6.60
CA GLY A 31 -12.41 -2.56 5.60
C GLY A 31 -12.81 -1.99 4.26
N GLY A 32 -13.85 -1.15 4.27
CA GLY A 32 -14.33 -0.55 3.04
C GLY A 32 -13.30 0.35 2.39
N LEU A 33 -12.56 1.09 3.22
CA LEU A 33 -11.54 2.00 2.71
C LEU A 33 -10.40 1.23 2.04
N ILE A 34 -9.97 0.15 2.68
CA ILE A 34 -8.90 -0.69 2.14
C ILE A 34 -9.30 -1.29 0.80
N THR A 35 -10.53 -1.79 0.72
CA THR A 35 -11.03 -2.39 -0.52
C THR A 35 -11.09 -1.38 -1.64
N HIS A 36 -11.62 -0.19 -1.34
CA HIS A 36 -11.72 0.87 -2.33
C HIS A 36 -10.35 1.24 -2.89
N VAL A 37 -9.44 1.59 -2.00
CA VAL A 37 -8.08 1.97 -2.39
C VAL A 37 -7.39 0.83 -3.12
N LEU A 38 -7.71 -0.41 -2.72
CA LEU A 38 -7.11 -1.58 -3.34
C LEU A 38 -7.46 -1.67 -4.82
N TRP A 39 -8.75 -1.50 -5.12
CA TRP A 39 -9.21 -1.56 -6.50
C TRP A 39 -8.66 -0.39 -7.31
N GLU A 40 -8.66 0.79 -6.71
CA GLU A 40 -8.16 1.99 -7.38
C GLU A 40 -6.67 1.83 -7.74
N ILE A 41 -5.90 1.37 -6.77
CA ILE A 41 -4.47 1.18 -6.96
C ILE A 41 -4.19 0.17 -8.08
N VAL A 42 -4.89 -0.96 -8.02
CA VAL A 42 -4.73 -2.01 -9.03
C VAL A 42 -4.99 -1.47 -10.42
N GLU A 43 -6.15 -0.84 -10.60
CA GLU A 43 -6.51 -0.27 -11.90
C GLU A 43 -5.48 0.74 -12.36
N MET A 44 -5.07 1.62 -11.45
CA MET A 44 -4.09 2.65 -11.76
C MET A 44 -2.75 2.03 -12.12
N ARG A 45 -2.46 0.88 -11.51
CA ARG A 45 -1.19 0.18 -11.76
C ARG A 45 -1.17 -0.38 -13.17
N LYS A 46 -2.21 -1.11 -13.54
CA LYS A 46 -2.31 -1.72 -14.87
C LYS A 46 -2.57 -0.65 -15.93
N GLU A 47 -3.21 0.44 -15.53
CA GLU A 47 -3.51 1.53 -16.44
C GLU A 47 -2.25 2.04 -17.12
N LEU A 48 -1.15 2.07 -16.36
CA LEU A 48 0.13 2.54 -16.89
C LEU A 48 0.54 1.74 -18.12
N CYS A 49 0.17 0.46 -18.13
CA CYS A 49 0.49 -0.41 -19.26
C CYS A 49 -0.66 -0.49 -20.25
N ASN A 50 -1.35 0.63 -20.43
CA ASN A 50 -2.48 0.69 -21.34
C ASN A 50 -3.55 -0.33 -20.96
N GLY A 51 -3.61 -0.65 -19.67
CA GLY A 51 -4.58 -1.61 -19.19
C GLY A 51 -4.39 -3.00 -19.79
N ASN A 52 -3.13 -3.41 -19.94
CA ASN A 52 -2.82 -4.71 -20.50
C ASN A 52 -2.62 -5.74 -19.40
N SER A 53 -3.52 -6.72 -19.35
CA SER A 53 -3.46 -7.78 -18.35
C SER A 53 -2.10 -8.47 -18.37
N ASP A 54 -1.46 -8.47 -19.55
CA ASP A 54 -0.16 -9.10 -19.70
C ASP A 54 0.87 -8.45 -18.79
N CYS A 55 0.89 -7.13 -18.77
CA CYS A 55 1.82 -6.39 -17.92
C CYS A 55 1.69 -6.80 -16.46
N MET A 56 0.51 -7.27 -16.09
CA MET A 56 0.26 -7.70 -14.72
C MET A 56 0.94 -9.04 -14.45
N ASN A 57 0.85 -9.95 -15.40
CA ASN A 57 1.46 -11.28 -15.26
C ASN A 57 2.68 -11.42 -16.17
N ASN A 58 3.40 -10.32 -16.35
CA ASN A 58 4.59 -10.32 -17.21
C ASN A 58 5.85 -10.51 -16.37
N ASP A 59 6.08 -9.61 -15.43
CA ASP A 59 7.25 -9.67 -14.56
C ASP A 59 6.86 -10.04 -13.14
N ASP A 60 5.76 -10.77 -13.01
CA ASP A 60 5.25 -11.19 -11.70
C ASP A 60 5.74 -12.60 -11.36
N ALA A 61 6.86 -12.99 -11.94
CA ALA A 61 7.42 -14.32 -11.70
C ALA A 61 8.75 -14.22 -10.96
N LEU A 62 9.43 -13.09 -11.11
CA LEU A 62 10.72 -12.88 -10.46
C LEU A 62 10.65 -11.69 -9.52
N ALA A 63 9.93 -10.66 -9.92
CA ALA A 63 9.78 -9.45 -9.11
C ALA A 63 9.19 -9.78 -7.75
N GLU A 64 8.22 -10.69 -7.72
CA GLU A 64 7.57 -11.08 -6.47
C GLU A 64 8.61 -11.60 -5.47
N ASN A 65 9.70 -12.16 -5.98
CA ASN A 65 10.75 -12.69 -5.14
C ASN A 65 12.05 -11.90 -5.32
N ASN A 66 11.91 -10.64 -5.70
CA ASN A 66 13.07 -9.78 -5.91
C ASN A 66 12.75 -8.33 -5.52
N LEU A 67 11.79 -8.17 -4.61
CA LEU A 67 11.40 -6.84 -4.15
C LEU A 67 12.31 -6.36 -3.02
N LYS A 68 12.71 -5.10 -3.10
CA LYS A 68 13.58 -4.51 -2.09
C LYS A 68 12.76 -3.87 -0.97
N LEU A 69 11.55 -3.45 -1.30
CA LEU A 69 10.66 -2.81 -0.33
C LEU A 69 10.30 -3.79 0.79
N PRO A 70 9.84 -3.24 1.92
CA PRO A 70 9.44 -4.03 3.09
C PRO A 70 8.16 -4.82 2.84
N GLU A 71 8.11 -6.04 3.37
CA GLU A 71 6.94 -6.89 3.21
C GLU A 71 6.73 -7.77 4.45
N ILE A 72 5.52 -8.29 4.60
CA ILE A 72 5.19 -9.14 5.73
C ILE A 72 5.57 -10.59 5.46
N GLN A 73 6.07 -11.27 6.49
CA GLN A 73 6.47 -12.67 6.37
C GLN A 73 5.82 -13.53 7.44
N ARG A 74 6.30 -13.37 8.67
CA ARG A 74 5.76 -14.14 9.80
C ARG A 74 5.88 -15.64 9.54
N ASN A 75 5.35 -16.44 10.47
CA ASN A 75 5.40 -17.89 10.34
C ASN A 75 4.02 -18.50 10.58
N ASP A 76 3.50 -18.30 11.78
CA ASP A 76 2.18 -18.83 12.14
C ASP A 76 1.09 -17.81 11.85
N GLY A 77 -0.14 -18.14 12.25
CA GLY A 77 -1.26 -17.23 12.03
C GLY A 77 -1.74 -16.59 13.32
N CYS A 78 -0.84 -16.46 14.29
CA CYS A 78 -1.18 -15.85 15.57
C CYS A 78 -2.39 -16.55 16.19
N TYR A 79 -2.34 -17.87 16.27
CA TYR A 79 -3.43 -18.65 16.84
C TYR A 79 -3.67 -18.26 18.30
N GLN A 80 -4.91 -18.42 18.74
CA GLN A 80 -5.28 -18.08 20.11
C GLN A 80 -4.64 -19.05 21.10
N THR A 81 -4.97 -18.89 22.37
CA THR A 81 -4.42 -19.75 23.42
C THR A 81 -4.97 -19.36 24.79
N GLY A 82 -5.06 -20.35 25.68
CA GLY A 82 -5.57 -20.09 27.02
C GLY A 82 -4.48 -19.68 27.99
N TYR A 83 -3.72 -18.67 27.62
CA TYR A 83 -2.63 -18.18 28.47
C TYR A 83 -2.31 -16.72 28.16
N ASN A 84 -1.66 -16.48 27.03
CA ASN A 84 -1.30 -15.14 26.62
C ASN A 84 -0.58 -15.14 25.28
N GLN A 85 -1.20 -14.53 24.27
CA GLN A 85 -0.63 -14.48 22.93
C GLN A 85 -1.50 -13.65 22.00
N GLU A 86 -0.93 -12.59 21.44
CA GLU A 86 -1.66 -11.72 20.52
C GLU A 86 -0.77 -10.58 20.02
N ILE A 87 -1.31 -9.76 19.14
CA ILE A 87 -0.57 -8.64 18.58
C ILE A 87 0.62 -9.11 17.76
N CYS A 88 0.50 -9.02 16.44
CA CYS A 88 1.56 -9.44 15.54
C CYS A 88 1.95 -8.32 14.59
N LEU A 89 2.88 -7.48 15.01
CA LEU A 89 3.33 -6.36 14.19
C LEU A 89 4.66 -5.81 14.70
N LEU A 90 5.34 -5.03 13.86
CA LEU A 90 6.62 -4.44 14.24
C LEU A 90 7.14 -3.53 13.13
N LYS A 91 7.44 -4.11 11.98
CA LYS A 91 7.93 -3.35 10.84
C LYS A 91 6.85 -3.16 9.79
N ILE A 92 5.92 -2.24 10.07
CA ILE A 92 4.83 -1.96 9.15
C ILE A 92 4.78 -0.48 8.80
N SER A 93 5.05 0.37 9.79
CA SER A 93 5.03 1.81 9.59
C SER A 93 5.97 2.21 8.45
N SER A 94 7.13 1.58 8.40
CA SER A 94 8.13 1.87 7.36
C SER A 94 7.51 1.75 5.98
N GLY A 95 6.88 0.61 5.71
CA GLY A 95 6.26 0.38 4.42
C GLY A 95 5.13 1.36 4.15
N LEU A 96 4.21 1.48 5.09
CA LEU A 96 3.07 2.38 4.94
C LEU A 96 3.54 3.80 4.64
N LEU A 97 4.47 4.30 5.46
CA LEU A 97 5.00 5.64 5.29
C LEU A 97 5.63 5.81 3.90
N GLU A 98 6.47 4.86 3.52
CA GLU A 98 7.13 4.90 2.22
C GLU A 98 6.10 4.99 1.10
N TYR A 99 5.10 4.12 1.14
CA TYR A 99 4.06 4.11 0.12
C TYR A 99 3.37 5.47 0.02
N HIS A 100 2.96 6.00 1.17
CA HIS A 100 2.29 7.29 1.21
C HIS A 100 3.13 8.37 0.53
N SER A 101 4.42 8.41 0.87
CA SER A 101 5.33 9.38 0.29
C SER A 101 5.46 9.18 -1.21
N TYR A 102 5.44 7.93 -1.64
CA TYR A 102 5.56 7.60 -3.06
C TYR A 102 4.37 8.14 -3.84
N LEU A 103 3.18 7.62 -3.54
CA LEU A 103 1.96 8.05 -4.22
C LEU A 103 1.81 9.56 -4.16
N GLU A 104 2.11 10.14 -3.00
CA GLU A 104 2.01 11.58 -2.82
C GLU A 104 3.01 12.31 -3.71
N TYR A 105 4.20 11.74 -3.85
CA TYR A 105 5.24 12.33 -4.67
C TYR A 105 4.88 12.26 -6.15
N MET A 106 4.49 11.07 -6.60
CA MET A 106 4.11 10.88 -8.00
C MET A 106 2.83 11.61 -8.32
N LYS A 107 1.98 11.80 -7.32
CA LYS A 107 0.71 12.49 -7.50
C LYS A 107 0.93 13.96 -7.83
N ASN A 108 2.06 14.51 -7.36
CA ASN A 108 2.39 15.90 -7.61
C ASN A 108 2.49 16.17 -9.11
N ASN A 109 3.02 15.20 -9.85
CA ASN A 109 3.18 15.33 -11.29
C ASN A 109 2.59 14.13 -12.01
N LEU A 110 1.36 14.29 -12.51
CA LEU A 110 0.69 13.21 -13.23
C LEU A 110 -0.25 13.77 -14.29
N LYS A 111 -0.90 12.88 -15.03
CA LYS A 111 -1.83 13.29 -16.08
C LYS A 111 -3.17 13.69 -15.48
N ASP A 112 -4.13 14.00 -16.35
CA ASP A 112 -5.47 14.40 -15.92
C ASP A 112 -6.14 13.26 -15.15
N ASN A 113 -6.16 12.08 -15.76
CA ASN A 113 -6.78 10.92 -15.15
C ASN A 113 -5.96 10.43 -13.95
N LYS A 114 -4.66 10.28 -14.17
CA LYS A 114 -3.75 9.83 -13.11
C LYS A 114 -3.86 10.71 -11.88
N LYS A 115 -4.04 12.01 -12.09
CA LYS A 115 -4.16 12.96 -11.00
C LYS A 115 -5.47 12.74 -10.24
N ASP A 116 -6.57 12.69 -10.97
CA ASP A 116 -7.89 12.49 -10.36
C ASP A 116 -7.88 11.25 -9.47
N LYS A 117 -7.34 10.15 -9.99
CA LYS A 117 -7.28 8.90 -9.24
C LYS A 117 -6.24 8.99 -8.13
N ALA A 118 -5.12 9.66 -8.42
CA ALA A 118 -4.05 9.81 -7.44
C ALA A 118 -4.58 10.43 -6.15
N ARG A 119 -5.39 11.48 -6.28
CA ARG A 119 -5.95 12.16 -5.12
C ARG A 119 -6.71 11.19 -4.24
N VAL A 120 -7.49 10.31 -4.86
CA VAL A 120 -8.27 9.32 -4.13
C VAL A 120 -7.37 8.29 -3.45
N LEU A 121 -6.27 7.95 -4.12
CA LEU A 121 -5.33 6.97 -3.59
C LEU A 121 -4.67 7.49 -2.31
N GLN A 122 -4.14 8.71 -2.38
CA GLN A 122 -3.49 9.32 -1.23
C GLN A 122 -4.48 9.53 -0.09
N ARG A 123 -5.66 10.03 -0.43
CA ARG A 123 -6.70 10.27 0.57
C ARG A 123 -7.03 9.00 1.34
N ASP A 124 -7.35 7.93 0.60
CA ASP A 124 -7.67 6.65 1.23
C ASP A 124 -6.54 6.17 2.12
N THR A 125 -5.34 6.10 1.55
CA THR A 125 -4.16 5.64 2.30
C THR A 125 -3.97 6.48 3.57
N GLU A 126 -4.07 7.79 3.43
CA GLU A 126 -3.91 8.70 4.56
C GLU A 126 -4.86 8.33 5.69
N THR A 127 -6.13 8.15 5.36
CA THR A 127 -7.14 7.79 6.34
C THR A 127 -6.80 6.48 7.04
N LEU A 128 -6.53 5.46 6.24
CA LEU A 128 -6.18 4.14 6.78
C LEU A 128 -4.98 4.24 7.73
N ILE A 129 -3.90 4.85 7.24
CA ILE A 129 -2.69 5.01 8.04
C ILE A 129 -2.98 5.76 9.33
N HIS A 130 -3.88 6.74 9.25
CA HIS A 130 -4.24 7.53 10.42
C HIS A 130 -4.90 6.66 11.49
N ILE A 131 -5.86 5.85 11.06
CA ILE A 131 -6.57 4.96 11.98
C ILE A 131 -5.62 3.94 12.60
N PHE A 132 -4.89 3.23 11.75
CA PHE A 132 -3.94 2.22 12.20
C PHE A 132 -2.89 2.84 13.12
N ASN A 133 -2.28 3.93 12.67
CA ASN A 133 -1.26 4.62 13.44
C ASN A 133 -1.81 5.06 14.80
N GLN A 134 -3.07 5.50 14.81
CA GLN A 134 -3.71 5.94 16.04
C GLN A 134 -3.83 4.79 17.04
N GLU A 135 -4.36 3.67 16.57
CA GLU A 135 -4.53 2.49 17.43
C GLU A 135 -3.19 2.04 18.01
N VAL A 136 -2.21 1.85 17.14
CA VAL A 136 -0.89 1.42 17.57
C VAL A 136 -0.23 2.46 18.46
N LYS A 137 -0.53 3.73 18.20
CA LYS A 137 0.02 4.83 18.98
C LYS A 137 -0.48 4.79 20.42
N ASP A 138 -1.78 4.53 20.59
CA ASP A 138 -2.38 4.46 21.90
C ASP A 138 -2.03 3.14 22.60
N LEU A 139 -1.80 2.11 21.79
CA LEU A 139 -1.45 0.79 22.32
C LEU A 139 0.01 0.74 22.75
N HIS A 140 0.73 1.83 22.50
CA HIS A 140 2.14 1.92 22.85
C HIS A 140 2.97 0.93 22.03
N LYS A 141 2.52 0.67 20.81
CA LYS A 141 3.22 -0.25 19.91
C LYS A 141 3.48 0.39 18.56
N ILE A 142 4.29 1.44 18.55
CA ILE A 142 4.63 2.15 17.32
C ILE A 142 6.06 2.66 17.34
N VAL A 143 6.72 2.62 16.19
CA VAL A 143 8.10 3.08 16.09
C VAL A 143 8.23 4.16 15.02
N LEU A 144 9.47 4.58 14.76
CA LEU A 144 9.73 5.62 13.76
C LEU A 144 10.71 5.12 12.72
N PRO A 145 10.18 4.64 11.58
CA PRO A 145 11.00 4.12 10.48
C PRO A 145 11.77 5.24 9.76
N THR A 146 11.14 6.40 9.63
CA THR A 146 11.76 7.53 8.97
C THR A 146 12.39 7.12 7.65
N PRO A 147 11.53 6.93 6.63
CA PRO A 147 11.98 6.53 5.29
C PRO A 147 12.73 7.64 4.57
N ILE A 148 13.72 7.27 3.77
CA ILE A 148 14.51 8.25 3.02
C ILE A 148 14.36 8.03 1.51
N SER A 149 13.81 6.90 1.13
CA SER A 149 13.61 6.57 -0.27
C SER A 149 12.91 7.71 -1.01
N ASN A 150 11.88 8.26 -0.37
CA ASN A 150 11.13 9.37 -0.96
C ASN A 150 12.06 10.49 -1.40
N ALA A 151 12.94 10.92 -0.49
CA ALA A 151 13.88 11.99 -0.78
C ALA A 151 14.66 11.69 -2.06
N LEU A 152 15.19 10.48 -2.16
CA LEU A 152 15.95 10.07 -3.34
C LEU A 152 15.11 10.20 -4.61
N LEU A 153 13.89 9.68 -4.56
CA LEU A 153 12.98 9.75 -5.70
C LEU A 153 12.80 11.19 -6.18
N THR A 154 12.24 12.02 -5.31
CA THR A 154 12.00 13.42 -5.63
C THR A 154 13.28 14.10 -6.09
N ASP A 155 14.41 13.69 -5.53
CA ASP A 155 15.70 14.25 -5.88
C ASP A 155 16.07 13.89 -7.31
N LYS A 156 15.61 12.73 -7.76
CA LYS A 156 15.90 12.25 -9.12
C LYS A 156 15.08 13.04 -10.14
N LEU A 157 15.35 12.78 -11.42
CA LEU A 157 14.63 13.46 -12.50
C LEU A 157 14.74 12.67 -13.80
N GLU A 158 15.96 12.32 -14.17
CA GLU A 158 16.20 11.56 -15.40
C GLU A 158 17.54 10.83 -15.34
N SER A 159 17.78 10.15 -14.22
CA SER A 159 19.03 9.42 -14.03
C SER A 159 19.00 8.11 -14.82
N GLN A 160 17.95 7.33 -14.64
CA GLN A 160 17.80 6.06 -15.32
C GLN A 160 18.00 6.22 -16.82
N LYS A 161 17.00 6.79 -17.49
CA LYS A 161 17.07 7.02 -18.93
C LYS A 161 16.19 8.20 -19.34
N GLU A 162 14.89 8.06 -19.17
CA GLU A 162 13.95 9.12 -19.52
C GLU A 162 12.51 8.70 -19.21
N TRP A 163 12.20 7.44 -19.48
CA TRP A 163 10.87 6.91 -19.23
C TRP A 163 10.94 5.55 -18.53
N LEU A 164 11.93 5.38 -17.67
CA LEU A 164 12.10 4.13 -16.94
C LEU A 164 11.53 4.23 -15.53
N ARG A 165 10.56 5.11 -15.35
CA ARG A 165 9.92 5.31 -14.06
C ARG A 165 8.85 4.25 -13.81
N THR A 166 8.29 3.72 -14.89
CA THR A 166 7.26 2.69 -14.79
C THR A 166 7.71 1.53 -13.90
N LYS A 167 9.02 1.34 -13.82
CA LYS A 167 9.58 0.26 -13.01
C LYS A 167 9.41 0.56 -11.52
N THR A 168 10.13 1.55 -11.03
CA THR A 168 10.06 1.94 -9.62
C THR A 168 8.61 2.10 -9.18
N ILE A 169 7.82 2.79 -10.00
CA ILE A 169 6.41 3.01 -9.70
C ILE A 169 5.65 1.70 -9.58
N GLN A 170 5.86 0.82 -10.56
CA GLN A 170 5.21 -0.49 -10.57
C GLN A 170 5.57 -1.29 -9.33
N PHE A 171 6.80 -1.11 -8.85
CA PHE A 171 7.27 -1.83 -7.67
C PHE A 171 6.56 -1.34 -6.41
N ILE A 172 6.62 -0.03 -6.18
CA ILE A 172 5.99 0.57 -5.01
C ILE A 172 4.48 0.35 -5.04
N LEU A 173 3.90 0.37 -6.23
CA LEU A 173 2.47 0.16 -6.39
C LEU A 173 2.07 -1.26 -6.02
N LYS A 174 2.73 -2.23 -6.66
CA LYS A 174 2.46 -3.64 -6.39
C LYS A 174 2.63 -3.96 -4.92
N SER A 175 3.75 -3.52 -4.35
CA SER A 175 4.04 -3.77 -2.94
C SER A 175 2.97 -3.13 -2.04
N LEU A 176 2.59 -1.90 -2.39
CA LEU A 176 1.58 -1.18 -1.62
C LEU A 176 0.28 -1.97 -1.54
N GLU A 177 -0.22 -2.38 -2.70
CA GLU A 177 -1.45 -3.15 -2.76
C GLU A 177 -1.34 -4.44 -1.96
N GLU A 178 -0.35 -5.26 -2.31
CA GLU A 178 -0.13 -6.53 -1.62
C GLU A 178 -0.03 -6.32 -0.11
N PHE A 179 0.76 -5.33 0.29
CA PHE A 179 0.94 -5.02 1.71
C PHE A 179 -0.40 -4.76 2.38
N LEU A 180 -1.18 -3.86 1.80
CA LEU A 180 -2.49 -3.50 2.34
C LEU A 180 -3.35 -4.76 2.53
N LYS A 181 -3.42 -5.59 1.50
CA LYS A 181 -4.20 -6.81 1.55
C LYS A 181 -3.78 -7.68 2.74
N VAL A 182 -2.51 -8.08 2.76
CA VAL A 182 -1.99 -8.91 3.83
C VAL A 182 -2.23 -8.26 5.20
N THR A 183 -1.94 -6.97 5.29
CA THR A 183 -2.12 -6.22 6.53
C THR A 183 -3.54 -6.38 7.06
N LEU A 184 -4.52 -6.16 6.19
CA LEU A 184 -5.92 -6.28 6.57
C LEU A 184 -6.25 -7.70 7.01
N ARG A 185 -5.70 -8.68 6.30
CA ARG A 185 -5.94 -10.08 6.62
C ARG A 185 -5.35 -10.43 7.98
N SER A 186 -4.27 -9.75 8.35
CA SER A 186 -3.61 -9.98 9.63
C SER A 186 -4.42 -9.40 10.77
N THR A 187 -4.77 -8.12 10.65
CA THR A 187 -5.55 -7.44 11.68
C THR A 187 -6.90 -8.11 11.89
N ARG A 188 -7.45 -8.67 10.82
CA ARG A 188 -8.74 -9.36 10.89
C ARG A 188 -8.69 -10.51 11.89
N GLN A 189 -9.79 -11.24 12.00
CA GLN A 189 -9.88 -12.36 12.92
C GLN A 189 -9.72 -11.90 14.36
N THR A 190 -9.89 -10.61 14.58
CA THR A 190 -9.77 -10.04 15.92
C THR A 190 -10.97 -10.41 16.78
N SER A 7 2.53 -16.02 2.29
CA SER A 7 1.74 -16.70 1.25
C SER A 7 1.79 -15.92 -0.05
N GLN A 8 2.03 -16.64 -1.15
CA GLN A 8 2.10 -16.02 -2.46
C GLN A 8 0.85 -16.33 -3.28
N VAL A 9 -0.31 -15.94 -2.76
CA VAL A 9 -1.57 -16.18 -3.44
C VAL A 9 -2.17 -14.88 -3.98
N ARG A 10 -2.87 -14.98 -5.10
CA ARG A 10 -3.49 -13.81 -5.72
C ARG A 10 -4.91 -13.61 -5.19
N ARG A 11 -5.06 -12.68 -4.25
CA ARG A 11 -6.36 -12.39 -3.66
C ARG A 11 -6.54 -10.90 -3.44
N GLY A 12 -7.71 -10.50 -2.96
CA GLY A 12 -7.99 -9.10 -2.71
C GLY A 12 -9.32 -8.66 -3.27
N ASP A 13 -9.84 -9.43 -4.21
CA ASP A 13 -11.13 -9.11 -4.84
C ASP A 13 -12.23 -9.00 -3.79
N PHE A 14 -13.08 -7.98 -3.92
CA PHE A 14 -14.17 -7.76 -2.98
C PHE A 14 -15.52 -7.78 -3.70
N THR A 15 -16.57 -7.40 -2.98
CA THR A 15 -17.91 -7.38 -3.55
C THR A 15 -18.52 -5.98 -3.48
N GLU A 16 -18.16 -5.24 -2.42
CA GLU A 16 -18.68 -3.89 -2.24
C GLU A 16 -17.53 -2.88 -2.23
N ASP A 17 -17.88 -1.61 -2.05
CA ASP A 17 -16.88 -0.54 -2.02
C ASP A 17 -17.52 0.78 -1.60
N THR A 18 -18.42 0.72 -0.62
CA THR A 18 -19.10 1.91 -0.12
C THR A 18 -18.59 2.30 1.25
N THR A 19 -18.90 3.52 1.67
CA THR A 19 -18.47 4.02 2.97
C THR A 19 -19.63 4.66 3.72
N PRO A 20 -19.50 4.77 5.05
CA PRO A 20 -20.52 5.38 5.91
C PRO A 20 -20.64 6.88 5.70
N ASN A 21 -21.41 7.54 6.56
CA ASN A 21 -21.61 8.98 6.47
C ASN A 21 -20.42 9.73 7.04
N ARG A 22 -19.82 9.16 8.09
CA ARG A 22 -18.67 9.78 8.74
C ARG A 22 -17.64 8.74 9.12
N PRO A 23 -16.38 9.17 9.28
CA PRO A 23 -15.27 8.27 9.66
C PRO A 23 -15.38 7.78 11.10
N VAL A 24 -16.06 6.66 11.28
CA VAL A 24 -16.24 6.09 12.61
C VAL A 24 -14.96 5.43 13.10
N TYR A 25 -14.01 5.24 12.19
CA TYR A 25 -12.73 4.61 12.53
C TYR A 25 -12.94 3.18 13.02
N THR A 26 -14.02 2.56 12.56
CA THR A 26 -14.34 1.19 12.94
C THR A 26 -13.84 0.20 11.90
N THR A 27 -14.00 -1.08 12.18
CA THR A 27 -13.58 -2.14 11.26
C THR A 27 -14.22 -1.97 9.89
N SER A 28 -15.46 -1.46 9.88
CA SER A 28 -16.19 -1.26 8.64
C SER A 28 -15.55 -0.15 7.81
N GLN A 29 -15.15 0.92 8.48
CA GLN A 29 -14.52 2.05 7.79
C GLN A 29 -13.20 1.63 7.16
N VAL A 30 -12.35 0.99 7.95
CA VAL A 30 -11.05 0.54 7.46
C VAL A 30 -11.21 -0.49 6.33
N GLY A 31 -12.19 -1.37 6.48
CA GLY A 31 -12.43 -2.39 5.47
C GLY A 31 -12.82 -1.79 4.13
N GLY A 32 -13.82 -0.92 4.14
CA GLY A 32 -14.26 -0.30 2.90
C GLY A 32 -13.20 0.58 2.29
N LEU A 33 -12.43 1.28 3.13
CA LEU A 33 -11.38 2.17 2.67
C LEU A 33 -10.27 1.38 1.99
N ILE A 34 -9.79 0.34 2.67
CA ILE A 34 -8.73 -0.50 2.13
C ILE A 34 -9.14 -1.13 0.81
N THR A 35 -10.38 -1.61 0.75
CA THR A 35 -10.91 -2.23 -0.47
C THR A 35 -10.96 -1.24 -1.62
N HIS A 36 -11.48 -0.05 -1.35
CA HIS A 36 -11.59 0.98 -2.37
C HIS A 36 -10.22 1.32 -2.94
N VAL A 37 -9.29 1.68 -2.07
CA VAL A 37 -7.94 2.03 -2.50
C VAL A 37 -7.26 0.86 -3.21
N LEU A 38 -7.58 -0.35 -2.77
CA LEU A 38 -7.01 -1.56 -3.37
C LEU A 38 -7.39 -1.67 -4.85
N TRP A 39 -8.67 -1.50 -5.13
CA TRP A 39 -9.16 -1.57 -6.51
C TRP A 39 -8.60 -0.44 -7.35
N GLU A 40 -8.57 0.76 -6.80
CA GLU A 40 -8.04 1.92 -7.49
C GLU A 40 -6.56 1.73 -7.85
N ILE A 41 -5.80 1.22 -6.88
CA ILE A 41 -4.38 1.00 -7.08
C ILE A 41 -4.14 -0.02 -8.18
N VAL A 42 -4.88 -1.13 -8.14
CA VAL A 42 -4.75 -2.18 -9.13
C VAL A 42 -5.03 -1.65 -10.53
N GLU A 43 -6.12 -0.91 -10.67
CA GLU A 43 -6.51 -0.34 -11.96
C GLU A 43 -5.50 0.72 -12.40
N MET A 44 -5.05 1.54 -11.46
CA MET A 44 -4.09 2.59 -11.76
C MET A 44 -2.74 2.00 -12.16
N ARG A 45 -2.43 0.84 -11.58
CA ARG A 45 -1.16 0.18 -11.87
C ARG A 45 -1.19 -0.46 -13.26
N LYS A 46 -2.23 -1.25 -13.52
CA LYS A 46 -2.38 -1.91 -14.81
C LYS A 46 -2.68 -0.92 -15.91
N GLU A 47 -3.31 0.20 -15.55
CA GLU A 47 -3.65 1.24 -16.51
C GLU A 47 -2.42 1.69 -17.28
N LEU A 48 -1.27 1.66 -16.61
CA LEU A 48 -0.01 2.07 -17.24
C LEU A 48 0.28 1.23 -18.48
N CYS A 49 -0.17 -0.02 -18.46
CA CYS A 49 0.03 -0.93 -19.57
C CYS A 49 -1.18 -0.96 -20.49
N ASN A 50 -1.90 0.16 -20.54
CA ASN A 50 -3.09 0.27 -21.37
C ASN A 50 -4.15 -0.74 -20.95
N GLY A 51 -4.14 -1.08 -19.66
CA GLY A 51 -5.11 -2.03 -19.13
C GLY A 51 -4.86 -3.44 -19.62
N ASN A 52 -3.59 -3.82 -19.70
CA ASN A 52 -3.22 -5.15 -20.16
C ASN A 52 -3.06 -6.11 -18.99
N SER A 53 -4.04 -7.01 -18.83
CA SER A 53 -4.00 -7.98 -17.75
C SER A 53 -2.71 -8.79 -17.78
N ASP A 54 -2.13 -8.93 -18.96
CA ASP A 54 -0.89 -9.68 -19.12
C ASP A 54 0.27 -8.97 -18.42
N CYS A 55 0.16 -7.65 -18.30
CA CYS A 55 1.20 -6.85 -17.66
C CYS A 55 1.25 -7.15 -16.16
N MET A 56 0.12 -7.58 -15.60
CA MET A 56 0.05 -7.90 -14.18
C MET A 56 0.92 -9.11 -13.85
N ASN A 57 0.74 -10.19 -14.59
CA ASN A 57 1.51 -11.41 -14.37
C ASN A 57 2.67 -11.50 -15.34
N ASN A 58 3.22 -10.34 -15.72
CA ASN A 58 4.34 -10.29 -16.65
C ASN A 58 5.65 -10.60 -15.94
N ASP A 59 5.87 -9.96 -14.80
CA ASP A 59 7.08 -10.17 -14.02
C ASP A 59 6.79 -10.08 -12.53
N ASP A 60 5.61 -10.55 -12.13
CA ASP A 60 5.20 -10.52 -10.73
C ASP A 60 5.50 -11.86 -10.06
N ALA A 61 6.48 -12.57 -10.58
CA ALA A 61 6.85 -13.87 -10.03
C ALA A 61 8.16 -13.78 -9.25
N LEU A 62 9.04 -12.88 -9.68
CA LEU A 62 10.33 -12.68 -9.03
C LEU A 62 10.44 -11.29 -8.43
N ALA A 63 9.73 -10.34 -9.04
CA ALA A 63 9.75 -8.96 -8.57
C ALA A 63 9.44 -8.88 -7.08
N GLU A 64 8.40 -9.59 -6.65
CA GLU A 64 8.00 -9.60 -5.25
C GLU A 64 9.12 -10.15 -4.38
N ASN A 65 9.98 -10.98 -4.96
CA ASN A 65 11.09 -11.57 -4.23
C ASN A 65 12.42 -10.95 -4.66
N ASN A 66 12.35 -9.71 -5.14
CA ASN A 66 13.54 -8.99 -5.58
C ASN A 66 13.45 -7.51 -5.23
N LEU A 67 12.66 -7.20 -4.21
CA LEU A 67 12.49 -5.82 -3.76
C LEU A 67 13.39 -5.52 -2.57
N LYS A 68 13.35 -4.27 -2.10
CA LYS A 68 14.15 -3.84 -0.97
C LYS A 68 13.28 -3.45 0.21
N LEU A 69 12.01 -3.16 -0.07
CA LEU A 69 11.06 -2.77 0.97
C LEU A 69 10.45 -3.99 1.64
N PRO A 70 9.94 -3.80 2.87
CA PRO A 70 9.32 -4.88 3.64
C PRO A 70 7.99 -5.33 3.05
N GLU A 71 7.78 -6.65 3.04
CA GLU A 71 6.55 -7.21 2.49
C GLU A 71 6.15 -8.48 3.25
N ILE A 72 5.02 -8.43 3.93
CA ILE A 72 4.53 -9.57 4.69
C ILE A 72 4.49 -10.83 3.83
N GLN A 73 5.25 -11.84 4.24
CA GLN A 73 5.30 -13.10 3.50
C GLN A 73 5.18 -14.29 4.45
N ARG A 74 5.90 -14.23 5.56
CA ARG A 74 5.89 -15.30 6.55
C ARG A 74 6.49 -14.84 7.87
N ASN A 75 5.64 -14.41 8.80
CA ASN A 75 6.09 -13.94 10.10
C ASN A 75 5.22 -14.52 11.21
N ASP A 76 3.92 -14.51 11.00
CA ASP A 76 2.98 -15.05 11.99
C ASP A 76 3.36 -16.47 12.39
N GLY A 77 2.70 -16.99 13.43
CA GLY A 77 2.98 -18.33 13.89
C GLY A 77 4.06 -18.36 14.95
N CYS A 78 4.12 -17.30 15.75
CA CYS A 78 5.12 -17.21 16.82
C CYS A 78 4.45 -16.98 18.17
N TYR A 79 3.31 -17.63 18.37
CA TYR A 79 2.56 -17.49 19.62
C TYR A 79 1.60 -18.67 19.81
N GLN A 80 1.58 -19.21 21.04
CA GLN A 80 0.71 -20.33 21.35
C GLN A 80 0.99 -20.86 22.76
N THR A 81 0.24 -21.87 23.17
CA THR A 81 0.41 -22.47 24.49
C THR A 81 0.14 -21.45 25.58
N GLY A 82 -0.75 -20.50 25.31
CA GLY A 82 -1.09 -19.49 26.28
C GLY A 82 0.11 -18.66 26.70
N TYR A 83 0.50 -18.79 27.96
CA TYR A 83 1.65 -18.05 28.50
C TYR A 83 1.43 -16.55 28.36
N ASN A 84 2.36 -15.77 28.90
CA ASN A 84 2.27 -14.32 28.84
C ASN A 84 3.60 -13.72 28.38
N GLN A 85 4.10 -14.18 27.24
CA GLN A 85 5.35 -13.69 26.70
C GLN A 85 5.34 -13.74 25.17
N GLU A 86 5.66 -12.62 24.54
CA GLU A 86 5.69 -12.55 23.09
C GLU A 86 6.76 -11.57 22.61
N ILE A 87 7.65 -12.05 21.74
CA ILE A 87 8.71 -11.21 21.22
C ILE A 87 8.64 -11.13 19.69
N CYS A 88 7.43 -10.98 19.17
CA CYS A 88 7.23 -10.89 17.73
C CYS A 88 7.13 -9.43 17.29
N LEU A 89 8.20 -8.93 16.68
CA LEU A 89 8.22 -7.55 16.21
C LEU A 89 7.30 -7.36 15.02
N LEU A 90 7.10 -6.10 14.61
CA LEU A 90 6.24 -5.79 13.48
C LEU A 90 6.54 -4.39 12.94
N LYS A 91 6.94 -4.33 11.68
CA LYS A 91 7.25 -3.06 11.03
C LYS A 91 6.35 -2.82 9.83
N ILE A 92 5.19 -2.21 10.08
CA ILE A 92 4.24 -1.92 9.01
C ILE A 92 4.21 -0.44 8.69
N SER A 93 4.33 0.39 9.72
CA SER A 93 4.32 1.84 9.55
C SER A 93 5.34 2.27 8.49
N SER A 94 6.52 1.65 8.54
CA SER A 94 7.58 1.97 7.60
C SER A 94 7.09 1.86 6.16
N GLY A 95 6.50 0.71 5.83
CA GLY A 95 5.98 0.50 4.50
C GLY A 95 4.86 1.44 4.14
N LEU A 96 3.86 1.53 5.00
CA LEU A 96 2.72 2.42 4.77
C LEU A 96 3.18 3.85 4.51
N LEU A 97 4.06 4.35 5.36
CA LEU A 97 4.57 5.70 5.22
C LEU A 97 5.30 5.87 3.89
N GLU A 98 6.20 4.93 3.59
CA GLU A 98 6.97 4.97 2.35
C GLU A 98 6.03 5.00 1.14
N TYR A 99 5.07 4.09 1.13
CA TYR A 99 4.11 3.99 0.03
C TYR A 99 3.40 5.32 -0.17
N HIS A 100 2.91 5.90 0.93
CA HIS A 100 2.20 7.17 0.87
C HIS A 100 3.07 8.25 0.22
N SER A 101 4.31 8.35 0.68
CA SER A 101 5.25 9.34 0.15
C SER A 101 5.52 9.10 -1.33
N TYR A 102 5.52 7.83 -1.72
CA TYR A 102 5.77 7.45 -3.11
C TYR A 102 4.63 7.93 -4.01
N LEU A 103 3.44 7.38 -3.80
CA LEU A 103 2.27 7.75 -4.59
C LEU A 103 2.08 9.26 -4.60
N GLU A 104 2.32 9.90 -3.45
CA GLU A 104 2.16 11.34 -3.33
C GLU A 104 3.20 12.07 -4.18
N TYR A 105 4.44 11.58 -4.14
CA TYR A 105 5.52 12.18 -4.90
C TYR A 105 5.22 12.17 -6.40
N MET A 106 4.78 11.01 -6.89
CA MET A 106 4.45 10.86 -8.30
C MET A 106 3.13 11.54 -8.63
N LYS A 107 2.26 11.65 -7.63
CA LYS A 107 0.96 12.30 -7.80
C LYS A 107 1.12 13.77 -8.17
N ASN A 108 2.10 14.41 -7.54
CA ASN A 108 2.36 15.84 -7.80
C ASN A 108 2.68 16.07 -9.27
N ASN A 109 3.16 15.04 -9.95
CA ASN A 109 3.50 15.14 -11.36
C ASN A 109 2.86 14.00 -12.16
N LEU A 110 1.60 14.19 -12.54
CA LEU A 110 0.88 13.18 -13.31
C LEU A 110 -0.12 13.84 -14.25
N LYS A 111 -0.81 13.02 -15.04
CA LYS A 111 -1.79 13.52 -15.99
C LYS A 111 -3.08 13.91 -15.28
N ASP A 112 -4.08 14.30 -16.05
CA ASP A 112 -5.38 14.71 -15.50
C ASP A 112 -6.05 13.54 -14.79
N ASN A 113 -6.13 12.40 -15.46
CA ASN A 113 -6.76 11.21 -14.89
C ASN A 113 -5.90 10.64 -13.77
N LYS A 114 -4.60 10.48 -14.05
CA LYS A 114 -3.67 9.95 -13.06
C LYS A 114 -3.71 10.77 -11.78
N LYS A 115 -3.78 12.08 -11.92
CA LYS A 115 -3.82 12.99 -10.77
C LYS A 115 -5.13 12.82 -10.01
N ASP A 116 -6.23 12.75 -10.73
CA ASP A 116 -7.54 12.59 -10.12
C ASP A 116 -7.58 11.36 -9.22
N LYS A 117 -7.13 10.23 -9.77
CA LYS A 117 -7.11 8.97 -9.02
C LYS A 117 -6.03 9.00 -7.96
N ALA A 118 -4.89 9.58 -8.29
CA ALA A 118 -3.77 9.67 -7.36
C ALA A 118 -4.19 10.32 -6.05
N ARG A 119 -4.95 11.41 -6.15
CA ARG A 119 -5.43 12.13 -4.98
C ARG A 119 -6.19 11.20 -4.04
N VAL A 120 -7.14 10.46 -4.61
CA VAL A 120 -7.95 9.53 -3.83
C VAL A 120 -7.08 8.46 -3.18
N LEU A 121 -6.10 7.96 -3.93
CA LEU A 121 -5.19 6.94 -3.42
C LEU A 121 -4.47 7.42 -2.17
N GLN A 122 -3.88 8.61 -2.26
CA GLN A 122 -3.15 9.18 -1.14
C GLN A 122 -4.06 9.37 0.07
N ARG A 123 -5.24 9.96 -0.16
CA ARG A 123 -6.20 10.20 0.90
C ARG A 123 -6.51 8.90 1.65
N ASP A 124 -6.90 7.87 0.91
CA ASP A 124 -7.23 6.57 1.50
C ASP A 124 -6.06 6.05 2.33
N THR A 125 -4.87 6.07 1.75
CA THR A 125 -3.67 5.59 2.43
C THR A 125 -3.47 6.32 3.75
N GLU A 126 -3.55 7.65 3.71
CA GLU A 126 -3.39 8.45 4.92
C GLU A 126 -4.45 8.11 5.96
N THR A 127 -5.64 7.79 5.50
CA THR A 127 -6.74 7.45 6.39
C THR A 127 -6.44 6.15 7.15
N LEU A 128 -6.18 5.09 6.41
CA LEU A 128 -5.88 3.78 7.01
C LEU A 128 -4.63 3.87 7.88
N ILE A 129 -3.70 4.74 7.49
CA ILE A 129 -2.46 4.91 8.23
C ILE A 129 -2.71 5.64 9.56
N HIS A 130 -3.61 6.61 9.54
CA HIS A 130 -3.95 7.37 10.74
C HIS A 130 -4.70 6.50 11.74
N ILE A 131 -5.65 5.71 11.24
CA ILE A 131 -6.44 4.83 12.09
C ILE A 131 -5.58 3.72 12.69
N PHE A 132 -4.81 3.05 11.84
CA PHE A 132 -3.94 1.97 12.28
C PHE A 132 -2.89 2.48 13.26
N ASN A 133 -2.21 3.56 12.87
CA ASN A 133 -1.18 4.15 13.72
C ASN A 133 -1.76 4.62 15.05
N GLN A 134 -2.96 5.18 14.99
CA GLN A 134 -3.63 5.68 16.19
C GLN A 134 -3.89 4.55 17.17
N GLU A 135 -4.54 3.49 16.69
CA GLU A 135 -4.86 2.33 17.52
C GLU A 135 -3.58 1.69 18.07
N VAL A 136 -2.65 1.38 17.17
CA VAL A 136 -1.38 0.77 17.55
C VAL A 136 -0.65 1.63 18.58
N LYS A 137 -0.42 2.89 18.22
CA LYS A 137 0.27 3.81 19.11
C LYS A 137 -0.38 3.84 20.49
N ASP A 138 -1.71 3.87 20.51
CA ASP A 138 -2.46 3.90 21.76
C ASP A 138 -2.35 2.57 22.49
N LEU A 139 -2.16 1.50 21.73
CA LEU A 139 -2.05 0.16 22.30
C LEU A 139 -0.68 -0.03 22.94
N HIS A 140 0.38 0.18 22.16
CA HIS A 140 1.74 0.03 22.65
C HIS A 140 2.57 1.28 22.34
N LYS A 141 2.96 1.42 21.08
CA LYS A 141 3.76 2.56 20.65
C LYS A 141 4.06 2.49 19.16
N ILE A 142 4.95 3.36 18.70
CA ILE A 142 5.33 3.39 17.29
C ILE A 142 6.42 4.41 17.03
N VAL A 143 7.32 4.10 16.10
CA VAL A 143 8.42 4.99 15.76
C VAL A 143 8.61 5.08 14.25
N LEU A 144 8.19 6.19 13.67
CA LEU A 144 8.31 6.41 12.24
C LEU A 144 7.85 7.80 11.84
N PRO A 145 8.77 8.77 11.92
CA PRO A 145 8.49 10.17 11.58
C PRO A 145 8.26 10.37 10.09
N THR A 146 9.10 9.73 9.28
CA THR A 146 8.99 9.83 7.83
C THR A 146 10.00 8.91 7.14
N PRO A 147 9.72 8.60 5.86
CA PRO A 147 10.58 7.73 5.06
C PRO A 147 11.91 8.39 4.72
N ILE A 148 12.73 7.70 3.93
CA ILE A 148 14.03 8.22 3.52
C ILE A 148 14.21 8.13 2.01
N SER A 149 13.73 7.02 1.44
CA SER A 149 13.86 6.81 0.00
C SER A 149 13.19 7.94 -0.78
N ASN A 150 12.20 8.57 -0.16
CA ASN A 150 11.48 9.67 -0.80
C ASN A 150 12.45 10.71 -1.32
N ALA A 151 13.37 11.14 -0.47
CA ALA A 151 14.37 12.14 -0.85
C ALA A 151 15.13 11.72 -2.11
N LEU A 152 15.60 10.48 -2.12
CA LEU A 152 16.35 9.95 -3.26
C LEU A 152 15.52 10.06 -4.53
N LEU A 153 14.29 9.57 -4.49
CA LEU A 153 13.41 9.62 -5.64
C LEU A 153 13.26 11.05 -6.16
N THR A 154 12.69 11.91 -5.33
CA THR A 154 12.50 13.31 -5.71
C THR A 154 13.80 13.94 -6.17
N ASP A 155 14.91 13.50 -5.58
CA ASP A 155 16.22 14.01 -5.94
C ASP A 155 16.64 13.56 -7.33
N LYS A 156 16.21 12.35 -7.70
CA LYS A 156 16.54 11.79 -9.00
C LYS A 156 15.56 12.28 -10.06
N LEU A 157 16.00 12.29 -11.31
CA LEU A 157 15.15 12.73 -12.43
C LEU A 157 15.24 11.76 -13.59
N GLU A 158 16.47 11.46 -14.02
CA GLU A 158 16.68 10.55 -15.13
C GLU A 158 18.15 10.09 -15.19
N SER A 159 18.55 9.27 -14.23
CA SER A 159 19.91 8.77 -14.17
C SER A 159 19.95 7.33 -13.65
N GLN A 160 19.45 7.13 -12.44
CA GLN A 160 19.42 5.81 -11.83
C GLN A 160 18.56 4.85 -12.65
N LYS A 161 17.52 5.40 -13.27
CA LYS A 161 16.62 4.59 -14.09
C LYS A 161 16.58 5.10 -15.53
N GLU A 162 17.13 4.31 -16.44
CA GLU A 162 17.15 4.69 -17.85
C GLU A 162 16.06 3.97 -18.63
N TRP A 163 15.71 2.76 -18.18
CA TRP A 163 14.68 1.98 -18.84
C TRP A 163 13.38 2.76 -18.94
N LEU A 164 12.72 2.97 -17.80
CA LEU A 164 11.47 3.71 -17.77
C LEU A 164 10.96 3.86 -16.33
N ARG A 165 10.31 4.98 -16.05
CA ARG A 165 9.78 5.25 -14.72
C ARG A 165 8.63 4.30 -14.40
N THR A 166 7.93 3.85 -15.44
CA THR A 166 6.81 2.93 -15.26
C THR A 166 7.20 1.74 -14.40
N LYS A 167 8.48 1.40 -14.40
CA LYS A 167 8.99 0.29 -13.61
C LYS A 167 8.93 0.61 -12.12
N THR A 168 9.76 1.54 -11.68
CA THR A 168 9.81 1.94 -10.28
C THR A 168 8.40 2.21 -9.74
N ILE A 169 7.61 2.93 -10.53
CA ILE A 169 6.24 3.28 -10.13
C ILE A 169 5.39 2.01 -9.99
N GLN A 170 5.50 1.12 -10.97
CA GLN A 170 4.74 -0.12 -10.96
C GLN A 170 5.14 -0.99 -9.77
N PHE A 171 6.40 -0.89 -9.36
CA PHE A 171 6.91 -1.66 -8.23
C PHE A 171 6.33 -1.16 -6.92
N ILE A 172 6.50 0.12 -6.65
CA ILE A 172 5.99 0.73 -5.42
C ILE A 172 4.48 0.56 -5.32
N LEU A 173 3.79 0.72 -6.46
CA LEU A 173 2.34 0.57 -6.49
C LEU A 173 1.92 -0.87 -6.20
N LYS A 174 2.56 -1.81 -6.90
CA LYS A 174 2.25 -3.22 -6.71
C LYS A 174 2.51 -3.66 -5.28
N SER A 175 3.64 -3.23 -4.73
CA SER A 175 4.01 -3.58 -3.37
C SER A 175 3.00 -3.02 -2.37
N LEU A 176 2.61 -1.76 -2.58
CA LEU A 176 1.64 -1.11 -1.70
C LEU A 176 0.31 -1.85 -1.70
N GLU A 177 -0.17 -2.18 -2.89
CA GLU A 177 -1.44 -2.90 -3.02
C GLU A 177 -1.38 -4.24 -2.29
N GLU A 178 -0.41 -5.07 -2.68
CA GLU A 178 -0.24 -6.39 -2.06
C GLU A 178 -0.01 -6.27 -0.56
N PHE A 179 0.62 -5.16 -0.15
CA PHE A 179 0.92 -4.93 1.26
C PHE A 179 -0.35 -4.52 2.01
N LEU A 180 -1.26 -3.84 1.31
CA LEU A 180 -2.51 -3.39 1.91
C LEU A 180 -3.47 -4.56 2.09
N LYS A 181 -3.62 -5.37 1.05
CA LYS A 181 -4.52 -6.52 1.11
C LYS A 181 -3.98 -7.58 2.06
N VAL A 182 -2.67 -7.78 2.05
CA VAL A 182 -2.03 -8.75 2.92
C VAL A 182 -2.06 -8.30 4.37
N THR A 183 -1.93 -6.99 4.58
CA THR A 183 -1.93 -6.44 5.93
C THR A 183 -3.34 -6.40 6.50
N LEU A 184 -4.32 -6.18 5.63
CA LEU A 184 -5.72 -6.13 6.04
C LEU A 184 -6.26 -7.53 6.32
N ARG A 185 -5.80 -8.50 5.52
CA ARG A 185 -6.25 -9.88 5.68
C ARG A 185 -5.51 -10.56 6.82
N SER A 186 -4.25 -10.17 7.03
CA SER A 186 -3.43 -10.75 8.09
C SER A 186 -3.81 -10.17 9.44
N THR A 187 -3.87 -8.84 9.51
CA THR A 187 -4.23 -8.14 10.75
C THR A 187 -5.51 -8.70 11.34
N ARG A 188 -6.40 -9.19 10.48
CA ARG A 188 -7.67 -9.76 10.92
C ARG A 188 -7.45 -10.81 11.98
N GLN A 189 -7.77 -10.47 13.23
CA GLN A 189 -7.61 -11.40 14.34
C GLN A 189 -8.97 -11.76 14.96
N THR A 190 -10.04 -11.48 14.22
CA THR A 190 -11.38 -11.77 14.68
C THR A 190 -11.60 -13.28 14.85
N SER A 7 -14.55 -5.44 21.42
CA SER A 7 -14.99 -5.49 20.04
C SER A 7 -14.44 -6.72 19.33
N GLN A 8 -15.22 -7.79 19.31
CA GLN A 8 -14.81 -9.03 18.66
C GLN A 8 -15.98 -9.68 17.94
N VAL A 9 -16.44 -9.03 16.87
CA VAL A 9 -17.56 -9.54 16.08
C VAL A 9 -17.20 -9.62 14.60
N ARG A 10 -17.55 -10.73 13.97
CA ARG A 10 -17.27 -10.94 12.56
C ARG A 10 -18.41 -10.40 11.70
N ARG A 11 -18.33 -9.11 11.36
CA ARG A 11 -19.37 -8.48 10.55
C ARG A 11 -19.05 -8.65 9.06
N GLY A 12 -20.00 -8.26 8.21
CA GLY A 12 -19.81 -8.38 6.78
C GLY A 12 -19.49 -7.05 6.12
N ASP A 13 -18.88 -6.15 6.88
CA ASP A 13 -18.52 -4.83 6.38
C ASP A 13 -19.73 -4.15 5.73
N PHE A 14 -20.79 -3.99 6.52
CA PHE A 14 -22.01 -3.35 6.02
C PHE A 14 -22.52 -4.05 4.77
N THR A 15 -23.57 -3.49 4.17
CA THR A 15 -24.17 -4.07 2.97
C THR A 15 -23.75 -3.29 1.73
N GLU A 16 -23.44 -2.01 1.92
CA GLU A 16 -23.03 -1.15 0.82
C GLU A 16 -21.56 -0.75 0.96
N ASP A 17 -21.10 0.12 0.06
CA ASP A 17 -19.72 0.57 0.07
C ASP A 17 -19.65 2.09 0.26
N THR A 18 -20.59 2.63 1.02
CA THR A 18 -20.64 4.06 1.28
C THR A 18 -20.04 4.40 2.64
N THR A 19 -19.79 5.68 2.87
CA THR A 19 -19.21 6.14 4.13
C THR A 19 -20.08 7.20 4.78
N PRO A 20 -19.90 7.39 6.10
CA PRO A 20 -20.67 8.38 6.86
C PRO A 20 -20.28 9.82 6.51
N ASN A 21 -20.78 10.77 7.29
CA ASN A 21 -20.48 12.18 7.05
C ASN A 21 -19.13 12.55 7.61
N ARG A 22 -18.80 12.00 8.79
CA ARG A 22 -17.53 12.28 9.44
C ARG A 22 -16.78 10.98 9.76
N PRO A 23 -15.46 11.07 9.87
CA PRO A 23 -14.61 9.92 10.17
C PRO A 23 -14.79 9.42 11.60
N VAL A 24 -15.38 8.25 11.75
CA VAL A 24 -15.62 7.66 13.06
C VAL A 24 -14.53 6.66 13.42
N TYR A 25 -13.77 6.23 12.42
CA TYR A 25 -12.70 5.28 12.62
C TYR A 25 -13.24 3.93 13.11
N THR A 26 -14.35 3.51 12.52
CA THR A 26 -14.98 2.25 12.90
C THR A 26 -14.55 1.13 11.97
N THR A 27 -14.74 -0.11 12.42
CA THR A 27 -14.37 -1.28 11.62
C THR A 27 -14.96 -1.20 10.22
N SER A 28 -16.25 -0.90 10.15
CA SER A 28 -16.95 -0.80 8.87
C SER A 28 -16.20 0.14 7.92
N GLN A 29 -15.89 1.34 8.41
CA GLN A 29 -15.17 2.32 7.59
C GLN A 29 -13.81 1.79 7.16
N VAL A 30 -13.17 1.04 8.05
CA VAL A 30 -11.86 0.47 7.77
C VAL A 30 -11.93 -0.52 6.62
N GLY A 31 -12.81 -1.50 6.74
CA GLY A 31 -12.96 -2.50 5.69
C GLY A 31 -13.33 -1.88 4.36
N GLY A 32 -14.37 -1.07 4.35
CA GLY A 32 -14.81 -0.43 3.11
C GLY A 32 -13.70 0.40 2.47
N LEU A 33 -13.00 1.17 3.30
CA LEU A 33 -11.92 2.02 2.81
C LEU A 33 -10.80 1.18 2.20
N ILE A 34 -10.36 0.17 2.93
CA ILE A 34 -9.30 -0.72 2.48
C ILE A 34 -9.62 -1.30 1.10
N THR A 35 -10.87 -1.75 0.95
CA THR A 35 -11.31 -2.34 -0.32
C THR A 35 -11.31 -1.29 -1.44
N HIS A 36 -11.79 -0.09 -1.13
CA HIS A 36 -11.84 0.98 -2.10
C HIS A 36 -10.45 1.30 -2.64
N VAL A 37 -9.53 1.59 -1.73
CA VAL A 37 -8.15 1.91 -2.11
C VAL A 37 -7.51 0.75 -2.86
N LEU A 38 -7.85 -0.46 -2.46
CA LEU A 38 -7.30 -1.65 -3.09
C LEU A 38 -7.66 -1.70 -4.57
N TRP A 39 -8.93 -1.47 -4.88
CA TRP A 39 -9.40 -1.49 -6.25
C TRP A 39 -8.79 -0.34 -7.05
N GLU A 40 -8.74 0.84 -6.43
CA GLU A 40 -8.18 2.02 -7.07
C GLU A 40 -6.72 1.80 -7.46
N ILE A 41 -5.95 1.25 -6.52
CA ILE A 41 -4.53 0.98 -6.76
C ILE A 41 -4.35 -0.04 -7.88
N VAL A 42 -5.11 -1.13 -7.81
CA VAL A 42 -5.03 -2.18 -8.83
C VAL A 42 -5.32 -1.62 -10.22
N GLU A 43 -6.32 -0.74 -10.30
CA GLU A 43 -6.70 -0.14 -11.58
C GLU A 43 -5.63 0.84 -12.04
N MET A 44 -5.14 1.66 -11.12
CA MET A 44 -4.11 2.65 -11.44
C MET A 44 -2.81 1.98 -11.83
N ARG A 45 -2.55 0.81 -11.26
CA ARG A 45 -1.34 0.06 -11.56
C ARG A 45 -1.43 -0.61 -12.92
N LYS A 46 -2.52 -1.32 -13.16
CA LYS A 46 -2.73 -2.00 -14.43
C LYS A 46 -2.96 -1.00 -15.56
N GLU A 47 -3.51 0.15 -15.21
CA GLU A 47 -3.79 1.19 -16.19
C GLU A 47 -2.53 1.55 -16.97
N LEU A 48 -1.39 1.56 -16.27
CA LEU A 48 -0.11 1.90 -16.89
C LEU A 48 0.16 0.98 -18.07
N CYS A 49 -0.41 -0.22 -18.03
CA CYS A 49 -0.22 -1.20 -19.10
C CYS A 49 -1.49 -1.36 -19.92
N ASN A 50 -2.25 -0.27 -20.05
CA ASN A 50 -3.49 -0.29 -20.82
C ASN A 50 -4.47 -1.30 -20.23
N GLY A 51 -4.48 -1.42 -18.91
CA GLY A 51 -5.37 -2.35 -18.25
C GLY A 51 -5.17 -3.78 -18.73
N ASN A 52 -3.91 -4.19 -18.87
CA ASN A 52 -3.58 -5.53 -19.33
C ASN A 52 -3.42 -6.47 -18.14
N SER A 53 -4.23 -7.53 -18.11
CA SER A 53 -4.19 -8.51 -17.04
C SER A 53 -2.84 -9.24 -17.03
N ASP A 54 -2.28 -9.43 -18.22
CA ASP A 54 -1.00 -10.11 -18.35
C ASP A 54 0.11 -9.33 -17.65
N CYS A 55 0.14 -8.02 -17.88
CA CYS A 55 1.14 -7.16 -17.27
C CYS A 55 1.18 -7.35 -15.75
N MET A 56 0.03 -7.70 -15.18
CA MET A 56 -0.07 -7.92 -13.74
C MET A 56 0.85 -9.05 -13.29
N ASN A 57 0.94 -10.09 -14.12
CA ASN A 57 1.78 -11.24 -13.81
C ASN A 57 2.93 -11.36 -14.81
N ASN A 58 3.32 -10.23 -15.39
CA ASN A 58 4.40 -10.21 -16.37
C ASN A 58 5.76 -10.10 -15.67
N ASP A 59 5.95 -9.02 -14.92
CA ASP A 59 7.20 -8.80 -14.21
C ASP A 59 7.07 -9.23 -12.75
N ASP A 60 6.16 -10.16 -12.49
CA ASP A 60 5.94 -10.64 -11.13
C ASP A 60 6.58 -12.02 -10.94
N ALA A 61 7.66 -12.28 -11.68
CA ALA A 61 8.36 -13.54 -11.59
C ALA A 61 9.70 -13.38 -10.87
N LEU A 62 10.30 -12.21 -11.02
CA LEU A 62 11.59 -11.91 -10.39
C LEU A 62 11.46 -10.77 -9.40
N ALA A 63 10.56 -9.83 -9.69
CA ALA A 63 10.35 -8.69 -8.82
C ALA A 63 10.08 -9.13 -7.39
N GLU A 64 9.35 -10.23 -7.23
CA GLU A 64 9.04 -10.76 -5.91
C GLU A 64 10.31 -10.96 -5.08
N ASN A 65 11.40 -11.23 -5.76
CA ASN A 65 12.69 -11.45 -5.09
C ASN A 65 13.70 -10.39 -5.50
N ASN A 66 13.20 -9.21 -5.88
CA ASN A 66 14.07 -8.12 -6.30
C ASN A 66 13.46 -6.77 -5.89
N LEU A 67 12.71 -6.77 -4.79
CA LEU A 67 12.08 -5.54 -4.31
C LEU A 67 12.83 -5.00 -3.10
N LYS A 68 13.12 -5.86 -2.13
CA LYS A 68 13.83 -5.47 -0.93
C LYS A 68 13.10 -4.34 -0.20
N LEU A 69 11.80 -4.24 -0.44
CA LEU A 69 10.99 -3.20 0.19
C LEU A 69 10.54 -3.64 1.58
N PRO A 70 10.17 -2.65 2.41
CA PRO A 70 9.72 -2.90 3.78
C PRO A 70 8.35 -3.58 3.82
N GLU A 71 8.35 -4.89 3.60
CA GLU A 71 7.10 -5.66 3.60
C GLU A 71 7.02 -6.55 4.84
N ILE A 72 5.81 -6.98 5.18
CA ILE A 72 5.60 -7.83 6.34
C ILE A 72 6.29 -9.18 6.17
N GLN A 73 6.91 -9.67 7.24
CA GLN A 73 7.59 -10.95 7.21
C GLN A 73 7.97 -11.41 8.61
N ARG A 74 7.00 -11.39 9.52
CA ARG A 74 7.24 -11.79 10.90
C ARG A 74 6.42 -13.02 11.25
N ASN A 75 7.07 -14.18 11.24
CA ASN A 75 6.40 -15.44 11.55
C ASN A 75 6.66 -15.85 13.00
N ASP A 76 5.61 -15.86 13.82
CA ASP A 76 5.73 -16.23 15.22
C ASP A 76 4.35 -16.40 15.86
N GLY A 77 4.34 -16.73 17.14
CA GLY A 77 3.08 -16.92 17.84
C GLY A 77 2.75 -15.74 18.75
N CYS A 78 1.94 -14.82 18.24
CA CYS A 78 1.55 -13.64 19.01
C CYS A 78 0.03 -13.59 19.18
N TYR A 79 -0.59 -14.77 19.20
CA TYR A 79 -2.04 -14.85 19.36
C TYR A 79 -2.42 -16.05 20.23
N GLN A 80 -1.60 -16.33 21.24
CA GLN A 80 -1.85 -17.44 22.14
C GLN A 80 -0.87 -17.42 23.31
N THR A 81 -0.54 -16.23 23.79
CA THR A 81 0.39 -16.07 24.90
C THR A 81 0.30 -14.68 25.51
N GLY A 82 0.83 -14.53 26.71
CA GLY A 82 0.79 -13.24 27.38
C GLY A 82 2.03 -12.99 28.22
N TYR A 83 1.88 -13.11 29.53
CA TYR A 83 3.00 -12.89 30.45
C TYR A 83 3.50 -11.45 30.37
N ASN A 84 2.92 -10.59 31.21
CA ASN A 84 3.30 -9.19 31.24
C ASN A 84 3.17 -8.57 29.86
N GLN A 85 1.99 -8.66 29.27
CA GLN A 85 1.73 -8.10 27.95
C GLN A 85 2.64 -8.74 26.91
N GLU A 86 2.44 -8.38 25.65
CA GLU A 86 3.24 -8.91 24.55
C GLU A 86 4.18 -7.85 24.00
N ILE A 87 5.28 -8.29 23.40
CA ILE A 87 6.26 -7.38 22.83
C ILE A 87 6.08 -7.27 21.32
N CYS A 88 4.87 -7.50 20.84
CA CYS A 88 4.57 -7.43 19.43
C CYS A 88 4.37 -5.98 18.98
N LEU A 89 5.13 -5.57 17.97
CA LEU A 89 5.05 -4.21 17.46
C LEU A 89 5.06 -4.21 15.93
N LEU A 90 5.93 -5.02 15.34
CA LEU A 90 6.03 -5.11 13.90
C LEU A 90 6.42 -3.77 13.28
N LYS A 91 6.71 -3.76 12.00
CA LYS A 91 7.09 -2.55 11.29
C LYS A 91 6.23 -2.34 10.05
N ILE A 92 4.91 -2.36 10.26
CA ILE A 92 3.97 -2.17 9.16
C ILE A 92 3.91 -0.71 8.73
N SER A 93 3.94 0.19 9.70
CA SER A 93 3.89 1.62 9.43
C SER A 93 4.98 2.02 8.45
N SER A 94 6.15 1.39 8.57
CA SER A 94 7.28 1.69 7.69
C SER A 94 6.88 1.55 6.23
N GLY A 95 6.29 0.40 5.88
CA GLY A 95 5.88 0.17 4.51
C GLY A 95 4.77 1.12 4.08
N LEU A 96 3.73 1.23 4.89
CA LEU A 96 2.60 2.10 4.59
C LEU A 96 3.07 3.53 4.34
N LEU A 97 3.93 4.02 5.24
CA LEU A 97 4.47 5.37 5.12
C LEU A 97 5.26 5.54 3.82
N GLU A 98 6.17 4.61 3.57
CA GLU A 98 7.00 4.64 2.37
C GLU A 98 6.13 4.73 1.12
N TYR A 99 5.16 3.82 1.01
CA TYR A 99 4.26 3.79 -0.14
C TYR A 99 3.54 5.12 -0.30
N HIS A 100 2.99 5.63 0.79
CA HIS A 100 2.27 6.90 0.77
C HIS A 100 3.14 8.01 0.20
N SER A 101 4.39 8.07 0.65
CA SER A 101 5.33 9.08 0.18
C SER A 101 5.60 8.92 -1.32
N TYR A 102 5.76 7.67 -1.74
CA TYR A 102 6.03 7.37 -3.14
C TYR A 102 4.88 7.84 -4.04
N LEU A 103 3.71 7.23 -3.85
CA LEU A 103 2.54 7.58 -4.64
C LEU A 103 2.28 9.09 -4.59
N GLU A 104 2.47 9.68 -3.41
CA GLU A 104 2.26 11.11 -3.23
C GLU A 104 3.25 11.91 -4.05
N TYR A 105 4.49 11.42 -4.13
CA TYR A 105 5.54 12.09 -4.89
C TYR A 105 5.21 12.11 -6.38
N MET A 106 4.85 10.94 -6.91
CA MET A 106 4.52 10.82 -8.33
C MET A 106 3.21 11.55 -8.64
N LYS A 107 2.31 11.61 -7.65
CA LYS A 107 1.04 12.28 -7.82
C LYS A 107 1.23 13.72 -8.30
N ASN A 108 2.28 14.36 -7.80
CA ASN A 108 2.57 15.74 -8.17
C ASN A 108 2.80 15.86 -9.68
N ASN A 109 3.58 14.93 -10.23
CA ASN A 109 3.88 14.92 -11.65
C ASN A 109 3.10 13.82 -12.37
N LEU A 110 1.84 14.10 -12.69
CA LEU A 110 1.00 13.13 -13.38
C LEU A 110 0.04 13.83 -14.34
N LYS A 111 -0.72 13.03 -15.09
CA LYS A 111 -1.68 13.57 -16.04
C LYS A 111 -2.96 14.01 -15.34
N ASP A 112 -3.94 14.44 -16.12
CA ASP A 112 -5.22 14.89 -15.57
C ASP A 112 -5.92 13.75 -14.84
N ASN A 113 -6.04 12.61 -15.51
CA ASN A 113 -6.71 11.44 -14.92
C ASN A 113 -5.86 10.86 -13.79
N LYS A 114 -4.57 10.67 -14.06
CA LYS A 114 -3.66 10.12 -13.06
C LYS A 114 -3.69 10.95 -11.78
N LYS A 115 -3.75 12.27 -11.95
CA LYS A 115 -3.77 13.17 -10.80
C LYS A 115 -5.07 13.02 -10.02
N ASP A 116 -6.19 13.11 -10.73
CA ASP A 116 -7.51 12.98 -10.10
C ASP A 116 -7.58 11.71 -9.26
N LYS A 117 -7.12 10.61 -9.82
CA LYS A 117 -7.13 9.33 -9.11
C LYS A 117 -6.06 9.30 -8.02
N ALA A 118 -4.92 9.91 -8.29
CA ALA A 118 -3.83 9.97 -7.34
C ALA A 118 -4.30 10.55 -6.01
N ARG A 119 -5.03 11.65 -6.08
CA ARG A 119 -5.53 12.32 -4.88
C ARG A 119 -6.34 11.35 -4.02
N VAL A 120 -7.17 10.53 -4.68
CA VAL A 120 -7.99 9.56 -3.98
C VAL A 120 -7.15 8.43 -3.40
N LEU A 121 -6.10 8.05 -4.13
CA LEU A 121 -5.22 6.98 -3.69
C LEU A 121 -4.42 7.40 -2.46
N GLN A 122 -3.77 8.55 -2.55
CA GLN A 122 -2.97 9.06 -1.44
C GLN A 122 -3.86 9.39 -0.24
N ARG A 123 -5.07 9.87 -0.52
CA ARG A 123 -6.02 10.22 0.54
C ARG A 123 -6.44 8.98 1.33
N ASP A 124 -6.85 7.94 0.60
CA ASP A 124 -7.27 6.70 1.24
C ASP A 124 -6.14 6.08 2.05
N THR A 125 -4.95 6.02 1.46
CA THR A 125 -3.79 5.46 2.13
C THR A 125 -3.50 6.20 3.43
N GLU A 126 -3.47 7.52 3.37
CA GLU A 126 -3.20 8.34 4.55
C GLU A 126 -4.22 8.07 5.64
N THR A 127 -5.49 7.96 5.24
CA THR A 127 -6.57 7.71 6.19
C THR A 127 -6.36 6.40 6.92
N LEU A 128 -6.20 5.31 6.17
CA LEU A 128 -5.99 3.99 6.75
C LEU A 128 -4.72 3.96 7.59
N ILE A 129 -3.74 4.77 7.21
CA ILE A 129 -2.48 4.85 7.93
C ILE A 129 -2.65 5.54 9.28
N HIS A 130 -3.49 6.56 9.31
CA HIS A 130 -3.76 7.30 10.53
C HIS A 130 -4.57 6.47 11.52
N ILE A 131 -5.56 5.74 10.99
CA ILE A 131 -6.41 4.90 11.82
C ILE A 131 -5.63 3.72 12.39
N PHE A 132 -4.88 3.03 11.54
CA PHE A 132 -4.09 1.89 11.97
C PHE A 132 -2.99 2.33 12.93
N ASN A 133 -2.26 3.38 12.56
CA ASN A 133 -1.18 3.89 13.40
C ASN A 133 -1.71 4.36 14.76
N GLN A 134 -2.87 5.01 14.73
CA GLN A 134 -3.48 5.51 15.97
C GLN A 134 -3.84 4.35 16.90
N GLU A 135 -4.54 3.36 16.36
CA GLU A 135 -4.94 2.20 17.15
C GLU A 135 -3.72 1.51 17.76
N VAL A 136 -2.74 1.20 16.92
CA VAL A 136 -1.53 0.54 17.37
C VAL A 136 -0.78 1.40 18.39
N LYS A 137 -0.57 2.66 18.05
CA LYS A 137 0.12 3.58 18.94
C LYS A 137 -0.49 3.58 20.33
N ASP A 138 -1.82 3.62 20.38
CA ASP A 138 -2.53 3.61 21.65
C ASP A 138 -2.39 2.26 22.35
N LEU A 139 -2.40 1.20 21.57
CA LEU A 139 -2.28 -0.16 22.10
C LEU A 139 -0.89 -0.38 22.71
N HIS A 140 0.12 0.24 22.11
CA HIS A 140 1.49 0.12 22.59
C HIS A 140 2.34 1.31 22.12
N LYS A 141 2.70 1.29 20.84
CA LYS A 141 3.51 2.37 20.27
C LYS A 141 3.78 2.11 18.79
N ILE A 142 4.67 2.91 18.21
CA ILE A 142 5.02 2.77 16.80
C ILE A 142 6.22 3.63 16.44
N VAL A 143 7.07 3.11 15.56
CA VAL A 143 8.26 3.84 15.13
C VAL A 143 8.18 4.20 13.64
N LEU A 144 9.27 4.73 13.11
CA LEU A 144 9.32 5.12 11.71
C LEU A 144 8.33 6.24 11.41
N PRO A 145 8.76 7.49 11.62
CA PRO A 145 7.92 8.66 11.38
C PRO A 145 7.65 8.90 9.89
N THR A 146 8.70 8.73 9.07
CA THR A 146 8.58 8.92 7.64
C THR A 146 9.70 8.21 6.90
N PRO A 147 9.49 7.94 5.59
CA PRO A 147 10.48 7.28 4.74
C PRO A 147 11.69 8.16 4.46
N ILE A 148 12.74 7.55 3.95
CA ILE A 148 13.96 8.29 3.62
C ILE A 148 14.26 8.23 2.12
N SER A 149 13.74 7.20 1.46
CA SER A 149 13.96 7.03 0.03
C SER A 149 13.26 8.13 -0.76
N ASN A 150 12.25 8.73 -0.15
CA ASN A 150 11.50 9.81 -0.79
C ASN A 150 12.43 10.87 -1.35
N ALA A 151 13.39 11.30 -0.54
CA ALA A 151 14.35 12.31 -0.96
C ALA A 151 15.10 11.87 -2.21
N LEU A 152 15.55 10.62 -2.22
CA LEU A 152 16.28 10.07 -3.36
C LEU A 152 15.43 10.16 -4.63
N LEU A 153 14.21 9.65 -4.57
CA LEU A 153 13.32 9.67 -5.71
C LEU A 153 13.14 11.08 -6.24
N THR A 154 12.60 11.97 -5.41
CA THR A 154 12.39 13.36 -5.79
C THR A 154 13.67 13.98 -6.34
N ASP A 155 14.81 13.56 -5.81
CA ASP A 155 16.10 14.07 -6.25
C ASP A 155 16.27 13.88 -7.75
N LYS A 156 15.90 12.70 -8.24
CA LYS A 156 16.02 12.39 -9.66
C LYS A 156 14.90 13.06 -10.46
N LEU A 157 15.28 13.74 -11.53
CA LEU A 157 14.32 14.43 -12.38
C LEU A 157 15.00 14.99 -13.63
N GLU A 158 14.45 14.65 -14.79
CA GLU A 158 15.01 15.11 -16.06
C GLU A 158 16.47 14.68 -16.21
N SER A 159 16.70 13.38 -16.11
CA SER A 159 18.05 12.83 -16.24
C SER A 159 18.15 11.90 -17.44
N GLN A 160 17.08 11.16 -17.69
CA GLN A 160 17.04 10.22 -18.82
C GLN A 160 15.64 9.68 -19.03
N LYS A 161 15.31 9.36 -20.28
CA LYS A 161 14.00 8.83 -20.62
C LYS A 161 14.14 7.54 -21.43
N GLU A 162 13.62 6.44 -20.88
CA GLU A 162 13.67 5.15 -21.56
C GLU A 162 12.89 4.10 -20.79
N TRP A 163 11.64 4.44 -20.45
CA TRP A 163 10.79 3.51 -19.71
C TRP A 163 11.41 3.15 -18.37
N LEU A 164 11.93 4.15 -17.67
CA LEU A 164 12.56 3.94 -16.37
C LEU A 164 11.61 4.31 -15.24
N ARG A 165 10.79 5.32 -15.49
CA ARG A 165 9.83 5.78 -14.49
C ARG A 165 8.74 4.73 -14.25
N THR A 166 8.18 4.21 -15.34
CA THR A 166 7.13 3.20 -15.25
C THR A 166 7.57 2.03 -14.37
N LYS A 167 8.87 1.81 -14.29
CA LYS A 167 9.41 0.73 -13.48
C LYS A 167 9.23 1.01 -11.99
N THR A 168 9.96 2.00 -11.48
CA THR A 168 9.88 2.37 -10.08
C THR A 168 8.42 2.56 -9.64
N ILE A 169 7.64 3.22 -10.48
CA ILE A 169 6.23 3.46 -10.19
C ILE A 169 5.46 2.15 -10.08
N GLN A 170 5.70 1.26 -11.04
CA GLN A 170 5.02 -0.03 -11.06
C GLN A 170 5.40 -0.86 -9.83
N PHE A 171 6.61 -0.64 -9.33
CA PHE A 171 7.09 -1.36 -8.16
C PHE A 171 6.37 -0.89 -6.89
N ILE A 172 6.44 0.41 -6.65
CA ILE A 172 5.80 0.99 -5.47
C ILE A 172 4.30 0.70 -5.46
N LEU A 173 3.69 0.76 -6.64
CA LEU A 173 2.25 0.49 -6.76
C LEU A 173 1.95 -0.98 -6.46
N LYS A 174 2.68 -1.87 -7.12
CA LYS A 174 2.48 -3.30 -6.92
C LYS A 174 2.67 -3.69 -5.46
N SER A 175 3.80 -3.28 -4.88
CA SER A 175 4.10 -3.59 -3.49
C SER A 175 3.05 -3.00 -2.56
N LEU A 176 2.64 -1.76 -2.85
CA LEU A 176 1.64 -1.08 -2.04
C LEU A 176 0.36 -1.90 -1.96
N GLU A 177 -0.17 -2.27 -3.12
CA GLU A 177 -1.40 -3.06 -3.18
C GLU A 177 -1.24 -4.37 -2.43
N GLU A 178 -0.22 -5.15 -2.80
CA GLU A 178 0.04 -6.42 -2.17
C GLU A 178 0.14 -6.27 -0.65
N PHE A 179 0.93 -5.30 -0.20
CA PHE A 179 1.10 -5.05 1.22
C PHE A 179 -0.25 -4.85 1.91
N LEU A 180 -1.05 -3.94 1.38
CA LEU A 180 -2.37 -3.65 1.93
C LEU A 180 -3.21 -4.92 2.02
N LYS A 181 -3.12 -5.75 0.99
CA LYS A 181 -3.88 -7.00 0.95
C LYS A 181 -3.51 -7.89 2.13
N VAL A 182 -2.25 -8.29 2.19
CA VAL A 182 -1.77 -9.14 3.28
C VAL A 182 -2.00 -8.50 4.64
N THR A 183 -1.80 -7.18 4.70
CA THR A 183 -1.99 -6.44 5.93
C THR A 183 -3.39 -6.65 6.50
N LEU A 184 -4.40 -6.45 5.68
CA LEU A 184 -5.79 -6.62 6.09
C LEU A 184 -6.07 -8.08 6.43
N ARG A 185 -5.59 -8.99 5.58
CA ARG A 185 -5.79 -10.42 5.79
C ARG A 185 -5.20 -10.85 7.14
N SER A 186 -4.15 -10.16 7.56
CA SER A 186 -3.49 -10.49 8.83
C SER A 186 -4.23 -9.86 10.00
N THR A 187 -4.52 -8.56 9.90
CA THR A 187 -5.22 -7.84 10.95
C THR A 187 -6.65 -8.35 11.10
N ARG A 188 -7.13 -9.06 10.08
CA ARG A 188 -8.48 -9.60 10.10
C ARG A 188 -8.53 -10.93 10.86
N GLN A 189 -7.69 -11.87 10.46
CA GLN A 189 -7.64 -13.17 11.10
C GLN A 189 -8.96 -13.92 10.94
N THR A 190 -9.78 -13.45 9.99
CA THR A 190 -11.08 -14.07 9.74
C THR A 190 -10.97 -15.18 8.70
N SER A 7 -3.26 -13.19 -5.55
CA SER A 7 -3.02 -14.54 -5.04
C SER A 7 -4.22 -15.03 -4.23
N GLN A 8 -4.91 -16.03 -4.76
CA GLN A 8 -6.08 -16.59 -4.09
C GLN A 8 -7.18 -15.55 -3.96
N VAL A 9 -7.86 -15.27 -5.07
CA VAL A 9 -8.94 -14.29 -5.08
C VAL A 9 -10.28 -14.96 -5.31
N ARG A 10 -11.30 -14.53 -4.55
CA ARG A 10 -12.64 -15.10 -4.67
C ARG A 10 -13.61 -14.05 -5.19
N ARG A 11 -13.48 -13.71 -6.48
CA ARG A 11 -14.35 -12.73 -7.11
C ARG A 11 -14.33 -11.41 -6.33
N GLY A 12 -15.12 -10.45 -6.80
CA GLY A 12 -15.17 -9.15 -6.14
C GLY A 12 -15.89 -8.11 -6.97
N ASP A 13 -16.93 -8.53 -7.67
CA ASP A 13 -17.70 -7.63 -8.52
C ASP A 13 -19.10 -7.38 -7.93
N PHE A 14 -19.41 -6.11 -7.68
CA PHE A 14 -20.70 -5.75 -7.11
C PHE A 14 -21.26 -4.50 -7.78
N THR A 15 -22.57 -4.31 -7.67
CA THR A 15 -23.22 -3.15 -8.28
C THR A 15 -22.79 -1.86 -7.59
N GLU A 16 -22.50 -1.95 -6.30
CA GLU A 16 -22.08 -0.79 -5.54
C GLU A 16 -20.76 -1.06 -4.81
N ASP A 17 -20.31 -0.08 -4.03
CA ASP A 17 -19.07 -0.22 -3.28
C ASP A 17 -19.20 0.39 -1.89
N THR A 18 -20.43 0.45 -1.39
CA THR A 18 -20.70 1.01 -0.07
C THR A 18 -19.99 2.35 0.11
N THR A 19 -20.69 3.43 -0.25
CA THR A 19 -20.13 4.77 -0.13
C THR A 19 -19.61 5.03 1.28
N PRO A 20 -18.72 6.02 1.41
CA PRO A 20 -18.14 6.40 2.70
C PRO A 20 -19.15 7.04 3.63
N ASN A 21 -18.72 7.37 4.85
CA ASN A 21 -19.59 7.99 5.83
C ASN A 21 -18.77 8.78 6.85
N ARG A 22 -17.92 9.68 6.35
CA ARG A 22 -17.08 10.49 7.22
C ARG A 22 -16.15 9.63 8.05
N PRO A 23 -15.08 10.25 8.58
CA PRO A 23 -14.08 9.55 9.40
C PRO A 23 -14.64 9.14 10.76
N VAL A 24 -15.41 8.06 10.78
CA VAL A 24 -16.00 7.56 12.02
C VAL A 24 -15.01 6.70 12.79
N TYR A 25 -13.96 6.26 12.11
CA TYR A 25 -12.94 5.42 12.73
C TYR A 25 -13.53 4.09 13.19
N THR A 26 -14.46 3.56 12.40
CA THR A 26 -15.10 2.29 12.73
C THR A 26 -14.67 1.19 11.77
N THR A 27 -14.96 -0.05 12.12
CA THR A 27 -14.59 -1.19 11.29
C THR A 27 -15.21 -1.09 9.91
N SER A 28 -16.46 -0.64 9.86
CA SER A 28 -17.18 -0.49 8.59
C SER A 28 -16.45 0.48 7.67
N GLN A 29 -16.15 1.67 8.20
CA GLN A 29 -15.46 2.69 7.42
C GLN A 29 -14.08 2.21 7.00
N VAL A 30 -13.37 1.55 7.92
CA VAL A 30 -12.04 1.04 7.63
C VAL A 30 -12.07 0.03 6.49
N GLY A 31 -12.91 -1.00 6.63
CA GLY A 31 -13.03 -2.02 5.60
C GLY A 31 -13.37 -1.44 4.24
N GLY A 32 -14.43 -0.63 4.20
CA GLY A 32 -14.84 -0.02 2.95
C GLY A 32 -13.74 0.82 2.32
N LEU A 33 -13.03 1.57 3.14
CA LEU A 33 -11.95 2.42 2.66
C LEU A 33 -10.82 1.58 2.06
N ILE A 34 -10.38 0.58 2.81
CA ILE A 34 -9.31 -0.30 2.35
C ILE A 34 -9.64 -0.92 1.00
N THR A 35 -10.89 -1.37 0.85
CA THR A 35 -11.34 -1.97 -0.39
C THR A 35 -11.32 -0.97 -1.54
N HIS A 36 -11.82 0.24 -1.27
CA HIS A 36 -11.86 1.28 -2.27
C HIS A 36 -10.47 1.58 -2.81
N VAL A 37 -9.54 1.90 -1.91
CA VAL A 37 -8.17 2.20 -2.30
C VAL A 37 -7.52 1.02 -2.99
N LEU A 38 -7.85 -0.18 -2.55
CA LEU A 38 -7.30 -1.40 -3.13
C LEU A 38 -7.65 -1.50 -4.61
N TRP A 39 -8.92 -1.28 -4.93
CA TRP A 39 -9.38 -1.35 -6.31
C TRP A 39 -8.76 -0.23 -7.15
N GLU A 40 -8.68 0.97 -6.57
CA GLU A 40 -8.11 2.12 -7.26
C GLU A 40 -6.64 1.87 -7.59
N ILE A 41 -5.92 1.28 -6.65
CA ILE A 41 -4.50 0.99 -6.84
C ILE A 41 -4.30 -0.05 -7.93
N VAL A 42 -5.08 -1.13 -7.87
CA VAL A 42 -4.99 -2.20 -8.86
C VAL A 42 -5.23 -1.67 -10.26
N GLU A 43 -6.29 -0.89 -10.42
CA GLU A 43 -6.64 -0.31 -11.71
C GLU A 43 -5.59 0.69 -12.16
N MET A 44 -5.13 1.51 -11.22
CA MET A 44 -4.12 2.53 -11.52
C MET A 44 -2.80 1.88 -11.90
N ARG A 45 -2.52 0.72 -11.31
CA ARG A 45 -1.28 0.00 -11.59
C ARG A 45 -1.31 -0.63 -12.97
N LYS A 46 -2.38 -1.37 -13.26
CA LYS A 46 -2.53 -2.02 -14.56
C LYS A 46 -2.78 -0.99 -15.66
N GLU A 47 -3.37 0.14 -15.29
CA GLU A 47 -3.66 1.19 -16.26
C GLU A 47 -2.39 1.62 -16.98
N LEU A 48 -1.28 1.67 -16.25
CA LEU A 48 0.01 2.06 -16.83
C LEU A 48 0.42 1.10 -17.94
N CYS A 49 -0.07 -0.13 -17.86
CA CYS A 49 0.26 -1.15 -18.86
C CYS A 49 -0.85 -1.24 -19.91
N ASN A 50 -1.55 -0.13 -20.12
CA ASN A 50 -2.63 -0.08 -21.10
C ASN A 50 -3.74 -1.04 -20.72
N GLY A 51 -3.97 -1.20 -19.43
CA GLY A 51 -5.02 -2.10 -18.96
C GLY A 51 -4.79 -3.53 -19.40
N ASN A 52 -3.54 -3.99 -19.33
CA ASN A 52 -3.20 -5.34 -19.72
C ASN A 52 -3.07 -6.24 -18.50
N SER A 53 -4.06 -7.10 -18.29
CA SER A 53 -4.06 -8.02 -17.16
C SER A 53 -2.82 -8.91 -17.18
N ASP A 54 -2.29 -9.13 -18.38
CA ASP A 54 -1.11 -9.97 -18.55
C ASP A 54 0.13 -9.27 -18.00
N CYS A 55 0.12 -7.94 -18.03
CA CYS A 55 1.25 -7.15 -17.54
C CYS A 55 1.46 -7.38 -16.05
N MET A 56 0.38 -7.71 -15.35
CA MET A 56 0.45 -7.96 -13.91
C MET A 56 1.42 -9.09 -13.60
N ASN A 57 1.35 -10.17 -14.38
CA ASN A 57 2.23 -11.31 -14.20
C ASN A 57 3.14 -11.52 -15.40
N ASN A 58 3.39 -10.43 -16.13
CA ASN A 58 4.24 -10.50 -17.32
C ASN A 58 5.71 -10.64 -16.93
N ASP A 59 6.23 -9.66 -16.19
CA ASP A 59 7.62 -9.69 -15.75
C ASP A 59 7.70 -9.87 -14.24
N ASP A 60 6.66 -10.44 -13.65
CA ASP A 60 6.61 -10.68 -12.22
C ASP A 60 7.49 -11.87 -11.84
N ALA A 61 7.65 -12.80 -12.76
CA ALA A 61 8.46 -13.98 -12.53
C ALA A 61 9.85 -13.61 -12.01
N LEU A 62 10.32 -12.44 -12.41
CA LEU A 62 11.64 -11.96 -11.99
C LEU A 62 11.50 -10.82 -10.98
N ALA A 63 10.45 -10.03 -11.13
CA ALA A 63 10.20 -8.90 -10.24
C ALA A 63 10.17 -9.35 -8.79
N GLU A 64 9.78 -10.60 -8.57
CA GLU A 64 9.71 -11.14 -7.21
C GLU A 64 11.05 -11.03 -6.51
N ASN A 65 12.12 -11.01 -7.29
CA ASN A 65 13.48 -10.91 -6.74
C ASN A 65 14.11 -9.56 -7.10
N ASN A 66 13.26 -8.56 -7.32
CA ASN A 66 13.73 -7.22 -7.66
C ASN A 66 12.93 -6.16 -6.92
N LEU A 67 12.41 -6.52 -5.75
CA LEU A 67 11.64 -5.60 -4.93
C LEU A 67 12.45 -5.08 -3.75
N LYS A 68 12.76 -5.98 -2.83
CA LYS A 68 13.55 -5.63 -1.64
C LYS A 68 12.87 -4.52 -0.85
N LEU A 69 11.55 -4.40 -1.03
CA LEU A 69 10.77 -3.38 -0.33
C LEU A 69 10.38 -3.86 1.06
N PRO A 70 10.03 -2.91 1.93
CA PRO A 70 9.61 -3.22 3.31
C PRO A 70 8.26 -3.91 3.36
N GLU A 71 8.26 -5.22 3.15
CA GLU A 71 7.03 -6.00 3.18
C GLU A 71 7.10 -7.09 4.24
N ILE A 72 5.94 -7.45 4.80
CA ILE A 72 5.87 -8.48 5.82
C ILE A 72 6.47 -9.79 5.33
N GLN A 73 7.15 -10.49 6.23
CA GLN A 73 7.77 -11.78 5.88
C GLN A 73 6.73 -12.89 5.80
N ARG A 74 7.04 -13.92 5.04
CA ARG A 74 6.14 -15.05 4.87
C ARG A 74 6.24 -16.01 6.06
N ASN A 75 5.40 -17.05 6.05
CA ASN A 75 5.40 -18.03 7.12
C ASN A 75 5.01 -17.39 8.45
N ASP A 76 3.72 -17.14 8.63
CA ASP A 76 3.22 -16.53 9.86
C ASP A 76 3.22 -17.54 11.01
N GLY A 77 3.06 -17.04 12.23
CA GLY A 77 3.05 -17.91 13.39
C GLY A 77 2.93 -17.13 14.69
N CYS A 78 3.49 -15.93 14.71
CA CYS A 78 3.46 -15.09 15.91
C CYS A 78 2.02 -14.70 16.24
N TYR A 79 1.71 -14.67 17.54
CA TYR A 79 0.38 -14.31 18.00
C TYR A 79 0.38 -12.95 18.68
N GLN A 80 -0.80 -12.48 19.07
CA GLN A 80 -0.93 -11.20 19.74
C GLN A 80 -1.12 -11.38 21.24
N THR A 81 -0.47 -12.41 21.79
CA THR A 81 -0.57 -12.70 23.22
C THR A 81 -0.09 -11.51 24.05
N GLY A 82 0.84 -10.74 23.50
CA GLY A 82 1.36 -9.58 24.21
C GLY A 82 2.03 -9.94 25.52
N TYR A 83 1.55 -9.37 26.61
CA TYR A 83 2.11 -9.65 27.94
C TYR A 83 3.59 -9.26 27.99
N ASN A 84 3.97 -8.32 27.15
CA ASN A 84 5.35 -7.85 27.09
C ASN A 84 6.30 -9.02 26.81
N GLN A 85 6.60 -9.24 25.53
CA GLN A 85 7.49 -10.31 25.12
C GLN A 85 8.63 -9.78 24.26
N GLU A 86 8.30 -8.83 23.37
CA GLU A 86 9.29 -8.25 22.48
C GLU A 86 10.06 -9.34 21.73
N ILE A 87 9.36 -10.41 21.39
CA ILE A 87 9.99 -11.52 20.67
C ILE A 87 9.61 -11.48 19.19
N CYS A 88 8.47 -10.89 18.88
CA CYS A 88 7.99 -10.79 17.52
C CYS A 88 8.18 -9.38 16.97
N LEU A 89 8.47 -9.28 15.68
CA LEU A 89 8.67 -7.99 15.03
C LEU A 89 7.64 -7.76 13.93
N LEU A 90 7.17 -6.52 13.81
CA LEU A 90 6.19 -6.17 12.80
C LEU A 90 6.42 -4.74 12.28
N LYS A 91 7.06 -4.64 11.14
CA LYS A 91 7.34 -3.33 10.53
C LYS A 91 6.22 -2.92 9.59
N ILE A 92 5.13 -2.41 10.15
CA ILE A 92 3.98 -1.97 9.36
C ILE A 92 4.04 -0.48 9.09
N SER A 93 4.64 0.26 10.02
CA SER A 93 4.77 1.71 9.90
C SER A 93 5.77 2.07 8.80
N SER A 94 6.91 1.41 8.81
CA SER A 94 7.96 1.66 7.83
C SER A 94 7.40 1.55 6.41
N GLY A 95 6.75 0.42 6.12
CA GLY A 95 6.17 0.22 4.80
C GLY A 95 5.10 1.22 4.47
N LEU A 96 4.14 1.40 5.38
CA LEU A 96 3.05 2.34 5.18
C LEU A 96 3.59 3.73 4.83
N LEU A 97 4.56 4.19 5.61
CA LEU A 97 5.16 5.50 5.39
C LEU A 97 5.82 5.58 4.01
N GLU A 98 6.64 4.57 3.70
CA GLU A 98 7.33 4.52 2.41
C GLU A 98 6.33 4.62 1.26
N TYR A 99 5.34 3.74 1.28
CA TYR A 99 4.32 3.71 0.23
C TYR A 99 3.65 5.07 0.10
N HIS A 100 3.26 5.65 1.23
CA HIS A 100 2.60 6.96 1.23
C HIS A 100 3.45 8.00 0.50
N SER A 101 4.74 8.03 0.82
CA SER A 101 5.66 8.98 0.21
C SER A 101 5.76 8.73 -1.29
N TYR A 102 5.77 7.46 -1.68
CA TYR A 102 5.87 7.08 -3.09
C TYR A 102 4.68 7.63 -3.88
N LEU A 103 3.48 7.16 -3.54
CA LEU A 103 2.27 7.60 -4.22
C LEU A 103 2.13 9.11 -4.18
N GLU A 104 2.54 9.71 -3.06
CA GLU A 104 2.48 11.16 -2.88
C GLU A 104 3.41 11.86 -3.85
N TYR A 105 4.58 11.27 -4.08
CA TYR A 105 5.57 11.83 -4.98
C TYR A 105 5.09 11.79 -6.43
N MET A 106 4.67 10.60 -6.87
CA MET A 106 4.18 10.43 -8.23
C MET A 106 2.87 11.18 -8.44
N LYS A 107 2.11 11.36 -7.36
CA LYS A 107 0.84 12.07 -7.42
C LYS A 107 1.04 13.52 -7.83
N ASN A 108 2.20 14.06 -7.50
CA ASN A 108 2.53 15.44 -7.83
C ASN A 108 2.58 15.64 -9.34
N ASN A 109 3.06 14.63 -10.05
CA ASN A 109 3.17 14.69 -11.50
C ASN A 109 2.52 13.47 -12.15
N LEU A 110 1.28 13.63 -12.59
CA LEU A 110 0.54 12.55 -13.24
C LEU A 110 -0.42 13.09 -14.29
N LYS A 111 -1.12 12.18 -14.97
CA LYS A 111 -2.07 12.56 -16.00
C LYS A 111 -3.36 13.11 -15.37
N ASP A 112 -4.33 13.42 -16.21
CA ASP A 112 -5.61 13.94 -15.75
C ASP A 112 -6.34 12.92 -14.88
N ASN A 113 -6.48 11.71 -15.40
CA ASN A 113 -7.16 10.65 -14.67
C ASN A 113 -6.29 10.13 -13.52
N LYS A 114 -5.02 9.88 -13.81
CA LYS A 114 -4.10 9.39 -12.80
C LYS A 114 -4.05 10.33 -11.60
N LYS A 115 -4.20 11.63 -11.86
CA LYS A 115 -4.18 12.62 -10.80
C LYS A 115 -5.41 12.51 -9.92
N ASP A 116 -6.58 12.52 -10.54
CA ASP A 116 -7.85 12.41 -9.81
C ASP A 116 -7.84 11.18 -8.91
N LYS A 117 -7.39 10.05 -9.45
CA LYS A 117 -7.33 8.81 -8.70
C LYS A 117 -6.22 8.84 -7.65
N ALA A 118 -5.09 9.44 -8.03
CA ALA A 118 -3.95 9.55 -7.13
C ALA A 118 -4.35 10.22 -5.82
N ARG A 119 -5.09 11.32 -5.92
CA ARG A 119 -5.53 12.05 -4.74
C ARG A 119 -6.31 11.15 -3.80
N VAL A 120 -7.20 10.33 -4.36
CA VAL A 120 -8.01 9.42 -3.57
C VAL A 120 -7.15 8.32 -2.94
N LEU A 121 -6.11 7.91 -3.67
CA LEU A 121 -5.21 6.87 -3.18
C LEU A 121 -4.43 7.36 -1.95
N GLN A 122 -3.81 8.53 -2.07
CA GLN A 122 -3.05 9.09 -0.98
C GLN A 122 -3.94 9.39 0.22
N ARG A 123 -5.12 9.92 -0.04
CA ARG A 123 -6.07 10.26 1.02
C ARG A 123 -6.46 9.00 1.80
N ASP A 124 -6.90 7.97 1.09
CA ASP A 124 -7.30 6.72 1.72
C ASP A 124 -6.15 6.14 2.54
N THR A 125 -4.97 6.12 1.96
CA THR A 125 -3.79 5.58 2.64
C THR A 125 -3.55 6.29 3.96
N GLU A 126 -3.52 7.62 3.91
CA GLU A 126 -3.30 8.42 5.12
C GLU A 126 -4.38 8.15 6.16
N THR A 127 -5.60 7.91 5.68
CA THR A 127 -6.72 7.64 6.57
C THR A 127 -6.52 6.34 7.35
N LEU A 128 -6.30 5.26 6.63
CA LEU A 128 -6.09 3.95 7.25
C LEU A 128 -4.82 3.96 8.10
N ILE A 129 -3.85 4.76 7.70
CA ILE A 129 -2.59 4.86 8.44
C ILE A 129 -2.78 5.60 9.75
N HIS A 130 -3.63 6.63 9.73
CA HIS A 130 -3.90 7.41 10.93
C HIS A 130 -4.73 6.62 11.92
N ILE A 131 -5.74 5.91 11.41
CA ILE A 131 -6.61 5.10 12.26
C ILE A 131 -5.84 3.94 12.89
N PHE A 132 -5.09 3.22 12.06
CA PHE A 132 -4.30 2.08 12.54
C PHE A 132 -3.23 2.54 13.51
N ASN A 133 -2.46 3.55 13.10
CA ASN A 133 -1.38 4.07 13.95
C ASN A 133 -1.93 4.57 15.27
N GLN A 134 -3.08 5.24 15.22
CA GLN A 134 -3.71 5.79 16.42
C GLN A 134 -4.11 4.66 17.37
N GLU A 135 -4.79 3.65 16.84
CA GLU A 135 -5.23 2.52 17.65
C GLU A 135 -4.05 1.85 18.34
N VAL A 136 -3.03 1.50 17.55
CA VAL A 136 -1.84 0.86 18.08
C VAL A 136 -1.06 1.80 19.00
N LYS A 137 -1.19 3.09 18.75
CA LYS A 137 -0.51 4.09 19.56
C LYS A 137 -1.09 4.15 20.97
N ASP A 138 -2.42 4.06 21.06
CA ASP A 138 -3.10 4.10 22.34
C ASP A 138 -2.95 2.78 23.08
N LEU A 139 -3.07 1.68 22.34
CA LEU A 139 -2.94 0.35 22.94
C LEU A 139 -1.50 0.07 23.34
N HIS A 140 -0.58 0.14 22.37
CA HIS A 140 0.82 -0.10 22.62
C HIS A 140 1.67 1.09 22.19
N LYS A 141 2.98 0.91 22.17
CA LYS A 141 3.90 1.97 21.78
C LYS A 141 4.57 1.64 20.45
N ILE A 142 4.82 2.66 19.64
CA ILE A 142 5.46 2.47 18.34
C ILE A 142 5.71 3.81 17.65
N VAL A 143 6.95 4.06 17.27
CA VAL A 143 7.31 5.30 16.60
C VAL A 143 8.41 5.07 15.57
N LEU A 144 8.40 5.88 14.51
CA LEU A 144 9.40 5.76 13.46
C LEU A 144 9.90 7.13 13.02
N PRO A 145 11.12 7.18 12.47
CA PRO A 145 11.74 8.42 12.00
C PRO A 145 11.06 8.98 10.75
N THR A 146 11.49 8.50 9.59
CA THR A 146 10.91 8.95 8.33
C THR A 146 11.50 8.18 7.15
N PRO A 147 10.79 8.19 6.01
CA PRO A 147 11.22 7.50 4.80
C PRO A 147 12.43 8.16 4.15
N ILE A 148 13.18 7.40 3.38
CA ILE A 148 14.36 7.92 2.69
C ILE A 148 14.20 7.85 1.18
N SER A 149 13.28 6.99 0.73
CA SER A 149 13.04 6.83 -0.70
C SER A 149 12.78 8.19 -1.36
N ASN A 150 12.16 9.09 -0.61
CA ASN A 150 11.85 10.43 -1.12
C ASN A 150 13.10 11.08 -1.71
N ALA A 151 14.18 11.09 -0.94
CA ALA A 151 15.44 11.68 -1.39
C ALA A 151 15.96 10.97 -2.63
N LEU A 152 15.78 9.66 -2.68
CA LEU A 152 16.24 8.86 -3.81
C LEU A 152 15.57 9.32 -5.11
N LEU A 153 14.24 9.19 -5.15
CA LEU A 153 13.48 9.58 -6.33
C LEU A 153 13.76 11.03 -6.70
N THR A 154 13.65 11.93 -5.72
CA THR A 154 13.89 13.34 -5.94
C THR A 154 15.31 13.57 -6.47
N ASP A 155 16.24 12.74 -6.03
CA ASP A 155 17.63 12.86 -6.46
C ASP A 155 17.78 12.45 -7.92
N LYS A 156 16.99 11.48 -8.35
CA LYS A 156 17.04 10.99 -9.72
C LYS A 156 16.42 12.01 -10.67
N LEU A 157 15.27 12.55 -10.30
CA LEU A 157 14.58 13.53 -11.12
C LEU A 157 15.40 14.82 -11.24
N GLU A 158 15.42 15.39 -12.44
CA GLU A 158 16.17 16.62 -12.69
C GLU A 158 15.82 17.21 -14.05
N SER A 159 16.09 16.44 -15.11
CA SER A 159 15.81 16.89 -16.47
C SER A 159 15.67 15.70 -17.41
N GLN A 160 15.00 14.65 -16.94
CA GLN A 160 14.80 13.45 -17.74
C GLN A 160 13.58 12.67 -17.27
N LYS A 161 12.99 11.90 -18.17
CA LYS A 161 11.81 11.11 -17.84
C LYS A 161 11.89 9.73 -18.48
N GLU A 162 11.70 9.67 -19.80
CA GLU A 162 11.74 8.42 -20.53
C GLU A 162 10.69 7.45 -20.02
N TRP A 163 10.59 6.29 -20.67
CA TRP A 163 9.62 5.28 -20.28
C TRP A 163 10.25 4.25 -19.34
N LEU A 164 11.10 4.72 -18.44
CA LEU A 164 11.77 3.83 -17.48
C LEU A 164 11.15 3.97 -16.10
N ARG A 165 10.54 5.12 -15.83
CA ARG A 165 9.91 5.36 -14.54
C ARG A 165 8.82 4.34 -14.27
N THR A 166 8.19 3.86 -15.34
CA THR A 166 7.12 2.88 -15.21
C THR A 166 7.55 1.69 -14.35
N LYS A 167 8.86 1.42 -14.34
CA LYS A 167 9.41 0.32 -13.57
C LYS A 167 9.31 0.60 -12.07
N THR A 168 10.10 1.55 -11.60
CA THR A 168 10.10 1.92 -10.18
C THR A 168 8.69 2.14 -9.68
N ILE A 169 7.88 2.87 -10.46
CA ILE A 169 6.50 3.14 -10.08
C ILE A 169 5.70 1.86 -9.95
N GLN A 170 5.82 0.99 -10.96
CA GLN A 170 5.10 -0.28 -10.96
C GLN A 170 5.51 -1.15 -9.77
N PHE A 171 6.77 -1.01 -9.36
CA PHE A 171 7.30 -1.78 -8.23
C PHE A 171 6.67 -1.32 -6.92
N ILE A 172 6.79 -0.02 -6.65
CA ILE A 172 6.23 0.54 -5.43
C ILE A 172 4.72 0.37 -5.37
N LEU A 173 4.07 0.45 -6.52
CA LEU A 173 2.63 0.30 -6.61
C LEU A 173 2.21 -1.14 -6.28
N LYS A 174 2.86 -2.09 -6.94
CA LYS A 174 2.57 -3.51 -6.71
C LYS A 174 2.78 -3.88 -5.26
N SER A 175 3.91 -3.48 -4.71
CA SER A 175 4.24 -3.77 -3.31
C SER A 175 3.21 -3.16 -2.37
N LEU A 176 2.87 -1.90 -2.61
CA LEU A 176 1.90 -1.20 -1.78
C LEU A 176 0.58 -1.96 -1.74
N GLU A 177 0.06 -2.30 -2.91
CA GLU A 177 -1.20 -3.03 -3.02
C GLU A 177 -1.12 -4.35 -2.25
N GLU A 178 -0.16 -5.18 -2.61
CA GLU A 178 0.02 -6.47 -1.95
C GLU A 178 0.12 -6.31 -0.45
N PHE A 179 0.99 -5.40 -0.01
CA PHE A 179 1.18 -5.14 1.41
C PHE A 179 -0.14 -4.77 2.08
N LEU A 180 -0.89 -3.89 1.42
CA LEU A 180 -2.18 -3.45 1.96
C LEU A 180 -3.11 -4.62 2.19
N LYS A 181 -3.25 -5.48 1.18
CA LYS A 181 -4.11 -6.65 1.28
C LYS A 181 -3.69 -7.54 2.46
N VAL A 182 -2.41 -7.91 2.48
CA VAL A 182 -1.90 -8.75 3.55
C VAL A 182 -2.15 -8.14 4.92
N THR A 183 -2.05 -6.81 5.00
CA THR A 183 -2.28 -6.10 6.24
C THR A 183 -3.75 -6.13 6.63
N LEU A 184 -4.62 -6.02 5.64
CA LEU A 184 -6.06 -6.03 5.87
C LEU A 184 -6.52 -7.39 6.38
N ARG A 185 -5.93 -8.45 5.82
CA ARG A 185 -6.28 -9.81 6.22
C ARG A 185 -5.56 -10.21 7.51
N SER A 186 -4.39 -9.61 7.72
CA SER A 186 -3.60 -9.90 8.92
C SER A 186 -4.16 -9.18 10.14
N THR A 187 -4.56 -7.92 9.94
CA THR A 187 -5.12 -7.12 11.03
C THR A 187 -6.44 -7.69 11.50
N ARG A 188 -7.17 -8.34 10.60
CA ARG A 188 -8.46 -8.93 10.93
C ARG A 188 -8.28 -10.33 11.50
N GLN A 189 -9.00 -10.61 12.59
CA GLN A 189 -8.92 -11.93 13.22
C GLN A 189 -10.14 -12.78 12.89
N THR A 190 -11.20 -12.12 12.41
CA THR A 190 -12.43 -12.81 12.05
C THR A 190 -12.40 -13.25 10.60
N SER A 7 -0.22 -22.34 13.94
CA SER A 7 -0.44 -22.75 12.56
C SER A 7 -1.92 -22.75 12.21
N GLN A 8 -2.42 -21.61 11.75
CA GLN A 8 -3.83 -21.48 11.38
C GLN A 8 -4.01 -20.45 10.29
N VAL A 9 -4.15 -20.91 9.05
CA VAL A 9 -4.34 -20.02 7.91
C VAL A 9 -5.59 -19.17 8.07
N ARG A 10 -5.56 -17.97 7.51
CA ARG A 10 -6.70 -17.06 7.59
C ARG A 10 -7.29 -16.80 6.21
N ARG A 11 -8.60 -16.59 6.17
CA ARG A 11 -9.28 -16.32 4.91
C ARG A 11 -9.42 -14.82 4.67
N GLY A 12 -10.05 -14.46 3.55
CA GLY A 12 -10.24 -13.07 3.22
C GLY A 12 -11.67 -12.75 2.85
N ASP A 13 -12.59 -13.62 3.26
CA ASP A 13 -14.01 -13.43 2.96
C ASP A 13 -14.52 -12.11 3.55
N PHE A 14 -15.18 -11.31 2.73
CA PHE A 14 -15.71 -10.02 3.16
C PHE A 14 -17.12 -9.81 2.64
N THR A 15 -17.84 -8.86 3.24
CA THR A 15 -19.20 -8.56 2.84
C THR A 15 -19.32 -7.13 2.31
N GLU A 16 -18.45 -6.25 2.81
CA GLU A 16 -18.45 -4.86 2.39
C GLU A 16 -19.78 -4.18 2.78
N ASP A 17 -19.76 -2.85 2.80
CA ASP A 17 -20.94 -2.08 3.15
C ASP A 17 -20.66 -0.58 3.09
N THR A 18 -19.94 -0.18 2.05
CA THR A 18 -19.59 1.23 1.87
C THR A 18 -18.95 1.80 3.12
N THR A 19 -18.71 3.12 3.10
CA THR A 19 -18.10 3.79 4.24
C THR A 19 -19.08 4.75 4.90
N PRO A 20 -18.81 5.10 6.16
CA PRO A 20 -19.65 6.01 6.94
C PRO A 20 -19.59 7.44 6.43
N ASN A 21 -20.19 8.36 7.18
CA ASN A 21 -20.20 9.77 6.80
C ASN A 21 -19.07 10.53 7.50
N ARG A 22 -18.73 10.10 8.70
CA ARG A 22 -17.68 10.74 9.48
C ARG A 22 -16.62 9.73 9.91
N PRO A 23 -15.40 10.20 10.15
CA PRO A 23 -14.28 9.35 10.58
C PRO A 23 -14.46 8.82 11.99
N VAL A 24 -15.24 7.75 12.12
CA VAL A 24 -15.49 7.15 13.43
C VAL A 24 -14.42 6.13 13.78
N TYR A 25 -13.62 5.74 12.78
CA TYR A 25 -12.55 4.78 12.98
C TYR A 25 -13.12 3.42 13.40
N THR A 26 -14.08 2.92 12.62
CA THR A 26 -14.70 1.64 12.90
C THR A 26 -14.28 0.59 11.89
N THR A 27 -14.42 -0.68 12.26
CA THR A 27 -14.05 -1.77 11.38
C THR A 27 -14.71 -1.63 10.01
N SER A 28 -16.01 -1.36 10.01
CA SER A 28 -16.75 -1.18 8.76
C SER A 28 -16.07 -0.18 7.85
N GLN A 29 -15.77 1.00 8.39
CA GLN A 29 -15.12 2.05 7.63
C GLN A 29 -13.75 1.59 7.12
N VAL A 30 -13.04 0.85 7.95
CA VAL A 30 -11.72 0.33 7.57
C VAL A 30 -11.81 -0.65 6.42
N GLY A 31 -12.65 -1.66 6.58
CA GLY A 31 -12.83 -2.66 5.54
C GLY A 31 -13.20 -2.04 4.20
N GLY A 32 -14.24 -1.20 4.21
CA GLY A 32 -14.68 -0.56 3.00
C GLY A 32 -13.62 0.35 2.40
N LEU A 33 -12.90 1.06 3.27
CA LEU A 33 -11.85 1.97 2.82
C LEU A 33 -10.72 1.21 2.16
N ILE A 34 -10.32 0.10 2.78
CA ILE A 34 -9.24 -0.73 2.24
C ILE A 34 -9.61 -1.32 0.90
N THR A 35 -10.86 -1.77 0.77
CA THR A 35 -11.34 -2.37 -0.46
C THR A 35 -11.35 -1.34 -1.60
N HIS A 36 -11.88 -0.16 -1.32
CA HIS A 36 -11.95 0.90 -2.31
C HIS A 36 -10.55 1.31 -2.77
N VAL A 37 -9.70 1.67 -1.81
CA VAL A 37 -8.33 2.08 -2.11
C VAL A 37 -7.57 0.97 -2.81
N LEU A 38 -7.89 -0.27 -2.46
CA LEU A 38 -7.23 -1.44 -3.05
C LEU A 38 -7.53 -1.52 -4.54
N TRP A 39 -8.81 -1.41 -4.88
CA TRP A 39 -9.23 -1.48 -6.28
C TRP A 39 -8.64 -0.33 -7.08
N GLU A 40 -8.68 0.87 -6.52
CA GLU A 40 -8.14 2.04 -7.19
C GLU A 40 -6.66 1.87 -7.50
N ILE A 41 -5.91 1.41 -6.50
CA ILE A 41 -4.47 1.20 -6.66
C ILE A 41 -4.19 0.19 -7.76
N VAL A 42 -4.87 -0.94 -7.71
CA VAL A 42 -4.70 -2.00 -8.70
C VAL A 42 -4.91 -1.46 -10.12
N GLU A 43 -6.05 -0.81 -10.33
CA GLU A 43 -6.36 -0.25 -11.64
C GLU A 43 -5.31 0.76 -12.07
N MET A 44 -4.85 1.57 -11.12
CA MET A 44 -3.83 2.57 -11.41
C MET A 44 -2.51 1.92 -11.80
N ARG A 45 -2.25 0.76 -11.22
CA ARG A 45 -1.01 0.02 -11.52
C ARG A 45 -1.05 -0.57 -12.93
N LYS A 46 -2.14 -1.24 -13.25
CA LYS A 46 -2.30 -1.85 -14.57
C LYS A 46 -2.48 -0.78 -15.65
N GLU A 47 -3.04 0.35 -15.25
CA GLU A 47 -3.27 1.45 -16.18
C GLU A 47 -1.98 1.83 -16.90
N LEU A 48 -0.89 1.92 -16.15
CA LEU A 48 0.41 2.28 -16.72
C LEU A 48 0.82 1.28 -17.80
N CYS A 49 0.31 0.06 -17.69
CA CYS A 49 0.61 -0.99 -18.66
C CYS A 49 -0.46 -1.07 -19.74
N ASN A 50 -1.14 0.04 -19.97
CA ASN A 50 -2.20 0.10 -20.98
C ASN A 50 -3.34 -0.84 -20.62
N GLY A 51 -3.65 -0.92 -19.33
CA GLY A 51 -4.73 -1.79 -18.87
C GLY A 51 -4.58 -3.20 -19.37
N ASN A 52 -3.34 -3.62 -19.62
CA ASN A 52 -3.07 -4.96 -20.11
C ASN A 52 -2.98 -5.95 -18.95
N SER A 53 -4.00 -6.80 -18.83
CA SER A 53 -4.04 -7.80 -17.77
C SER A 53 -2.78 -8.67 -17.78
N ASP A 54 -2.17 -8.80 -18.95
CA ASP A 54 -0.96 -9.59 -19.09
C ASP A 54 0.18 -9.01 -18.26
N CYS A 55 0.34 -7.69 -18.33
CA CYS A 55 1.38 -7.00 -17.58
C CYS A 55 1.32 -7.36 -16.09
N MET A 56 0.11 -7.68 -15.62
CA MET A 56 -0.10 -8.03 -14.23
C MET A 56 0.69 -9.29 -13.87
N ASN A 57 0.67 -10.26 -14.77
CA ASN A 57 1.37 -11.52 -14.55
C ASN A 57 2.37 -11.80 -15.68
N ASN A 58 3.02 -10.74 -16.15
CA ASN A 58 4.00 -10.88 -17.23
C ASN A 58 5.40 -11.10 -16.67
N ASP A 59 5.98 -10.07 -16.09
CA ASP A 59 7.32 -10.16 -15.51
C ASP A 59 7.25 -10.15 -13.99
N ASP A 60 6.19 -10.72 -13.44
CA ASP A 60 6.01 -10.78 -12.00
C ASP A 60 6.49 -12.12 -11.44
N ALA A 61 7.43 -12.74 -12.16
CA ALA A 61 7.98 -14.02 -11.73
C ALA A 61 9.25 -13.83 -10.90
N LEU A 62 9.98 -12.76 -11.19
CA LEU A 62 11.21 -12.46 -10.48
C LEU A 62 11.12 -11.12 -9.75
N ALA A 63 10.39 -10.18 -10.35
CA ALA A 63 10.21 -8.87 -9.76
C ALA A 63 9.51 -8.96 -8.41
N GLU A 64 8.53 -9.86 -8.32
CA GLU A 64 7.78 -10.05 -7.08
C GLU A 64 8.72 -10.32 -5.91
N ASN A 65 9.88 -10.89 -6.21
CA ASN A 65 10.86 -11.21 -5.18
C ASN A 65 12.17 -10.47 -5.44
N ASN A 66 12.06 -9.28 -6.03
CA ASN A 66 13.24 -8.47 -6.32
C ASN A 66 12.97 -6.99 -6.04
N LEU A 67 12.01 -6.73 -5.16
CA LEU A 67 11.65 -5.37 -4.80
C LEU A 67 12.46 -4.88 -3.61
N LYS A 68 12.76 -5.81 -2.70
CA LYS A 68 13.54 -5.48 -1.50
C LYS A 68 12.84 -4.40 -0.69
N LEU A 69 11.54 -4.26 -0.88
CA LEU A 69 10.75 -3.26 -0.15
C LEU A 69 10.33 -3.78 1.21
N PRO A 70 9.97 -2.86 2.11
CA PRO A 70 9.54 -3.20 3.47
C PRO A 70 8.18 -3.89 3.49
N GLU A 71 8.17 -5.18 3.16
CA GLU A 71 6.92 -5.94 3.14
C GLU A 71 6.90 -6.96 4.28
N ILE A 72 5.70 -7.44 4.61
CA ILE A 72 5.54 -8.40 5.68
C ILE A 72 5.96 -9.80 5.23
N GLN A 73 6.62 -10.53 6.13
CA GLN A 73 7.09 -11.87 5.82
C GLN A 73 7.36 -12.66 7.10
N ARG A 74 6.52 -12.44 8.11
CA ARG A 74 6.68 -13.13 9.39
C ARG A 74 5.33 -13.32 10.07
N ASN A 75 4.51 -14.21 9.51
CA ASN A 75 3.19 -14.49 10.07
C ASN A 75 3.15 -15.87 10.72
N ASP A 76 3.98 -16.06 11.73
CA ASP A 76 4.05 -17.33 12.44
C ASP A 76 3.75 -17.14 13.93
N GLY A 77 3.53 -18.25 14.63
CA GLY A 77 3.25 -18.17 16.05
C GLY A 77 4.48 -17.87 16.88
N CYS A 78 4.62 -16.62 17.31
CA CYS A 78 5.75 -16.20 18.10
C CYS A 78 5.93 -17.11 19.32
N TYR A 79 7.05 -17.83 19.35
CA TYR A 79 7.34 -18.74 20.45
C TYR A 79 6.31 -19.86 20.52
N GLN A 80 6.65 -20.93 21.23
CA GLN A 80 5.75 -22.06 21.38
C GLN A 80 5.38 -22.65 20.02
N THR A 81 4.57 -23.70 20.03
CA THR A 81 4.13 -24.34 18.80
C THR A 81 5.34 -24.80 17.98
N GLY A 82 5.96 -25.89 18.41
CA GLY A 82 7.12 -26.40 17.70
C GLY A 82 8.43 -25.92 18.27
N TYR A 83 8.39 -24.77 18.95
CA TYR A 83 9.58 -24.19 19.56
C TYR A 83 10.61 -23.85 18.49
N ASN A 84 10.17 -23.20 17.42
CA ASN A 84 11.05 -22.83 16.32
C ASN A 84 11.10 -21.31 16.16
N GLN A 85 12.25 -20.79 15.76
CA GLN A 85 12.42 -19.36 15.57
C GLN A 85 12.22 -18.61 16.87
N GLU A 86 12.65 -17.35 16.91
CA GLU A 86 12.53 -16.52 18.10
C GLU A 86 12.70 -15.04 17.76
N ILE A 87 12.39 -14.69 16.52
CA ILE A 87 12.50 -13.31 16.07
C ILE A 87 11.14 -12.73 15.69
N CYS A 88 10.70 -11.74 16.46
CA CYS A 88 9.41 -11.10 16.22
C CYS A 88 9.58 -9.61 15.97
N LEU A 89 9.37 -9.19 14.74
CA LEU A 89 9.50 -7.78 14.37
C LEU A 89 8.27 -7.29 13.62
N LEU A 90 7.92 -6.02 13.84
CA LEU A 90 6.75 -5.44 13.19
C LEU A 90 7.14 -4.16 12.44
N LYS A 91 7.41 -4.30 11.15
CA LYS A 91 7.79 -3.15 10.33
C LYS A 91 6.64 -2.74 9.41
N ILE A 92 5.61 -2.14 10.00
CA ILE A 92 4.44 -1.70 9.25
C ILE A 92 4.46 -0.18 9.07
N SER A 93 5.09 0.51 10.00
CA SER A 93 5.17 1.97 9.95
C SER A 93 6.09 2.43 8.82
N SER A 94 7.29 1.85 8.76
CA SER A 94 8.26 2.20 7.74
C SER A 94 7.66 2.00 6.34
N GLY A 95 7.12 0.81 6.10
CA GLY A 95 6.53 0.52 4.81
C GLY A 95 5.42 1.49 4.44
N LEU A 96 4.47 1.66 5.35
CA LEU A 96 3.35 2.58 5.13
C LEU A 96 3.85 3.97 4.75
N LEU A 97 4.79 4.49 5.53
CA LEU A 97 5.35 5.81 5.28
C LEU A 97 5.92 5.90 3.87
N GLU A 98 6.73 4.92 3.50
CA GLU A 98 7.35 4.89 2.17
C GLU A 98 6.28 4.97 1.09
N TYR A 99 5.29 4.10 1.17
CA TYR A 99 4.21 4.06 0.19
C TYR A 99 3.54 5.42 0.07
N HIS A 100 3.27 6.05 1.22
CA HIS A 100 2.63 7.35 1.26
C HIS A 100 3.47 8.39 0.52
N SER A 101 4.78 8.34 0.74
CA SER A 101 5.71 9.28 0.10
C SER A 101 5.80 9.01 -1.39
N TYR A 102 5.62 7.75 -1.77
CA TYR A 102 5.69 7.35 -3.17
C TYR A 102 4.47 7.84 -3.95
N LEU A 103 3.29 7.53 -3.43
CA LEU A 103 2.05 7.93 -4.07
C LEU A 103 1.91 9.45 -4.10
N GLU A 104 2.25 10.09 -2.98
CA GLU A 104 2.18 11.54 -2.87
C GLU A 104 3.22 12.21 -3.77
N TYR A 105 4.36 11.55 -3.93
CA TYR A 105 5.43 12.08 -4.76
C TYR A 105 5.02 12.09 -6.24
N MET A 106 4.54 10.95 -6.71
CA MET A 106 4.11 10.83 -8.11
C MET A 106 2.82 11.62 -8.35
N LYS A 107 1.94 11.62 -7.36
CA LYS A 107 0.68 12.35 -7.47
C LYS A 107 0.91 13.79 -7.90
N ASN A 108 2.00 14.38 -7.43
CA ASN A 108 2.33 15.76 -7.77
C ASN A 108 2.51 15.91 -9.28
N ASN A 109 3.11 14.92 -9.90
CA ASN A 109 3.33 14.94 -11.35
C ASN A 109 2.71 13.73 -12.02
N LEU A 110 1.50 13.89 -12.53
CA LEU A 110 0.80 12.81 -13.20
C LEU A 110 -0.11 13.35 -14.30
N LYS A 111 -0.70 12.44 -15.07
CA LYS A 111 -1.61 12.82 -16.15
C LYS A 111 -2.94 13.31 -15.60
N ASP A 112 -3.87 13.61 -16.50
CA ASP A 112 -5.19 14.08 -16.11
C ASP A 112 -5.92 13.03 -15.28
N ASN A 113 -5.98 11.81 -15.80
CA ASN A 113 -6.65 10.71 -15.12
C ASN A 113 -5.84 10.26 -13.90
N LYS A 114 -4.55 10.03 -14.11
CA LYS A 114 -3.67 9.60 -13.04
C LYS A 114 -3.72 10.56 -11.86
N LYS A 115 -3.93 11.84 -12.16
CA LYS A 115 -4.01 12.87 -11.13
C LYS A 115 -5.24 12.67 -10.25
N ASP A 116 -6.41 12.56 -10.88
CA ASP A 116 -7.66 12.36 -10.16
C ASP A 116 -7.59 11.10 -9.29
N LYS A 117 -7.03 10.03 -9.85
CA LYS A 117 -6.91 8.77 -9.14
C LYS A 117 -5.84 8.86 -8.06
N ALA A 118 -4.81 9.68 -8.31
CA ALA A 118 -3.72 9.85 -7.36
C ALA A 118 -4.21 10.55 -6.09
N ARG A 119 -5.08 11.55 -6.27
CA ARG A 119 -5.63 12.30 -5.14
C ARG A 119 -6.41 11.38 -4.21
N VAL A 120 -7.33 10.61 -4.78
CA VAL A 120 -8.16 9.70 -4.00
C VAL A 120 -7.30 8.60 -3.36
N LEU A 121 -6.28 8.16 -4.09
CA LEU A 121 -5.39 7.12 -3.59
C LEU A 121 -4.67 7.57 -2.33
N GLN A 122 -4.06 8.76 -2.39
CA GLN A 122 -3.34 9.31 -1.26
C GLN A 122 -4.27 9.52 -0.07
N ARG A 123 -5.40 10.17 -0.33
CA ARG A 123 -6.38 10.44 0.71
C ARG A 123 -6.77 9.17 1.45
N ASP A 124 -7.16 8.15 0.69
CA ASP A 124 -7.55 6.87 1.27
C ASP A 124 -6.43 6.29 2.14
N THR A 125 -5.22 6.23 1.57
CA THR A 125 -4.08 5.70 2.29
C THR A 125 -3.84 6.46 3.58
N GLU A 126 -3.85 7.79 3.50
CA GLU A 126 -3.63 8.63 4.66
C GLU A 126 -4.61 8.28 5.78
N THR A 127 -5.89 8.16 5.41
CA THR A 127 -6.92 7.84 6.38
C THR A 127 -6.66 6.49 7.04
N LEU A 128 -6.38 5.48 6.22
CA LEU A 128 -6.12 4.14 6.73
C LEU A 128 -4.91 4.14 7.67
N ILE A 129 -3.81 4.72 7.20
CA ILE A 129 -2.59 4.79 8.01
C ILE A 129 -2.85 5.52 9.32
N HIS A 130 -3.70 6.54 9.27
CA HIS A 130 -4.03 7.31 10.46
C HIS A 130 -4.78 6.46 11.48
N ILE A 131 -5.78 5.73 11.00
CA ILE A 131 -6.58 4.87 11.87
C ILE A 131 -5.72 3.78 12.51
N PHE A 132 -4.97 3.07 11.68
CA PHE A 132 -4.10 2.00 12.17
C PHE A 132 -3.04 2.55 13.12
N ASN A 133 -2.36 3.61 12.68
CA ASN A 133 -1.32 4.22 13.50
C ASN A 133 -1.87 4.65 14.86
N GLN A 134 -3.09 5.16 14.85
CA GLN A 134 -3.73 5.61 16.09
C GLN A 134 -3.99 4.44 17.02
N GLU A 135 -4.68 3.42 16.52
CA GLU A 135 -4.98 2.24 17.32
C GLU A 135 -3.72 1.66 17.95
N VAL A 136 -2.67 1.51 17.15
CA VAL A 136 -1.40 0.97 17.63
C VAL A 136 -0.72 1.96 18.56
N LYS A 137 -0.90 3.25 18.30
CA LYS A 137 -0.29 4.29 19.12
C LYS A 137 -0.93 4.33 20.50
N ASP A 138 -2.20 3.92 20.58
CA ASP A 138 -2.92 3.90 21.85
C ASP A 138 -2.63 2.63 22.63
N LEU A 139 -2.68 1.50 21.94
CA LEU A 139 -2.41 0.21 22.57
C LEU A 139 -0.96 -0.21 22.40
N HIS A 140 -0.11 0.77 22.13
CA HIS A 140 1.32 0.52 21.94
C HIS A 140 2.07 1.82 21.63
N LYS A 141 3.33 1.69 21.22
CA LYS A 141 4.15 2.84 20.90
C LYS A 141 5.30 2.44 19.97
N ILE A 142 5.15 2.77 18.68
CA ILE A 142 6.18 2.46 17.70
C ILE A 142 6.17 3.46 16.56
N VAL A 143 7.32 4.09 16.32
CA VAL A 143 7.44 5.07 15.24
C VAL A 143 8.85 5.08 14.66
N LEU A 144 8.95 5.35 13.36
CA LEU A 144 10.24 5.38 12.69
C LEU A 144 10.09 5.82 11.24
N PRO A 145 10.07 7.14 11.01
CA PRO A 145 9.93 7.72 9.68
C PRO A 145 11.16 7.49 8.81
N THR A 146 12.14 8.37 8.93
CA THR A 146 13.37 8.27 8.16
C THR A 146 13.09 8.38 6.67
N PRO A 147 12.67 9.57 6.22
CA PRO A 147 12.37 9.83 4.81
C PRO A 147 13.62 9.84 3.94
N ILE A 148 13.88 8.72 3.27
CA ILE A 148 15.05 8.61 2.41
C ILE A 148 14.63 8.22 0.99
N SER A 149 13.58 7.41 0.88
CA SER A 149 13.10 6.98 -0.43
C SER A 149 12.78 8.17 -1.32
N ASN A 150 12.07 9.14 -0.75
CA ASN A 150 11.69 10.34 -1.50
C ASN A 150 12.92 10.97 -2.15
N ALA A 151 13.96 11.19 -1.36
CA ALA A 151 15.19 11.79 -1.86
C ALA A 151 15.72 11.03 -3.07
N LEU A 152 15.89 9.72 -2.92
CA LEU A 152 16.38 8.89 -4.00
C LEU A 152 15.57 9.10 -5.28
N LEU A 153 14.26 8.98 -5.17
CA LEU A 153 13.37 9.16 -6.30
C LEU A 153 13.63 10.50 -6.99
N THR A 154 13.37 11.58 -6.26
CA THR A 154 13.57 12.93 -6.80
C THR A 154 14.98 13.08 -7.37
N ASP A 155 15.94 12.38 -6.76
CA ASP A 155 17.32 12.45 -7.22
C ASP A 155 17.48 11.81 -8.59
N LYS A 156 16.75 10.72 -8.82
CA LYS A 156 16.80 10.01 -10.08
C LYS A 156 15.82 10.62 -11.08
N LEU A 157 16.23 11.69 -11.75
CA LEU A 157 15.39 12.37 -12.72
C LEU A 157 14.10 12.86 -12.09
N GLU A 158 13.25 13.50 -12.89
CA GLU A 158 11.98 14.03 -12.40
C GLU A 158 10.82 13.15 -12.86
N SER A 159 10.48 13.26 -14.14
CA SER A 159 9.39 12.48 -14.71
C SER A 159 9.27 12.73 -16.22
N GLN A 160 8.49 11.89 -16.88
CA GLN A 160 8.30 12.01 -18.32
C GLN A 160 9.63 11.93 -19.07
N LYS A 161 9.56 12.03 -20.39
CA LYS A 161 10.77 11.97 -21.22
C LYS A 161 11.51 10.65 -21.01
N GLU A 162 10.77 9.61 -20.64
CA GLU A 162 11.36 8.31 -20.40
C GLU A 162 10.30 7.29 -20.02
N TRP A 163 10.30 6.14 -20.69
CA TRP A 163 9.34 5.10 -20.42
C TRP A 163 9.92 4.05 -19.46
N LEU A 164 10.77 4.50 -18.55
CA LEU A 164 11.40 3.62 -17.58
C LEU A 164 10.78 3.79 -16.20
N ARG A 165 10.24 4.98 -15.94
CA ARG A 165 9.60 5.27 -14.66
C ARG A 165 8.53 4.23 -14.34
N THR A 166 7.89 3.71 -15.38
CA THR A 166 6.84 2.72 -15.20
C THR A 166 7.33 1.56 -14.33
N LYS A 167 8.63 1.32 -14.34
CA LYS A 167 9.22 0.24 -13.54
C LYS A 167 9.14 0.57 -12.05
N THR A 168 9.92 1.55 -11.62
CA THR A 168 9.95 1.96 -10.22
C THR A 168 8.54 2.16 -9.69
N ILE A 169 7.71 2.86 -10.47
CA ILE A 169 6.33 3.12 -10.07
C ILE A 169 5.56 1.82 -9.88
N GLN A 170 5.64 0.94 -10.87
CA GLN A 170 4.95 -0.34 -10.82
C GLN A 170 5.41 -1.16 -9.62
N PHE A 171 6.66 -0.97 -9.23
CA PHE A 171 7.21 -1.69 -8.08
C PHE A 171 6.61 -1.19 -6.77
N ILE A 172 6.70 0.11 -6.54
CA ILE A 172 6.16 0.71 -5.33
C ILE A 172 4.66 0.52 -5.24
N LEU A 173 3.99 0.59 -6.39
CA LEU A 173 2.55 0.41 -6.45
C LEU A 173 2.15 -1.02 -6.09
N LYS A 174 2.76 -1.98 -6.78
CA LYS A 174 2.47 -3.39 -6.53
C LYS A 174 2.73 -3.74 -5.07
N SER A 175 3.86 -3.30 -4.53
CA SER A 175 4.22 -3.58 -3.15
C SER A 175 3.18 -3.00 -2.19
N LEU A 176 2.84 -1.73 -2.40
CA LEU A 176 1.85 -1.06 -1.56
C LEU A 176 0.56 -1.86 -1.50
N GLU A 177 -0.02 -2.13 -2.67
CA GLU A 177 -1.26 -2.88 -2.75
C GLU A 177 -1.15 -4.20 -1.99
N GLU A 178 -0.16 -5.00 -2.34
CA GLU A 178 0.05 -6.29 -1.69
C GLU A 178 0.12 -6.13 -0.17
N PHE A 179 0.76 -5.05 0.27
CA PHE A 179 0.91 -4.78 1.70
C PHE A 179 -0.46 -4.57 2.35
N LEU A 180 -1.27 -3.69 1.75
CA LEU A 180 -2.60 -3.41 2.27
C LEU A 180 -3.43 -4.69 2.39
N LYS A 181 -3.43 -5.48 1.32
CA LYS A 181 -4.19 -6.74 1.31
C LYS A 181 -3.74 -7.65 2.44
N VAL A 182 -2.45 -7.99 2.44
CA VAL A 182 -1.89 -8.86 3.48
C VAL A 182 -2.18 -8.31 4.87
N THR A 183 -1.91 -7.03 5.07
CA THR A 183 -2.14 -6.38 6.35
C THR A 183 -3.56 -6.63 6.85
N LEU A 184 -4.53 -6.36 5.99
CA LEU A 184 -5.93 -6.56 6.34
C LEU A 184 -6.21 -8.03 6.66
N ARG A 185 -5.60 -8.92 5.90
CA ARG A 185 -5.78 -10.35 6.10
C ARG A 185 -5.21 -10.79 7.45
N SER A 186 -4.16 -10.09 7.89
CA SER A 186 -3.51 -10.41 9.16
C SER A 186 -4.36 -9.94 10.34
N THR A 187 -4.76 -8.67 10.31
CA THR A 187 -5.57 -8.09 11.37
C THR A 187 -6.87 -8.86 11.54
N ARG A 188 -7.42 -9.35 10.42
CA ARG A 188 -8.67 -10.10 10.44
C ARG A 188 -8.49 -11.42 11.19
N GLN A 189 -8.74 -11.39 12.50
CA GLN A 189 -8.61 -12.59 13.32
C GLN A 189 -9.97 -13.00 13.90
N THR A 190 -10.90 -12.06 13.93
CA THR A 190 -12.23 -12.31 14.46
C THR A 190 -13.02 -13.23 13.53
N SER A 7 2.59 -17.87 -2.56
CA SER A 7 1.34 -18.61 -2.69
C SER A 7 0.16 -17.74 -2.27
N GLN A 8 -0.88 -17.74 -3.10
CA GLN A 8 -2.08 -16.95 -2.82
C GLN A 8 -3.17 -17.24 -3.84
N VAL A 9 -4.36 -17.58 -3.35
CA VAL A 9 -5.49 -17.88 -4.22
C VAL A 9 -6.59 -16.83 -4.07
N ARG A 10 -7.21 -16.47 -5.19
CA ARG A 10 -8.28 -15.48 -5.18
C ARG A 10 -9.49 -15.98 -5.98
N ARG A 11 -10.68 -15.74 -5.44
CA ARG A 11 -11.91 -16.17 -6.10
C ARG A 11 -12.44 -15.08 -7.04
N GLY A 12 -13.56 -15.36 -7.68
CA GLY A 12 -14.14 -14.40 -8.60
C GLY A 12 -15.43 -13.79 -8.06
N ASP A 13 -15.50 -13.62 -6.75
CA ASP A 13 -16.69 -13.05 -6.12
C ASP A 13 -16.35 -11.74 -5.42
N PHE A 14 -17.36 -10.89 -5.25
CA PHE A 14 -17.17 -9.60 -4.60
C PHE A 14 -18.03 -9.50 -3.33
N THR A 15 -17.63 -8.63 -2.42
CA THR A 15 -18.35 -8.44 -1.17
C THR A 15 -18.79 -6.99 -1.01
N GLU A 16 -17.98 -6.07 -1.51
CA GLU A 16 -18.30 -4.64 -1.42
C GLU A 16 -18.36 -4.19 0.04
N ASP A 17 -18.29 -2.88 0.25
CA ASP A 17 -18.35 -2.32 1.59
C ASP A 17 -18.28 -0.79 1.54
N THR A 18 -19.45 -0.16 1.46
CA THR A 18 -19.52 1.29 1.40
C THR A 18 -19.03 1.92 2.69
N THR A 19 -18.81 3.23 2.67
CA THR A 19 -18.34 3.95 3.84
C THR A 19 -19.39 4.93 4.36
N PRO A 20 -19.26 5.33 5.63
CA PRO A 20 -20.19 6.26 6.26
C PRO A 20 -20.06 7.68 5.70
N ASN A 21 -20.73 8.63 6.35
CA ASN A 21 -20.69 10.02 5.91
C ASN A 21 -19.48 10.74 6.52
N ARG A 22 -19.00 10.24 7.65
CA ARG A 22 -17.85 10.84 8.33
C ARG A 22 -16.90 9.76 8.82
N PRO A 23 -15.62 10.13 9.00
CA PRO A 23 -14.59 9.21 9.48
C PRO A 23 -14.78 8.82 10.93
N VAL A 24 -15.59 7.80 11.16
CA VAL A 24 -15.87 7.32 12.51
C VAL A 24 -14.72 6.46 13.04
N TYR A 25 -13.80 6.10 12.14
CA TYR A 25 -12.66 5.29 12.51
C TYR A 25 -13.10 3.90 12.97
N THR A 26 -14.29 3.49 12.53
CA THR A 26 -14.83 2.19 12.90
C THR A 26 -14.41 1.11 11.92
N THR A 27 -14.61 -0.15 12.30
CA THR A 27 -14.25 -1.28 11.44
C THR A 27 -14.83 -1.12 10.04
N SER A 28 -16.11 -0.76 9.99
CA SER A 28 -16.79 -0.57 8.70
C SER A 28 -16.00 0.36 7.79
N GLN A 29 -15.64 1.52 8.33
CA GLN A 29 -14.88 2.51 7.56
C GLN A 29 -13.53 1.92 7.11
N VAL A 30 -12.89 1.17 8.01
CA VAL A 30 -11.61 0.57 7.71
C VAL A 30 -11.72 -0.41 6.54
N GLY A 31 -12.64 -1.36 6.65
CA GLY A 31 -12.83 -2.34 5.59
C GLY A 31 -13.14 -1.70 4.26
N GLY A 32 -14.14 -0.82 4.24
CA GLY A 32 -14.52 -0.15 3.01
C GLY A 32 -13.38 0.66 2.42
N LEU A 33 -12.59 1.30 3.28
CA LEU A 33 -11.46 2.11 2.82
C LEU A 33 -10.39 1.24 2.19
N ILE A 34 -10.16 0.07 2.77
CA ILE A 34 -9.15 -0.85 2.25
C ILE A 34 -9.54 -1.36 0.86
N THR A 35 -10.76 -1.88 0.74
CA THR A 35 -11.24 -2.39 -0.53
C THR A 35 -11.27 -1.30 -1.59
N HIS A 36 -11.63 -0.09 -1.18
CA HIS A 36 -11.69 1.05 -2.10
C HIS A 36 -10.30 1.42 -2.58
N VAL A 37 -9.39 1.69 -1.65
CA VAL A 37 -8.03 2.06 -1.99
C VAL A 37 -7.32 0.94 -2.75
N LEU A 38 -7.68 -0.30 -2.41
CA LEU A 38 -7.08 -1.46 -3.06
C LEU A 38 -7.47 -1.52 -4.54
N TRP A 39 -8.76 -1.37 -4.81
CA TRP A 39 -9.26 -1.41 -6.18
C TRP A 39 -8.68 -0.26 -7.00
N GLU A 40 -8.62 0.92 -6.39
CA GLU A 40 -8.09 2.09 -7.07
C GLU A 40 -6.62 1.90 -7.45
N ILE A 41 -5.83 1.43 -6.50
CA ILE A 41 -4.41 1.19 -6.73
C ILE A 41 -4.21 0.17 -7.84
N VAL A 42 -4.95 -0.93 -7.78
CA VAL A 42 -4.86 -1.98 -8.79
C VAL A 42 -5.17 -1.44 -10.17
N GLU A 43 -6.25 -0.68 -10.28
CA GLU A 43 -6.66 -0.10 -11.56
C GLU A 43 -5.61 0.91 -12.05
N MET A 44 -5.15 1.76 -11.15
CA MET A 44 -4.15 2.78 -11.50
C MET A 44 -2.83 2.13 -11.89
N ARG A 45 -2.54 0.98 -11.27
CA ARG A 45 -1.29 0.26 -11.55
C ARG A 45 -1.38 -0.45 -12.90
N LYS A 46 -2.46 -1.19 -13.11
CA LYS A 46 -2.66 -1.92 -14.36
C LYS A 46 -2.90 -0.96 -15.52
N GLU A 47 -3.48 0.19 -15.20
CA GLU A 47 -3.77 1.20 -16.23
C GLU A 47 -2.50 1.66 -16.91
N LEU A 48 -1.39 1.63 -16.17
CA LEU A 48 -0.09 2.06 -16.70
C LEU A 48 0.28 1.24 -17.93
N CYS A 49 -0.11 -0.03 -17.93
CA CYS A 49 0.19 -0.92 -19.04
C CYS A 49 -1.00 -1.01 -20.00
N ASN A 50 -1.68 0.11 -20.19
CA ASN A 50 -2.83 0.17 -21.08
C ASN A 50 -3.89 -0.85 -20.66
N GLY A 51 -3.91 -1.17 -19.37
CA GLY A 51 -4.88 -2.12 -18.87
C GLY A 51 -4.61 -3.53 -19.35
N ASN A 52 -3.35 -3.94 -19.33
CA ASN A 52 -2.96 -5.26 -19.79
C ASN A 52 -2.74 -6.20 -18.60
N SER A 53 -3.66 -7.14 -18.41
CA SER A 53 -3.56 -8.09 -17.31
C SER A 53 -2.24 -8.84 -17.35
N ASP A 54 -1.75 -9.10 -18.56
CA ASP A 54 -0.50 -9.82 -18.74
C ASP A 54 0.66 -9.04 -18.12
N CYS A 55 0.56 -7.72 -18.11
CA CYS A 55 1.59 -6.86 -17.55
C CYS A 55 1.71 -7.09 -16.04
N MET A 56 0.63 -7.54 -15.42
CA MET A 56 0.61 -7.78 -13.99
C MET A 56 1.54 -8.94 -13.63
N ASN A 57 1.39 -10.06 -14.35
CA ASN A 57 2.22 -11.24 -14.11
C ASN A 57 3.13 -11.51 -15.29
N ASN A 58 3.63 -10.45 -15.91
CA ASN A 58 4.52 -10.57 -17.06
C ASN A 58 5.88 -11.12 -16.64
N ASP A 59 6.45 -10.52 -15.58
CA ASP A 59 7.74 -10.95 -15.08
C ASP A 59 7.81 -10.78 -13.56
N ASP A 60 6.67 -10.94 -12.90
CA ASP A 60 6.61 -10.81 -11.45
C ASP A 60 7.29 -11.99 -10.77
N ALA A 61 7.39 -13.11 -11.49
CA ALA A 61 8.02 -14.31 -10.96
C ALA A 61 9.40 -14.00 -10.39
N LEU A 62 10.05 -12.99 -10.96
CA LEU A 62 11.38 -12.60 -10.51
C LEU A 62 11.35 -11.21 -9.87
N ALA A 63 10.54 -10.33 -10.43
CA ALA A 63 10.41 -8.97 -9.91
C ALA A 63 9.87 -8.98 -8.48
N GLU A 64 8.94 -9.89 -8.21
CA GLU A 64 8.36 -10.00 -6.88
C GLU A 64 9.43 -10.23 -5.82
N ASN A 65 10.55 -10.80 -6.24
CA ASN A 65 11.65 -11.07 -5.32
C ASN A 65 12.84 -10.15 -5.62
N ASN A 66 12.55 -8.97 -6.16
CA ASN A 66 13.58 -8.00 -6.49
C ASN A 66 13.21 -6.61 -5.98
N LEU A 67 12.36 -6.58 -4.95
CA LEU A 67 11.93 -5.30 -4.37
C LEU A 67 12.66 -5.04 -3.06
N LYS A 68 12.82 -6.07 -2.25
CA LYS A 68 13.50 -5.94 -0.97
C LYS A 68 12.82 -4.90 -0.08
N LEU A 69 11.55 -4.65 -0.34
CA LEU A 69 10.78 -3.67 0.43
C LEU A 69 10.24 -4.29 1.71
N PRO A 70 9.88 -3.43 2.68
CA PRO A 70 9.35 -3.87 3.96
C PRO A 70 7.95 -4.46 3.85
N GLU A 71 7.87 -5.71 3.40
CA GLU A 71 6.60 -6.39 3.23
C GLU A 71 6.52 -7.64 4.11
N ILE A 72 5.32 -7.95 4.59
CA ILE A 72 5.11 -9.12 5.44
C ILE A 72 5.58 -10.39 4.75
N GLN A 73 6.17 -11.29 5.53
CA GLN A 73 6.66 -12.55 4.99
C GLN A 73 5.73 -13.70 5.37
N ARG A 74 5.65 -14.71 4.51
CA ARG A 74 4.80 -15.86 4.75
C ARG A 74 5.64 -17.09 5.15
N ASN A 75 5.71 -17.36 6.44
CA ASN A 75 6.47 -18.50 6.94
C ASN A 75 6.22 -18.70 8.44
N ASP A 76 4.96 -18.80 8.81
CA ASP A 76 4.58 -19.00 10.20
C ASP A 76 5.02 -17.81 11.06
N GLY A 77 4.74 -17.88 12.35
CA GLY A 77 5.10 -16.82 13.25
C GLY A 77 4.18 -16.71 14.45
N CYS A 78 4.06 -15.50 15.01
CA CYS A 78 3.19 -15.28 16.16
C CYS A 78 1.72 -15.29 15.74
N TYR A 79 0.91 -16.03 16.50
CA TYR A 79 -0.51 -16.14 16.21
C TYR A 79 -1.34 -15.79 17.45
N GLN A 80 -2.65 -15.99 17.35
CA GLN A 80 -3.56 -15.71 18.45
C GLN A 80 -3.11 -16.43 19.73
N THR A 81 -3.56 -15.94 20.88
CA THR A 81 -3.21 -16.53 22.16
C THR A 81 -1.69 -16.67 22.30
N GLY A 82 -1.04 -15.60 22.72
CA GLY A 82 0.40 -15.63 22.89
C GLY A 82 0.91 -14.48 23.74
N TYR A 83 0.57 -14.49 25.02
CA TYR A 83 0.99 -13.45 25.94
C TYR A 83 2.50 -13.50 26.17
N ASN A 84 2.96 -14.63 26.70
CA ASN A 84 4.38 -14.81 26.98
C ASN A 84 5.12 -15.32 25.74
N GLN A 85 6.44 -15.38 25.82
CA GLN A 85 7.26 -15.84 24.72
C GLN A 85 7.03 -14.99 23.47
N GLU A 86 7.80 -13.90 23.37
CA GLU A 86 7.69 -13.00 22.22
C GLU A 86 8.96 -12.99 21.41
N ILE A 87 8.98 -13.76 20.32
CA ILE A 87 10.15 -13.86 19.46
C ILE A 87 9.79 -13.49 18.02
N CYS A 88 9.01 -12.42 17.86
CA CYS A 88 8.60 -11.99 16.53
C CYS A 88 8.62 -10.46 16.45
N LEU A 89 8.80 -9.95 15.23
CA LEU A 89 8.85 -8.50 15.00
C LEU A 89 8.10 -8.12 13.73
N LEU A 90 7.95 -6.83 13.50
CA LEU A 90 7.25 -6.33 12.31
C LEU A 90 7.34 -4.81 12.22
N LYS A 91 7.55 -4.31 11.01
CA LYS A 91 7.65 -2.88 10.79
C LYS A 91 6.67 -2.42 9.71
N ILE A 92 5.37 -2.56 9.99
CA ILE A 92 4.35 -2.16 9.04
C ILE A 92 4.41 -0.67 8.75
N SER A 93 4.98 0.09 9.68
CA SER A 93 5.11 1.53 9.52
C SER A 93 6.07 1.87 8.39
N SER A 94 7.18 1.14 8.32
CA SER A 94 8.18 1.36 7.29
C SER A 94 7.54 1.33 5.90
N GLY A 95 6.82 0.26 5.62
CA GLY A 95 6.17 0.13 4.33
C GLY A 95 5.08 1.16 4.11
N LEU A 96 4.17 1.28 5.07
CA LEU A 96 3.08 2.24 4.97
C LEU A 96 3.61 3.64 4.68
N LEU A 97 4.62 4.06 5.44
CA LEU A 97 5.21 5.37 5.25
C LEU A 97 5.85 5.50 3.87
N GLU A 98 6.65 4.50 3.51
CA GLU A 98 7.32 4.50 2.21
C GLU A 98 6.31 4.62 1.08
N TYR A 99 5.36 3.68 1.04
CA TYR A 99 4.34 3.68 0.00
C TYR A 99 3.62 5.03 -0.06
N HIS A 100 3.25 5.55 1.11
CA HIS A 100 2.55 6.83 1.18
C HIS A 100 3.36 7.92 0.49
N SER A 101 4.65 7.99 0.80
CA SER A 101 5.53 8.99 0.21
C SER A 101 5.64 8.80 -1.30
N TYR A 102 5.65 7.55 -1.73
CA TYR A 102 5.75 7.23 -3.15
C TYR A 102 4.55 7.77 -3.92
N LEU A 103 3.37 7.27 -3.59
CA LEU A 103 2.14 7.70 -4.24
C LEU A 103 1.98 9.22 -4.15
N GLU A 104 2.27 9.76 -2.97
CA GLU A 104 2.16 11.20 -2.75
C GLU A 104 3.08 11.97 -3.70
N TYR A 105 4.29 11.44 -3.89
CA TYR A 105 5.27 12.08 -4.76
C TYR A 105 4.79 12.08 -6.21
N MET A 106 4.41 10.90 -6.70
CA MET A 106 3.93 10.75 -8.07
C MET A 106 2.62 11.51 -8.26
N LYS A 107 1.86 11.66 -7.19
CA LYS A 107 0.59 12.37 -7.25
C LYS A 107 0.79 13.86 -7.50
N ASN A 108 1.97 14.36 -7.11
CA ASN A 108 2.29 15.77 -7.30
C ASN A 108 2.27 16.14 -8.78
N ASN A 109 2.71 15.22 -9.62
CA ASN A 109 2.75 15.45 -11.06
C ASN A 109 2.26 14.21 -11.82
N LEU A 110 1.03 14.27 -12.30
CA LEU A 110 0.44 13.16 -13.04
C LEU A 110 -0.57 13.68 -14.07
N LYS A 111 -0.96 12.79 -14.98
CA LYS A 111 -1.92 13.15 -16.02
C LYS A 111 -3.25 13.60 -15.41
N ASP A 112 -4.23 13.86 -16.27
CA ASP A 112 -5.54 14.31 -15.82
C ASP A 112 -6.22 13.21 -15.01
N ASN A 113 -6.28 12.02 -15.58
CA ASN A 113 -6.91 10.88 -14.91
C ASN A 113 -6.06 10.38 -13.75
N LYS A 114 -4.77 10.23 -13.99
CA LYS A 114 -3.84 9.77 -12.96
C LYS A 114 -3.90 10.67 -11.74
N LYS A 115 -4.08 11.95 -11.97
CA LYS A 115 -4.17 12.93 -10.88
C LYS A 115 -5.44 12.73 -10.07
N ASP A 116 -6.57 12.67 -10.75
CA ASP A 116 -7.86 12.48 -10.09
C ASP A 116 -7.83 11.25 -9.19
N LYS A 117 -7.31 10.14 -9.72
CA LYS A 117 -7.22 8.90 -8.97
C LYS A 117 -6.15 8.99 -7.89
N ALA A 118 -5.03 9.63 -8.22
CA ALA A 118 -3.93 9.79 -7.27
C ALA A 118 -4.41 10.44 -5.99
N ARG A 119 -5.24 11.47 -6.12
CA ARG A 119 -5.76 12.19 -4.97
C ARG A 119 -6.47 11.24 -4.01
N VAL A 120 -7.36 10.41 -4.55
CA VAL A 120 -8.10 9.45 -3.74
C VAL A 120 -7.16 8.44 -3.08
N LEU A 121 -6.16 8.00 -3.83
CA LEU A 121 -5.19 7.04 -3.31
C LEU A 121 -4.46 7.60 -2.11
N GLN A 122 -3.96 8.82 -2.24
CA GLN A 122 -3.24 9.48 -1.15
C GLN A 122 -4.14 9.64 0.07
N ARG A 123 -5.33 10.17 -0.13
CA ARG A 123 -6.28 10.36 0.96
C ARG A 123 -6.50 9.07 1.73
N ASP A 124 -6.82 8.00 1.00
CA ASP A 124 -7.05 6.70 1.62
C ASP A 124 -5.84 6.25 2.43
N THR A 125 -4.66 6.40 1.83
CA THR A 125 -3.41 6.01 2.49
C THR A 125 -3.26 6.69 3.84
N GLU A 126 -3.42 8.02 3.84
CA GLU A 126 -3.29 8.80 5.07
C GLU A 126 -4.40 8.43 6.06
N THR A 127 -5.56 8.05 5.52
CA THR A 127 -6.69 7.67 6.36
C THR A 127 -6.44 6.34 7.06
N LEU A 128 -6.14 5.31 6.28
CA LEU A 128 -5.88 3.99 6.83
C LEU A 128 -4.67 4.01 7.75
N ILE A 129 -3.69 4.84 7.42
CA ILE A 129 -2.47 4.95 8.22
C ILE A 129 -2.76 5.69 9.53
N HIS A 130 -3.58 6.73 9.46
CA HIS A 130 -3.93 7.52 10.63
C HIS A 130 -4.73 6.68 11.63
N ILE A 131 -5.68 5.90 11.11
CA ILE A 131 -6.51 5.06 11.95
C ILE A 131 -5.70 3.92 12.57
N PHE A 132 -4.91 3.25 11.74
CA PHE A 132 -4.08 2.14 12.21
C PHE A 132 -3.02 2.63 13.19
N ASN A 133 -2.30 3.68 12.80
CA ASN A 133 -1.26 4.26 13.64
C ASN A 133 -1.83 4.76 14.96
N GLN A 134 -3.00 5.38 14.90
CA GLN A 134 -3.66 5.90 16.08
C GLN A 134 -4.02 4.77 17.04
N GLU A 135 -4.65 3.72 16.51
CA GLU A 135 -5.05 2.58 17.32
C GLU A 135 -3.85 1.95 18.01
N VAL A 136 -2.81 1.64 17.23
CA VAL A 136 -1.60 1.04 17.77
C VAL A 136 -0.87 2.00 18.70
N LYS A 137 -1.03 3.29 18.44
CA LYS A 137 -0.40 4.32 19.26
C LYS A 137 -1.01 4.36 20.65
N ASP A 138 -2.33 4.26 20.72
CA ASP A 138 -3.04 4.28 22.00
C ASP A 138 -2.86 2.97 22.75
N LEU A 139 -2.85 1.86 22.00
CA LEU A 139 -2.69 0.54 22.61
C LEU A 139 -1.25 0.33 23.07
N HIS A 140 -0.30 0.54 22.16
CA HIS A 140 1.11 0.37 22.48
C HIS A 140 1.93 1.53 21.93
N LYS A 141 3.25 1.39 21.98
CA LYS A 141 4.15 2.42 21.47
C LYS A 141 4.18 2.42 19.95
N ILE A 142 5.07 3.23 19.38
CA ILE A 142 5.21 3.32 17.93
C ILE A 142 6.41 4.17 17.54
N VAL A 143 7.04 3.82 16.42
CA VAL A 143 8.20 4.55 15.94
C VAL A 143 7.90 5.27 14.63
N LEU A 144 8.92 5.87 14.04
CA LEU A 144 8.76 6.60 12.78
C LEU A 144 10.00 6.43 11.90
N PRO A 145 9.94 5.42 11.00
CA PRO A 145 11.04 5.14 10.07
C PRO A 145 11.21 6.22 9.02
N THR A 146 10.08 6.79 8.57
CA THR A 146 10.10 7.84 7.56
C THR A 146 10.67 7.31 6.24
N PRO A 147 10.28 7.95 5.13
CA PRO A 147 10.74 7.58 3.80
C PRO A 147 12.21 7.88 3.58
N ILE A 148 12.88 7.04 2.79
CA ILE A 148 14.30 7.23 2.50
C ILE A 148 14.55 7.31 1.00
N SER A 149 13.77 6.53 0.24
CA SER A 149 13.91 6.51 -1.21
C SER A 149 13.14 7.67 -1.85
N ASN A 150 12.09 8.12 -1.17
CA ASN A 150 11.27 9.21 -1.66
C ASN A 150 12.14 10.41 -2.03
N ALA A 151 13.00 10.82 -1.11
CA ALA A 151 13.89 11.96 -1.35
C ALA A 151 14.65 11.79 -2.67
N LEU A 152 15.28 10.64 -2.84
CA LEU A 152 16.05 10.36 -4.05
C LEU A 152 15.18 10.52 -5.28
N LEU A 153 14.01 9.91 -5.27
CA LEU A 153 13.09 9.98 -6.40
C LEU A 153 12.80 11.44 -6.77
N THR A 154 12.20 12.17 -5.84
CA THR A 154 11.88 13.57 -6.07
C THR A 154 13.09 14.35 -6.57
N ASP A 155 14.26 13.99 -6.04
CA ASP A 155 15.51 14.65 -6.42
C ASP A 155 15.77 14.49 -7.92
N LYS A 156 15.38 13.34 -8.46
CA LYS A 156 15.58 13.05 -9.88
C LYS A 156 14.93 14.13 -10.73
N LEU A 157 15.74 15.06 -11.24
CA LEU A 157 15.24 16.14 -12.09
C LEU A 157 15.38 15.79 -13.56
N GLU A 158 14.98 16.72 -14.43
CA GLU A 158 15.06 16.51 -15.86
C GLU A 158 14.29 15.26 -16.27
N SER A 159 12.97 15.39 -16.39
CA SER A 159 12.12 14.27 -16.78
C SER A 159 12.42 13.82 -18.20
N GLN A 160 12.94 12.61 -18.33
CA GLN A 160 13.28 12.05 -19.64
C GLN A 160 12.38 10.86 -19.97
N LYS A 161 11.39 11.09 -20.84
CA LYS A 161 10.47 10.03 -21.24
C LYS A 161 9.69 9.50 -20.04
N GLU A 162 8.80 8.55 -20.30
CA GLU A 162 7.99 7.96 -19.24
C GLU A 162 7.89 6.45 -19.41
N TRP A 163 8.96 5.85 -19.92
CA TRP A 163 8.99 4.41 -20.12
C TRP A 163 9.79 3.71 -19.03
N LEU A 164 10.82 4.40 -18.53
CA LEU A 164 11.66 3.84 -17.48
C LEU A 164 11.02 4.04 -16.10
N ARG A 165 10.21 5.09 -15.99
CA ARG A 165 9.54 5.39 -14.72
C ARG A 165 8.46 4.37 -14.42
N THR A 166 7.80 3.87 -15.48
CA THR A 166 6.74 2.89 -15.32
C THR A 166 7.21 1.70 -14.49
N LYS A 167 8.51 1.46 -14.49
CA LYS A 167 9.09 0.35 -13.74
C LYS A 167 9.02 0.63 -12.24
N THR A 168 9.81 1.59 -11.78
CA THR A 168 9.84 1.95 -10.37
C THR A 168 8.43 2.16 -9.83
N ILE A 169 7.61 2.88 -10.59
CA ILE A 169 6.23 3.14 -10.18
C ILE A 169 5.43 1.85 -10.04
N GLN A 170 5.54 0.99 -11.04
CA GLN A 170 4.84 -0.29 -11.04
C GLN A 170 5.28 -1.15 -9.87
N PHE A 171 6.55 -1.00 -9.48
CA PHE A 171 7.10 -1.77 -8.36
C PHE A 171 6.50 -1.31 -7.03
N ILE A 172 6.60 -0.02 -6.75
CA ILE A 172 6.07 0.54 -5.53
C ILE A 172 4.56 0.34 -5.44
N LEU A 173 3.89 0.43 -6.58
CA LEU A 173 2.44 0.25 -6.63
C LEU A 173 2.05 -1.19 -6.31
N LYS A 174 2.70 -2.13 -6.99
CA LYS A 174 2.43 -3.55 -6.77
C LYS A 174 2.68 -3.94 -5.31
N SER A 175 3.81 -3.51 -4.77
CA SER A 175 4.16 -3.81 -3.39
C SER A 175 3.14 -3.20 -2.43
N LEU A 176 2.78 -1.94 -2.66
CA LEU A 176 1.81 -1.25 -1.82
C LEU A 176 0.50 -2.03 -1.74
N GLU A 177 -0.10 -2.26 -2.90
CA GLU A 177 -1.36 -3.00 -2.96
C GLU A 177 -1.25 -4.35 -2.27
N GLU A 178 -0.25 -5.12 -2.66
CA GLU A 178 -0.03 -6.44 -2.07
C GLU A 178 0.05 -6.35 -0.55
N PHE A 179 0.87 -5.42 -0.05
CA PHE A 179 1.03 -5.22 1.38
C PHE A 179 -0.28 -4.77 2.03
N LEU A 180 -1.11 -4.08 1.25
CA LEU A 180 -2.39 -3.60 1.74
C LEU A 180 -3.36 -4.75 1.97
N LYS A 181 -3.75 -5.43 0.90
CA LYS A 181 -4.66 -6.56 0.99
C LYS A 181 -4.15 -7.60 1.98
N VAL A 182 -2.84 -7.85 1.94
CA VAL A 182 -2.22 -8.83 2.83
C VAL A 182 -2.35 -8.40 4.28
N THR A 183 -1.93 -7.16 4.57
CA THR A 183 -2.00 -6.63 5.93
C THR A 183 -3.42 -6.68 6.46
N LEU A 184 -4.38 -6.37 5.61
CA LEU A 184 -5.79 -6.38 6.00
C LEU A 184 -6.24 -7.79 6.38
N ARG A 185 -6.06 -8.73 5.46
CA ARG A 185 -6.45 -10.11 5.70
C ARG A 185 -5.64 -10.71 6.86
N SER A 186 -4.46 -10.16 7.09
CA SER A 186 -3.59 -10.64 8.17
C SER A 186 -4.15 -10.23 9.53
N THR A 187 -4.50 -8.96 9.66
CA THR A 187 -5.04 -8.43 10.90
C THR A 187 -6.43 -8.99 11.18
N ARG A 188 -7.13 -9.38 10.12
CA ARG A 188 -8.47 -9.93 10.24
C ARG A 188 -8.43 -11.42 10.51
N GLN A 189 -9.53 -11.96 11.00
CA GLN A 189 -9.62 -13.39 11.31
C GLN A 189 -9.38 -14.23 10.05
N THR A 190 -9.57 -13.61 8.88
CA THR A 190 -9.37 -14.30 7.62
C THR A 190 -7.89 -14.38 7.25
N SER A 7 3.54 -15.72 1.60
CA SER A 7 2.12 -15.56 1.28
C SER A 7 1.90 -15.52 -0.23
N GLN A 8 1.42 -16.62 -0.80
CA GLN A 8 1.17 -16.71 -2.22
C GLN A 8 -0.33 -16.78 -2.51
N VAL A 9 -0.99 -15.63 -2.46
CA VAL A 9 -2.42 -15.55 -2.72
C VAL A 9 -2.71 -15.46 -4.22
N ARG A 10 -3.82 -16.05 -4.64
CA ARG A 10 -4.22 -16.03 -6.04
C ARG A 10 -5.39 -15.09 -6.27
N ARG A 11 -5.11 -13.93 -6.86
CA ARG A 11 -6.15 -12.94 -7.13
C ARG A 11 -6.89 -12.57 -5.85
N GLY A 12 -7.89 -11.70 -5.98
CA GLY A 12 -8.67 -11.28 -4.84
C GLY A 12 -10.03 -10.73 -5.21
N ASP A 13 -10.06 -9.94 -6.28
CA ASP A 13 -11.32 -9.35 -6.74
C ASP A 13 -11.99 -8.55 -5.64
N PHE A 14 -13.14 -7.97 -5.96
CA PHE A 14 -13.88 -7.17 -4.98
C PHE A 14 -15.18 -7.87 -4.59
N THR A 15 -15.84 -7.33 -3.55
CA THR A 15 -17.09 -7.89 -3.07
C THR A 15 -18.20 -6.86 -3.10
N GLU A 16 -17.86 -5.61 -2.84
CA GLU A 16 -18.83 -4.52 -2.83
C GLU A 16 -18.35 -3.35 -3.68
N ASP A 17 -19.14 -2.29 -3.71
CA ASP A 17 -18.79 -1.10 -4.47
C ASP A 17 -19.43 0.15 -3.87
N THR A 18 -19.70 0.10 -2.56
CA THR A 18 -20.31 1.22 -1.87
C THR A 18 -19.37 1.78 -0.81
N THR A 19 -19.44 3.09 -0.59
CA THR A 19 -18.61 3.75 0.40
C THR A 19 -19.43 4.30 1.55
N PRO A 20 -18.77 4.55 2.70
CA PRO A 20 -19.43 5.08 3.89
C PRO A 20 -19.87 6.54 3.71
N ASN A 21 -20.39 7.11 4.79
CA ASN A 21 -20.85 8.50 4.76
C ASN A 21 -19.84 9.42 5.45
N ARG A 22 -19.35 8.99 6.61
CA ARG A 22 -18.39 9.76 7.37
C ARG A 22 -17.36 8.86 8.02
N PRO A 23 -16.17 9.42 8.31
CA PRO A 23 -15.07 8.67 8.93
C PRO A 23 -15.37 8.34 10.40
N VAL A 24 -16.00 7.20 10.62
CA VAL A 24 -16.34 6.77 11.97
C VAL A 24 -15.15 6.07 12.64
N TYR A 25 -14.14 5.77 11.84
CA TYR A 25 -12.95 5.09 12.36
C TYR A 25 -13.29 3.71 12.89
N THR A 26 -14.38 3.14 12.39
CA THR A 26 -14.82 1.81 12.82
C THR A 26 -14.38 0.75 11.82
N THR A 27 -14.51 -0.51 12.22
CA THR A 27 -14.13 -1.63 11.36
C THR A 27 -14.79 -1.51 9.98
N SER A 28 -16.08 -1.19 9.97
CA SER A 28 -16.81 -1.05 8.73
C SER A 28 -16.13 -0.05 7.80
N GLN A 29 -15.84 1.13 8.33
CA GLN A 29 -15.19 2.18 7.55
C GLN A 29 -13.82 1.72 7.07
N VAL A 30 -13.08 1.05 7.95
CA VAL A 30 -11.76 0.55 7.61
C VAL A 30 -11.82 -0.44 6.45
N GLY A 31 -12.63 -1.47 6.62
CA GLY A 31 -12.76 -2.48 5.58
C GLY A 31 -13.15 -1.88 4.24
N GLY A 32 -14.22 -1.09 4.23
CA GLY A 32 -14.67 -0.47 3.00
C GLY A 32 -13.60 0.38 2.35
N LEU A 33 -12.89 1.17 3.15
CA LEU A 33 -11.83 2.03 2.66
C LEU A 33 -10.71 1.21 2.03
N ILE A 34 -10.26 0.19 2.75
CA ILE A 34 -9.19 -0.68 2.26
C ILE A 34 -9.54 -1.27 0.91
N THR A 35 -10.78 -1.73 0.77
CA THR A 35 -11.24 -2.33 -0.48
C THR A 35 -11.25 -1.29 -1.61
N HIS A 36 -11.74 -0.10 -1.29
CA HIS A 36 -11.81 0.98 -2.28
C HIS A 36 -10.43 1.31 -2.83
N VAL A 37 -9.50 1.62 -1.93
CA VAL A 37 -8.13 1.95 -2.31
C VAL A 37 -7.47 0.80 -3.06
N LEU A 38 -7.80 -0.42 -2.65
CA LEU A 38 -7.24 -1.61 -3.29
C LEU A 38 -7.62 -1.68 -4.76
N TRP A 39 -8.90 -1.48 -5.05
CA TRP A 39 -9.40 -1.51 -6.42
C TRP A 39 -8.80 -0.36 -7.23
N GLU A 40 -8.73 0.82 -6.62
CA GLU A 40 -8.19 1.99 -7.30
C GLU A 40 -6.72 1.77 -7.67
N ILE A 41 -5.95 1.24 -6.73
CA ILE A 41 -4.53 0.98 -6.96
C ILE A 41 -4.33 -0.03 -8.08
N VAL A 42 -5.09 -1.13 -8.02
CA VAL A 42 -5.00 -2.17 -9.02
C VAL A 42 -5.30 -1.63 -10.42
N GLU A 43 -6.37 -0.84 -10.52
CA GLU A 43 -6.77 -0.26 -11.80
C GLU A 43 -5.74 0.77 -12.26
N MET A 44 -5.27 1.60 -11.34
CA MET A 44 -4.29 2.62 -11.66
C MET A 44 -2.96 1.99 -12.06
N ARG A 45 -2.66 0.84 -11.49
CA ARG A 45 -1.42 0.13 -11.80
C ARG A 45 -1.47 -0.48 -13.19
N LYS A 46 -2.54 -1.23 -13.47
CA LYS A 46 -2.71 -1.87 -14.76
C LYS A 46 -2.99 -0.84 -15.85
N GLU A 47 -3.59 0.28 -15.46
CA GLU A 47 -3.90 1.35 -16.41
C GLU A 47 -2.64 1.86 -17.08
N LEU A 48 -1.53 1.86 -16.34
CA LEU A 48 -0.26 2.34 -16.86
C LEU A 48 0.12 1.58 -18.14
N CYS A 49 -0.17 0.29 -18.16
CA CYS A 49 0.13 -0.54 -19.31
C CYS A 49 -1.08 -0.65 -20.25
N ASN A 50 -1.81 0.45 -20.39
CA ASN A 50 -2.99 0.48 -21.24
C ASN A 50 -4.01 -0.56 -20.79
N GLY A 51 -4.07 -0.81 -19.49
CA GLY A 51 -5.01 -1.77 -18.96
C GLY A 51 -4.70 -3.19 -19.41
N ASN A 52 -3.41 -3.52 -19.51
CA ASN A 52 -2.99 -4.84 -19.94
C ASN A 52 -2.77 -5.76 -18.72
N SER A 53 -3.66 -6.73 -18.57
CA SER A 53 -3.56 -7.67 -17.46
C SER A 53 -2.22 -8.39 -17.46
N ASP A 54 -1.72 -8.70 -18.66
CA ASP A 54 -0.45 -9.39 -18.79
C ASP A 54 0.67 -8.60 -18.10
N CYS A 55 0.57 -7.28 -18.14
CA CYS A 55 1.56 -6.42 -17.52
C CYS A 55 1.56 -6.59 -15.99
N MET A 56 0.42 -7.00 -15.46
CA MET A 56 0.29 -7.20 -14.02
C MET A 56 1.08 -8.42 -13.57
N ASN A 57 1.01 -9.49 -14.35
CA ASN A 57 1.73 -10.72 -14.03
C ASN A 57 2.85 -10.98 -15.05
N ASN A 58 3.52 -9.91 -15.46
CA ASN A 58 4.60 -10.03 -16.44
C ASN A 58 5.94 -10.20 -15.73
N ASP A 59 6.32 -9.21 -14.94
CA ASP A 59 7.57 -9.25 -14.19
C ASP A 59 7.33 -9.38 -12.70
N ASP A 60 6.15 -9.89 -12.33
CA ASP A 60 5.79 -10.05 -10.93
C ASP A 60 6.36 -11.36 -10.38
N ALA A 61 6.58 -12.33 -11.26
CA ALA A 61 7.12 -13.62 -10.85
C ALA A 61 8.46 -13.45 -10.14
N LEU A 62 9.41 -12.80 -10.82
CA LEU A 62 10.72 -12.58 -10.24
C LEU A 62 10.69 -11.46 -9.20
N ALA A 63 9.91 -10.42 -9.49
CA ALA A 63 9.79 -9.29 -8.57
C ALA A 63 9.35 -9.75 -7.19
N GLU A 64 8.55 -10.81 -7.15
CA GLU A 64 8.05 -11.35 -5.89
C GLU A 64 9.21 -11.69 -4.95
N ASN A 65 10.37 -11.97 -5.53
CA ASN A 65 11.55 -12.31 -4.75
C ASN A 65 12.74 -11.46 -5.16
N ASN A 66 12.47 -10.20 -5.51
CA ASN A 66 13.53 -9.29 -5.93
C ASN A 66 13.15 -7.84 -5.59
N LEU A 67 12.48 -7.66 -4.46
CA LEU A 67 12.06 -6.33 -4.02
C LEU A 67 12.97 -5.81 -2.92
N LYS A 68 13.25 -4.51 -2.94
CA LYS A 68 14.10 -3.88 -1.93
C LYS A 68 13.27 -3.40 -0.76
N LEU A 69 11.99 -3.16 -0.99
CA LEU A 69 11.09 -2.68 0.06
C LEU A 69 10.67 -3.82 0.97
N PRO A 70 10.31 -3.49 2.22
CA PRO A 70 9.89 -4.48 3.22
C PRO A 70 8.53 -5.08 2.88
N GLU A 71 8.39 -6.39 3.14
CA GLU A 71 7.14 -7.09 2.85
C GLU A 71 6.82 -8.09 3.96
N ILE A 72 5.56 -8.44 4.09
CA ILE A 72 5.13 -9.40 5.09
C ILE A 72 5.16 -10.83 4.56
N GLN A 73 5.68 -11.75 5.36
CA GLN A 73 5.77 -13.15 4.96
C GLN A 73 4.93 -14.03 5.87
N ARG A 74 3.62 -13.83 5.84
CA ARG A 74 2.70 -14.61 6.66
C ARG A 74 2.86 -14.25 8.13
N ASN A 75 3.93 -14.73 8.75
CA ASN A 75 4.20 -14.45 10.16
C ASN A 75 5.59 -14.94 10.56
N ASP A 76 6.07 -14.47 11.69
CA ASP A 76 7.39 -14.86 12.19
C ASP A 76 7.26 -15.89 13.31
N GLY A 77 6.67 -15.48 14.43
CA GLY A 77 6.50 -16.37 15.55
C GLY A 77 6.52 -15.65 16.88
N CYS A 78 5.38 -15.64 17.56
CA CYS A 78 5.27 -14.98 18.86
C CYS A 78 4.45 -15.83 19.84
N TYR A 79 5.15 -16.50 20.75
CA TYR A 79 4.50 -17.35 21.73
C TYR A 79 3.57 -16.53 22.63
N GLN A 80 3.05 -17.15 23.67
CA GLN A 80 2.15 -16.48 24.60
C GLN A 80 2.92 -15.56 25.53
N THR A 81 4.15 -15.94 25.85
CA THR A 81 4.99 -15.15 26.74
C THR A 81 5.96 -14.28 25.94
N GLY A 82 6.14 -13.04 26.39
CA GLY A 82 7.03 -12.13 25.71
C GLY A 82 7.74 -11.17 26.66
N TYR A 83 7.96 -11.64 27.89
CA TYR A 83 8.62 -10.82 28.90
C TYR A 83 7.94 -9.47 29.04
N ASN A 84 6.62 -9.47 28.97
CA ASN A 84 5.85 -8.24 29.09
C ASN A 84 6.26 -7.23 28.03
N GLN A 85 5.95 -7.53 26.77
CA GLN A 85 6.30 -6.65 25.67
C GLN A 85 5.54 -7.04 24.40
N GLU A 86 5.94 -8.15 23.79
CA GLU A 86 5.30 -8.63 22.58
C GLU A 86 5.35 -7.57 21.48
N ILE A 87 6.45 -7.54 20.73
CA ILE A 87 6.62 -6.58 19.65
C ILE A 87 6.72 -7.28 18.30
N CYS A 88 7.38 -8.44 18.28
CA CYS A 88 7.54 -9.21 17.05
C CYS A 88 8.11 -8.34 15.94
N LEU A 89 9.10 -7.52 16.29
CA LEU A 89 9.74 -6.63 15.32
C LEU A 89 8.80 -5.48 14.94
N LEU A 90 7.72 -5.81 14.25
CA LEU A 90 6.75 -4.81 13.83
C LEU A 90 7.38 -3.81 12.86
N LYS A 91 7.15 -4.03 11.57
CA LYS A 91 7.70 -3.15 10.54
C LYS A 91 6.64 -2.82 9.49
N ILE A 92 5.48 -2.36 9.94
CA ILE A 92 4.39 -2.01 9.04
C ILE A 92 4.40 -0.52 8.72
N SER A 93 4.99 0.27 9.62
CA SER A 93 5.06 1.71 9.43
C SER A 93 6.04 2.07 8.31
N SER A 94 7.16 1.36 8.26
CA SER A 94 8.17 1.61 7.24
C SER A 94 7.57 1.55 5.85
N GLY A 95 6.86 0.46 5.56
CA GLY A 95 6.24 0.30 4.25
C GLY A 95 5.13 1.30 4.02
N LEU A 96 4.23 1.43 4.99
CA LEU A 96 3.11 2.35 4.88
C LEU A 96 3.59 3.76 4.55
N LEU A 97 4.51 4.27 5.37
CA LEU A 97 5.06 5.60 5.16
C LEU A 97 5.75 5.70 3.80
N GLU A 98 6.62 4.73 3.52
CA GLU A 98 7.35 4.71 2.26
C GLU A 98 6.40 4.80 1.07
N TYR A 99 5.45 3.87 1.01
CA TYR A 99 4.47 3.85 -0.07
C TYR A 99 3.75 5.19 -0.19
N HIS A 100 3.32 5.73 0.94
CA HIS A 100 2.62 7.00 0.97
C HIS A 100 3.44 8.09 0.27
N SER A 101 4.73 8.16 0.62
CA SER A 101 5.63 9.15 0.05
C SER A 101 5.78 8.93 -1.46
N TYR A 102 5.85 7.66 -1.86
CA TYR A 102 6.00 7.32 -3.27
C TYR A 102 4.82 7.83 -4.08
N LEU A 103 3.64 7.29 -3.80
CA LEU A 103 2.42 7.69 -4.50
C LEU A 103 2.24 9.21 -4.44
N GLU A 104 2.50 9.79 -3.28
CA GLU A 104 2.37 11.23 -3.09
C GLU A 104 3.38 11.99 -3.94
N TYR A 105 4.54 11.38 -4.16
CA TYR A 105 5.59 12.00 -4.96
C TYR A 105 5.21 12.04 -6.43
N MET A 106 4.78 10.90 -6.95
CA MET A 106 4.38 10.80 -8.34
C MET A 106 3.04 11.48 -8.58
N LYS A 107 2.23 11.56 -7.53
CA LYS A 107 0.92 12.20 -7.62
C LYS A 107 1.05 13.69 -7.93
N ASN A 108 2.15 14.28 -7.47
CA ASN A 108 2.40 15.70 -7.71
C ASN A 108 2.47 16.01 -9.19
N ASN A 109 3.16 15.14 -9.94
CA ASN A 109 3.31 15.32 -11.38
C ASN A 109 2.67 14.15 -12.13
N LEU A 110 1.41 14.31 -12.49
CA LEU A 110 0.69 13.27 -13.21
C LEU A 110 -0.33 13.88 -14.17
N LYS A 111 -1.02 13.03 -14.92
CA LYS A 111 -2.03 13.48 -15.87
C LYS A 111 -3.33 13.83 -15.16
N ASP A 112 -4.35 14.18 -15.94
CA ASP A 112 -5.65 14.53 -15.37
C ASP A 112 -6.29 13.34 -14.66
N ASN A 113 -6.33 12.21 -15.35
CA ASN A 113 -6.91 11.00 -14.77
C ASN A 113 -6.03 10.44 -13.66
N LYS A 114 -4.73 10.34 -13.95
CA LYS A 114 -3.78 9.82 -12.96
C LYS A 114 -3.84 10.62 -11.68
N LYS A 115 -3.98 11.94 -11.81
CA LYS A 115 -4.05 12.82 -10.66
C LYS A 115 -5.34 12.59 -9.87
N ASP A 116 -6.47 12.59 -10.59
CA ASP A 116 -7.76 12.38 -9.95
C ASP A 116 -7.75 11.12 -9.10
N LYS A 117 -7.24 10.04 -9.66
CA LYS A 117 -7.17 8.76 -8.95
C LYS A 117 -6.14 8.82 -7.83
N ALA A 118 -5.02 9.49 -8.10
CA ALA A 118 -3.95 9.62 -7.12
C ALA A 118 -4.48 10.22 -5.82
N ARG A 119 -5.30 11.26 -5.94
CA ARG A 119 -5.87 11.92 -4.77
C ARG A 119 -6.60 10.93 -3.89
N VAL A 120 -7.31 10.00 -4.51
CA VAL A 120 -8.07 8.99 -3.78
C VAL A 120 -7.13 7.96 -3.15
N LEU A 121 -6.08 7.60 -3.88
CA LEU A 121 -5.11 6.62 -3.39
C LEU A 121 -4.35 7.16 -2.19
N GLN A 122 -3.80 8.36 -2.33
CA GLN A 122 -3.05 8.99 -1.25
C GLN A 122 -3.95 9.26 -0.05
N ARG A 123 -5.14 9.79 -0.31
CA ARG A 123 -6.09 10.09 0.75
C ARG A 123 -6.41 8.85 1.57
N ASP A 124 -6.81 7.78 0.88
CA ASP A 124 -7.14 6.53 1.55
C ASP A 124 -5.97 6.02 2.39
N THR A 125 -4.79 6.01 1.77
CA THR A 125 -3.58 5.55 2.46
C THR A 125 -3.38 6.28 3.78
N GLU A 126 -3.46 7.61 3.73
CA GLU A 126 -3.28 8.43 4.93
C GLU A 126 -4.37 8.13 5.96
N THR A 127 -5.56 7.82 5.47
CA THR A 127 -6.69 7.52 6.35
C THR A 127 -6.45 6.23 7.11
N LEU A 128 -6.19 5.14 6.39
CA LEU A 128 -5.94 3.85 7.01
C LEU A 128 -4.70 3.89 7.89
N ILE A 129 -3.74 4.71 7.49
CA ILE A 129 -2.50 4.85 8.26
C ILE A 129 -2.74 5.60 9.55
N HIS A 130 -3.60 6.61 9.50
CA HIS A 130 -3.92 7.40 10.68
C HIS A 130 -4.74 6.59 11.69
N ILE A 131 -5.68 5.80 11.18
CA ILE A 131 -6.52 4.97 12.03
C ILE A 131 -5.72 3.85 12.69
N PHE A 132 -4.95 3.13 11.88
CA PHE A 132 -4.13 2.04 12.39
C PHE A 132 -3.07 2.56 13.36
N ASN A 133 -2.36 3.61 12.96
CA ASN A 133 -1.33 4.20 13.80
C ASN A 133 -1.92 4.74 15.10
N GLN A 134 -3.11 5.34 15.00
CA GLN A 134 -3.78 5.90 16.16
C GLN A 134 -4.09 4.81 17.18
N GLU A 135 -4.78 3.76 16.73
CA GLU A 135 -5.15 2.66 17.61
C GLU A 135 -3.91 2.02 18.23
N VAL A 136 -2.94 1.67 17.38
CA VAL A 136 -1.71 1.04 17.83
C VAL A 136 -0.96 1.96 18.80
N LYS A 137 -1.03 3.27 18.54
CA LYS A 137 -0.36 4.26 19.38
C LYS A 137 -0.99 4.30 20.76
N ASP A 138 -2.31 4.24 20.81
CA ASP A 138 -3.04 4.28 22.07
C ASP A 138 -2.85 2.97 22.85
N LEU A 139 -2.72 1.87 22.12
CA LEU A 139 -2.54 0.57 22.73
C LEU A 139 -1.09 0.37 23.18
N HIS A 140 -0.17 0.98 22.44
CA HIS A 140 1.25 0.87 22.75
C HIS A 140 2.05 1.97 22.05
N LYS A 141 3.31 2.13 22.44
CA LYS A 141 4.18 3.13 21.85
C LYS A 141 4.46 2.80 20.38
N ILE A 142 5.25 3.65 19.73
CA ILE A 142 5.61 3.45 18.34
C ILE A 142 6.61 4.51 17.87
N VAL A 143 7.53 4.09 16.99
CA VAL A 143 8.54 5.00 16.47
C VAL A 143 8.37 5.19 14.96
N LEU A 144 8.68 6.39 14.49
CA LEU A 144 8.55 6.71 13.07
C LEU A 144 9.70 6.07 12.28
N PRO A 145 9.38 5.59 11.07
CA PRO A 145 10.37 4.95 10.18
C PRO A 145 11.37 5.96 9.62
N THR A 146 10.86 7.07 9.10
CA THR A 146 11.71 8.10 8.54
C THR A 146 12.44 7.60 7.29
N PRO A 147 11.68 7.35 6.22
CA PRO A 147 12.23 6.85 4.95
C PRO A 147 13.07 7.90 4.24
N ILE A 148 14.05 7.46 3.47
CA ILE A 148 14.92 8.36 2.72
C ILE A 148 14.79 8.14 1.22
N SER A 149 14.20 7.01 0.84
CA SER A 149 14.01 6.69 -0.57
C SER A 149 13.33 7.83 -1.31
N ASN A 150 12.35 8.44 -0.65
CA ASN A 150 11.62 9.56 -1.25
C ASN A 150 12.58 10.61 -1.79
N ALA A 151 13.54 11.02 -0.95
CA ALA A 151 14.52 12.02 -1.34
C ALA A 151 15.23 11.63 -2.63
N LEU A 152 15.79 10.43 -2.64
CA LEU A 152 16.50 9.92 -3.82
C LEU A 152 15.64 10.04 -5.07
N LEU A 153 14.41 9.52 -5.00
CA LEU A 153 13.50 9.58 -6.13
C LEU A 153 13.33 11.01 -6.62
N THR A 154 12.76 11.87 -5.77
CA THR A 154 12.54 13.26 -6.13
C THR A 154 13.83 13.90 -6.64
N ASP A 155 14.96 13.46 -6.10
CA ASP A 155 16.26 13.99 -6.51
C ASP A 155 16.56 13.63 -7.97
N LYS A 156 16.14 12.44 -8.36
CA LYS A 156 16.37 11.97 -9.73
C LYS A 156 17.86 11.88 -10.03
N LEU A 157 18.20 11.25 -11.16
CA LEU A 157 19.60 11.11 -11.56
C LEU A 157 20.39 10.34 -10.52
N GLU A 158 20.42 9.01 -10.65
CA GLU A 158 21.13 8.15 -9.72
C GLU A 158 22.35 7.53 -10.39
N SER A 159 22.11 6.54 -11.25
CA SER A 159 23.18 5.85 -11.95
C SER A 159 22.63 4.77 -12.88
N GLN A 160 22.17 3.68 -12.30
CA GLN A 160 21.62 2.58 -13.07
C GLN A 160 20.10 2.71 -13.18
N LYS A 161 19.49 1.80 -13.94
CA LYS A 161 18.04 1.80 -14.13
C LYS A 161 17.56 3.18 -14.60
N GLU A 162 18.15 3.67 -15.67
CA GLU A 162 17.78 4.98 -16.21
C GLU A 162 16.58 4.85 -17.14
N TRP A 163 15.75 5.89 -17.16
CA TRP A 163 14.56 5.90 -18.00
C TRP A 163 13.59 4.81 -17.58
N LEU A 164 12.49 4.69 -18.32
CA LEU A 164 11.48 3.68 -18.02
C LEU A 164 10.98 3.82 -16.58
N ARG A 165 10.31 4.93 -16.30
CA ARG A 165 9.78 5.18 -14.96
C ARG A 165 8.66 4.20 -14.63
N THR A 166 7.96 3.72 -15.66
CA THR A 166 6.87 2.78 -15.48
C THR A 166 7.29 1.60 -14.61
N LYS A 167 8.58 1.30 -14.62
CA LYS A 167 9.13 0.21 -13.83
C LYS A 167 9.07 0.52 -12.35
N THR A 168 9.89 1.48 -11.91
CA THR A 168 9.92 1.88 -10.51
C THR A 168 8.52 2.11 -9.96
N ILE A 169 7.71 2.82 -10.74
CA ILE A 169 6.33 3.12 -10.34
C ILE A 169 5.52 1.84 -10.19
N GLN A 170 5.64 0.94 -11.17
CA GLN A 170 4.92 -0.32 -11.14
C GLN A 170 5.34 -1.17 -9.96
N PHE A 171 6.60 -1.03 -9.56
CA PHE A 171 7.13 -1.79 -8.44
C PHE A 171 6.55 -1.30 -7.12
N ILE A 172 6.69 0.00 -6.86
CA ILE A 172 6.17 0.59 -5.63
C ILE A 172 4.66 0.39 -5.52
N LEU A 173 3.98 0.51 -6.64
CA LEU A 173 2.52 0.34 -6.68
C LEU A 173 2.14 -1.10 -6.39
N LYS A 174 2.81 -2.04 -7.06
CA LYS A 174 2.54 -3.46 -6.87
C LYS A 174 2.74 -3.86 -5.42
N SER A 175 3.88 -3.49 -4.85
CA SER A 175 4.19 -3.82 -3.47
C SER A 175 3.19 -3.17 -2.52
N LEU A 176 2.84 -1.92 -2.79
CA LEU A 176 1.88 -1.19 -1.97
C LEU A 176 0.55 -1.94 -1.88
N GLU A 177 0.02 -2.30 -3.03
CA GLU A 177 -1.26 -3.02 -3.09
C GLU A 177 -1.15 -4.36 -2.35
N GLU A 178 -0.20 -5.18 -2.76
CA GLU A 178 0.01 -6.49 -2.15
C GLU A 178 0.16 -6.36 -0.63
N PHE A 179 0.98 -5.40 -0.21
CA PHE A 179 1.21 -5.18 1.21
C PHE A 179 -0.08 -4.79 1.92
N LEU A 180 -0.89 -3.97 1.25
CA LEU A 180 -2.16 -3.52 1.81
C LEU A 180 -3.08 -4.70 2.09
N LYS A 181 -3.45 -5.43 1.03
CA LYS A 181 -4.33 -6.58 1.16
C LYS A 181 -3.80 -7.55 2.23
N VAL A 182 -2.50 -7.83 2.17
CA VAL A 182 -1.87 -8.74 3.12
C VAL A 182 -2.00 -8.21 4.54
N THR A 183 -1.65 -6.94 4.74
CA THR A 183 -1.71 -6.31 6.04
C THR A 183 -3.09 -6.49 6.67
N LEU A 184 -4.13 -6.12 5.92
CA LEU A 184 -5.50 -6.25 6.40
C LEU A 184 -5.83 -7.70 6.74
N ARG A 185 -5.47 -8.61 5.84
CA ARG A 185 -5.73 -10.03 6.04
C ARG A 185 -5.01 -10.53 7.29
N SER A 186 -3.90 -9.90 7.64
CA SER A 186 -3.13 -10.29 8.81
C SER A 186 -3.80 -9.81 10.09
N THR A 187 -4.12 -8.52 10.13
CA THR A 187 -4.77 -7.94 11.30
C THR A 187 -6.14 -8.57 11.55
N ARG A 188 -6.77 -9.04 10.47
CA ARG A 188 -8.09 -9.67 10.57
C ARG A 188 -8.06 -10.82 11.57
N GLN A 189 -9.20 -11.07 12.21
CA GLN A 189 -9.31 -12.14 13.19
C GLN A 189 -9.58 -13.48 12.51
N THR A 190 -10.05 -13.42 11.26
CA THR A 190 -10.35 -14.63 10.50
C THR A 190 -9.12 -15.53 10.40
N SER A 7 2.54 -16.00 -1.96
CA SER A 7 1.91 -16.33 -3.23
C SER A 7 0.56 -16.99 -3.02
N GLN A 8 -0.32 -16.30 -2.29
CA GLN A 8 -1.66 -16.82 -2.01
C GLN A 8 -2.71 -15.72 -2.14
N VAL A 9 -3.38 -15.66 -3.29
CA VAL A 9 -4.40 -14.66 -3.53
C VAL A 9 -5.76 -15.32 -3.75
N ARG A 10 -6.79 -14.72 -3.17
CA ARG A 10 -8.15 -15.24 -3.30
C ARG A 10 -9.18 -14.20 -2.90
N ARG A 11 -9.61 -13.39 -3.87
CA ARG A 11 -10.60 -12.35 -3.62
C ARG A 11 -11.93 -12.68 -4.28
N GLY A 12 -12.92 -11.83 -4.07
CA GLY A 12 -14.24 -12.05 -4.65
C GLY A 12 -15.35 -11.88 -3.64
N ASP A 13 -15.34 -10.76 -2.93
CA ASP A 13 -16.35 -10.48 -1.91
C ASP A 13 -16.47 -8.98 -1.67
N PHE A 14 -16.82 -8.24 -2.72
CA PHE A 14 -16.97 -6.79 -2.61
C PHE A 14 -18.23 -6.32 -3.32
N THR A 15 -18.65 -5.09 -3.02
CA THR A 15 -19.84 -4.52 -3.64
C THR A 15 -19.49 -3.28 -4.44
N GLU A 16 -18.63 -2.43 -3.89
CA GLU A 16 -18.23 -1.21 -4.56
C GLU A 16 -19.44 -0.32 -4.86
N ASP A 17 -19.18 0.81 -5.50
CA ASP A 17 -20.25 1.74 -5.85
C ASP A 17 -20.92 2.29 -4.60
N THR A 18 -20.15 2.39 -3.52
CA THR A 18 -20.67 2.90 -2.26
C THR A 18 -19.57 3.55 -1.43
N THR A 19 -19.94 4.54 -0.63
CA THR A 19 -18.98 5.25 0.21
C THR A 19 -19.52 5.42 1.62
N PRO A 20 -18.60 5.66 2.58
CA PRO A 20 -18.96 5.85 3.99
C PRO A 20 -19.70 7.17 4.22
N ASN A 21 -19.90 7.51 5.50
CA ASN A 21 -20.58 8.74 5.85
C ASN A 21 -19.69 9.64 6.70
N ARG A 22 -18.89 9.02 7.57
CA ARG A 22 -17.99 9.77 8.43
C ARG A 22 -16.91 8.85 9.02
N PRO A 23 -15.78 9.45 9.41
CA PRO A 23 -14.65 8.71 9.99
C PRO A 23 -14.98 8.16 11.38
N VAL A 24 -15.51 6.94 11.42
CA VAL A 24 -15.85 6.30 12.68
C VAL A 24 -14.68 5.48 13.22
N TYR A 25 -13.72 5.19 12.35
CA TYR A 25 -12.55 4.41 12.74
C TYR A 25 -12.95 2.99 13.16
N THR A 26 -14.08 2.53 12.63
CA THR A 26 -14.58 1.19 12.95
C THR A 26 -14.12 0.18 11.91
N THR A 27 -14.20 -1.11 12.27
CA THR A 27 -13.78 -2.18 11.36
C THR A 27 -14.45 -2.03 10.00
N SER A 28 -15.76 -1.80 10.02
CA SER A 28 -16.53 -1.64 8.78
C SER A 28 -15.87 -0.61 7.86
N GLN A 29 -15.61 0.57 8.42
CA GLN A 29 -14.98 1.65 7.66
C GLN A 29 -13.61 1.23 7.14
N VAL A 30 -12.86 0.51 7.98
CA VAL A 30 -11.53 0.05 7.60
C VAL A 30 -11.60 -0.92 6.42
N GLY A 31 -12.41 -1.97 6.57
CA GLY A 31 -12.55 -2.95 5.51
C GLY A 31 -12.97 -2.33 4.20
N GLY A 32 -14.03 -1.55 4.23
CA GLY A 32 -14.52 -0.90 3.01
C GLY A 32 -13.50 0.04 2.42
N LEU A 33 -12.78 0.76 3.27
CA LEU A 33 -11.76 1.71 2.83
C LEU A 33 -10.60 0.98 2.16
N ILE A 34 -10.15 -0.10 2.78
CA ILE A 34 -9.05 -0.89 2.24
C ILE A 34 -9.41 -1.49 0.90
N THR A 35 -10.66 -1.93 0.75
CA THR A 35 -11.12 -2.52 -0.49
C THR A 35 -11.19 -1.50 -1.61
N HIS A 36 -11.76 -0.34 -1.30
CA HIS A 36 -11.89 0.74 -2.28
C HIS A 36 -10.52 1.19 -2.77
N VAL A 37 -9.65 1.57 -1.84
CA VAL A 37 -8.31 2.02 -2.18
C VAL A 37 -7.54 0.94 -2.92
N LEU A 38 -7.72 -0.31 -2.49
CA LEU A 38 -7.04 -1.44 -3.11
C LEU A 38 -7.38 -1.53 -4.59
N TRP A 39 -8.67 -1.45 -4.91
CA TRP A 39 -9.13 -1.53 -6.29
C TRP A 39 -8.60 -0.35 -7.11
N GLU A 40 -8.67 0.84 -6.52
CA GLU A 40 -8.19 2.04 -7.20
C GLU A 40 -6.71 1.94 -7.51
N ILE A 41 -5.93 1.47 -6.54
CA ILE A 41 -4.49 1.32 -6.72
C ILE A 41 -4.18 0.34 -7.85
N VAL A 42 -4.83 -0.81 -7.83
CA VAL A 42 -4.62 -1.83 -8.85
C VAL A 42 -4.89 -1.28 -10.24
N GLU A 43 -6.06 -0.67 -10.42
CA GLU A 43 -6.44 -0.09 -11.70
C GLU A 43 -5.43 0.94 -12.15
N MET A 44 -5.00 1.79 -11.22
CA MET A 44 -4.03 2.83 -11.53
C MET A 44 -2.67 2.23 -11.86
N ARG A 45 -2.36 1.10 -11.24
CA ARG A 45 -1.10 0.41 -11.47
C ARG A 45 -1.08 -0.26 -12.85
N LYS A 46 -2.12 -1.05 -13.12
CA LYS A 46 -2.23 -1.74 -14.40
C LYS A 46 -2.49 -0.77 -15.54
N GLU A 47 -3.14 0.35 -15.22
CA GLU A 47 -3.45 1.37 -16.21
C GLU A 47 -2.18 1.80 -16.95
N LEU A 48 -1.11 2.00 -16.21
CA LEU A 48 0.16 2.41 -16.81
C LEU A 48 0.57 1.47 -17.93
N CYS A 49 0.16 0.21 -17.81
CA CYS A 49 0.49 -0.80 -18.83
C CYS A 49 -0.65 -0.95 -19.83
N ASN A 50 -1.36 0.15 -20.08
CA ASN A 50 -2.47 0.15 -21.02
C ASN A 50 -3.52 -0.89 -20.62
N GLY A 51 -3.59 -1.18 -19.32
CA GLY A 51 -4.55 -2.15 -18.83
C GLY A 51 -4.33 -3.54 -19.40
N ASN A 52 -3.07 -3.95 -19.47
CA ASN A 52 -2.72 -5.26 -20.00
C ASN A 52 -2.83 -6.34 -18.93
N SER A 53 -3.87 -7.14 -19.01
CA SER A 53 -4.09 -8.21 -18.04
C SER A 53 -2.86 -9.10 -17.92
N ASP A 54 -2.11 -9.21 -19.01
CA ASP A 54 -0.90 -10.03 -19.03
C ASP A 54 0.25 -9.32 -18.31
N CYS A 55 0.27 -8.00 -18.41
CA CYS A 55 1.32 -7.20 -17.78
C CYS A 55 1.32 -7.40 -16.28
N MET A 56 0.15 -7.74 -15.73
CA MET A 56 0.02 -7.96 -14.29
C MET A 56 0.71 -9.26 -13.88
N ASN A 57 0.61 -10.28 -14.73
CA ASN A 57 1.23 -11.56 -14.45
C ASN A 57 2.41 -11.81 -15.39
N ASN A 58 3.02 -10.74 -15.87
CA ASN A 58 4.15 -10.84 -16.78
C ASN A 58 5.45 -11.06 -16.00
N ASP A 59 5.80 -10.08 -15.17
CA ASP A 59 7.02 -10.17 -14.38
C ASP A 59 6.69 -10.43 -12.91
N ASP A 60 5.65 -11.23 -12.67
CA ASP A 60 5.23 -11.54 -11.32
C ASP A 60 5.83 -12.88 -10.86
N ALA A 61 6.97 -13.24 -11.45
CA ALA A 61 7.64 -14.49 -11.11
C ALA A 61 9.00 -14.21 -10.46
N LEU A 62 9.59 -13.08 -10.80
CA LEU A 62 10.90 -12.71 -10.26
C LEU A 62 10.79 -11.43 -9.44
N ALA A 63 9.92 -10.53 -9.87
CA ALA A 63 9.71 -9.25 -9.19
C ALA A 63 9.32 -9.47 -7.73
N GLU A 64 8.43 -10.45 -7.51
CA GLU A 64 7.96 -10.76 -6.16
C GLU A 64 9.12 -11.17 -5.26
N ASN A 65 10.13 -11.79 -5.86
CA ASN A 65 11.30 -12.23 -5.10
C ASN A 65 12.51 -11.33 -5.40
N ASN A 66 12.24 -10.08 -5.72
CA ASN A 66 13.30 -9.12 -6.03
C ASN A 66 12.94 -7.74 -5.52
N LEU A 67 12.10 -7.68 -4.48
CA LEU A 67 11.68 -6.41 -3.90
C LEU A 67 12.51 -6.08 -2.67
N LYS A 68 12.89 -4.81 -2.54
CA LYS A 68 13.69 -4.35 -1.41
C LYS A 68 12.79 -3.80 -0.30
N LEU A 69 11.61 -3.34 -0.68
CA LEU A 69 10.66 -2.79 0.29
C LEU A 69 10.20 -3.86 1.27
N PRO A 70 9.67 -3.42 2.42
CA PRO A 70 9.18 -4.33 3.46
C PRO A 70 7.91 -5.06 3.04
N GLU A 71 7.86 -6.36 3.33
CA GLU A 71 6.70 -7.18 2.99
C GLU A 71 6.48 -8.27 4.03
N ILE A 72 5.27 -8.31 4.59
CA ILE A 72 4.93 -9.31 5.60
C ILE A 72 5.18 -10.72 5.07
N GLN A 73 5.63 -11.61 5.95
CA GLN A 73 5.91 -12.98 5.58
C GLN A 73 5.78 -13.90 6.78
N ARG A 74 4.65 -13.82 7.48
CA ARG A 74 4.41 -14.64 8.65
C ARG A 74 2.90 -14.76 8.93
N ASN A 75 2.54 -15.77 9.72
CA ASN A 75 1.13 -15.99 10.06
C ASN A 75 1.01 -17.01 11.18
N ASP A 76 1.87 -16.88 12.19
CA ASP A 76 1.85 -17.79 13.33
C ASP A 76 2.89 -17.38 14.37
N GLY A 77 2.44 -17.17 15.60
CA GLY A 77 3.34 -16.77 16.67
C GLY A 77 2.85 -15.56 17.42
N CYS A 78 3.67 -15.08 18.36
CA CYS A 78 3.30 -13.91 19.16
C CYS A 78 2.03 -14.17 19.96
N TYR A 79 2.20 -14.61 21.20
CA TYR A 79 1.07 -14.90 22.07
C TYR A 79 1.17 -14.11 23.38
N GLN A 80 0.04 -13.57 23.83
CA GLN A 80 0.00 -12.80 25.06
C GLN A 80 0.16 -13.71 26.28
N THR A 81 1.02 -13.30 27.21
CA THR A 81 1.28 -14.07 28.41
C THR A 81 0.68 -13.39 29.64
N GLY A 82 0.55 -12.07 29.57
CA GLY A 82 -0.02 -11.32 30.67
C GLY A 82 -0.78 -10.10 30.22
N TYR A 83 -0.12 -8.95 30.24
CA TYR A 83 -0.75 -7.69 29.83
C TYR A 83 0.01 -7.07 28.67
N ASN A 84 1.29 -6.78 28.88
CA ASN A 84 2.12 -6.18 27.85
C ASN A 84 3.56 -6.68 27.94
N GLN A 85 3.71 -8.00 28.02
CA GLN A 85 5.03 -8.62 28.12
C GLN A 85 5.48 -9.14 26.75
N GLU A 86 6.66 -9.74 26.72
CA GLU A 86 7.22 -10.28 25.48
C GLU A 86 7.44 -9.17 24.45
N ILE A 87 8.13 -9.50 23.37
CA ILE A 87 8.41 -8.53 22.32
C ILE A 87 7.93 -9.04 20.96
N CYS A 88 7.46 -8.11 20.13
CA CYS A 88 6.97 -8.47 18.80
C CYS A 88 7.26 -7.35 17.80
N LEU A 89 7.89 -7.71 16.68
CA LEU A 89 8.22 -6.74 15.65
C LEU A 89 7.00 -6.36 14.84
N LEU A 90 7.15 -5.37 13.97
CA LEU A 90 6.05 -4.89 13.14
C LEU A 90 6.53 -4.59 11.72
N LYS A 91 7.40 -3.59 11.60
CA LYS A 91 7.93 -3.20 10.30
C LYS A 91 6.81 -2.81 9.33
N ILE A 92 5.79 -2.16 9.86
CA ILE A 92 4.66 -1.74 9.04
C ILE A 92 4.67 -0.24 8.81
N SER A 93 5.24 0.51 9.76
CA SER A 93 5.32 1.96 9.64
C SER A 93 6.16 2.36 8.44
N SER A 94 7.34 1.77 8.32
CA SER A 94 8.24 2.07 7.22
C SER A 94 7.55 1.83 5.87
N GLY A 95 6.99 0.64 5.71
CA GLY A 95 6.31 0.30 4.48
C GLY A 95 5.19 1.26 4.15
N LEU A 96 4.30 1.49 5.11
CA LEU A 96 3.18 2.40 4.92
C LEU A 96 3.66 3.81 4.60
N LEU A 97 4.64 4.27 5.37
CA LEU A 97 5.20 5.61 5.17
C LEU A 97 5.79 5.75 3.77
N GLU A 98 6.55 4.74 3.34
CA GLU A 98 7.17 4.75 2.02
C GLU A 98 6.12 4.86 0.93
N TYR A 99 5.11 3.98 0.99
CA TYR A 99 4.04 3.97 0.00
C TYR A 99 3.37 5.34 -0.08
N HIS A 100 3.01 5.88 1.09
CA HIS A 100 2.36 7.18 1.15
C HIS A 100 3.20 8.26 0.46
N SER A 101 4.49 8.28 0.78
CA SER A 101 5.40 9.25 0.20
C SER A 101 5.53 9.05 -1.31
N TYR A 102 5.45 7.80 -1.74
CA TYR A 102 5.55 7.47 -3.16
C TYR A 102 4.37 8.05 -3.94
N LEU A 103 3.18 7.60 -3.60
CA LEU A 103 1.96 8.07 -4.26
C LEU A 103 1.86 9.59 -4.18
N GLU A 104 2.17 10.13 -3.01
CA GLU A 104 2.11 11.58 -2.80
C GLU A 104 3.14 12.30 -3.67
N TYR A 105 4.29 11.68 -3.84
CA TYR A 105 5.36 12.26 -4.65
C TYR A 105 4.99 12.26 -6.13
N MET A 106 4.59 11.09 -6.63
CA MET A 106 4.20 10.97 -8.03
C MET A 106 2.93 11.74 -8.33
N LYS A 107 2.10 11.91 -7.30
CA LYS A 107 0.85 12.63 -7.43
C LYS A 107 1.09 14.10 -7.78
N ASN A 108 2.22 14.63 -7.30
CA ASN A 108 2.57 16.03 -7.56
C ASN A 108 2.71 16.28 -9.05
N ASN A 109 3.24 15.30 -9.77
CA ASN A 109 3.42 15.42 -11.22
C ASN A 109 2.78 14.24 -11.95
N LEU A 110 1.56 14.45 -12.44
CA LEU A 110 0.83 13.41 -13.15
C LEU A 110 -0.07 14.01 -14.22
N LYS A 111 -0.71 13.15 -15.00
CA LYS A 111 -1.61 13.60 -16.07
C LYS A 111 -2.93 14.08 -15.49
N ASP A 112 -3.85 14.49 -16.36
CA ASP A 112 -5.16 14.97 -15.94
C ASP A 112 -5.91 13.87 -15.18
N ASN A 113 -5.99 12.69 -15.79
CA ASN A 113 -6.69 11.57 -15.17
C ASN A 113 -5.88 11.00 -14.00
N LYS A 114 -4.59 10.78 -14.23
CA LYS A 114 -3.71 10.24 -13.20
C LYS A 114 -3.75 11.10 -11.96
N LYS A 115 -3.86 12.42 -12.14
CA LYS A 115 -3.92 13.36 -11.03
C LYS A 115 -5.20 13.18 -10.23
N ASP A 116 -6.34 13.17 -10.93
CA ASP A 116 -7.63 13.02 -10.30
C ASP A 116 -7.67 11.74 -9.45
N LYS A 117 -7.19 10.64 -10.01
CA LYS A 117 -7.17 9.37 -9.31
C LYS A 117 -6.12 9.37 -8.20
N ALA A 118 -4.97 9.97 -8.49
CA ALA A 118 -3.88 10.05 -7.51
C ALA A 118 -4.37 10.69 -6.21
N ARG A 119 -5.12 11.78 -6.33
CA ARG A 119 -5.64 12.48 -5.17
C ARG A 119 -6.44 11.54 -4.28
N VAL A 120 -7.37 10.80 -4.88
CA VAL A 120 -8.19 9.86 -4.14
C VAL A 120 -7.34 8.79 -3.46
N LEU A 121 -6.35 8.29 -4.18
CA LEU A 121 -5.45 7.26 -3.65
C LEU A 121 -4.76 7.74 -2.39
N GLN A 122 -4.17 8.94 -2.45
CA GLN A 122 -3.47 9.51 -1.31
C GLN A 122 -4.41 9.68 -0.13
N ARG A 123 -5.58 10.27 -0.38
CA ARG A 123 -6.57 10.48 0.68
C ARG A 123 -6.88 9.17 1.40
N ASP A 124 -7.24 8.15 0.64
CA ASP A 124 -7.57 6.85 1.21
C ASP A 124 -6.41 6.32 2.06
N THR A 125 -5.21 6.38 1.51
CA THR A 125 -4.03 5.91 2.22
C THR A 125 -3.84 6.64 3.54
N GLU A 126 -3.90 7.97 3.48
CA GLU A 126 -3.75 8.79 4.68
C GLU A 126 -4.73 8.38 5.77
N THR A 127 -5.99 8.17 5.36
CA THR A 127 -7.03 7.77 6.30
C THR A 127 -6.71 6.42 6.94
N LEU A 128 -6.46 5.42 6.11
CA LEU A 128 -6.13 4.08 6.59
C LEU A 128 -4.96 4.12 7.55
N ILE A 129 -3.87 4.75 7.12
CA ILE A 129 -2.67 4.87 7.94
C ILE A 129 -2.97 5.60 9.25
N HIS A 130 -3.84 6.59 9.18
CA HIS A 130 -4.22 7.36 10.36
C HIS A 130 -4.91 6.48 11.40
N ILE A 131 -5.87 5.68 10.94
CA ILE A 131 -6.60 4.78 11.84
C ILE A 131 -5.66 3.76 12.46
N PHE A 132 -4.91 3.04 11.61
CA PHE A 132 -3.99 2.02 12.08
C PHE A 132 -2.94 2.64 13.01
N ASN A 133 -2.32 3.73 12.57
CA ASN A 133 -1.31 4.39 13.37
C ASN A 133 -1.87 4.84 14.71
N GLN A 134 -3.12 5.27 14.71
CA GLN A 134 -3.79 5.71 15.94
C GLN A 134 -3.93 4.56 16.93
N GLU A 135 -4.47 3.45 16.45
CA GLU A 135 -4.67 2.27 17.28
C GLU A 135 -3.34 1.80 17.88
N VAL A 136 -2.35 1.60 17.03
CA VAL A 136 -1.03 1.15 17.47
C VAL A 136 -0.38 2.18 18.39
N LYS A 137 -0.68 3.46 18.14
CA LYS A 137 -0.12 4.54 18.94
C LYS A 137 -0.66 4.49 20.37
N ASP A 138 -1.96 4.25 20.50
CA ASP A 138 -2.60 4.17 21.81
C ASP A 138 -2.27 2.85 22.50
N LEU A 139 -2.00 1.82 21.70
CA LEU A 139 -1.68 0.51 22.24
C LEU A 139 -0.26 0.47 22.78
N HIS A 140 0.47 1.56 22.56
CA HIS A 140 1.85 1.66 23.03
C HIS A 140 2.74 0.67 22.29
N LYS A 141 2.41 0.39 21.04
CA LYS A 141 3.18 -0.54 20.23
C LYS A 141 3.30 -0.04 18.79
N ILE A 142 4.28 0.83 18.55
CA ILE A 142 4.49 1.39 17.22
C ILE A 142 5.79 2.18 17.16
N VAL A 143 6.51 2.05 16.05
CA VAL A 143 7.77 2.77 15.87
C VAL A 143 8.06 3.01 14.39
N LEU A 144 8.72 4.12 14.10
CA LEU A 144 9.06 4.46 12.72
C LEU A 144 10.35 5.29 12.67
N PRO A 145 11.23 4.94 11.73
CA PRO A 145 12.51 5.64 11.55
C PRO A 145 12.33 7.04 10.99
N THR A 146 12.25 7.15 9.67
CA THR A 146 12.09 8.44 9.01
C THR A 146 12.01 8.28 7.50
N PRO A 147 11.43 9.27 6.82
CA PRO A 147 11.28 9.27 5.36
C PRO A 147 12.61 9.44 4.65
N ILE A 148 13.02 8.41 3.91
CA ILE A 148 14.27 8.44 3.17
C ILE A 148 14.04 8.16 1.69
N SER A 149 13.10 7.28 1.39
CA SER A 149 12.79 6.92 0.01
C SER A 149 12.36 8.15 -0.78
N ASN A 150 11.46 8.93 -0.20
CA ASN A 150 10.96 10.14 -0.86
C ASN A 150 12.12 11.02 -1.33
N ALA A 151 13.08 11.24 -0.44
CA ALA A 151 14.24 12.06 -0.76
C ALA A 151 14.98 11.51 -1.98
N LEU A 152 15.32 10.23 -1.92
CA LEU A 152 16.03 9.57 -3.02
C LEU A 152 15.32 9.82 -4.35
N LEU A 153 14.05 9.46 -4.41
CA LEU A 153 13.25 9.63 -5.62
C LEU A 153 13.34 11.07 -6.12
N THR A 154 12.85 12.00 -5.30
CA THR A 154 12.87 13.41 -5.65
C THR A 154 14.26 13.86 -6.09
N ASP A 155 15.28 13.25 -5.49
CA ASP A 155 16.66 13.57 -5.82
C ASP A 155 16.91 13.44 -7.32
N LYS A 156 16.20 12.52 -7.96
CA LYS A 156 16.35 12.30 -9.39
C LYS A 156 17.76 11.88 -9.73
N LEU A 157 17.98 10.57 -9.87
CA LEU A 157 19.31 10.04 -10.20
C LEU A 157 19.36 9.61 -11.66
N GLU A 158 20.46 9.97 -12.32
CA GLU A 158 20.65 9.61 -13.74
C GLU A 158 20.76 8.10 -13.90
N SER A 159 20.93 7.67 -15.16
CA SER A 159 21.05 6.25 -15.46
C SER A 159 21.30 6.03 -16.94
N GLN A 160 22.54 6.30 -17.37
CA GLN A 160 22.92 6.13 -18.77
C GLN A 160 22.23 7.17 -19.64
N LYS A 161 20.94 6.97 -19.90
CA LYS A 161 20.17 7.89 -20.72
C LYS A 161 18.67 7.59 -20.62
N GLU A 162 18.30 6.37 -20.96
CA GLU A 162 16.90 5.96 -20.91
C GLU A 162 16.30 6.21 -19.51
N TRP A 163 14.99 6.23 -19.43
CA TRP A 163 14.30 6.45 -18.17
C TRP A 163 12.98 5.69 -18.12
N LEU A 164 12.99 4.55 -17.44
CA LEU A 164 11.78 3.73 -17.31
C LEU A 164 11.13 3.93 -15.95
N ARG A 165 10.49 5.08 -15.78
CA ARG A 165 9.81 5.40 -14.52
C ARG A 165 8.71 4.38 -14.23
N THR A 166 8.07 3.88 -15.29
CA THR A 166 7.01 2.90 -15.13
C THR A 166 7.44 1.74 -14.23
N LYS A 167 8.75 1.50 -14.20
CA LYS A 167 9.29 0.41 -13.38
C LYS A 167 9.16 0.74 -11.90
N THR A 168 9.93 1.73 -11.44
CA THR A 168 9.90 2.14 -10.04
C THR A 168 8.48 2.33 -9.56
N ILE A 169 7.66 3.00 -10.37
CA ILE A 169 6.27 3.26 -10.02
C ILE A 169 5.48 1.95 -9.89
N GLN A 170 5.68 1.06 -10.86
CA GLN A 170 4.99 -0.23 -10.85
C GLN A 170 5.41 -1.06 -9.64
N PHE A 171 6.65 -0.89 -9.21
CA PHE A 171 7.17 -1.62 -8.06
C PHE A 171 6.51 -1.14 -6.77
N ILE A 172 6.59 0.16 -6.52
CA ILE A 172 6.01 0.75 -5.32
C ILE A 172 4.50 0.52 -5.27
N LEU A 173 3.87 0.56 -6.43
CA LEU A 173 2.43 0.36 -6.53
C LEU A 173 2.06 -1.08 -6.17
N LYS A 174 2.67 -2.03 -6.87
CA LYS A 174 2.40 -3.44 -6.62
C LYS A 174 2.62 -3.79 -5.15
N SER A 175 3.75 -3.34 -4.61
CA SER A 175 4.08 -3.60 -3.21
C SER A 175 3.03 -3.00 -2.28
N LEU A 176 2.65 -1.76 -2.53
CA LEU A 176 1.66 -1.07 -1.72
C LEU A 176 0.37 -1.89 -1.64
N GLU A 177 -0.20 -2.19 -2.79
CA GLU A 177 -1.44 -2.98 -2.86
C GLU A 177 -1.28 -4.29 -2.10
N GLU A 178 -0.24 -5.04 -2.45
CA GLU A 178 0.02 -6.34 -1.82
C GLU A 178 0.09 -6.19 -0.30
N PHE A 179 0.81 -5.16 0.15
CA PHE A 179 0.96 -4.91 1.58
C PHE A 179 -0.39 -4.62 2.23
N LEU A 180 -1.25 -3.91 1.50
CA LEU A 180 -2.57 -3.57 2.01
C LEU A 180 -3.41 -4.81 2.24
N LYS A 181 -3.63 -5.58 1.17
CA LYS A 181 -4.41 -6.80 1.25
C LYS A 181 -3.87 -7.73 2.34
N VAL A 182 -2.54 -7.87 2.38
CA VAL A 182 -1.90 -8.72 3.37
C VAL A 182 -2.13 -8.19 4.78
N THR A 183 -1.80 -6.91 4.99
CA THR A 183 -1.97 -6.28 6.29
C THR A 183 -3.37 -6.54 6.85
N LEU A 184 -4.37 -6.37 6.00
CA LEU A 184 -5.76 -6.58 6.40
C LEU A 184 -6.03 -8.04 6.71
N ARG A 185 -5.54 -8.92 5.84
CA ARG A 185 -5.73 -10.36 6.02
C ARG A 185 -5.08 -10.82 7.33
N SER A 186 -4.07 -10.08 7.78
CA SER A 186 -3.36 -10.42 9.00
C SER A 186 -4.12 -9.93 10.23
N THR A 187 -4.49 -8.65 10.21
CA THR A 187 -5.22 -8.04 11.32
C THR A 187 -6.61 -8.65 11.47
N ARG A 188 -7.04 -9.38 10.44
CA ARG A 188 -8.35 -10.03 10.45
C ARG A 188 -8.40 -11.11 11.53
N GLN A 189 -7.26 -11.73 11.80
CA GLN A 189 -7.18 -12.78 12.80
C GLN A 189 -8.02 -13.98 12.39
N THR A 190 -8.39 -14.03 11.12
CA THR A 190 -9.21 -15.13 10.60
C THR A 190 -8.35 -16.34 10.26
N SER A 7 -8.86 -19.47 -13.71
CA SER A 7 -10.07 -18.70 -13.39
C SER A 7 -9.80 -17.71 -12.27
N GLN A 8 -10.13 -16.44 -12.52
CA GLN A 8 -9.92 -15.40 -11.52
C GLN A 8 -11.26 -14.82 -11.05
N VAL A 9 -11.81 -15.42 -10.00
CA VAL A 9 -13.09 -14.97 -9.45
C VAL A 9 -12.89 -14.23 -8.14
N ARG A 10 -13.67 -13.17 -7.93
CA ARG A 10 -13.57 -12.38 -6.72
C ARG A 10 -14.79 -12.60 -5.83
N ARG A 11 -14.92 -13.82 -5.31
CA ARG A 11 -16.03 -14.17 -4.44
C ARG A 11 -17.37 -13.88 -5.13
N GLY A 12 -18.46 -14.13 -4.41
CA GLY A 12 -19.78 -13.89 -4.97
C GLY A 12 -20.45 -12.67 -4.38
N ASP A 13 -19.97 -12.24 -3.20
CA ASP A 13 -20.53 -11.08 -2.53
C ASP A 13 -19.56 -9.91 -2.57
N PHE A 14 -20.02 -8.74 -2.12
CA PHE A 14 -19.20 -7.55 -2.12
C PHE A 14 -18.84 -7.14 -0.69
N THR A 15 -18.12 -6.03 -0.56
CA THR A 15 -17.72 -5.53 0.75
C THR A 15 -18.29 -4.15 1.02
N GLU A 16 -18.42 -3.36 -0.03
CA GLU A 16 -18.96 -2.01 0.10
C GLU A 16 -20.33 -2.02 0.78
N ASP A 17 -20.71 -0.89 1.36
CA ASP A 17 -21.99 -0.79 2.04
C ASP A 17 -22.33 0.68 2.34
N THR A 18 -22.13 1.54 1.34
CA THR A 18 -22.41 2.96 1.49
C THR A 18 -21.81 3.50 2.79
N THR A 19 -20.58 3.97 2.72
CA THR A 19 -19.89 4.52 3.88
C THR A 19 -20.72 5.61 4.54
N PRO A 20 -20.41 5.88 5.82
CA PRO A 20 -21.12 6.91 6.60
C PRO A 20 -20.80 8.32 6.12
N ASN A 21 -21.40 9.31 6.78
CA ASN A 21 -21.17 10.71 6.42
C ASN A 21 -19.88 11.23 7.03
N ARG A 22 -19.47 10.60 8.13
CA ARG A 22 -18.25 11.01 8.82
C ARG A 22 -17.42 9.79 9.22
N PRO A 23 -16.11 10.01 9.42
CA PRO A 23 -15.18 8.94 9.80
C PRO A 23 -15.42 8.44 11.22
N VAL A 24 -15.90 7.22 11.34
CA VAL A 24 -16.17 6.62 12.64
C VAL A 24 -14.96 5.84 13.16
N TYR A 25 -14.03 5.56 12.26
CA TYR A 25 -12.83 4.81 12.62
C TYR A 25 -13.17 3.41 13.09
N THR A 26 -14.32 2.91 12.64
CA THR A 26 -14.76 1.57 13.02
C THR A 26 -14.33 0.53 12.00
N THR A 27 -14.44 -0.74 12.37
CA THR A 27 -14.05 -1.83 11.48
C THR A 27 -14.71 -1.69 10.11
N SER A 28 -16.00 -1.39 10.11
CA SER A 28 -16.75 -1.23 8.87
C SER A 28 -16.06 -0.22 7.96
N GLN A 29 -15.76 0.95 8.50
CA GLN A 29 -15.11 2.01 7.72
C GLN A 29 -13.74 1.54 7.22
N VAL A 30 -13.02 0.81 8.06
CA VAL A 30 -11.70 0.30 7.70
C VAL A 30 -11.79 -0.68 6.54
N GLY A 31 -12.63 -1.70 6.70
CA GLY A 31 -12.80 -2.70 5.66
C GLY A 31 -13.17 -2.09 4.33
N GLY A 32 -14.21 -1.26 4.32
CA GLY A 32 -14.65 -0.62 3.10
C GLY A 32 -13.59 0.29 2.52
N LEU A 33 -12.88 0.99 3.37
CA LEU A 33 -11.83 1.90 2.93
C LEU A 33 -10.67 1.15 2.30
N ILE A 34 -10.18 0.14 3.01
CA ILE A 34 -9.07 -0.67 2.50
C ILE A 34 -9.41 -1.29 1.15
N THR A 35 -10.64 -1.78 1.03
CA THR A 35 -11.10 -2.40 -0.21
C THR A 35 -11.14 -1.39 -1.36
N HIS A 36 -11.70 -0.22 -1.07
CA HIS A 36 -11.81 0.84 -2.06
C HIS A 36 -10.44 1.21 -2.62
N VAL A 37 -9.53 1.57 -1.72
CA VAL A 37 -8.17 1.95 -2.11
C VAL A 37 -7.47 0.81 -2.84
N LEU A 38 -7.75 -0.42 -2.41
CA LEU A 38 -7.14 -1.59 -3.02
C LEU A 38 -7.50 -1.68 -4.51
N TRP A 39 -8.78 -1.52 -4.81
CA TRP A 39 -9.26 -1.58 -6.20
C TRP A 39 -8.69 -0.42 -7.01
N GLU A 40 -8.68 0.77 -6.41
CA GLU A 40 -8.17 1.96 -7.08
C GLU A 40 -6.70 1.79 -7.44
N ILE A 41 -5.91 1.29 -6.49
CA ILE A 41 -4.50 1.08 -6.70
C ILE A 41 -4.25 0.06 -7.82
N VAL A 42 -4.92 -1.08 -7.73
CA VAL A 42 -4.78 -2.14 -8.72
C VAL A 42 -5.05 -1.60 -10.13
N GLU A 43 -6.22 -0.98 -10.30
CA GLU A 43 -6.60 -0.43 -11.59
C GLU A 43 -5.57 0.59 -12.07
N MET A 44 -5.12 1.45 -11.16
CA MET A 44 -4.14 2.47 -11.49
C MET A 44 -2.80 1.84 -11.89
N ARG A 45 -2.51 0.69 -11.29
CA ARG A 45 -1.27 -0.02 -11.58
C ARG A 45 -1.28 -0.60 -13.00
N LYS A 46 -2.35 -1.33 -13.32
CA LYS A 46 -2.49 -1.93 -14.63
C LYS A 46 -2.76 -0.87 -15.70
N GLU A 47 -3.38 0.23 -15.29
CA GLU A 47 -3.71 1.32 -16.20
C GLU A 47 -2.44 1.82 -16.90
N LEU A 48 -1.31 1.75 -16.19
CA LEU A 48 -0.05 2.21 -16.75
C LEU A 48 0.29 1.45 -18.03
N CYS A 49 -0.08 0.19 -18.08
CA CYS A 49 0.19 -0.65 -19.25
C CYS A 49 -1.03 -0.69 -20.17
N ASN A 50 -1.72 0.44 -20.28
CA ASN A 50 -2.90 0.54 -21.12
C ASN A 50 -3.95 -0.51 -20.73
N GLY A 51 -3.97 -0.85 -19.44
CA GLY A 51 -4.91 -1.83 -18.95
C GLY A 51 -4.67 -3.21 -19.52
N ASN A 52 -3.40 -3.55 -19.73
CA ASN A 52 -3.03 -4.85 -20.28
C ASN A 52 -2.86 -5.88 -19.16
N SER A 53 -3.68 -6.93 -19.21
CA SER A 53 -3.62 -8.00 -18.20
C SER A 53 -2.26 -8.69 -18.22
N ASP A 54 -1.67 -8.79 -19.41
CA ASP A 54 -0.37 -9.42 -19.57
C ASP A 54 0.68 -8.72 -18.71
N CYS A 55 0.65 -7.39 -18.70
CA CYS A 55 1.59 -6.60 -17.94
C CYS A 55 1.54 -6.96 -16.46
N MET A 56 0.35 -7.38 -16.01
CA MET A 56 0.16 -7.77 -14.61
C MET A 56 0.89 -9.07 -14.29
N ASN A 57 1.01 -9.92 -15.31
CA ASN A 57 1.69 -11.21 -15.14
C ASN A 57 2.94 -11.29 -16.01
N ASN A 58 3.54 -10.14 -16.29
CA ASN A 58 4.74 -10.08 -17.11
C ASN A 58 6.00 -10.09 -16.25
N ASP A 59 6.10 -9.11 -15.36
CA ASP A 59 7.25 -9.00 -14.47
C ASP A 59 6.85 -9.28 -13.03
N ASP A 60 5.75 -10.01 -12.86
CA ASP A 60 5.27 -10.36 -11.53
C ASP A 60 5.56 -11.82 -11.20
N ALA A 61 6.61 -12.35 -11.81
CA ALA A 61 7.00 -13.74 -11.57
C ALA A 61 8.21 -13.82 -10.66
N LEU A 62 9.15 -12.90 -10.84
CA LEU A 62 10.36 -12.88 -10.02
C LEU A 62 10.36 -11.66 -9.09
N ALA A 63 9.69 -10.60 -9.51
CA ALA A 63 9.60 -9.38 -8.71
C ALA A 63 9.04 -9.69 -7.32
N GLU A 64 8.18 -10.69 -7.23
CA GLU A 64 7.59 -11.08 -5.96
C GLU A 64 8.67 -11.39 -4.93
N ASN A 65 9.82 -11.83 -5.40
CA ASN A 65 10.93 -12.17 -4.52
C ASN A 65 12.18 -11.40 -4.90
N ASN A 66 11.99 -10.13 -5.29
CA ASN A 66 13.10 -9.28 -5.68
C ASN A 66 12.81 -7.82 -5.36
N LEU A 67 11.97 -7.60 -4.34
CA LEU A 67 11.61 -6.25 -3.93
C LEU A 67 12.47 -5.77 -2.77
N LYS A 68 12.97 -4.54 -2.88
CA LYS A 68 13.81 -3.96 -1.83
C LYS A 68 12.96 -3.38 -0.71
N LEU A 69 11.74 -2.98 -1.05
CA LEU A 69 10.82 -2.40 -0.07
C LEU A 69 10.42 -3.44 0.97
N PRO A 70 9.92 -2.96 2.12
CA PRO A 70 9.47 -3.83 3.21
C PRO A 70 8.20 -4.59 2.87
N GLU A 71 8.34 -5.86 2.51
CA GLU A 71 7.20 -6.69 2.15
C GLU A 71 6.99 -7.80 3.17
N ILE A 72 5.73 -8.17 3.40
CA ILE A 72 5.40 -9.22 4.36
C ILE A 72 4.66 -10.37 3.68
N GLN A 73 4.60 -11.51 4.35
CA GLN A 73 3.93 -12.68 3.81
C GLN A 73 3.06 -13.35 4.87
N ARG A 74 3.71 -14.01 5.82
CA ARG A 74 2.99 -14.69 6.90
C ARG A 74 3.97 -15.36 7.87
N ASN A 75 3.96 -14.90 9.11
CA ASN A 75 4.85 -15.46 10.13
C ASN A 75 4.34 -15.14 11.53
N ASP A 76 4.21 -13.85 11.83
CA ASP A 76 3.72 -13.42 13.13
C ASP A 76 4.67 -13.84 14.24
N GLY A 77 4.46 -13.32 15.45
CA GLY A 77 5.31 -13.65 16.57
C GLY A 77 5.10 -12.74 17.75
N CYS A 78 3.85 -12.64 18.21
CA CYS A 78 3.51 -11.79 19.34
C CYS A 78 2.05 -11.95 19.73
N TYR A 79 1.60 -13.20 19.83
CA TYR A 79 0.22 -13.48 20.19
C TYR A 79 0.14 -14.59 21.24
N GLN A 80 -0.95 -14.59 22.01
CA GLN A 80 -1.14 -15.58 23.05
C GLN A 80 -0.02 -15.51 24.09
N THR A 81 -0.20 -14.62 25.07
CA THR A 81 0.79 -14.44 26.12
C THR A 81 0.99 -15.74 26.92
N GLY A 82 2.20 -15.93 27.43
CA GLY A 82 2.49 -17.12 28.21
C GLY A 82 3.85 -17.71 27.88
N TYR A 83 3.95 -18.36 26.73
CA TYR A 83 5.21 -18.97 26.30
C TYR A 83 6.13 -17.94 25.68
N ASN A 84 6.99 -17.35 26.50
CA ASN A 84 7.93 -16.34 26.04
C ASN A 84 7.20 -15.12 25.50
N GLN A 85 7.93 -14.02 25.33
CA GLN A 85 7.34 -12.79 24.81
C GLN A 85 8.26 -12.13 23.80
N GLU A 86 7.81 -12.05 22.56
CA GLU A 86 8.60 -11.44 21.49
C GLU A 86 8.00 -10.11 21.06
N ILE A 87 8.87 -9.17 20.68
CA ILE A 87 8.42 -7.85 20.25
C ILE A 87 7.37 -7.96 19.14
N CYS A 88 6.44 -7.01 19.13
CA CYS A 88 5.39 -6.99 18.12
C CYS A 88 5.44 -5.71 17.30
N LEU A 89 5.78 -4.61 17.95
CA LEU A 89 5.86 -3.31 17.28
C LEU A 89 7.04 -3.28 16.32
N LEU A 90 6.78 -3.54 15.05
CA LEU A 90 7.83 -3.54 14.03
C LEU A 90 7.22 -3.68 12.63
N LYS A 91 7.95 -3.19 11.63
CA LYS A 91 7.50 -3.27 10.25
C LYS A 91 6.16 -2.56 10.08
N ILE A 92 5.57 -2.68 8.89
CA ILE A 92 4.30 -2.04 8.60
C ILE A 92 4.45 -0.54 8.48
N SER A 93 4.73 0.13 9.60
CA SER A 93 4.89 1.57 9.62
C SER A 93 5.89 2.02 8.55
N SER A 94 7.04 1.35 8.50
CA SER A 94 8.08 1.68 7.53
C SER A 94 7.52 1.65 6.11
N GLY A 95 6.88 0.54 5.76
CA GLY A 95 6.30 0.40 4.43
C GLY A 95 5.22 1.43 4.16
N LEU A 96 4.28 1.55 5.09
CA LEU A 96 3.18 2.50 4.95
C LEU A 96 3.70 3.90 4.63
N LEU A 97 4.70 4.34 5.41
CA LEU A 97 5.28 5.66 5.23
C LEU A 97 5.93 5.77 3.85
N GLU A 98 6.75 4.78 3.49
CA GLU A 98 7.42 4.77 2.20
C GLU A 98 6.42 4.87 1.06
N TYR A 99 5.41 4.01 1.09
CA TYR A 99 4.38 4.01 0.05
C TYR A 99 3.71 5.37 -0.05
N HIS A 100 3.33 5.93 1.09
CA HIS A 100 2.68 7.23 1.13
C HIS A 100 3.51 8.27 0.40
N SER A 101 4.79 8.34 0.73
CA SER A 101 5.70 9.29 0.12
C SER A 101 5.82 9.05 -1.39
N TYR A 102 5.81 7.77 -1.77
CA TYR A 102 5.91 7.40 -3.18
C TYR A 102 4.74 7.95 -3.97
N LEU A 103 3.54 7.48 -3.66
CA LEU A 103 2.34 7.93 -4.35
C LEU A 103 2.21 9.45 -4.30
N GLU A 104 2.56 10.03 -3.16
CA GLU A 104 2.50 11.47 -2.99
C GLU A 104 3.47 12.18 -3.94
N TYR A 105 4.63 11.57 -4.15
CA TYR A 105 5.64 12.14 -5.03
C TYR A 105 5.18 12.10 -6.49
N MET A 106 4.77 10.92 -6.94
CA MET A 106 4.31 10.74 -8.30
C MET A 106 3.02 11.52 -8.55
N LYS A 107 2.20 11.63 -7.51
CA LYS A 107 0.93 12.35 -7.62
C LYS A 107 1.16 13.81 -7.96
N ASN A 108 2.33 14.33 -7.58
CA ASN A 108 2.68 15.72 -7.85
C ASN A 108 2.75 15.99 -9.35
N ASN A 109 3.24 15.00 -10.09
CA ASN A 109 3.36 15.13 -11.55
C ASN A 109 2.69 13.95 -12.25
N LEU A 110 1.45 14.16 -12.67
CA LEU A 110 0.70 13.12 -13.37
C LEU A 110 -0.27 13.73 -14.38
N LYS A 111 -0.93 12.87 -15.15
CA LYS A 111 -1.89 13.32 -16.15
C LYS A 111 -3.20 13.74 -15.50
N ASP A 112 -4.18 14.10 -16.32
CA ASP A 112 -5.49 14.52 -15.82
C ASP A 112 -6.16 13.39 -15.04
N ASN A 113 -6.23 12.22 -15.65
CA ASN A 113 -6.85 11.06 -15.02
C ASN A 113 -5.98 10.54 -13.88
N LYS A 114 -4.69 10.37 -14.14
CA LYS A 114 -3.75 9.88 -13.14
C LYS A 114 -3.79 10.75 -11.90
N LYS A 115 -3.90 12.06 -12.09
CA LYS A 115 -3.96 13.00 -10.97
C LYS A 115 -5.24 12.82 -10.16
N ASP A 116 -6.38 12.77 -10.85
CA ASP A 116 -7.66 12.59 -10.19
C ASP A 116 -7.66 11.35 -9.31
N LYS A 117 -7.21 10.23 -9.87
CA LYS A 117 -7.15 8.98 -9.13
C LYS A 117 -6.07 9.03 -8.06
N ALA A 118 -4.94 9.64 -8.39
CA ALA A 118 -3.82 9.76 -7.46
C ALA A 118 -4.28 10.41 -6.15
N ARG A 119 -5.07 11.47 -6.28
CA ARG A 119 -5.57 12.19 -5.11
C ARG A 119 -6.31 11.25 -4.16
N VAL A 120 -7.23 10.47 -4.71
CA VAL A 120 -8.00 9.51 -3.92
C VAL A 120 -7.10 8.48 -3.26
N LEU A 121 -6.12 7.99 -4.01
CA LEU A 121 -5.19 6.99 -3.52
C LEU A 121 -4.47 7.50 -2.28
N GLN A 122 -3.94 8.72 -2.37
CA GLN A 122 -3.22 9.33 -1.25
C GLN A 122 -4.14 9.51 -0.05
N ARG A 123 -5.32 10.08 -0.28
CA ARG A 123 -6.28 10.31 0.78
C ARG A 123 -6.57 9.02 1.54
N ASP A 124 -6.94 7.97 0.80
CA ASP A 124 -7.26 6.68 1.40
C ASP A 124 -6.07 6.17 2.22
N THR A 125 -4.90 6.17 1.61
CA THR A 125 -3.68 5.70 2.27
C THR A 125 -3.50 6.40 3.62
N GLU A 126 -3.71 7.70 3.63
CA GLU A 126 -3.56 8.48 4.86
C GLU A 126 -4.65 8.12 5.87
N THR A 127 -5.84 7.81 5.36
CA THR A 127 -6.96 7.45 6.21
C THR A 127 -6.68 6.15 6.96
N LEU A 128 -6.41 5.09 6.22
CA LEU A 128 -6.13 3.79 6.81
C LEU A 128 -4.89 3.85 7.71
N ILE A 129 -3.86 4.53 7.22
CA ILE A 129 -2.62 4.66 7.99
C ILE A 129 -2.85 5.45 9.27
N HIS A 130 -3.74 6.43 9.21
CA HIS A 130 -4.05 7.26 10.37
C HIS A 130 -4.85 6.46 11.40
N ILE A 131 -5.79 5.65 10.92
CA ILE A 131 -6.61 4.84 11.80
C ILE A 131 -5.78 3.79 12.52
N PHE A 132 -4.97 3.06 11.76
CA PHE A 132 -4.12 2.01 12.32
C PHE A 132 -3.07 2.61 13.24
N ASN A 133 -2.38 3.64 12.77
CA ASN A 133 -1.34 4.30 13.55
C ASN A 133 -1.91 4.84 14.87
N GLN A 134 -3.10 5.44 14.79
CA GLN A 134 -3.75 6.00 15.96
C GLN A 134 -4.08 4.90 16.97
N GLU A 135 -4.79 3.88 16.50
CA GLU A 135 -5.18 2.77 17.37
C GLU A 135 -3.95 2.11 17.99
N VAL A 136 -2.97 1.80 17.16
CA VAL A 136 -1.74 1.18 17.63
C VAL A 136 -0.97 2.09 18.58
N LYS A 137 -1.06 3.39 18.32
CA LYS A 137 -0.38 4.39 19.15
C LYS A 137 -1.01 4.46 20.53
N ASP A 138 -2.33 4.32 20.58
CA ASP A 138 -3.06 4.38 21.84
C ASP A 138 -2.84 3.11 22.66
N LEU A 139 -2.88 1.96 21.99
CA LEU A 139 -2.67 0.68 22.65
C LEU A 139 -1.21 0.49 23.04
N HIS A 140 -0.32 0.56 22.04
CA HIS A 140 1.11 0.40 22.28
C HIS A 140 1.88 1.61 21.77
N LYS A 141 3.20 1.49 21.73
CA LYS A 141 4.06 2.56 21.26
C LYS A 141 4.51 2.31 19.83
N ILE A 142 5.24 3.26 19.26
CA ILE A 142 5.74 3.14 17.89
C ILE A 142 6.62 4.32 17.52
N VAL A 143 7.64 4.06 16.70
CA VAL A 143 8.55 5.11 16.26
C VAL A 143 8.97 4.90 14.81
N LEU A 144 9.81 5.80 14.30
CA LEU A 144 10.28 5.71 12.93
C LEU A 144 11.28 6.84 12.63
N PRO A 145 12.36 6.49 11.92
CA PRO A 145 13.41 7.45 11.55
C PRO A 145 12.93 8.45 10.51
N THR A 146 13.03 8.08 9.23
CA THR A 146 12.60 8.94 8.14
C THR A 146 12.83 8.27 6.79
N PRO A 147 11.96 8.57 5.82
CA PRO A 147 12.04 8.02 4.47
C PRO A 147 13.24 8.56 3.69
N ILE A 148 13.86 7.71 2.89
CA ILE A 148 15.02 8.11 2.10
C ILE A 148 14.71 8.01 0.60
N SER A 149 13.72 7.21 0.25
CA SER A 149 13.33 7.03 -1.14
C SER A 149 13.10 8.37 -1.82
N ASN A 150 12.55 9.33 -1.06
CA ASN A 150 12.28 10.66 -1.59
C ASN A 150 13.52 11.23 -2.26
N ALA A 151 14.64 11.21 -1.55
CA ALA A 151 15.90 11.73 -2.09
C ALA A 151 16.31 10.98 -3.35
N LEU A 152 16.13 9.67 -3.35
CA LEU A 152 16.48 8.85 -4.50
C LEU A 152 15.72 9.30 -5.74
N LEU A 153 14.40 9.16 -5.70
CA LEU A 153 13.56 9.54 -6.82
C LEU A 153 13.85 10.98 -7.26
N THR A 154 13.79 11.91 -6.31
CA THR A 154 14.05 13.31 -6.60
C THR A 154 15.43 13.49 -7.22
N ASP A 155 16.37 12.65 -6.82
CA ASP A 155 17.73 12.72 -7.34
C ASP A 155 17.77 12.24 -8.79
N LYS A 156 16.84 11.36 -9.16
CA LYS A 156 16.77 10.83 -10.51
C LYS A 156 16.63 11.95 -11.54
N LEU A 157 15.54 12.70 -11.44
CA LEU A 157 15.29 13.80 -12.36
C LEU A 157 14.23 14.74 -11.79
N GLU A 158 13.97 15.83 -12.52
CA GLU A 158 12.99 16.82 -12.09
C GLU A 158 11.85 16.92 -13.11
N SER A 159 12.19 16.75 -14.38
CA SER A 159 11.20 16.84 -15.45
C SER A 159 11.64 16.01 -16.66
N GLN A 160 10.65 15.55 -17.43
CA GLN A 160 10.93 14.74 -18.61
C GLN A 160 11.69 13.48 -18.24
N LYS A 161 11.03 12.59 -17.50
CA LYS A 161 11.64 11.34 -17.07
C LYS A 161 10.71 10.16 -17.35
N GLU A 162 10.27 10.04 -18.60
CA GLU A 162 9.37 8.96 -18.99
C GLU A 162 10.08 7.98 -19.92
N TRP A 163 11.26 7.53 -19.50
CA TRP A 163 12.04 6.58 -20.30
C TRP A 163 12.02 5.19 -19.68
N LEU A 164 11.83 5.14 -18.36
CA LEU A 164 11.79 3.88 -17.65
C LEU A 164 11.27 4.07 -16.23
N ARG A 165 10.36 5.03 -16.06
CA ARG A 165 9.79 5.31 -14.75
C ARG A 165 8.68 4.32 -14.42
N THR A 166 8.00 3.82 -15.46
CA THR A 166 6.92 2.87 -15.27
C THR A 166 7.35 1.71 -14.39
N LYS A 167 8.65 1.43 -14.38
CA LYS A 167 9.19 0.35 -13.57
C LYS A 167 9.12 0.69 -12.09
N THR A 168 9.91 1.65 -11.66
CA THR A 168 9.93 2.08 -10.26
C THR A 168 8.52 2.30 -9.73
N ILE A 169 7.70 2.98 -10.53
CA ILE A 169 6.32 3.25 -10.14
C ILE A 169 5.52 1.96 -9.99
N GLN A 170 5.66 1.07 -10.96
CA GLN A 170 4.96 -0.20 -10.94
C GLN A 170 5.39 -1.05 -9.74
N PHE A 171 6.64 -0.89 -9.33
CA PHE A 171 7.18 -1.63 -8.21
C PHE A 171 6.58 -1.14 -6.89
N ILE A 172 6.69 0.16 -6.65
CA ILE A 172 6.16 0.76 -5.42
C ILE A 172 4.65 0.54 -5.32
N LEU A 173 3.98 0.62 -6.47
CA LEU A 173 2.53 0.43 -6.51
C LEU A 173 2.15 -1.00 -6.16
N LYS A 174 2.74 -1.95 -6.89
CA LYS A 174 2.46 -3.36 -6.65
C LYS A 174 2.73 -3.74 -5.21
N SER A 175 3.89 -3.32 -4.70
CA SER A 175 4.28 -3.62 -3.33
C SER A 175 3.25 -3.04 -2.34
N LEU A 176 2.89 -1.78 -2.54
CA LEU A 176 1.93 -1.11 -1.68
C LEU A 176 0.64 -1.91 -1.58
N GLU A 177 0.04 -2.20 -2.73
CA GLU A 177 -1.21 -2.96 -2.77
C GLU A 177 -1.05 -4.28 -2.03
N GLU A 178 -0.08 -5.08 -2.44
CA GLU A 178 0.15 -6.37 -1.82
C GLU A 178 0.33 -6.23 -0.31
N PHE A 179 1.03 -5.17 0.09
CA PHE A 179 1.28 -4.91 1.50
C PHE A 179 -0.03 -4.71 2.26
N LEU A 180 -0.87 -3.82 1.75
CA LEU A 180 -2.17 -3.53 2.37
C LEU A 180 -3.00 -4.80 2.49
N LYS A 181 -3.01 -5.61 1.44
CA LYS A 181 -3.77 -6.85 1.44
C LYS A 181 -3.29 -7.78 2.55
N VAL A 182 -1.97 -7.99 2.62
CA VAL A 182 -1.39 -8.85 3.63
C VAL A 182 -1.70 -8.33 5.04
N THR A 183 -1.43 -7.04 5.25
CA THR A 183 -1.67 -6.41 6.55
C THR A 183 -3.13 -6.57 6.97
N LEU A 184 -4.04 -6.45 6.02
CA LEU A 184 -5.47 -6.58 6.29
C LEU A 184 -5.80 -8.00 6.73
N ARG A 185 -5.46 -8.97 5.90
CA ARG A 185 -5.72 -10.38 6.20
C ARG A 185 -4.98 -10.81 7.47
N SER A 186 -3.89 -10.12 7.76
CA SER A 186 -3.08 -10.43 8.94
C SER A 186 -3.79 -9.97 10.22
N THR A 187 -4.25 -8.73 10.21
CA THR A 187 -4.95 -8.17 11.37
C THR A 187 -6.33 -8.79 11.54
N ARG A 188 -6.91 -9.26 10.43
CA ARG A 188 -8.23 -9.87 10.46
C ARG A 188 -8.15 -11.30 10.98
N GLN A 189 -9.27 -11.80 11.49
CA GLN A 189 -9.33 -13.15 12.03
C GLN A 189 -8.99 -14.18 10.96
N THR A 190 -9.12 -13.77 9.70
CA THR A 190 -8.83 -14.66 8.57
C THR A 190 -7.34 -15.00 8.52
N SER A 7 -7.91 -18.83 -22.00
CA SER A 7 -7.11 -18.05 -22.95
C SER A 7 -7.28 -16.55 -22.71
N GLN A 8 -6.30 -15.94 -22.06
CA GLN A 8 -6.35 -14.51 -21.77
C GLN A 8 -7.56 -14.17 -20.91
N VAL A 9 -7.35 -14.09 -19.60
CA VAL A 9 -8.43 -13.76 -18.67
C VAL A 9 -8.40 -12.29 -18.28
N ARG A 10 -9.58 -11.69 -18.17
CA ARG A 10 -9.69 -10.28 -17.80
C ARG A 10 -10.78 -10.07 -16.75
N ARG A 11 -10.37 -9.65 -15.56
CA ARG A 11 -11.32 -9.42 -14.47
C ARG A 11 -11.09 -8.05 -13.84
N GLY A 12 -11.92 -7.71 -12.86
CA GLY A 12 -11.80 -6.43 -12.20
C GLY A 12 -13.14 -5.85 -11.79
N ASP A 13 -14.20 -6.34 -12.42
CA ASP A 13 -15.55 -5.86 -12.12
C ASP A 13 -15.93 -6.19 -10.68
N PHE A 14 -16.52 -5.20 -10.00
CA PHE A 14 -16.94 -5.37 -8.62
C PHE A 14 -18.45 -5.33 -8.49
N THR A 15 -18.95 -5.56 -7.27
CA THR A 15 -20.39 -5.54 -7.02
C THR A 15 -20.75 -4.48 -5.99
N GLU A 16 -19.85 -4.26 -5.04
CA GLU A 16 -20.07 -3.26 -3.99
C GLU A 16 -20.47 -1.92 -4.58
N ASP A 17 -21.30 -1.18 -3.85
CA ASP A 17 -21.76 0.13 -4.32
C ASP A 17 -22.32 0.95 -3.15
N THR A 18 -21.73 0.76 -1.97
CA THR A 18 -22.17 1.48 -0.79
C THR A 18 -21.43 2.80 -0.64
N THR A 19 -22.00 3.70 0.17
CA THR A 19 -21.39 5.00 0.40
C THR A 19 -20.69 5.05 1.76
N PRO A 20 -19.75 6.00 1.92
CA PRO A 20 -19.01 6.17 3.16
C PRO A 20 -19.87 6.71 4.30
N ASN A 21 -19.27 6.92 5.46
CA ASN A 21 -19.99 7.42 6.62
C ASN A 21 -19.05 8.19 7.55
N ARG A 22 -18.26 9.08 6.97
CA ARG A 22 -17.31 9.88 7.74
C ARG A 22 -16.30 9.00 8.45
N PRO A 23 -15.17 9.60 8.86
CA PRO A 23 -14.10 8.88 9.56
C PRO A 23 -14.50 8.47 10.97
N VAL A 24 -15.27 7.38 11.06
CA VAL A 24 -15.73 6.88 12.35
C VAL A 24 -14.67 5.99 13.00
N TYR A 25 -13.67 5.60 12.22
CA TYR A 25 -12.60 4.75 12.71
C TYR A 25 -13.13 3.40 13.14
N THR A 26 -14.26 3.00 12.56
CA THR A 26 -14.89 1.72 12.88
C THR A 26 -14.46 0.64 11.88
N THR A 27 -14.65 -0.61 12.28
CA THR A 27 -14.28 -1.74 11.42
C THR A 27 -14.89 -1.59 10.03
N SER A 28 -16.18 -1.28 9.99
CA SER A 28 -16.87 -1.12 8.71
C SER A 28 -16.13 -0.14 7.80
N GLN A 29 -15.80 1.03 8.34
CA GLN A 29 -15.09 2.04 7.57
C GLN A 29 -13.72 1.53 7.13
N VAL A 30 -13.06 0.77 8.01
CA VAL A 30 -11.74 0.22 7.70
C VAL A 30 -11.81 -0.74 6.53
N GLY A 31 -12.70 -1.73 6.62
CA GLY A 31 -12.84 -2.70 5.56
C GLY A 31 -13.19 -2.06 4.23
N GLY A 32 -14.22 -1.22 4.23
CA GLY A 32 -14.64 -0.56 3.00
C GLY A 32 -13.52 0.29 2.41
N LEU A 33 -12.79 0.99 3.27
CA LEU A 33 -11.70 1.85 2.82
C LEU A 33 -10.57 1.02 2.21
N ILE A 34 -10.32 -0.14 2.79
CA ILE A 34 -9.27 -1.04 2.31
C ILE A 34 -9.59 -1.53 0.90
N THR A 35 -10.78 -2.10 0.72
CA THR A 35 -11.20 -2.62 -0.56
C THR A 35 -11.24 -1.52 -1.62
N HIS A 36 -11.68 -0.33 -1.20
CA HIS A 36 -11.77 0.81 -2.10
C HIS A 36 -10.39 1.20 -2.62
N VAL A 37 -9.46 1.47 -1.69
CA VAL A 37 -8.11 1.85 -2.06
C VAL A 37 -7.42 0.74 -2.86
N LEU A 38 -7.76 -0.50 -2.56
CA LEU A 38 -7.18 -1.65 -3.24
C LEU A 38 -7.56 -1.65 -4.72
N TRP A 39 -8.85 -1.45 -5.00
CA TRP A 39 -9.33 -1.44 -6.37
C TRP A 39 -8.75 -0.25 -7.14
N GLU A 40 -8.75 0.92 -6.50
CA GLU A 40 -8.22 2.12 -7.12
C GLU A 40 -6.76 1.94 -7.51
N ILE A 41 -5.97 1.39 -6.59
CA ILE A 41 -4.55 1.16 -6.84
C ILE A 41 -4.34 0.19 -7.99
N VAL A 42 -5.07 -0.92 -7.96
CA VAL A 42 -4.97 -1.93 -9.01
C VAL A 42 -5.24 -1.33 -10.38
N GLU A 43 -6.27 -0.48 -10.46
CA GLU A 43 -6.63 0.16 -11.71
C GLU A 43 -5.56 1.16 -12.15
N MET A 44 -5.04 1.92 -11.18
CA MET A 44 -4.01 2.92 -11.46
C MET A 44 -2.72 2.24 -11.88
N ARG A 45 -2.47 1.05 -11.34
CA ARG A 45 -1.26 0.31 -11.67
C ARG A 45 -1.35 -0.31 -13.06
N LYS A 46 -2.46 -0.98 -13.32
CA LYS A 46 -2.68 -1.62 -14.62
C LYS A 46 -2.90 -0.57 -15.72
N GLU A 47 -3.45 0.57 -15.32
CA GLU A 47 -3.71 1.65 -16.26
C GLU A 47 -2.43 2.04 -17.02
N LEU A 48 -1.30 1.96 -16.33
CA LEU A 48 -0.02 2.29 -16.94
C LEU A 48 0.30 1.37 -18.10
N CYS A 49 -0.12 0.11 -18.00
CA CYS A 49 0.10 -0.87 -19.05
C CYS A 49 -1.10 -0.99 -19.96
N ASN A 50 -1.86 0.11 -20.07
CA ASN A 50 -3.05 0.13 -20.92
C ASN A 50 -4.06 -0.92 -20.47
N GLY A 51 -4.16 -1.12 -19.15
CA GLY A 51 -5.08 -2.09 -18.62
C GLY A 51 -4.84 -3.49 -19.15
N ASN A 52 -3.58 -3.88 -19.21
CA ASN A 52 -3.21 -5.21 -19.71
C ASN A 52 -3.25 -6.24 -18.60
N SER A 53 -4.00 -7.32 -18.82
CA SER A 53 -4.13 -8.37 -17.83
C SER A 53 -2.80 -9.11 -17.64
N ASP A 54 -2.10 -9.32 -18.75
CA ASP A 54 -0.81 -10.01 -18.71
C ASP A 54 0.23 -9.18 -17.98
N CYS A 55 0.16 -7.86 -18.16
CA CYS A 55 1.09 -6.95 -17.52
C CYS A 55 1.06 -7.11 -16.00
N MET A 56 -0.08 -7.55 -15.49
CA MET A 56 -0.23 -7.75 -14.05
C MET A 56 0.61 -8.92 -13.56
N ASN A 57 0.52 -10.04 -14.28
CA ASN A 57 1.28 -11.23 -13.93
C ASN A 57 2.46 -11.43 -14.86
N ASN A 58 3.05 -10.32 -15.32
CA ASN A 58 4.19 -10.36 -16.22
C ASN A 58 5.49 -10.49 -15.44
N ASP A 59 5.75 -9.53 -14.55
CA ASP A 59 6.95 -9.54 -13.74
C ASP A 59 6.62 -9.78 -12.27
N ASP A 60 5.47 -10.39 -12.02
CA ASP A 60 5.03 -10.68 -10.66
C ASP A 60 5.35 -12.12 -10.28
N ALA A 61 6.45 -12.65 -10.82
CA ALA A 61 6.85 -14.02 -10.54
C ALA A 61 8.20 -14.06 -9.81
N LEU A 62 9.06 -13.09 -10.11
CA LEU A 62 10.36 -13.01 -9.48
C LEU A 62 10.51 -11.73 -8.68
N ALA A 63 9.80 -10.69 -9.10
CA ALA A 63 9.85 -9.40 -8.41
C ALA A 63 9.45 -9.55 -6.94
N GLU A 64 8.55 -10.49 -6.67
CA GLU A 64 8.09 -10.74 -5.31
C GLU A 64 9.25 -11.09 -4.39
N ASN A 65 10.31 -11.67 -4.98
CA ASN A 65 11.48 -12.07 -4.22
C ASN A 65 12.70 -11.24 -4.65
N ASN A 66 12.47 -10.01 -5.04
CA ASN A 66 13.54 -9.12 -5.48
C ASN A 66 13.22 -7.66 -5.15
N LEU A 67 12.46 -7.45 -4.09
CA LEU A 67 12.07 -6.11 -3.68
C LEU A 67 12.94 -5.63 -2.51
N LYS A 68 13.08 -4.31 -2.39
CA LYS A 68 13.88 -3.73 -1.33
C LYS A 68 12.98 -3.16 -0.23
N LEU A 69 11.76 -2.81 -0.60
CA LEU A 69 10.80 -2.25 0.35
C LEU A 69 10.43 -3.28 1.41
N PRO A 70 9.89 -2.79 2.55
CA PRO A 70 9.49 -3.66 3.66
C PRO A 70 8.27 -4.50 3.32
N GLU A 71 8.27 -5.75 3.76
CA GLU A 71 7.16 -6.66 3.51
C GLU A 71 6.96 -7.62 4.68
N ILE A 72 5.70 -7.91 5.00
CA ILE A 72 5.38 -8.82 6.09
C ILE A 72 5.71 -10.25 5.73
N GLN A 73 6.25 -11.00 6.68
CA GLN A 73 6.61 -12.39 6.47
C GLN A 73 6.04 -13.28 7.57
N ARG A 74 6.09 -12.79 8.80
CA ARG A 74 5.58 -13.54 9.95
C ARG A 74 6.47 -14.74 10.24
N ASN A 75 6.34 -15.78 9.41
CA ASN A 75 7.13 -17.00 9.59
C ASN A 75 6.99 -17.54 11.00
N ASP A 76 5.93 -18.31 11.23
CA ASP A 76 5.68 -18.89 12.55
C ASP A 76 5.52 -17.80 13.61
N GLY A 77 5.23 -18.22 14.84
CA GLY A 77 5.05 -17.27 15.92
C GLY A 77 6.16 -17.36 16.96
N CYS A 78 6.11 -16.46 17.94
CA CYS A 78 7.12 -16.44 19.00
C CYS A 78 6.49 -16.00 20.33
N TYR A 79 6.77 -16.76 21.38
CA TYR A 79 6.24 -16.46 22.71
C TYR A 79 7.21 -16.91 23.79
N GLN A 80 8.50 -16.92 23.47
CA GLN A 80 9.52 -17.34 24.43
C GLN A 80 10.55 -16.22 24.62
N THR A 81 10.07 -14.98 24.66
CA THR A 81 10.96 -13.84 24.84
C THR A 81 10.59 -13.07 26.11
N GLY A 82 11.50 -13.08 27.07
CA GLY A 82 11.26 -12.37 28.33
C GLY A 82 10.14 -12.99 29.12
N TYR A 83 9.48 -12.17 29.95
CA TYR A 83 8.38 -12.64 30.78
C TYR A 83 7.18 -11.72 30.67
N ASN A 84 7.44 -10.42 30.67
CA ASN A 84 6.38 -9.42 30.57
C ASN A 84 6.53 -8.60 29.29
N GLN A 85 6.78 -9.29 28.19
CA GLN A 85 6.94 -8.62 26.89
C GLN A 85 6.16 -9.34 25.81
N GLU A 86 6.59 -10.55 25.47
CA GLU A 86 5.92 -11.35 24.44
C GLU A 86 5.89 -10.60 23.11
N ILE A 87 7.07 -10.28 22.60
CA ILE A 87 7.19 -9.57 21.32
C ILE A 87 8.40 -10.04 20.53
N CYS A 88 8.51 -9.59 19.30
CA CYS A 88 9.63 -9.96 18.44
C CYS A 88 10.03 -8.80 17.52
N LEU A 89 9.13 -8.45 16.60
CA LEU A 89 9.38 -7.35 15.67
C LEU A 89 8.17 -7.10 14.79
N LEU A 90 8.11 -5.91 14.20
CA LEU A 90 7.00 -5.53 13.34
C LEU A 90 7.26 -4.18 12.68
N LYS A 91 7.14 -4.15 11.35
CA LYS A 91 7.36 -2.92 10.59
C LYS A 91 6.22 -2.68 9.60
N ILE A 92 5.28 -1.83 9.99
CA ILE A 92 4.14 -1.52 9.13
C ILE A 92 4.11 -0.04 8.77
N SER A 93 4.63 0.79 9.67
CA SER A 93 4.66 2.23 9.45
C SER A 93 5.62 2.59 8.33
N SER A 94 6.80 1.96 8.33
CA SER A 94 7.81 2.22 7.31
C SER A 94 7.22 2.03 5.91
N GLY A 95 6.61 0.87 5.69
CA GLY A 95 6.02 0.58 4.40
C GLY A 95 4.92 1.55 4.03
N LEU A 96 3.97 1.74 4.94
CA LEU A 96 2.86 2.66 4.70
C LEU A 96 3.36 4.05 4.31
N LEU A 97 4.27 4.59 5.11
CA LEU A 97 4.83 5.91 4.85
C LEU A 97 5.49 5.95 3.48
N GLU A 98 6.31 4.95 3.19
CA GLU A 98 6.99 4.87 1.90
C GLU A 98 6.01 5.00 0.74
N TYR A 99 4.97 4.16 0.76
CA TYR A 99 3.96 4.17 -0.30
C TYR A 99 3.31 5.54 -0.40
N HIS A 100 2.96 6.11 0.76
CA HIS A 100 2.32 7.42 0.80
C HIS A 100 3.19 8.47 0.11
N SER A 101 4.48 8.47 0.43
CA SER A 101 5.41 9.43 -0.15
C SER A 101 5.56 9.19 -1.65
N TYR A 102 5.52 7.93 -2.06
CA TYR A 102 5.65 7.57 -3.46
C TYR A 102 4.50 8.14 -4.27
N LEU A 103 3.28 7.72 -3.96
CA LEU A 103 2.09 8.19 -4.66
C LEU A 103 1.99 9.71 -4.59
N GLU A 104 2.26 10.26 -3.41
CA GLU A 104 2.20 11.71 -3.21
C GLU A 104 3.28 12.42 -4.03
N TYR A 105 4.40 11.74 -4.23
CA TYR A 105 5.51 12.31 -4.99
C TYR A 105 5.17 12.39 -6.47
N MET A 106 4.72 11.27 -7.04
CA MET A 106 4.35 11.22 -8.45
C MET A 106 3.06 11.98 -8.70
N LYS A 107 2.20 12.04 -7.68
CA LYS A 107 0.93 12.75 -7.79
C LYS A 107 1.13 14.19 -8.22
N ASN A 108 2.20 14.81 -7.72
CA ASN A 108 2.50 16.19 -8.05
C ASN A 108 2.72 16.35 -9.55
N ASN A 109 3.42 15.39 -10.15
CA ASN A 109 3.69 15.42 -11.59
C ASN A 109 3.00 14.27 -12.30
N LEU A 110 1.74 14.49 -12.69
CA LEU A 110 0.96 13.47 -13.39
C LEU A 110 -0.03 14.10 -14.35
N LYS A 111 -0.76 13.27 -15.07
CA LYS A 111 -1.75 13.74 -16.02
C LYS A 111 -3.06 14.09 -15.33
N ASP A 112 -4.07 14.46 -16.11
CA ASP A 112 -5.37 14.81 -15.57
C ASP A 112 -6.01 13.62 -14.85
N ASN A 113 -6.06 12.49 -15.54
CA ASN A 113 -6.64 11.27 -14.97
C ASN A 113 -5.81 10.77 -13.79
N LYS A 114 -4.51 10.62 -14.01
CA LYS A 114 -3.61 10.15 -12.97
C LYS A 114 -3.70 11.04 -11.73
N LYS A 115 -3.94 12.33 -11.95
CA LYS A 115 -4.05 13.28 -10.85
C LYS A 115 -5.29 12.99 -10.01
N ASP A 116 -6.43 12.87 -10.67
CA ASP A 116 -7.69 12.59 -9.98
C ASP A 116 -7.59 11.30 -9.17
N LYS A 117 -7.03 10.27 -9.78
CA LYS A 117 -6.88 8.97 -9.12
C LYS A 117 -5.82 9.05 -8.03
N ALA A 118 -4.81 9.88 -8.25
CA ALA A 118 -3.73 10.04 -7.28
C ALA A 118 -4.23 10.71 -6.01
N ARG A 119 -5.17 11.65 -6.17
CA ARG A 119 -5.73 12.37 -5.04
C ARG A 119 -6.52 11.43 -4.13
N VAL A 120 -7.42 10.67 -4.73
CA VAL A 120 -8.25 9.72 -3.99
C VAL A 120 -7.40 8.63 -3.35
N LEU A 121 -6.38 8.19 -4.07
CA LEU A 121 -5.48 7.15 -3.57
C LEU A 121 -4.73 7.63 -2.33
N GLN A 122 -4.14 8.82 -2.43
CA GLN A 122 -3.40 9.38 -1.31
C GLN A 122 -4.28 9.55 -0.09
N ARG A 123 -5.45 10.17 -0.29
CA ARG A 123 -6.40 10.38 0.81
C ARG A 123 -6.73 9.07 1.52
N ASP A 124 -7.14 8.07 0.74
CA ASP A 124 -7.50 6.77 1.29
C ASP A 124 -6.34 6.20 2.11
N THR A 125 -5.14 6.25 1.56
CA THR A 125 -3.96 5.74 2.23
C THR A 125 -3.74 6.45 3.57
N GLU A 126 -3.77 7.78 3.54
CA GLU A 126 -3.57 8.57 4.75
C GLU A 126 -4.59 8.19 5.82
N THR A 127 -5.81 7.90 5.39
CA THR A 127 -6.88 7.51 6.30
C THR A 127 -6.58 6.18 6.97
N LEU A 128 -6.37 5.15 6.16
CA LEU A 128 -6.07 3.82 6.66
C LEU A 128 -4.83 3.83 7.55
N ILE A 129 -3.90 4.74 7.23
CA ILE A 129 -2.66 4.86 8.00
C ILE A 129 -2.91 5.51 9.34
N HIS A 130 -3.76 6.54 9.36
CA HIS A 130 -4.09 7.25 10.59
C HIS A 130 -4.80 6.32 11.57
N ILE A 131 -5.76 5.56 11.07
CA ILE A 131 -6.51 4.63 11.90
C ILE A 131 -5.63 3.48 12.40
N PHE A 132 -4.96 2.82 11.46
CA PHE A 132 -4.08 1.70 11.79
C PHE A 132 -3.00 2.14 12.77
N ASN A 133 -2.32 3.24 12.44
CA ASN A 133 -1.26 3.76 13.29
C ASN A 133 -1.81 4.18 14.65
N GLN A 134 -3.00 4.77 14.65
CA GLN A 134 -3.63 5.22 15.88
C GLN A 134 -3.79 4.06 16.87
N GLU A 135 -4.40 2.98 16.39
CA GLU A 135 -4.62 1.80 17.24
C GLU A 135 -3.29 1.19 17.67
N VAL A 136 -2.43 0.92 16.69
CA VAL A 136 -1.13 0.33 16.96
C VAL A 136 -0.37 1.15 18.00
N LYS A 137 -0.42 2.47 17.88
CA LYS A 137 0.26 3.36 18.80
C LYS A 137 -0.39 3.33 20.17
N ASP A 138 -1.72 3.24 20.19
CA ASP A 138 -2.46 3.18 21.44
C ASP A 138 -2.28 1.84 22.14
N LEU A 139 -1.85 0.84 21.38
CA LEU A 139 -1.63 -0.50 21.92
C LEU A 139 -0.27 -0.57 22.63
N HIS A 140 0.44 0.55 22.66
CA HIS A 140 1.75 0.61 23.30
C HIS A 140 2.76 -0.27 22.57
N LYS A 141 2.60 -0.36 21.25
CA LYS A 141 3.50 -1.16 20.43
C LYS A 141 3.54 -0.64 18.99
N ILE A 142 4.31 0.43 18.78
CA ILE A 142 4.43 1.02 17.46
C ILE A 142 5.87 1.45 17.18
N VAL A 143 6.29 1.29 15.94
CA VAL A 143 7.65 1.66 15.54
C VAL A 143 7.64 2.82 14.56
N LEU A 144 8.78 3.50 14.42
CA LEU A 144 8.90 4.63 13.51
C LEU A 144 9.11 4.16 12.08
N PRO A 145 8.48 4.86 11.13
CA PRO A 145 8.59 4.53 9.70
C PRO A 145 9.98 4.82 9.14
N THR A 146 10.49 6.01 9.42
CA THR A 146 11.80 6.43 8.95
C THR A 146 11.85 6.45 7.42
N PRO A 147 11.12 7.40 6.83
CA PRO A 147 11.06 7.56 5.37
C PRO A 147 12.38 8.07 4.79
N ILE A 148 12.94 7.32 3.85
CA ILE A 148 14.19 7.71 3.23
C ILE A 148 14.11 7.60 1.71
N SER A 149 13.43 6.55 1.23
CA SER A 149 13.27 6.33 -0.20
C SER A 149 12.73 7.58 -0.88
N ASN A 150 11.78 8.24 -0.23
CA ASN A 150 11.18 9.45 -0.78
C ASN A 150 12.25 10.44 -1.21
N ALA A 151 13.18 10.72 -0.31
CA ALA A 151 14.27 11.66 -0.59
C ALA A 151 15.03 11.25 -1.85
N LEU A 152 15.37 9.96 -1.94
CA LEU A 152 16.10 9.45 -3.08
C LEU A 152 15.37 9.76 -4.38
N LEU A 153 14.10 9.34 -4.46
CA LEU A 153 13.29 9.57 -5.65
C LEU A 153 13.29 11.05 -6.02
N THR A 154 12.75 11.87 -5.12
CA THR A 154 12.69 13.32 -5.35
C THR A 154 14.05 13.87 -5.73
N ASP A 155 15.10 13.29 -5.17
CA ASP A 155 16.46 13.73 -5.44
C ASP A 155 16.86 13.40 -6.88
N LYS A 156 16.35 12.29 -7.39
CA LYS A 156 16.64 11.87 -8.76
C LYS A 156 15.88 12.71 -9.77
N LEU A 157 16.60 13.22 -10.76
CA LEU A 157 15.99 14.05 -11.80
C LEU A 157 16.58 13.73 -13.17
N GLU A 158 15.71 13.70 -14.18
CA GLU A 158 16.14 13.39 -15.54
C GLU A 158 15.41 14.27 -16.55
N SER A 159 15.75 14.11 -17.82
CA SER A 159 15.13 14.89 -18.89
C SER A 159 13.82 14.25 -19.34
N GLN A 160 12.79 15.08 -19.52
CA GLN A 160 11.49 14.60 -19.95
C GLN A 160 10.90 13.62 -18.94
N LYS A 161 9.69 13.16 -19.19
CA LYS A 161 9.02 12.22 -18.30
C LYS A 161 8.65 10.94 -19.04
N GLU A 162 9.65 10.25 -19.57
CA GLU A 162 9.43 9.01 -20.30
C GLU A 162 10.75 8.36 -20.69
N TRP A 163 11.18 7.39 -19.89
CA TRP A 163 12.44 6.68 -20.15
C TRP A 163 12.41 5.28 -19.55
N LEU A 164 12.26 5.21 -18.24
CA LEU A 164 12.21 3.93 -17.54
C LEU A 164 11.66 4.09 -16.13
N ARG A 165 10.71 5.00 -15.97
CA ARG A 165 10.09 5.25 -14.68
C ARG A 165 9.02 4.21 -14.37
N THR A 166 8.41 3.68 -15.42
CA THR A 166 7.36 2.67 -15.27
C THR A 166 7.82 1.54 -14.35
N LYS A 167 9.12 1.33 -14.27
CA LYS A 167 9.68 0.28 -13.42
C LYS A 167 9.52 0.64 -11.94
N THR A 168 10.25 1.65 -11.50
CA THR A 168 10.19 2.09 -10.11
C THR A 168 8.75 2.26 -9.66
N ILE A 169 7.94 2.90 -10.50
CA ILE A 169 6.53 3.13 -10.17
C ILE A 169 5.78 1.81 -10.03
N GLN A 170 6.00 0.91 -10.97
CA GLN A 170 5.34 -0.40 -10.94
C GLN A 170 5.74 -1.19 -9.71
N PHE A 171 6.98 -0.98 -9.26
CA PHE A 171 7.50 -1.67 -8.08
C PHE A 171 6.80 -1.18 -6.82
N ILE A 172 6.84 0.13 -6.59
CA ILE A 172 6.22 0.72 -5.42
C ILE A 172 4.71 0.46 -5.40
N LEU A 173 4.10 0.45 -6.59
CA LEU A 173 2.67 0.21 -6.71
C LEU A 173 2.33 -1.22 -6.32
N LYS A 174 3.04 -2.17 -6.93
CA LYS A 174 2.80 -3.58 -6.64
C LYS A 174 3.02 -3.88 -5.16
N SER A 175 4.11 -3.35 -4.61
CA SER A 175 4.43 -3.57 -3.20
C SER A 175 3.34 -3.00 -2.30
N LEU A 176 2.88 -1.80 -2.62
CA LEU A 176 1.83 -1.14 -1.84
C LEU A 176 0.57 -1.99 -1.80
N GLU A 177 0.03 -2.28 -2.98
CA GLU A 177 -1.18 -3.09 -3.09
C GLU A 177 -1.03 -4.40 -2.32
N GLU A 178 0.01 -5.17 -2.66
CA GLU A 178 0.27 -6.44 -2.00
C GLU A 178 0.38 -6.26 -0.49
N PHE A 179 1.03 -5.18 -0.08
CA PHE A 179 1.21 -4.89 1.34
C PHE A 179 -0.13 -4.59 2.01
N LEU A 180 -1.05 -4.02 1.24
CA LEU A 180 -2.38 -3.67 1.75
C LEU A 180 -3.21 -4.92 1.98
N LYS A 181 -3.30 -5.77 0.96
CA LYS A 181 -4.07 -7.00 1.05
C LYS A 181 -3.54 -7.89 2.18
N VAL A 182 -2.23 -8.01 2.26
CA VAL A 182 -1.60 -8.83 3.29
C VAL A 182 -1.77 -8.21 4.66
N THR A 183 -1.71 -6.88 4.72
CA THR A 183 -1.86 -6.15 5.97
C THR A 183 -3.22 -6.42 6.61
N LEU A 184 -4.27 -6.29 5.80
CA LEU A 184 -5.63 -6.52 6.28
C LEU A 184 -5.85 -8.00 6.59
N ARG A 185 -5.41 -8.86 5.68
CA ARG A 185 -5.57 -10.29 5.86
C ARG A 185 -4.85 -10.78 7.11
N SER A 186 -3.79 -10.07 7.49
CA SER A 186 -3.01 -10.43 8.67
C SER A 186 -3.66 -9.87 9.93
N THR A 187 -4.00 -8.59 9.91
CA THR A 187 -4.62 -7.93 11.05
C THR A 187 -5.98 -8.53 11.34
N ARG A 188 -6.52 -9.28 10.38
CA ARG A 188 -7.83 -9.90 10.53
C ARG A 188 -7.81 -10.94 11.67
N GLN A 189 -8.96 -11.52 11.94
CA GLN A 189 -9.07 -12.52 13.00
C GLN A 189 -8.96 -13.94 12.44
N THR A 190 -9.17 -14.06 11.13
CA THR A 190 -9.09 -15.36 10.47
C THR A 190 -8.11 -15.33 9.30
N SER A 7 4.37 -22.05 -2.45
CA SER A 7 3.48 -20.92 -2.64
C SER A 7 2.02 -21.38 -2.70
N GLN A 8 1.12 -20.43 -2.93
CA GLN A 8 -0.30 -20.73 -3.00
C GLN A 8 -1.10 -19.53 -3.50
N VAL A 9 -1.91 -19.74 -4.53
CA VAL A 9 -2.72 -18.67 -5.10
C VAL A 9 -3.86 -18.28 -4.16
N ARG A 10 -4.05 -16.98 -3.99
CA ARG A 10 -5.11 -16.47 -3.12
C ARG A 10 -6.03 -15.51 -3.87
N ARG A 11 -7.30 -15.48 -3.47
CA ARG A 11 -8.28 -14.61 -4.11
C ARG A 11 -9.26 -14.06 -3.08
N GLY A 12 -9.95 -12.98 -3.45
CA GLY A 12 -10.90 -12.37 -2.55
C GLY A 12 -11.55 -11.13 -3.15
N ASP A 13 -11.99 -11.24 -4.39
CA ASP A 13 -12.62 -10.12 -5.09
C ASP A 13 -13.83 -9.62 -4.29
N PHE A 14 -14.09 -8.32 -4.38
CA PHE A 14 -15.21 -7.71 -3.68
C PHE A 14 -16.10 -6.94 -4.63
N THR A 15 -17.32 -6.62 -4.19
CA THR A 15 -18.27 -5.89 -5.01
C THR A 15 -18.61 -4.55 -4.38
N GLU A 16 -18.44 -4.45 -3.06
CA GLU A 16 -18.74 -3.21 -2.35
C GLU A 16 -18.02 -2.03 -2.99
N ASP A 17 -18.70 -0.89 -3.03
CA ASP A 17 -18.14 0.32 -3.61
C ASP A 17 -19.04 1.52 -3.37
N THR A 18 -19.58 1.62 -2.15
CA THR A 18 -20.47 2.72 -1.79
C THR A 18 -19.68 4.00 -1.55
N THR A 19 -20.38 5.06 -1.18
CA THR A 19 -19.76 6.35 -0.92
C THR A 19 -19.37 6.49 0.55
N PRO A 20 -18.43 7.40 0.83
CA PRO A 20 -17.96 7.66 2.20
C PRO A 20 -19.01 8.33 3.06
N ASN A 21 -18.69 8.53 4.34
CA ASN A 21 -19.61 9.16 5.27
C ASN A 21 -18.86 9.83 6.42
N ARG A 22 -17.90 10.68 6.08
CA ARG A 22 -17.10 11.39 7.08
C ARG A 22 -16.27 10.40 7.90
N PRO A 23 -15.15 10.88 8.44
CA PRO A 23 -14.25 10.06 9.26
C PRO A 23 -14.86 9.69 10.60
N VAL A 24 -15.22 8.42 10.76
CA VAL A 24 -15.81 7.94 12.00
C VAL A 24 -14.83 7.06 12.77
N TYR A 25 -13.84 6.53 12.07
CA TYR A 25 -12.84 5.66 12.68
C TYR A 25 -13.47 4.38 13.20
N THR A 26 -14.29 3.75 12.35
CA THR A 26 -14.95 2.51 12.72
C THR A 26 -14.57 1.37 11.77
N THR A 27 -14.75 0.14 12.23
CA THR A 27 -14.42 -1.03 11.42
C THR A 27 -15.04 -0.94 10.04
N SER A 28 -16.24 -0.36 9.97
CA SER A 28 -16.95 -0.22 8.70
C SER A 28 -16.24 0.79 7.80
N GLN A 29 -15.87 1.93 8.38
CA GLN A 29 -15.19 2.98 7.63
C GLN A 29 -13.88 2.48 7.06
N VAL A 30 -13.05 1.87 7.91
CA VAL A 30 -11.76 1.35 7.49
C VAL A 30 -11.93 0.26 6.44
N GLY A 31 -12.91 -0.62 6.66
CA GLY A 31 -13.15 -1.70 5.72
C GLY A 31 -13.46 -1.20 4.32
N GLY A 32 -14.42 -0.29 4.22
CA GLY A 32 -14.79 0.25 2.93
C GLY A 32 -13.65 1.02 2.28
N LEU A 33 -12.90 1.75 3.09
CA LEU A 33 -11.78 2.54 2.59
C LEU A 33 -10.66 1.64 2.08
N ILE A 34 -10.49 0.50 2.74
CA ILE A 34 -9.46 -0.46 2.35
C ILE A 34 -9.78 -1.10 1.01
N THR A 35 -11.01 -1.59 0.88
CA THR A 35 -11.45 -2.24 -0.35
C THR A 35 -11.45 -1.26 -1.51
N HIS A 36 -11.89 -0.03 -1.26
CA HIS A 36 -11.93 1.00 -2.28
C HIS A 36 -10.53 1.37 -2.76
N VAL A 37 -9.68 1.74 -1.82
CA VAL A 37 -8.30 2.11 -2.14
C VAL A 37 -7.56 0.95 -2.80
N LEU A 38 -7.90 -0.26 -2.40
CA LEU A 38 -7.28 -1.46 -2.96
C LEU A 38 -7.61 -1.61 -4.44
N TRP A 39 -8.89 -1.50 -4.76
CA TRP A 39 -9.34 -1.62 -6.15
C TRP A 39 -8.73 -0.52 -7.02
N GLU A 40 -8.70 0.70 -6.48
CA GLU A 40 -8.15 1.83 -7.22
C GLU A 40 -6.67 1.63 -7.51
N ILE A 41 -5.92 1.19 -6.50
CA ILE A 41 -4.49 0.95 -6.65
C ILE A 41 -4.22 -0.10 -7.73
N VAL A 42 -4.96 -1.21 -7.67
CA VAL A 42 -4.80 -2.28 -8.64
C VAL A 42 -5.05 -1.78 -10.05
N GLU A 43 -6.21 -1.19 -10.27
CA GLU A 43 -6.57 -0.66 -11.59
C GLU A 43 -5.58 0.40 -12.04
N MET A 44 -5.21 1.30 -11.13
CA MET A 44 -4.26 2.36 -11.44
C MET A 44 -2.89 1.79 -11.78
N ARG A 45 -2.56 0.65 -11.17
CA ARG A 45 -1.28 0.00 -11.40
C ARG A 45 -1.22 -0.60 -12.80
N LYS A 46 -2.24 -1.38 -13.16
CA LYS A 46 -2.32 -2.02 -14.47
C LYS A 46 -2.59 -0.98 -15.55
N GLU A 47 -3.27 0.11 -15.17
CA GLU A 47 -3.59 1.17 -16.12
C GLU A 47 -2.33 1.72 -16.77
N LEU A 48 -1.23 1.69 -16.03
CA LEU A 48 0.06 2.19 -16.53
C LEU A 48 0.46 1.45 -17.80
N CYS A 49 0.13 0.17 -17.87
CA CYS A 49 0.46 -0.64 -19.03
C CYS A 49 -0.71 -0.70 -20.01
N ASN A 50 -1.43 0.41 -20.12
CA ASN A 50 -2.57 0.49 -21.03
C ASN A 50 -3.63 -0.53 -20.65
N GLY A 51 -3.68 -0.89 -19.38
CA GLY A 51 -4.66 -1.86 -18.91
C GLY A 51 -4.44 -3.23 -19.52
N ASN A 52 -3.18 -3.64 -19.64
CA ASN A 52 -2.84 -4.93 -20.22
C ASN A 52 -2.65 -5.98 -19.13
N SER A 53 -3.57 -6.95 -19.09
CA SER A 53 -3.50 -8.01 -18.08
C SER A 53 -2.15 -8.72 -18.13
N ASP A 54 -1.52 -8.71 -19.30
CA ASP A 54 -0.23 -9.35 -19.49
C ASP A 54 0.83 -8.70 -18.61
N CYS A 55 0.81 -7.36 -18.56
CA CYS A 55 1.77 -6.61 -17.75
C CYS A 55 1.69 -7.03 -16.29
N MET A 56 0.49 -7.33 -15.83
CA MET A 56 0.28 -7.74 -14.44
C MET A 56 1.17 -8.94 -14.09
N ASN A 57 1.31 -9.87 -15.03
CA ASN A 57 2.13 -11.04 -14.82
C ASN A 57 3.26 -11.12 -15.85
N ASN A 58 3.73 -9.97 -16.28
CA ASN A 58 4.81 -9.89 -17.27
C ASN A 58 6.17 -9.99 -16.58
N ASP A 59 6.49 -9.01 -15.74
CA ASP A 59 7.75 -8.99 -15.04
C ASP A 59 7.58 -9.45 -13.59
N ASP A 60 6.57 -10.28 -13.37
CA ASP A 60 6.30 -10.80 -12.03
C ASP A 60 6.93 -12.18 -11.84
N ALA A 61 8.01 -12.43 -12.56
CA ALA A 61 8.72 -13.71 -12.47
C ALA A 61 10.00 -13.57 -11.65
N LEU A 62 10.62 -12.41 -11.73
CA LEU A 62 11.85 -12.15 -11.00
C LEU A 62 11.66 -11.05 -9.97
N ALA A 63 10.83 -10.06 -10.30
CA ALA A 63 10.55 -8.95 -9.40
C ALA A 63 10.11 -9.45 -8.04
N GLU A 64 9.49 -10.63 -8.01
CA GLU A 64 9.01 -11.22 -6.77
C GLU A 64 10.16 -11.39 -5.77
N ASN A 65 11.37 -11.52 -6.29
CA ASN A 65 12.55 -11.68 -5.45
C ASN A 65 13.61 -10.63 -5.76
N ASN A 66 13.15 -9.45 -6.19
CA ASN A 66 14.05 -8.36 -6.54
C ASN A 66 13.44 -7.02 -6.14
N LEU A 67 12.56 -7.04 -5.14
CA LEU A 67 11.92 -5.82 -4.67
C LEU A 67 12.64 -5.25 -3.45
N LYS A 68 12.94 -6.13 -2.49
CA LYS A 68 13.64 -5.71 -1.27
C LYS A 68 12.87 -4.61 -0.55
N LEU A 69 11.56 -4.55 -0.80
CA LEU A 69 10.71 -3.54 -0.17
C LEU A 69 10.25 -4.01 1.21
N PRO A 70 9.84 -3.05 2.06
CA PRO A 70 9.38 -3.34 3.41
C PRO A 70 8.03 -4.06 3.42
N GLU A 71 8.05 -5.36 3.16
CA GLU A 71 6.84 -6.16 3.14
C GLU A 71 6.85 -7.22 4.24
N ILE A 72 5.67 -7.60 4.70
CA ILE A 72 5.56 -8.61 5.75
C ILE A 72 6.05 -9.96 5.26
N GLN A 73 7.13 -10.44 5.86
CA GLN A 73 7.71 -11.73 5.48
C GLN A 73 8.33 -12.43 6.69
N ARG A 74 8.49 -13.74 6.60
CA ARG A 74 9.06 -14.51 7.69
C ARG A 74 8.22 -14.40 8.95
N ASN A 75 7.25 -15.30 9.10
CA ASN A 75 6.36 -15.29 10.26
C ASN A 75 7.06 -15.93 11.47
N ASP A 76 6.86 -15.33 12.64
CA ASP A 76 7.45 -15.84 13.87
C ASP A 76 6.42 -16.58 14.72
N GLY A 77 5.22 -16.03 14.77
CA GLY A 77 4.15 -16.65 15.55
C GLY A 77 4.11 -16.14 16.98
N CYS A 78 3.53 -14.96 17.17
CA CYS A 78 3.43 -14.36 18.50
C CYS A 78 2.25 -14.95 19.26
N TYR A 79 2.53 -15.75 20.27
CA TYR A 79 1.50 -16.37 21.09
C TYR A 79 1.96 -16.53 22.53
N GLN A 80 1.01 -16.84 23.42
CA GLN A 80 1.32 -17.02 24.83
C GLN A 80 2.40 -18.07 25.03
N THR A 81 3.36 -17.79 25.89
CA THR A 81 4.46 -18.71 26.17
C THR A 81 4.62 -18.95 27.66
N GLY A 82 4.45 -17.89 28.45
CA GLY A 82 4.57 -18.01 29.88
C GLY A 82 3.59 -17.13 30.63
N TYR A 83 3.71 -15.82 30.43
CA TYR A 83 2.82 -14.87 31.09
C TYR A 83 2.90 -13.50 30.41
N ASN A 84 4.10 -13.09 30.05
CA ASN A 84 4.31 -11.81 29.38
C ASN A 84 3.94 -11.89 27.91
N GLN A 85 3.68 -10.73 27.30
CA GLN A 85 3.32 -10.69 25.88
C GLN A 85 3.80 -9.39 25.25
N GLU A 86 4.74 -9.51 24.32
CA GLU A 86 5.31 -8.35 23.63
C GLU A 86 5.21 -8.52 22.12
N ILE A 87 5.48 -7.44 21.39
CA ILE A 87 5.43 -7.47 19.94
C ILE A 87 6.49 -8.40 19.37
N CYS A 88 6.19 -8.99 18.22
CA CYS A 88 7.12 -9.92 17.57
C CYS A 88 7.77 -9.26 16.34
N LEU A 89 7.85 -7.93 16.35
CA LEU A 89 8.43 -7.19 15.25
C LEU A 89 7.69 -7.46 13.95
N LEU A 90 6.72 -6.59 13.64
CA LEU A 90 5.93 -6.74 12.42
C LEU A 90 6.39 -5.74 11.36
N LYS A 91 6.84 -4.58 11.80
CA LYS A 91 7.32 -3.55 10.89
C LYS A 91 6.23 -3.18 9.87
N ILE A 92 5.21 -2.46 10.33
CA ILE A 92 4.12 -2.05 9.46
C ILE A 92 4.18 -0.55 9.17
N SER A 93 4.81 0.20 10.07
CA SER A 93 4.93 1.64 9.93
C SER A 93 5.90 1.99 8.79
N SER A 94 7.06 1.32 8.79
CA SER A 94 8.07 1.55 7.78
C SER A 94 7.49 1.40 6.37
N GLY A 95 6.83 0.27 6.13
CA GLY A 95 6.23 0.02 4.83
C GLY A 95 5.15 1.03 4.49
N LEU A 96 4.22 1.24 5.43
CA LEU A 96 3.14 2.18 5.22
C LEU A 96 3.67 3.57 4.89
N LEU A 97 4.66 4.00 5.65
CA LEU A 97 5.27 5.32 5.44
C LEU A 97 5.88 5.43 4.05
N GLU A 98 6.67 4.43 3.68
CA GLU A 98 7.32 4.41 2.37
C GLU A 98 6.28 4.52 1.26
N TYR A 99 5.30 3.62 1.27
CA TYR A 99 4.25 3.62 0.26
C TYR A 99 3.58 4.98 0.17
N HIS A 100 3.21 5.54 1.31
CA HIS A 100 2.56 6.85 1.37
C HIS A 100 3.40 7.89 0.63
N SER A 101 4.69 7.95 0.95
CA SER A 101 5.60 8.90 0.34
C SER A 101 5.68 8.68 -1.18
N TYR A 102 5.61 7.41 -1.57
CA TYR A 102 5.68 7.07 -2.99
C TYR A 102 4.49 7.63 -3.75
N LEU A 103 3.29 7.15 -3.42
CA LEU A 103 2.07 7.61 -4.06
C LEU A 103 1.96 9.13 -4.01
N GLU A 104 2.38 9.71 -2.89
CA GLU A 104 2.32 11.16 -2.71
C GLU A 104 3.29 11.86 -3.67
N TYR A 105 4.45 11.25 -3.87
CA TYR A 105 5.46 11.82 -4.76
C TYR A 105 5.00 11.76 -6.21
N MET A 106 4.32 10.68 -6.57
CA MET A 106 3.82 10.51 -7.92
C MET A 106 2.60 11.39 -8.17
N LYS A 107 1.75 11.53 -7.16
CA LYS A 107 0.55 12.36 -7.27
C LYS A 107 0.92 13.80 -7.60
N ASN A 108 2.13 14.20 -7.22
CA ASN A 108 2.58 15.57 -7.48
C ASN A 108 2.61 15.86 -8.97
N ASN A 109 3.05 14.88 -9.76
CA ASN A 109 3.12 15.03 -11.20
C ASN A 109 2.46 13.85 -11.91
N LEU A 110 1.20 14.05 -12.32
CA LEU A 110 0.45 13.00 -13.02
C LEU A 110 -0.50 13.60 -14.04
N LYS A 111 -1.19 12.73 -14.78
CA LYS A 111 -2.14 13.17 -15.79
C LYS A 111 -3.48 13.52 -15.16
N ASP A 112 -4.46 13.86 -16.01
CA ASP A 112 -5.79 14.21 -15.53
C ASP A 112 -6.43 13.04 -14.81
N ASN A 113 -6.44 11.88 -15.45
CA ASN A 113 -7.02 10.68 -14.86
C ASN A 113 -6.20 10.20 -13.67
N LYS A 114 -4.89 10.07 -13.88
CA LYS A 114 -3.98 9.61 -12.84
C LYS A 114 -4.11 10.49 -11.59
N LYS A 115 -4.33 11.79 -11.81
CA LYS A 115 -4.47 12.74 -10.70
C LYS A 115 -5.75 12.46 -9.92
N ASP A 116 -6.86 12.33 -10.63
CA ASP A 116 -8.15 12.07 -10.01
C ASP A 116 -8.09 10.82 -9.14
N LYS A 117 -7.52 9.75 -9.69
CA LYS A 117 -7.40 8.49 -8.97
C LYS A 117 -6.37 8.60 -7.85
N ALA A 118 -5.26 9.25 -8.14
CA ALA A 118 -4.19 9.43 -7.15
C ALA A 118 -4.73 10.09 -5.89
N ARG A 119 -5.60 11.09 -6.07
CA ARG A 119 -6.18 11.80 -4.94
C ARG A 119 -6.86 10.85 -3.98
N VAL A 120 -7.61 9.89 -4.53
CA VAL A 120 -8.32 8.91 -3.72
C VAL A 120 -7.35 7.90 -3.12
N LEU A 121 -6.31 7.57 -3.86
CA LEU A 121 -5.30 6.61 -3.39
C LEU A 121 -4.52 7.18 -2.21
N GLN A 122 -4.01 8.39 -2.37
CA GLN A 122 -3.25 9.04 -1.30
C GLN A 122 -4.14 9.36 -0.11
N ARG A 123 -5.33 9.88 -0.38
CA ARG A 123 -6.27 10.23 0.68
C ARG A 123 -6.61 9.01 1.53
N ASP A 124 -7.04 7.93 0.87
CA ASP A 124 -7.39 6.71 1.56
C ASP A 124 -6.20 6.17 2.36
N THR A 125 -5.05 6.09 1.71
CA THR A 125 -3.83 5.59 2.35
C THR A 125 -3.55 6.33 3.65
N GLU A 126 -3.67 7.66 3.60
CA GLU A 126 -3.43 8.49 4.78
C GLU A 126 -4.49 8.23 5.84
N THR A 127 -5.71 7.98 5.42
CA THR A 127 -6.82 7.71 6.34
C THR A 127 -6.61 6.39 7.07
N LEU A 128 -6.46 5.31 6.31
CA LEU A 128 -6.26 3.99 6.89
C LEU A 128 -4.98 3.96 7.74
N ILE A 129 -3.96 4.66 7.27
CA ILE A 129 -2.68 4.71 7.98
C ILE A 129 -2.81 5.51 9.28
N HIS A 130 -3.62 6.57 9.25
CA HIS A 130 -3.83 7.41 10.42
C HIS A 130 -4.58 6.65 11.50
N ILE A 131 -5.62 5.92 11.12
CA ILE A 131 -6.41 5.15 12.06
C ILE A 131 -5.60 3.99 12.64
N PHE A 132 -5.00 3.19 11.76
CA PHE A 132 -4.20 2.06 12.18
C PHE A 132 -3.05 2.50 13.08
N ASN A 133 -2.30 3.50 12.63
CA ASN A 133 -1.17 4.03 13.39
C ASN A 133 -1.64 4.59 14.73
N GLN A 134 -2.78 5.29 14.71
CA GLN A 134 -3.32 5.88 15.93
C GLN A 134 -3.60 4.80 16.97
N GLU A 135 -4.25 3.72 16.55
CA GLU A 135 -4.59 2.63 17.45
C GLU A 135 -3.31 1.98 18.01
N VAL A 136 -2.41 1.60 17.12
CA VAL A 136 -1.16 0.98 17.52
C VAL A 136 -0.36 1.89 18.44
N LYS A 137 -0.33 3.17 18.11
CA LYS A 137 0.40 4.15 18.91
C LYS A 137 -0.27 4.35 20.27
N ASP A 138 -1.60 4.34 20.28
CA ASP A 138 -2.36 4.52 21.51
C ASP A 138 -2.12 3.35 22.46
N LEU A 139 -2.01 2.15 21.91
CA LEU A 139 -1.79 0.96 22.71
C LEU A 139 -0.61 1.15 23.66
N HIS A 140 0.41 1.86 23.20
CA HIS A 140 1.59 2.13 24.00
C HIS A 140 2.43 3.24 23.39
N LYS A 141 3.18 2.91 22.35
CA LYS A 141 4.03 3.88 21.67
C LYS A 141 4.81 3.23 20.53
N ILE A 142 5.07 3.99 19.48
CA ILE A 142 5.81 3.48 18.33
C ILE A 142 6.01 4.58 17.29
N VAL A 143 7.28 4.83 16.95
CA VAL A 143 7.61 5.86 15.97
C VAL A 143 8.97 5.57 15.32
N LEU A 144 9.05 5.80 14.01
CA LEU A 144 10.29 5.58 13.28
C LEU A 144 10.15 6.02 11.83
N PRO A 145 10.38 7.33 11.59
CA PRO A 145 10.29 7.91 10.25
C PRO A 145 11.41 7.44 9.34
N THR A 146 12.56 8.10 9.42
CA THR A 146 13.71 7.76 8.61
C THR A 146 13.32 7.57 7.15
N PRO A 147 12.92 8.67 6.50
CA PRO A 147 12.50 8.66 5.09
C PRO A 147 13.67 8.41 4.15
N ILE A 148 13.50 7.46 3.24
CA ILE A 148 14.54 7.12 2.27
C ILE A 148 13.99 7.09 0.85
N SER A 149 12.78 6.56 0.71
CA SER A 149 12.13 6.47 -0.59
C SER A 149 12.17 7.81 -1.32
N ASN A 150 11.80 8.86 -0.60
CA ASN A 150 11.79 10.21 -1.18
C ASN A 150 13.15 10.55 -1.77
N ALA A 151 14.22 10.12 -1.12
CA ALA A 151 15.57 10.38 -1.58
C ALA A 151 15.84 9.65 -2.89
N LEU A 152 15.41 8.39 -2.97
CA LEU A 152 15.60 7.59 -4.17
C LEU A 152 14.91 8.21 -5.37
N LEU A 153 13.62 8.50 -5.22
CA LEU A 153 12.84 9.10 -6.29
C LEU A 153 13.43 10.45 -6.71
N THR A 154 13.62 11.33 -5.73
CA THR A 154 14.18 12.66 -6.00
C THR A 154 15.57 12.55 -6.61
N ASP A 155 16.31 11.52 -6.23
CA ASP A 155 17.66 11.30 -6.74
C ASP A 155 17.62 11.03 -8.25
N LYS A 156 16.61 10.30 -8.69
CA LYS A 156 16.47 9.96 -10.10
C LYS A 156 17.66 9.17 -10.60
N LEU A 157 17.64 7.86 -10.35
CA LEU A 157 18.73 6.98 -10.78
C LEU A 157 18.78 6.88 -12.31
N GLU A 158 17.70 6.38 -12.89
CA GLU A 158 17.61 6.22 -14.34
C GLU A 158 16.86 7.39 -14.97
N SER A 159 17.39 7.93 -16.06
CA SER A 159 16.77 9.05 -16.75
C SER A 159 17.30 9.17 -18.17
N GLN A 160 16.40 9.34 -19.13
CA GLN A 160 16.78 9.47 -20.52
C GLN A 160 15.80 10.36 -21.27
N LYS A 161 14.59 9.85 -21.50
CA LYS A 161 13.56 10.61 -22.21
C LYS A 161 12.17 10.17 -21.76
N GLU A 162 11.89 8.88 -21.86
CA GLU A 162 10.60 8.34 -21.46
C GLU A 162 10.65 6.82 -21.32
N TRP A 163 9.53 6.23 -20.94
CA TRP A 163 9.46 4.78 -20.76
C TRP A 163 10.56 4.29 -19.83
N LEU A 164 10.31 4.38 -18.53
CA LEU A 164 11.29 3.94 -17.54
C LEU A 164 10.72 4.04 -16.13
N ARG A 165 10.00 5.14 -15.87
CA ARG A 165 9.40 5.36 -14.56
C ARG A 165 8.35 4.29 -14.26
N THR A 166 7.71 3.79 -15.30
CA THR A 166 6.68 2.77 -15.15
C THR A 166 7.18 1.62 -14.29
N LYS A 167 8.48 1.41 -14.28
CA LYS A 167 9.09 0.34 -13.49
C LYS A 167 9.00 0.64 -12.00
N THR A 168 9.73 1.65 -11.55
CA THR A 168 9.71 2.04 -10.15
C THR A 168 8.29 2.17 -9.62
N ILE A 169 7.43 2.80 -10.40
CA ILE A 169 6.04 2.98 -10.02
C ILE A 169 5.32 1.64 -9.87
N GLN A 170 5.42 0.80 -10.90
CA GLN A 170 4.79 -0.50 -10.89
C GLN A 170 5.25 -1.32 -9.68
N PHE A 171 6.49 -1.10 -9.26
CA PHE A 171 7.06 -1.81 -8.12
C PHE A 171 6.43 -1.34 -6.82
N ILE A 172 6.48 -0.03 -6.57
CA ILE A 172 5.91 0.54 -5.36
C ILE A 172 4.40 0.32 -5.31
N LEU A 173 3.76 0.37 -6.47
CA LEU A 173 2.32 0.17 -6.56
C LEU A 173 1.94 -1.26 -6.21
N LYS A 174 2.57 -2.22 -6.89
CA LYS A 174 2.32 -3.63 -6.65
C LYS A 174 2.59 -4.00 -5.20
N SER A 175 3.72 -3.55 -4.68
CA SER A 175 4.10 -3.83 -3.29
C SER A 175 3.06 -3.27 -2.32
N LEU A 176 2.73 -1.99 -2.48
CA LEU A 176 1.75 -1.34 -1.62
C LEU A 176 0.45 -2.14 -1.58
N GLU A 177 -0.14 -2.37 -2.75
CA GLU A 177 -1.38 -3.11 -2.84
C GLU A 177 -1.28 -4.45 -2.11
N GLU A 178 -0.24 -5.22 -2.44
CA GLU A 178 -0.02 -6.51 -1.81
C GLU A 178 0.07 -6.38 -0.29
N PHE A 179 0.72 -5.30 0.16
CA PHE A 179 0.88 -5.07 1.59
C PHE A 179 -0.45 -4.72 2.24
N LEU A 180 -1.33 -4.09 1.46
CA LEU A 180 -2.65 -3.70 1.96
C LEU A 180 -3.54 -4.92 2.14
N LYS A 181 -3.58 -5.78 1.12
CA LYS A 181 -4.40 -6.99 1.17
C LYS A 181 -3.92 -7.92 2.27
N VAL A 182 -2.61 -8.11 2.37
CA VAL A 182 -2.02 -8.98 3.38
C VAL A 182 -2.22 -8.39 4.78
N THR A 183 -2.13 -7.06 4.87
CA THR A 183 -2.29 -6.39 6.16
C THR A 183 -3.74 -6.41 6.61
N LEU A 184 -4.66 -6.33 5.65
CA LEU A 184 -6.09 -6.35 5.95
C LEU A 184 -6.54 -7.73 6.39
N ARG A 185 -6.05 -8.76 5.71
CA ARG A 185 -6.40 -10.13 6.02
C ARG A 185 -5.67 -10.60 7.29
N SER A 186 -4.47 -10.08 7.51
CA SER A 186 -3.68 -10.45 8.67
C SER A 186 -4.28 -9.84 9.93
N THR A 187 -4.51 -8.53 9.90
CA THR A 187 -5.07 -7.83 11.05
C THR A 187 -6.48 -8.30 11.35
N ARG A 188 -7.15 -8.84 10.34
CA ARG A 188 -8.51 -9.34 10.50
C ARG A 188 -8.50 -10.72 11.16
N GLN A 189 -8.47 -10.75 12.48
CA GLN A 189 -8.46 -12.00 13.22
C GLN A 189 -9.73 -12.17 14.04
N THR A 190 -10.41 -11.06 14.30
CA THR A 190 -11.65 -11.07 15.07
C THR A 190 -12.83 -11.43 14.19
N SER A 7 -1.89 -9.42 -7.58
CA SER A 7 -2.65 -10.66 -7.60
C SER A 7 -2.91 -11.13 -9.03
N GLN A 8 -3.51 -12.30 -9.17
CA GLN A 8 -3.80 -12.87 -10.48
C GLN A 8 -5.29 -12.77 -10.79
N VAL A 9 -5.83 -11.57 -10.74
CA VAL A 9 -7.25 -11.34 -11.01
C VAL A 9 -7.45 -10.64 -12.35
N ARG A 10 -8.47 -11.05 -13.09
CA ARG A 10 -8.78 -10.46 -14.38
C ARG A 10 -10.08 -9.66 -14.33
N ARG A 11 -10.04 -8.46 -14.89
CA ARG A 11 -11.22 -7.59 -14.92
C ARG A 11 -11.74 -7.35 -13.50
N GLY A 12 -12.83 -6.60 -13.39
CA GLY A 12 -13.40 -6.31 -12.10
C GLY A 12 -14.88 -6.00 -12.18
N ASP A 13 -15.28 -5.24 -13.18
CA ASP A 13 -16.67 -4.88 -13.37
C ASP A 13 -17.25 -4.26 -12.10
N PHE A 14 -16.94 -2.98 -11.88
CA PHE A 14 -17.43 -2.26 -10.71
C PHE A 14 -17.60 -0.77 -11.00
N THR A 15 -18.36 -0.09 -10.15
CA THR A 15 -18.60 1.34 -10.32
C THR A 15 -18.09 2.13 -9.11
N GLU A 16 -18.34 1.60 -7.92
CA GLU A 16 -17.92 2.26 -6.69
C GLU A 16 -18.52 3.66 -6.58
N ASP A 17 -18.20 4.35 -5.50
CA ASP A 17 -18.70 5.70 -5.28
C ASP A 17 -17.95 6.39 -4.15
N THR A 18 -16.68 6.01 -3.97
CA THR A 18 -15.85 6.58 -2.92
C THR A 18 -16.53 6.49 -1.56
N THR A 19 -15.91 7.09 -0.56
CA THR A 19 -16.46 7.08 0.80
C THR A 19 -16.89 8.46 1.24
N PRO A 20 -17.77 8.51 2.25
CA PRO A 20 -18.30 9.78 2.78
C PRO A 20 -17.23 10.57 3.54
N ASN A 21 -17.66 11.62 4.20
CA ASN A 21 -16.75 12.47 4.97
C ASN A 21 -17.00 12.33 6.46
N ARG A 22 -17.37 11.13 6.88
CA ARG A 22 -17.64 10.86 8.29
C ARG A 22 -16.66 9.84 8.85
N PRO A 23 -15.41 10.29 9.08
CA PRO A 23 -14.35 9.43 9.62
C PRO A 23 -14.58 9.07 11.08
N VAL A 24 -15.45 8.10 11.30
CA VAL A 24 -15.76 7.65 12.66
C VAL A 24 -14.71 6.67 13.18
N TYR A 25 -13.81 6.26 12.29
CA TYR A 25 -12.75 5.33 12.65
C TYR A 25 -13.33 3.98 13.05
N THR A 26 -14.52 3.68 12.55
CA THR A 26 -15.19 2.42 12.86
C THR A 26 -14.76 1.32 11.90
N THR A 27 -14.99 0.07 12.30
CA THR A 27 -14.62 -1.07 11.47
C THR A 27 -15.18 -0.93 10.06
N SER A 28 -16.46 -0.56 9.96
CA SER A 28 -17.11 -0.39 8.67
C SER A 28 -16.29 0.53 7.77
N GLN A 29 -15.93 1.70 8.29
CA GLN A 29 -15.15 2.67 7.53
C GLN A 29 -13.80 2.08 7.12
N VAL A 30 -13.20 1.31 8.02
CA VAL A 30 -11.91 0.69 7.76
C VAL A 30 -12.00 -0.29 6.59
N GLY A 31 -12.94 -1.24 6.69
CA GLY A 31 -13.11 -2.22 5.63
C GLY A 31 -13.38 -1.58 4.29
N GLY A 32 -14.37 -0.70 4.24
CA GLY A 32 -14.71 -0.02 3.00
C GLY A 32 -13.55 0.77 2.43
N LEU A 33 -12.80 1.42 3.31
CA LEU A 33 -11.65 2.22 2.88
C LEU A 33 -10.55 1.33 2.30
N ILE A 34 -10.37 0.15 2.89
CA ILE A 34 -9.35 -0.79 2.43
C ILE A 34 -9.67 -1.29 1.03
N THR A 35 -10.90 -1.78 0.86
CA THR A 35 -11.34 -2.30 -0.44
C THR A 35 -11.31 -1.22 -1.51
N HIS A 36 -11.70 0.00 -1.12
CA HIS A 36 -11.72 1.13 -2.05
C HIS A 36 -10.30 1.45 -2.54
N VAL A 37 -9.40 1.69 -1.60
CA VAL A 37 -8.02 2.01 -1.93
C VAL A 37 -7.36 0.86 -2.70
N LEU A 38 -7.77 -0.36 -2.40
CA LEU A 38 -7.23 -1.55 -3.05
C LEU A 38 -7.58 -1.56 -4.54
N TRP A 39 -8.85 -1.32 -4.84
CA TRP A 39 -9.32 -1.30 -6.21
C TRP A 39 -8.69 -0.15 -6.99
N GLU A 40 -8.60 1.01 -6.35
CA GLU A 40 -8.03 2.19 -6.98
C GLU A 40 -6.57 1.94 -7.35
N ILE A 41 -5.80 1.41 -6.41
CA ILE A 41 -4.39 1.13 -6.64
C ILE A 41 -4.21 0.12 -7.77
N VAL A 42 -4.93 -0.99 -7.69
CA VAL A 42 -4.86 -2.02 -8.71
C VAL A 42 -5.10 -1.46 -10.10
N GLU A 43 -6.27 -0.84 -10.29
CA GLU A 43 -6.61 -0.25 -11.58
C GLU A 43 -5.53 0.73 -12.03
N MET A 44 -5.07 1.57 -11.12
CA MET A 44 -4.04 2.54 -11.43
C MET A 44 -2.75 1.86 -11.88
N ARG A 45 -2.50 0.67 -11.33
CA ARG A 45 -1.31 -0.09 -11.66
C ARG A 45 -1.40 -0.66 -13.07
N LYS A 46 -2.52 -1.33 -13.36
CA LYS A 46 -2.74 -1.92 -14.68
C LYS A 46 -2.91 -0.84 -15.73
N GLU A 47 -3.43 0.32 -15.32
CA GLU A 47 -3.66 1.43 -16.24
C GLU A 47 -2.37 1.79 -16.97
N LEU A 48 -1.26 1.76 -16.25
CA LEU A 48 0.05 2.09 -16.83
C LEU A 48 0.32 1.23 -18.06
N CYS A 49 -0.18 0.01 -18.05
CA CYS A 49 0.02 -0.92 -19.15
C CYS A 49 -1.18 -0.89 -20.10
N ASN A 50 -1.72 0.30 -20.35
CA ASN A 50 -2.86 0.46 -21.23
C ASN A 50 -4.03 -0.40 -20.78
N GLY A 51 -4.09 -0.68 -19.47
CA GLY A 51 -5.15 -1.49 -18.93
C GLY A 51 -4.99 -2.96 -19.29
N ASN A 52 -3.76 -3.45 -19.23
CA ASN A 52 -3.48 -4.85 -19.56
C ASN A 52 -3.35 -5.69 -18.29
N SER A 53 -4.31 -6.57 -18.07
CA SER A 53 -4.32 -7.43 -16.89
C SER A 53 -3.13 -8.38 -16.91
N ASP A 54 -2.67 -8.73 -18.11
CA ASP A 54 -1.55 -9.62 -18.28
C ASP A 54 -0.25 -8.96 -17.84
N CYS A 55 -0.21 -7.64 -17.91
CA CYS A 55 0.97 -6.88 -17.52
C CYS A 55 1.23 -7.02 -16.02
N MET A 56 0.15 -7.18 -15.25
CA MET A 56 0.26 -7.31 -13.80
C MET A 56 1.06 -8.56 -13.44
N ASN A 57 0.97 -9.58 -14.27
CA ASN A 57 1.69 -10.83 -14.04
C ASN A 57 2.59 -11.17 -15.21
N ASN A 58 3.08 -10.13 -15.89
CA ASN A 58 3.96 -10.32 -17.04
C ASN A 58 5.41 -10.43 -16.60
N ASP A 59 5.97 -9.33 -16.12
CA ASP A 59 7.36 -9.31 -15.66
C ASP A 59 7.42 -9.40 -14.15
N ASP A 60 6.42 -10.04 -13.55
CA ASP A 60 6.36 -10.20 -12.11
C ASP A 60 7.24 -11.36 -11.66
N ALA A 61 7.45 -12.32 -12.55
CA ALA A 61 8.26 -13.49 -12.24
C ALA A 61 9.64 -13.08 -11.70
N LEU A 62 10.42 -12.43 -12.56
CA LEU A 62 11.75 -11.99 -12.18
C LEU A 62 11.69 -10.99 -11.03
N ALA A 63 10.70 -10.11 -11.08
CA ALA A 63 10.52 -9.10 -10.03
C ALA A 63 10.33 -9.76 -8.67
N GLU A 64 9.71 -10.93 -8.66
CA GLU A 64 9.46 -11.65 -7.42
C GLU A 64 10.75 -11.85 -6.65
N ASN A 65 11.87 -11.91 -7.37
CA ASN A 65 13.17 -12.10 -6.75
C ASN A 65 14.03 -10.84 -6.88
N ASN A 66 13.37 -9.69 -6.92
CA ASN A 66 14.07 -8.41 -7.04
C ASN A 66 13.38 -7.34 -6.22
N LEU A 67 12.70 -7.75 -5.15
CA LEU A 67 11.99 -6.83 -4.28
C LEU A 67 12.64 -6.79 -2.90
N LYS A 68 12.81 -5.59 -2.36
CA LYS A 68 13.41 -5.42 -1.04
C LYS A 68 12.66 -4.36 -0.24
N LEU A 69 11.38 -4.16 -0.56
CA LEU A 69 10.55 -3.18 0.12
C LEU A 69 10.01 -3.75 1.43
N PRO A 70 9.58 -2.86 2.33
CA PRO A 70 9.02 -3.26 3.63
C PRO A 70 7.65 -3.92 3.50
N GLU A 71 7.55 -5.15 3.98
CA GLU A 71 6.29 -5.89 3.91
C GLU A 71 6.15 -6.83 5.10
N ILE A 72 4.92 -7.26 5.37
CA ILE A 72 4.65 -8.15 6.48
C ILE A 72 4.96 -9.60 6.10
N GLN A 73 5.96 -10.17 6.79
CA GLN A 73 6.37 -11.54 6.53
C GLN A 73 5.68 -12.51 7.49
N ARG A 74 6.03 -12.42 8.77
CA ARG A 74 5.45 -13.29 9.78
C ARG A 74 4.71 -12.47 10.83
N ASN A 75 3.97 -13.15 11.71
CA ASN A 75 3.22 -12.49 12.76
C ASN A 75 4.14 -11.93 13.83
N ASP A 76 3.56 -11.28 14.83
CA ASP A 76 4.33 -10.70 15.93
C ASP A 76 4.30 -11.60 17.15
N GLY A 77 3.09 -11.78 17.70
CA GLY A 77 2.93 -12.62 18.88
C GLY A 77 3.71 -12.09 20.07
N CYS A 78 3.13 -11.14 20.79
CA CYS A 78 3.77 -10.56 21.96
C CYS A 78 2.81 -9.66 22.73
N TYR A 79 1.83 -10.29 23.39
CA TYR A 79 0.84 -9.55 24.15
C TYR A 79 0.12 -10.47 25.14
N GLN A 80 0.56 -10.45 26.39
CA GLN A 80 -0.05 -11.28 27.43
C GLN A 80 0.27 -12.75 27.19
N THR A 81 -0.41 -13.34 26.22
CA THR A 81 -0.20 -14.75 25.90
C THR A 81 -0.49 -15.03 24.43
N GLY A 82 0.49 -14.76 23.57
CA GLY A 82 0.32 -14.99 22.15
C GLY A 82 1.12 -16.18 21.65
N TYR A 83 1.22 -17.21 22.47
CA TYR A 83 1.97 -18.40 22.11
C TYR A 83 3.41 -18.06 21.73
N ASN A 84 3.96 -17.04 22.39
CA ASN A 84 5.32 -16.61 22.13
C ASN A 84 5.81 -15.65 23.21
N GLN A 85 7.12 -15.63 23.44
CA GLN A 85 7.71 -14.76 24.43
C GLN A 85 8.64 -13.73 23.79
N GLU A 86 9.19 -14.09 22.63
CA GLU A 86 10.09 -13.19 21.92
C GLU A 86 9.46 -12.74 20.61
N ILE A 87 10.26 -12.03 19.79
CA ILE A 87 9.78 -11.55 18.51
C ILE A 87 8.62 -10.56 18.68
N CYS A 88 8.92 -9.27 18.52
CA CYS A 88 7.91 -8.23 18.66
C CYS A 88 8.33 -6.97 17.92
N LEU A 89 8.57 -7.10 16.62
CA LEU A 89 8.98 -5.97 15.79
C LEU A 89 7.81 -5.01 15.58
N LEU A 90 8.02 -4.02 14.70
CA LEU A 90 6.99 -3.04 14.41
C LEU A 90 6.50 -3.18 12.97
N LYS A 91 7.32 -2.75 12.01
CA LYS A 91 6.98 -2.84 10.60
C LYS A 91 5.62 -2.21 10.34
N ILE A 92 5.11 -2.39 9.13
CA ILE A 92 3.82 -1.84 8.74
C ILE A 92 3.90 -0.32 8.60
N SER A 93 4.07 0.37 9.71
CA SER A 93 4.15 1.82 9.70
C SER A 93 5.17 2.31 8.68
N SER A 94 6.37 1.73 8.73
CA SER A 94 7.44 2.10 7.81
C SER A 94 6.96 1.97 6.35
N GLY A 95 6.43 0.81 6.01
CA GLY A 95 5.94 0.58 4.66
C GLY A 95 4.84 1.54 4.27
N LEU A 96 3.84 1.67 5.14
CA LEU A 96 2.72 2.57 4.87
C LEU A 96 3.22 3.98 4.52
N LEU A 97 4.11 4.50 5.34
CA LEU A 97 4.66 5.84 5.12
C LEU A 97 5.38 5.91 3.78
N GLU A 98 6.25 4.93 3.53
CA GLU A 98 7.00 4.89 2.29
C GLU A 98 6.07 4.92 1.08
N TYR A 99 5.10 4.01 1.07
CA TYR A 99 4.14 3.92 -0.03
C TYR A 99 3.41 5.25 -0.21
N HIS A 100 2.93 5.82 0.89
CA HIS A 100 2.22 7.09 0.85
C HIS A 100 3.05 8.16 0.16
N SER A 101 4.32 8.28 0.57
CA SER A 101 5.22 9.26 -0.01
C SER A 101 5.44 8.99 -1.50
N TYR A 102 5.51 7.72 -1.86
CA TYR A 102 5.73 7.32 -3.25
C TYR A 102 4.57 7.81 -4.12
N LEU A 103 3.39 7.27 -3.87
CA LEU A 103 2.20 7.64 -4.63
C LEU A 103 1.99 9.15 -4.63
N GLU A 104 2.23 9.76 -3.48
CA GLU A 104 2.07 11.20 -3.33
C GLU A 104 3.09 11.96 -4.17
N TYR A 105 4.29 11.40 -4.26
CA TYR A 105 5.37 12.02 -5.03
C TYR A 105 5.04 12.01 -6.52
N MET A 106 4.70 10.83 -7.04
CA MET A 106 4.37 10.69 -8.45
C MET A 106 3.02 11.34 -8.75
N LYS A 107 2.17 11.43 -7.75
CA LYS A 107 0.84 12.02 -7.90
C LYS A 107 0.96 13.40 -8.54
N ASN A 108 1.90 14.21 -8.06
CA ASN A 108 2.10 15.55 -8.59
C ASN A 108 2.44 15.51 -10.08
N ASN A 109 3.22 14.49 -10.47
CA ASN A 109 3.61 14.34 -11.87
C ASN A 109 2.86 13.18 -12.52
N LEU A 110 1.61 13.43 -12.90
CA LEU A 110 0.79 12.41 -13.52
C LEU A 110 -0.20 13.03 -14.50
N LYS A 111 -0.98 12.19 -15.17
CA LYS A 111 -1.97 12.66 -16.13
C LYS A 111 -3.25 13.07 -15.42
N ASP A 112 -4.26 13.44 -16.20
CA ASP A 112 -5.54 13.87 -15.65
C ASP A 112 -6.18 12.74 -14.85
N ASN A 113 -6.29 11.57 -15.47
CA ASN A 113 -6.89 10.41 -14.81
C ASN A 113 -6.03 9.95 -13.63
N LYS A 114 -4.74 9.75 -13.89
CA LYS A 114 -3.81 9.31 -12.85
C LYS A 114 -3.84 10.25 -11.66
N LYS A 115 -4.00 11.54 -11.94
CA LYS A 115 -4.04 12.55 -10.89
C LYS A 115 -5.31 12.40 -10.04
N ASP A 116 -6.46 12.38 -10.71
CA ASP A 116 -7.74 12.24 -10.03
C ASP A 116 -7.73 11.04 -9.09
N LYS A 117 -7.25 9.91 -9.59
CA LYS A 117 -7.18 8.69 -8.81
C LYS A 117 -6.09 8.78 -7.74
N ALA A 118 -4.98 9.43 -8.10
CA ALA A 118 -3.86 9.58 -7.17
C ALA A 118 -4.31 10.25 -5.88
N ARG A 119 -5.08 11.32 -6.00
CA ARG A 119 -5.59 12.04 -4.84
C ARG A 119 -6.35 11.11 -3.91
N VAL A 120 -7.18 10.25 -4.49
CA VAL A 120 -7.97 9.30 -3.71
C VAL A 120 -7.07 8.26 -3.04
N LEU A 121 -6.00 7.88 -3.73
CA LEU A 121 -5.06 6.90 -3.21
C LEU A 121 -4.32 7.44 -1.99
N GLN A 122 -3.76 8.63 -2.12
CA GLN A 122 -3.02 9.26 -1.02
C GLN A 122 -3.94 9.52 0.16
N ARG A 123 -5.14 10.02 -0.13
CA ARG A 123 -6.11 10.31 0.92
C ARG A 123 -6.47 9.05 1.71
N ASP A 124 -6.85 8.00 0.97
CA ASP A 124 -7.23 6.74 1.60
C ASP A 124 -6.11 6.22 2.48
N THR A 125 -4.89 6.23 1.95
CA THR A 125 -3.72 5.75 2.69
C THR A 125 -3.55 6.51 4.00
N GLU A 126 -3.56 7.83 3.91
CA GLU A 126 -3.40 8.68 5.08
C GLU A 126 -4.48 8.37 6.13
N THR A 127 -5.69 8.08 5.64
CA THR A 127 -6.81 7.77 6.52
C THR A 127 -6.58 6.46 7.27
N LEU A 128 -6.34 5.40 6.51
CA LEU A 128 -6.10 4.08 7.09
C LEU A 128 -4.88 4.11 8.00
N ILE A 129 -3.92 4.96 7.68
CA ILE A 129 -2.70 5.08 8.46
C ILE A 129 -2.98 5.76 9.80
N HIS A 130 -3.75 6.84 9.77
CA HIS A 130 -4.09 7.57 10.98
C HIS A 130 -4.94 6.71 11.92
N ILE A 131 -5.87 5.96 11.35
CA ILE A 131 -6.75 5.09 12.13
C ILE A 131 -5.96 3.95 12.75
N PHE A 132 -5.18 3.25 11.92
CA PHE A 132 -4.38 2.13 12.39
C PHE A 132 -3.33 2.59 13.39
N ASN A 133 -2.63 3.67 13.05
CA ASN A 133 -1.59 4.22 13.91
C ASN A 133 -2.18 4.67 15.25
N GLN A 134 -3.35 5.29 15.19
CA GLN A 134 -4.01 5.77 16.39
C GLN A 134 -4.37 4.61 17.33
N GLU A 135 -5.07 3.63 16.79
CA GLU A 135 -5.47 2.46 17.57
C GLU A 135 -4.26 1.77 18.19
N VAL A 136 -3.26 1.47 17.36
CA VAL A 136 -2.05 0.82 17.83
C VAL A 136 -1.33 1.67 18.87
N LYS A 137 -1.18 2.96 18.57
CA LYS A 137 -0.50 3.88 19.47
C LYS A 137 -1.14 3.83 20.86
N ASP A 138 -2.46 3.84 20.90
CA ASP A 138 -3.19 3.79 22.16
C ASP A 138 -3.05 2.43 22.82
N LEU A 139 -3.00 1.39 22.00
CA LEU A 139 -2.86 0.02 22.49
C LEU A 139 -1.51 -0.19 23.16
N HIS A 140 -0.45 0.15 22.45
CA HIS A 140 0.91 0.00 22.98
C HIS A 140 1.76 1.22 22.64
N LYS A 141 2.18 1.31 21.39
CA LYS A 141 3.00 2.43 20.93
C LYS A 141 3.33 2.30 19.44
N ILE A 142 4.24 3.14 18.97
CA ILE A 142 4.64 3.11 17.57
C ILE A 142 5.79 4.08 17.31
N VAL A 143 6.67 3.72 16.39
CA VAL A 143 7.81 4.57 16.04
C VAL A 143 7.91 4.74 14.53
N LEU A 144 7.69 5.97 14.06
CA LEU A 144 7.77 6.28 12.64
C LEU A 144 7.57 7.77 12.40
N PRO A 145 8.68 8.53 12.46
CA PRO A 145 8.66 9.97 12.24
C PRO A 145 8.37 10.34 10.79
N THR A 146 9.09 9.71 9.87
CA THR A 146 8.91 9.96 8.44
C THR A 146 9.87 9.13 7.61
N PRO A 147 9.43 8.74 6.41
CA PRO A 147 10.24 7.94 5.48
C PRO A 147 11.41 8.72 4.91
N ILE A 148 12.32 8.01 4.25
CA ILE A 148 13.49 8.64 3.65
C ILE A 148 13.53 8.41 2.14
N SER A 149 12.98 7.27 1.72
CA SER A 149 12.95 6.93 0.30
C SER A 149 12.37 8.07 -0.53
N ASN A 150 11.33 8.70 -0.01
CA ASN A 150 10.68 9.82 -0.69
C ASN A 150 11.70 10.86 -1.12
N ALA A 151 12.54 11.28 -0.18
CA ALA A 151 13.57 12.28 -0.46
C ALA A 151 14.45 11.84 -1.63
N LEU A 152 14.94 10.61 -1.56
CA LEU A 152 15.80 10.07 -2.60
C LEU A 152 15.14 10.21 -3.97
N LEU A 153 13.93 9.67 -4.11
CA LEU A 153 13.19 9.73 -5.36
C LEU A 153 13.10 11.17 -5.86
N THR A 154 12.43 12.01 -5.09
CA THR A 154 12.27 13.41 -5.45
C THR A 154 13.60 14.05 -5.79
N ASP A 155 14.66 13.60 -5.11
CA ASP A 155 16.00 14.14 -5.35
C ASP A 155 16.51 13.74 -6.73
N LYS A 156 16.16 12.53 -7.16
CA LYS A 156 16.58 12.03 -8.46
C LYS A 156 16.18 13.01 -9.57
N LEU A 157 14.98 13.55 -9.47
CA LEU A 157 14.48 14.50 -10.46
C LEU A 157 15.44 15.67 -10.63
N GLU A 158 15.16 16.53 -11.61
CA GLU A 158 16.00 17.69 -11.86
C GLU A 158 17.41 17.27 -12.28
N SER A 159 17.52 16.69 -13.47
CA SER A 159 18.80 16.23 -13.98
C SER A 159 18.80 16.21 -15.50
N GLN A 160 19.93 15.81 -16.09
CA GLN A 160 20.07 15.74 -17.53
C GLN A 160 20.14 14.29 -18.02
N LYS A 161 19.46 13.41 -17.29
CA LYS A 161 19.44 11.99 -17.64
C LYS A 161 18.13 11.34 -17.20
N GLU A 162 17.37 10.85 -18.18
CA GLU A 162 16.09 10.20 -17.89
C GLU A 162 16.28 8.70 -17.73
N TRP A 163 15.31 8.06 -17.09
CA TRP A 163 15.36 6.61 -16.87
C TRP A 163 13.96 6.01 -16.88
N LEU A 164 13.89 4.68 -16.77
CA LEU A 164 12.61 3.99 -16.77
C LEU A 164 11.85 4.25 -15.47
N ARG A 165 10.83 5.09 -15.56
CA ARG A 165 10.02 5.42 -14.39
C ARG A 165 8.97 4.35 -14.13
N THR A 166 8.39 3.83 -15.20
CA THR A 166 7.37 2.80 -15.09
C THR A 166 7.85 1.64 -14.23
N LYS A 167 9.17 1.44 -14.18
CA LYS A 167 9.76 0.37 -13.40
C LYS A 167 9.62 0.64 -11.91
N THR A 168 10.35 1.64 -11.42
CA THR A 168 10.30 2.01 -10.01
C THR A 168 8.86 2.16 -9.53
N ILE A 169 8.03 2.82 -10.34
CA ILE A 169 6.63 3.02 -9.99
C ILE A 169 5.89 1.70 -9.88
N GLN A 170 6.10 0.82 -10.85
CA GLN A 170 5.46 -0.49 -10.85
C GLN A 170 5.87 -1.29 -9.62
N PHE A 171 7.09 -1.11 -9.17
CA PHE A 171 7.60 -1.82 -8.00
C PHE A 171 6.92 -1.32 -6.72
N ILE A 172 6.99 -0.02 -6.49
CA ILE A 172 6.38 0.57 -5.31
C ILE A 172 4.87 0.34 -5.29
N LEU A 173 4.26 0.38 -6.48
CA LEU A 173 2.82 0.17 -6.60
C LEU A 173 2.45 -1.27 -6.22
N LYS A 174 3.13 -2.23 -6.85
CA LYS A 174 2.87 -3.64 -6.59
C LYS A 174 3.03 -3.96 -5.10
N SER A 175 4.14 -3.51 -4.52
CA SER A 175 4.42 -3.75 -3.11
C SER A 175 3.35 -3.09 -2.23
N LEU A 176 2.97 -1.87 -2.59
CA LEU A 176 1.97 -1.13 -1.84
C LEU A 176 0.67 -1.92 -1.73
N GLU A 177 0.13 -2.32 -2.89
CA GLU A 177 -1.11 -3.09 -2.93
C GLU A 177 -0.97 -4.39 -2.14
N GLU A 178 0.04 -5.18 -2.48
CA GLU A 178 0.28 -6.44 -1.80
C GLU A 178 0.36 -6.24 -0.29
N PHE A 179 1.05 -5.18 0.13
CA PHE A 179 1.21 -4.89 1.54
C PHE A 179 -0.15 -4.65 2.20
N LEU A 180 -0.96 -3.78 1.59
CA LEU A 180 -2.27 -3.47 2.12
C LEU A 180 -3.11 -4.74 2.31
N LYS A 181 -3.13 -5.58 1.29
CA LYS A 181 -3.88 -6.84 1.34
C LYS A 181 -3.37 -7.72 2.47
N VAL A 182 -2.07 -7.95 2.48
CA VAL A 182 -1.45 -8.78 3.51
C VAL A 182 -1.75 -8.25 4.91
N THR A 183 -1.65 -6.93 5.07
CA THR A 183 -1.91 -6.29 6.35
C THR A 183 -3.34 -6.55 6.81
N LEU A 184 -4.29 -6.35 5.92
CA LEU A 184 -5.70 -6.57 6.24
C LEU A 184 -5.95 -8.01 6.68
N ARG A 185 -5.56 -8.95 5.83
CA ARG A 185 -5.73 -10.37 6.13
C ARG A 185 -4.95 -10.76 7.37
N SER A 186 -3.88 -10.02 7.64
CA SER A 186 -3.02 -10.29 8.80
C SER A 186 -3.71 -9.86 10.10
N THR A 187 -4.24 -8.65 10.09
CA THR A 187 -4.92 -8.10 11.26
C THR A 187 -6.24 -8.82 11.51
N ARG A 188 -6.81 -9.39 10.44
CA ARG A 188 -8.08 -10.11 10.54
C ARG A 188 -7.87 -11.48 11.18
N GLN A 189 -7.28 -12.39 10.42
CA GLN A 189 -7.02 -13.75 10.90
C GLN A 189 -6.32 -14.59 9.84
N THR A 190 -6.67 -14.34 8.58
CA THR A 190 -6.07 -15.08 7.47
C THR A 190 -5.02 -14.24 6.75
N SER A 7 -15.17 -24.96 6.64
CA SER A 7 -15.74 -25.17 5.31
C SER A 7 -15.31 -24.06 4.36
N GLN A 8 -15.32 -24.36 3.06
CA GLN A 8 -14.93 -23.39 2.05
C GLN A 8 -16.15 -22.65 1.51
N VAL A 9 -16.71 -21.79 2.34
CA VAL A 9 -17.88 -21.01 1.95
C VAL A 9 -17.60 -20.16 0.71
N ARG A 10 -18.56 -20.13 -0.21
CA ARG A 10 -18.40 -19.35 -1.44
C ARG A 10 -18.24 -17.87 -1.13
N ARG A 11 -17.05 -17.34 -1.41
CA ARG A 11 -16.75 -15.94 -1.16
C ARG A 11 -16.95 -15.11 -2.43
N GLY A 12 -16.80 -13.79 -2.29
CA GLY A 12 -16.97 -12.90 -3.43
C GLY A 12 -18.34 -12.26 -3.45
N ASP A 13 -18.92 -12.04 -2.28
CA ASP A 13 -20.23 -11.43 -2.17
C ASP A 13 -20.33 -10.59 -0.90
N PHE A 14 -21.40 -9.81 -0.80
CA PHE A 14 -21.62 -8.95 0.37
C PHE A 14 -23.00 -9.19 0.97
N THR A 15 -23.35 -8.39 1.97
CA THR A 15 -24.65 -8.51 2.63
C THR A 15 -25.45 -7.23 2.50
N GLU A 16 -24.75 -6.09 2.48
CA GLU A 16 -25.40 -4.79 2.36
C GLU A 16 -24.48 -3.79 1.68
N ASP A 17 -24.92 -2.53 1.62
CA ASP A 17 -24.14 -1.48 1.00
C ASP A 17 -24.63 -0.10 1.44
N THR A 18 -25.23 -0.05 2.63
CA THR A 18 -25.75 1.20 3.17
C THR A 18 -24.85 1.74 4.28
N THR A 19 -24.03 2.73 3.94
CA THR A 19 -23.13 3.33 4.92
C THR A 19 -23.13 4.85 4.80
N PRO A 20 -22.68 5.52 5.87
CA PRO A 20 -22.62 6.98 5.92
C PRO A 20 -21.54 7.55 5.00
N ASN A 21 -21.40 8.87 5.00
CA ASN A 21 -20.42 9.54 4.16
C ASN A 21 -19.38 10.27 5.02
N ARG A 22 -19.21 9.80 6.25
CA ARG A 22 -18.27 10.42 7.17
C ARG A 22 -17.35 9.36 7.79
N PRO A 23 -16.16 9.78 8.21
CA PRO A 23 -15.17 8.89 8.83
C PRO A 23 -15.60 8.41 10.21
N VAL A 24 -15.91 7.13 10.33
CA VAL A 24 -16.34 6.55 11.60
C VAL A 24 -15.16 5.89 12.33
N TYR A 25 -14.13 5.54 11.57
CA TYR A 25 -12.95 4.90 12.14
C TYR A 25 -13.30 3.54 12.73
N THR A 26 -14.40 2.96 12.26
CA THR A 26 -14.85 1.67 12.74
C THR A 26 -14.35 0.54 11.83
N THR A 27 -14.43 -0.69 12.33
CA THR A 27 -13.99 -1.85 11.56
C THR A 27 -14.60 -1.84 10.16
N SER A 28 -15.90 -1.60 10.09
CA SER A 28 -16.61 -1.57 8.82
C SER A 28 -15.95 -0.58 7.86
N GLN A 29 -15.75 0.64 8.33
CA GLN A 29 -15.14 1.68 7.52
C GLN A 29 -13.73 1.28 7.09
N VAL A 30 -13.02 0.61 7.99
CA VAL A 30 -11.66 0.17 7.70
C VAL A 30 -11.63 -0.84 6.55
N GLY A 31 -12.43 -1.90 6.68
CA GLY A 31 -12.47 -2.92 5.66
C GLY A 31 -12.89 -2.36 4.31
N GLY A 32 -14.01 -1.63 4.29
CA GLY A 32 -14.49 -1.05 3.05
C GLY A 32 -13.48 -0.12 2.41
N LEU A 33 -12.82 0.69 3.24
CA LEU A 33 -11.84 1.64 2.75
C LEU A 33 -10.64 0.92 2.13
N ILE A 34 -10.14 -0.10 2.83
CA ILE A 34 -9.01 -0.88 2.36
C ILE A 34 -9.31 -1.49 1.00
N THR A 35 -10.51 -2.03 0.84
CA THR A 35 -10.93 -2.65 -0.41
C THR A 35 -10.99 -1.62 -1.54
N HIS A 36 -11.56 -0.47 -1.24
CA HIS A 36 -11.69 0.60 -2.23
C HIS A 36 -10.32 1.02 -2.75
N VAL A 37 -9.44 1.39 -1.84
CA VAL A 37 -8.09 1.81 -2.21
C VAL A 37 -7.34 0.68 -2.92
N LEU A 38 -7.57 -0.54 -2.48
CA LEU A 38 -6.92 -1.71 -3.08
C LEU A 38 -7.24 -1.81 -4.56
N TRP A 39 -8.52 -1.68 -4.91
CA TRP A 39 -8.95 -1.77 -6.29
C TRP A 39 -8.42 -0.59 -7.09
N GLU A 40 -8.48 0.61 -6.50
CA GLU A 40 -8.01 1.81 -7.16
C GLU A 40 -6.52 1.70 -7.50
N ILE A 41 -5.74 1.19 -6.55
CA ILE A 41 -4.31 1.04 -6.74
C ILE A 41 -4.01 0.04 -7.85
N VAL A 42 -4.65 -1.13 -7.77
CA VAL A 42 -4.46 -2.18 -8.77
C VAL A 42 -4.71 -1.65 -10.18
N GLU A 43 -5.89 -1.07 -10.38
CA GLU A 43 -6.25 -0.52 -11.68
C GLU A 43 -5.27 0.56 -12.12
N MET A 44 -4.90 1.44 -11.18
CA MET A 44 -3.96 2.52 -11.47
C MET A 44 -2.60 1.95 -11.86
N ARG A 45 -2.25 0.81 -11.29
CA ARG A 45 -0.97 0.17 -11.56
C ARG A 45 -0.95 -0.40 -12.98
N LYS A 46 -1.97 -1.18 -13.31
CA LYS A 46 -2.07 -1.80 -14.63
C LYS A 46 -2.35 -0.74 -15.71
N GLU A 47 -3.01 0.34 -15.31
CA GLU A 47 -3.33 1.43 -16.22
C GLU A 47 -2.07 2.01 -16.84
N LEU A 48 -0.99 2.00 -16.08
CA LEU A 48 0.29 2.54 -16.55
C LEU A 48 0.72 1.85 -17.84
N CYS A 49 0.39 0.57 -17.96
CA CYS A 49 0.74 -0.20 -19.16
C CYS A 49 -0.43 -0.26 -20.13
N ASN A 50 -1.17 0.84 -20.23
CA ASN A 50 -2.32 0.91 -21.11
C ASN A 50 -3.40 -0.09 -20.71
N GLY A 51 -3.42 -0.43 -19.42
CA GLY A 51 -4.40 -1.37 -18.93
C GLY A 51 -4.22 -2.75 -19.50
N ASN A 52 -2.97 -3.15 -19.71
CA ASN A 52 -2.66 -4.47 -20.26
C ASN A 52 -2.47 -5.50 -19.15
N SER A 53 -3.41 -6.44 -19.07
CA SER A 53 -3.35 -7.48 -18.04
C SER A 53 -1.99 -8.17 -18.05
N ASP A 54 -1.37 -8.25 -19.23
CA ASP A 54 -0.07 -8.87 -19.37
C ASP A 54 0.96 -8.23 -18.44
N CYS A 55 0.94 -6.91 -18.37
CA CYS A 55 1.87 -6.17 -17.52
C CYS A 55 1.74 -6.62 -16.07
N MET A 56 0.56 -7.12 -15.72
CA MET A 56 0.32 -7.58 -14.35
C MET A 56 1.11 -8.86 -14.06
N ASN A 57 0.97 -9.85 -14.93
CA ASN A 57 1.67 -11.12 -14.78
C ASN A 57 2.74 -11.29 -15.84
N ASN A 58 3.49 -10.22 -16.10
CA ASN A 58 4.55 -10.25 -17.11
C ASN A 58 5.87 -10.68 -16.49
N ASP A 59 6.23 -10.06 -15.37
CA ASP A 59 7.47 -10.39 -14.68
C ASP A 59 7.23 -10.55 -13.18
N ASP A 60 6.01 -10.92 -12.82
CA ASP A 60 5.65 -11.11 -11.42
C ASP A 60 6.24 -12.40 -10.87
N ALA A 61 6.46 -13.36 -11.76
CA ALA A 61 7.02 -14.66 -11.36
C ALA A 61 8.36 -14.47 -10.66
N LEU A 62 9.04 -13.38 -10.97
CA LEU A 62 10.34 -13.09 -10.38
C LEU A 62 10.28 -11.81 -9.52
N ALA A 63 9.52 -10.83 -10.00
CA ALA A 63 9.37 -9.57 -9.27
C ALA A 63 8.82 -9.81 -7.87
N GLU A 64 7.89 -10.75 -7.76
CA GLU A 64 7.27 -11.06 -6.48
C GLU A 64 8.34 -11.38 -5.43
N ASN A 65 9.43 -11.98 -5.88
CA ASN A 65 10.53 -12.34 -4.99
C ASN A 65 11.80 -11.57 -5.33
N ASN A 66 11.62 -10.34 -5.79
CA ASN A 66 12.75 -9.49 -6.15
C ASN A 66 12.48 -8.03 -5.79
N LEU A 67 11.63 -7.83 -4.77
CA LEU A 67 11.29 -6.48 -4.33
C LEU A 67 12.18 -6.07 -3.15
N LYS A 68 12.69 -4.85 -3.20
CA LYS A 68 13.54 -4.32 -2.15
C LYS A 68 12.70 -3.75 -1.00
N LEU A 69 11.49 -3.32 -1.32
CA LEU A 69 10.59 -2.76 -0.32
C LEU A 69 10.17 -3.82 0.70
N PRO A 70 9.69 -3.36 1.86
CA PRO A 70 9.25 -4.26 2.94
C PRO A 70 7.97 -5.00 2.58
N GLU A 71 8.00 -6.32 2.69
CA GLU A 71 6.84 -7.15 2.38
C GLU A 71 6.63 -8.22 3.44
N ILE A 72 5.39 -8.38 3.88
CA ILE A 72 5.05 -9.38 4.90
C ILE A 72 4.99 -10.77 4.30
N GLN A 73 5.51 -11.75 5.04
CA GLN A 73 5.52 -13.13 4.58
C GLN A 73 4.32 -13.90 5.15
N ARG A 74 3.18 -13.23 5.25
CA ARG A 74 1.98 -13.84 5.78
C ARG A 74 2.24 -14.47 7.15
N ASN A 75 2.14 -13.66 8.20
CA ASN A 75 2.37 -14.12 9.56
C ASN A 75 1.24 -15.07 10.00
N ASP A 76 1.49 -15.81 11.08
CA ASP A 76 0.51 -16.73 11.61
C ASP A 76 -0.27 -16.11 12.76
N GLY A 77 0.37 -15.18 13.47
CA GLY A 77 -0.27 -14.51 14.58
C GLY A 77 0.67 -13.60 15.33
N CYS A 78 0.69 -12.32 14.93
CA CYS A 78 1.56 -11.34 15.56
C CYS A 78 0.80 -10.03 15.82
N TYR A 79 0.02 -10.01 16.90
CA TYR A 79 -0.75 -8.83 17.25
C TYR A 79 -1.27 -8.92 18.69
N GLN A 80 -2.19 -9.85 18.92
CA GLN A 80 -2.76 -10.04 20.25
C GLN A 80 -3.17 -11.49 20.46
N THR A 81 -2.38 -12.40 19.91
CA THR A 81 -2.66 -13.83 20.03
C THR A 81 -1.48 -14.67 19.55
N GLY A 82 -1.59 -15.99 19.69
CA GLY A 82 -0.53 -16.87 19.27
C GLY A 82 -0.34 -18.05 20.21
N TYR A 83 0.34 -19.09 19.73
CA TYR A 83 0.59 -20.27 20.53
C TYR A 83 2.07 -20.63 20.54
N ASN A 84 2.84 -19.92 21.35
CA ASN A 84 4.27 -20.16 21.44
C ASN A 84 4.95 -19.99 20.09
N GLN A 85 4.62 -18.90 19.40
CA GLN A 85 5.20 -18.63 18.09
C GLN A 85 6.22 -17.50 18.17
N GLU A 86 5.74 -16.29 18.38
CA GLU A 86 6.62 -15.12 18.47
C GLU A 86 7.52 -15.03 17.25
N ILE A 87 8.51 -14.13 17.32
CA ILE A 87 9.44 -13.94 16.23
C ILE A 87 8.73 -13.45 14.97
N CYS A 88 8.46 -12.16 14.91
CA CYS A 88 7.78 -11.57 13.76
C CYS A 88 8.48 -10.29 13.31
N LEU A 89 8.63 -9.35 14.23
CA LEU A 89 9.29 -8.08 13.92
C LEU A 89 8.43 -7.24 12.98
N LEU A 90 8.40 -7.63 11.71
CA LEU A 90 7.61 -6.90 10.72
C LEU A 90 7.96 -5.42 10.73
N LYS A 91 7.16 -4.64 10.00
CA LYS A 91 7.38 -3.20 9.93
C LYS A 91 6.05 -2.45 9.91
N ILE A 92 5.35 -2.53 8.79
CA ILE A 92 4.05 -1.87 8.65
C ILE A 92 4.22 -0.36 8.56
N SER A 93 4.62 0.26 9.66
CA SER A 93 4.81 1.70 9.71
C SER A 93 5.82 2.14 8.64
N SER A 94 6.96 1.48 8.61
CA SER A 94 8.01 1.80 7.64
C SER A 94 7.46 1.76 6.21
N GLY A 95 6.84 0.63 5.87
CA GLY A 95 6.27 0.48 4.54
C GLY A 95 5.19 1.50 4.24
N LEU A 96 4.26 1.66 5.17
CA LEU A 96 3.16 2.61 5.01
C LEU A 96 3.69 4.00 4.71
N LEU A 97 4.66 4.44 5.49
CA LEU A 97 5.26 5.77 5.30
C LEU A 97 5.91 5.88 3.93
N GLU A 98 6.73 4.89 3.59
CA GLU A 98 7.41 4.89 2.30
C GLU A 98 6.41 4.94 1.14
N TYR A 99 5.40 4.07 1.21
CA TYR A 99 4.37 4.01 0.17
C TYR A 99 3.70 5.37 0.00
N HIS A 100 3.25 5.94 1.11
CA HIS A 100 2.59 7.25 1.08
C HIS A 100 3.47 8.29 0.40
N SER A 101 4.75 8.30 0.75
CA SER A 101 5.69 9.25 0.18
C SER A 101 5.83 9.04 -1.33
N TYR A 102 5.81 7.78 -1.75
CA TYR A 102 5.94 7.44 -3.16
C TYR A 102 4.73 7.94 -3.94
N LEU A 103 3.56 7.40 -3.64
CA LEU A 103 2.33 7.79 -4.32
C LEU A 103 2.17 9.30 -4.31
N GLU A 104 2.51 9.92 -3.19
CA GLU A 104 2.40 11.38 -3.06
C GLU A 104 3.40 12.08 -3.97
N TYR A 105 4.59 11.51 -4.09
CA TYR A 105 5.64 12.08 -4.92
C TYR A 105 5.22 12.10 -6.39
N MET A 106 4.68 10.97 -6.86
CA MET A 106 4.23 10.86 -8.24
C MET A 106 2.92 11.60 -8.45
N LYS A 107 2.11 11.64 -7.40
CA LYS A 107 0.81 12.32 -7.47
C LYS A 107 0.99 13.83 -7.64
N ASN A 108 2.12 14.34 -7.15
CA ASN A 108 2.41 15.76 -7.25
C ASN A 108 2.46 16.21 -8.70
N ASN A 109 2.91 15.31 -9.58
CA ASN A 109 3.00 15.62 -11.00
C ASN A 109 2.48 14.46 -11.84
N LEU A 110 1.21 14.54 -12.23
CA LEU A 110 0.59 13.50 -13.04
C LEU A 110 -0.41 14.10 -14.01
N LYS A 111 -1.01 13.25 -14.84
CA LYS A 111 -2.00 13.68 -15.81
C LYS A 111 -3.33 13.99 -15.14
N ASP A 112 -4.33 14.32 -15.96
CA ASP A 112 -5.66 14.64 -15.44
C ASP A 112 -6.27 13.43 -14.75
N ASN A 113 -6.29 12.30 -15.45
CA ASN A 113 -6.85 11.07 -14.90
C ASN A 113 -6.00 10.55 -13.74
N LYS A 114 -4.70 10.45 -13.97
CA LYS A 114 -3.78 9.96 -12.95
C LYS A 114 -3.90 10.79 -11.67
N LYS A 115 -4.17 12.09 -11.84
CA LYS A 115 -4.32 12.98 -10.70
C LYS A 115 -5.59 12.69 -9.94
N ASP A 116 -6.71 12.58 -10.66
CA ASP A 116 -7.99 12.30 -10.04
C ASP A 116 -7.95 11.03 -9.21
N LYS A 117 -7.36 9.98 -9.79
CA LYS A 117 -7.23 8.70 -9.10
C LYS A 117 -6.21 8.78 -7.97
N ALA A 118 -5.09 9.45 -8.24
CA ALA A 118 -4.04 9.61 -7.24
C ALA A 118 -4.59 10.21 -5.95
N ARG A 119 -5.45 11.21 -6.09
CA ARG A 119 -6.05 11.88 -4.94
C ARG A 119 -6.75 10.88 -4.03
N VAL A 120 -7.45 9.93 -4.64
CA VAL A 120 -8.17 8.90 -3.89
C VAL A 120 -7.21 7.90 -3.27
N LEU A 121 -6.14 7.58 -4.00
CA LEU A 121 -5.14 6.63 -3.52
C LEU A 121 -4.39 7.20 -2.32
N GLN A 122 -3.88 8.42 -2.46
CA GLN A 122 -3.14 9.06 -1.39
C GLN A 122 -4.04 9.33 -0.18
N ARG A 123 -5.25 9.82 -0.46
CA ARG A 123 -6.20 10.12 0.61
C ARG A 123 -6.52 8.86 1.43
N ASP A 124 -6.89 7.80 0.74
CA ASP A 124 -7.22 6.54 1.40
C ASP A 124 -6.04 6.04 2.23
N THR A 125 -4.87 6.04 1.63
CA THR A 125 -3.65 5.59 2.31
C THR A 125 -3.45 6.33 3.62
N GLU A 126 -3.58 7.66 3.58
CA GLU A 126 -3.40 8.49 4.76
C GLU A 126 -4.47 8.17 5.81
N THR A 127 -5.68 7.85 5.33
CA THR A 127 -6.79 7.52 6.22
C THR A 127 -6.51 6.24 6.99
N LEU A 128 -6.25 5.16 6.25
CA LEU A 128 -5.97 3.87 6.87
C LEU A 128 -4.73 3.94 7.74
N ILE A 129 -3.76 4.76 7.34
CA ILE A 129 -2.53 4.92 8.09
C ILE A 129 -2.77 5.66 9.41
N HIS A 130 -3.67 6.65 9.36
CA HIS A 130 -3.99 7.44 10.54
C HIS A 130 -4.81 6.61 11.53
N ILE A 131 -5.70 5.76 11.01
CA ILE A 131 -6.53 4.93 11.86
C ILE A 131 -5.70 3.85 12.55
N PHE A 132 -4.89 3.15 11.77
CA PHE A 132 -4.05 2.10 12.33
C PHE A 132 -3.00 2.66 13.28
N ASN A 133 -2.35 3.74 12.85
CA ASN A 133 -1.33 4.39 13.66
C ASN A 133 -1.92 4.93 14.95
N GLN A 134 -3.10 5.51 14.87
CA GLN A 134 -3.78 6.06 16.03
C GLN A 134 -4.12 4.96 17.04
N GLU A 135 -4.79 3.92 16.56
CA GLU A 135 -5.16 2.81 17.43
C GLU A 135 -3.93 2.18 18.08
N VAL A 136 -2.95 1.83 17.25
CA VAL A 136 -1.72 1.23 17.75
C VAL A 136 -1.01 2.14 18.73
N LYS A 137 -0.82 3.40 18.33
CA LYS A 137 -0.16 4.38 19.18
C LYS A 137 -0.81 4.44 20.56
N ASP A 138 -2.13 4.46 20.58
CA ASP A 138 -2.87 4.51 21.83
C ASP A 138 -2.75 3.19 22.60
N LEU A 139 -2.64 2.10 21.85
CA LEU A 139 -2.52 0.78 22.46
C LEU A 139 -1.16 0.61 23.12
N HIS A 140 -0.12 1.08 22.44
CA HIS A 140 1.23 0.98 22.97
C HIS A 140 2.06 2.20 22.58
N LYS A 141 2.47 2.25 21.32
CA LYS A 141 3.27 3.37 20.83
C LYS A 141 3.61 3.17 19.35
N ILE A 142 4.36 4.12 18.79
CA ILE A 142 4.75 4.05 17.38
C ILE A 142 5.65 5.23 17.01
N VAL A 143 6.68 4.94 16.22
CA VAL A 143 7.63 5.97 15.79
C VAL A 143 8.25 5.61 14.44
N LEU A 144 8.95 6.57 13.85
CA LEU A 144 9.61 6.35 12.57
C LEU A 144 10.48 7.55 12.19
N PRO A 145 11.69 7.27 11.71
CA PRO A 145 12.64 8.31 11.29
C PRO A 145 12.19 9.03 10.03
N THR A 146 12.52 8.46 8.88
CA THR A 146 12.15 9.04 7.59
C THR A 146 12.58 8.15 6.44
N PRO A 147 11.94 8.34 5.27
CA PRO A 147 12.25 7.56 4.06
C PRO A 147 13.62 7.88 3.49
N ILE A 148 14.10 7.05 2.58
CA ILE A 148 15.39 7.26 1.94
C ILE A 148 15.29 7.17 0.42
N SER A 149 14.46 6.25 -0.05
CA SER A 149 14.27 6.05 -1.49
C SER A 149 13.78 7.34 -2.14
N ASN A 150 13.16 8.20 -1.33
CA ASN A 150 12.65 9.47 -1.83
C ASN A 150 13.72 10.24 -2.62
N ALA A 151 14.91 10.32 -2.04
CA ALA A 151 16.02 11.02 -2.69
C ALA A 151 16.37 10.37 -4.03
N LEU A 152 16.25 9.05 -4.09
CA LEU A 152 16.54 8.31 -5.32
C LEU A 152 15.56 8.67 -6.42
N LEU A 153 14.28 8.47 -6.15
CA LEU A 153 13.24 8.77 -7.12
C LEU A 153 13.34 10.22 -7.61
N THR A 154 13.38 11.15 -6.66
CA THR A 154 13.49 12.56 -6.99
C THR A 154 14.74 12.85 -7.80
N ASP A 155 15.85 12.20 -7.43
CA ASP A 155 17.11 12.38 -8.13
C ASP A 155 17.01 11.90 -9.57
N LYS A 156 16.42 10.72 -9.76
CA LYS A 156 16.26 10.15 -11.09
C LYS A 156 14.95 10.59 -11.73
N LEU A 157 14.60 9.98 -12.85
CA LEU A 157 13.36 10.31 -13.55
C LEU A 157 13.38 11.76 -14.03
N GLU A 158 12.45 12.10 -14.90
CA GLU A 158 12.35 13.46 -15.44
C GLU A 158 10.89 13.90 -15.53
N SER A 159 10.69 15.18 -15.87
CA SER A 159 9.35 15.74 -15.98
C SER A 159 8.59 15.08 -17.13
N GLN A 160 9.29 14.80 -18.21
CA GLN A 160 8.67 14.17 -19.38
C GLN A 160 9.19 12.75 -19.58
N LYS A 161 8.31 11.77 -19.40
CA LYS A 161 8.68 10.38 -19.56
C LYS A 161 7.45 9.48 -19.49
N GLU A 162 7.39 8.48 -20.36
CA GLU A 162 6.27 7.54 -20.38
C GLU A 162 6.74 6.13 -20.06
N TRP A 163 7.86 5.73 -20.66
CA TRP A 163 8.40 4.40 -20.44
C TRP A 163 9.50 4.43 -19.37
N LEU A 164 10.05 3.26 -19.07
CA LEU A 164 11.11 3.15 -18.07
C LEU A 164 10.55 3.37 -16.66
N ARG A 165 10.16 4.61 -16.38
CA ARG A 165 9.61 4.95 -15.07
C ARG A 165 8.47 4.01 -14.70
N THR A 166 7.75 3.53 -15.71
CA THR A 166 6.63 2.63 -15.49
C THR A 166 7.03 1.46 -14.60
N LYS A 167 8.31 1.12 -14.61
CA LYS A 167 8.83 0.03 -13.79
C LYS A 167 8.80 0.39 -12.31
N THR A 168 9.65 1.33 -11.92
CA THR A 168 9.72 1.76 -10.54
C THR A 168 8.33 2.06 -9.98
N ILE A 169 7.52 2.78 -10.75
CA ILE A 169 6.17 3.12 -10.34
C ILE A 169 5.32 1.87 -10.14
N GLN A 170 5.34 0.99 -11.13
CA GLN A 170 4.56 -0.25 -11.06
C GLN A 170 5.03 -1.12 -9.90
N PHE A 171 6.31 -0.99 -9.55
CA PHE A 171 6.88 -1.76 -8.46
C PHE A 171 6.34 -1.30 -7.11
N ILE A 172 6.48 -0.01 -6.85
CA ILE A 172 6.01 0.57 -5.59
C ILE A 172 4.50 0.40 -5.45
N LEU A 173 3.79 0.50 -6.57
CA LEU A 173 2.34 0.36 -6.57
C LEU A 173 1.94 -1.06 -6.21
N LYS A 174 2.51 -2.04 -6.91
CA LYS A 174 2.22 -3.44 -6.66
C LYS A 174 2.51 -3.81 -5.21
N SER A 175 3.69 -3.43 -4.74
CA SER A 175 4.08 -3.72 -3.36
C SER A 175 3.12 -3.08 -2.36
N LEU A 176 2.74 -1.84 -2.65
CA LEU A 176 1.82 -1.11 -1.78
C LEU A 176 0.50 -1.86 -1.62
N GLU A 177 -0.16 -2.11 -2.75
CA GLU A 177 -1.44 -2.82 -2.75
C GLU A 177 -1.33 -4.14 -1.99
N GLU A 178 -0.34 -4.94 -2.37
CA GLU A 178 -0.11 -6.24 -1.73
C GLU A 178 0.10 -6.07 -0.23
N PHE A 179 0.95 -5.11 0.14
CA PHE A 179 1.24 -4.86 1.54
C PHE A 179 0.00 -4.42 2.29
N LEU A 180 -0.90 -3.74 1.58
CA LEU A 180 -2.14 -3.26 2.17
C LEU A 180 -3.08 -4.42 2.51
N LYS A 181 -3.40 -5.21 1.49
CA LYS A 181 -4.29 -6.36 1.66
C LYS A 181 -3.73 -7.31 2.72
N VAL A 182 -2.42 -7.54 2.70
CA VAL A 182 -1.78 -8.42 3.65
C VAL A 182 -1.90 -7.88 5.07
N THR A 183 -1.48 -6.62 5.25
CA THR A 183 -1.54 -5.98 6.56
C THR A 183 -2.94 -6.07 7.15
N LEU A 184 -3.95 -5.75 6.35
CA LEU A 184 -5.33 -5.80 6.79
C LEU A 184 -5.72 -7.21 7.21
N ARG A 185 -5.48 -8.18 6.33
CA ARG A 185 -5.81 -9.57 6.61
C ARG A 185 -5.06 -10.06 7.84
N SER A 186 -3.87 -9.52 8.06
CA SER A 186 -3.05 -9.90 9.21
C SER A 186 -3.67 -9.40 10.51
N THR A 187 -3.99 -8.11 10.53
CA THR A 187 -4.59 -7.50 11.72
C THR A 187 -5.99 -8.04 11.96
N ARG A 188 -6.64 -8.51 10.91
CA ARG A 188 -7.99 -9.05 11.01
C ARG A 188 -8.05 -10.15 12.07
N GLN A 189 -7.26 -11.19 11.87
CA GLN A 189 -7.23 -12.32 12.81
C GLN A 189 -6.23 -13.38 12.36
N THR A 190 -6.10 -13.54 11.04
CA THR A 190 -5.18 -14.52 10.48
C THR A 190 -3.75 -14.23 10.91
N SER A 7 -3.58 -18.17 -9.51
CA SER A 7 -4.87 -18.26 -10.19
C SER A 7 -6.02 -18.34 -9.19
N GLN A 8 -6.19 -17.28 -8.40
CA GLN A 8 -7.25 -17.24 -7.40
C GLN A 8 -7.90 -15.86 -7.34
N VAL A 9 -8.70 -15.54 -8.35
CA VAL A 9 -9.37 -14.25 -8.42
C VAL A 9 -10.48 -14.16 -7.37
N ARG A 10 -10.74 -12.94 -6.92
CA ARG A 10 -11.77 -12.72 -5.90
C ARG A 10 -12.80 -11.68 -6.39
N ARG A 11 -14.01 -11.75 -5.85
CA ARG A 11 -15.07 -10.84 -6.24
C ARG A 11 -14.85 -9.47 -5.60
N GLY A 12 -15.76 -8.54 -5.87
CA GLY A 12 -15.66 -7.21 -5.31
C GLY A 12 -15.14 -6.19 -6.32
N ASP A 13 -15.74 -6.18 -7.50
CA ASP A 13 -15.34 -5.26 -8.56
C ASP A 13 -16.53 -4.44 -9.04
N PHE A 14 -16.33 -3.13 -9.15
CA PHE A 14 -17.38 -2.22 -9.60
C PHE A 14 -16.88 -1.32 -10.73
N THR A 15 -17.73 -0.40 -11.17
CA THR A 15 -17.38 0.52 -12.24
C THR A 15 -17.46 1.97 -11.77
N GLU A 16 -18.46 2.27 -10.95
CA GLU A 16 -18.64 3.62 -10.42
C GLU A 16 -19.26 3.58 -9.03
N ASP A 17 -19.04 4.64 -8.27
CA ASP A 17 -19.57 4.74 -6.91
C ASP A 17 -19.22 6.09 -6.28
N THR A 18 -19.94 7.13 -6.68
CA THR A 18 -19.71 8.47 -6.16
C THR A 18 -20.31 8.62 -4.76
N THR A 19 -19.45 8.53 -3.74
CA THR A 19 -19.90 8.66 -2.36
C THR A 19 -18.89 9.44 -1.53
N PRO A 20 -19.35 9.98 -0.39
CA PRO A 20 -18.50 10.75 0.51
C PRO A 20 -17.47 9.88 1.23
N ASN A 21 -16.78 10.47 2.22
CA ASN A 21 -15.77 9.74 2.98
C ASN A 21 -16.30 9.37 4.35
N ARG A 22 -16.84 10.35 5.06
CA ARG A 22 -17.38 10.13 6.39
C ARG A 22 -16.36 9.41 7.28
N PRO A 23 -15.37 10.16 7.77
CA PRO A 23 -14.32 9.62 8.62
C PRO A 23 -14.84 9.24 10.01
N VAL A 24 -15.34 8.01 10.14
CA VAL A 24 -15.87 7.53 11.40
C VAL A 24 -14.81 6.77 12.18
N TYR A 25 -13.73 6.39 11.50
CA TYR A 25 -12.65 5.65 12.13
C TYR A 25 -13.15 4.37 12.75
N THR A 26 -14.15 3.76 12.13
CA THR A 26 -14.73 2.51 12.63
C THR A 26 -14.41 1.35 11.71
N THR A 27 -14.64 0.13 12.19
CA THR A 27 -14.37 -1.07 11.41
C THR A 27 -15.00 -0.98 10.03
N SER A 28 -16.26 -0.57 9.98
CA SER A 28 -16.99 -0.44 8.72
C SER A 28 -16.25 0.49 7.76
N GLN A 29 -15.91 1.67 8.25
CA GLN A 29 -15.20 2.66 7.43
C GLN A 29 -13.84 2.12 6.99
N VAL A 30 -13.17 1.41 7.90
CA VAL A 30 -11.86 0.84 7.60
C VAL A 30 -11.94 -0.17 6.47
N GLY A 31 -12.82 -1.15 6.61
CA GLY A 31 -12.98 -2.16 5.58
C GLY A 31 -13.35 -1.58 4.24
N GLY A 32 -14.39 -0.75 4.22
CA GLY A 32 -14.83 -0.13 2.98
C GLY A 32 -13.72 0.68 2.32
N LEU A 33 -12.96 1.42 3.13
CA LEU A 33 -11.88 2.25 2.60
C LEU A 33 -10.79 1.38 1.98
N ILE A 34 -10.34 0.38 2.73
CA ILE A 34 -9.30 -0.52 2.25
C ILE A 34 -9.67 -1.14 0.91
N THR A 35 -10.93 -1.56 0.80
CA THR A 35 -11.42 -2.17 -0.44
C THR A 35 -11.42 -1.16 -1.58
N HIS A 36 -11.91 0.05 -1.30
CA HIS A 36 -11.96 1.10 -2.31
C HIS A 36 -10.55 1.47 -2.78
N VAL A 37 -9.69 1.83 -1.83
CA VAL A 37 -8.32 2.21 -2.15
C VAL A 37 -7.59 1.07 -2.86
N LEU A 38 -7.92 -0.16 -2.49
CA LEU A 38 -7.29 -1.34 -3.08
C LEU A 38 -7.64 -1.44 -4.56
N TRP A 39 -8.91 -1.31 -4.88
CA TRP A 39 -9.38 -1.39 -6.26
C TRP A 39 -8.79 -0.26 -7.09
N GLU A 40 -8.74 0.93 -6.51
CA GLU A 40 -8.19 2.09 -7.21
C GLU A 40 -6.72 1.90 -7.55
N ILE A 41 -5.96 1.41 -6.57
CA ILE A 41 -4.53 1.17 -6.76
C ILE A 41 -4.29 0.13 -7.87
N VAL A 42 -5.02 -0.97 -7.80
CA VAL A 42 -4.89 -2.04 -8.79
C VAL A 42 -5.16 -1.51 -10.20
N GLU A 43 -6.30 -0.85 -10.37
CA GLU A 43 -6.68 -0.29 -11.66
C GLU A 43 -5.62 0.69 -12.16
N MET A 44 -5.15 1.54 -11.27
CA MET A 44 -4.13 2.53 -11.62
C MET A 44 -2.80 1.85 -11.96
N ARG A 45 -2.55 0.71 -11.32
CA ARG A 45 -1.32 -0.03 -11.55
C ARG A 45 -1.36 -0.74 -12.90
N LYS A 46 -2.43 -1.49 -13.14
CA LYS A 46 -2.60 -2.21 -14.38
C LYS A 46 -2.84 -1.26 -15.55
N GLU A 47 -3.43 -0.10 -15.25
CA GLU A 47 -3.71 0.90 -16.27
C GLU A 47 -2.44 1.27 -17.04
N LEU A 48 -1.34 1.39 -16.31
CA LEU A 48 -0.06 1.75 -16.93
C LEU A 48 0.28 0.78 -18.06
N CYS A 49 -0.22 -0.44 -17.95
CA CYS A 49 0.04 -1.46 -18.98
C CYS A 49 -1.12 -1.54 -19.96
N ASN A 50 -1.76 -0.39 -20.20
CA ASN A 50 -2.89 -0.33 -21.13
C ASN A 50 -4.04 -1.21 -20.66
N GLY A 51 -4.11 -1.43 -19.35
CA GLY A 51 -5.17 -2.25 -18.79
C GLY A 51 -5.06 -3.70 -19.22
N ASN A 52 -3.83 -4.23 -19.22
CA ASN A 52 -3.59 -5.61 -19.61
C ASN A 52 -3.44 -6.51 -18.39
N SER A 53 -4.45 -7.33 -18.13
CA SER A 53 -4.43 -8.23 -16.99
C SER A 53 -3.16 -9.08 -16.99
N ASP A 54 -2.64 -9.36 -18.18
CA ASP A 54 -1.43 -10.16 -18.31
C ASP A 54 -0.25 -9.47 -17.64
N CYS A 55 -0.13 -8.17 -17.83
CA CYS A 55 0.96 -7.40 -17.25
C CYS A 55 1.00 -7.60 -15.73
N MET A 56 -0.17 -7.77 -15.12
CA MET A 56 -0.26 -7.99 -13.68
C MET A 56 0.58 -9.19 -13.26
N ASN A 57 0.68 -10.18 -14.14
CA ASN A 57 1.45 -11.39 -13.85
C ASN A 57 2.54 -11.59 -14.89
N ASN A 58 2.99 -10.49 -15.49
CA ASN A 58 4.05 -10.56 -16.50
C ASN A 58 5.42 -10.35 -15.86
N ASP A 59 5.59 -9.22 -15.19
CA ASP A 59 6.85 -8.91 -14.53
C ASP A 59 6.79 -9.23 -13.04
N ASP A 60 5.94 -10.18 -12.69
CA ASP A 60 5.79 -10.60 -11.30
C ASP A 60 6.50 -11.93 -11.04
N ALA A 61 7.55 -12.18 -11.81
CA ALA A 61 8.32 -13.41 -11.66
C ALA A 61 9.74 -13.12 -11.18
N LEU A 62 10.27 -11.98 -11.59
CA LEU A 62 11.62 -11.58 -11.19
C LEU A 62 11.57 -10.38 -10.25
N ALA A 63 10.64 -9.46 -10.50
CA ALA A 63 10.50 -8.28 -9.67
C ALA A 63 10.31 -8.65 -8.21
N GLU A 64 9.52 -9.68 -7.96
CA GLU A 64 9.26 -10.15 -6.60
C GLU A 64 10.56 -10.45 -5.88
N ASN A 65 11.60 -10.80 -6.64
CA ASN A 65 12.89 -11.12 -6.06
C ASN A 65 13.90 -10.00 -6.32
N ASN A 66 13.38 -8.78 -6.49
CA ASN A 66 14.24 -7.63 -6.74
C ASN A 66 13.60 -6.35 -6.21
N LEU A 67 12.74 -6.50 -5.20
CA LEU A 67 12.07 -5.37 -4.59
C LEU A 67 12.77 -4.93 -3.32
N LYS A 68 13.04 -5.89 -2.42
CA LYS A 68 13.72 -5.59 -1.17
C LYS A 68 12.94 -4.57 -0.35
N LEU A 69 11.64 -4.44 -0.64
CA LEU A 69 10.79 -3.50 0.07
C LEU A 69 10.29 -4.09 1.38
N PRO A 70 9.84 -3.22 2.29
CA PRO A 70 9.32 -3.63 3.60
C PRO A 70 7.98 -4.35 3.48
N GLU A 71 8.02 -5.63 3.11
CA GLU A 71 6.81 -6.42 2.95
C GLU A 71 6.78 -7.56 3.98
N ILE A 72 5.57 -8.00 4.33
CA ILE A 72 5.40 -9.08 5.29
C ILE A 72 5.85 -10.41 4.70
N GLN A 73 6.75 -11.09 5.39
CA GLN A 73 7.25 -12.38 4.94
C GLN A 73 6.93 -13.48 5.95
N ARG A 74 7.11 -13.16 7.23
CA ARG A 74 6.84 -14.12 8.30
C ARG A 74 6.47 -13.40 9.60
N ASN A 75 5.26 -12.88 9.66
CA ASN A 75 4.78 -12.17 10.83
C ASN A 75 3.30 -11.84 10.71
N ASP A 76 2.51 -12.33 11.66
CA ASP A 76 1.07 -12.09 11.66
C ASP A 76 0.51 -12.10 13.07
N GLY A 77 1.36 -11.74 14.04
CA GLY A 77 0.93 -11.73 15.43
C GLY A 77 1.43 -12.94 16.20
N CYS A 78 2.62 -12.81 16.78
CA CYS A 78 3.21 -13.90 17.55
C CYS A 78 3.39 -13.50 19.02
N TYR A 79 2.89 -14.34 19.92
CA TYR A 79 2.99 -14.08 21.34
C TYR A 79 2.69 -15.33 22.15
N GLN A 80 1.63 -16.04 21.76
CA GLN A 80 1.23 -17.27 22.45
C GLN A 80 1.67 -18.50 21.66
N THR A 81 2.07 -19.54 22.38
CA THR A 81 2.50 -20.78 21.76
C THR A 81 2.75 -21.87 22.80
N GLY A 82 3.29 -21.47 23.94
CA GLY A 82 3.56 -22.43 25.00
C GLY A 82 4.49 -21.88 26.06
N TYR A 83 5.77 -22.25 25.97
CA TYR A 83 6.77 -21.80 26.93
C TYR A 83 8.02 -21.31 26.21
N ASN A 84 7.83 -20.56 25.12
CA ASN A 84 8.94 -20.03 24.35
C ASN A 84 8.49 -18.87 23.47
N GLN A 85 8.74 -17.65 23.93
CA GLN A 85 8.36 -16.47 23.18
C GLN A 85 9.37 -16.17 22.07
N GLU A 86 8.89 -15.52 21.01
CA GLU A 86 9.75 -15.18 19.88
C GLU A 86 9.48 -13.76 19.39
N ILE A 87 10.24 -13.34 18.39
CA ILE A 87 10.07 -12.00 17.83
C ILE A 87 9.66 -12.06 16.37
N CYS A 88 8.76 -11.16 15.97
CA CYS A 88 8.27 -11.11 14.61
C CYS A 88 8.81 -9.88 13.89
N LEU A 89 8.85 -9.94 12.56
CA LEU A 89 9.34 -8.84 11.75
C LEU A 89 8.18 -7.99 11.23
N LEU A 90 7.12 -7.88 12.03
CA LEU A 90 5.95 -7.11 11.65
C LEU A 90 6.26 -5.61 11.70
N LYS A 91 6.21 -4.96 10.54
CA LYS A 91 6.47 -3.53 10.45
C LYS A 91 5.17 -2.75 10.22
N ILE A 92 4.65 -2.83 9.00
CA ILE A 92 3.41 -2.13 8.65
C ILE A 92 3.64 -0.63 8.59
N SER A 93 3.88 -0.02 9.74
CA SER A 93 4.10 1.43 9.81
C SER A 93 5.17 1.86 8.81
N SER A 94 6.29 1.14 8.80
CA SER A 94 7.39 1.45 7.90
C SER A 94 6.94 1.33 6.44
N GLY A 95 6.37 0.19 6.10
CA GLY A 95 5.91 -0.04 4.75
C GLY A 95 4.91 1.02 4.28
N LEU A 96 3.88 1.25 5.09
CA LEU A 96 2.86 2.23 4.77
C LEU A 96 3.48 3.60 4.51
N LEU A 97 4.34 4.04 5.43
CA LEU A 97 5.01 5.33 5.31
C LEU A 97 5.75 5.43 3.97
N GLU A 98 6.55 4.41 3.66
CA GLU A 98 7.31 4.38 2.42
C GLU A 98 6.39 4.55 1.22
N TYR A 99 5.38 3.69 1.11
CA TYR A 99 4.44 3.74 0.01
C TYR A 99 3.76 5.10 -0.06
N HIS A 100 3.37 5.63 1.10
CA HIS A 100 2.72 6.93 1.16
C HIS A 100 3.57 8.01 0.50
N SER A 101 4.85 8.05 0.87
CA SER A 101 5.78 9.03 0.32
C SER A 101 5.96 8.82 -1.18
N TYR A 102 6.03 7.56 -1.59
CA TYR A 102 6.21 7.24 -3.00
C TYR A 102 5.04 7.75 -3.84
N LEU A 103 3.85 7.20 -3.57
CA LEU A 103 2.66 7.60 -4.29
C LEU A 103 2.45 9.11 -4.22
N GLU A 104 2.77 9.69 -3.07
CA GLU A 104 2.62 11.13 -2.87
C GLU A 104 3.54 11.90 -3.81
N TYR A 105 4.76 11.40 -3.98
CA TYR A 105 5.74 12.05 -4.84
C TYR A 105 5.30 11.98 -6.30
N MET A 106 4.99 10.78 -6.76
CA MET A 106 4.54 10.59 -8.14
C MET A 106 3.20 11.27 -8.39
N LYS A 107 2.42 11.43 -7.32
CA LYS A 107 1.12 12.07 -7.42
C LYS A 107 1.26 13.56 -7.77
N ASN A 108 2.38 14.14 -7.37
CA ASN A 108 2.65 15.55 -7.64
C ASN A 108 2.66 15.83 -9.13
N ASN A 109 3.20 14.89 -9.90
CA ASN A 109 3.29 15.03 -11.35
C ASN A 109 2.71 13.81 -12.05
N LEU A 110 1.45 13.91 -12.47
CA LEU A 110 0.77 12.82 -13.15
C LEU A 110 -0.20 13.34 -14.20
N LYS A 111 -0.83 12.43 -14.92
CA LYS A 111 -1.79 12.80 -15.96
C LYS A 111 -3.11 13.23 -15.35
N ASP A 112 -4.09 13.51 -16.21
CA ASP A 112 -5.41 13.93 -15.77
C ASP A 112 -6.08 12.83 -14.94
N ASN A 113 -6.12 11.62 -15.51
CA ASN A 113 -6.73 10.48 -14.82
C ASN A 113 -5.86 10.01 -13.66
N LYS A 114 -4.57 9.85 -13.92
CA LYS A 114 -3.63 9.41 -12.89
C LYS A 114 -3.68 10.33 -11.68
N LYS A 115 -3.92 11.62 -11.91
CA LYS A 115 -4.00 12.60 -10.84
C LYS A 115 -5.23 12.36 -9.98
N ASP A 116 -6.36 12.13 -10.62
CA ASP A 116 -7.62 11.89 -9.92
C ASP A 116 -7.51 10.64 -9.03
N LYS A 117 -6.96 9.58 -9.60
CA LYS A 117 -6.80 8.32 -8.87
C LYS A 117 -5.70 8.45 -7.81
N ALA A 118 -4.69 9.25 -8.11
CA ALA A 118 -3.58 9.47 -7.18
C ALA A 118 -4.04 10.20 -5.93
N ARG A 119 -4.94 11.17 -6.11
CA ARG A 119 -5.45 11.95 -5.00
C ARG A 119 -6.22 11.06 -4.02
N VAL A 120 -7.14 10.26 -4.55
CA VAL A 120 -7.93 9.37 -3.72
C VAL A 120 -7.06 8.30 -3.08
N LEU A 121 -6.04 7.85 -3.82
CA LEU A 121 -5.13 6.82 -3.31
C LEU A 121 -4.39 7.32 -2.08
N GLN A 122 -3.80 8.50 -2.19
CA GLN A 122 -3.05 9.09 -1.08
C GLN A 122 -3.96 9.34 0.12
N ARG A 123 -5.10 9.98 -0.14
CA ARG A 123 -6.05 10.28 0.92
C ARG A 123 -6.43 9.03 1.70
N ASP A 124 -6.84 7.99 0.99
CA ASP A 124 -7.22 6.73 1.61
C ASP A 124 -6.08 6.17 2.46
N THR A 125 -4.91 6.05 1.83
CA THR A 125 -3.74 5.53 2.53
C THR A 125 -3.49 6.27 3.84
N GLU A 126 -3.67 7.59 3.81
CA GLU A 126 -3.48 8.42 5.00
C GLU A 126 -4.54 8.12 6.05
N THR A 127 -5.77 7.88 5.59
CA THR A 127 -6.87 7.59 6.49
C THR A 127 -6.63 6.28 7.25
N LEU A 128 -6.42 5.20 6.52
CA LEU A 128 -6.17 3.90 7.13
C LEU A 128 -4.94 3.94 8.02
N ILE A 129 -3.88 4.55 7.52
CA ILE A 129 -2.63 4.67 8.27
C ILE A 129 -2.85 5.41 9.58
N HIS A 130 -3.66 6.47 9.53
CA HIS A 130 -3.95 7.26 10.72
C HIS A 130 -4.73 6.44 11.74
N ILE A 131 -5.75 5.73 11.28
CA ILE A 131 -6.57 4.91 12.15
C ILE A 131 -5.76 3.77 12.76
N PHE A 132 -4.99 3.09 11.92
CA PHE A 132 -4.16 1.97 12.38
C PHE A 132 -3.06 2.45 13.32
N ASN A 133 -2.37 3.51 12.91
CA ASN A 133 -1.29 4.08 13.72
C ASN A 133 -1.81 4.51 15.08
N GLN A 134 -2.97 5.16 15.10
CA GLN A 134 -3.57 5.62 16.34
C GLN A 134 -3.94 4.44 17.24
N GLU A 135 -4.59 3.44 16.67
CA GLU A 135 -5.00 2.27 17.42
C GLU A 135 -3.80 1.59 18.08
N VAL A 136 -2.77 1.32 17.28
CA VAL A 136 -1.56 0.68 17.80
C VAL A 136 -0.80 1.62 18.73
N LYS A 137 -0.95 2.92 18.52
CA LYS A 137 -0.29 3.92 19.34
C LYS A 137 -0.86 3.93 20.75
N ASP A 138 -2.17 3.78 20.85
CA ASP A 138 -2.85 3.77 22.14
C ASP A 138 -2.66 2.43 22.84
N LEU A 139 -2.85 1.35 22.09
CA LEU A 139 -2.70 0.00 22.64
C LEU A 139 -1.25 -0.29 23.00
N HIS A 140 -0.37 -0.19 21.99
CA HIS A 140 1.05 -0.44 22.20
C HIS A 140 1.87 0.81 21.89
N LYS A 141 3.19 0.65 21.83
CA LYS A 141 4.09 1.76 21.54
C LYS A 141 4.93 1.47 20.30
N ILE A 142 4.94 2.41 19.37
CA ILE A 142 5.72 2.26 18.14
C ILE A 142 5.62 3.51 17.27
N VAL A 143 6.76 3.94 16.74
CA VAL A 143 6.79 5.12 15.88
C VAL A 143 7.96 5.04 14.90
N LEU A 144 8.00 5.99 13.97
CA LEU A 144 9.07 6.02 12.97
C LEU A 144 9.34 7.46 12.52
N PRO A 145 10.57 7.70 12.04
CA PRO A 145 10.99 9.03 11.57
C PRO A 145 10.30 9.44 10.27
N THR A 146 10.88 9.02 9.15
CA THR A 146 10.32 9.35 7.84
C THR A 146 11.13 8.70 6.73
N PRO A 147 10.50 8.55 5.55
CA PRO A 147 11.15 7.93 4.38
C PRO A 147 12.24 8.82 3.80
N ILE A 148 13.27 8.19 3.26
CA ILE A 148 14.39 8.92 2.66
C ILE A 148 14.51 8.62 1.17
N SER A 149 14.00 7.46 0.76
CA SER A 149 14.05 7.06 -0.64
C SER A 149 13.48 8.16 -1.54
N ASN A 150 12.54 8.92 -1.00
CA ASN A 150 11.90 10.00 -1.75
C ASN A 150 12.96 10.92 -2.36
N ALA A 151 13.90 11.37 -1.54
CA ALA A 151 14.96 12.25 -2.00
C ALA A 151 15.67 11.67 -3.21
N LEU A 152 16.01 10.39 -3.14
CA LEU A 152 16.69 9.71 -4.24
C LEU A 152 15.84 9.75 -5.51
N LEU A 153 14.57 9.37 -5.38
CA LEU A 153 13.66 9.36 -6.52
C LEU A 153 13.64 10.72 -7.22
N THR A 154 13.23 11.75 -6.49
CA THR A 154 13.16 13.09 -7.03
C THR A 154 14.50 13.51 -7.63
N ASP A 155 15.59 13.14 -6.95
CA ASP A 155 16.93 13.47 -7.43
C ASP A 155 17.15 12.96 -8.84
N LYS A 156 16.56 11.81 -9.14
CA LYS A 156 16.70 11.20 -10.47
C LYS A 156 15.43 11.43 -11.30
N LEU A 157 15.54 12.31 -12.29
CA LEU A 157 14.42 12.62 -13.16
C LEU A 157 14.86 12.69 -14.61
N GLU A 158 14.13 12.01 -15.48
CA GLU A 158 14.44 12.01 -16.91
C GLU A 158 15.90 11.61 -17.14
N SER A 159 16.19 10.33 -17.04
CA SER A 159 17.54 9.83 -17.22
C SER A 159 17.76 9.37 -18.66
N GLN A 160 16.97 8.38 -19.09
CA GLN A 160 17.08 7.85 -20.44
C GLN A 160 15.73 7.32 -20.93
N LYS A 161 15.40 7.61 -22.18
CA LYS A 161 14.14 7.18 -22.76
C LYS A 161 12.95 7.68 -21.95
N GLU A 162 11.75 7.30 -22.36
CA GLU A 162 10.54 7.71 -21.67
C GLU A 162 9.76 6.50 -21.16
N TRP A 163 10.49 5.45 -20.78
CA TRP A 163 9.88 4.23 -20.28
C TRP A 163 10.65 3.69 -19.09
N LEU A 164 11.19 4.59 -18.27
CA LEU A 164 11.95 4.19 -17.09
C LEU A 164 11.14 4.41 -15.81
N ARG A 165 10.56 5.59 -15.68
CA ARG A 165 9.75 5.92 -14.51
C ARG A 165 8.68 4.87 -14.28
N THR A 166 8.12 4.35 -15.37
CA THR A 166 7.08 3.35 -15.28
C THR A 166 7.51 2.18 -14.40
N LYS A 167 8.82 1.95 -14.33
CA LYS A 167 9.37 0.88 -13.52
C LYS A 167 9.18 1.15 -12.03
N THR A 168 9.92 2.14 -11.52
CA THR A 168 9.84 2.52 -10.12
C THR A 168 8.39 2.69 -9.68
N ILE A 169 7.61 3.38 -10.50
CA ILE A 169 6.20 3.61 -10.21
C ILE A 169 5.44 2.29 -10.09
N GLN A 170 5.61 1.42 -11.07
CA GLN A 170 4.94 0.13 -11.08
C GLN A 170 5.36 -0.71 -9.87
N PHE A 171 6.57 -0.48 -9.39
CA PHE A 171 7.09 -1.21 -8.24
C PHE A 171 6.39 -0.77 -6.96
N ILE A 172 6.44 0.53 -6.68
CA ILE A 172 5.82 1.08 -5.49
C ILE A 172 4.32 0.78 -5.47
N LEU A 173 3.69 0.83 -6.64
CA LEU A 173 2.26 0.56 -6.76
C LEU A 173 1.95 -0.90 -6.45
N LYS A 174 2.68 -1.80 -7.12
CA LYS A 174 2.48 -3.23 -6.92
C LYS A 174 2.73 -3.61 -5.46
N SER A 175 3.87 -3.21 -4.94
CA SER A 175 4.24 -3.52 -3.56
C SER A 175 3.19 -2.95 -2.59
N LEU A 176 2.80 -1.72 -2.82
CA LEU A 176 1.81 -1.05 -1.97
C LEU A 176 0.53 -1.87 -1.89
N GLU A 177 -0.08 -2.13 -3.05
CA GLU A 177 -1.31 -2.90 -3.12
C GLU A 177 -1.16 -4.23 -2.39
N GLU A 178 -0.14 -4.99 -2.77
CA GLU A 178 0.12 -6.29 -2.15
C GLU A 178 0.20 -6.16 -0.64
N PHE A 179 1.01 -5.21 -0.18
CA PHE A 179 1.19 -4.99 1.25
C PHE A 179 -0.14 -4.62 1.92
N LEU A 180 -1.01 -3.96 1.15
CA LEU A 180 -2.31 -3.54 1.66
C LEU A 180 -3.20 -4.75 1.93
N LYS A 181 -3.45 -5.53 0.88
CA LYS A 181 -4.29 -6.72 1.01
C LYS A 181 -3.75 -7.65 2.09
N VAL A 182 -2.43 -7.85 2.09
CA VAL A 182 -1.79 -8.72 3.07
C VAL A 182 -2.01 -8.19 4.49
N THR A 183 -1.79 -6.90 4.68
CA THR A 183 -1.96 -6.28 5.98
C THR A 183 -3.41 -6.34 6.44
N LEU A 184 -4.33 -6.30 5.48
CA LEU A 184 -5.76 -6.35 5.79
C LEU A 184 -6.16 -7.74 6.28
N ARG A 185 -5.73 -8.77 5.55
CA ARG A 185 -6.04 -10.14 5.91
C ARG A 185 -5.21 -10.59 7.11
N SER A 186 -4.06 -9.95 7.30
CA SER A 186 -3.17 -10.29 8.41
C SER A 186 -3.70 -9.70 9.72
N THR A 187 -3.98 -8.40 9.72
CA THR A 187 -4.49 -7.73 10.91
C THR A 187 -5.85 -8.29 11.31
N ARG A 188 -6.55 -8.88 10.35
CA ARG A 188 -7.87 -9.45 10.62
C ARG A 188 -7.75 -10.78 11.35
N GLN A 189 -6.64 -11.47 11.12
CA GLN A 189 -6.39 -12.76 11.77
C GLN A 189 -7.67 -13.61 11.78
N THR A 190 -7.91 -14.32 10.68
CA THR A 190 -9.08 -15.17 10.57
C THR A 190 -8.73 -16.63 10.79
N SER A 7 -4.67 -24.31 1.42
CA SER A 7 -4.89 -22.93 1.82
C SER A 7 -4.60 -21.98 0.66
N GLN A 8 -5.64 -21.31 0.19
CA GLN A 8 -5.50 -20.37 -0.93
C GLN A 8 -6.66 -19.38 -0.94
N VAL A 9 -6.33 -18.09 -0.86
CA VAL A 9 -7.34 -17.04 -0.86
C VAL A 9 -7.95 -16.87 -2.25
N ARG A 10 -9.23 -16.55 -2.30
CA ARG A 10 -9.93 -16.35 -3.56
C ARG A 10 -10.37 -14.91 -3.73
N ARG A 11 -10.33 -14.42 -4.97
CA ARG A 11 -10.71 -13.04 -5.25
C ARG A 11 -12.20 -12.96 -5.61
N GLY A 12 -12.72 -11.74 -5.65
CA GLY A 12 -14.13 -11.55 -5.98
C GLY A 12 -14.81 -10.56 -5.04
N ASP A 13 -14.23 -9.38 -4.92
CA ASP A 13 -14.79 -8.35 -4.04
C ASP A 13 -15.25 -7.14 -4.86
N PHE A 14 -15.93 -6.21 -4.19
CA PHE A 14 -16.43 -5.01 -4.85
C PHE A 14 -15.65 -3.79 -4.40
N THR A 15 -16.10 -2.61 -4.82
CA THR A 15 -15.44 -1.36 -4.47
C THR A 15 -16.38 -0.44 -3.70
N GLU A 16 -17.66 -0.51 -4.03
CA GLU A 16 -18.67 0.32 -3.36
C GLU A 16 -18.39 1.80 -3.59
N ASP A 17 -19.28 2.65 -3.09
CA ASP A 17 -19.13 4.10 -3.24
C ASP A 17 -20.16 4.85 -2.38
N THR A 18 -20.35 4.36 -1.16
CA THR A 18 -21.31 4.97 -0.24
C THR A 18 -20.70 5.17 1.14
N THR A 19 -20.65 6.41 1.59
CA THR A 19 -20.09 6.73 2.90
C THR A 19 -20.92 7.78 3.61
N PRO A 20 -20.77 7.86 4.94
CA PRO A 20 -21.50 8.83 5.77
C PRO A 20 -21.02 10.25 5.55
N ASN A 21 -21.62 11.20 6.27
CA ASN A 21 -21.25 12.60 6.15
C ASN A 21 -19.86 12.85 6.71
N ARG A 22 -19.62 12.36 7.93
CA ARG A 22 -18.33 12.53 8.58
C ARG A 22 -17.72 11.18 8.92
N PRO A 23 -16.38 11.15 9.05
CA PRO A 23 -15.64 9.92 9.39
C PRO A 23 -15.88 9.48 10.83
N VAL A 24 -16.41 8.27 10.99
CA VAL A 24 -16.68 7.73 12.31
C VAL A 24 -15.50 6.93 12.84
N TYR A 25 -14.62 6.52 11.93
CA TYR A 25 -13.44 5.74 12.29
C TYR A 25 -13.85 4.42 12.94
N THR A 26 -14.60 3.61 12.21
CA THR A 26 -15.06 2.32 12.71
C THR A 26 -14.63 1.19 11.78
N THR A 27 -14.76 -0.04 12.27
CA THR A 27 -14.38 -1.21 11.48
C THR A 27 -15.01 -1.16 10.09
N SER A 28 -16.29 -0.81 10.04
CA SER A 28 -17.01 -0.73 8.77
C SER A 28 -16.33 0.25 7.82
N GLN A 29 -16.07 1.46 8.31
CA GLN A 29 -15.43 2.49 7.50
C GLN A 29 -14.03 2.05 7.08
N VAL A 30 -13.30 1.42 8.00
CA VAL A 30 -11.95 0.94 7.73
C VAL A 30 -11.95 -0.09 6.61
N GLY A 31 -12.76 -1.13 6.76
CA GLY A 31 -12.84 -2.17 5.75
C GLY A 31 -13.22 -1.63 4.39
N GLY A 32 -14.30 -0.86 4.34
CA GLY A 32 -14.76 -0.30 3.08
C GLY A 32 -13.70 0.56 2.42
N LEU A 33 -13.00 1.36 3.22
CA LEU A 33 -11.96 2.25 2.71
C LEU A 33 -10.81 1.43 2.11
N ILE A 34 -10.37 0.40 2.82
CA ILE A 34 -9.30 -0.45 2.35
C ILE A 34 -9.64 -1.09 1.02
N THR A 35 -10.88 -1.54 0.89
CA THR A 35 -11.34 -2.18 -0.34
C THR A 35 -11.35 -1.20 -1.50
N HIS A 36 -11.85 0.01 -1.24
CA HIS A 36 -11.90 1.05 -2.27
C HIS A 36 -10.51 1.41 -2.76
N VAL A 37 -9.63 1.77 -1.83
CA VAL A 37 -8.26 2.13 -2.17
C VAL A 37 -7.55 0.99 -2.87
N LEU A 38 -7.85 -0.23 -2.45
CA LEU A 38 -7.23 -1.42 -3.03
C LEU A 38 -7.58 -1.55 -4.52
N TRP A 39 -8.87 -1.42 -4.82
CA TRP A 39 -9.34 -1.51 -6.20
C TRP A 39 -8.74 -0.39 -7.06
N GLU A 40 -8.71 0.81 -6.51
CA GLU A 40 -8.16 1.96 -7.21
C GLU A 40 -6.70 1.74 -7.57
N ILE A 41 -5.93 1.25 -6.60
CA ILE A 41 -4.51 0.99 -6.81
C ILE A 41 -4.29 -0.04 -7.90
N VAL A 42 -5.04 -1.14 -7.83
CA VAL A 42 -4.93 -2.21 -8.82
C VAL A 42 -5.21 -1.69 -10.23
N GLU A 43 -6.27 -0.90 -10.36
CA GLU A 43 -6.64 -0.33 -11.65
C GLU A 43 -5.60 0.67 -12.13
N MET A 44 -5.16 1.52 -11.21
CA MET A 44 -4.16 2.54 -11.54
C MET A 44 -2.83 1.89 -11.92
N ARG A 45 -2.55 0.74 -11.31
CA ARG A 45 -1.30 0.02 -11.58
C ARG A 45 -1.34 -0.62 -12.96
N LYS A 46 -2.41 -1.37 -13.24
CA LYS A 46 -2.56 -2.04 -14.52
C LYS A 46 -2.81 -1.02 -15.63
N GLU A 47 -3.41 0.11 -15.28
CA GLU A 47 -3.71 1.16 -16.26
C GLU A 47 -2.43 1.59 -16.98
N LEU A 48 -1.32 1.60 -16.26
CA LEU A 48 -0.04 1.99 -16.84
C LEU A 48 0.33 1.08 -18.01
N CYS A 49 -0.18 -0.15 -17.98
CA CYS A 49 0.10 -1.11 -19.04
C CYS A 49 -1.10 -1.24 -19.98
N ASN A 50 -1.87 -0.16 -20.12
CA ASN A 50 -3.04 -0.17 -20.98
C ASN A 50 -4.07 -1.18 -20.51
N GLY A 51 -4.18 -1.34 -19.19
CA GLY A 51 -5.13 -2.28 -18.63
C GLY A 51 -4.89 -3.69 -19.12
N ASN A 52 -3.64 -4.13 -19.06
CA ASN A 52 -3.28 -5.48 -19.50
C ASN A 52 -3.17 -6.42 -18.31
N SER A 53 -4.15 -7.32 -18.18
CA SER A 53 -4.17 -8.28 -17.09
C SER A 53 -2.89 -9.13 -17.09
N ASP A 54 -2.36 -9.37 -18.28
CA ASP A 54 -1.15 -10.17 -18.44
C ASP A 54 0.06 -9.42 -17.89
N CYS A 55 0.07 -8.10 -18.06
CA CYS A 55 1.17 -7.27 -17.59
C CYS A 55 1.38 -7.46 -16.08
N MET A 56 0.31 -7.83 -15.38
CA MET A 56 0.38 -8.03 -13.94
C MET A 56 1.34 -9.17 -13.60
N ASN A 57 1.15 -10.31 -14.24
CA ASN A 57 2.01 -11.47 -14.01
C ASN A 57 3.00 -11.66 -15.15
N ASN A 58 3.48 -10.55 -15.69
CA ASN A 58 4.44 -10.60 -16.80
C ASN A 58 5.87 -10.62 -16.28
N ASP A 59 6.19 -9.65 -15.42
CA ASP A 59 7.53 -9.55 -14.84
C ASP A 59 7.53 -10.00 -13.38
N ASP A 60 6.71 -11.00 -13.08
CA ASP A 60 6.62 -11.53 -11.72
C ASP A 60 7.50 -12.76 -11.55
N ALA A 61 8.55 -12.84 -12.36
CA ALA A 61 9.48 -13.97 -12.30
C ALA A 61 10.78 -13.57 -11.63
N LEU A 62 11.16 -12.30 -11.77
CA LEU A 62 12.38 -11.79 -11.19
C LEU A 62 12.09 -10.66 -10.20
N ALA A 63 11.06 -9.89 -10.49
CA ALA A 63 10.67 -8.78 -9.62
C ALA A 63 10.29 -9.27 -8.24
N GLU A 64 9.76 -10.49 -8.17
CA GLU A 64 9.34 -11.07 -6.91
C GLU A 64 10.53 -11.23 -5.96
N ASN A 65 11.72 -11.36 -6.54
CA ASN A 65 12.94 -11.51 -5.74
C ASN A 65 13.93 -10.39 -6.05
N ASN A 66 13.41 -9.21 -6.35
CA ASN A 66 14.25 -8.06 -6.67
C ASN A 66 13.60 -6.77 -6.18
N LEU A 67 12.77 -6.88 -5.15
CA LEU A 67 12.09 -5.71 -4.59
C LEU A 67 12.79 -5.22 -3.33
N LYS A 68 13.06 -6.15 -2.40
CA LYS A 68 13.74 -5.81 -1.16
C LYS A 68 12.98 -4.71 -0.41
N LEU A 69 11.67 -4.62 -0.67
CA LEU A 69 10.84 -3.62 -0.01
C LEU A 69 10.36 -4.11 1.35
N PRO A 70 9.98 -3.16 2.21
CA PRO A 70 9.49 -3.47 3.56
C PRO A 70 8.13 -4.17 3.55
N GLU A 71 8.14 -5.48 3.31
CA GLU A 71 6.91 -6.26 3.26
C GLU A 71 6.83 -7.22 4.45
N ILE A 72 5.63 -7.69 4.75
CA ILE A 72 5.42 -8.62 5.85
C ILE A 72 5.92 -10.01 5.49
N GLN A 73 6.51 -10.68 6.47
CA GLN A 73 7.05 -12.03 6.26
C GLN A 73 7.20 -12.77 7.60
N ARG A 74 6.33 -12.46 8.55
CA ARG A 74 6.37 -13.09 9.86
C ARG A 74 5.93 -14.54 9.78
N ASN A 75 6.55 -15.39 10.60
CA ASN A 75 6.22 -16.82 10.62
C ASN A 75 5.31 -17.15 11.80
N ASP A 76 5.11 -18.43 12.03
CA ASP A 76 4.27 -18.89 13.13
C ASP A 76 4.97 -18.71 14.47
N GLY A 77 4.52 -17.72 15.24
CA GLY A 77 5.12 -17.45 16.53
C GLY A 77 5.33 -15.97 16.79
N CYS A 78 5.31 -15.57 18.04
CA CYS A 78 5.50 -14.17 18.42
C CYS A 78 5.79 -14.04 19.91
N TYR A 79 5.00 -14.74 20.72
CA TYR A 79 5.16 -14.70 22.17
C TYR A 79 5.43 -16.10 22.73
N GLN A 80 4.75 -17.09 22.18
CA GLN A 80 4.91 -18.46 22.63
C GLN A 80 6.38 -18.87 22.61
N THR A 81 7.04 -18.66 21.48
CA THR A 81 8.44 -19.00 21.34
C THR A 81 8.64 -20.51 21.29
N GLY A 82 8.41 -21.17 22.43
CA GLY A 82 8.58 -22.61 22.50
C GLY A 82 10.03 -23.04 22.34
N TYR A 83 10.23 -24.17 21.67
CA TYR A 83 11.57 -24.70 21.46
C TYR A 83 12.27 -23.95 20.33
N ASN A 84 11.48 -23.48 19.36
CA ASN A 84 12.03 -22.75 18.22
C ASN A 84 12.19 -21.27 18.55
N GLN A 85 12.69 -20.51 17.59
CA GLN A 85 12.90 -19.08 17.77
C GLN A 85 12.54 -18.30 16.51
N GLU A 86 11.57 -17.41 16.62
CA GLU A 86 11.13 -16.60 15.50
C GLU A 86 10.44 -15.32 15.96
N ILE A 87 11.13 -14.20 15.81
CA ILE A 87 10.58 -12.90 16.22
C ILE A 87 9.57 -12.39 15.20
N CYS A 88 8.77 -11.40 15.60
CA CYS A 88 7.77 -10.82 14.72
C CYS A 88 8.32 -9.60 14.01
N LEU A 89 8.64 -8.56 14.78
CA LEU A 89 9.17 -7.32 14.21
C LEU A 89 8.17 -6.66 13.29
N LEU A 90 6.88 -6.93 13.53
CA LEU A 90 5.82 -6.35 12.72
C LEU A 90 5.88 -4.83 12.74
N LYS A 91 6.11 -4.23 11.57
CA LYS A 91 6.19 -2.78 11.46
C LYS A 91 4.88 -2.20 10.93
N ILE A 92 4.57 -2.52 9.68
CA ILE A 92 3.34 -2.04 9.07
C ILE A 92 3.42 -0.54 8.77
N SER A 93 3.48 0.26 9.82
CA SER A 93 3.55 1.71 9.68
C SER A 93 4.66 2.09 8.70
N SER A 94 5.81 1.42 8.82
CA SER A 94 6.95 1.70 7.95
C SER A 94 6.58 1.45 6.49
N GLY A 95 6.01 0.29 6.21
CA GLY A 95 5.63 -0.06 4.85
C GLY A 95 4.62 0.92 4.28
N LEU A 96 3.53 1.14 5.01
CA LEU A 96 2.48 2.05 4.57
C LEU A 96 3.01 3.47 4.44
N LEU A 97 3.95 3.83 5.31
CA LEU A 97 4.54 5.16 5.31
C LEU A 97 5.33 5.39 4.01
N GLU A 98 6.19 4.44 3.67
CA GLU A 98 7.00 4.54 2.46
C GLU A 98 6.11 4.59 1.22
N TYR A 99 5.17 3.65 1.14
CA TYR A 99 4.26 3.59 -0.01
C TYR A 99 3.49 4.89 -0.16
N HIS A 100 3.01 5.42 0.96
CA HIS A 100 2.24 6.66 0.96
C HIS A 100 3.08 7.81 0.41
N SER A 101 4.33 7.90 0.86
CA SER A 101 5.23 8.95 0.43
C SER A 101 5.50 8.84 -1.08
N TYR A 102 5.66 7.61 -1.55
CA TYR A 102 5.93 7.37 -2.96
C TYR A 102 4.75 7.81 -3.83
N LEU A 103 3.62 7.15 -3.65
CA LEU A 103 2.42 7.47 -4.41
C LEU A 103 2.11 8.97 -4.33
N GLU A 104 2.31 9.54 -3.15
CA GLU A 104 2.04 10.96 -2.93
C GLU A 104 2.97 11.82 -3.79
N TYR A 105 4.24 11.44 -3.84
CA TYR A 105 5.24 12.17 -4.61
C TYR A 105 4.89 12.14 -6.10
N MET A 106 4.45 10.99 -6.58
CA MET A 106 4.08 10.83 -7.98
C MET A 106 2.82 11.63 -8.30
N LYS A 107 1.88 11.64 -7.36
CA LYS A 107 0.63 12.36 -7.55
C LYS A 107 0.89 13.81 -7.95
N ASN A 108 1.98 14.38 -7.44
CA ASN A 108 2.34 15.75 -7.76
C ASN A 108 2.56 15.93 -9.26
N ASN A 109 3.14 14.92 -9.89
CA ASN A 109 3.40 14.96 -11.33
C ASN A 109 2.70 13.81 -12.04
N LEU A 110 1.47 14.05 -12.47
CA LEU A 110 0.69 13.02 -13.18
C LEU A 110 -0.26 13.65 -14.18
N LYS A 111 -0.99 12.82 -14.91
CA LYS A 111 -1.93 13.31 -15.91
C LYS A 111 -3.21 13.79 -15.24
N ASP A 112 -4.19 14.18 -16.05
CA ASP A 112 -5.46 14.68 -15.54
C ASP A 112 -6.19 13.58 -14.75
N ASN A 113 -6.32 12.41 -15.36
CA ASN A 113 -7.00 11.28 -14.71
C ASN A 113 -6.13 10.70 -13.60
N LYS A 114 -4.86 10.49 -13.90
CA LYS A 114 -3.94 9.93 -12.92
C LYS A 114 -3.90 10.78 -11.66
N LYS A 115 -3.98 12.09 -11.83
CA LYS A 115 -3.96 13.01 -10.71
C LYS A 115 -5.23 12.87 -9.87
N ASP A 116 -6.38 12.88 -10.54
CA ASP A 116 -7.66 12.75 -9.86
C ASP A 116 -7.69 11.49 -8.98
N LYS A 117 -7.28 10.37 -9.56
CA LYS A 117 -7.26 9.10 -8.84
C LYS A 117 -6.14 9.09 -7.80
N ALA A 118 -5.00 9.68 -8.14
CA ALA A 118 -3.86 9.74 -7.24
C ALA A 118 -4.26 10.37 -5.91
N ARG A 119 -4.97 11.49 -5.97
CA ARG A 119 -5.40 12.20 -4.77
C ARG A 119 -6.20 11.27 -3.86
N VAL A 120 -7.09 10.49 -4.46
CA VAL A 120 -7.92 9.56 -3.69
C VAL A 120 -7.07 8.43 -3.10
N LEU A 121 -6.05 8.02 -3.82
CA LEU A 121 -5.16 6.96 -3.36
C LEU A 121 -4.39 7.39 -2.12
N GLN A 122 -3.76 8.56 -2.20
CA GLN A 122 -2.99 9.09 -1.09
C GLN A 122 -3.89 9.37 0.12
N ARG A 123 -5.06 9.94 -0.15
CA ARG A 123 -6.01 10.26 0.91
C ARG A 123 -6.42 9.00 1.68
N ASP A 124 -6.88 8.01 0.94
CA ASP A 124 -7.29 6.74 1.55
C ASP A 124 -6.17 6.13 2.37
N THR A 125 -4.99 6.04 1.76
CA THR A 125 -3.83 5.47 2.43
C THR A 125 -3.52 6.21 3.74
N GLU A 126 -3.54 7.53 3.68
CA GLU A 126 -3.27 8.35 4.85
C GLU A 126 -4.31 8.11 5.94
N THR A 127 -5.55 7.83 5.52
CA THR A 127 -6.64 7.58 6.46
C THR A 127 -6.42 6.27 7.20
N LEU A 128 -6.26 5.18 6.46
CA LEU A 128 -6.05 3.86 7.05
C LEU A 128 -4.77 3.85 7.90
N ILE A 129 -3.78 4.62 7.47
CA ILE A 129 -2.51 4.70 8.18
C ILE A 129 -2.67 5.43 9.51
N HIS A 130 -3.40 6.54 9.47
CA HIS A 130 -3.63 7.33 10.68
C HIS A 130 -4.43 6.54 11.70
N ILE A 131 -5.43 5.80 11.23
CA ILE A 131 -6.27 4.99 12.11
C ILE A 131 -5.46 3.86 12.75
N PHE A 132 -4.78 3.08 11.91
CA PHE A 132 -3.98 1.97 12.39
C PHE A 132 -2.84 2.46 13.29
N ASN A 133 -2.11 3.45 12.80
CA ASN A 133 -0.99 4.01 13.56
C ASN A 133 -1.47 4.56 14.91
N GLN A 134 -2.63 5.21 14.90
CA GLN A 134 -3.19 5.77 16.13
C GLN A 134 -3.48 4.68 17.15
N GLU A 135 -4.24 3.67 16.73
CA GLU A 135 -4.59 2.55 17.61
C GLU A 135 -3.33 1.83 18.09
N VAL A 136 -2.46 1.48 17.15
CA VAL A 136 -1.23 0.78 17.49
C VAL A 136 -0.35 1.62 18.41
N LYS A 137 -0.38 2.94 18.21
CA LYS A 137 0.41 3.85 19.03
C LYS A 137 -0.12 3.91 20.46
N ASP A 138 -1.44 3.91 20.58
CA ASP A 138 -2.09 3.96 21.89
C ASP A 138 -1.88 2.65 22.64
N LEU A 139 -1.88 1.54 21.91
CA LEU A 139 -1.71 0.22 22.50
C LEU A 139 -0.23 -0.03 22.83
N HIS A 140 0.61 0.04 21.80
CA HIS A 140 2.04 -0.18 21.98
C HIS A 140 2.85 0.96 21.35
N LYS A 141 4.16 0.76 21.25
CA LYS A 141 5.04 1.77 20.67
C LYS A 141 5.19 1.57 19.17
N ILE A 142 6.11 2.30 18.56
CA ILE A 142 6.36 2.19 17.13
C ILE A 142 7.53 3.05 16.71
N VAL A 143 8.31 2.56 15.74
CA VAL A 143 9.46 3.29 15.24
C VAL A 143 9.32 3.61 13.75
N LEU A 144 9.96 4.68 13.31
CA LEU A 144 9.90 5.09 11.91
C LEU A 144 11.12 4.56 11.14
N PRO A 145 10.86 4.10 9.92
CA PRO A 145 11.92 3.56 9.05
C PRO A 145 12.86 4.65 8.55
N THR A 146 12.30 5.79 8.15
CA THR A 146 13.10 6.90 7.66
C THR A 146 13.79 6.54 6.36
N PRO A 147 13.00 6.35 5.29
CA PRO A 147 13.51 6.00 3.97
C PRO A 147 14.27 7.15 3.31
N ILE A 148 15.17 6.82 2.39
CA ILE A 148 15.96 7.83 1.70
C ILE A 148 15.68 7.81 0.20
N SER A 149 15.06 6.73 -0.27
CA SER A 149 14.73 6.58 -1.69
C SER A 149 13.98 7.81 -2.20
N ASN A 150 13.22 8.44 -1.31
CA ASN A 150 12.45 9.63 -1.67
C ASN A 150 13.33 10.66 -2.35
N ALA A 151 14.53 10.87 -1.81
CA ALA A 151 15.47 11.83 -2.37
C ALA A 151 15.88 11.43 -3.79
N LEU A 152 15.99 10.13 -4.02
CA LEU A 152 16.37 9.62 -5.34
C LEU A 152 15.28 9.88 -6.36
N LEU A 153 14.06 9.45 -6.05
CA LEU A 153 12.93 9.64 -6.94
C LEU A 153 12.73 11.11 -7.27
N THR A 154 12.68 11.94 -6.23
CA THR A 154 12.50 13.38 -6.41
C THR A 154 13.66 13.99 -7.20
N ASP A 155 14.87 13.54 -6.90
CA ASP A 155 16.05 14.05 -7.59
C ASP A 155 15.93 13.84 -9.10
N LYS A 156 15.42 12.69 -9.49
CA LYS A 156 15.24 12.37 -10.91
C LYS A 156 14.37 13.42 -11.59
N LEU A 157 14.42 13.45 -12.93
CA LEU A 157 13.63 14.40 -13.70
C LEU A 157 12.45 13.70 -14.37
N GLU A 158 11.70 14.46 -15.16
CA GLU A 158 10.54 13.92 -15.85
C GLU A 158 10.66 14.13 -17.36
N SER A 159 9.98 13.28 -18.13
CA SER A 159 10.01 13.37 -19.59
C SER A 159 11.43 13.23 -20.10
N GLN A 160 11.60 13.38 -21.41
CA GLN A 160 12.92 13.26 -22.03
C GLN A 160 13.53 11.89 -21.78
N LYS A 161 12.66 10.88 -21.61
CA LYS A 161 13.12 9.53 -21.36
C LYS A 161 11.94 8.56 -21.36
N GLU A 162 12.25 7.27 -21.29
CA GLU A 162 11.22 6.23 -21.30
C GLU A 162 11.79 4.90 -20.83
N TRP A 163 10.90 3.95 -20.55
CA TRP A 163 11.31 2.62 -20.09
C TRP A 163 12.24 2.73 -18.90
N LEU A 164 11.77 3.37 -17.84
CA LEU A 164 12.56 3.54 -16.62
C LEU A 164 11.68 3.92 -15.44
N ARG A 165 10.89 4.96 -15.60
CA ARG A 165 9.99 5.42 -14.55
C ARG A 165 8.89 4.40 -14.30
N THR A 166 8.31 3.87 -15.38
CA THR A 166 7.25 2.89 -15.26
C THR A 166 7.65 1.74 -14.35
N LYS A 167 8.95 1.50 -14.24
CA LYS A 167 9.46 0.43 -13.39
C LYS A 167 9.27 0.77 -11.92
N THR A 168 10.03 1.75 -11.44
CA THR A 168 9.95 2.18 -10.04
C THR A 168 8.50 2.39 -9.63
N ILE A 169 7.74 3.08 -10.48
CA ILE A 169 6.34 3.35 -10.18
C ILE A 169 5.54 2.06 -10.05
N GLN A 170 5.67 1.18 -11.03
CA GLN A 170 4.97 -0.10 -11.03
C GLN A 170 5.37 -0.93 -9.82
N PHE A 171 6.60 -0.72 -9.35
CA PHE A 171 7.13 -1.46 -8.21
C PHE A 171 6.43 -1.02 -6.92
N ILE A 172 6.48 0.28 -6.64
CA ILE A 172 5.86 0.82 -5.44
C ILE A 172 4.35 0.57 -5.44
N LEU A 173 3.75 0.63 -6.61
CA LEU A 173 2.30 0.40 -6.75
C LEU A 173 1.96 -1.04 -6.45
N LYS A 174 2.65 -1.97 -7.12
CA LYS A 174 2.40 -3.39 -6.93
C LYS A 174 2.62 -3.79 -5.47
N SER A 175 3.77 -3.42 -4.92
CA SER A 175 4.11 -3.73 -3.54
C SER A 175 3.08 -3.13 -2.58
N LEU A 176 2.72 -1.88 -2.83
CA LEU A 176 1.74 -1.19 -1.99
C LEU A 176 0.42 -1.96 -1.94
N GLU A 177 -0.11 -2.29 -3.11
CA GLU A 177 -1.37 -3.03 -3.20
C GLU A 177 -1.28 -4.34 -2.44
N GLU A 178 -0.31 -5.16 -2.81
CA GLU A 178 -0.11 -6.46 -2.16
C GLU A 178 0.00 -6.30 -0.65
N PHE A 179 0.87 -5.39 -0.22
CA PHE A 179 1.08 -5.13 1.20
C PHE A 179 -0.22 -4.67 1.86
N LEU A 180 -1.06 -3.99 1.10
CA LEU A 180 -2.34 -3.48 1.62
C LEU A 180 -3.28 -4.64 1.91
N LYS A 181 -3.61 -5.42 0.89
CA LYS A 181 -4.51 -6.56 1.05
C LYS A 181 -4.02 -7.48 2.16
N VAL A 182 -2.72 -7.73 2.18
CA VAL A 182 -2.13 -8.60 3.19
C VAL A 182 -2.30 -8.03 4.60
N THR A 183 -1.97 -6.75 4.74
CA THR A 183 -2.10 -6.07 6.03
C THR A 183 -3.54 -6.07 6.51
N LEU A 184 -4.48 -6.03 5.57
CA LEU A 184 -5.90 -6.03 5.90
C LEU A 184 -6.33 -7.39 6.44
N ARG A 185 -6.10 -8.43 5.63
CA ARG A 185 -6.47 -9.78 6.03
C ARG A 185 -5.63 -10.25 7.21
N SER A 186 -4.50 -9.60 7.43
CA SER A 186 -3.60 -9.95 8.53
C SER A 186 -4.12 -9.37 9.85
N THR A 187 -4.44 -8.08 9.83
CA THR A 187 -4.94 -7.40 11.02
C THR A 187 -6.34 -7.89 11.39
N ARG A 188 -7.06 -8.40 10.41
CA ARG A 188 -8.41 -8.91 10.63
C ARG A 188 -8.38 -10.21 11.42
N GLN A 189 -7.38 -11.04 11.15
CA GLN A 189 -7.23 -12.31 11.84
C GLN A 189 -8.40 -13.24 11.52
N THR A 190 -8.15 -14.25 10.70
CA THR A 190 -9.17 -15.21 10.32
C THR A 190 -8.57 -16.51 9.81
N SER A 7 3.39 -16.71 -2.72
CA SER A 7 3.10 -17.90 -1.92
C SER A 7 1.62 -18.24 -1.96
N GLN A 8 1.13 -18.52 -3.16
CA GLN A 8 -0.28 -18.87 -3.35
C GLN A 8 -1.18 -17.73 -2.90
N VAL A 9 -1.42 -16.77 -3.80
CA VAL A 9 -2.27 -15.63 -3.50
C VAL A 9 -3.71 -15.89 -3.91
N ARG A 10 -4.64 -15.62 -3.01
CA ARG A 10 -6.06 -15.82 -3.28
C ARG A 10 -6.75 -14.51 -3.59
N ARG A 11 -7.14 -14.35 -4.86
CA ARG A 11 -7.81 -13.12 -5.30
C ARG A 11 -9.19 -13.00 -4.66
N GLY A 12 -9.78 -11.81 -4.76
CA GLY A 12 -11.10 -11.59 -4.20
C GLY A 12 -11.56 -10.15 -4.35
N ASP A 13 -11.30 -9.57 -5.52
CA ASP A 13 -11.69 -8.19 -5.79
C ASP A 13 -13.21 -8.03 -5.71
N PHE A 14 -13.67 -7.30 -4.71
CA PHE A 14 -15.10 -7.07 -4.53
C PHE A 14 -15.65 -6.19 -5.64
N THR A 15 -16.98 -6.09 -5.70
CA THR A 15 -17.64 -5.28 -6.73
C THR A 15 -18.40 -4.12 -6.10
N GLU A 16 -18.87 -4.31 -4.87
CA GLU A 16 -19.62 -3.28 -4.16
C GLU A 16 -18.82 -1.97 -4.12
N ASP A 17 -19.54 -0.87 -3.93
CA ASP A 17 -18.90 0.45 -3.87
C ASP A 17 -19.77 1.44 -3.10
N THR A 18 -19.80 1.28 -1.78
CA THR A 18 -20.60 2.16 -0.93
C THR A 18 -19.90 3.50 -0.72
N THR A 19 -20.66 4.48 -0.24
CA THR A 19 -20.11 5.81 0.01
C THR A 19 -19.53 5.91 1.41
N PRO A 20 -18.64 6.91 1.61
CA PRO A 20 -17.99 7.13 2.90
C PRO A 20 -18.96 7.65 3.96
N ASN A 21 -18.46 7.83 5.18
CA ASN A 21 -19.29 8.32 6.28
C ASN A 21 -18.44 9.04 7.31
N ARG A 22 -17.58 9.95 6.85
CA ARG A 22 -16.70 10.70 7.73
C ARG A 22 -15.77 9.77 8.51
N PRO A 23 -14.68 10.34 9.04
CA PRO A 23 -13.68 9.58 9.81
C PRO A 23 -14.23 9.12 11.15
N VAL A 24 -14.97 8.02 11.14
CA VAL A 24 -15.55 7.48 12.36
C VAL A 24 -14.60 6.51 13.03
N TYR A 25 -13.62 6.02 12.27
CA TYR A 25 -12.64 5.08 12.79
C TYR A 25 -13.29 3.77 13.21
N THR A 26 -14.22 3.30 12.39
CA THR A 26 -14.93 2.06 12.67
C THR A 26 -14.52 0.96 11.70
N THR A 27 -14.71 -0.29 12.12
CA THR A 27 -14.35 -1.43 11.29
C THR A 27 -14.97 -1.33 9.90
N SER A 28 -16.27 -1.06 9.86
CA SER A 28 -16.99 -0.93 8.59
C SER A 28 -16.28 0.06 7.67
N GLN A 29 -16.00 1.25 8.19
CA GLN A 29 -15.33 2.27 7.41
C GLN A 29 -13.94 1.81 6.96
N VAL A 30 -13.23 1.14 7.86
CA VAL A 30 -11.90 0.64 7.56
C VAL A 30 -11.94 -0.37 6.41
N GLY A 31 -12.77 -1.40 6.55
CA GLY A 31 -12.89 -2.41 5.52
C GLY A 31 -13.25 -1.83 4.18
N GLY A 32 -14.31 -1.02 4.15
CA GLY A 32 -14.74 -0.41 2.90
C GLY A 32 -13.65 0.43 2.26
N LEU A 33 -12.95 1.21 3.07
CA LEU A 33 -11.89 2.06 2.58
C LEU A 33 -10.76 1.23 1.98
N ILE A 34 -10.31 0.23 2.73
CA ILE A 34 -9.23 -0.64 2.27
C ILE A 34 -9.56 -1.25 0.91
N THR A 35 -10.79 -1.71 0.75
CA THR A 35 -11.22 -2.31 -0.51
C THR A 35 -11.22 -1.28 -1.64
N HIS A 36 -11.73 -0.09 -1.35
CA HIS A 36 -11.79 0.99 -2.34
C HIS A 36 -10.39 1.32 -2.84
N VAL A 37 -9.49 1.64 -1.92
CA VAL A 37 -8.12 1.99 -2.27
C VAL A 37 -7.43 0.84 -3.00
N LEU A 38 -7.75 -0.38 -2.60
CA LEU A 38 -7.17 -1.57 -3.20
C LEU A 38 -7.50 -1.63 -4.69
N TRP A 39 -8.76 -1.44 -5.02
CA TRP A 39 -9.21 -1.48 -6.41
C TRP A 39 -8.60 -0.32 -7.21
N GLU A 40 -8.59 0.86 -6.60
CA GLU A 40 -8.04 2.04 -7.25
C GLU A 40 -6.56 1.85 -7.58
N ILE A 41 -5.80 1.37 -6.60
CA ILE A 41 -4.37 1.14 -6.78
C ILE A 41 -4.12 0.12 -7.90
N VAL A 42 -4.82 -1.00 -7.83
CA VAL A 42 -4.67 -2.05 -8.84
C VAL A 42 -4.91 -1.49 -10.25
N GLU A 43 -6.08 -0.94 -10.47
CA GLU A 43 -6.43 -0.38 -11.77
C GLU A 43 -5.40 0.66 -12.20
N MET A 44 -5.03 1.54 -11.28
CA MET A 44 -4.05 2.59 -11.57
C MET A 44 -2.71 1.98 -11.97
N ARG A 45 -2.40 0.81 -11.40
CA ARG A 45 -1.16 0.13 -11.70
C ARG A 45 -1.17 -0.45 -13.11
N LYS A 46 -2.23 -1.20 -13.43
CA LYS A 46 -2.37 -1.81 -14.75
C LYS A 46 -2.59 -0.74 -15.82
N GLU A 47 -3.19 0.37 -15.42
CA GLU A 47 -3.45 1.47 -16.35
C GLU A 47 -2.17 1.91 -17.04
N LEU A 48 -1.08 1.95 -16.29
CA LEU A 48 0.21 2.38 -16.84
C LEU A 48 0.58 1.53 -18.06
N CYS A 49 0.08 0.29 -18.08
CA CYS A 49 0.36 -0.61 -19.20
C CYS A 49 -0.79 -0.61 -20.19
N ASN A 50 -1.45 0.54 -20.34
CA ASN A 50 -2.57 0.66 -21.26
C ASN A 50 -3.71 -0.25 -20.86
N GLY A 51 -3.79 -0.55 -19.56
CA GLY A 51 -4.85 -1.42 -19.06
C GLY A 51 -4.65 -2.87 -19.47
N ASN A 52 -3.40 -3.32 -19.50
CA ASN A 52 -3.09 -4.68 -19.87
C ASN A 52 -2.89 -5.56 -18.65
N SER A 53 -3.89 -6.38 -18.33
CA SER A 53 -3.82 -7.26 -17.18
C SER A 53 -2.58 -8.15 -17.24
N ASP A 54 -2.21 -8.54 -18.46
CA ASP A 54 -1.03 -9.38 -18.66
C ASP A 54 0.23 -8.71 -18.12
N CYS A 55 0.22 -7.38 -18.14
CA CYS A 55 1.37 -6.62 -17.66
C CYS A 55 1.61 -6.87 -16.17
N MET A 56 0.54 -7.18 -15.44
CA MET A 56 0.64 -7.45 -14.02
C MET A 56 1.38 -8.76 -13.76
N ASN A 57 1.01 -9.80 -14.51
CA ASN A 57 1.64 -11.10 -14.36
C ASN A 57 2.68 -11.33 -15.45
N ASN A 58 3.23 -10.25 -15.97
CA ASN A 58 4.25 -10.33 -17.01
C ASN A 58 5.60 -10.74 -16.44
N ASP A 59 6.06 -10.00 -15.43
CA ASP A 59 7.34 -10.29 -14.79
C ASP A 59 7.21 -10.21 -13.28
N ASP A 60 6.01 -10.44 -12.78
CA ASP A 60 5.75 -10.40 -11.34
C ASP A 60 6.30 -11.64 -10.65
N ALA A 61 6.39 -12.74 -11.40
CA ALA A 61 6.90 -14.00 -10.87
C ALA A 61 8.24 -13.80 -10.17
N LEU A 62 9.02 -12.85 -10.69
CA LEU A 62 10.34 -12.56 -10.12
C LEU A 62 10.31 -11.27 -9.32
N ALA A 63 9.50 -10.31 -9.76
CA ALA A 63 9.38 -9.04 -9.07
C ALA A 63 9.05 -9.23 -7.60
N GLU A 64 8.14 -10.16 -7.31
CA GLU A 64 7.73 -10.44 -5.94
C GLU A 64 8.94 -10.79 -5.08
N ASN A 65 9.98 -11.31 -5.72
CA ASN A 65 11.21 -11.69 -5.02
C ASN A 65 12.35 -10.72 -5.34
N ASN A 66 11.98 -9.49 -5.69
CA ASN A 66 12.98 -8.47 -6.03
C ASN A 66 12.68 -7.17 -5.29
N LEU A 67 12.00 -7.27 -4.16
CA LEU A 67 11.65 -6.10 -3.36
C LEU A 67 12.31 -6.17 -1.99
N LYS A 68 12.98 -5.09 -1.60
CA LYS A 68 13.66 -5.02 -0.31
C LYS A 68 12.92 -4.08 0.63
N LEU A 69 11.63 -3.86 0.36
CA LEU A 69 10.81 -2.99 1.19
C LEU A 69 10.26 -3.74 2.40
N PRO A 70 9.95 -3.00 3.47
CA PRO A 70 9.41 -3.58 4.70
C PRO A 70 7.98 -4.09 4.52
N GLU A 71 7.78 -5.39 4.74
CA GLU A 71 6.46 -5.99 4.60
C GLU A 71 6.27 -7.12 5.61
N ILE A 72 5.02 -7.48 5.86
CA ILE A 72 4.69 -8.54 6.81
C ILE A 72 4.77 -9.91 6.15
N GLN A 73 5.76 -10.70 6.53
CA GLN A 73 5.95 -12.03 5.97
C GLN A 73 6.37 -13.02 7.05
N ARG A 74 5.64 -14.12 7.16
CA ARG A 74 5.94 -15.15 8.15
C ARG A 74 6.06 -14.53 9.55
N ASN A 75 4.97 -13.98 10.04
CA ASN A 75 4.94 -13.35 11.37
C ASN A 75 4.20 -14.23 12.37
N ASP A 76 4.91 -14.68 13.40
CA ASP A 76 4.31 -15.52 14.42
C ASP A 76 3.72 -14.68 15.54
N GLY A 77 4.28 -13.48 15.73
CA GLY A 77 3.79 -12.60 16.78
C GLY A 77 4.78 -12.43 17.91
N CYS A 78 5.06 -11.18 18.27
CA CYS A 78 6.00 -10.90 19.35
C CYS A 78 5.53 -11.52 20.67
N TYR A 79 6.10 -12.67 21.00
CA TYR A 79 5.73 -13.37 22.23
C TYR A 79 6.85 -13.27 23.26
N GLN A 80 6.47 -13.07 24.52
CA GLN A 80 7.44 -12.95 25.60
C GLN A 80 7.95 -14.33 26.02
N THR A 81 8.96 -14.33 26.89
CA THR A 81 9.54 -15.58 27.38
C THR A 81 9.88 -15.49 28.86
N GLY A 82 10.50 -14.39 29.24
CA GLY A 82 10.87 -14.20 30.64
C GLY A 82 12.30 -13.72 30.80
N TYR A 83 13.24 -14.65 30.71
CA TYR A 83 14.66 -14.32 30.86
C TYR A 83 15.32 -14.15 29.49
N ASN A 84 16.62 -13.87 29.51
CA ASN A 84 17.37 -13.69 28.26
C ASN A 84 16.79 -12.54 27.44
N GLN A 85 17.42 -12.27 26.30
CA GLN A 85 16.96 -11.19 25.43
C GLN A 85 16.10 -11.74 24.29
N GLU A 86 15.74 -10.87 23.35
CA GLU A 86 14.91 -11.27 22.22
C GLU A 86 14.90 -10.18 21.15
N ILE A 87 14.17 -10.44 20.07
CA ILE A 87 14.07 -9.47 18.98
C ILE A 87 12.67 -9.48 18.37
N CYS A 88 12.44 -8.57 17.43
CA CYS A 88 11.14 -8.46 16.77
C CYS A 88 11.16 -7.36 15.72
N LEU A 89 11.87 -6.28 16.01
CA LEU A 89 11.95 -5.15 15.09
C LEU A 89 10.58 -4.57 14.80
N LEU A 90 10.54 -3.54 13.96
CA LEU A 90 9.29 -2.89 13.60
C LEU A 90 8.94 -3.16 12.14
N LYS A 91 7.70 -2.85 11.76
CA LYS A 91 7.25 -3.05 10.39
C LYS A 91 5.89 -2.38 10.17
N ILE A 92 5.35 -2.54 8.97
CA ILE A 92 4.06 -1.95 8.62
C ILE A 92 4.16 -0.44 8.49
N SER A 93 4.37 0.23 9.63
CA SER A 93 4.48 1.68 9.64
C SER A 93 5.50 2.17 8.62
N SER A 94 6.68 1.56 8.64
CA SER A 94 7.75 1.92 7.71
C SER A 94 7.26 1.84 6.27
N GLY A 95 6.69 0.69 5.91
CA GLY A 95 6.19 0.50 4.56
C GLY A 95 5.11 1.49 4.20
N LEU A 96 4.17 1.69 5.11
CA LEU A 96 3.07 2.63 4.87
C LEU A 96 3.59 4.02 4.56
N LEU A 97 4.57 4.47 5.34
CA LEU A 97 5.16 5.79 5.14
C LEU A 97 5.84 5.88 3.78
N GLU A 98 6.67 4.88 3.48
CA GLU A 98 7.40 4.85 2.20
C GLU A 98 6.42 4.91 1.03
N TYR A 99 5.48 3.98 0.99
CA TYR A 99 4.50 3.92 -0.08
C TYR A 99 3.76 5.25 -0.21
N HIS A 100 3.32 5.79 0.92
CA HIS A 100 2.61 7.06 0.93
C HIS A 100 3.41 8.15 0.24
N SER A 101 4.69 8.25 0.60
CA SER A 101 5.57 9.26 0.01
C SER A 101 5.73 9.03 -1.49
N TYR A 102 5.79 7.76 -1.88
CA TYR A 102 5.94 7.40 -3.29
C TYR A 102 4.75 7.89 -4.10
N LEU A 103 3.58 7.34 -3.82
CA LEU A 103 2.36 7.73 -4.53
C LEU A 103 2.14 9.23 -4.46
N GLU A 104 2.48 9.83 -3.32
CA GLU A 104 2.32 11.26 -3.13
C GLU A 104 3.27 12.04 -4.04
N TYR A 105 4.46 11.51 -4.23
CA TYR A 105 5.47 12.15 -5.07
C TYR A 105 5.05 12.12 -6.54
N MET A 106 4.70 10.93 -7.02
CA MET A 106 4.28 10.75 -8.41
C MET A 106 2.94 11.43 -8.65
N LYS A 107 2.10 11.48 -7.61
CA LYS A 107 0.78 12.09 -7.72
C LYS A 107 0.90 13.52 -8.23
N ASN A 108 1.94 14.23 -7.79
CA ASN A 108 2.15 15.61 -8.22
C ASN A 108 2.32 15.70 -9.72
N ASN A 109 2.99 14.70 -10.30
CA ASN A 109 3.22 14.67 -11.74
C ASN A 109 2.52 13.47 -12.37
N LEU A 110 1.28 13.67 -12.78
CA LEU A 110 0.50 12.60 -13.40
C LEU A 110 -0.50 13.18 -14.41
N LYS A 111 -1.23 12.30 -15.07
CA LYS A 111 -2.22 12.71 -16.06
C LYS A 111 -3.52 13.15 -15.38
N ASP A 112 -4.53 13.48 -16.19
CA ASP A 112 -5.81 13.92 -15.66
C ASP A 112 -6.46 12.82 -14.83
N ASN A 113 -6.55 11.62 -15.40
CA ASN A 113 -7.15 10.49 -14.71
C ASN A 113 -6.27 10.02 -13.55
N LYS A 114 -4.97 9.86 -13.84
CA LYS A 114 -4.02 9.43 -12.83
C LYS A 114 -4.06 10.35 -11.60
N LYS A 115 -4.25 11.64 -11.85
CA LYS A 115 -4.31 12.62 -10.78
C LYS A 115 -5.56 12.43 -9.94
N ASP A 116 -6.71 12.40 -10.59
CA ASP A 116 -7.99 12.22 -9.90
C ASP A 116 -7.94 11.00 -9.00
N LYS A 117 -7.44 9.89 -9.52
CA LYS A 117 -7.33 8.65 -8.76
C LYS A 117 -6.23 8.74 -7.71
N ALA A 118 -5.14 9.42 -8.06
CA ALA A 118 -4.02 9.58 -7.15
C ALA A 118 -4.47 10.20 -5.83
N ARG A 119 -5.26 11.26 -5.92
CA ARG A 119 -5.76 11.95 -4.73
C ARG A 119 -6.50 10.98 -3.82
N VAL A 120 -7.29 10.09 -4.41
CA VAL A 120 -8.05 9.11 -3.66
C VAL A 120 -7.14 8.04 -3.06
N LEU A 121 -6.06 7.73 -3.77
CA LEU A 121 -5.10 6.73 -3.30
C LEU A 121 -4.34 7.23 -2.09
N GLN A 122 -3.77 8.42 -2.20
CA GLN A 122 -3.01 9.02 -1.10
C GLN A 122 -3.92 9.33 0.07
N ARG A 123 -5.15 9.73 -0.22
CA ARG A 123 -6.12 10.08 0.81
C ARG A 123 -6.49 8.85 1.63
N ASP A 124 -6.89 7.78 0.95
CA ASP A 124 -7.27 6.54 1.62
C ASP A 124 -6.11 5.99 2.43
N THR A 125 -4.93 5.98 1.84
CA THR A 125 -3.73 5.47 2.51
C THR A 125 -3.48 6.21 3.81
N GLU A 126 -3.46 7.54 3.73
CA GLU A 126 -3.22 8.38 4.90
C GLU A 126 -4.26 8.11 5.98
N THR A 127 -5.51 7.92 5.55
CA THR A 127 -6.60 7.65 6.49
C THR A 127 -6.38 6.33 7.22
N LEU A 128 -6.22 5.26 6.47
CA LEU A 128 -6.01 3.94 7.05
C LEU A 128 -4.73 3.92 7.90
N ILE A 129 -3.76 4.73 7.51
CA ILE A 129 -2.50 4.81 8.23
C ILE A 129 -2.67 5.48 9.58
N HIS A 130 -3.49 6.54 9.61
CA HIS A 130 -3.75 7.27 10.84
C HIS A 130 -4.60 6.44 11.80
N ILE A 131 -5.56 5.70 11.24
CA ILE A 131 -6.43 4.87 12.06
C ILE A 131 -5.67 3.71 12.69
N PHE A 132 -4.92 2.99 11.86
CA PHE A 132 -4.14 1.85 12.34
C PHE A 132 -3.05 2.31 13.31
N ASN A 133 -2.31 3.34 12.91
CA ASN A 133 -1.24 3.89 13.74
C ASN A 133 -1.79 4.36 15.09
N GLN A 134 -2.94 5.03 15.05
CA GLN A 134 -3.57 5.55 16.27
C GLN A 134 -3.96 4.41 17.20
N GLU A 135 -4.60 3.40 16.65
CA GLU A 135 -5.04 2.25 17.43
C GLU A 135 -3.86 1.58 18.11
N VAL A 136 -2.83 1.26 17.33
CA VAL A 136 -1.63 0.61 17.85
C VAL A 136 -0.87 1.55 18.79
N LYS A 137 -1.00 2.85 18.55
CA LYS A 137 -0.33 3.85 19.36
C LYS A 137 -0.92 3.90 20.77
N ASP A 138 -2.25 3.79 20.85
CA ASP A 138 -2.94 3.83 22.13
C ASP A 138 -2.78 2.50 22.87
N LEU A 139 -2.90 1.39 22.13
CA LEU A 139 -2.77 0.07 22.71
C LEU A 139 -1.32 -0.21 23.12
N HIS A 140 -0.41 -0.13 22.15
CA HIS A 140 1.00 -0.37 22.41
C HIS A 140 1.84 0.85 21.99
N LYS A 141 3.15 0.67 21.97
CA LYS A 141 4.07 1.74 21.59
C LYS A 141 4.43 1.64 20.11
N ILE A 142 5.16 2.64 19.62
CA ILE A 142 5.57 2.67 18.22
C ILE A 142 6.46 3.88 17.93
N VAL A 143 7.45 3.68 17.07
CA VAL A 143 8.36 4.76 16.70
C VAL A 143 8.78 4.65 15.25
N LEU A 144 9.07 5.80 14.63
CA LEU A 144 9.47 5.83 13.24
C LEU A 144 10.45 6.97 12.98
N PRO A 145 11.51 6.71 12.20
CA PRO A 145 12.52 7.70 11.86
C PRO A 145 11.99 8.78 10.93
N THR A 146 12.05 8.52 9.63
CA THR A 146 11.58 9.47 8.63
C THR A 146 11.80 8.94 7.22
N PRO A 147 10.89 9.30 6.30
CA PRO A 147 10.96 8.88 4.90
C PRO A 147 12.12 9.54 4.15
N ILE A 148 12.95 8.72 3.51
CA ILE A 148 14.09 9.22 2.77
C ILE A 148 13.96 8.89 1.28
N SER A 149 13.22 7.83 0.98
CA SER A 149 13.02 7.41 -0.40
C SER A 149 12.54 8.57 -1.26
N ASN A 150 11.58 9.34 -0.74
CA ASN A 150 11.05 10.48 -1.47
C ASN A 150 12.17 11.39 -1.96
N ALA A 151 13.12 11.68 -1.08
CA ALA A 151 14.24 12.54 -1.43
C ALA A 151 15.01 11.97 -2.61
N LEU A 152 15.41 10.72 -2.51
CA LEU A 152 16.16 10.06 -3.59
C LEU A 152 15.43 10.20 -4.92
N LEU A 153 14.18 9.78 -4.95
CA LEU A 153 13.38 9.87 -6.17
C LEU A 153 13.40 11.28 -6.73
N THR A 154 12.86 12.23 -5.97
CA THR A 154 12.82 13.63 -6.40
C THR A 154 14.20 14.11 -6.84
N ASP A 155 15.24 13.57 -6.21
CA ASP A 155 16.61 13.95 -6.54
C ASP A 155 17.02 13.37 -7.88
N LYS A 156 16.54 12.15 -8.16
CA LYS A 156 16.87 11.47 -9.41
C LYS A 156 16.16 12.14 -10.58
N LEU A 157 14.84 11.96 -10.64
CA LEU A 157 14.04 12.54 -11.72
C LEU A 157 13.34 13.81 -11.26
N GLU A 158 12.78 14.56 -12.20
CA GLU A 158 12.08 15.80 -11.88
C GLU A 158 11.11 16.17 -13.00
N SER A 159 11.58 16.11 -14.23
CA SER A 159 10.76 16.45 -15.39
C SER A 159 10.74 15.31 -16.40
N GLN A 160 10.19 15.58 -17.58
CA GLN A 160 10.11 14.57 -18.63
C GLN A 160 9.24 13.39 -18.20
N LYS A 161 8.94 12.52 -19.15
CA LYS A 161 8.11 11.35 -18.87
C LYS A 161 8.89 10.05 -19.15
N GLU A 162 9.38 9.92 -20.38
CA GLU A 162 10.14 8.74 -20.77
C GLU A 162 9.29 7.48 -20.64
N TRP A 163 9.86 6.35 -21.00
CA TRP A 163 9.16 5.07 -20.92
C TRP A 163 9.92 4.09 -20.03
N LEU A 164 10.68 4.63 -19.09
CA LEU A 164 11.46 3.81 -18.16
C LEU A 164 10.94 3.94 -16.74
N ARG A 165 10.35 5.11 -16.43
CA ARG A 165 9.81 5.36 -15.11
C ARG A 165 8.74 4.34 -14.75
N THR A 166 8.08 3.81 -15.77
CA THR A 166 7.02 2.83 -15.57
C THR A 166 7.49 1.70 -14.66
N LYS A 167 8.80 1.45 -14.66
CA LYS A 167 9.38 0.40 -13.83
C LYS A 167 9.30 0.76 -12.35
N THR A 168 10.06 1.76 -11.94
CA THR A 168 10.07 2.21 -10.55
C THR A 168 8.66 2.40 -10.03
N ILE A 169 7.81 3.05 -10.83
CA ILE A 169 6.44 3.30 -10.45
C ILE A 169 5.66 2.00 -10.26
N GLN A 170 5.84 1.08 -11.21
CA GLN A 170 5.17 -0.21 -11.15
C GLN A 170 5.62 -1.01 -9.93
N PHE A 171 6.87 -0.81 -9.53
CA PHE A 171 7.43 -1.50 -8.38
C PHE A 171 6.81 -1.01 -7.08
N ILE A 172 6.89 0.31 -6.86
CA ILE A 172 6.33 0.92 -5.66
C ILE A 172 4.84 0.65 -5.55
N LEU A 173 4.14 0.71 -6.68
CA LEU A 173 2.70 0.47 -6.71
C LEU A 173 2.39 -0.99 -6.39
N LYS A 174 3.12 -1.90 -7.03
CA LYS A 174 2.91 -3.33 -6.81
C LYS A 174 3.08 -3.68 -5.33
N SER A 175 4.20 -3.26 -4.75
CA SER A 175 4.48 -3.54 -3.34
C SER A 175 3.43 -2.90 -2.44
N LEU A 176 3.06 -1.66 -2.75
CA LEU A 176 2.07 -0.94 -1.97
C LEU A 176 0.77 -1.74 -1.87
N GLU A 177 0.22 -2.11 -3.01
CA GLU A 177 -1.01 -2.89 -3.05
C GLU A 177 -0.86 -4.20 -2.28
N GLU A 178 0.16 -4.98 -2.64
CA GLU A 178 0.42 -6.25 -1.99
C GLU A 178 0.50 -6.08 -0.48
N PHE A 179 1.16 -5.01 -0.04
CA PHE A 179 1.31 -4.73 1.38
C PHE A 179 -0.05 -4.50 2.04
N LEU A 180 -0.87 -3.66 1.42
CA LEU A 180 -2.19 -3.36 1.94
C LEU A 180 -3.02 -4.62 2.12
N LYS A 181 -2.98 -5.49 1.11
CA LYS A 181 -3.72 -6.75 1.15
C LYS A 181 -3.24 -7.62 2.31
N VAL A 182 -1.93 -7.82 2.39
CA VAL A 182 -1.34 -8.63 3.45
C VAL A 182 -1.69 -8.08 4.83
N THR A 183 -1.57 -6.76 4.97
CA THR A 183 -1.87 -6.10 6.23
C THR A 183 -3.32 -6.33 6.64
N LEU A 184 -4.22 -6.20 5.67
CA LEU A 184 -5.65 -6.39 5.93
C LEU A 184 -5.93 -7.81 6.41
N ARG A 185 -5.49 -8.78 5.64
CA ARG A 185 -5.69 -10.19 5.99
C ARG A 185 -4.95 -10.55 7.27
N SER A 186 -3.88 -9.81 7.54
CA SER A 186 -3.07 -10.06 8.73
C SER A 186 -3.81 -9.62 9.99
N THR A 187 -4.34 -8.41 9.96
CA THR A 187 -5.08 -7.87 11.10
C THR A 187 -6.39 -8.63 11.31
N ARG A 188 -6.90 -9.23 10.25
CA ARG A 188 -8.15 -9.99 10.32
C ARG A 188 -7.89 -11.40 10.85
N GLN A 189 -6.68 -11.89 10.63
CA GLN A 189 -6.32 -13.24 11.07
C GLN A 189 -7.17 -14.29 10.38
N THR A 190 -7.81 -13.91 9.28
CA THR A 190 -8.67 -14.82 8.53
C THR A 190 -7.83 -15.77 7.67
N SER A 7 -16.49 -25.71 -12.03
CA SER A 7 -16.44 -24.27 -11.80
C SER A 7 -17.84 -23.72 -11.52
N GLN A 8 -18.15 -23.51 -10.25
CA GLN A 8 -19.45 -22.99 -9.86
C GLN A 8 -19.30 -21.70 -9.05
N VAL A 9 -19.46 -20.57 -9.73
CA VAL A 9 -19.35 -19.26 -9.07
C VAL A 9 -20.68 -18.85 -8.47
N ARG A 10 -20.61 -18.28 -7.26
CA ARG A 10 -21.80 -17.82 -6.56
C ARG A 10 -21.82 -16.30 -6.43
N ARG A 11 -22.72 -15.66 -7.16
CA ARG A 11 -22.84 -14.20 -7.12
C ARG A 11 -23.33 -13.74 -5.77
N GLY A 12 -23.36 -12.42 -5.57
CA GLY A 12 -23.82 -11.86 -4.31
C GLY A 12 -23.11 -10.56 -3.96
N ASP A 13 -21.95 -10.34 -4.58
CA ASP A 13 -21.18 -9.13 -4.34
C ASP A 13 -21.69 -7.97 -5.18
N PHE A 14 -21.31 -6.75 -4.81
CA PHE A 14 -21.73 -5.56 -5.52
C PHE A 14 -20.54 -4.84 -6.12
N THR A 15 -20.80 -3.68 -6.74
CA THR A 15 -19.74 -2.89 -7.36
C THR A 15 -19.51 -1.59 -6.60
N GLU A 16 -20.57 -1.08 -5.97
CA GLU A 16 -20.48 0.15 -5.20
C GLU A 16 -19.32 0.10 -4.20
N ASP A 17 -18.78 1.27 -3.88
CA ASP A 17 -17.68 1.35 -2.94
C ASP A 17 -17.38 2.80 -2.58
N THR A 18 -18.41 3.52 -2.12
CA THR A 18 -18.26 4.92 -1.74
C THR A 18 -18.96 5.21 -0.42
N THR A 19 -18.41 6.15 0.34
CA THR A 19 -18.98 6.52 1.64
C THR A 19 -18.97 8.03 1.83
N PRO A 20 -19.83 8.52 2.73
CA PRO A 20 -19.94 9.95 3.03
C PRO A 20 -18.70 10.49 3.75
N ASN A 21 -18.80 11.73 4.23
CA ASN A 21 -17.69 12.36 4.94
C ASN A 21 -17.82 12.17 6.44
N ARG A 22 -18.26 10.97 6.85
CA ARG A 22 -18.43 10.67 8.26
C ARG A 22 -17.53 9.52 8.68
N PRO A 23 -16.23 9.80 8.81
CA PRO A 23 -15.23 8.80 9.21
C PRO A 23 -15.38 8.38 10.66
N VAL A 24 -16.24 7.41 10.91
CA VAL A 24 -16.48 6.91 12.27
C VAL A 24 -15.25 6.20 12.81
N TYR A 25 -14.30 5.90 11.92
CA TYR A 25 -13.08 5.21 12.32
C TYR A 25 -13.38 3.82 12.86
N THR A 26 -14.47 3.23 12.38
CA THR A 26 -14.87 1.90 12.82
C THR A 26 -14.42 0.83 11.82
N THR A 27 -14.57 -0.43 12.20
CA THR A 27 -14.19 -1.54 11.34
C THR A 27 -14.80 -1.40 9.95
N SER A 28 -16.08 -1.04 9.92
CA SER A 28 -16.80 -0.88 8.65
C SER A 28 -16.07 0.11 7.74
N GLN A 29 -15.76 1.28 8.28
CA GLN A 29 -15.07 2.31 7.52
C GLN A 29 -13.69 1.82 7.06
N VAL A 30 -13.01 1.09 7.95
CA VAL A 30 -11.69 0.57 7.65
C VAL A 30 -11.74 -0.43 6.49
N GLY A 31 -12.60 -1.44 6.63
CA GLY A 31 -12.74 -2.45 5.60
C GLY A 31 -13.08 -1.85 4.25
N GLY A 32 -14.13 -1.02 4.22
CA GLY A 32 -14.55 -0.39 2.98
C GLY A 32 -13.48 0.51 2.40
N LEU A 33 -12.76 1.21 3.27
CA LEU A 33 -11.70 2.12 2.83
C LEU A 33 -10.56 1.35 2.19
N ILE A 34 -10.12 0.28 2.84
CA ILE A 34 -9.04 -0.54 2.33
C ILE A 34 -9.41 -1.16 0.99
N THR A 35 -10.65 -1.63 0.88
CA THR A 35 -11.13 -2.25 -0.34
C THR A 35 -11.16 -1.25 -1.49
N HIS A 36 -11.66 -0.05 -1.22
CA HIS A 36 -11.74 1.00 -2.23
C HIS A 36 -10.36 1.38 -2.73
N VAL A 37 -9.48 1.75 -1.80
CA VAL A 37 -8.11 2.13 -2.15
C VAL A 37 -7.38 0.99 -2.86
N LEU A 38 -7.69 -0.23 -2.46
CA LEU A 38 -7.06 -1.40 -3.04
C LEU A 38 -7.43 -1.54 -4.52
N TRP A 39 -8.71 -1.42 -4.81
CA TRP A 39 -9.20 -1.52 -6.19
C TRP A 39 -8.64 -0.39 -7.05
N GLU A 40 -8.59 0.81 -6.49
CA GLU A 40 -8.08 1.97 -7.20
C GLU A 40 -6.60 1.78 -7.56
N ILE A 41 -5.82 1.32 -6.59
CA ILE A 41 -4.40 1.09 -6.81
C ILE A 41 -4.16 0.04 -7.89
N VAL A 42 -4.89 -1.07 -7.79
CA VAL A 42 -4.77 -2.15 -8.77
C VAL A 42 -5.08 -1.66 -10.17
N GLU A 43 -6.19 -0.92 -10.30
CA GLU A 43 -6.60 -0.39 -11.59
C GLU A 43 -5.62 0.65 -12.11
N MET A 44 -5.18 1.54 -11.20
CA MET A 44 -4.23 2.58 -11.56
C MET A 44 -2.89 1.98 -11.95
N ARG A 45 -2.54 0.87 -11.33
CA ARG A 45 -1.27 0.20 -11.61
C ARG A 45 -1.31 -0.47 -12.98
N LYS A 46 -2.34 -1.28 -13.22
CA LYS A 46 -2.50 -1.98 -14.48
C LYS A 46 -2.80 -1.00 -15.61
N GLU A 47 -3.45 0.10 -15.27
CA GLU A 47 -3.81 1.12 -16.26
C GLU A 47 -2.55 1.66 -16.95
N LEU A 48 -1.46 1.75 -16.20
CA LEU A 48 -0.21 2.26 -16.75
C LEU A 48 0.20 1.48 -17.99
N CYS A 49 -0.15 0.20 -18.03
CA CYS A 49 0.17 -0.65 -19.17
C CYS A 49 -1.01 -0.76 -20.12
N ASN A 50 -1.75 0.34 -20.27
CA ASN A 50 -2.91 0.37 -21.15
C ASN A 50 -3.94 -0.68 -20.75
N GLY A 51 -3.93 -1.04 -19.46
CA GLY A 51 -4.86 -2.03 -18.96
C GLY A 51 -4.61 -3.41 -19.54
N ASN A 52 -3.33 -3.78 -19.64
CA ASN A 52 -2.96 -5.08 -20.18
C ASN A 52 -2.86 -6.12 -19.07
N SER A 53 -3.83 -7.04 -19.02
CA SER A 53 -3.85 -8.08 -18.01
C SER A 53 -2.56 -8.89 -18.04
N ASP A 54 -1.92 -8.94 -19.21
CA ASP A 54 -0.68 -9.68 -19.36
C ASP A 54 0.48 -8.95 -18.69
N CYS A 55 0.35 -7.63 -18.56
CA CYS A 55 1.39 -6.83 -17.93
C CYS A 55 1.50 -7.14 -16.44
N MET A 56 0.41 -7.61 -15.86
CA MET A 56 0.38 -7.97 -14.44
C MET A 56 1.32 -9.15 -14.16
N ASN A 57 1.31 -10.12 -15.05
CA ASN A 57 2.17 -11.30 -14.90
C ASN A 57 3.26 -11.33 -15.96
N ASN A 58 3.64 -10.14 -16.43
CA ASN A 58 4.67 -10.03 -17.46
C ASN A 58 6.07 -10.15 -16.83
N ASP A 59 6.42 -9.18 -15.99
CA ASP A 59 7.71 -9.19 -15.32
C ASP A 59 7.56 -9.43 -13.82
N ASP A 60 6.45 -10.06 -13.44
CA ASP A 60 6.17 -10.35 -12.04
C ASP A 60 6.57 -11.79 -11.70
N ALA A 61 7.53 -12.32 -12.44
CA ALA A 61 7.99 -13.68 -12.22
C ALA A 61 9.26 -13.70 -11.36
N LEU A 62 10.08 -12.65 -11.50
CA LEU A 62 11.32 -12.55 -10.74
C LEU A 62 11.28 -11.35 -9.80
N ALA A 63 10.48 -10.35 -10.16
CA ALA A 63 10.35 -9.15 -9.34
C ALA A 63 9.81 -9.48 -7.96
N GLU A 64 8.95 -10.50 -7.89
CA GLU A 64 8.37 -10.92 -6.62
C GLU A 64 9.45 -11.16 -5.57
N ASN A 65 10.62 -11.57 -6.03
CA ASN A 65 11.74 -11.84 -5.13
C ASN A 65 12.90 -10.89 -5.40
N ASN A 66 12.57 -9.69 -5.86
CA ASN A 66 13.59 -8.69 -6.17
C ASN A 66 13.10 -7.29 -5.79
N LEU A 67 12.24 -7.22 -4.78
CA LEU A 67 11.70 -5.95 -4.33
C LEU A 67 12.42 -5.46 -3.07
N LYS A 68 12.52 -6.33 -2.08
CA LYS A 68 13.19 -6.00 -0.82
C LYS A 68 12.56 -4.77 -0.18
N LEU A 69 11.29 -4.52 -0.51
CA LEU A 69 10.57 -3.37 0.04
C LEU A 69 10.03 -3.68 1.43
N PRO A 70 9.75 -2.62 2.19
CA PRO A 70 9.22 -2.75 3.57
C PRO A 70 7.79 -3.28 3.57
N GLU A 71 7.65 -4.58 3.79
CA GLU A 71 6.32 -5.21 3.83
C GLU A 71 6.31 -6.36 4.84
N ILE A 72 5.15 -6.57 5.46
CA ILE A 72 5.00 -7.64 6.43
C ILE A 72 5.43 -8.98 5.85
N GLN A 73 6.47 -9.58 6.44
CA GLN A 73 6.98 -10.86 5.98
C GLN A 73 6.77 -11.93 7.04
N ARG A 74 7.42 -11.78 8.19
CA ARG A 74 7.30 -12.74 9.27
C ARG A 74 5.84 -13.00 9.62
N ASN A 75 5.34 -14.17 9.22
CA ASN A 75 3.97 -14.54 9.49
C ASN A 75 3.88 -15.95 10.07
N ASP A 76 4.01 -16.04 11.39
CA ASP A 76 3.96 -17.32 12.07
C ASP A 76 3.43 -17.16 13.49
N GLY A 77 3.06 -18.28 14.11
CA GLY A 77 2.54 -18.23 15.47
C GLY A 77 3.64 -18.38 16.51
N CYS A 78 4.16 -17.25 16.98
CA CYS A 78 5.22 -17.25 17.98
C CYS A 78 4.80 -18.03 19.22
N TYR A 79 3.78 -17.53 19.91
CA TYR A 79 3.28 -18.18 21.11
C TYR A 79 2.97 -19.65 20.85
N GLN A 80 3.70 -20.54 21.51
CA GLN A 80 3.50 -21.97 21.34
C GLN A 80 4.59 -22.76 22.04
N THR A 81 5.84 -22.38 21.80
CA THR A 81 6.98 -23.05 22.42
C THR A 81 6.95 -24.55 22.13
N GLY A 82 7.42 -24.93 20.94
CA GLY A 82 7.44 -26.33 20.57
C GLY A 82 8.73 -26.74 19.90
N TYR A 83 9.81 -26.78 20.67
CA TYR A 83 11.12 -27.14 20.15
C TYR A 83 11.48 -26.30 18.93
N ASN A 84 11.44 -24.99 19.09
CA ASN A 84 11.76 -24.07 18.00
C ASN A 84 12.21 -22.71 18.55
N GLN A 85 12.82 -21.90 17.68
CA GLN A 85 13.30 -20.59 18.07
C GLN A 85 13.13 -19.59 16.93
N GLU A 86 12.10 -18.76 17.03
CA GLU A 86 11.83 -17.76 16.01
C GLU A 86 11.60 -16.38 16.63
N ILE A 87 11.50 -15.36 15.78
CA ILE A 87 11.28 -14.00 16.26
C ILE A 87 10.26 -13.27 15.39
N CYS A 88 9.13 -12.91 16.00
CA CYS A 88 8.06 -12.21 15.29
C CYS A 88 8.36 -10.71 15.22
N LEU A 89 8.83 -10.26 14.07
CA LEU A 89 9.14 -8.86 13.87
C LEU A 89 8.47 -8.32 12.61
N LEU A 90 7.67 -7.27 12.78
CA LEU A 90 6.97 -6.66 11.65
C LEU A 90 7.14 -5.14 11.66
N LYS A 91 7.12 -4.54 10.47
CA LYS A 91 7.28 -3.10 10.34
C LYS A 91 5.92 -2.42 10.17
N ILE A 92 5.33 -2.55 8.98
CA ILE A 92 4.03 -1.96 8.70
C ILE A 92 4.13 -0.44 8.61
N SER A 93 4.38 0.21 9.74
CA SER A 93 4.50 1.66 9.79
C SER A 93 5.49 2.15 8.74
N SER A 94 6.68 1.55 8.73
CA SER A 94 7.72 1.93 7.78
C SER A 94 7.21 1.83 6.34
N GLY A 95 6.66 0.67 6.00
CA GLY A 95 6.14 0.46 4.66
C GLY A 95 5.05 1.45 4.30
N LEU A 96 4.11 1.65 5.22
CA LEU A 96 3.01 2.57 4.98
C LEU A 96 3.52 3.96 4.64
N LEU A 97 4.44 4.46 5.45
CA LEU A 97 5.02 5.79 5.22
C LEU A 97 5.70 5.86 3.85
N GLU A 98 6.53 4.86 3.56
CA GLU A 98 7.24 4.82 2.29
C GLU A 98 6.27 4.90 1.12
N TYR A 99 5.25 4.04 1.14
CA TYR A 99 4.25 4.01 0.08
C TYR A 99 3.57 5.37 -0.05
N HIS A 100 3.17 5.94 1.07
CA HIS A 100 2.51 7.25 1.08
C HIS A 100 3.35 8.30 0.35
N SER A 101 4.64 8.34 0.68
CA SER A 101 5.55 9.29 0.07
C SER A 101 5.69 9.02 -1.42
N TYR A 102 5.74 7.75 -1.79
CA TYR A 102 5.87 7.36 -3.19
C TYR A 102 4.69 7.88 -4.02
N LEU A 103 3.50 7.39 -3.71
CA LEU A 103 2.29 7.81 -4.42
C LEU A 103 2.14 9.32 -4.39
N GLU A 104 2.44 9.92 -3.24
CA GLU A 104 2.34 11.37 -3.09
C GLU A 104 3.33 12.09 -4.00
N TYR A 105 4.49 11.47 -4.21
CA TYR A 105 5.53 12.04 -5.05
C TYR A 105 5.11 12.01 -6.53
N MET A 106 4.71 10.83 -6.99
CA MET A 106 4.29 10.66 -8.38
C MET A 106 2.97 11.38 -8.63
N LYS A 107 2.18 11.55 -7.57
CA LYS A 107 0.89 12.22 -7.69
C LYS A 107 1.08 13.69 -8.07
N ASN A 108 2.19 14.27 -7.65
CA ASN A 108 2.48 15.66 -7.96
C ASN A 108 2.55 15.89 -9.46
N ASN A 109 3.15 14.95 -10.17
CA ASN A 109 3.27 15.04 -11.62
C ASN A 109 2.60 13.87 -12.31
N LEU A 110 1.34 14.05 -12.68
CA LEU A 110 0.58 12.99 -13.35
C LEU A 110 -0.43 13.59 -14.34
N LYS A 111 -1.15 12.73 -15.04
CA LYS A 111 -2.14 13.16 -16.01
C LYS A 111 -3.42 13.60 -15.32
N ASP A 112 -4.43 13.95 -16.12
CA ASP A 112 -5.71 14.38 -15.58
C ASP A 112 -6.38 13.26 -14.78
N ASN A 113 -6.48 12.08 -15.39
CA ASN A 113 -7.09 10.93 -14.73
C ASN A 113 -6.20 10.40 -13.62
N LYS A 114 -4.91 10.24 -13.93
CA LYS A 114 -3.96 9.73 -12.95
C LYS A 114 -3.95 10.59 -11.70
N LYS A 115 -4.10 11.91 -11.89
CA LYS A 115 -4.10 12.84 -10.77
C LYS A 115 -5.38 12.69 -9.95
N ASP A 116 -6.53 12.69 -10.63
CA ASP A 116 -7.81 12.54 -9.96
C ASP A 116 -7.82 11.33 -9.05
N LYS A 117 -7.37 10.19 -9.58
CA LYS A 117 -7.32 8.95 -8.82
C LYS A 117 -6.22 9.01 -7.77
N ALA A 118 -5.10 9.62 -8.12
CA ALA A 118 -3.97 9.74 -7.21
C ALA A 118 -4.39 10.38 -5.89
N ARG A 119 -5.16 11.46 -6.00
CA ARG A 119 -5.63 12.17 -4.81
C ARG A 119 -6.38 11.23 -3.86
N VAL A 120 -7.33 10.48 -4.43
CA VAL A 120 -8.11 9.54 -3.63
C VAL A 120 -7.21 8.49 -2.99
N LEU A 121 -6.23 8.01 -3.73
CA LEU A 121 -5.30 7.01 -3.23
C LEU A 121 -4.52 7.52 -2.02
N GLN A 122 -3.96 8.72 -2.16
CA GLN A 122 -3.20 9.33 -1.08
C GLN A 122 -4.06 9.49 0.18
N ARG A 123 -5.23 10.10 0.00
CA ARG A 123 -6.15 10.32 1.11
C ARG A 123 -6.44 9.01 1.84
N ASP A 124 -6.88 8.01 1.09
CA ASP A 124 -7.19 6.70 1.67
C ASP A 124 -6.01 6.16 2.47
N THR A 125 -4.82 6.25 1.89
CA THR A 125 -3.62 5.77 2.55
C THR A 125 -3.42 6.44 3.91
N GLU A 126 -3.50 7.76 3.93
CA GLU A 126 -3.33 8.52 5.16
C GLU A 126 -4.43 8.18 6.15
N THR A 127 -5.60 7.81 5.63
CA THR A 127 -6.74 7.46 6.47
C THR A 127 -6.50 6.16 7.22
N LEU A 128 -6.22 5.09 6.46
CA LEU A 128 -5.96 3.78 7.06
C LEU A 128 -4.73 3.82 7.95
N ILE A 129 -3.74 4.62 7.55
CA ILE A 129 -2.50 4.74 8.33
C ILE A 129 -2.75 5.48 9.64
N HIS A 130 -3.55 6.55 9.58
CA HIS A 130 -3.87 7.34 10.76
C HIS A 130 -4.68 6.52 11.75
N ILE A 131 -5.64 5.76 11.25
CA ILE A 131 -6.48 4.93 12.10
C ILE A 131 -5.67 3.82 12.76
N PHE A 132 -4.91 3.09 11.95
CA PHE A 132 -4.09 1.99 12.46
C PHE A 132 -3.02 2.52 13.42
N ASN A 133 -2.30 3.55 12.98
CA ASN A 133 -1.25 4.14 13.80
C ASN A 133 -1.81 4.66 15.12
N GLN A 134 -3.00 5.25 15.05
CA GLN A 134 -3.64 5.79 16.25
C GLN A 134 -3.97 4.68 17.23
N GLU A 135 -4.61 3.63 16.74
CA GLU A 135 -4.99 2.50 17.59
C GLU A 135 -3.76 1.91 18.26
N VAL A 136 -2.74 1.58 17.48
CA VAL A 136 -1.52 0.99 18.00
C VAL A 136 -0.79 1.98 18.91
N LYS A 137 -0.94 3.27 18.62
CA LYS A 137 -0.29 4.31 19.41
C LYS A 137 -0.88 4.36 20.82
N ASP A 138 -2.20 4.26 20.91
CA ASP A 138 -2.88 4.30 22.20
C ASP A 138 -2.75 2.96 22.92
N LEU A 139 -2.65 1.89 22.14
CA LEU A 139 -2.53 0.55 22.70
C LEU A 139 -1.23 0.41 23.50
N HIS A 140 -0.11 0.72 22.85
CA HIS A 140 1.19 0.63 23.49
C HIS A 140 2.05 1.85 23.16
N LYS A 141 2.59 1.87 21.93
CA LYS A 141 3.42 2.97 21.48
C LYS A 141 3.91 2.73 20.06
N ILE A 142 4.44 3.79 19.43
CA ILE A 142 4.93 3.69 18.06
C ILE A 142 5.52 5.02 17.60
N VAL A 143 6.74 4.96 17.06
CA VAL A 143 7.42 6.16 16.57
C VAL A 143 8.40 5.82 15.46
N LEU A 144 8.63 6.78 14.57
CA LEU A 144 9.55 6.59 13.45
C LEU A 144 10.14 7.91 12.99
N PRO A 145 11.33 7.85 12.38
CA PRO A 145 12.03 9.03 11.89
C PRO A 145 11.34 9.66 10.68
N THR A 146 11.68 9.17 9.49
CA THR A 146 11.08 9.68 8.26
C THR A 146 11.62 8.94 7.04
N PRO A 147 10.87 8.99 5.93
CA PRO A 147 11.25 8.33 4.68
C PRO A 147 12.46 9.00 4.02
N ILE A 148 13.29 8.19 3.37
CA ILE A 148 14.47 8.71 2.70
C ILE A 148 14.42 8.42 1.20
N SER A 149 13.75 7.34 0.84
CA SER A 149 13.63 6.94 -0.56
C SER A 149 13.17 8.12 -1.41
N ASN A 150 12.36 8.98 -0.83
CA ASN A 150 11.85 10.15 -1.54
C ASN A 150 12.99 10.93 -2.21
N ALA A 151 14.10 11.06 -1.49
CA ALA A 151 15.26 11.76 -2.01
C ALA A 151 15.80 11.09 -3.27
N LEU A 152 15.99 9.78 -3.20
CA LEU A 152 16.51 9.02 -4.34
C LEU A 152 15.61 9.21 -5.56
N LEU A 153 14.31 9.02 -5.38
CA LEU A 153 13.36 9.17 -6.47
C LEU A 153 13.46 10.56 -7.09
N THR A 154 13.18 11.59 -6.30
CA THR A 154 13.23 12.96 -6.77
C THR A 154 14.58 13.26 -7.44
N ASP A 155 15.63 12.62 -6.93
CA ASP A 155 16.97 12.81 -7.48
C ASP A 155 16.99 12.52 -8.98
N LYS A 156 16.37 11.42 -9.37
CA LYS A 156 16.31 11.03 -10.78
C LYS A 156 15.81 12.17 -11.64
N LEU A 157 16.14 12.13 -12.92
CA LEU A 157 15.72 13.17 -13.86
C LEU A 157 15.25 12.56 -15.18
N GLU A 158 14.94 13.42 -16.15
CA GLU A 158 14.48 12.96 -17.45
C GLU A 158 13.23 12.09 -17.32
N SER A 159 12.07 12.71 -17.41
CA SER A 159 10.80 12.00 -17.30
C SER A 159 9.76 12.58 -18.23
N GLN A 160 9.97 12.38 -19.53
CA GLN A 160 9.04 12.89 -20.54
C GLN A 160 8.25 11.75 -21.17
N LYS A 161 8.95 10.87 -21.90
CA LYS A 161 8.30 9.74 -22.55
C LYS A 161 7.66 8.80 -21.52
N GLU A 162 7.00 7.76 -22.01
CA GLU A 162 6.34 6.80 -21.13
C GLU A 162 7.06 5.45 -21.16
N TRP A 163 8.16 5.37 -20.44
CA TRP A 163 8.95 4.14 -20.38
C TRP A 163 10.01 4.22 -19.29
N LEU A 164 10.58 3.07 -18.95
CA LEU A 164 11.63 3.01 -17.93
C LEU A 164 11.04 3.23 -16.53
N ARG A 165 10.56 4.45 -16.28
CA ARG A 165 9.96 4.78 -14.99
C ARG A 165 8.84 3.82 -14.64
N THR A 166 8.21 3.26 -15.67
CA THR A 166 7.11 2.31 -15.46
C THR A 166 7.52 1.21 -14.50
N LYS A 167 8.81 0.94 -14.43
CA LYS A 167 9.33 -0.11 -13.55
C LYS A 167 9.21 0.32 -12.09
N THR A 168 9.99 1.31 -11.69
CA THR A 168 9.97 1.81 -10.32
C THR A 168 8.54 2.07 -9.86
N ILE A 169 7.75 2.71 -10.70
CA ILE A 169 6.36 3.02 -10.37
C ILE A 169 5.56 1.75 -10.15
N GLN A 170 5.66 0.81 -11.10
CA GLN A 170 4.94 -0.45 -11.01
C GLN A 170 5.39 -1.25 -9.79
N PHE A 171 6.64 -1.03 -9.38
CA PHE A 171 7.19 -1.73 -8.22
C PHE A 171 6.56 -1.23 -6.93
N ILE A 172 6.64 0.08 -6.71
CA ILE A 172 6.08 0.69 -5.51
C ILE A 172 4.57 0.46 -5.43
N LEU A 173 3.91 0.49 -6.58
CA LEU A 173 2.46 0.27 -6.65
C LEU A 173 2.12 -1.16 -6.28
N LYS A 174 2.77 -2.12 -6.92
CA LYS A 174 2.53 -3.53 -6.67
C LYS A 174 2.74 -3.86 -5.19
N SER A 175 3.88 -3.44 -4.65
CA SER A 175 4.20 -3.69 -3.25
C SER A 175 3.15 -3.06 -2.34
N LEU A 176 2.81 -1.80 -2.61
CA LEU A 176 1.83 -1.09 -1.82
C LEU A 176 0.53 -1.88 -1.71
N GLU A 177 -0.04 -2.24 -2.86
CA GLU A 177 -1.28 -2.99 -2.89
C GLU A 177 -1.14 -4.29 -2.09
N GLU A 178 -0.14 -5.09 -2.43
CA GLU A 178 0.09 -6.36 -1.75
C GLU A 178 0.19 -6.15 -0.24
N PHE A 179 0.88 -5.09 0.17
CA PHE A 179 1.04 -4.78 1.58
C PHE A 179 -0.30 -4.56 2.25
N LEU A 180 -1.12 -3.70 1.66
CA LEU A 180 -2.45 -3.40 2.20
C LEU A 180 -3.26 -4.68 2.37
N LYS A 181 -3.32 -5.48 1.31
CA LYS A 181 -4.07 -6.73 1.34
C LYS A 181 -3.61 -7.60 2.51
N VAL A 182 -2.30 -7.81 2.61
CA VAL A 182 -1.73 -8.63 3.68
C VAL A 182 -2.06 -8.05 5.05
N THR A 183 -1.82 -6.75 5.21
CA THR A 183 -2.09 -6.07 6.48
C THR A 183 -3.52 -6.34 6.95
N LEU A 184 -4.47 -6.19 6.04
CA LEU A 184 -5.88 -6.42 6.37
C LEU A 184 -6.14 -7.89 6.63
N ARG A 185 -5.45 -8.76 5.90
CA ARG A 185 -5.60 -10.20 6.05
C ARG A 185 -5.11 -10.66 7.42
N SER A 186 -4.13 -9.94 7.96
CA SER A 186 -3.57 -10.27 9.27
C SER A 186 -4.43 -9.71 10.39
N THR A 187 -4.72 -8.41 10.31
CA THR A 187 -5.53 -7.75 11.32
C THR A 187 -6.93 -8.36 11.38
N ARG A 188 -7.30 -9.08 10.33
CA ARG A 188 -8.63 -9.71 10.27
C ARG A 188 -8.67 -10.95 11.17
N GLN A 189 -9.86 -11.49 11.36
CA GLN A 189 -10.05 -12.66 12.20
C GLN A 189 -10.19 -13.93 11.35
N THR A 190 -10.71 -13.76 10.13
CA THR A 190 -10.90 -14.88 9.22
C THR A 190 -11.58 -16.05 9.92
N SER A 7 -16.60 1.63 21.59
CA SER A 7 -17.96 1.54 21.09
C SER A 7 -18.34 0.10 20.79
N GLN A 8 -19.63 -0.13 20.50
CA GLN A 8 -20.13 -1.46 20.20
C GLN A 8 -20.48 -1.59 18.73
N VAL A 9 -19.47 -1.80 17.90
CA VAL A 9 -19.68 -1.95 16.46
C VAL A 9 -19.26 -3.34 15.98
N ARG A 10 -19.94 -3.83 14.96
CA ARG A 10 -19.64 -5.14 14.40
C ARG A 10 -19.20 -5.04 12.94
N ARG A 11 -18.26 -5.89 12.55
CA ARG A 11 -17.75 -5.89 11.19
C ARG A 11 -18.90 -6.01 10.18
N GLY A 12 -18.65 -5.55 8.96
CA GLY A 12 -19.66 -5.62 7.91
C GLY A 12 -19.48 -4.56 6.85
N ASP A 13 -18.28 -4.51 6.27
CA ASP A 13 -17.98 -3.53 5.24
C ASP A 13 -18.96 -3.65 4.07
N PHE A 14 -19.92 -2.73 4.02
CA PHE A 14 -20.92 -2.73 2.97
C PHE A 14 -20.26 -2.76 1.59
N THR A 15 -21.06 -3.08 0.57
CA THR A 15 -20.55 -3.16 -0.80
C THR A 15 -20.71 -1.83 -1.52
N GLU A 16 -21.69 -1.04 -1.08
CA GLU A 16 -21.95 0.26 -1.69
C GLU A 16 -20.70 1.14 -1.65
N ASP A 17 -20.77 2.27 -2.35
CA ASP A 17 -19.64 3.21 -2.39
C ASP A 17 -19.99 4.51 -1.70
N THR A 18 -20.72 4.41 -0.59
CA THR A 18 -21.12 5.59 0.17
C THR A 18 -20.36 5.67 1.49
N THR A 19 -20.15 6.91 1.95
CA THR A 19 -19.42 7.13 3.20
C THR A 19 -20.22 8.04 4.13
N PRO A 20 -19.88 7.99 5.43
CA PRO A 20 -20.55 8.81 6.45
C PRO A 20 -20.21 10.29 6.32
N ASN A 21 -20.66 11.09 7.29
CA ASN A 21 -20.40 12.52 7.28
C ASN A 21 -19.04 12.83 7.89
N ARG A 22 -18.66 12.05 8.89
CA ARG A 22 -17.38 12.24 9.57
C ARG A 22 -16.74 10.90 9.92
N PRO A 23 -15.42 10.90 10.09
CA PRO A 23 -14.66 9.69 10.43
C PRO A 23 -14.94 9.21 11.85
N VAL A 24 -15.16 7.91 12.00
CA VAL A 24 -15.43 7.33 13.31
C VAL A 24 -14.36 6.33 13.70
N TYR A 25 -13.55 5.92 12.73
CA TYR A 25 -12.48 4.95 12.98
C TYR A 25 -13.04 3.61 13.43
N THR A 26 -13.95 3.05 12.62
CA THR A 26 -14.57 1.78 12.94
C THR A 26 -14.17 0.71 11.92
N THR A 27 -14.32 -0.56 12.32
CA THR A 27 -13.99 -1.66 11.43
C THR A 27 -14.66 -1.51 10.08
N SER A 28 -15.94 -1.13 10.09
CA SER A 28 -16.70 -0.96 8.86
C SER A 28 -16.01 0.04 7.93
N GLN A 29 -15.68 1.21 8.48
CA GLN A 29 -15.02 2.25 7.69
C GLN A 29 -13.68 1.76 7.16
N VAL A 30 -12.92 1.06 8.02
CA VAL A 30 -11.62 0.53 7.63
C VAL A 30 -11.75 -0.47 6.49
N GLY A 31 -12.59 -1.48 6.69
CA GLY A 31 -12.79 -2.50 5.66
C GLY A 31 -13.16 -1.90 4.33
N GLY A 32 -14.19 -1.06 4.32
CA GLY A 32 -14.63 -0.43 3.08
C GLY A 32 -13.56 0.43 2.46
N LEU A 33 -12.81 1.15 3.29
CA LEU A 33 -11.75 2.02 2.82
C LEU A 33 -10.64 1.21 2.14
N ILE A 34 -10.28 0.09 2.76
CA ILE A 34 -9.24 -0.77 2.22
C ILE A 34 -9.65 -1.37 0.87
N THR A 35 -10.91 -1.78 0.79
CA THR A 35 -11.44 -2.37 -0.45
C THR A 35 -11.43 -1.36 -1.58
N HIS A 36 -11.91 -0.15 -1.30
CA HIS A 36 -11.96 0.91 -2.30
C HIS A 36 -10.56 1.28 -2.77
N VAL A 37 -9.70 1.62 -1.83
CA VAL A 37 -8.32 1.99 -2.14
C VAL A 37 -7.59 0.86 -2.85
N LEU A 38 -7.94 -0.37 -2.50
CA LEU A 38 -7.32 -1.54 -3.11
C LEU A 38 -7.67 -1.64 -4.59
N TRP A 39 -8.95 -1.50 -4.90
CA TRP A 39 -9.41 -1.56 -6.29
C TRP A 39 -8.81 -0.43 -7.11
N GLU A 40 -8.77 0.76 -6.54
CA GLU A 40 -8.22 1.93 -7.23
C GLU A 40 -6.75 1.72 -7.55
N ILE A 41 -5.99 1.29 -6.56
CA ILE A 41 -4.56 1.07 -6.73
C ILE A 41 -4.31 0.03 -7.82
N VAL A 42 -5.05 -1.07 -7.77
CA VAL A 42 -4.91 -2.14 -8.75
C VAL A 42 -5.17 -1.62 -10.17
N GLU A 43 -6.24 -0.86 -10.32
CA GLU A 43 -6.60 -0.31 -11.63
C GLU A 43 -5.56 0.71 -12.09
N MET A 44 -5.10 1.54 -11.16
CA MET A 44 -4.11 2.57 -11.46
C MET A 44 -2.77 1.93 -11.81
N ARG A 45 -2.49 0.78 -11.20
CA ARG A 45 -1.24 0.08 -11.45
C ARG A 45 -1.24 -0.57 -12.83
N LYS A 46 -2.29 -1.33 -13.12
CA LYS A 46 -2.43 -2.00 -14.41
C LYS A 46 -2.67 -0.99 -15.53
N GLU A 47 -3.31 0.13 -15.17
CA GLU A 47 -3.61 1.17 -16.15
C GLU A 47 -2.34 1.60 -16.89
N LEU A 48 -1.22 1.61 -16.17
CA LEU A 48 0.06 2.00 -16.77
C LEU A 48 0.38 1.14 -17.97
N CYS A 49 -0.14 -0.09 -17.97
CA CYS A 49 0.11 -1.02 -19.07
C CYS A 49 -1.14 -1.17 -19.94
N ASN A 50 -1.96 -0.14 -19.98
CA ASN A 50 -3.19 -0.16 -20.76
C ASN A 50 -4.15 -1.23 -20.25
N GLY A 51 -4.19 -1.39 -18.93
CA GLY A 51 -5.07 -2.39 -18.34
C GLY A 51 -4.89 -3.76 -18.95
N ASN A 52 -3.63 -4.15 -19.18
CA ASN A 52 -3.32 -5.44 -19.76
C ASN A 52 -2.93 -6.44 -18.69
N SER A 53 -3.78 -7.45 -18.48
CA SER A 53 -3.52 -8.48 -17.48
C SER A 53 -2.15 -9.12 -17.70
N ASP A 54 -1.70 -9.12 -18.95
CA ASP A 54 -0.41 -9.70 -19.29
C ASP A 54 0.73 -9.00 -18.56
N CYS A 55 0.50 -7.73 -18.21
CA CYS A 55 1.50 -6.94 -17.50
C CYS A 55 1.49 -7.26 -16.01
N MET A 56 0.33 -7.67 -15.50
CA MET A 56 0.19 -8.01 -14.09
C MET A 56 0.88 -9.33 -13.78
N ASN A 57 0.94 -10.22 -14.77
CA ASN A 57 1.57 -11.51 -14.60
C ASN A 57 2.77 -11.67 -15.54
N ASN A 58 3.39 -10.54 -15.88
CA ASN A 58 4.55 -10.56 -16.77
C ASN A 58 5.84 -10.70 -15.99
N ASP A 59 6.13 -9.71 -15.16
CA ASP A 59 7.34 -9.72 -14.35
C ASP A 59 7.00 -9.87 -12.86
N ASP A 60 5.84 -10.45 -12.59
CA ASP A 60 5.40 -10.66 -11.21
C ASP A 60 6.08 -11.87 -10.60
N ALA A 61 6.49 -12.81 -11.46
CA ALA A 61 7.17 -14.02 -10.99
C ALA A 61 8.62 -13.74 -10.66
N LEU A 62 9.18 -12.70 -11.26
CA LEU A 62 10.58 -12.33 -11.02
C LEU A 62 10.66 -11.12 -10.08
N ALA A 63 9.60 -10.32 -10.07
CA ALA A 63 9.56 -9.13 -9.23
C ALA A 63 9.89 -9.48 -7.77
N GLU A 64 9.54 -10.70 -7.38
CA GLU A 64 9.79 -11.16 -6.02
C GLU A 64 11.26 -11.02 -5.66
N ASN A 65 12.12 -11.06 -6.67
CA ASN A 65 13.56 -10.94 -6.46
C ASN A 65 14.08 -9.63 -7.07
N ASN A 66 13.20 -8.65 -7.18
CA ASN A 66 13.57 -7.35 -7.74
C ASN A 66 12.78 -6.23 -7.09
N LEU A 67 12.33 -6.46 -5.86
CA LEU A 67 11.55 -5.47 -5.12
C LEU A 67 12.38 -4.90 -3.97
N LYS A 68 12.75 -5.77 -3.03
CA LYS A 68 13.53 -5.35 -1.88
C LYS A 68 12.79 -4.29 -1.06
N LEU A 69 11.48 -4.21 -1.27
CA LEU A 69 10.66 -3.24 -0.55
C LEU A 69 10.25 -3.77 0.82
N PRO A 70 9.84 -2.86 1.72
CA PRO A 70 9.42 -3.22 3.07
C PRO A 70 8.08 -3.96 3.08
N GLU A 71 8.13 -5.26 2.74
CA GLU A 71 6.93 -6.08 2.72
C GLU A 71 6.99 -7.17 3.78
N ILE A 72 5.84 -7.69 4.15
CA ILE A 72 5.75 -8.75 5.16
C ILE A 72 6.31 -10.06 4.62
N GLN A 73 7.41 -10.52 5.20
CA GLN A 73 8.04 -11.77 4.76
C GLN A 73 8.12 -12.76 5.92
N ARG A 74 7.06 -13.55 6.09
CA ARG A 74 7.02 -14.54 7.17
C ARG A 74 5.71 -15.32 7.13
N ASN A 75 5.56 -16.27 8.04
CA ASN A 75 4.36 -17.10 8.12
C ASN A 75 3.18 -16.29 8.65
N ASP A 76 3.48 -15.25 9.42
CA ASP A 76 2.44 -14.40 9.98
C ASP A 76 1.56 -15.19 10.95
N GLY A 77 2.02 -15.37 12.17
CA GLY A 77 1.26 -16.11 13.16
C GLY A 77 2.06 -16.41 14.41
N CYS A 78 3.17 -17.11 14.25
CA CYS A 78 4.03 -17.47 15.37
C CYS A 78 3.34 -18.49 16.27
N TYR A 79 2.39 -18.03 17.06
CA TYR A 79 1.66 -18.90 17.97
C TYR A 79 0.16 -18.60 17.94
N GLN A 80 -0.62 -19.44 18.60
CA GLN A 80 -2.07 -19.27 18.64
C GLN A 80 -2.46 -18.27 19.72
N THR A 81 -3.76 -18.00 19.84
CA THR A 81 -4.27 -17.06 20.83
C THR A 81 -3.65 -15.68 20.64
N GLY A 82 -3.94 -14.78 21.57
CA GLY A 82 -3.40 -13.43 21.49
C GLY A 82 -4.47 -12.41 21.09
N TYR A 83 -4.62 -11.37 21.90
CA TYR A 83 -5.60 -10.33 21.61
C TYR A 83 -5.43 -9.79 20.20
N ASN A 84 -4.38 -9.00 20.00
CA ASN A 84 -4.11 -8.40 18.69
C ASN A 84 -2.77 -7.68 18.69
N GLN A 85 -1.72 -8.38 19.12
CA GLN A 85 -0.39 -7.79 19.18
C GLN A 85 0.64 -8.73 18.55
N GLU A 86 0.98 -9.80 19.28
CA GLU A 86 1.95 -10.78 18.80
C GLU A 86 3.31 -10.13 18.59
N ILE A 87 4.33 -10.95 18.37
CA ILE A 87 5.68 -10.46 18.14
C ILE A 87 6.48 -11.43 17.30
N CYS A 88 6.17 -11.50 16.00
CA CYS A 88 6.87 -12.39 15.10
C CYS A 88 7.63 -11.59 14.03
N LEU A 89 8.24 -10.49 14.46
CA LEU A 89 9.00 -9.64 13.55
C LEU A 89 8.11 -9.07 12.47
N LEU A 90 7.75 -7.79 12.62
CA LEU A 90 6.90 -7.11 11.65
C LEU A 90 7.12 -5.60 11.70
N LYS A 91 6.67 -4.92 10.66
CA LYS A 91 6.81 -3.46 10.57
C LYS A 91 5.46 -2.80 10.37
N ILE A 92 4.94 -2.90 9.14
CA ILE A 92 3.65 -2.31 8.81
C ILE A 92 3.73 -0.78 8.78
N SER A 93 3.92 -0.17 9.95
CA SER A 93 4.01 1.27 10.05
C SER A 93 5.05 1.82 9.06
N SER A 94 6.23 1.23 9.07
CA SER A 94 7.31 1.66 8.19
C SER A 94 6.86 1.60 6.73
N GLY A 95 6.34 0.45 6.32
CA GLY A 95 5.88 0.28 4.95
C GLY A 95 4.79 1.27 4.58
N LEU A 96 3.76 1.35 5.41
CA LEU A 96 2.65 2.25 5.17
C LEU A 96 3.14 3.67 4.92
N LEU A 97 4.05 4.13 5.77
CA LEU A 97 4.61 5.48 5.65
C LEU A 97 5.33 5.64 4.31
N GLU A 98 6.19 4.68 3.99
CA GLU A 98 6.95 4.72 2.75
C GLU A 98 6.01 4.79 1.54
N TYR A 99 5.07 3.86 1.48
CA TYR A 99 4.11 3.82 0.39
C TYR A 99 3.40 5.16 0.23
N HIS A 100 2.87 5.67 1.34
CA HIS A 100 2.16 6.94 1.33
C HIS A 100 3.02 8.05 0.73
N SER A 101 4.29 8.09 1.13
CA SER A 101 5.22 9.10 0.64
C SER A 101 5.41 8.96 -0.86
N TYR A 102 5.49 7.72 -1.34
CA TYR A 102 5.69 7.44 -2.75
C TYR A 102 4.50 7.95 -3.57
N LEU A 103 3.33 7.37 -3.32
CA LEU A 103 2.12 7.77 -4.03
C LEU A 103 1.91 9.28 -3.96
N GLU A 104 2.22 9.85 -2.81
CA GLU A 104 2.08 11.29 -2.62
C GLU A 104 3.07 12.07 -3.48
N TYR A 105 4.27 11.52 -3.61
CA TYR A 105 5.32 12.16 -4.40
C TYR A 105 4.94 12.18 -5.88
N MET A 106 4.44 11.05 -6.37
CA MET A 106 4.04 10.94 -7.77
C MET A 106 2.73 11.67 -8.01
N LYS A 107 1.87 11.71 -7.00
CA LYS A 107 0.58 12.38 -7.11
C LYS A 107 0.76 13.86 -7.43
N ASN A 108 1.90 14.41 -7.03
CA ASN A 108 2.20 15.82 -7.28
C ASN A 108 2.41 16.08 -8.77
N ASN A 109 3.00 15.12 -9.46
CA ASN A 109 3.25 15.24 -10.89
C ASN A 109 2.74 14.02 -11.64
N LEU A 110 1.56 14.13 -12.22
CA LEU A 110 0.97 13.02 -12.98
C LEU A 110 0.10 13.55 -14.10
N LYS A 111 -0.39 12.64 -14.94
CA LYS A 111 -1.25 13.00 -16.06
C LYS A 111 -2.59 13.52 -15.57
N ASP A 112 -3.49 13.82 -16.52
CA ASP A 112 -4.81 14.32 -16.17
C ASP A 112 -5.60 13.30 -15.36
N ASN A 113 -5.65 12.06 -15.87
CA ASN A 113 -6.36 10.99 -15.18
C ASN A 113 -5.56 10.47 -13.99
N LYS A 114 -4.27 10.29 -14.19
CA LYS A 114 -3.39 9.81 -13.13
C LYS A 114 -3.47 10.71 -11.90
N LYS A 115 -3.61 12.01 -12.13
CA LYS A 115 -3.70 12.97 -11.04
C LYS A 115 -5.02 12.82 -10.29
N ASP A 116 -6.12 12.85 -11.03
CA ASP A 116 -7.45 12.70 -10.43
C ASP A 116 -7.52 11.46 -9.55
N LYS A 117 -7.00 10.35 -10.06
CA LYS A 117 -7.00 9.09 -9.32
C LYS A 117 -5.98 9.13 -8.18
N ALA A 118 -4.83 9.73 -8.45
CA ALA A 118 -3.77 9.84 -7.46
C ALA A 118 -4.29 10.49 -6.18
N ARG A 119 -5.06 11.56 -6.34
CA ARG A 119 -5.62 12.28 -5.20
C ARG A 119 -6.42 11.34 -4.30
N VAL A 120 -7.31 10.57 -4.91
CA VAL A 120 -8.14 9.63 -4.17
C VAL A 120 -7.29 8.58 -3.47
N LEU A 121 -6.29 8.07 -4.18
CA LEU A 121 -5.40 7.05 -3.63
C LEU A 121 -4.68 7.57 -2.39
N GLN A 122 -4.14 8.77 -2.49
CA GLN A 122 -3.43 9.38 -1.37
C GLN A 122 -4.35 9.55 -0.17
N ARG A 123 -5.52 10.16 -0.40
CA ARG A 123 -6.48 10.39 0.66
C ARG A 123 -6.81 9.09 1.39
N ASP A 124 -7.20 8.07 0.63
CA ASP A 124 -7.54 6.78 1.20
C ASP A 124 -6.39 6.25 2.05
N THR A 125 -5.20 6.17 1.47
CA THR A 125 -4.03 5.68 2.17
C THR A 125 -3.80 6.45 3.47
N GLU A 126 -3.84 7.77 3.38
CA GLU A 126 -3.64 8.63 4.54
C GLU A 126 -4.61 8.25 5.66
N THR A 127 -5.87 8.08 5.30
CA THR A 127 -6.89 7.72 6.28
C THR A 127 -6.59 6.39 6.94
N LEU A 128 -6.42 5.34 6.13
CA LEU A 128 -6.12 4.01 6.64
C LEU A 128 -4.91 4.05 7.57
N ILE A 129 -3.82 4.64 7.09
CA ILE A 129 -2.60 4.75 7.89
C ILE A 129 -2.84 5.54 9.16
N HIS A 130 -3.72 6.54 9.08
CA HIS A 130 -4.05 7.37 10.22
C HIS A 130 -4.73 6.56 11.33
N ILE A 131 -5.73 5.77 10.94
CA ILE A 131 -6.46 4.94 11.88
C ILE A 131 -5.55 3.86 12.48
N PHE A 132 -4.81 3.18 11.60
CA PHE A 132 -3.91 2.12 12.05
C PHE A 132 -2.81 2.68 12.95
N ASN A 133 -2.15 3.75 12.48
CA ASN A 133 -1.08 4.37 13.24
C ASN A 133 -1.59 4.85 14.60
N GLN A 134 -2.80 5.40 14.62
CA GLN A 134 -3.39 5.90 15.85
C GLN A 134 -3.63 4.76 16.85
N GLU A 135 -4.23 3.68 16.36
CA GLU A 135 -4.51 2.52 17.22
C GLU A 135 -3.22 1.97 17.82
N VAL A 136 -2.24 1.71 16.97
CA VAL A 136 -0.96 1.18 17.41
C VAL A 136 -0.22 2.19 18.28
N LYS A 137 -0.44 3.47 18.02
CA LYS A 137 0.20 4.53 18.77
C LYS A 137 -0.29 4.54 20.22
N ASP A 138 -1.59 4.39 20.40
CA ASP A 138 -2.19 4.38 21.73
C ASP A 138 -2.00 3.01 22.39
N LEU A 139 -1.88 1.98 21.58
CA LEU A 139 -1.70 0.62 22.08
C LEU A 139 -0.34 0.47 22.75
N HIS A 140 0.72 0.73 21.99
CA HIS A 140 2.08 0.63 22.52
C HIS A 140 2.92 1.85 22.11
N LYS A 141 3.33 1.87 20.85
CA LYS A 141 4.13 2.98 20.34
C LYS A 141 4.48 2.76 18.87
N ILE A 142 5.38 3.59 18.34
CA ILE A 142 5.79 3.49 16.96
C ILE A 142 6.90 4.48 16.63
N VAL A 143 7.81 4.09 15.75
CA VAL A 143 8.92 4.94 15.36
C VAL A 143 9.08 4.98 13.84
N LEU A 144 8.92 6.16 13.25
CA LEU A 144 9.04 6.32 11.81
C LEU A 144 8.91 7.79 11.41
N PRO A 145 10.03 8.52 11.44
CA PRO A 145 10.07 9.94 11.09
C PRO A 145 9.83 10.17 9.60
N THR A 146 10.48 9.36 8.76
CA THR A 146 10.34 9.47 7.32
C THR A 146 11.09 8.35 6.60
N PRO A 147 10.71 8.09 5.35
CA PRO A 147 11.33 7.05 4.52
C PRO A 147 12.75 7.41 4.12
N ILE A 148 13.33 6.62 3.22
CA ILE A 148 14.68 6.85 2.75
C ILE A 148 14.75 6.87 1.23
N SER A 149 13.96 6.00 0.59
CA SER A 149 13.93 5.92 -0.85
C SER A 149 13.45 7.23 -1.47
N ASN A 150 12.73 8.02 -0.67
CA ASN A 150 12.22 9.32 -1.13
C ASN A 150 13.32 10.14 -1.77
N ALA A 151 14.49 10.16 -1.12
CA ALA A 151 15.63 10.92 -1.64
C ALA A 151 16.05 10.42 -3.01
N LEU A 152 15.94 9.10 -3.21
CA LEU A 152 16.31 8.50 -4.49
C LEU A 152 15.35 8.92 -5.59
N LEU A 153 14.05 8.70 -5.36
CA LEU A 153 13.03 9.06 -6.34
C LEU A 153 13.14 10.54 -6.72
N THR A 154 13.14 11.40 -5.72
CA THR A 154 13.24 12.84 -5.95
C THR A 154 14.54 13.19 -6.66
N ASP A 155 15.63 12.55 -6.24
CA ASP A 155 16.94 12.80 -6.85
C ASP A 155 16.88 12.65 -8.36
N LYS A 156 16.18 11.62 -8.83
CA LYS A 156 16.05 11.38 -10.26
C LYS A 156 15.26 12.50 -10.93
N LEU A 157 15.22 12.46 -12.26
CA LEU A 157 14.50 13.48 -13.02
C LEU A 157 14.53 13.16 -14.52
N GLU A 158 13.47 13.55 -15.22
CA GLU A 158 13.37 13.30 -16.66
C GLU A 158 14.46 14.06 -17.41
N SER A 159 14.85 13.54 -18.56
CA SER A 159 15.88 14.17 -19.38
C SER A 159 16.05 13.44 -20.70
N GLN A 160 16.43 12.16 -20.62
CA GLN A 160 16.64 11.34 -21.81
C GLN A 160 15.31 10.78 -22.31
N LYS A 161 15.31 10.28 -23.54
CA LYS A 161 14.11 9.71 -24.14
C LYS A 161 13.82 8.34 -23.55
N GLU A 162 12.59 7.86 -23.76
CA GLU A 162 12.18 6.55 -23.25
C GLU A 162 12.46 6.45 -21.76
N TRP A 163 11.61 7.08 -20.96
CA TRP A 163 11.75 7.05 -19.51
C TRP A 163 11.49 5.66 -18.95
N LEU A 164 12.36 5.20 -18.08
CA LEU A 164 12.23 3.87 -17.47
C LEU A 164 11.72 3.99 -16.04
N ARG A 165 10.92 5.01 -15.77
CA ARG A 165 10.37 5.23 -14.44
C ARG A 165 9.19 4.29 -14.18
N THR A 166 8.54 3.85 -15.25
CA THR A 166 7.39 2.96 -15.15
C THR A 166 7.70 1.79 -14.23
N LYS A 167 8.98 1.43 -14.13
CA LYS A 167 9.41 0.33 -13.28
C LYS A 167 9.24 0.69 -11.80
N THR A 168 10.05 1.62 -11.33
CA THR A 168 9.99 2.05 -9.93
C THR A 168 8.56 2.34 -9.51
N ILE A 169 7.78 2.91 -10.42
CA ILE A 169 6.39 3.23 -10.14
C ILE A 169 5.56 1.97 -9.95
N GLN A 170 5.62 1.07 -10.92
CA GLN A 170 4.88 -0.18 -10.86
C GLN A 170 5.35 -1.04 -9.70
N PHE A 171 6.60 -0.84 -9.29
CA PHE A 171 7.17 -1.60 -8.19
C PHE A 171 6.58 -1.16 -6.86
N ILE A 172 6.68 0.13 -6.57
CA ILE A 172 6.14 0.68 -5.32
C ILE A 172 4.64 0.51 -5.24
N LEU A 173 3.97 0.64 -6.39
CA LEU A 173 2.52 0.50 -6.46
C LEU A 173 2.10 -0.94 -6.16
N LYS A 174 2.69 -1.88 -6.89
CA LYS A 174 2.39 -3.30 -6.71
C LYS A 174 2.63 -3.73 -5.26
N SER A 175 3.79 -3.33 -4.72
CA SER A 175 4.14 -3.68 -3.35
C SER A 175 3.11 -3.12 -2.37
N LEU A 176 2.78 -1.85 -2.54
CA LEU A 176 1.81 -1.19 -1.67
C LEU A 176 0.49 -1.96 -1.62
N GLU A 177 -0.10 -2.18 -2.80
CA GLU A 177 -1.35 -2.90 -2.90
C GLU A 177 -1.26 -4.25 -2.20
N GLU A 178 -0.22 -5.02 -2.54
CA GLU A 178 -0.01 -6.33 -1.94
C GLU A 178 0.13 -6.23 -0.44
N PHE A 179 0.74 -5.13 0.02
CA PHE A 179 0.95 -4.91 1.45
C PHE A 179 -0.36 -4.56 2.14
N LEU A 180 -1.26 -3.94 1.40
CA LEU A 180 -2.56 -3.53 1.94
C LEU A 180 -3.47 -4.74 2.10
N LYS A 181 -3.59 -5.54 1.05
CA LYS A 181 -4.44 -6.73 1.07
C LYS A 181 -3.96 -7.70 2.14
N VAL A 182 -2.65 -7.92 2.19
CA VAL A 182 -2.07 -8.83 3.18
C VAL A 182 -2.23 -8.29 4.59
N THR A 183 -2.06 -6.98 4.74
CA THR A 183 -2.18 -6.34 6.04
C THR A 183 -3.60 -6.47 6.59
N LEU A 184 -4.58 -6.25 5.73
CA LEU A 184 -5.99 -6.35 6.12
C LEU A 184 -6.39 -7.80 6.37
N ARG A 185 -5.83 -8.70 5.56
CA ARG A 185 -6.13 -10.13 5.70
C ARG A 185 -5.53 -10.69 6.98
N SER A 186 -4.32 -10.26 7.30
CA SER A 186 -3.64 -10.73 8.51
C SER A 186 -4.30 -10.15 9.76
N THR A 187 -4.46 -8.84 9.78
CA THR A 187 -5.07 -8.17 10.92
C THR A 187 -6.48 -8.69 11.18
N ARG A 188 -7.10 -9.25 10.14
CA ARG A 188 -8.44 -9.79 10.26
C ARG A 188 -8.42 -11.20 10.82
N GLN A 189 -7.33 -11.91 10.56
CA GLN A 189 -7.18 -13.28 11.04
C GLN A 189 -8.24 -14.20 10.43
N THR A 190 -8.86 -13.73 9.34
CA THR A 190 -9.89 -14.50 8.67
C THR A 190 -9.28 -15.62 7.84
N SER A 7 -0.75 -17.97 1.05
CA SER A 7 0.05 -16.82 0.67
C SER A 7 -0.24 -16.40 -0.77
N GLN A 8 -1.52 -16.43 -1.14
CA GLN A 8 -1.93 -16.06 -2.49
C GLN A 8 -3.42 -15.70 -2.52
N VAL A 9 -3.71 -14.47 -2.92
CA VAL A 9 -5.09 -14.01 -3.00
C VAL A 9 -5.31 -13.14 -4.24
N ARG A 10 -6.51 -13.22 -4.80
CA ARG A 10 -6.84 -12.44 -5.99
C ARG A 10 -8.29 -11.93 -5.93
N ARG A 11 -8.50 -10.88 -5.15
CA ARG A 11 -9.83 -10.30 -4.99
C ARG A 11 -9.75 -8.77 -4.92
N GLY A 12 -10.92 -8.13 -4.98
CA GLY A 12 -10.96 -6.68 -4.92
C GLY A 12 -12.11 -6.10 -5.71
N ASP A 13 -13.31 -6.64 -5.50
CA ASP A 13 -14.49 -6.18 -6.21
C ASP A 13 -15.64 -5.93 -5.24
N PHE A 14 -16.47 -4.94 -5.56
CA PHE A 14 -17.61 -4.60 -4.71
C PHE A 14 -18.83 -4.26 -5.55
N THR A 15 -20.00 -4.24 -4.92
CA THR A 15 -21.24 -3.94 -5.60
C THR A 15 -21.89 -2.67 -5.06
N GLU A 16 -21.57 -2.34 -3.81
CA GLU A 16 -22.11 -1.15 -3.17
C GLU A 16 -21.89 0.08 -4.04
N ASP A 17 -22.78 1.05 -3.92
CA ASP A 17 -22.68 2.28 -4.70
C ASP A 17 -23.31 3.45 -3.94
N THR A 18 -23.33 3.35 -2.62
CA THR A 18 -23.90 4.40 -1.77
C THR A 18 -22.85 5.45 -1.43
N THR A 19 -23.32 6.61 -0.98
CA THR A 19 -22.43 7.71 -0.61
C THR A 19 -21.83 7.48 0.78
N PRO A 20 -20.72 8.17 1.06
CA PRO A 20 -20.02 8.07 2.35
C PRO A 20 -20.81 8.72 3.48
N ASN A 21 -20.28 8.62 4.69
CA ASN A 21 -20.94 9.20 5.85
C ASN A 21 -19.91 9.76 6.83
N ARG A 22 -18.97 10.54 6.32
CA ARG A 22 -17.92 11.13 7.14
C ARG A 22 -17.07 10.06 7.81
N PRO A 23 -15.86 10.44 8.26
CA PRO A 23 -14.94 9.53 8.92
C PRO A 23 -15.43 9.10 10.30
N VAL A 24 -15.83 7.85 10.43
CA VAL A 24 -16.32 7.31 11.69
C VAL A 24 -15.21 6.57 12.44
N TYR A 25 -14.21 6.11 11.70
CA TYR A 25 -13.10 5.38 12.29
C TYR A 25 -13.57 4.08 12.94
N THR A 26 -14.41 3.34 12.21
CA THR A 26 -14.94 2.08 12.70
C THR A 26 -14.53 0.92 11.80
N THR A 27 -14.71 -0.31 12.28
CA THR A 27 -14.36 -1.50 11.51
C THR A 27 -15.01 -1.46 10.13
N SER A 28 -16.26 -1.02 10.07
CA SER A 28 -16.98 -0.93 8.81
C SER A 28 -16.28 0.03 7.84
N GLN A 29 -16.00 1.24 8.32
CA GLN A 29 -15.34 2.24 7.50
C GLN A 29 -13.95 1.77 7.09
N VAL A 30 -13.25 1.11 8.00
CA VAL A 30 -11.91 0.60 7.73
C VAL A 30 -11.93 -0.42 6.60
N GLY A 31 -12.76 -1.44 6.74
CA GLY A 31 -12.85 -2.47 5.72
C GLY A 31 -13.24 -1.91 4.36
N GLY A 32 -14.32 -1.14 4.34
CA GLY A 32 -14.78 -0.56 3.09
C GLY A 32 -13.72 0.32 2.43
N LEU A 33 -13.02 1.09 3.24
CA LEU A 33 -11.97 1.97 2.74
C LEU A 33 -10.84 1.17 2.12
N ILE A 34 -10.37 0.16 2.84
CA ILE A 34 -9.29 -0.69 2.36
C ILE A 34 -9.63 -1.32 1.02
N THR A 35 -10.88 -1.79 0.89
CA THR A 35 -11.33 -2.42 -0.34
C THR A 35 -11.36 -1.43 -1.48
N HIS A 36 -11.89 -0.24 -1.23
CA HIS A 36 -11.97 0.81 -2.24
C HIS A 36 -10.58 1.22 -2.71
N VAL A 37 -9.73 1.61 -1.77
CA VAL A 37 -8.37 2.03 -2.09
C VAL A 37 -7.60 0.90 -2.77
N LEU A 38 -7.89 -0.34 -2.38
CA LEU A 38 -7.23 -1.50 -2.96
C LEU A 38 -7.55 -1.64 -4.44
N TRP A 39 -8.83 -1.54 -4.77
CA TRP A 39 -9.27 -1.65 -6.16
C TRP A 39 -8.71 -0.50 -7.00
N GLU A 40 -8.71 0.70 -6.43
CA GLU A 40 -8.19 1.87 -7.13
C GLU A 40 -6.71 1.70 -7.45
N ILE A 41 -5.95 1.25 -6.48
CA ILE A 41 -4.51 1.05 -6.67
C ILE A 41 -4.24 0.00 -7.75
N VAL A 42 -4.96 -1.11 -7.68
CA VAL A 42 -4.80 -2.17 -8.66
C VAL A 42 -5.10 -1.68 -10.07
N GLU A 43 -6.18 -0.92 -10.22
CA GLU A 43 -6.57 -0.38 -11.52
C GLU A 43 -5.58 0.69 -11.98
N MET A 44 -5.16 1.54 -11.06
CA MET A 44 -4.21 2.60 -11.36
C MET A 44 -2.84 2.03 -11.73
N ARG A 45 -2.51 0.90 -11.13
CA ARG A 45 -1.23 0.25 -11.39
C ARG A 45 -1.24 -0.45 -12.75
N LYS A 46 -2.26 -1.24 -13.00
CA LYS A 46 -2.40 -1.96 -14.26
C LYS A 46 -2.69 -0.99 -15.41
N GLU A 47 -3.35 0.12 -15.08
CA GLU A 47 -3.69 1.12 -16.08
C GLU A 47 -2.46 1.56 -16.85
N LEU A 48 -1.33 1.64 -16.17
CA LEU A 48 -0.07 2.05 -16.78
C LEU A 48 0.26 1.16 -17.98
N CYS A 49 -0.17 -0.08 -17.92
CA CYS A 49 0.08 -1.04 -19.00
C CYS A 49 -1.12 -1.11 -19.94
N ASN A 50 -1.87 -0.02 -20.04
CA ASN A 50 -3.04 0.03 -20.90
C ASN A 50 -4.07 -1.00 -20.47
N GLY A 51 -4.12 -1.29 -19.17
CA GLY A 51 -5.06 -2.27 -18.66
C GLY A 51 -4.87 -3.64 -19.27
N ASN A 52 -3.61 -4.07 -19.36
CA ASN A 52 -3.29 -5.38 -19.93
C ASN A 52 -3.02 -6.40 -18.83
N SER A 53 -3.94 -7.33 -18.65
CA SER A 53 -3.80 -8.36 -17.62
C SER A 53 -2.48 -9.11 -17.79
N ASP A 54 -1.98 -9.16 -19.02
CA ASP A 54 -0.73 -9.85 -19.31
C ASP A 54 0.45 -9.14 -18.64
N CYS A 55 0.37 -7.81 -18.58
CA CYS A 55 1.43 -7.02 -17.97
C CYS A 55 1.58 -7.36 -16.49
N MET A 56 0.46 -7.63 -15.83
CA MET A 56 0.46 -7.97 -14.42
C MET A 56 1.35 -9.19 -14.16
N ASN A 57 1.19 -10.21 -14.99
CA ASN A 57 1.97 -11.43 -14.85
C ASN A 57 3.09 -11.49 -15.88
N ASN A 58 3.53 -10.32 -16.33
CA ASN A 58 4.60 -10.23 -17.32
C ASN A 58 5.97 -10.25 -16.63
N ASP A 59 6.26 -9.21 -15.87
CA ASP A 59 7.53 -9.11 -15.17
C ASP A 59 7.39 -9.54 -13.71
N ASP A 60 6.40 -10.39 -13.45
CA ASP A 60 6.16 -10.88 -12.09
C ASP A 60 6.79 -12.24 -11.88
N ALA A 61 7.88 -12.50 -12.61
CA ALA A 61 8.59 -13.77 -12.49
C ALA A 61 9.83 -13.64 -11.60
N LEU A 62 10.35 -12.43 -11.52
CA LEU A 62 11.53 -12.17 -10.70
C LEU A 62 11.30 -10.98 -9.77
N ALA A 63 10.64 -9.95 -10.28
CA ALA A 63 10.35 -8.76 -9.49
C ALA A 63 9.60 -9.12 -8.21
N GLU A 64 8.67 -10.06 -8.32
CA GLU A 64 7.89 -10.50 -7.17
C GLU A 64 8.78 -11.16 -6.12
N ASN A 65 9.84 -11.82 -6.59
CA ASN A 65 10.77 -12.50 -5.69
C ASN A 65 12.10 -11.75 -5.62
N ASN A 66 12.02 -10.43 -5.69
CA ASN A 66 13.22 -9.60 -5.63
C ASN A 66 12.90 -8.23 -5.05
N LEU A 67 11.86 -8.16 -4.23
CA LEU A 67 11.45 -6.90 -3.61
C LEU A 67 12.23 -6.66 -2.32
N LYS A 68 12.74 -5.45 -2.17
CA LYS A 68 13.50 -5.08 -0.97
C LYS A 68 12.64 -4.28 -0.01
N LEU A 69 11.50 -3.79 -0.50
CA LEU A 69 10.59 -3.00 0.31
C LEU A 69 10.03 -3.84 1.46
N PRO A 70 9.51 -3.15 2.50
CA PRO A 70 8.94 -3.81 3.68
C PRO A 70 7.62 -4.52 3.36
N GLU A 71 7.50 -5.76 3.81
CA GLU A 71 6.28 -6.54 3.57
C GLU A 71 6.03 -7.50 4.72
N ILE A 72 4.79 -7.98 4.83
CA ILE A 72 4.41 -8.90 5.89
C ILE A 72 4.30 -10.33 5.36
N GLN A 73 5.34 -11.12 5.59
CA GLN A 73 5.36 -12.50 5.14
C GLN A 73 5.91 -13.43 6.23
N ARG A 74 7.10 -13.13 6.72
CA ARG A 74 7.72 -13.93 7.77
C ARG A 74 6.77 -14.12 8.94
N ASN A 75 6.18 -15.31 9.04
CA ASN A 75 5.25 -15.62 10.12
C ASN A 75 5.10 -17.13 10.29
N ASP A 76 6.15 -17.75 10.83
CA ASP A 76 6.13 -19.19 11.05
C ASP A 76 5.00 -19.59 12.00
N GLY A 77 4.62 -18.66 12.87
CA GLY A 77 3.55 -18.93 13.82
C GLY A 77 3.00 -17.66 14.45
N CYS A 78 3.74 -17.12 15.41
CA CYS A 78 3.31 -15.90 16.10
C CYS A 78 1.91 -16.06 16.66
N TYR A 79 1.62 -17.24 17.18
CA TYR A 79 0.31 -17.52 17.76
C TYR A 79 0.31 -18.86 18.50
N GLN A 80 -0.73 -19.10 19.28
CA GLN A 80 -0.85 -20.34 20.04
C GLN A 80 0.40 -20.59 20.87
N THR A 81 1.00 -19.51 21.38
CA THR A 81 2.21 -19.61 22.18
C THR A 81 1.92 -19.29 23.64
N GLY A 82 1.27 -18.15 23.87
CA GLY A 82 0.94 -17.73 25.23
C GLY A 82 0.02 -16.53 25.27
N TYR A 83 -0.49 -16.22 26.44
CA TYR A 83 -1.38 -15.08 26.60
C TYR A 83 -0.60 -13.81 26.92
N ASN A 84 -0.05 -13.18 25.88
CA ASN A 84 0.72 -11.95 26.05
C ASN A 84 0.99 -11.29 24.71
N GLN A 85 1.44 -12.09 23.74
CA GLN A 85 1.73 -11.57 22.41
C GLN A 85 0.71 -12.09 21.39
N GLU A 86 -0.06 -11.17 20.82
CA GLU A 86 -1.07 -11.54 19.83
C GLU A 86 -0.51 -11.45 18.42
N ILE A 87 0.26 -10.40 18.15
CA ILE A 87 0.86 -10.21 16.84
C ILE A 87 2.36 -10.52 16.86
N CYS A 88 3.01 -10.39 15.71
CA CYS A 88 4.43 -10.66 15.60
C CYS A 88 5.23 -9.36 15.45
N LEU A 89 6.52 -9.50 15.18
CA LEU A 89 7.39 -8.34 15.00
C LEU A 89 7.44 -7.91 13.55
N LEU A 90 6.54 -7.02 13.16
CA LEU A 90 6.49 -6.53 11.79
C LEU A 90 6.54 -5.00 11.76
N LYS A 91 7.13 -4.46 10.70
CA LYS A 91 7.25 -3.01 10.54
C LYS A 91 5.88 -2.38 10.30
N ILE A 92 5.36 -2.55 9.08
CA ILE A 92 4.07 -1.99 8.72
C ILE A 92 4.13 -0.49 8.59
N SER A 93 4.30 0.20 9.72
CA SER A 93 4.38 1.65 9.74
C SER A 93 5.40 2.16 8.71
N SER A 94 6.59 1.58 8.74
CA SER A 94 7.66 1.98 7.83
C SER A 94 7.19 1.88 6.37
N GLY A 95 6.65 0.71 6.01
CA GLY A 95 6.17 0.51 4.66
C GLY A 95 5.07 1.49 4.28
N LEU A 96 4.12 1.68 5.19
CA LEU A 96 3.01 2.60 4.94
C LEU A 96 3.52 4.00 4.61
N LEU A 97 4.44 4.49 5.43
CA LEU A 97 5.01 5.82 5.22
C LEU A 97 5.71 5.91 3.88
N GLU A 98 6.56 4.92 3.59
CA GLU A 98 7.29 4.89 2.33
C GLU A 98 6.33 4.94 1.14
N TYR A 99 5.33 4.07 1.16
CA TYR A 99 4.35 4.02 0.08
C TYR A 99 3.63 5.37 -0.07
N HIS A 100 3.18 5.92 1.05
CA HIS A 100 2.49 7.21 1.04
C HIS A 100 3.32 8.27 0.34
N SER A 101 4.60 8.35 0.70
CA SER A 101 5.50 9.32 0.11
C SER A 101 5.69 9.06 -1.39
N TYR A 102 5.78 7.79 -1.75
CA TYR A 102 5.95 7.41 -3.15
C TYR A 102 4.79 7.90 -3.99
N LEU A 103 3.60 7.38 -3.72
CA LEU A 103 2.40 7.76 -4.46
C LEU A 103 2.20 9.27 -4.43
N GLU A 104 2.42 9.86 -3.26
CA GLU A 104 2.27 11.30 -3.10
C GLU A 104 3.25 12.06 -3.98
N TYR A 105 4.44 11.49 -4.15
CA TYR A 105 5.47 12.11 -4.97
C TYR A 105 5.09 12.08 -6.45
N MET A 106 4.74 10.89 -6.94
CA MET A 106 4.35 10.73 -8.34
C MET A 106 3.04 11.44 -8.62
N LYS A 107 2.21 11.59 -7.59
CA LYS A 107 0.91 12.24 -7.73
C LYS A 107 1.10 13.70 -8.17
N ASN A 108 2.18 14.32 -7.73
CA ASN A 108 2.47 15.70 -8.08
C ASN A 108 2.59 15.86 -9.60
N ASN A 109 3.27 14.91 -10.23
CA ASN A 109 3.46 14.95 -11.68
C ASN A 109 2.70 13.82 -12.35
N LEU A 110 1.45 14.08 -12.70
CA LEU A 110 0.61 13.08 -13.36
C LEU A 110 -0.40 13.74 -14.30
N LYS A 111 -1.19 12.92 -14.98
CA LYS A 111 -2.20 13.42 -15.90
C LYS A 111 -3.47 13.82 -15.16
N ASP A 112 -4.49 14.21 -15.92
CA ASP A 112 -5.76 14.62 -15.33
C ASP A 112 -6.40 13.44 -14.58
N ASN A 113 -6.50 12.30 -15.25
CA ASN A 113 -7.10 11.12 -14.65
C ASN A 113 -6.22 10.57 -13.54
N LYS A 114 -4.93 10.40 -13.84
CA LYS A 114 -3.97 9.89 -12.87
C LYS A 114 -3.98 10.74 -11.60
N LYS A 115 -4.06 12.05 -11.77
CA LYS A 115 -4.07 12.97 -10.64
C LYS A 115 -5.36 12.81 -9.82
N ASP A 116 -6.50 12.82 -10.52
CA ASP A 116 -7.79 12.67 -9.85
C ASP A 116 -7.80 11.44 -8.96
N LYS A 117 -7.38 10.31 -9.51
CA LYS A 117 -7.34 9.05 -8.76
C LYS A 117 -6.22 9.08 -7.72
N ALA A 118 -5.11 9.71 -8.07
CA ALA A 118 -3.97 9.80 -7.17
C ALA A 118 -4.38 10.41 -5.82
N ARG A 119 -5.12 11.51 -5.88
CA ARG A 119 -5.58 12.19 -4.66
C ARG A 119 -6.37 11.23 -3.77
N VAL A 120 -7.24 10.43 -4.39
CA VAL A 120 -8.05 9.47 -3.65
C VAL A 120 -7.18 8.37 -3.05
N LEU A 121 -6.14 7.99 -3.77
CA LEU A 121 -5.22 6.95 -3.31
C LEU A 121 -4.45 7.41 -2.08
N GLN A 122 -3.84 8.58 -2.17
CA GLN A 122 -3.06 9.14 -1.07
C GLN A 122 -3.95 9.39 0.14
N ARG A 123 -5.15 9.89 -0.11
CA ARG A 123 -6.10 10.17 0.97
C ARG A 123 -6.47 8.89 1.72
N ASP A 124 -6.92 7.89 0.98
CA ASP A 124 -7.31 6.62 1.57
C ASP A 124 -6.17 6.03 2.39
N THR A 125 -4.97 6.02 1.82
CA THR A 125 -3.80 5.49 2.51
C THR A 125 -3.55 6.22 3.82
N GLU A 126 -3.57 7.55 3.76
CA GLU A 126 -3.35 8.37 4.95
C GLU A 126 -4.40 8.09 6.01
N THR A 127 -5.61 7.77 5.57
CA THR A 127 -6.71 7.47 6.49
C THR A 127 -6.48 6.16 7.22
N LEU A 128 -6.28 5.09 6.47
CA LEU A 128 -6.04 3.78 7.05
C LEU A 128 -4.79 3.78 7.92
N ILE A 129 -3.82 4.59 7.53
CA ILE A 129 -2.56 4.70 8.28
C ILE A 129 -2.78 5.42 9.61
N HIS A 130 -3.52 6.52 9.57
CA HIS A 130 -3.80 7.30 10.77
C HIS A 130 -4.63 6.48 11.76
N ILE A 131 -5.55 5.69 11.22
CA ILE A 131 -6.42 4.86 12.06
C ILE A 131 -5.63 3.74 12.73
N PHE A 132 -4.90 2.98 11.92
CA PHE A 132 -4.09 1.87 12.44
C PHE A 132 -3.00 2.38 13.36
N ASN A 133 -2.33 3.45 12.95
CA ASN A 133 -1.26 4.03 13.74
C ASN A 133 -1.78 4.56 15.07
N GLN A 134 -2.92 5.23 15.01
CA GLN A 134 -3.53 5.79 16.22
C GLN A 134 -3.94 4.68 17.19
N GLU A 135 -4.52 3.62 16.65
CA GLU A 135 -4.95 2.49 17.47
C GLU A 135 -3.76 1.84 18.16
N VAL A 136 -2.74 1.49 17.39
CA VAL A 136 -1.54 0.86 17.93
C VAL A 136 -0.79 1.82 18.84
N LYS A 137 -0.88 3.11 18.55
CA LYS A 137 -0.20 4.13 19.34
C LYS A 137 -0.82 4.23 20.73
N ASP A 138 -2.15 4.20 20.78
CA ASP A 138 -2.86 4.30 22.05
C ASP A 138 -2.82 2.96 22.79
N LEU A 139 -2.75 1.88 22.04
CA LEU A 139 -2.71 0.53 22.63
C LEU A 139 -1.39 0.31 23.35
N HIS A 140 -0.29 0.59 22.66
CA HIS A 140 1.04 0.41 23.23
C HIS A 140 1.96 1.58 22.87
N LYS A 141 2.42 1.58 21.62
CA LYS A 141 3.29 2.64 21.14
C LYS A 141 3.67 2.41 19.68
N ILE A 142 4.50 3.29 19.14
CA ILE A 142 4.94 3.19 17.76
C ILE A 142 5.98 4.25 17.41
N VAL A 143 6.94 3.89 16.58
CA VAL A 143 8.00 4.81 16.18
C VAL A 143 8.48 4.53 14.76
N LEU A 144 8.86 5.58 14.04
CA LEU A 144 9.33 5.44 12.67
C LEU A 144 10.68 6.12 12.49
N PRO A 145 11.45 5.65 11.50
CA PRO A 145 12.78 6.20 11.20
C PRO A 145 12.70 7.60 10.61
N THR A 146 12.56 7.68 9.28
CA THR A 146 12.47 8.96 8.60
C THR A 146 12.35 8.77 7.10
N PRO A 147 11.62 9.69 6.44
CA PRO A 147 11.42 9.64 4.99
C PRO A 147 12.69 9.95 4.21
N ILE A 148 13.22 8.93 3.54
CA ILE A 148 14.43 9.09 2.75
C ILE A 148 14.20 8.71 1.29
N SER A 149 13.34 7.73 1.07
CA SER A 149 13.02 7.28 -0.28
C SER A 149 12.63 8.45 -1.17
N ASN A 150 11.74 9.30 -0.65
CA ASN A 150 11.28 10.47 -1.40
C ASN A 150 12.46 11.28 -1.94
N ALA A 151 13.43 11.53 -1.08
CA ALA A 151 14.62 12.29 -1.47
C ALA A 151 15.32 11.64 -2.66
N LEU A 152 15.64 10.35 -2.52
CA LEU A 152 16.31 9.63 -3.59
C LEU A 152 15.57 9.79 -4.91
N LEU A 153 14.27 9.49 -4.91
CA LEU A 153 13.45 9.60 -6.10
C LEU A 153 13.58 10.99 -6.71
N THR A 154 13.14 12.00 -5.99
CA THR A 154 13.20 13.38 -6.46
C THR A 154 14.60 13.74 -6.93
N ASP A 155 15.61 13.14 -6.29
CA ASP A 155 17.00 13.39 -6.65
C ASP A 155 17.25 13.05 -8.11
N LYS A 156 16.56 12.02 -8.61
CA LYS A 156 16.71 11.59 -10.00
C LYS A 156 15.77 12.37 -10.91
N LEU A 157 16.26 12.71 -12.10
CA LEU A 157 15.46 13.46 -13.06
C LEU A 157 16.16 13.51 -14.42
N GLU A 158 15.42 13.90 -15.45
CA GLU A 158 15.97 13.99 -16.79
C GLU A 158 16.46 12.63 -17.28
N SER A 159 15.64 11.97 -18.10
CA SER A 159 15.98 10.65 -18.62
C SER A 159 15.79 10.61 -20.14
N GLN A 160 16.77 10.05 -20.84
CA GLN A 160 16.70 9.95 -22.29
C GLN A 160 16.09 8.62 -22.71
N LYS A 161 16.64 7.53 -22.18
CA LYS A 161 16.15 6.19 -22.50
C LYS A 161 14.72 6.00 -21.99
N GLU A 162 13.83 5.56 -22.88
CA GLU A 162 12.44 5.33 -22.53
C GLU A 162 12.29 4.03 -21.74
N TRP A 163 11.09 3.81 -21.22
CA TRP A 163 10.81 2.60 -20.45
C TRP A 163 11.77 2.47 -19.26
N LEU A 164 11.61 3.37 -18.29
CA LEU A 164 12.45 3.36 -17.10
C LEU A 164 11.65 3.71 -15.86
N ARG A 165 10.89 4.81 -15.95
CA ARG A 165 10.07 5.25 -14.82
C ARG A 165 8.98 4.23 -14.51
N THR A 166 8.36 3.70 -15.56
CA THR A 166 7.28 2.72 -15.40
C THR A 166 7.72 1.59 -14.47
N LYS A 167 9.03 1.35 -14.41
CA LYS A 167 9.57 0.30 -13.56
C LYS A 167 9.43 0.65 -12.09
N THR A 168 10.19 1.65 -11.66
CA THR A 168 10.15 2.09 -10.26
C THR A 168 8.72 2.29 -9.79
N ILE A 169 7.90 2.94 -10.63
CA ILE A 169 6.50 3.20 -10.29
C ILE A 169 5.74 1.90 -10.13
N GLN A 170 5.93 0.98 -11.09
CA GLN A 170 5.25 -0.31 -11.05
C GLN A 170 5.66 -1.11 -9.82
N PHE A 171 6.89 -0.92 -9.38
CA PHE A 171 7.41 -1.62 -8.21
C PHE A 171 6.75 -1.12 -6.93
N ILE A 172 6.82 0.19 -6.72
CA ILE A 172 6.23 0.80 -5.53
C ILE A 172 4.71 0.56 -5.49
N LEU A 173 4.09 0.57 -6.66
CA LEU A 173 2.65 0.35 -6.77
C LEU A 173 2.29 -1.08 -6.38
N LYS A 174 2.91 -2.04 -7.04
CA LYS A 174 2.67 -3.45 -6.77
C LYS A 174 2.87 -3.77 -5.29
N SER A 175 3.99 -3.29 -4.74
CA SER A 175 4.31 -3.53 -3.34
C SER A 175 3.27 -2.90 -2.43
N LEU A 176 2.88 -1.66 -2.74
CA LEU A 176 1.89 -0.94 -1.95
C LEU A 176 0.60 -1.75 -1.84
N GLU A 177 0.02 -2.09 -2.99
CA GLU A 177 -1.22 -2.87 -3.01
C GLU A 177 -1.06 -4.17 -2.25
N GLU A 178 -0.02 -4.93 -2.59
CA GLU A 178 0.24 -6.21 -1.94
C GLU A 178 0.30 -6.04 -0.42
N PHE A 179 1.07 -5.06 0.03
CA PHE A 179 1.22 -4.79 1.45
C PHE A 179 -0.12 -4.43 2.08
N LEU A 180 -0.96 -3.74 1.32
CA LEU A 180 -2.28 -3.34 1.80
C LEU A 180 -3.15 -4.55 2.09
N LYS A 181 -3.41 -5.35 1.05
CA LYS A 181 -4.23 -6.55 1.19
C LYS A 181 -3.69 -7.44 2.30
N VAL A 182 -2.37 -7.65 2.30
CA VAL A 182 -1.73 -8.49 3.30
C VAL A 182 -1.94 -7.93 4.71
N THR A 183 -1.61 -6.66 4.89
CA THR A 183 -1.78 -6.00 6.18
C THR A 183 -3.21 -6.12 6.69
N LEU A 184 -4.16 -6.06 5.76
CA LEU A 184 -5.57 -6.16 6.11
C LEU A 184 -5.91 -7.55 6.63
N ARG A 185 -5.61 -8.56 5.81
CA ARG A 185 -5.89 -9.94 6.19
C ARG A 185 -5.07 -10.35 7.41
N SER A 186 -3.97 -9.64 7.64
CA SER A 186 -3.09 -9.93 8.78
C SER A 186 -3.69 -9.39 10.07
N THR A 187 -4.13 -8.14 10.03
CA THR A 187 -4.72 -7.50 11.21
C THR A 187 -6.10 -8.09 11.51
N ARG A 188 -6.74 -8.63 10.49
CA ARG A 188 -8.07 -9.22 10.65
C ARG A 188 -7.98 -10.57 11.37
N GLN A 189 -6.98 -11.36 11.01
CA GLN A 189 -6.78 -12.67 11.62
C GLN A 189 -8.11 -13.39 11.80
N THR A 190 -8.56 -14.07 10.75
CA THR A 190 -9.82 -14.80 10.79
C THR A 190 -9.59 -16.31 10.77
N SER A 7 -10.03 -17.45 -9.82
CA SER A 7 -11.08 -16.94 -10.70
C SER A 7 -11.26 -15.44 -10.49
N GLN A 8 -10.72 -14.65 -11.41
CA GLN A 8 -10.83 -13.19 -11.35
C GLN A 8 -11.28 -12.61 -12.68
N VAL A 9 -12.57 -12.69 -12.96
CA VAL A 9 -13.13 -12.17 -14.19
C VAL A 9 -13.42 -10.68 -14.09
N ARG A 10 -13.21 -9.96 -15.18
CA ARG A 10 -13.44 -8.53 -15.22
C ARG A 10 -14.84 -8.21 -15.74
N ARG A 11 -15.49 -7.21 -15.15
CA ARG A 11 -16.83 -6.81 -15.56
C ARG A 11 -16.80 -5.47 -16.28
N GLY A 12 -17.92 -5.11 -16.89
CA GLY A 12 -18.01 -3.84 -17.61
C GLY A 12 -18.52 -2.72 -16.73
N ASP A 13 -19.48 -3.02 -15.87
CA ASP A 13 -20.06 -2.03 -14.98
C ASP A 13 -18.98 -1.37 -14.12
N PHE A 14 -19.27 -0.17 -13.63
CA PHE A 14 -18.32 0.56 -12.80
C PHE A 14 -18.66 0.41 -11.33
N THR A 15 -17.64 0.53 -10.47
CA THR A 15 -17.84 0.40 -9.03
C THR A 15 -17.48 1.70 -8.31
N GLU A 16 -16.61 2.49 -8.93
CA GLU A 16 -16.19 3.77 -8.36
C GLU A 16 -17.39 4.62 -7.97
N ASP A 17 -17.25 5.38 -6.89
CA ASP A 17 -18.33 6.23 -6.42
C ASP A 17 -17.82 7.18 -5.33
N THR A 18 -16.60 7.66 -5.49
CA THR A 18 -16.01 8.57 -4.52
C THR A 18 -16.08 8.00 -3.11
N THR A 19 -15.68 8.80 -2.13
CA THR A 19 -15.70 8.37 -0.73
C THR A 19 -16.77 9.11 0.06
N PRO A 20 -17.17 8.52 1.20
CA PRO A 20 -18.19 9.12 2.07
C PRO A 20 -17.70 10.37 2.77
N ASN A 21 -18.50 10.86 3.72
CA ASN A 21 -18.14 12.07 4.47
C ASN A 21 -18.40 11.87 5.96
N ARG A 22 -18.28 10.63 6.42
CA ARG A 22 -18.50 10.32 7.82
C ARG A 22 -17.44 9.34 8.33
N PRO A 23 -16.22 9.84 8.54
CA PRO A 23 -15.10 9.03 9.02
C PRO A 23 -15.28 8.61 10.47
N VAL A 24 -16.01 7.52 10.68
CA VAL A 24 -16.27 7.02 12.03
C VAL A 24 -15.01 6.33 12.59
N TYR A 25 -14.09 5.98 11.72
CA TYR A 25 -12.86 5.32 12.12
C TYR A 25 -13.15 3.94 12.72
N THR A 26 -14.27 3.35 12.30
CA THR A 26 -14.66 2.04 12.80
C THR A 26 -14.27 0.93 11.82
N THR A 27 -14.45 -0.31 12.24
CA THR A 27 -14.12 -1.46 11.40
C THR A 27 -14.76 -1.33 10.03
N SER A 28 -16.02 -0.93 10.00
CA SER A 28 -16.74 -0.77 8.74
C SER A 28 -16.01 0.18 7.80
N GLN A 29 -15.67 1.36 8.31
CA GLN A 29 -14.96 2.36 7.52
C GLN A 29 -13.61 1.83 7.05
N VAL A 30 -12.93 1.09 7.92
CA VAL A 30 -11.63 0.52 7.61
C VAL A 30 -11.74 -0.50 6.49
N GLY A 31 -12.62 -1.48 6.67
CA GLY A 31 -12.80 -2.51 5.66
C GLY A 31 -13.16 -1.94 4.30
N GLY A 32 -14.16 -1.08 4.26
CA GLY A 32 -14.57 -0.48 3.00
C GLY A 32 -13.50 0.40 2.40
N LEU A 33 -12.77 1.11 3.26
CA LEU A 33 -11.70 2.00 2.80
C LEU A 33 -10.55 1.19 2.23
N ILE A 34 -10.28 0.03 2.83
CA ILE A 34 -9.19 -0.83 2.38
C ILE A 34 -9.51 -1.44 1.01
N THR A 35 -10.71 -1.98 0.88
CA THR A 35 -11.13 -2.60 -0.38
C THR A 35 -11.21 -1.57 -1.50
N HIS A 36 -11.68 -0.37 -1.16
CA HIS A 36 -11.81 0.71 -2.13
C HIS A 36 -10.44 1.15 -2.63
N VAL A 37 -9.57 1.52 -1.69
CA VAL A 37 -8.22 1.97 -2.03
C VAL A 37 -7.44 0.87 -2.75
N LEU A 38 -7.72 -0.38 -2.39
CA LEU A 38 -7.04 -1.52 -2.99
C LEU A 38 -7.42 -1.65 -4.46
N TRP A 39 -8.71 -1.59 -4.76
CA TRP A 39 -9.19 -1.70 -6.12
C TRP A 39 -8.68 -0.55 -6.98
N GLU A 40 -8.70 0.66 -6.41
CA GLU A 40 -8.23 1.84 -7.13
C GLU A 40 -6.75 1.71 -7.48
N ILE A 41 -5.95 1.32 -6.51
CA ILE A 41 -4.52 1.16 -6.72
C ILE A 41 -4.24 0.15 -7.82
N VAL A 42 -4.89 -1.01 -7.74
CA VAL A 42 -4.71 -2.06 -8.73
C VAL A 42 -5.02 -1.55 -10.13
N GLU A 43 -6.20 -0.96 -10.29
CA GLU A 43 -6.61 -0.42 -11.60
C GLU A 43 -5.60 0.58 -12.11
N MET A 44 -5.18 1.49 -11.24
CA MET A 44 -4.21 2.52 -11.62
C MET A 44 -2.88 1.90 -11.98
N ARG A 45 -2.55 0.78 -11.33
CA ARG A 45 -1.29 0.09 -11.58
C ARG A 45 -1.28 -0.51 -12.98
N LYS A 46 -2.31 -1.26 -13.31
CA LYS A 46 -2.42 -1.89 -14.62
C LYS A 46 -2.71 -0.86 -15.71
N GLU A 47 -3.38 0.23 -15.32
CA GLU A 47 -3.72 1.30 -16.25
C GLU A 47 -2.47 1.80 -16.98
N LEU A 48 -1.35 1.80 -16.27
CA LEU A 48 -0.09 2.26 -16.85
C LEU A 48 0.31 1.41 -18.05
N CYS A 49 -0.13 0.15 -18.05
CA CYS A 49 0.17 -0.77 -19.14
C CYS A 49 -0.98 -0.83 -20.13
N ASN A 50 -1.74 0.26 -20.22
CA ASN A 50 -2.87 0.34 -21.14
C ASN A 50 -3.92 -0.71 -20.79
N GLY A 51 -3.98 -1.09 -19.53
CA GLY A 51 -4.95 -2.08 -19.08
C GLY A 51 -4.72 -3.43 -19.75
N ASN A 52 -3.47 -3.86 -19.79
CA ASN A 52 -3.13 -5.15 -20.41
C ASN A 52 -2.92 -6.21 -19.34
N SER A 53 -3.84 -7.19 -19.31
CA SER A 53 -3.76 -8.28 -18.35
C SER A 53 -2.40 -8.97 -18.42
N ASP A 54 -1.79 -8.95 -19.60
CA ASP A 54 -0.50 -9.58 -19.80
C ASP A 54 0.58 -8.91 -18.95
N CYS A 55 0.51 -7.59 -18.87
CA CYS A 55 1.47 -6.82 -18.08
C CYS A 55 1.42 -7.23 -16.61
N MET A 56 0.23 -7.52 -16.12
CA MET A 56 0.04 -7.93 -14.74
C MET A 56 0.84 -9.19 -14.42
N ASN A 57 1.02 -10.04 -15.43
CA ASN A 57 1.77 -11.28 -15.27
C ASN A 57 2.97 -11.31 -16.21
N ASN A 58 3.47 -10.13 -16.58
CA ASN A 58 4.62 -10.02 -17.47
C ASN A 58 5.92 -10.08 -16.68
N ASP A 59 6.12 -9.10 -15.80
CA ASP A 59 7.33 -9.04 -14.98
C ASP A 59 7.00 -9.31 -13.51
N ASP A 60 5.88 -9.99 -13.27
CA ASP A 60 5.46 -10.31 -11.91
C ASP A 60 5.85 -11.74 -11.54
N ALA A 61 6.96 -12.21 -12.09
CA ALA A 61 7.44 -13.55 -11.81
C ALA A 61 8.79 -13.52 -11.09
N LEU A 62 9.54 -12.45 -11.29
CA LEU A 62 10.85 -12.30 -10.66
C LEU A 62 10.81 -11.22 -9.58
N ALA A 63 10.11 -10.12 -9.88
CA ALA A 63 10.00 -9.02 -8.94
C ALA A 63 9.41 -9.49 -7.61
N GLU A 64 8.54 -10.49 -7.67
CA GLU A 64 7.91 -11.02 -6.47
C GLU A 64 8.95 -11.57 -5.50
N ASN A 65 10.09 -11.99 -6.04
CA ASN A 65 11.18 -12.54 -5.23
C ASN A 65 12.45 -11.73 -5.41
N ASN A 66 12.29 -10.45 -5.75
CA ASN A 66 13.44 -9.57 -5.96
C ASN A 66 13.12 -8.15 -5.50
N LEU A 67 12.19 -8.04 -4.55
CA LEU A 67 11.79 -6.73 -4.02
C LEU A 67 12.74 -6.29 -2.91
N LYS A 68 12.81 -4.98 -2.68
CA LYS A 68 13.67 -4.43 -1.64
C LYS A 68 12.85 -3.75 -0.55
N LEU A 69 11.65 -3.31 -0.92
CA LEU A 69 10.76 -2.66 0.03
C LEU A 69 10.35 -3.60 1.15
N PRO A 70 9.89 -3.03 2.27
CA PRO A 70 9.44 -3.81 3.43
C PRO A 70 8.16 -4.57 3.17
N GLU A 71 8.10 -5.80 3.66
CA GLU A 71 6.91 -6.64 3.48
C GLU A 71 6.64 -7.48 4.73
N ILE A 72 5.37 -7.81 4.95
CA ILE A 72 4.97 -8.60 6.10
C ILE A 72 4.31 -9.90 5.67
N GLN A 73 4.26 -10.87 6.58
CA GLN A 73 3.65 -12.15 6.30
C GLN A 73 2.85 -12.66 7.50
N ARG A 74 3.56 -13.04 8.56
CA ARG A 74 2.92 -13.54 9.77
C ARG A 74 2.15 -14.82 9.48
N ASN A 75 2.67 -15.64 8.57
CA ASN A 75 2.02 -16.89 8.21
C ASN A 75 2.94 -18.07 8.48
N ASP A 76 4.12 -18.05 7.88
CA ASP A 76 5.09 -19.12 8.05
C ASP A 76 5.97 -18.87 9.27
N GLY A 77 6.67 -17.74 9.28
CA GLY A 77 7.53 -17.40 10.40
C GLY A 77 8.98 -17.76 10.14
N CYS A 78 9.88 -17.15 10.90
CA CYS A 78 11.31 -17.42 10.76
C CYS A 78 11.88 -18.02 12.03
N TYR A 79 13.01 -18.71 11.89
CA TYR A 79 13.67 -19.35 13.02
C TYR A 79 15.14 -19.57 12.74
N GLN A 80 15.45 -20.10 11.55
CA GLN A 80 16.83 -20.36 11.16
C GLN A 80 17.18 -19.64 9.86
N THR A 81 16.50 -18.52 9.62
CA THR A 81 16.73 -17.74 8.41
C THR A 81 16.40 -18.55 7.17
N GLY A 82 15.16 -18.44 6.72
CA GLY A 82 14.74 -19.17 5.54
C GLY A 82 15.40 -18.66 4.27
N TYR A 83 14.72 -18.81 3.14
CA TYR A 83 15.25 -18.38 1.86
C TYR A 83 14.56 -17.10 1.40
N ASN A 84 13.25 -17.17 1.21
CA ASN A 84 12.47 -16.02 0.77
C ASN A 84 12.46 -14.93 1.83
N GLN A 85 11.83 -15.22 2.96
CA GLN A 85 11.75 -14.25 4.05
C GLN A 85 13.12 -14.01 4.66
N GLU A 86 13.76 -12.91 4.26
CA GLU A 86 15.08 -12.57 4.76
C GLU A 86 14.99 -12.01 6.17
N ILE A 87 15.89 -12.45 7.04
CA ILE A 87 15.92 -12.00 8.43
C ILE A 87 14.51 -11.93 9.01
N CYS A 88 14.37 -11.24 10.13
CA CYS A 88 13.08 -11.09 10.79
C CYS A 88 12.82 -9.64 11.18
N LEU A 89 11.55 -9.26 11.20
CA LEU A 89 11.16 -7.89 11.55
C LEU A 89 9.65 -7.77 11.70
N LEU A 90 9.20 -6.61 12.14
CA LEU A 90 7.77 -6.37 12.32
C LEU A 90 7.49 -4.87 12.44
N LYS A 91 7.49 -4.17 11.30
CA LYS A 91 7.24 -2.74 11.28
C LYS A 91 6.24 -2.39 10.17
N ILE A 92 5.21 -1.64 10.52
CA ILE A 92 4.20 -1.23 9.55
C ILE A 92 4.28 0.27 9.27
N SER A 93 4.86 1.01 10.21
CA SER A 93 5.00 2.46 10.06
C SER A 93 5.89 2.79 8.86
N SER A 94 7.06 2.16 8.80
CA SER A 94 8.00 2.40 7.72
C SER A 94 7.34 2.13 6.36
N GLY A 95 6.74 0.95 6.23
CA GLY A 95 6.09 0.58 4.98
C GLY A 95 5.00 1.56 4.60
N LEU A 96 4.09 1.82 5.53
CA LEU A 96 2.98 2.75 5.28
C LEU A 96 3.50 4.13 4.91
N LEU A 97 4.45 4.63 5.71
CA LEU A 97 5.04 5.94 5.46
C LEU A 97 5.69 6.01 4.08
N GLU A 98 6.51 5.01 3.77
CA GLU A 98 7.19 4.95 2.48
C GLU A 98 6.19 5.04 1.33
N TYR A 99 5.15 4.20 1.40
CA TYR A 99 4.13 4.18 0.36
C TYR A 99 3.49 5.55 0.20
N HIS A 100 3.09 6.15 1.32
CA HIS A 100 2.46 7.46 1.32
C HIS A 100 3.33 8.48 0.58
N SER A 101 4.62 8.49 0.89
CA SER A 101 5.55 9.41 0.27
C SER A 101 5.66 9.14 -1.23
N TYR A 102 5.67 7.86 -1.60
CA TYR A 102 5.77 7.47 -3.00
C TYR A 102 4.59 8.01 -3.80
N LEU A 103 3.39 7.54 -3.47
CA LEU A 103 2.17 7.96 -4.15
C LEU A 103 2.06 9.49 -4.13
N GLU A 104 2.41 10.09 -3.01
CA GLU A 104 2.33 11.54 -2.87
C GLU A 104 3.28 12.23 -3.85
N TYR A 105 4.45 11.64 -4.05
CA TYR A 105 5.44 12.19 -4.97
C TYR A 105 4.97 12.08 -6.41
N MET A 106 4.40 10.93 -6.76
CA MET A 106 3.90 10.70 -8.10
C MET A 106 2.66 11.55 -8.38
N LYS A 107 1.80 11.68 -7.37
CA LYS A 107 0.58 12.45 -7.51
C LYS A 107 0.89 13.91 -7.84
N ASN A 108 2.07 14.36 -7.46
CA ASN A 108 2.50 15.73 -7.72
C ASN A 108 2.54 16.01 -9.22
N ASN A 109 3.00 15.02 -9.99
CA ASN A 109 3.09 15.15 -11.43
C ASN A 109 2.49 13.93 -12.13
N LEU A 110 1.25 14.09 -12.60
CA LEU A 110 0.56 12.99 -13.28
C LEU A 110 -0.40 13.54 -14.34
N LYS A 111 -0.95 12.65 -15.15
CA LYS A 111 -1.88 13.04 -16.20
C LYS A 111 -3.20 13.52 -15.60
N ASP A 112 -4.15 13.83 -16.46
CA ASP A 112 -5.46 14.31 -16.02
C ASP A 112 -6.16 13.25 -15.19
N ASN A 113 -6.25 12.03 -15.72
CA ASN A 113 -6.90 10.94 -15.03
C ASN A 113 -6.04 10.43 -13.88
N LYS A 114 -4.75 10.25 -14.15
CA LYS A 114 -3.81 9.76 -13.14
C LYS A 114 -3.83 10.67 -11.90
N LYS A 115 -3.95 11.97 -12.13
CA LYS A 115 -3.99 12.93 -11.03
C LYS A 115 -5.27 12.78 -10.21
N ASP A 116 -6.41 12.76 -10.90
CA ASP A 116 -7.70 12.62 -10.23
C ASP A 116 -7.71 11.38 -9.34
N LYS A 117 -7.26 10.26 -9.88
CA LYS A 117 -7.21 9.01 -9.12
C LYS A 117 -6.14 9.05 -8.05
N ALA A 118 -4.99 9.65 -8.38
CA ALA A 118 -3.89 9.76 -7.45
C ALA A 118 -4.34 10.43 -6.16
N ARG A 119 -5.10 11.51 -6.28
CA ARG A 119 -5.59 12.23 -5.11
C ARG A 119 -6.36 11.31 -4.18
N VAL A 120 -7.28 10.54 -4.73
CA VAL A 120 -8.09 9.62 -3.95
C VAL A 120 -7.21 8.57 -3.28
N LEU A 121 -6.24 8.04 -4.03
CA LEU A 121 -5.34 7.02 -3.51
C LEU A 121 -4.62 7.53 -2.26
N GLN A 122 -4.05 8.72 -2.36
CA GLN A 122 -3.33 9.32 -1.23
C GLN A 122 -4.25 9.51 -0.04
N ARG A 123 -5.41 10.13 -0.29
CA ARG A 123 -6.38 10.38 0.77
C ARG A 123 -6.72 9.10 1.51
N ASP A 124 -7.12 8.08 0.75
CA ASP A 124 -7.49 6.79 1.34
C ASP A 124 -6.35 6.25 2.19
N THR A 125 -5.17 6.13 1.60
CA THR A 125 -4.00 5.62 2.31
C THR A 125 -3.76 6.39 3.61
N GLU A 126 -3.74 7.71 3.51
CA GLU A 126 -3.52 8.56 4.67
C GLU A 126 -4.53 8.24 5.77
N THR A 127 -5.78 8.04 5.38
CA THR A 127 -6.85 7.72 6.32
C THR A 127 -6.56 6.41 7.06
N LEU A 128 -6.32 5.35 6.29
CA LEU A 128 -6.04 4.05 6.87
C LEU A 128 -4.81 4.11 7.77
N ILE A 129 -3.71 4.64 7.24
CA ILE A 129 -2.47 4.75 8.00
C ILE A 129 -2.71 5.49 9.32
N HIS A 130 -3.50 6.56 9.26
CA HIS A 130 -3.80 7.35 10.44
C HIS A 130 -4.56 6.52 11.48
N ILE A 131 -5.58 5.81 11.01
CA ILE A 131 -6.38 4.96 11.90
C ILE A 131 -5.53 3.87 12.54
N PHE A 132 -4.83 3.11 11.70
CA PHE A 132 -3.97 2.03 12.19
C PHE A 132 -2.88 2.58 13.11
N ASN A 133 -2.30 3.71 12.72
CA ASN A 133 -1.24 4.33 13.50
C ASN A 133 -1.73 4.67 14.91
N GLN A 134 -2.90 5.29 14.98
CA GLN A 134 -3.49 5.68 16.26
C GLN A 134 -3.76 4.46 17.12
N GLU A 135 -4.43 3.46 16.54
CA GLU A 135 -4.76 2.24 17.27
C GLU A 135 -3.50 1.54 17.76
N VAL A 136 -2.55 1.32 16.84
CA VAL A 136 -1.30 0.66 17.18
C VAL A 136 -0.50 1.49 18.18
N LYS A 137 -0.64 2.81 18.11
CA LYS A 137 0.06 3.71 19.01
C LYS A 137 -0.48 3.59 20.43
N ASP A 138 -1.79 3.49 20.55
CA ASP A 138 -2.43 3.36 21.86
C ASP A 138 -2.17 1.99 22.46
N LEU A 139 -2.18 0.96 21.62
CA LEU A 139 -1.95 -0.40 22.07
C LEU A 139 -0.48 -0.61 22.40
N HIS A 140 0.39 -0.37 21.42
CA HIS A 140 1.82 -0.54 21.60
C HIS A 140 2.58 0.68 21.10
N LYS A 141 3.90 0.56 21.01
CA LYS A 141 4.74 1.65 20.54
C LYS A 141 5.43 1.29 19.23
N ILE A 142 5.76 2.29 18.44
CA ILE A 142 6.44 2.07 17.16
C ILE A 142 6.77 3.39 16.47
N VAL A 143 7.94 3.45 15.84
CA VAL A 143 8.38 4.65 15.14
C VAL A 143 9.33 4.31 14.01
N LEU A 144 9.65 5.32 13.20
CA LEU A 144 10.56 5.12 12.07
C LEU A 144 11.34 6.41 11.78
N PRO A 145 12.52 6.25 11.16
CA PRO A 145 13.39 7.38 10.82
C PRO A 145 12.81 8.22 9.69
N THR A 146 13.09 7.82 8.45
CA THR A 146 12.60 8.55 7.28
C THR A 146 12.95 7.82 6.00
N PRO A 147 12.22 8.14 4.92
CA PRO A 147 12.44 7.52 3.61
C PRO A 147 13.75 7.96 2.97
N ILE A 148 14.25 7.17 2.03
CA ILE A 148 15.49 7.48 1.34
C ILE A 148 15.30 7.48 -0.17
N SER A 149 14.48 6.55 -0.65
CA SER A 149 14.21 6.43 -2.08
C SER A 149 13.70 7.75 -2.65
N ASN A 150 13.09 8.56 -1.79
CA ASN A 150 12.54 9.84 -2.21
C ASN A 150 13.60 10.66 -2.94
N ALA A 151 14.81 10.69 -2.39
CA ALA A 151 15.90 11.43 -2.99
C ALA A 151 16.22 10.92 -4.39
N LEU A 152 16.19 9.60 -4.55
CA LEU A 152 16.48 8.97 -5.84
C LEU A 152 15.45 9.38 -6.88
N LEU A 153 14.17 9.14 -6.58
CA LEU A 153 13.09 9.49 -7.49
C LEU A 153 13.16 10.97 -7.88
N THR A 154 13.13 11.83 -6.87
CA THR A 154 13.19 13.27 -7.11
C THR A 154 14.44 13.65 -7.91
N ASP A 155 15.54 12.95 -7.65
CA ASP A 155 16.79 13.20 -8.34
C ASP A 155 16.65 12.91 -9.84
N LYS A 156 16.07 11.75 -10.16
CA LYS A 156 15.88 11.36 -11.55
C LYS A 156 15.02 12.38 -12.29
N LEU A 157 14.96 12.24 -13.61
CA LEU A 157 14.17 13.16 -14.44
C LEU A 157 13.72 12.46 -15.73
N GLU A 158 13.02 13.21 -16.58
CA GLU A 158 12.52 12.67 -17.83
C GLU A 158 11.75 11.38 -17.61
N SER A 159 10.59 11.49 -16.96
CA SER A 159 9.76 10.34 -16.68
C SER A 159 8.29 10.64 -16.95
N GLN A 160 7.94 10.80 -18.22
CA GLN A 160 6.57 11.10 -18.62
C GLN A 160 6.00 10.00 -19.48
N LYS A 161 6.44 9.94 -20.73
CA LYS A 161 5.97 8.93 -21.67
C LYS A 161 7.10 7.99 -22.06
N GLU A 162 7.77 7.43 -21.06
CA GLU A 162 8.88 6.50 -21.30
C GLU A 162 8.51 5.09 -20.84
N TRP A 163 9.51 4.20 -20.86
CA TRP A 163 9.29 2.82 -20.44
C TRP A 163 10.32 2.41 -19.38
N LEU A 164 10.77 3.38 -18.60
CA LEU A 164 11.75 3.12 -17.55
C LEU A 164 11.13 3.31 -16.16
N ARG A 165 10.52 4.48 -15.96
CA ARG A 165 9.89 4.80 -14.68
C ARG A 165 8.84 3.75 -14.32
N THR A 166 8.28 3.10 -15.35
CA THR A 166 7.27 2.08 -15.13
C THR A 166 7.72 1.05 -14.10
N LYS A 167 9.04 0.89 -13.98
CA LYS A 167 9.61 -0.07 -13.03
C LYS A 167 9.39 0.40 -11.60
N THR A 168 10.08 1.48 -11.22
CA THR A 168 9.96 2.03 -9.88
C THR A 168 8.50 2.19 -9.47
N ILE A 169 7.69 2.73 -10.38
CA ILE A 169 6.27 2.93 -10.11
C ILE A 169 5.57 1.60 -9.87
N GLN A 170 5.82 0.64 -10.75
CA GLN A 170 5.20 -0.68 -10.63
C GLN A 170 5.60 -1.35 -9.32
N PHE A 171 6.80 -1.03 -8.83
CA PHE A 171 7.30 -1.61 -7.59
C PHE A 171 6.55 -1.02 -6.39
N ILE A 172 6.56 0.29 -6.29
CA ILE A 172 5.89 0.98 -5.18
C ILE A 172 4.39 0.68 -5.18
N LEU A 173 3.81 0.60 -6.37
CA LEU A 173 2.38 0.31 -6.51
C LEU A 173 2.07 -1.12 -6.06
N LYS A 174 2.71 -2.08 -6.69
CA LYS A 174 2.50 -3.49 -6.36
C LYS A 174 2.80 -3.75 -4.89
N SER A 175 3.89 -3.14 -4.40
CA SER A 175 4.29 -3.30 -3.01
C SER A 175 3.21 -2.78 -2.06
N LEU A 176 2.71 -1.58 -2.35
CA LEU A 176 1.68 -0.96 -1.53
C LEU A 176 0.44 -1.85 -1.45
N GLU A 177 -0.13 -2.16 -2.62
CA GLU A 177 -1.32 -3.00 -2.68
C GLU A 177 -1.11 -4.31 -1.91
N GLU A 178 0.03 -4.94 -2.15
CA GLU A 178 0.36 -6.20 -1.49
C GLU A 178 0.39 -6.02 0.02
N PHE A 179 0.96 -4.90 0.47
CA PHE A 179 1.06 -4.61 1.90
C PHE A 179 -0.33 -4.38 2.50
N LEU A 180 -1.23 -3.83 1.70
CA LEU A 180 -2.59 -3.56 2.15
C LEU A 180 -3.37 -4.85 2.34
N LYS A 181 -3.38 -5.70 1.32
CA LYS A 181 -4.09 -6.97 1.37
C LYS A 181 -3.56 -7.84 2.52
N VAL A 182 -2.24 -7.91 2.62
CA VAL A 182 -1.61 -8.70 3.68
C VAL A 182 -1.87 -8.10 5.05
N THR A 183 -1.90 -6.76 5.11
CA THR A 183 -2.14 -6.06 6.36
C THR A 183 -3.52 -6.38 6.92
N LEU A 184 -4.53 -6.33 6.06
CA LEU A 184 -5.91 -6.62 6.47
C LEU A 184 -6.08 -8.11 6.74
N ARG A 185 -5.42 -8.94 5.94
CA ARG A 185 -5.51 -10.38 6.10
C ARG A 185 -4.87 -10.83 7.41
N SER A 186 -3.85 -10.10 7.84
CA SER A 186 -3.15 -10.43 9.08
C SER A 186 -3.90 -9.89 10.29
N THR A 187 -4.26 -8.61 10.23
CA THR A 187 -4.99 -7.96 11.32
C THR A 187 -6.35 -8.62 11.53
N ARG A 188 -6.82 -9.34 10.53
CA ARG A 188 -8.11 -10.01 10.60
C ARG A 188 -8.00 -11.30 11.42
N GLN A 189 -6.96 -12.08 11.13
CA GLN A 189 -6.75 -13.34 11.83
C GLN A 189 -7.89 -14.32 11.57
N THR A 190 -8.68 -14.04 10.53
CA THR A 190 -9.80 -14.88 10.18
C THR A 190 -9.33 -16.20 9.58
N SER A 7 3.20 -16.31 1.80
CA SER A 7 2.62 -17.24 0.85
C SER A 7 2.89 -16.80 -0.58
N GLN A 8 2.39 -17.57 -1.54
CA GLN A 8 2.56 -17.26 -2.96
C GLN A 8 1.31 -17.60 -3.76
N VAL A 9 0.28 -16.78 -3.62
CA VAL A 9 -0.98 -17.00 -4.33
C VAL A 9 -1.52 -15.69 -4.89
N ARG A 10 -2.23 -15.79 -6.02
CA ARG A 10 -2.81 -14.61 -6.66
C ARG A 10 -4.33 -14.62 -6.51
N ARG A 11 -4.88 -13.48 -6.09
CA ARG A 11 -6.31 -13.34 -5.91
C ARG A 11 -6.80 -11.97 -6.40
N GLY A 12 -8.11 -11.77 -6.35
CA GLY A 12 -8.68 -10.51 -6.79
C GLY A 12 -10.19 -10.48 -6.70
N ASP A 13 -10.72 -11.10 -5.64
CA ASP A 13 -12.17 -11.15 -5.43
C ASP A 13 -12.57 -10.26 -4.27
N PHE A 14 -13.79 -9.71 -4.36
CA PHE A 14 -14.30 -8.84 -3.30
C PHE A 14 -15.76 -9.17 -2.99
N THR A 15 -16.22 -8.72 -1.82
CA THR A 15 -17.59 -8.97 -1.39
C THR A 15 -18.30 -7.66 -1.05
N GLU A 16 -17.55 -6.73 -0.46
CA GLU A 16 -18.12 -5.44 -0.07
C GLU A 16 -17.94 -4.41 -1.19
N ASP A 17 -18.89 -3.51 -1.31
CA ASP A 17 -18.84 -2.48 -2.34
C ASP A 17 -19.98 -1.48 -2.17
N THR A 18 -20.33 -1.19 -0.92
CA THR A 18 -21.40 -0.26 -0.62
C THR A 18 -20.88 1.17 -0.53
N THR A 19 -21.80 2.13 -0.38
CA THR A 19 -21.44 3.54 -0.28
C THR A 19 -20.88 3.86 1.10
N PRO A 20 -20.14 4.97 1.19
CA PRO A 20 -19.53 5.43 2.45
C PRO A 20 -20.58 5.94 3.43
N ASN A 21 -20.12 6.31 4.63
CA ASN A 21 -21.02 6.81 5.67
C ASN A 21 -20.27 7.70 6.65
N ARG A 22 -19.55 8.68 6.12
CA ARG A 22 -18.78 9.61 6.94
C ARG A 22 -17.68 8.87 7.70
N PRO A 23 -16.60 9.60 8.03
CA PRO A 23 -15.45 9.04 8.76
C PRO A 23 -15.80 8.69 10.21
N VAL A 24 -16.32 7.50 10.41
CA VAL A 24 -16.69 7.04 11.75
C VAL A 24 -15.50 6.39 12.45
N TYR A 25 -14.47 6.07 11.69
CA TYR A 25 -13.27 5.45 12.24
C TYR A 25 -13.60 4.10 12.87
N THR A 26 -14.50 3.36 12.24
CA THR A 26 -14.91 2.05 12.73
C THR A 26 -14.45 0.94 11.81
N THR A 27 -14.54 -0.30 12.28
CA THR A 27 -14.12 -1.45 11.49
C THR A 27 -14.77 -1.43 10.11
N SER A 28 -16.00 -0.96 10.04
CA SER A 28 -16.74 -0.88 8.78
C SER A 28 -16.12 0.18 7.87
N GLN A 29 -15.80 1.33 8.44
CA GLN A 29 -15.22 2.42 7.68
C GLN A 29 -13.86 2.03 7.10
N VAL A 30 -12.99 1.50 7.96
CA VAL A 30 -11.67 1.07 7.53
C VAL A 30 -11.76 -0.02 6.47
N GLY A 31 -12.65 -0.98 6.69
CA GLY A 31 -12.82 -2.08 5.74
C GLY A 31 -13.21 -1.59 4.36
N GLY A 32 -14.26 -0.78 4.29
CA GLY A 32 -14.71 -0.26 3.01
C GLY A 32 -13.65 0.59 2.33
N LEU A 33 -12.95 1.39 3.12
CA LEU A 33 -11.91 2.26 2.58
C LEU A 33 -10.76 1.45 2.01
N ILE A 34 -10.33 0.43 2.75
CA ILE A 34 -9.23 -0.42 2.30
C ILE A 34 -9.57 -1.11 0.98
N THR A 35 -10.81 -1.56 0.85
CA THR A 35 -11.26 -2.23 -0.37
C THR A 35 -11.28 -1.27 -1.55
N HIS A 36 -11.82 -0.07 -1.31
CA HIS A 36 -11.90 0.95 -2.35
C HIS A 36 -10.52 1.27 -2.91
N VAL A 37 -9.61 1.65 -2.02
CA VAL A 37 -8.25 1.99 -2.42
C VAL A 37 -7.56 0.81 -3.11
N LEU A 38 -7.83 -0.39 -2.61
CA LEU A 38 -7.24 -1.60 -3.19
C LEU A 38 -7.58 -1.72 -4.67
N TRP A 39 -8.87 -1.56 -4.99
CA TRP A 39 -9.31 -1.65 -6.37
C TRP A 39 -8.73 -0.51 -7.21
N GLU A 40 -8.76 0.69 -6.66
CA GLU A 40 -8.23 1.86 -7.35
C GLU A 40 -6.75 1.69 -7.69
N ILE A 41 -5.99 1.17 -6.72
CA ILE A 41 -4.57 0.95 -6.90
C ILE A 41 -4.30 -0.07 -8.00
N VAL A 42 -5.03 -1.18 -7.95
CA VAL A 42 -4.88 -2.24 -8.94
C VAL A 42 -5.15 -1.72 -10.35
N GLU A 43 -6.19 -0.88 -10.48
CA GLU A 43 -6.55 -0.32 -11.77
C GLU A 43 -5.55 0.75 -12.19
N MET A 44 -5.16 1.60 -11.24
CA MET A 44 -4.20 2.66 -11.51
C MET A 44 -2.84 2.09 -11.88
N ARG A 45 -2.51 0.94 -11.31
CA ARG A 45 -1.24 0.28 -11.57
C ARG A 45 -1.26 -0.41 -12.94
N LYS A 46 -2.27 -1.23 -13.16
CA LYS A 46 -2.41 -1.96 -14.42
C LYS A 46 -2.68 -0.99 -15.58
N GLU A 47 -3.31 0.14 -15.27
CA GLU A 47 -3.63 1.14 -16.28
C GLU A 47 -2.37 1.55 -17.04
N LEU A 48 -1.28 1.71 -16.30
CA LEU A 48 -0.01 2.12 -16.90
C LEU A 48 0.38 1.19 -18.05
N CYS A 49 -0.05 -0.07 -17.95
CA CYS A 49 0.25 -1.05 -18.98
C CYS A 49 -0.91 -1.16 -19.97
N ASN A 50 -1.60 -0.06 -20.20
CA ASN A 50 -2.73 -0.03 -21.12
C ASN A 50 -3.81 -1.02 -20.69
N GLY A 51 -3.86 -1.31 -19.39
CA GLY A 51 -4.85 -2.23 -18.87
C GLY A 51 -4.68 -3.63 -19.43
N ASN A 52 -3.44 -4.10 -19.50
CA ASN A 52 -3.14 -5.43 -20.02
C ASN A 52 -2.95 -6.43 -18.89
N SER A 53 -3.83 -7.43 -18.83
CA SER A 53 -3.77 -8.46 -17.80
C SER A 53 -2.42 -9.17 -17.82
N ASP A 54 -1.79 -9.20 -18.99
CA ASP A 54 -0.49 -9.84 -19.15
C ASP A 54 0.58 -9.12 -18.33
N CYS A 55 0.47 -7.79 -18.26
CA CYS A 55 1.43 -6.98 -17.51
C CYS A 55 1.35 -7.28 -16.03
N MET A 56 0.18 -7.74 -15.58
CA MET A 56 -0.02 -8.07 -14.17
C MET A 56 0.83 -9.26 -13.76
N ASN A 57 0.96 -10.23 -14.66
CA ASN A 57 1.75 -11.43 -14.39
C ASN A 57 2.98 -11.48 -15.29
N ASN A 58 3.47 -10.31 -15.68
CA ASN A 58 4.64 -10.23 -16.55
C ASN A 58 5.92 -10.24 -15.73
N ASP A 59 5.99 -9.38 -14.72
CA ASP A 59 7.17 -9.30 -13.86
C ASP A 59 6.83 -9.78 -12.45
N ASP A 60 5.80 -10.60 -12.33
CA ASP A 60 5.38 -11.13 -11.05
C ASP A 60 5.90 -12.56 -10.85
N ALA A 61 7.07 -12.83 -11.42
CA ALA A 61 7.69 -14.15 -11.30
C ALA A 61 9.01 -14.08 -10.56
N LEU A 62 9.66 -12.91 -10.62
CA LEU A 62 10.95 -12.72 -9.95
C LEU A 62 10.89 -11.52 -9.02
N ALA A 63 10.20 -10.46 -9.46
CA ALA A 63 10.08 -9.25 -8.67
C ALA A 63 9.45 -9.55 -7.31
N GLU A 64 8.57 -10.54 -7.27
CA GLU A 64 7.90 -10.92 -6.04
C GLU A 64 8.91 -11.22 -4.93
N ASN A 65 10.10 -11.65 -5.33
CA ASN A 65 11.16 -11.97 -4.38
C ASN A 65 12.45 -11.21 -4.72
N ASN A 66 12.30 -9.96 -5.12
CA ASN A 66 13.44 -9.13 -5.48
C ASN A 66 13.15 -7.65 -5.25
N LEU A 67 12.24 -7.38 -4.32
CA LEU A 67 11.86 -6.00 -4.00
C LEU A 67 12.73 -5.44 -2.87
N LYS A 68 13.18 -4.21 -3.05
CA LYS A 68 14.02 -3.55 -2.04
C LYS A 68 13.19 -3.16 -0.83
N LEU A 69 11.90 -2.95 -1.03
CA LEU A 69 11.01 -2.57 0.05
C LEU A 69 10.60 -3.79 0.87
N PRO A 70 10.24 -3.56 2.15
CA PRO A 70 9.82 -4.62 3.06
C PRO A 70 8.47 -5.21 2.68
N GLU A 71 8.26 -6.48 3.03
CA GLU A 71 7.00 -7.16 2.73
C GLU A 71 6.62 -8.13 3.85
N ILE A 72 5.33 -8.28 4.07
CA ILE A 72 4.83 -9.17 5.11
C ILE A 72 4.78 -10.61 4.62
N GLN A 73 5.15 -11.55 5.49
CA GLN A 73 5.15 -12.96 5.14
C GLN A 73 4.58 -13.81 6.28
N ARG A 74 5.22 -13.73 7.45
CA ARG A 74 4.77 -14.48 8.61
C ARG A 74 5.34 -13.88 9.89
N ASN A 75 4.65 -14.12 11.00
CA ASN A 75 5.08 -13.60 12.30
C ASN A 75 4.55 -14.47 13.44
N ASP A 76 5.36 -14.61 14.48
CA ASP A 76 4.99 -15.41 15.64
C ASP A 76 4.55 -14.52 16.80
N GLY A 77 4.16 -15.15 17.91
CA GLY A 77 3.73 -14.40 19.07
C GLY A 77 4.87 -14.04 19.99
N CYS A 78 4.56 -13.28 21.05
CA CYS A 78 5.58 -12.86 22.01
C CYS A 78 5.32 -13.49 23.38
N TYR A 79 6.25 -13.30 24.30
CA TYR A 79 6.12 -13.84 25.65
C TYR A 79 7.13 -13.21 26.59
N GLN A 80 7.47 -11.95 26.32
CA GLN A 80 8.44 -11.23 27.14
C GLN A 80 8.09 -9.74 27.21
N THR A 81 7.60 -9.30 28.36
CA THR A 81 7.22 -7.90 28.56
C THR A 81 8.08 -7.25 29.63
N GLY A 82 8.74 -6.15 29.28
CA GLY A 82 9.58 -5.45 30.23
C GLY A 82 11.01 -5.95 30.22
N TYR A 83 11.51 -6.27 29.04
CA TYR A 83 12.87 -6.77 28.90
C TYR A 83 13.37 -6.60 27.47
N ASN A 84 12.79 -7.37 26.55
CA ASN A 84 13.18 -7.30 25.15
C ASN A 84 11.98 -6.91 24.28
N GLN A 85 12.28 -6.24 23.16
CA GLN A 85 11.23 -5.81 22.24
C GLN A 85 11.79 -5.59 20.84
N GLU A 86 12.68 -6.49 20.42
CA GLU A 86 13.30 -6.39 19.10
C GLU A 86 12.72 -7.44 18.15
N ILE A 87 12.33 -8.58 18.71
CA ILE A 87 11.77 -9.67 17.92
C ILE A 87 10.26 -9.73 18.09
N CYS A 88 9.64 -8.59 18.35
CA CYS A 88 8.20 -8.52 18.54
C CYS A 88 7.56 -7.60 17.52
N LEU A 89 6.34 -7.95 17.09
CA LEU A 89 5.62 -7.14 16.11
C LEU A 89 6.38 -7.09 14.79
N LEU A 90 5.77 -6.45 13.78
CA LEU A 90 6.39 -6.33 12.47
C LEU A 90 6.39 -4.87 12.01
N LYS A 91 7.40 -4.50 11.22
CA LYS A 91 7.51 -3.15 10.69
C LYS A 91 6.41 -2.86 9.68
N ILE A 92 5.38 -2.14 10.11
CA ILE A 92 4.26 -1.79 9.25
C ILE A 92 4.21 -0.30 8.98
N SER A 93 4.76 0.48 9.92
CA SER A 93 4.78 1.94 9.78
C SER A 93 5.64 2.37 8.61
N SER A 94 6.86 1.84 8.55
CA SER A 94 7.79 2.18 7.47
C SER A 94 7.19 1.85 6.11
N GLY A 95 6.64 0.65 5.98
CA GLY A 95 6.03 0.23 4.73
C GLY A 95 4.88 1.14 4.32
N LEU A 96 3.93 1.34 5.23
CA LEU A 96 2.78 2.18 4.96
C LEU A 96 3.20 3.61 4.65
N LEU A 97 3.98 4.21 5.56
CA LEU A 97 4.46 5.57 5.38
C LEU A 97 5.21 5.71 4.06
N GLU A 98 6.12 4.79 3.81
CA GLU A 98 6.92 4.81 2.59
C GLU A 98 6.01 4.87 1.36
N TYR A 99 5.11 3.90 1.26
CA TYR A 99 4.18 3.84 0.13
C TYR A 99 3.43 5.16 -0.03
N HIS A 100 2.94 5.70 1.08
CA HIS A 100 2.20 6.96 1.06
C HIS A 100 3.04 8.07 0.44
N SER A 101 4.32 8.13 0.81
CA SER A 101 5.23 9.14 0.30
C SER A 101 5.46 8.95 -1.19
N TYR A 102 5.56 7.70 -1.62
CA TYR A 102 5.79 7.38 -3.02
C TYR A 102 4.63 7.88 -3.89
N LEU A 103 3.43 7.41 -3.59
CA LEU A 103 2.24 7.81 -4.33
C LEU A 103 2.03 9.32 -4.26
N GLU A 104 2.32 9.89 -3.10
CA GLU A 104 2.16 11.33 -2.90
C GLU A 104 3.05 12.11 -3.87
N TYR A 105 4.31 11.72 -3.95
CA TYR A 105 5.26 12.38 -4.84
C TYR A 105 4.85 12.20 -6.30
N MET A 106 4.48 10.98 -6.66
CA MET A 106 4.07 10.67 -8.03
C MET A 106 2.77 11.38 -8.37
N LYS A 107 1.96 11.67 -7.35
CA LYS A 107 0.69 12.34 -7.54
C LYS A 107 0.90 13.79 -7.96
N ASN A 108 2.02 14.37 -7.54
CA ASN A 108 2.33 15.75 -7.87
C ASN A 108 2.48 15.93 -9.38
N ASN A 109 2.90 14.86 -10.05
CA ASN A 109 3.09 14.89 -11.50
C ASN A 109 2.45 13.68 -12.16
N LEU A 110 1.21 13.86 -12.61
CA LEU A 110 0.48 12.77 -13.27
C LEU A 110 -0.48 13.31 -14.32
N LYS A 111 -1.11 12.41 -15.06
CA LYS A 111 -2.06 12.79 -16.09
C LYS A 111 -3.32 13.41 -15.48
N ASP A 112 -4.27 13.78 -16.33
CA ASP A 112 -5.52 14.38 -15.87
C ASP A 112 -6.28 13.40 -14.99
N ASN A 113 -6.47 12.18 -15.48
CA ASN A 113 -7.19 11.16 -14.73
C ASN A 113 -6.32 10.58 -13.61
N LYS A 114 -5.06 10.32 -13.93
CA LYS A 114 -4.12 9.76 -12.96
C LYS A 114 -4.02 10.66 -11.73
N LYS A 115 -4.11 11.96 -11.94
CA LYS A 115 -4.04 12.93 -10.86
C LYS A 115 -5.31 12.89 -10.01
N ASP A 116 -6.46 12.97 -10.67
CA ASP A 116 -7.74 12.94 -9.98
C ASP A 116 -7.83 11.72 -9.06
N LYS A 117 -7.47 10.57 -9.59
CA LYS A 117 -7.52 9.32 -8.82
C LYS A 117 -6.41 9.31 -7.77
N ALA A 118 -5.24 9.80 -8.14
CA ALA A 118 -4.10 9.83 -7.22
C ALA A 118 -4.46 10.56 -5.94
N ARG A 119 -5.15 11.69 -6.06
CA ARG A 119 -5.55 12.48 -4.91
C ARG A 119 -6.35 11.63 -3.92
N VAL A 120 -7.35 10.92 -4.43
CA VAL A 120 -8.19 10.07 -3.60
C VAL A 120 -7.37 8.96 -2.94
N LEU A 121 -6.47 8.36 -3.73
CA LEU A 121 -5.62 7.29 -3.22
C LEU A 121 -4.85 7.74 -1.98
N GLN A 122 -4.22 8.90 -2.07
CA GLN A 122 -3.44 9.44 -0.97
C GLN A 122 -4.35 9.76 0.22
N ARG A 123 -5.51 10.34 -0.06
CA ARG A 123 -6.46 10.70 0.98
C ARG A 123 -6.78 9.49 1.86
N ASP A 124 -7.24 8.41 1.22
CA ASP A 124 -7.57 7.19 1.96
C ASP A 124 -6.34 6.59 2.62
N THR A 125 -5.20 6.66 1.93
CA THR A 125 -3.96 6.13 2.47
C THR A 125 -3.59 6.78 3.78
N GLU A 126 -3.71 8.11 3.83
CA GLU A 126 -3.39 8.86 5.04
C GLU A 126 -4.40 8.58 6.15
N THR A 127 -5.67 8.45 5.76
CA THR A 127 -6.73 8.17 6.71
C THR A 127 -6.55 6.80 7.37
N LEU A 128 -6.47 5.76 6.54
CA LEU A 128 -6.30 4.40 7.03
C LEU A 128 -4.99 4.27 7.80
N ILE A 129 -3.94 4.92 7.31
CA ILE A 129 -2.64 4.87 7.95
C ILE A 129 -2.68 5.53 9.32
N HIS A 130 -3.44 6.61 9.43
CA HIS A 130 -3.57 7.33 10.70
C HIS A 130 -4.34 6.50 11.72
N ILE A 131 -5.41 5.85 11.27
CA ILE A 131 -6.23 5.03 12.14
C ILE A 131 -5.43 3.85 12.69
N PHE A 132 -4.79 3.11 11.79
CA PHE A 132 -3.99 1.95 12.20
C PHE A 132 -2.83 2.39 13.09
N ASN A 133 -2.16 3.46 12.71
CA ASN A 133 -1.03 3.97 13.47
C ASN A 133 -1.45 4.31 14.91
N GLN A 134 -2.59 4.98 15.04
CA GLN A 134 -3.10 5.37 16.35
C GLN A 134 -3.41 4.13 17.19
N GLU A 135 -4.21 3.23 16.65
CA GLU A 135 -4.59 2.01 17.35
C GLU A 135 -3.34 1.24 17.80
N VAL A 136 -2.37 1.13 16.90
CA VAL A 136 -1.14 0.42 17.19
C VAL A 136 -0.30 1.19 18.22
N LYS A 137 -0.34 2.51 18.15
CA LYS A 137 0.41 3.35 19.08
C LYS A 137 -0.10 3.18 20.50
N ASP A 138 -1.42 3.03 20.64
CA ASP A 138 -2.03 2.86 21.96
C ASP A 138 -2.08 1.39 22.34
N LEU A 139 -2.01 0.51 21.35
CA LEU A 139 -2.04 -0.92 21.59
C LEU A 139 -0.66 -1.44 22.01
N HIS A 140 0.32 -1.22 21.14
CA HIS A 140 1.69 -1.65 21.42
C HIS A 140 2.71 -0.65 20.88
N LYS A 141 2.36 0.63 20.96
CA LYS A 141 3.24 1.69 20.47
C LYS A 141 3.46 1.57 18.97
N ILE A 142 4.32 2.43 18.43
CA ILE A 142 4.61 2.42 17.01
C ILE A 142 5.96 3.08 16.72
N VAL A 143 6.65 2.58 15.70
CA VAL A 143 7.95 3.12 15.33
C VAL A 143 7.86 3.90 14.02
N LEU A 144 8.61 5.00 13.94
CA LEU A 144 8.62 5.83 12.75
C LEU A 144 10.03 6.33 12.43
N PRO A 145 10.75 5.54 11.62
CA PRO A 145 12.13 5.87 11.22
C PRO A 145 12.19 7.07 10.29
N THR A 146 11.23 7.13 9.34
CA THR A 146 11.17 8.22 8.39
C THR A 146 12.39 8.21 7.46
N PRO A 147 12.36 7.29 6.47
CA PRO A 147 13.45 7.16 5.50
C PRO A 147 13.53 8.35 4.54
N ILE A 148 14.49 8.30 3.61
CA ILE A 148 14.66 9.35 2.64
C ILE A 148 14.45 8.85 1.22
N SER A 149 13.57 7.86 1.08
CA SER A 149 13.28 7.29 -0.23
C SER A 149 12.73 8.35 -1.18
N ASN A 150 11.82 9.18 -0.67
CA ASN A 150 11.21 10.23 -1.48
C ASN A 150 12.28 11.07 -2.17
N ALA A 151 13.25 11.54 -1.39
CA ALA A 151 14.33 12.35 -1.92
C ALA A 151 14.99 11.68 -3.12
N LEU A 152 15.36 10.42 -2.95
CA LEU A 152 16.00 9.65 -4.02
C LEU A 152 15.14 9.65 -5.27
N LEU A 153 13.85 9.32 -5.10
CA LEU A 153 12.92 9.28 -6.22
C LEU A 153 12.93 10.61 -6.99
N THR A 154 12.51 11.67 -6.31
CA THR A 154 12.47 12.99 -6.93
C THR A 154 13.80 13.34 -7.58
N ASP A 155 14.89 12.88 -6.97
CA ASP A 155 16.23 13.14 -7.49
C ASP A 155 16.39 12.55 -8.89
N LYS A 156 15.75 11.41 -9.13
CA LYS A 156 15.82 10.75 -10.42
C LYS A 156 17.21 10.19 -10.67
N LEU A 157 18.16 11.07 -11.00
CA LEU A 157 19.53 10.66 -11.25
C LEU A 157 19.60 9.69 -12.43
N GLU A 158 19.94 10.22 -13.60
CA GLU A 158 20.04 9.41 -14.81
C GLU A 158 21.01 8.24 -14.59
N SER A 159 20.47 7.03 -14.61
CA SER A 159 21.28 5.83 -14.41
C SER A 159 20.72 4.66 -15.22
N GLN A 160 21.41 4.34 -16.33
CA GLN A 160 20.98 3.25 -17.20
C GLN A 160 19.60 3.54 -17.80
N LYS A 161 19.28 2.83 -18.87
CA LYS A 161 18.00 3.00 -19.55
C LYS A 161 17.77 4.46 -19.89
N GLU A 162 16.55 4.78 -20.33
CA GLU A 162 16.19 6.15 -20.69
C GLU A 162 15.42 6.83 -19.57
N TRP A 163 14.16 6.44 -19.41
CA TRP A 163 13.31 7.01 -18.38
C TRP A 163 13.32 6.15 -17.12
N LEU A 164 13.02 4.86 -17.30
CA LEU A 164 13.00 3.92 -16.18
C LEU A 164 11.98 4.36 -15.12
N ARG A 165 10.98 5.10 -15.56
CA ARG A 165 9.94 5.59 -14.65
C ARG A 165 8.90 4.51 -14.40
N THR A 166 8.31 3.99 -15.48
CA THR A 166 7.29 2.96 -15.37
C THR A 166 7.77 1.80 -14.51
N LYS A 167 9.09 1.61 -14.47
CA LYS A 167 9.68 0.53 -13.67
C LYS A 167 9.53 0.81 -12.18
N THR A 168 10.25 1.80 -11.69
CA THR A 168 10.19 2.16 -10.27
C THR A 168 8.75 2.30 -9.80
N ILE A 169 7.93 2.98 -10.60
CA ILE A 169 6.53 3.18 -10.27
C ILE A 169 5.80 1.85 -10.14
N GLN A 170 5.96 0.99 -11.14
CA GLN A 170 5.32 -0.31 -11.14
C GLN A 170 5.75 -1.13 -9.94
N PHE A 171 6.98 -0.92 -9.49
CA PHE A 171 7.53 -1.64 -8.35
C PHE A 171 6.83 -1.20 -7.06
N ILE A 172 6.86 0.10 -6.79
CA ILE A 172 6.25 0.64 -5.59
C ILE A 172 4.74 0.39 -5.58
N LEU A 173 4.13 0.45 -6.76
CA LEU A 173 2.69 0.22 -6.90
C LEU A 173 2.35 -1.22 -6.58
N LYS A 174 3.06 -2.15 -7.19
CA LYS A 174 2.84 -3.57 -6.97
C LYS A 174 3.01 -3.93 -5.50
N SER A 175 4.15 -3.55 -4.94
CA SER A 175 4.45 -3.83 -3.53
C SER A 175 3.42 -3.18 -2.61
N LEU A 176 3.02 -1.96 -2.97
CA LEU A 176 2.04 -1.21 -2.18
C LEU A 176 0.73 -1.98 -2.07
N GLU A 177 0.14 -2.29 -3.22
CA GLU A 177 -1.13 -3.02 -3.26
C GLU A 177 -1.00 -4.35 -2.52
N GLU A 178 0.01 -5.14 -2.89
CA GLU A 178 0.24 -6.44 -2.27
C GLU A 178 0.36 -6.30 -0.76
N PHE A 179 1.20 -5.38 -0.32
CA PHE A 179 1.41 -5.16 1.10
C PHE A 179 0.12 -4.70 1.78
N LEU A 180 -0.71 -3.97 1.03
CA LEU A 180 -1.98 -3.48 1.56
C LEU A 180 -2.92 -4.63 1.87
N LYS A 181 -3.25 -5.41 0.85
CA LYS A 181 -4.14 -6.56 1.01
C LYS A 181 -3.62 -7.50 2.10
N VAL A 182 -2.32 -7.79 2.06
CA VAL A 182 -1.71 -8.67 3.04
C VAL A 182 -1.89 -8.13 4.46
N THR A 183 -1.65 -6.83 4.62
CA THR A 183 -1.79 -6.19 5.93
C THR A 183 -3.21 -6.31 6.45
N LEU A 184 -4.19 -6.02 5.59
CA LEU A 184 -5.59 -6.08 5.97
C LEU A 184 -5.96 -7.49 6.43
N ARG A 185 -5.65 -8.48 5.60
CA ARG A 185 -5.94 -9.87 5.93
C ARG A 185 -5.17 -10.31 7.16
N SER A 186 -3.96 -9.79 7.32
CA SER A 186 -3.12 -10.14 8.45
C SER A 186 -3.74 -9.68 9.76
N THR A 187 -4.12 -8.41 9.81
CA THR A 187 -4.74 -7.84 11.01
C THR A 187 -6.11 -8.46 11.27
N ARG A 188 -6.70 -9.04 10.23
CA ARG A 188 -8.01 -9.67 10.34
C ARG A 188 -7.89 -11.06 10.96
N GLN A 189 -9.02 -11.76 11.03
CA GLN A 189 -9.04 -13.11 11.61
C GLN A 189 -8.66 -13.08 13.08
N THR A 190 -8.73 -11.90 13.68
CA THR A 190 -8.39 -11.74 15.09
C THR A 190 -9.13 -12.75 15.95
N SER A 7 2.42 -19.04 0.63
CA SER A 7 1.08 -19.05 0.04
C SER A 7 0.63 -17.63 -0.29
N GLN A 8 0.24 -17.43 -1.54
CA GLN A 8 -0.22 -16.12 -1.98
C GLN A 8 -1.38 -16.24 -2.96
N VAL A 9 -2.59 -16.33 -2.43
CA VAL A 9 -3.79 -16.45 -3.26
C VAL A 9 -4.19 -15.11 -3.86
N ARG A 10 -4.76 -15.15 -5.06
CA ARG A 10 -5.19 -13.95 -5.74
C ARG A 10 -6.64 -13.60 -5.39
N ARG A 11 -6.89 -12.32 -5.16
CA ARG A 11 -8.24 -11.86 -4.81
C ARG A 11 -8.47 -10.45 -5.31
N GLY A 12 -9.71 -9.97 -5.17
CA GLY A 12 -10.04 -8.62 -5.61
C GLY A 12 -11.54 -8.42 -5.76
N ASP A 13 -12.30 -8.93 -4.82
CA ASP A 13 -13.76 -8.81 -4.85
C ASP A 13 -14.23 -7.69 -3.92
N PHE A 14 -15.31 -7.02 -4.31
CA PHE A 14 -15.86 -5.93 -3.51
C PHE A 14 -16.88 -6.45 -2.52
N THR A 15 -17.18 -5.64 -1.51
CA THR A 15 -18.15 -6.01 -0.48
C THR A 15 -19.36 -5.09 -0.49
N GLU A 16 -19.12 -3.81 -0.77
CA GLU A 16 -20.19 -2.83 -0.81
C GLU A 16 -19.95 -1.81 -1.92
N ASP A 17 -20.76 -0.75 -1.94
CA ASP A 17 -20.64 0.30 -2.94
C ASP A 17 -21.55 1.48 -2.61
N THR A 18 -21.68 1.78 -1.33
CA THR A 18 -22.53 2.87 -0.89
C THR A 18 -21.71 4.14 -0.67
N THR A 19 -22.39 5.21 -0.26
CA THR A 19 -21.73 6.49 -0.01
C THR A 19 -21.05 6.50 1.35
N PRO A 20 -20.08 7.41 1.53
CA PRO A 20 -19.33 7.54 2.78
C PRO A 20 -20.18 8.09 3.91
N ASN A 21 -19.58 8.20 5.10
CA ASN A 21 -20.30 8.72 6.26
C ASN A 21 -19.32 9.33 7.26
N ARG A 22 -18.40 10.16 6.76
CA ARG A 22 -17.41 10.81 7.61
C ARG A 22 -16.53 9.78 8.30
N PRO A 23 -15.36 10.22 8.78
CA PRO A 23 -14.40 9.36 9.47
C PRO A 23 -14.90 8.90 10.84
N VAL A 24 -15.54 7.73 10.88
CA VAL A 24 -16.07 7.20 12.12
C VAL A 24 -15.01 6.38 12.86
N TYR A 25 -13.96 5.99 12.14
CA TYR A 25 -12.88 5.20 12.72
C TYR A 25 -13.39 3.84 13.18
N THR A 26 -14.42 3.34 12.50
CA THR A 26 -15.00 2.05 12.83
C THR A 26 -14.54 0.97 11.85
N THR A 27 -14.68 -0.28 12.26
CA THR A 27 -14.28 -1.41 11.41
C THR A 27 -14.90 -1.30 10.02
N SER A 28 -16.20 -1.04 9.98
CA SER A 28 -16.91 -0.93 8.72
C SER A 28 -16.21 0.08 7.79
N GLN A 29 -15.95 1.27 8.32
CA GLN A 29 -15.29 2.31 7.54
C GLN A 29 -13.89 1.87 7.11
N VAL A 30 -13.17 1.22 8.02
CA VAL A 30 -11.83 0.74 7.73
C VAL A 30 -11.83 -0.26 6.58
N GLY A 31 -12.65 -1.29 6.71
CA GLY A 31 -12.73 -2.31 5.68
C GLY A 31 -13.11 -1.73 4.33
N GLY A 32 -14.20 -0.96 4.30
CA GLY A 32 -14.64 -0.36 3.06
C GLY A 32 -13.58 0.51 2.42
N LEU A 33 -12.87 1.28 3.25
CA LEU A 33 -11.82 2.17 2.77
C LEU A 33 -10.69 1.37 2.12
N ILE A 34 -10.23 0.34 2.82
CA ILE A 34 -9.15 -0.51 2.32
C ILE A 34 -9.52 -1.12 0.97
N THR A 35 -10.76 -1.59 0.86
CA THR A 35 -11.23 -2.20 -0.37
C THR A 35 -11.24 -1.20 -1.52
N HIS A 36 -11.75 0.00 -1.23
CA HIS A 36 -11.82 1.05 -2.24
C HIS A 36 -10.43 1.37 -2.79
N VAL A 37 -9.51 1.69 -1.90
CA VAL A 37 -8.15 2.03 -2.29
C VAL A 37 -7.49 0.86 -3.02
N LEU A 38 -7.82 -0.36 -2.59
CA LEU A 38 -7.27 -1.57 -3.20
C LEU A 38 -7.61 -1.63 -4.68
N TRP A 39 -8.89 -1.43 -5.00
CA TRP A 39 -9.36 -1.47 -6.38
C TRP A 39 -8.75 -0.33 -7.18
N GLU A 40 -8.73 0.86 -6.60
CA GLU A 40 -8.17 2.03 -7.27
C GLU A 40 -6.71 1.82 -7.63
N ILE A 41 -5.95 1.28 -6.68
CA ILE A 41 -4.53 1.02 -6.89
C ILE A 41 -4.32 -0.01 -8.00
N VAL A 42 -5.03 -1.13 -7.91
CA VAL A 42 -4.92 -2.19 -8.91
C VAL A 42 -5.15 -1.64 -10.31
N GLU A 43 -6.29 -0.99 -10.50
CA GLU A 43 -6.64 -0.42 -11.81
C GLU A 43 -5.58 0.58 -12.25
N MET A 44 -5.14 1.43 -11.33
CA MET A 44 -4.13 2.44 -11.63
C MET A 44 -2.82 1.78 -12.02
N ARG A 45 -2.55 0.61 -11.46
CA ARG A 45 -1.32 -0.11 -11.75
C ARG A 45 -1.35 -0.69 -13.16
N LYS A 46 -2.43 -1.40 -13.48
CA LYS A 46 -2.58 -2.01 -14.80
C LYS A 46 -2.80 -0.94 -15.86
N GLU A 47 -3.39 0.19 -15.46
CA GLU A 47 -3.64 1.29 -16.39
C GLU A 47 -2.35 1.77 -17.04
N LEU A 48 -1.24 1.64 -16.31
CA LEU A 48 0.06 2.06 -16.82
C LEU A 48 0.41 1.32 -18.10
N CYS A 49 0.00 0.05 -18.19
CA CYS A 49 0.27 -0.77 -19.35
C CYS A 49 -0.93 -0.75 -20.31
N ASN A 50 -1.60 0.38 -20.39
CA ASN A 50 -2.76 0.54 -21.27
C ASN A 50 -3.88 -0.43 -20.85
N GLY A 51 -3.89 -0.78 -19.57
CA GLY A 51 -4.91 -1.68 -19.06
C GLY A 51 -4.78 -3.08 -19.63
N ASN A 52 -3.55 -3.58 -19.70
CA ASN A 52 -3.29 -4.92 -20.23
C ASN A 52 -3.14 -5.93 -19.10
N SER A 53 -4.03 -6.92 -19.09
CA SER A 53 -4.00 -7.95 -18.06
C SER A 53 -2.70 -8.73 -18.11
N ASP A 54 -2.11 -8.83 -19.30
CA ASP A 54 -0.86 -9.54 -19.48
C ASP A 54 0.28 -8.87 -18.71
N CYS A 55 0.23 -7.54 -18.63
CA CYS A 55 1.25 -6.78 -17.93
C CYS A 55 1.17 -7.05 -16.42
N MET A 56 -0.01 -7.41 -15.94
CA MET A 56 -0.22 -7.70 -14.53
C MET A 56 0.63 -8.88 -14.09
N ASN A 57 0.74 -9.88 -14.96
CA ASN A 57 1.52 -11.07 -14.65
C ASN A 57 2.70 -11.21 -15.61
N ASN A 58 3.20 -10.07 -16.09
CA ASN A 58 4.33 -10.06 -17.01
C ASN A 58 5.65 -9.97 -16.25
N ASP A 59 5.83 -8.87 -15.54
CA ASP A 59 7.05 -8.65 -14.76
C ASP A 59 6.84 -9.03 -13.29
N ASP A 60 5.90 -9.95 -13.06
CA ASP A 60 5.60 -10.40 -11.70
C ASP A 60 6.18 -11.78 -11.45
N ALA A 61 7.26 -12.11 -12.16
CA ALA A 61 7.90 -13.40 -12.01
C ALA A 61 9.33 -13.24 -11.47
N LEU A 62 9.96 -12.13 -11.82
CA LEU A 62 11.32 -11.85 -11.36
C LEU A 62 11.33 -10.78 -10.27
N ALA A 63 10.37 -9.87 -10.34
CA ALA A 63 10.28 -8.79 -9.36
C ALA A 63 9.94 -9.35 -7.98
N GLU A 64 9.26 -10.48 -7.95
CA GLU A 64 8.87 -11.11 -6.69
C GLU A 64 10.11 -11.51 -5.89
N ASN A 65 11.19 -11.83 -6.59
CA ASN A 65 12.43 -12.22 -5.94
C ASN A 65 13.46 -11.10 -6.01
N ASN A 66 12.97 -9.87 -6.09
CA ASN A 66 13.86 -8.70 -6.17
C ASN A 66 13.28 -7.54 -5.37
N LEU A 67 12.47 -7.86 -4.36
CA LEU A 67 11.86 -6.84 -3.51
C LEU A 67 12.35 -6.97 -2.07
N LYS A 68 12.90 -5.88 -1.54
CA LYS A 68 13.40 -5.87 -0.17
C LYS A 68 12.60 -4.89 0.69
N LEU A 69 11.35 -4.66 0.31
CA LEU A 69 10.49 -3.75 1.05
C LEU A 69 9.83 -4.46 2.22
N PRO A 70 9.34 -3.68 3.20
CA PRO A 70 8.67 -4.21 4.39
C PRO A 70 7.32 -4.82 4.06
N GLU A 71 7.17 -6.11 4.36
CA GLU A 71 5.91 -6.81 4.09
C GLU A 71 5.69 -7.91 5.12
N ILE A 72 4.43 -8.35 5.25
CA ILE A 72 4.08 -9.39 6.20
C ILE A 72 4.21 -10.77 5.55
N GLN A 73 4.92 -11.67 6.23
CA GLN A 73 5.12 -13.03 5.73
C GLN A 73 4.40 -14.04 6.62
N ARG A 74 3.10 -13.88 6.76
CA ARG A 74 2.29 -14.78 7.59
C ARG A 74 2.87 -14.88 8.99
N ASN A 75 3.30 -13.75 9.54
CA ASN A 75 3.88 -13.71 10.88
C ASN A 75 3.18 -12.66 11.74
N ASP A 76 2.90 -13.03 12.99
CA ASP A 76 2.22 -12.12 13.92
C ASP A 76 2.10 -12.76 15.30
N GLY A 77 1.83 -11.93 16.30
CA GLY A 77 1.69 -12.43 17.66
C GLY A 77 0.56 -11.76 18.41
N CYS A 78 -0.38 -11.19 17.66
CA CYS A 78 -1.53 -10.50 18.27
C CYS A 78 -2.59 -11.51 18.69
N TYR A 79 -2.38 -12.16 19.82
CA TYR A 79 -3.32 -13.15 20.33
C TYR A 79 -3.10 -13.39 21.83
N GLN A 80 -4.18 -13.31 22.60
CA GLN A 80 -4.11 -13.52 24.04
C GLN A 80 -3.07 -12.60 24.66
N THR A 81 -3.48 -11.38 25.01
CA THR A 81 -2.59 -10.41 25.62
C THR A 81 -2.31 -10.76 27.08
N GLY A 82 -1.32 -10.09 27.67
CA GLY A 82 -0.98 -10.34 29.05
C GLY A 82 0.38 -11.00 29.19
N TYR A 83 1.31 -10.66 28.31
CA TYR A 83 2.64 -11.22 28.34
C TYR A 83 3.55 -10.55 27.31
N ASN A 84 3.09 -10.52 26.07
CA ASN A 84 3.87 -9.91 24.99
C ASN A 84 4.09 -8.43 25.26
N GLN A 85 4.69 -7.74 24.30
CA GLN A 85 4.97 -6.32 24.44
C GLN A 85 3.88 -5.48 23.78
N GLU A 86 2.68 -6.05 23.70
CA GLU A 86 1.54 -5.35 23.10
C GLU A 86 1.86 -4.94 21.66
N ILE A 87 2.78 -5.67 21.03
CA ILE A 87 3.17 -5.38 19.66
C ILE A 87 2.76 -6.51 18.72
N CYS A 88 2.41 -6.15 17.48
CA CYS A 88 1.99 -7.13 16.49
C CYS A 88 3.17 -7.55 15.61
N LEU A 89 4.39 -7.33 16.12
CA LEU A 89 5.60 -7.69 15.40
C LEU A 89 5.61 -7.03 14.02
N LEU A 90 6.63 -7.34 13.23
CA LEU A 90 6.76 -6.78 11.89
C LEU A 90 6.94 -5.27 11.95
N LYS A 91 6.93 -4.63 10.78
CA LYS A 91 7.07 -3.18 10.70
C LYS A 91 5.72 -2.51 10.43
N ILE A 92 5.22 -2.66 9.21
CA ILE A 92 3.94 -2.07 8.84
C ILE A 92 4.05 -0.55 8.73
N SER A 93 4.23 0.11 9.87
CA SER A 93 4.35 1.56 9.90
C SER A 93 5.37 2.05 8.88
N SER A 94 6.56 1.45 8.91
CA SER A 94 7.63 1.82 8.00
C SER A 94 7.16 1.73 6.55
N GLY A 95 6.61 0.58 6.18
CA GLY A 95 6.13 0.38 4.83
C GLY A 95 5.07 1.40 4.44
N LEU A 96 4.12 1.63 5.33
CA LEU A 96 3.04 2.57 5.08
C LEU A 96 3.59 3.96 4.75
N LEU A 97 4.55 4.41 5.55
CA LEU A 97 5.17 5.71 5.34
C LEU A 97 5.87 5.78 3.99
N GLU A 98 6.68 4.77 3.69
CA GLU A 98 7.40 4.71 2.43
C GLU A 98 6.43 4.78 1.25
N TYR A 99 5.47 3.86 1.22
CA TYR A 99 4.49 3.82 0.15
C TYR A 99 3.77 5.16 0.01
N HIS A 100 3.35 5.72 1.13
CA HIS A 100 2.65 6.99 1.14
C HIS A 100 3.47 8.06 0.42
N SER A 101 4.75 8.15 0.76
CA SER A 101 5.64 9.13 0.15
C SER A 101 5.78 8.88 -1.36
N TYR A 102 5.86 7.61 -1.74
CA TYR A 102 5.98 7.24 -3.14
C TYR A 102 4.79 7.75 -3.95
N LEU A 103 3.61 7.22 -3.63
CA LEU A 103 2.39 7.62 -4.33
C LEU A 103 2.20 9.13 -4.27
N GLU A 104 2.56 9.72 -3.14
CA GLU A 104 2.43 11.17 -2.96
C GLU A 104 3.36 11.93 -3.90
N TYR A 105 4.54 11.35 -4.15
CA TYR A 105 5.52 11.96 -5.03
C TYR A 105 5.06 11.92 -6.48
N MET A 106 4.70 10.72 -6.93
CA MET A 106 4.24 10.53 -8.30
C MET A 106 2.91 11.23 -8.53
N LYS A 107 2.12 11.38 -7.47
CA LYS A 107 0.83 12.03 -7.56
C LYS A 107 0.98 13.50 -7.93
N ASN A 108 2.12 14.09 -7.56
CA ASN A 108 2.38 15.49 -7.86
C ASN A 108 2.39 15.73 -9.36
N ASN A 109 2.96 14.78 -10.11
CA ASN A 109 3.03 14.90 -11.56
C ASN A 109 2.43 13.66 -12.23
N LEU A 110 1.17 13.76 -12.62
CA LEU A 110 0.48 12.65 -13.28
C LEU A 110 -0.52 13.15 -14.30
N LYS A 111 -1.18 12.23 -14.99
CA LYS A 111 -2.16 12.58 -16.01
C LYS A 111 -3.49 12.99 -15.36
N ASP A 112 -4.49 13.25 -16.18
CA ASP A 112 -5.80 13.65 -15.69
C ASP A 112 -6.42 12.54 -14.85
N ASN A 113 -6.46 11.33 -15.40
CA ASN A 113 -7.04 10.18 -14.71
C ASN A 113 -6.12 9.73 -13.57
N LYS A 114 -4.84 9.61 -13.85
CA LYS A 114 -3.87 9.19 -12.85
C LYS A 114 -3.91 10.11 -11.63
N LYS A 115 -4.16 11.39 -11.88
CA LYS A 115 -4.24 12.37 -10.81
C LYS A 115 -5.46 12.14 -9.92
N ASP A 116 -6.60 11.89 -10.56
CA ASP A 116 -7.83 11.64 -9.83
C ASP A 116 -7.70 10.42 -8.93
N LYS A 117 -7.14 9.34 -9.47
CA LYS A 117 -6.96 8.11 -8.73
C LYS A 117 -5.84 8.26 -7.70
N ALA A 118 -4.85 9.08 -8.02
CA ALA A 118 -3.73 9.31 -7.13
C ALA A 118 -4.17 10.04 -5.87
N ARG A 119 -5.08 11.01 -6.04
CA ARG A 119 -5.59 11.79 -4.92
C ARG A 119 -6.31 10.89 -3.92
N VAL A 120 -7.22 10.06 -4.43
CA VAL A 120 -7.97 9.15 -3.58
C VAL A 120 -7.08 8.08 -2.97
N LEU A 121 -6.04 7.70 -3.71
CA LEU A 121 -5.10 6.69 -3.24
C LEU A 121 -4.34 7.18 -2.02
N GLN A 122 -3.74 8.36 -2.13
CA GLN A 122 -2.98 8.94 -1.03
C GLN A 122 -3.89 9.25 0.15
N ARG A 123 -5.09 9.75 -0.13
CA ARG A 123 -6.05 10.09 0.91
C ARG A 123 -6.42 8.86 1.73
N ASP A 124 -6.82 7.79 1.03
CA ASP A 124 -7.20 6.55 1.70
C ASP A 124 -6.05 6.00 2.54
N THR A 125 -4.86 5.95 1.95
CA THR A 125 -3.68 5.46 2.63
C THR A 125 -3.45 6.20 3.94
N GLU A 126 -3.44 7.53 3.87
CA GLU A 126 -3.23 8.36 5.04
C GLU A 126 -4.30 8.10 6.09
N THR A 127 -5.53 7.85 5.63
CA THR A 127 -6.64 7.58 6.54
C THR A 127 -6.41 6.30 7.33
N LEU A 128 -6.19 5.20 6.62
CA LEU A 128 -5.96 3.91 7.25
C LEU A 128 -4.70 3.94 8.12
N ILE A 129 -3.73 4.76 7.71
CA ILE A 129 -2.49 4.89 8.45
C ILE A 129 -2.70 5.63 9.76
N HIS A 130 -3.55 6.65 9.74
CA HIS A 130 -3.84 7.44 10.92
C HIS A 130 -4.69 6.64 11.91
N ILE A 131 -5.62 5.85 11.38
CA ILE A 131 -6.50 5.05 12.21
C ILE A 131 -5.72 3.92 12.88
N PHE A 132 -4.93 3.20 12.09
CA PHE A 132 -4.13 2.09 12.61
C PHE A 132 -3.07 2.59 13.58
N ASN A 133 -2.39 3.66 13.20
CA ASN A 133 -1.34 4.24 14.02
C ASN A 133 -1.91 4.78 15.33
N GLN A 134 -3.08 5.41 15.25
CA GLN A 134 -3.74 5.98 16.42
C GLN A 134 -4.13 4.87 17.40
N GLU A 135 -4.83 3.85 16.89
CA GLU A 135 -5.25 2.73 17.73
C GLU A 135 -4.06 2.05 18.39
N VAL A 136 -3.06 1.69 17.59
CA VAL A 136 -1.87 1.04 18.09
C VAL A 136 -1.13 1.93 19.09
N LYS A 137 -0.89 3.17 18.69
CA LYS A 137 -0.20 4.13 19.55
C LYS A 137 -0.86 4.20 20.94
N ASP A 138 -2.18 4.26 20.96
CA ASP A 138 -2.93 4.33 22.20
C ASP A 138 -2.85 3.00 22.95
N LEU A 139 -2.82 1.91 22.20
CA LEU A 139 -2.75 0.58 22.80
C LEU A 139 -1.44 0.39 23.56
N HIS A 140 -0.34 0.80 22.94
CA HIS A 140 0.97 0.68 23.57
C HIS A 140 1.87 1.86 23.20
N LYS A 141 2.37 1.85 21.97
CA LYS A 141 3.24 2.92 21.49
C LYS A 141 3.67 2.66 20.06
N ILE A 142 4.17 3.70 19.40
CA ILE A 142 4.63 3.59 18.02
C ILE A 142 5.27 4.89 17.53
N VAL A 143 6.30 4.76 16.71
CA VAL A 143 7.00 5.93 16.17
C VAL A 143 7.64 5.62 14.83
N LEU A 144 8.32 6.61 14.27
CA LEU A 144 8.98 6.44 12.97
C LEU A 144 9.79 7.69 12.62
N PRO A 145 11.00 7.45 12.08
CA PRO A 145 11.90 8.55 11.67
C PRO A 145 11.38 9.31 10.46
N THR A 146 11.72 8.81 9.27
CA THR A 146 11.28 9.44 8.03
C THR A 146 11.85 8.71 6.81
N PRO A 147 11.08 8.72 5.71
CA PRO A 147 11.49 8.06 4.46
C PRO A 147 12.64 8.77 3.78
N ILE A 148 13.44 8.01 3.03
CA ILE A 148 14.58 8.57 2.33
C ILE A 148 14.41 8.44 0.81
N SER A 149 13.51 7.55 0.40
CA SER A 149 13.25 7.32 -1.02
C SER A 149 12.99 8.64 -1.74
N ASN A 150 12.41 9.59 -1.02
CA ASN A 150 12.10 10.90 -1.59
C ASN A 150 13.32 11.50 -2.29
N ALA A 151 14.44 11.52 -1.57
CA ALA A 151 15.68 12.07 -2.12
C ALA A 151 16.10 11.32 -3.37
N LEU A 152 15.98 10.00 -3.33
CA LEU A 152 16.35 9.16 -4.47
C LEU A 152 15.58 9.57 -5.72
N LEU A 153 14.26 9.44 -5.66
CA LEU A 153 13.40 9.80 -6.79
C LEU A 153 13.71 11.21 -7.27
N THR A 154 13.65 12.17 -6.36
CA THR A 154 13.91 13.57 -6.70
C THR A 154 15.27 13.71 -7.37
N ASP A 155 16.22 12.88 -6.98
CA ASP A 155 17.56 12.92 -7.54
C ASP A 155 17.51 12.78 -9.06
N LYS A 156 16.66 11.88 -9.54
CA LYS A 156 16.52 11.65 -10.98
C LYS A 156 15.36 12.48 -11.54
N LEU A 157 15.68 13.37 -12.47
CA LEU A 157 14.67 14.23 -13.09
C LEU A 157 15.20 14.84 -14.38
N GLU A 158 15.99 14.08 -15.13
CA GLU A 158 16.56 14.56 -16.37
C GLU A 158 15.53 14.49 -17.50
N SER A 159 15.78 15.23 -18.58
CA SER A 159 14.89 15.26 -19.72
C SER A 159 15.13 14.07 -20.63
N GLN A 160 14.32 13.03 -20.47
CA GLN A 160 14.46 11.82 -21.28
C GLN A 160 13.12 11.46 -21.93
N LYS A 161 13.19 10.70 -23.02
CA LYS A 161 11.99 10.28 -23.74
C LYS A 161 11.89 8.75 -23.77
N GLU A 162 12.07 8.13 -22.62
CA GLU A 162 12.00 6.67 -22.52
C GLU A 162 11.06 6.26 -21.40
N TRP A 163 10.24 5.24 -21.67
CA TRP A 163 9.29 4.74 -20.68
C TRP A 163 9.99 3.84 -19.66
N LEU A 164 10.87 4.43 -18.86
CA LEU A 164 11.60 3.67 -17.85
C LEU A 164 10.99 3.87 -16.47
N ARG A 165 10.47 5.08 -16.23
CA ARG A 165 9.86 5.40 -14.95
C ARG A 165 8.76 4.39 -14.60
N THR A 166 8.10 3.87 -15.63
CA THR A 166 7.03 2.90 -15.43
C THR A 166 7.48 1.76 -14.54
N LYS A 167 8.78 1.50 -14.54
CA LYS A 167 9.35 0.43 -13.72
C LYS A 167 9.26 0.78 -12.24
N THR A 168 10.05 1.77 -11.82
CA THR A 168 10.06 2.20 -10.43
C THR A 168 8.64 2.41 -9.90
N ILE A 169 7.81 3.07 -10.70
CA ILE A 169 6.44 3.33 -10.31
C ILE A 169 5.66 2.03 -10.15
N GLN A 170 5.82 1.12 -11.10
CA GLN A 170 5.13 -0.16 -11.06
C GLN A 170 5.57 -0.98 -9.85
N PHE A 171 6.83 -0.79 -9.44
CA PHE A 171 7.37 -1.51 -8.30
C PHE A 171 6.76 -1.01 -6.99
N ILE A 172 6.86 0.30 -6.76
CA ILE A 172 6.31 0.90 -5.55
C ILE A 172 4.81 0.66 -5.45
N LEU A 173 4.12 0.73 -6.58
CA LEU A 173 2.68 0.52 -6.62
C LEU A 173 2.33 -0.92 -6.31
N LYS A 174 3.04 -1.85 -6.95
CA LYS A 174 2.82 -3.27 -6.74
C LYS A 174 2.97 -3.64 -5.27
N SER A 175 4.08 -3.22 -4.67
CA SER A 175 4.35 -3.50 -3.27
C SER A 175 3.28 -2.86 -2.37
N LEU A 176 2.96 -1.61 -2.64
CA LEU A 176 1.96 -0.89 -1.87
C LEU A 176 0.66 -1.67 -1.79
N GLU A 177 0.14 -2.07 -2.96
CA GLU A 177 -1.10 -2.83 -3.02
C GLU A 177 -0.98 -4.14 -2.24
N GLU A 178 0.07 -4.91 -2.56
CA GLU A 178 0.30 -6.18 -1.90
C GLU A 178 0.31 -6.02 -0.39
N PHE A 179 1.05 -5.03 0.08
CA PHE A 179 1.16 -4.76 1.52
C PHE A 179 -0.20 -4.33 2.08
N LEU A 180 -0.96 -3.62 1.26
CA LEU A 180 -2.28 -3.14 1.68
C LEU A 180 -3.22 -4.30 1.97
N LYS A 181 -3.53 -5.07 0.94
CA LYS A 181 -4.42 -6.22 1.08
C LYS A 181 -3.90 -7.18 2.14
N VAL A 182 -2.60 -7.43 2.11
CA VAL A 182 -1.96 -8.33 3.08
C VAL A 182 -2.13 -7.82 4.50
N THR A 183 -1.75 -6.57 4.73
CA THR A 183 -1.86 -5.96 6.04
C THR A 183 -3.29 -6.03 6.57
N LEU A 184 -4.25 -5.82 5.68
CA LEU A 184 -5.66 -5.87 6.05
C LEU A 184 -6.06 -7.26 6.52
N ARG A 185 -5.83 -8.25 5.66
CA ARG A 185 -6.16 -9.64 5.99
C ARG A 185 -5.35 -10.13 7.19
N SER A 186 -4.20 -9.50 7.41
CA SER A 186 -3.33 -9.87 8.52
C SER A 186 -3.91 -9.39 9.85
N THR A 187 -4.33 -8.13 9.87
CA THR A 187 -4.90 -7.55 11.08
C THR A 187 -6.27 -8.14 11.39
N ARG A 188 -6.93 -8.63 10.34
CA ARG A 188 -8.26 -9.21 10.50
C ARG A 188 -8.24 -10.36 11.50
N GLN A 189 -9.42 -10.84 11.89
CA GLN A 189 -9.53 -11.93 12.84
C GLN A 189 -9.42 -13.28 12.14
N THR A 190 -9.63 -13.28 10.84
CA THR A 190 -9.57 -14.50 10.04
C THR A 190 -8.85 -14.27 8.72
N SER A 7 -2.77 -15.65 -5.74
CA SER A 7 -3.81 -14.66 -5.94
C SER A 7 -5.02 -15.26 -6.65
N GLN A 8 -6.09 -15.51 -5.89
CA GLN A 8 -7.30 -16.09 -6.44
C GLN A 8 -8.45 -15.09 -6.38
N VAL A 9 -8.44 -14.13 -7.30
CA VAL A 9 -9.48 -13.11 -7.35
C VAL A 9 -10.30 -13.22 -8.63
N ARG A 10 -11.62 -13.33 -8.49
CA ARG A 10 -12.50 -13.44 -9.63
C ARG A 10 -13.61 -12.40 -9.57
N ARG A 11 -13.41 -11.29 -10.27
CA ARG A 11 -14.39 -10.20 -10.30
C ARG A 11 -15.55 -10.55 -11.22
N GLY A 12 -16.53 -9.65 -11.29
CA GLY A 12 -17.68 -9.87 -12.14
C GLY A 12 -18.89 -9.07 -11.70
N ASP A 13 -19.01 -8.85 -10.39
CA ASP A 13 -20.12 -8.10 -9.84
C ASP A 13 -19.79 -7.56 -8.46
N PHE A 14 -19.79 -6.23 -8.33
CA PHE A 14 -19.48 -5.59 -7.06
C PHE A 14 -20.55 -5.89 -6.02
N THR A 15 -20.28 -5.51 -4.78
CA THR A 15 -21.23 -5.75 -3.69
C THR A 15 -21.75 -4.43 -3.12
N GLU A 16 -20.95 -3.37 -3.27
CA GLU A 16 -21.33 -2.06 -2.76
C GLU A 16 -21.36 -1.03 -3.89
N ASP A 17 -22.10 0.05 -3.67
CA ASP A 17 -22.22 1.11 -4.68
C ASP A 17 -22.57 2.44 -4.02
N THR A 18 -22.10 2.63 -2.79
CA THR A 18 -22.37 3.86 -2.06
C THR A 18 -21.27 4.14 -1.04
N THR A 19 -21.09 5.42 -0.70
CA THR A 19 -20.08 5.81 0.28
C THR A 19 -20.72 6.40 1.52
N PRO A 20 -19.96 6.41 2.63
CA PRO A 20 -20.43 6.95 3.91
C PRO A 20 -20.58 8.46 3.88
N ASN A 21 -21.00 9.03 5.00
CA ASN A 21 -21.19 10.48 5.11
C ASN A 21 -20.03 11.12 5.87
N ARG A 22 -19.42 10.35 6.78
CA ARG A 22 -18.30 10.85 7.57
C ARG A 22 -17.47 9.69 8.12
N PRO A 23 -16.20 9.97 8.43
CA PRO A 23 -15.28 8.98 8.98
C PRO A 23 -15.65 8.56 10.40
N VAL A 24 -15.85 7.25 10.59
CA VAL A 24 -16.21 6.72 11.90
C VAL A 24 -15.00 6.10 12.59
N TYR A 25 -13.95 5.86 11.81
CA TYR A 25 -12.73 5.26 12.35
C TYR A 25 -13.00 3.89 12.94
N THR A 26 -14.08 3.26 12.48
CA THR A 26 -14.46 1.93 12.96
C THR A 26 -14.09 0.85 11.96
N THR A 27 -14.25 -0.41 12.36
CA THR A 27 -13.93 -1.54 11.50
C THR A 27 -14.59 -1.39 10.13
N SER A 28 -15.79 -0.83 10.13
CA SER A 28 -16.55 -0.64 8.88
C SER A 28 -15.87 0.40 8.00
N GLN A 29 -15.47 1.52 8.61
CA GLN A 29 -14.82 2.59 7.89
C GLN A 29 -13.52 2.11 7.25
N VAL A 30 -12.66 1.49 8.06
CA VAL A 30 -11.38 0.98 7.57
C VAL A 30 -11.59 -0.07 6.50
N GLY A 31 -12.57 -0.95 6.70
CA GLY A 31 -12.85 -2.00 5.73
C GLY A 31 -13.20 -1.44 4.36
N GLY A 32 -14.17 -0.53 4.33
CA GLY A 32 -14.58 0.07 3.07
C GLY A 32 -13.47 0.84 2.41
N LEU A 33 -12.67 1.54 3.21
CA LEU A 33 -11.57 2.33 2.69
C LEU A 33 -10.51 1.43 2.05
N ILE A 34 -10.25 0.28 2.69
CA ILE A 34 -9.26 -0.65 2.18
C ILE A 34 -9.71 -1.26 0.85
N THR A 35 -10.98 -1.62 0.77
CA THR A 35 -11.54 -2.20 -0.45
C THR A 35 -11.51 -1.21 -1.61
N HIS A 36 -11.97 0.01 -1.34
CA HIS A 36 -11.99 1.05 -2.36
C HIS A 36 -10.58 1.36 -2.85
N VAL A 37 -9.70 1.70 -1.91
CA VAL A 37 -8.32 2.03 -2.25
C VAL A 37 -7.63 0.86 -2.95
N LEU A 38 -8.01 -0.36 -2.57
CA LEU A 38 -7.43 -1.56 -3.16
C LEU A 38 -7.77 -1.65 -4.65
N TRP A 39 -9.04 -1.46 -4.97
CA TRP A 39 -9.49 -1.52 -6.35
C TRP A 39 -8.87 -0.40 -7.18
N GLU A 40 -8.80 0.80 -6.59
CA GLU A 40 -8.23 1.95 -7.28
C GLU A 40 -6.75 1.72 -7.60
N ILE A 41 -6.02 1.21 -6.60
CA ILE A 41 -4.61 0.94 -6.77
C ILE A 41 -4.36 -0.10 -7.87
N VAL A 42 -5.16 -1.16 -7.85
CA VAL A 42 -5.04 -2.23 -8.84
C VAL A 42 -5.28 -1.69 -10.25
N GLU A 43 -6.32 -0.88 -10.40
CA GLU A 43 -6.66 -0.31 -11.70
C GLU A 43 -5.61 0.71 -12.12
N MET A 44 -5.22 1.58 -11.18
CA MET A 44 -4.23 2.61 -11.46
C MET A 44 -2.87 2.00 -11.78
N ARG A 45 -2.59 0.84 -11.17
CA ARG A 45 -1.32 0.16 -11.39
C ARG A 45 -1.31 -0.52 -12.76
N LYS A 46 -2.34 -1.29 -13.05
CA LYS A 46 -2.45 -1.99 -14.33
C LYS A 46 -2.65 -1.01 -15.47
N GLU A 47 -3.28 0.13 -15.17
CA GLU A 47 -3.55 1.15 -16.17
C GLU A 47 -2.25 1.66 -16.78
N LEU A 48 -1.21 1.73 -15.96
CA LEU A 48 0.10 2.20 -16.43
C LEU A 48 0.56 1.41 -17.65
N CYS A 49 0.17 0.14 -17.71
CA CYS A 49 0.54 -0.72 -18.83
C CYS A 49 -0.59 -0.79 -19.86
N ASN A 50 -1.34 0.30 -19.97
CA ASN A 50 -2.45 0.36 -20.92
C ASN A 50 -3.49 -0.71 -20.61
N GLY A 51 -3.57 -1.10 -19.33
CA GLY A 51 -4.53 -2.11 -18.93
C GLY A 51 -4.27 -3.46 -19.59
N ASN A 52 -3.00 -3.86 -19.63
CA ASN A 52 -2.63 -5.13 -20.24
C ASN A 52 -2.73 -6.26 -19.23
N SER A 53 -3.75 -7.09 -19.38
CA SER A 53 -3.97 -8.22 -18.48
C SER A 53 -2.73 -9.11 -18.42
N ASP A 54 -1.95 -9.11 -19.50
CA ASP A 54 -0.75 -9.92 -19.58
C ASP A 54 0.41 -9.24 -18.85
N CYS A 55 0.44 -7.91 -18.91
CA CYS A 55 1.48 -7.13 -18.25
C CYS A 55 1.45 -7.34 -16.74
N MET A 56 0.27 -7.69 -16.22
CA MET A 56 0.11 -7.92 -14.80
C MET A 56 0.87 -9.17 -14.35
N ASN A 57 0.91 -10.17 -15.23
CA ASN A 57 1.61 -11.42 -14.94
C ASN A 57 2.64 -11.74 -16.01
N ASN A 58 3.26 -10.70 -16.54
CA ASN A 58 4.28 -10.88 -17.59
C ASN A 58 5.65 -11.17 -16.98
N ASP A 59 6.26 -10.14 -16.41
CA ASP A 59 7.58 -10.30 -15.80
C ASP A 59 7.48 -10.21 -14.27
N ASP A 60 6.42 -10.79 -13.72
CA ASP A 60 6.21 -10.78 -12.28
C ASP A 60 6.74 -12.05 -11.64
N ALA A 61 7.72 -12.67 -12.29
CA ALA A 61 8.32 -13.90 -11.77
C ALA A 61 9.56 -13.61 -10.95
N LEU A 62 10.26 -12.54 -11.31
CA LEU A 62 11.48 -12.15 -10.60
C LEU A 62 11.32 -10.77 -9.97
N ALA A 63 10.49 -9.94 -10.59
CA ALA A 63 10.25 -8.59 -10.08
C ALA A 63 9.74 -8.62 -8.64
N GLU A 64 8.98 -9.66 -8.32
CA GLU A 64 8.44 -9.81 -6.97
C GLU A 64 9.55 -9.99 -5.94
N ASN A 65 10.70 -10.49 -6.41
CA ASN A 65 11.85 -10.71 -5.54
C ASN A 65 12.96 -9.71 -5.84
N ASN A 66 12.58 -8.54 -6.33
CA ASN A 66 13.55 -7.49 -6.66
C ASN A 66 13.07 -6.14 -6.16
N LEU A 67 12.15 -6.15 -5.20
CA LEU A 67 11.61 -4.92 -4.64
C LEU A 67 12.39 -4.51 -3.39
N LYS A 68 12.75 -5.51 -2.58
CA LYS A 68 13.50 -5.25 -1.36
C LYS A 68 12.71 -4.33 -0.43
N LEU A 69 11.40 -4.27 -0.62
CA LEU A 69 10.54 -3.44 0.20
C LEU A 69 10.15 -4.16 1.48
N PRO A 70 9.70 -3.37 2.48
CA PRO A 70 9.28 -3.92 3.78
C PRO A 70 7.98 -4.71 3.68
N GLU A 71 8.07 -5.96 3.25
CA GLU A 71 6.91 -6.82 3.12
C GLU A 71 6.78 -7.78 4.30
N ILE A 72 5.58 -8.32 4.50
CA ILE A 72 5.34 -9.24 5.60
C ILE A 72 5.80 -10.65 5.24
N GLN A 73 6.33 -11.38 6.23
CA GLN A 73 6.80 -12.75 6.01
C GLN A 73 6.82 -13.52 7.32
N ARG A 74 6.27 -14.72 7.29
CA ARG A 74 6.21 -15.58 8.47
C ARG A 74 7.61 -15.78 9.05
N ASN A 75 7.71 -15.74 10.38
CA ASN A 75 9.00 -15.93 11.05
C ASN A 75 8.85 -16.88 12.24
N ASP A 76 9.92 -17.59 12.55
CA ASP A 76 9.92 -18.53 13.67
C ASP A 76 10.16 -17.81 14.99
N GLY A 77 9.86 -18.48 16.09
CA GLY A 77 10.04 -17.89 17.41
C GLY A 77 8.73 -17.47 18.04
N CYS A 78 8.07 -16.50 17.44
CA CYS A 78 6.79 -16.00 17.95
C CYS A 78 5.68 -16.18 16.92
N TYR A 79 4.45 -16.22 17.39
CA TYR A 79 3.29 -16.39 16.52
C TYR A 79 1.99 -16.12 17.27
N GLN A 80 1.88 -16.65 18.48
CA GLN A 80 0.70 -16.45 19.30
C GLN A 80 0.99 -15.55 20.49
N THR A 81 -0.05 -15.20 21.24
CA THR A 81 0.10 -14.33 22.40
C THR A 81 0.76 -15.07 23.55
N GLY A 82 1.53 -14.35 24.35
CA GLY A 82 2.21 -14.96 25.48
C GLY A 82 3.36 -14.11 25.99
N TYR A 83 4.16 -14.67 26.89
CA TYR A 83 5.30 -13.95 27.45
C TYR A 83 4.85 -12.66 28.12
N ASN A 84 3.69 -12.70 28.77
CA ASN A 84 3.14 -11.53 29.43
C ASN A 84 2.64 -10.51 28.42
N GLN A 85 3.57 -9.90 27.70
CA GLN A 85 3.23 -8.89 26.70
C GLN A 85 4.32 -8.77 25.64
N GLU A 86 4.13 -9.47 24.53
CA GLU A 86 5.10 -9.45 23.44
C GLU A 86 4.56 -10.18 22.22
N ILE A 87 3.81 -9.45 21.39
CA ILE A 87 3.23 -10.02 20.18
C ILE A 87 3.86 -9.41 18.93
N CYS A 88 4.73 -10.18 18.27
CA CYS A 88 5.39 -9.71 17.06
C CYS A 88 4.43 -9.66 15.89
N LEU A 89 4.54 -8.63 15.07
CA LEU A 89 3.67 -8.47 13.91
C LEU A 89 4.37 -7.66 12.82
N LEU A 90 5.66 -7.87 12.67
CA LEU A 90 6.45 -7.18 11.66
C LEU A 90 6.47 -5.68 11.93
N LYS A 91 6.96 -4.91 10.96
CA LYS A 91 7.04 -3.46 11.10
C LYS A 91 5.71 -2.82 10.74
N ILE A 92 5.30 -2.97 9.48
CA ILE A 92 4.05 -2.40 9.01
C ILE A 92 4.14 -0.88 8.87
N SER A 93 4.35 -0.21 10.00
CA SER A 93 4.46 1.24 10.00
C SER A 93 5.47 1.72 8.95
N SER A 94 6.63 1.10 8.94
CA SER A 94 7.68 1.45 7.98
C SER A 94 7.16 1.36 6.55
N GLY A 95 6.58 0.22 6.20
CA GLY A 95 6.05 0.03 4.86
C GLY A 95 5.01 1.06 4.50
N LEU A 96 4.02 1.23 5.37
CA LEU A 96 2.95 2.19 5.14
C LEU A 96 3.51 3.56 4.81
N LEU A 97 4.44 4.03 5.65
CA LEU A 97 5.06 5.34 5.46
C LEU A 97 5.71 5.42 4.08
N GLU A 98 6.51 4.42 3.74
CA GLU A 98 7.19 4.38 2.46
C GLU A 98 6.22 4.56 1.31
N TYR A 99 5.12 3.80 1.34
CA TYR A 99 4.11 3.88 0.30
C TYR A 99 3.54 5.30 0.21
N HIS A 100 3.20 5.87 1.36
CA HIS A 100 2.65 7.22 1.40
C HIS A 100 3.57 8.21 0.68
N SER A 101 4.86 8.13 0.96
CA SER A 101 5.84 9.01 0.35
C SER A 101 5.92 8.77 -1.16
N TYR A 102 5.85 7.50 -1.55
CA TYR A 102 5.91 7.14 -2.96
C TYR A 102 4.79 7.80 -3.75
N LEU A 103 3.55 7.44 -3.43
CA LEU A 103 2.38 8.00 -4.10
C LEU A 103 2.42 9.52 -4.06
N GLU A 104 2.76 10.08 -2.90
CA GLU A 104 2.83 11.53 -2.74
C GLU A 104 3.76 12.15 -3.76
N TYR A 105 4.92 11.51 -3.96
CA TYR A 105 5.91 12.00 -4.92
C TYR A 105 5.37 11.95 -6.35
N MET A 106 4.69 10.86 -6.66
CA MET A 106 4.12 10.68 -8.00
C MET A 106 2.99 11.68 -8.24
N LYS A 107 2.22 11.96 -7.21
CA LYS A 107 1.12 12.90 -7.31
C LYS A 107 1.57 14.22 -7.92
N ASN A 108 2.76 14.66 -7.53
CA ASN A 108 3.32 15.91 -8.04
C ASN A 108 3.45 15.86 -9.56
N ASN A 109 3.59 14.66 -10.11
CA ASN A 109 3.73 14.48 -11.54
C ASN A 109 2.85 13.32 -12.02
N LEU A 110 1.62 13.66 -12.44
CA LEU A 110 0.68 12.66 -12.93
C LEU A 110 -0.24 13.25 -13.98
N LYS A 111 -0.76 12.40 -14.86
CA LYS A 111 -1.67 12.85 -15.90
C LYS A 111 -2.98 13.35 -15.31
N ASP A 112 -3.91 13.73 -16.18
CA ASP A 112 -5.21 14.23 -15.73
C ASP A 112 -5.98 13.15 -14.99
N ASN A 113 -6.09 11.97 -15.60
CA ASN A 113 -6.80 10.86 -15.00
C ASN A 113 -6.02 10.30 -13.81
N LYS A 114 -4.72 10.11 -14.00
CA LYS A 114 -3.86 9.58 -12.94
C LYS A 114 -3.96 10.42 -11.69
N LYS A 115 -3.91 11.74 -11.85
CA LYS A 115 -3.99 12.67 -10.73
C LYS A 115 -5.30 12.48 -9.97
N ASP A 116 -6.40 12.43 -10.72
CA ASP A 116 -7.72 12.25 -10.11
C ASP A 116 -7.75 11.01 -9.21
N LYS A 117 -7.29 9.88 -9.75
CA LYS A 117 -7.25 8.64 -9.00
C LYS A 117 -6.24 8.71 -7.87
N ALA A 118 -5.11 9.38 -8.13
CA ALA A 118 -4.06 9.52 -7.13
C ALA A 118 -4.61 10.13 -5.84
N ARG A 119 -5.35 11.23 -5.97
CA ARG A 119 -5.92 11.91 -4.83
C ARG A 119 -6.72 10.94 -3.96
N VAL A 120 -7.41 9.99 -4.61
CA VAL A 120 -8.21 9.01 -3.91
C VAL A 120 -7.32 7.98 -3.21
N LEU A 121 -6.23 7.61 -3.87
CA LEU A 121 -5.30 6.63 -3.33
C LEU A 121 -4.61 7.17 -2.07
N GLN A 122 -4.04 8.37 -2.20
CA GLN A 122 -3.36 9.01 -1.08
C GLN A 122 -4.32 9.29 0.06
N ARG A 123 -5.49 9.82 -0.27
CA ARG A 123 -6.50 10.13 0.74
C ARG A 123 -6.86 8.90 1.56
N ASP A 124 -7.20 7.82 0.87
CA ASP A 124 -7.56 6.57 1.53
C ASP A 124 -6.43 6.08 2.43
N THR A 125 -5.24 5.93 1.85
CA THR A 125 -4.07 5.47 2.59
C THR A 125 -3.81 6.36 3.80
N GLU A 126 -3.89 7.67 3.60
CA GLU A 126 -3.66 8.62 4.68
C GLU A 126 -4.56 8.33 5.87
N THR A 127 -5.87 8.24 5.62
CA THR A 127 -6.84 7.96 6.67
C THR A 127 -6.59 6.59 7.29
N LEU A 128 -6.19 5.63 6.47
CA LEU A 128 -5.92 4.28 6.95
C LEU A 128 -4.76 4.27 7.94
N ILE A 129 -3.64 4.87 7.55
CA ILE A 129 -2.46 4.94 8.41
C ILE A 129 -2.77 5.69 9.70
N HIS A 130 -3.56 6.75 9.58
CA HIS A 130 -3.94 7.56 10.74
C HIS A 130 -4.73 6.73 11.75
N ILE A 131 -5.71 5.98 11.25
CA ILE A 131 -6.54 5.14 12.10
C ILE A 131 -5.71 4.07 12.79
N PHE A 132 -4.97 3.30 11.99
CA PHE A 132 -4.12 2.23 12.52
C PHE A 132 -3.09 2.78 13.49
N ASN A 133 -2.37 3.82 13.06
CA ASN A 133 -1.35 4.44 13.90
C ASN A 133 -1.94 4.94 15.21
N GLN A 134 -3.16 5.48 15.14
CA GLN A 134 -3.84 5.99 16.33
C GLN A 134 -4.12 4.86 17.33
N GLU A 135 -4.70 3.77 16.83
CA GLU A 135 -5.02 2.63 17.68
C GLU A 135 -3.77 2.09 18.36
N VAL A 136 -2.75 1.82 17.56
CA VAL A 136 -1.49 1.30 18.09
C VAL A 136 -0.81 2.32 19.00
N LYS A 137 -1.03 3.60 18.72
CA LYS A 137 -0.44 4.67 19.51
C LYS A 137 -1.06 4.72 20.90
N ASP A 138 -2.37 4.48 20.98
CA ASP A 138 -3.07 4.50 22.25
C ASP A 138 -2.78 3.23 23.05
N LEU A 139 -2.71 2.10 22.35
CA LEU A 139 -2.44 0.82 23.00
C LEU A 139 -0.98 0.73 23.45
N HIS A 140 -0.07 1.04 22.53
CA HIS A 140 1.36 1.00 22.82
C HIS A 140 2.08 2.19 22.18
N LYS A 141 3.41 2.14 22.20
CA LYS A 141 4.22 3.22 21.63
C LYS A 141 4.71 2.82 20.23
N ILE A 142 5.33 3.79 19.55
CA ILE A 142 5.86 3.54 18.21
C ILE A 142 6.60 4.76 17.68
N VAL A 143 7.64 4.52 16.88
CA VAL A 143 8.44 5.60 16.32
C VAL A 143 8.19 5.72 14.82
N LEU A 144 8.95 6.60 14.16
CA LEU A 144 8.81 6.82 12.73
C LEU A 144 9.96 6.15 11.98
N PRO A 145 9.63 5.57 10.80
CA PRO A 145 10.62 4.91 9.95
C PRO A 145 11.60 5.88 9.32
N THR A 146 11.06 6.95 8.74
CA THR A 146 11.90 7.96 8.08
C THR A 146 12.60 7.39 6.87
N PRO A 147 11.85 7.19 5.77
CA PRO A 147 12.39 6.65 4.53
C PRO A 147 13.32 7.63 3.82
N ILE A 148 14.20 7.10 2.97
CA ILE A 148 15.14 7.93 2.23
C ILE A 148 14.92 7.82 0.73
N SER A 149 14.14 6.81 0.33
CA SER A 149 13.85 6.60 -1.09
C SER A 149 13.35 7.89 -1.74
N ASN A 150 12.63 8.70 -0.97
CA ASN A 150 12.10 9.96 -1.47
C ASN A 150 13.19 10.79 -2.12
N ALA A 151 14.29 10.98 -1.39
CA ALA A 151 15.42 11.76 -1.90
C ALA A 151 15.88 11.24 -3.25
N LEU A 152 15.94 9.92 -3.39
CA LEU A 152 16.37 9.30 -4.63
C LEU A 152 15.42 9.66 -5.77
N LEU A 153 14.14 9.40 -5.57
CA LEU A 153 13.13 9.71 -6.59
C LEU A 153 13.25 11.15 -7.06
N THR A 154 13.13 12.09 -6.12
CA THR A 154 13.22 13.50 -6.45
C THR A 154 14.57 13.83 -7.10
N ASP A 155 15.63 13.25 -6.55
CA ASP A 155 16.98 13.48 -7.07
C ASP A 155 17.03 13.22 -8.58
N LYS A 156 16.34 12.17 -9.02
CA LYS A 156 16.30 11.80 -10.43
C LYS A 156 15.34 12.71 -11.19
N LEU A 157 15.38 12.61 -12.52
CA LEU A 157 14.52 13.43 -13.38
C LEU A 157 13.77 12.55 -14.37
N GLU A 158 14.51 11.75 -15.13
CA GLU A 158 13.91 10.86 -16.11
C GLU A 158 13.14 11.66 -17.16
N SER A 159 13.77 11.89 -18.31
CA SER A 159 13.14 12.64 -19.39
C SER A 159 12.31 11.73 -20.28
N GLN A 160 12.99 10.79 -20.95
CA GLN A 160 12.32 9.85 -21.83
C GLN A 160 13.29 8.81 -22.35
N LYS A 161 14.49 9.25 -22.73
CA LYS A 161 15.51 8.34 -23.24
C LYS A 161 15.97 7.37 -22.16
N GLU A 162 16.31 7.90 -21.00
CA GLU A 162 16.76 7.08 -19.88
C GLU A 162 15.72 6.03 -19.51
N TRP A 163 16.03 5.22 -18.51
CA TRP A 163 15.11 4.18 -18.07
C TRP A 163 13.72 4.75 -17.79
N LEU A 164 12.70 3.95 -18.04
CA LEU A 164 11.33 4.37 -17.80
C LEU A 164 10.98 4.32 -16.32
N ARG A 165 10.14 5.26 -15.88
CA ARG A 165 9.73 5.31 -14.48
C ARG A 165 8.60 4.32 -14.20
N THR A 166 7.94 3.88 -15.27
CA THR A 166 6.84 2.94 -15.14
C THR A 166 7.23 1.73 -14.30
N LYS A 167 8.53 1.43 -14.28
CA LYS A 167 9.04 0.32 -13.50
C LYS A 167 8.93 0.59 -12.01
N THR A 168 9.74 1.53 -11.52
CA THR A 168 9.74 1.90 -10.12
C THR A 168 8.32 2.13 -9.60
N ILE A 169 7.53 2.84 -10.39
CA ILE A 169 6.15 3.13 -10.02
C ILE A 169 5.33 1.85 -9.93
N GLN A 170 5.45 1.00 -10.94
CA GLN A 170 4.73 -0.26 -10.97
C GLN A 170 5.13 -1.16 -9.80
N PHE A 171 6.38 -1.03 -9.37
CA PHE A 171 6.88 -1.84 -8.26
C PHE A 171 6.26 -1.38 -6.94
N ILE A 172 6.40 -0.09 -6.64
CA ILE A 172 5.85 0.47 -5.41
C ILE A 172 4.34 0.28 -5.34
N LEU A 173 3.69 0.41 -6.50
CA LEU A 173 2.24 0.26 -6.57
C LEU A 173 1.82 -1.18 -6.29
N LYS A 174 2.42 -2.11 -7.02
CA LYS A 174 2.11 -3.54 -6.83
C LYS A 174 2.36 -3.96 -5.39
N SER A 175 3.50 -3.54 -4.84
CA SER A 175 3.84 -3.89 -3.46
C SER A 175 2.85 -3.28 -2.48
N LEU A 176 2.46 -2.04 -2.72
CA LEU A 176 1.51 -1.36 -1.86
C LEU A 176 0.18 -2.11 -1.79
N GLU A 177 -0.34 -2.48 -2.95
CA GLU A 177 -1.61 -3.22 -3.01
C GLU A 177 -1.48 -4.56 -2.32
N GLU A 178 -0.53 -5.37 -2.76
CA GLU A 178 -0.32 -6.70 -2.17
C GLU A 178 -0.13 -6.59 -0.67
N PHE A 179 0.75 -5.69 -0.24
CA PHE A 179 1.03 -5.50 1.17
C PHE A 179 -0.24 -5.06 1.92
N LEU A 180 -1.00 -4.17 1.30
CA LEU A 180 -2.23 -3.66 1.89
C LEU A 180 -3.19 -4.80 2.23
N LYS A 181 -3.39 -5.69 1.26
CA LYS A 181 -4.27 -6.83 1.45
C LYS A 181 -3.74 -7.77 2.52
N VAL A 182 -2.44 -8.07 2.45
CA VAL A 182 -1.80 -8.96 3.41
C VAL A 182 -1.88 -8.37 4.82
N THR A 183 -1.77 -7.05 4.92
CA THR A 183 -1.83 -6.37 6.21
C THR A 183 -3.25 -6.39 6.78
N LEU A 184 -4.24 -6.17 5.92
CA LEU A 184 -5.63 -6.17 6.34
C LEU A 184 -6.06 -7.55 6.81
N ARG A 185 -5.61 -8.58 6.11
CA ARG A 185 -5.95 -9.96 6.46
C ARG A 185 -5.14 -10.42 7.67
N SER A 186 -3.90 -9.95 7.76
CA SER A 186 -3.03 -10.31 8.86
C SER A 186 -3.56 -9.76 10.18
N THR A 187 -3.84 -8.47 10.21
CA THR A 187 -4.37 -7.82 11.42
C THR A 187 -5.76 -8.32 11.74
N ARG A 188 -6.47 -8.84 10.73
CA ARG A 188 -7.82 -9.35 10.92
C ARG A 188 -7.79 -10.76 11.49
N GLN A 189 -8.96 -11.26 11.87
CA GLN A 189 -9.07 -12.61 12.43
C GLN A 189 -8.90 -13.67 11.35
N THR A 190 -9.07 -13.25 10.09
CA THR A 190 -8.94 -14.16 8.96
C THR A 190 -7.48 -14.43 8.64
N SER A 7 -1.33 -21.16 -8.93
CA SER A 7 -1.91 -19.82 -8.83
C SER A 7 -2.57 -19.62 -7.46
N GLN A 8 -2.94 -18.38 -7.17
CA GLN A 8 -3.58 -18.06 -5.90
C GLN A 8 -4.50 -16.84 -6.06
N VAL A 9 -5.77 -17.10 -6.35
CA VAL A 9 -6.74 -16.03 -6.52
C VAL A 9 -8.11 -16.44 -5.98
N ARG A 10 -8.63 -15.64 -5.05
CA ARG A 10 -9.92 -15.91 -4.44
C ARG A 10 -10.57 -14.63 -3.94
N ARG A 11 -10.99 -13.77 -4.88
CA ARG A 11 -11.63 -12.52 -4.53
C ARG A 11 -12.86 -12.27 -5.39
N GLY A 12 -13.53 -11.14 -5.16
CA GLY A 12 -14.72 -10.81 -5.92
C GLY A 12 -15.99 -11.28 -5.22
N ASP A 13 -16.04 -11.11 -3.90
CA ASP A 13 -17.21 -11.52 -3.13
C ASP A 13 -17.35 -10.64 -1.88
N PHE A 14 -18.30 -9.72 -1.92
CA PHE A 14 -18.55 -8.81 -0.80
C PHE A 14 -20.04 -8.65 -0.55
N THR A 15 -20.38 -8.21 0.66
CA THR A 15 -21.78 -8.02 1.02
C THR A 15 -22.04 -6.59 1.48
N GLU A 16 -21.05 -6.00 2.16
CA GLU A 16 -21.17 -4.63 2.65
C GLU A 16 -22.33 -4.50 3.63
N ASP A 17 -22.46 -3.32 4.22
CA ASP A 17 -23.54 -3.07 5.18
C ASP A 17 -23.80 -1.57 5.31
N THR A 18 -23.96 -0.90 4.17
CA THR A 18 -24.22 0.53 4.16
C THR A 18 -23.26 1.27 5.08
N THR A 19 -22.13 1.70 4.53
CA THR A 19 -21.13 2.42 5.31
C THR A 19 -21.66 3.76 5.79
N PRO A 20 -21.02 4.31 6.83
CA PRO A 20 -21.42 5.60 7.42
C PRO A 20 -21.12 6.77 6.48
N ASN A 21 -21.28 7.98 7.00
CA ASN A 21 -21.02 9.19 6.22
C ASN A 21 -19.79 9.93 6.74
N ARG A 22 -19.48 9.72 8.02
CA ARG A 22 -18.34 10.36 8.64
C ARG A 22 -17.30 9.34 9.09
N PRO A 23 -16.04 9.78 9.22
CA PRO A 23 -14.95 8.91 9.64
C PRO A 23 -15.05 8.51 11.10
N VAL A 24 -15.87 7.51 11.39
CA VAL A 24 -16.06 7.03 12.76
C VAL A 24 -14.87 6.22 13.22
N TYR A 25 -13.98 5.88 12.29
CA TYR A 25 -12.80 5.09 12.60
C TYR A 25 -13.18 3.70 13.10
N THR A 26 -14.36 3.24 12.69
CA THR A 26 -14.84 1.93 13.09
C THR A 26 -14.37 0.85 12.12
N THR A 27 -14.49 -0.40 12.53
CA THR A 27 -14.08 -1.52 11.70
C THR A 27 -14.69 -1.43 10.30
N SER A 28 -15.98 -1.14 10.25
CA SER A 28 -16.68 -1.03 8.98
C SER A 28 -15.95 -0.07 8.03
N GLN A 29 -15.64 1.12 8.53
CA GLN A 29 -14.95 2.12 7.74
C GLN A 29 -13.57 1.61 7.30
N VAL A 30 -12.92 0.85 8.18
CA VAL A 30 -11.61 0.30 7.90
C VAL A 30 -11.66 -0.66 6.72
N GLY A 31 -12.53 -1.66 6.82
CA GLY A 31 -12.67 -2.63 5.76
C GLY A 31 -13.04 -2.01 4.43
N GLY A 32 -14.11 -1.20 4.44
CA GLY A 32 -14.56 -0.56 3.23
C GLY A 32 -13.48 0.31 2.60
N LEU A 33 -12.77 1.06 3.43
CA LEU A 33 -11.71 1.94 2.96
C LEU A 33 -10.58 1.14 2.31
N ILE A 34 -10.10 0.12 3.03
CA ILE A 34 -9.04 -0.73 2.52
C ILE A 34 -9.38 -1.31 1.16
N THR A 35 -10.62 -1.78 1.02
CA THR A 35 -11.08 -2.36 -0.24
C THR A 35 -11.12 -1.31 -1.34
N HIS A 36 -11.59 -0.11 -1.00
CA HIS A 36 -11.68 0.98 -1.97
C HIS A 36 -10.31 1.32 -2.53
N VAL A 37 -9.36 1.61 -1.64
CA VAL A 37 -8.00 1.95 -2.05
C VAL A 37 -7.35 0.79 -2.81
N LEU A 38 -7.66 -0.43 -2.39
CA LEU A 38 -7.09 -1.62 -3.03
C LEU A 38 -7.49 -1.68 -4.50
N TRP A 39 -8.77 -1.48 -4.77
CA TRP A 39 -9.27 -1.51 -6.14
C TRP A 39 -8.72 -0.35 -6.96
N GLU A 40 -8.65 0.83 -6.33
CA GLU A 40 -8.13 2.02 -7.00
C GLU A 40 -6.67 1.82 -7.41
N ILE A 41 -5.89 1.23 -6.51
CA ILE A 41 -4.47 0.98 -6.77
C ILE A 41 -4.29 -0.04 -7.90
N VAL A 42 -5.01 -1.16 -7.79
CA VAL A 42 -4.93 -2.21 -8.80
C VAL A 42 -5.26 -1.67 -10.18
N GLU A 43 -6.37 -0.94 -10.28
CA GLU A 43 -6.79 -0.36 -11.56
C GLU A 43 -5.79 0.68 -12.04
N MET A 44 -5.30 1.50 -11.11
CA MET A 44 -4.33 2.54 -11.44
C MET A 44 -3.01 1.93 -11.92
N ARG A 45 -2.68 0.76 -11.37
CA ARG A 45 -1.45 0.07 -11.74
C ARG A 45 -1.55 -0.54 -13.14
N LYS A 46 -2.62 -1.29 -13.37
CA LYS A 46 -2.85 -1.93 -14.66
C LYS A 46 -3.16 -0.89 -15.73
N GLU A 47 -3.76 0.22 -15.31
CA GLU A 47 -4.11 1.29 -16.23
C GLU A 47 -2.88 1.84 -16.94
N LEU A 48 -1.76 1.86 -16.22
CA LEU A 48 -0.50 2.36 -16.79
C LEU A 48 -0.16 1.64 -18.09
N CYS A 49 -0.48 0.35 -18.14
CA CYS A 49 -0.21 -0.45 -19.33
C CYS A 49 -1.45 -0.53 -20.22
N ASN A 50 -2.20 0.56 -20.30
CA ASN A 50 -3.40 0.61 -21.11
C ASN A 50 -4.44 -0.40 -20.63
N GLY A 51 -4.37 -0.72 -19.33
CA GLY A 51 -5.30 -1.68 -18.76
C GLY A 51 -5.04 -3.09 -19.22
N ASN A 52 -3.81 -3.37 -19.63
CA ASN A 52 -3.43 -4.69 -20.10
C ASN A 52 -3.18 -5.65 -18.93
N SER A 53 -4.09 -6.58 -18.73
CA SER A 53 -3.97 -7.55 -17.63
C SER A 53 -2.64 -8.30 -17.72
N ASP A 54 -2.17 -8.52 -18.94
CA ASP A 54 -0.92 -9.23 -19.15
C ASP A 54 0.23 -8.50 -18.47
N CYS A 55 0.12 -7.18 -18.36
CA CYS A 55 1.15 -6.37 -17.74
C CYS A 55 1.24 -6.67 -16.24
N MET A 56 0.12 -7.02 -15.64
CA MET A 56 0.07 -7.35 -14.21
C MET A 56 0.85 -8.62 -13.93
N ASN A 57 0.92 -9.51 -14.91
CA ASN A 57 1.64 -10.77 -14.76
C ASN A 57 2.75 -10.90 -15.80
N ASN A 58 3.26 -9.75 -16.24
CA ASN A 58 4.34 -9.73 -17.24
C ASN A 58 5.69 -9.93 -16.58
N ASP A 59 6.06 -9.01 -15.70
CA ASP A 59 7.33 -9.08 -15.00
C ASP A 59 7.15 -9.63 -13.59
N ASP A 60 6.19 -10.53 -13.44
CA ASP A 60 5.91 -11.14 -12.14
C ASP A 60 6.59 -12.50 -12.02
N ALA A 61 7.71 -12.66 -12.74
CA ALA A 61 8.46 -13.91 -12.70
C ALA A 61 9.81 -13.71 -12.03
N LEU A 62 10.33 -12.50 -12.08
CA LEU A 62 11.61 -12.18 -11.47
C LEU A 62 11.47 -11.09 -10.41
N ALA A 63 10.55 -10.16 -10.66
CA ALA A 63 10.30 -9.06 -9.73
C ALA A 63 10.06 -9.59 -8.31
N GLU A 64 9.35 -10.70 -8.21
CA GLU A 64 9.05 -11.30 -6.91
C GLU A 64 10.32 -11.58 -6.14
N ASN A 65 11.40 -11.86 -6.86
CA ASN A 65 12.69 -12.16 -6.24
C ASN A 65 13.62 -10.96 -6.36
N ASN A 66 13.05 -9.76 -6.46
CA ASN A 66 13.84 -8.54 -6.57
C ASN A 66 13.21 -7.42 -5.76
N LEU A 67 12.47 -7.79 -4.72
CA LEU A 67 11.82 -6.80 -3.85
C LEU A 67 12.47 -6.77 -2.48
N LYS A 68 12.83 -5.57 -2.03
CA LYS A 68 13.46 -5.39 -0.73
C LYS A 68 12.75 -4.31 0.08
N LEU A 69 11.47 -4.10 -0.21
CA LEU A 69 10.68 -3.09 0.48
C LEU A 69 10.13 -3.65 1.79
N PRO A 70 9.85 -2.76 2.74
CA PRO A 70 9.31 -3.13 4.06
C PRO A 70 7.87 -3.64 3.97
N GLU A 71 7.68 -4.91 4.27
CA GLU A 71 6.34 -5.51 4.23
C GLU A 71 6.20 -6.58 5.31
N ILE A 72 4.95 -6.91 5.64
CA ILE A 72 4.68 -7.92 6.65
C ILE A 72 5.03 -9.32 6.15
N GLN A 73 6.12 -9.86 6.65
CA GLN A 73 6.57 -11.20 6.26
C GLN A 73 6.13 -12.24 7.27
N ARG A 74 5.90 -13.46 6.80
CA ARG A 74 5.46 -14.55 7.67
C ARG A 74 4.14 -14.22 8.34
N ASN A 75 3.56 -15.21 9.02
CA ASN A 75 2.29 -15.02 9.70
C ASN A 75 2.11 -16.07 10.80
N ASP A 76 3.16 -16.29 11.58
CA ASP A 76 3.11 -17.26 12.66
C ASP A 76 1.97 -16.94 13.63
N GLY A 77 1.79 -17.81 14.63
CA GLY A 77 0.74 -17.61 15.61
C GLY A 77 1.07 -16.49 16.58
N CYS A 78 2.17 -16.64 17.30
CA CYS A 78 2.59 -15.64 18.27
C CYS A 78 1.49 -15.36 19.29
N TYR A 79 0.91 -16.44 19.82
CA TYR A 79 -0.15 -16.32 20.81
C TYR A 79 -0.01 -17.39 21.90
N GLN A 80 1.22 -17.78 22.17
CA GLN A 80 1.51 -18.79 23.19
C GLN A 80 2.15 -18.16 24.42
N THR A 81 2.56 -19.00 25.36
CA THR A 81 3.18 -18.52 26.60
C THR A 81 2.25 -17.61 27.38
N GLY A 82 2.65 -17.27 28.60
CA GLY A 82 1.84 -16.41 29.44
C GLY A 82 2.31 -14.97 29.42
N TYR A 83 1.67 -14.15 28.60
CA TYR A 83 2.03 -12.74 28.48
C TYR A 83 0.83 -11.90 28.09
N ASN A 84 0.99 -10.57 28.18
CA ASN A 84 -0.10 -9.66 27.84
C ASN A 84 0.17 -8.98 26.49
N GLN A 85 0.56 -9.77 25.50
CA GLN A 85 0.85 -9.25 24.17
C GLN A 85 -0.21 -9.70 23.16
N GLU A 86 -0.19 -9.10 21.98
CA GLU A 86 -1.15 -9.43 20.94
C GLU A 86 -0.43 -9.78 19.64
N ILE A 87 -0.46 -11.06 19.27
CA ILE A 87 0.18 -11.52 18.04
C ILE A 87 1.56 -10.90 17.88
N CYS A 88 2.10 -10.98 16.67
CA CYS A 88 3.42 -10.42 16.38
C CYS A 88 3.38 -9.57 15.12
N LEU A 89 4.31 -8.64 15.01
CA LEU A 89 4.39 -7.75 13.85
C LEU A 89 5.83 -7.54 13.42
N LEU A 90 6.02 -6.77 12.35
CA LEU A 90 7.35 -6.49 11.83
C LEU A 90 7.62 -4.99 11.81
N LYS A 91 6.98 -4.28 10.89
CA LYS A 91 7.16 -2.84 10.78
C LYS A 91 5.82 -2.15 10.50
N ILE A 92 5.29 -2.36 9.30
CA ILE A 92 4.02 -1.76 8.92
C ILE A 92 4.16 -0.25 8.71
N SER A 93 4.37 0.47 9.81
CA SER A 93 4.52 1.91 9.76
C SER A 93 5.54 2.32 8.70
N SER A 94 6.68 1.63 8.70
CA SER A 94 7.75 1.92 7.74
C SER A 94 7.21 1.88 6.31
N GLY A 95 6.55 0.78 5.96
CA GLY A 95 6.00 0.64 4.63
C GLY A 95 4.92 1.67 4.34
N LEU A 96 4.00 1.84 5.28
CA LEU A 96 2.91 2.79 5.12
C LEU A 96 3.45 4.18 4.78
N LEU A 97 4.42 4.64 5.56
CA LEU A 97 5.02 5.96 5.35
C LEU A 97 5.71 6.02 4.00
N GLU A 98 6.54 5.02 3.70
CA GLU A 98 7.27 4.97 2.44
C GLU A 98 6.30 5.04 1.26
N TYR A 99 5.29 4.19 1.28
CA TYR A 99 4.29 4.15 0.21
C TYR A 99 3.61 5.50 0.06
N HIS A 100 3.17 6.07 1.18
CA HIS A 100 2.50 7.36 1.17
C HIS A 100 3.35 8.42 0.47
N SER A 101 4.64 8.44 0.81
CA SER A 101 5.57 9.40 0.21
C SER A 101 5.75 9.13 -1.27
N TYR A 102 5.77 7.85 -1.64
CA TYR A 102 5.95 7.45 -3.03
C TYR A 102 4.78 7.94 -3.89
N LEU A 103 3.57 7.49 -3.54
CA LEU A 103 2.38 7.88 -4.28
C LEU A 103 2.22 9.39 -4.30
N GLU A 104 2.37 10.01 -3.12
CA GLU A 104 2.23 11.46 -3.00
C GLU A 104 3.19 12.17 -3.95
N TYR A 105 4.44 11.71 -3.98
CA TYR A 105 5.45 12.31 -4.85
C TYR A 105 5.06 12.18 -6.32
N MET A 106 4.66 10.98 -6.71
CA MET A 106 4.26 10.73 -8.09
C MET A 106 3.01 11.53 -8.45
N LYS A 107 2.17 11.79 -7.44
CA LYS A 107 0.95 12.54 -7.65
C LYS A 107 1.25 13.97 -8.08
N ASN A 108 2.42 14.47 -7.69
CA ASN A 108 2.83 15.83 -8.04
C ASN A 108 2.91 15.99 -9.56
N ASN A 109 3.45 14.99 -10.23
CA ASN A 109 3.58 15.02 -11.68
C ASN A 109 2.99 13.77 -12.31
N LEU A 110 1.76 13.87 -12.79
CA LEU A 110 1.07 12.74 -13.42
C LEU A 110 0.10 13.22 -14.49
N LYS A 111 -0.55 12.28 -15.15
CA LYS A 111 -1.52 12.60 -16.20
C LYS A 111 -2.88 12.95 -15.60
N ASP A 112 -3.85 13.22 -16.46
CA ASP A 112 -5.19 13.56 -16.02
C ASP A 112 -5.81 12.41 -15.23
N ASN A 113 -5.78 11.22 -15.83
CA ASN A 113 -6.35 10.04 -15.18
C ASN A 113 -5.53 9.64 -13.96
N LYS A 114 -4.21 9.54 -14.14
CA LYS A 114 -3.31 9.16 -13.06
C LYS A 114 -3.49 10.10 -11.86
N LYS A 115 -3.67 11.38 -12.15
CA LYS A 115 -3.84 12.38 -11.10
C LYS A 115 -5.17 12.18 -10.39
N ASP A 116 -6.25 12.05 -11.17
CA ASP A 116 -7.58 11.86 -10.60
C ASP A 116 -7.59 10.70 -9.62
N LYS A 117 -6.98 9.59 -10.01
CA LYS A 117 -6.92 8.40 -9.15
C LYS A 117 -5.88 8.59 -8.05
N ALA A 118 -4.83 9.34 -8.35
CA ALA A 118 -3.77 9.60 -7.38
C ALA A 118 -4.32 10.27 -6.13
N ARG A 119 -5.18 11.27 -6.33
CA ARG A 119 -5.78 12.00 -5.22
C ARG A 119 -6.49 11.05 -4.27
N VAL A 120 -7.33 10.19 -4.83
CA VAL A 120 -8.07 9.22 -4.03
C VAL A 120 -7.13 8.27 -3.29
N LEU A 121 -6.11 7.81 -3.99
CA LEU A 121 -5.14 6.89 -3.40
C LEU A 121 -4.43 7.53 -2.21
N GLN A 122 -3.97 8.76 -2.39
CA GLN A 122 -3.28 9.48 -1.33
C GLN A 122 -4.19 9.66 -0.11
N ARG A 123 -5.39 10.15 -0.35
CA ARG A 123 -6.35 10.36 0.73
C ARG A 123 -6.57 9.08 1.53
N ASP A 124 -6.87 8.00 0.83
CA ASP A 124 -7.10 6.71 1.47
C ASP A 124 -5.89 6.31 2.32
N THR A 125 -4.70 6.43 1.74
CA THR A 125 -3.48 6.08 2.45
C THR A 125 -3.37 6.81 3.78
N GLU A 126 -3.55 8.14 3.74
CA GLU A 126 -3.47 8.95 4.94
C GLU A 126 -4.57 8.57 5.93
N THR A 127 -5.71 8.16 5.40
CA THR A 127 -6.84 7.76 6.23
C THR A 127 -6.56 6.45 6.97
N LEU A 128 -6.23 5.42 6.20
CA LEU A 128 -5.92 4.11 6.78
C LEU A 128 -4.73 4.19 7.72
N ILE A 129 -3.78 5.06 7.39
CA ILE A 129 -2.59 5.24 8.22
C ILE A 129 -2.93 5.91 9.53
N HIS A 130 -3.75 6.96 9.47
CA HIS A 130 -4.16 7.69 10.67
C HIS A 130 -4.94 6.79 11.61
N ILE A 131 -5.92 6.07 11.07
CA ILE A 131 -6.74 5.18 11.87
C ILE A 131 -5.90 4.06 12.49
N PHE A 132 -5.07 3.43 11.66
CA PHE A 132 -4.21 2.34 12.13
C PHE A 132 -3.20 2.86 13.16
N ASN A 133 -2.66 4.04 12.90
CA ASN A 133 -1.69 4.65 13.80
C ASN A 133 -2.27 4.86 15.19
N GLN A 134 -3.48 5.42 15.24
CA GLN A 134 -4.15 5.67 16.50
C GLN A 134 -4.47 4.36 17.23
N GLU A 135 -5.08 3.43 16.52
CA GLU A 135 -5.43 2.13 17.09
C GLU A 135 -4.18 1.41 17.60
N VAL A 136 -3.17 1.32 16.73
CA VAL A 136 -1.93 0.66 17.09
C VAL A 136 -1.22 1.39 18.22
N LYS A 137 -1.35 2.71 18.24
CA LYS A 137 -0.71 3.53 19.27
C LYS A 137 -1.31 3.23 20.64
N ASP A 138 -2.63 3.11 20.70
CA ASP A 138 -3.32 2.83 21.95
C ASP A 138 -3.30 1.33 22.25
N LEU A 139 -3.07 0.53 21.22
CA LEU A 139 -3.03 -0.92 21.37
C LEU A 139 -1.66 -1.37 21.88
N HIS A 140 -0.62 -1.05 21.12
CA HIS A 140 0.74 -1.42 21.50
C HIS A 140 1.74 -0.35 21.04
N LYS A 141 1.31 0.90 21.08
CA LYS A 141 2.16 2.02 20.67
C LYS A 141 2.52 1.91 19.19
N ILE A 142 3.47 2.74 18.76
CA ILE A 142 3.91 2.74 17.38
C ILE A 142 5.32 3.31 17.24
N VAL A 143 6.07 2.80 16.28
CA VAL A 143 7.43 3.26 16.03
C VAL A 143 7.49 4.21 14.84
N LEU A 144 8.43 5.14 14.86
CA LEU A 144 8.61 6.10 13.78
C LEU A 144 9.94 5.89 13.08
N PRO A 145 9.94 5.11 12.00
CA PRO A 145 11.15 4.82 11.22
C PRO A 145 11.63 6.04 10.44
N THR A 146 10.70 6.74 9.79
CA THR A 146 11.04 7.92 9.01
C THR A 146 11.93 7.57 7.83
N PRO A 147 11.30 7.11 6.73
CA PRO A 147 12.03 6.74 5.51
C PRO A 147 12.63 7.94 4.79
N ILE A 148 13.71 7.70 4.07
CA ILE A 148 14.39 8.77 3.32
C ILE A 148 14.31 8.53 1.82
N SER A 149 13.87 7.34 1.44
CA SER A 149 13.75 6.97 0.03
C SER A 149 13.03 8.07 -0.75
N ASN A 150 12.07 8.72 -0.10
CA ASN A 150 11.30 9.78 -0.73
C ASN A 150 12.24 10.82 -1.35
N ALA A 151 13.22 11.28 -0.57
CA ALA A 151 14.17 12.26 -1.04
C ALA A 151 14.88 11.79 -2.31
N LEU A 152 15.32 10.54 -2.29
CA LEU A 152 16.03 9.96 -3.43
C LEU A 152 15.16 10.05 -4.69
N LEU A 153 13.93 9.54 -4.59
CA LEU A 153 13.02 9.56 -5.72
C LEU A 153 12.84 10.97 -6.27
N THR A 154 12.31 11.86 -5.43
CA THR A 154 12.09 13.24 -5.82
C THR A 154 13.37 13.88 -6.35
N ASP A 155 14.51 13.44 -5.82
CA ASP A 155 15.79 13.97 -6.24
C ASP A 155 16.15 13.47 -7.64
N LYS A 156 15.69 12.27 -7.97
CA LYS A 156 15.95 11.69 -9.29
C LYS A 156 14.94 12.19 -10.32
N LEU A 157 15.44 12.86 -11.35
CA LEU A 157 14.58 13.39 -12.41
C LEU A 157 15.39 13.66 -13.68
N GLU A 158 14.99 13.03 -14.78
CA GLU A 158 15.67 13.20 -16.05
C GLU A 158 14.73 12.91 -17.22
N SER A 159 14.26 11.67 -17.29
CA SER A 159 13.36 11.26 -18.36
C SER A 159 11.92 11.63 -18.03
N GLN A 160 11.49 12.79 -18.51
CA GLN A 160 10.13 13.27 -18.25
C GLN A 160 9.12 12.53 -19.13
N LYS A 161 9.52 12.23 -20.36
CA LYS A 161 8.65 11.53 -21.30
C LYS A 161 9.40 10.36 -21.95
N GLU A 162 9.27 9.17 -21.37
CA GLU A 162 9.93 7.99 -21.90
C GLU A 162 9.59 6.76 -21.06
N TRP A 163 9.72 5.58 -21.67
CA TRP A 163 9.42 4.33 -20.98
C TRP A 163 10.60 3.89 -20.12
N LEU A 164 10.44 3.99 -18.81
CA LEU A 164 11.49 3.60 -17.88
C LEU A 164 11.02 3.71 -16.43
N ARG A 165 10.32 4.80 -16.13
CA ARG A 165 9.81 5.01 -14.78
C ARG A 165 8.71 4.00 -14.44
N THR A 166 8.05 3.49 -15.48
CA THR A 166 6.99 2.51 -15.28
C THR A 166 7.44 1.37 -14.39
N LYS A 167 8.75 1.11 -14.38
CA LYS A 167 9.31 0.04 -13.56
C LYS A 167 9.21 0.39 -12.08
N THR A 168 9.99 1.38 -11.65
CA THR A 168 9.99 1.80 -10.25
C THR A 168 8.57 2.01 -9.74
N ILE A 169 7.74 2.66 -10.54
CA ILE A 169 6.36 2.92 -10.17
C ILE A 169 5.58 1.62 -9.99
N GLN A 170 5.77 0.69 -10.94
CA GLN A 170 5.08 -0.59 -10.90
C GLN A 170 5.49 -1.37 -9.65
N PHE A 171 6.75 -1.21 -9.24
CA PHE A 171 7.26 -1.91 -8.07
C PHE A 171 6.62 -1.36 -6.79
N ILE A 172 6.71 -0.06 -6.59
CA ILE A 172 6.15 0.58 -5.41
C ILE A 172 4.64 0.37 -5.35
N LEU A 173 4.00 0.36 -6.51
CA LEU A 173 2.55 0.16 -6.59
C LEU A 173 2.18 -1.25 -6.15
N LYS A 174 2.81 -2.25 -6.77
CA LYS A 174 2.55 -3.64 -6.45
C LYS A 174 2.77 -3.91 -4.96
N SER A 175 3.89 -3.43 -4.44
CA SER A 175 4.22 -3.62 -3.03
C SER A 175 3.17 -2.98 -2.13
N LEU A 176 2.81 -1.73 -2.44
CA LEU A 176 1.82 -1.00 -1.67
C LEU A 176 0.51 -1.79 -1.57
N GLU A 177 0.00 -2.22 -2.72
CA GLU A 177 -1.24 -2.98 -2.76
C GLU A 177 -1.13 -4.25 -1.90
N GLU A 178 -0.14 -5.08 -2.21
CA GLU A 178 0.08 -6.32 -1.48
C GLU A 178 0.17 -6.05 0.02
N PHE A 179 0.95 -5.04 0.39
CA PHE A 179 1.12 -4.68 1.80
C PHE A 179 -0.23 -4.43 2.46
N LEU A 180 -1.03 -3.55 1.85
CA LEU A 180 -2.34 -3.22 2.39
C LEU A 180 -3.18 -4.48 2.58
N LYS A 181 -3.13 -5.37 1.60
CA LYS A 181 -3.89 -6.61 1.66
C LYS A 181 -3.52 -7.42 2.90
N VAL A 182 -2.24 -7.79 2.99
CA VAL A 182 -1.75 -8.56 4.12
C VAL A 182 -1.96 -7.81 5.44
N THR A 183 -1.89 -6.48 5.36
CA THR A 183 -2.07 -5.64 6.54
C THR A 183 -3.47 -5.81 7.12
N LEU A 184 -4.48 -5.79 6.25
CA LEU A 184 -5.86 -5.95 6.69
C LEU A 184 -6.14 -7.38 7.13
N ARG A 185 -5.67 -8.34 6.35
CA ARG A 185 -5.87 -9.75 6.66
C ARG A 185 -5.12 -10.13 7.93
N SER A 186 -4.09 -9.35 8.26
CA SER A 186 -3.28 -9.62 9.45
C SER A 186 -3.94 -9.05 10.69
N THR A 187 -4.30 -7.77 10.62
CA THR A 187 -4.95 -7.10 11.76
C THR A 187 -6.21 -7.84 12.18
N ARG A 188 -6.85 -8.52 11.23
CA ARG A 188 -8.07 -9.27 11.51
C ARG A 188 -7.77 -10.52 12.32
N GLN A 189 -8.57 -10.77 13.35
CA GLN A 189 -8.39 -11.94 14.19
C GLN A 189 -9.57 -12.90 14.07
N THR A 190 -10.69 -12.39 13.60
CA THR A 190 -11.89 -13.19 13.43
C THR A 190 -11.74 -14.18 12.27
N SER A 7 -7.11 -16.65 7.25
CA SER A 7 -8.35 -15.93 7.46
C SER A 7 -9.28 -16.07 6.26
N GLN A 8 -10.45 -16.65 6.50
CA GLN A 8 -11.43 -16.87 5.44
C GLN A 8 -12.23 -15.59 5.19
N VAL A 9 -11.60 -14.61 4.53
CA VAL A 9 -12.26 -13.35 4.23
C VAL A 9 -13.30 -13.52 3.13
N ARG A 10 -14.39 -12.77 3.23
CA ARG A 10 -15.46 -12.84 2.24
C ARG A 10 -15.71 -11.47 1.61
N ARG A 11 -15.34 -11.33 0.34
CA ARG A 11 -15.52 -10.07 -0.37
C ARG A 11 -16.83 -10.09 -1.17
N GLY A 12 -17.09 -8.99 -1.88
CA GLY A 12 -18.30 -8.90 -2.68
C GLY A 12 -19.44 -8.25 -1.92
N ASP A 13 -19.13 -7.22 -1.16
CA ASP A 13 -20.13 -6.50 -0.37
C ASP A 13 -20.76 -5.37 -1.20
N PHE A 14 -21.48 -5.74 -2.25
CA PHE A 14 -22.12 -4.76 -3.13
C PHE A 14 -21.09 -3.85 -3.79
N THR A 15 -21.56 -2.99 -4.67
CA THR A 15 -20.68 -2.07 -5.38
C THR A 15 -20.51 -0.76 -4.62
N GLU A 16 -21.57 -0.35 -3.93
CA GLU A 16 -21.54 0.89 -3.15
C GLU A 16 -20.86 2.00 -3.93
N ASP A 17 -20.47 3.05 -3.22
CA ASP A 17 -19.80 4.19 -3.84
C ASP A 17 -19.04 5.02 -2.81
N THR A 18 -17.81 4.60 -2.51
CA THR A 18 -16.99 5.29 -1.53
C THR A 18 -17.72 5.47 -0.21
N THR A 19 -17.11 6.20 0.72
CA THR A 19 -17.70 6.45 2.02
C THR A 19 -18.02 7.93 2.20
N PRO A 20 -18.94 8.23 3.14
CA PRO A 20 -19.35 9.60 3.44
C PRO A 20 -18.25 10.40 4.12
N ASN A 21 -18.59 11.59 4.60
CA ASN A 21 -17.63 12.46 5.27
C ASN A 21 -17.69 12.27 6.79
N ARG A 22 -18.15 11.09 7.21
CA ARG A 22 -18.25 10.79 8.63
C ARG A 22 -17.28 9.68 9.03
N PRO A 23 -15.99 10.02 9.10
CA PRO A 23 -14.94 9.06 9.47
C PRO A 23 -15.02 8.65 10.94
N VAL A 24 -15.90 7.70 11.23
CA VAL A 24 -16.07 7.20 12.59
C VAL A 24 -14.86 6.39 13.03
N TYR A 25 -14.00 6.05 12.09
CA TYR A 25 -12.80 5.27 12.39
C TYR A 25 -13.17 3.88 12.88
N THR A 26 -14.34 3.40 12.45
CA THR A 26 -14.80 2.07 12.84
C THR A 26 -14.39 1.01 11.83
N THR A 27 -14.59 -0.25 12.20
CA THR A 27 -14.23 -1.36 11.32
C THR A 27 -14.84 -1.18 9.94
N SER A 28 -16.10 -0.79 9.89
CA SER A 28 -16.80 -0.58 8.62
C SER A 28 -16.00 0.35 7.71
N GLN A 29 -15.62 1.50 8.25
CA GLN A 29 -14.85 2.47 7.49
C GLN A 29 -13.52 1.89 7.04
N VAL A 30 -12.88 1.13 7.93
CA VAL A 30 -11.60 0.52 7.62
C VAL A 30 -11.72 -0.46 6.45
N GLY A 31 -12.64 -1.40 6.58
CA GLY A 31 -12.84 -2.38 5.52
C GLY A 31 -13.15 -1.73 4.18
N GLY A 32 -14.14 -0.85 4.16
CA GLY A 32 -14.52 -0.18 2.94
C GLY A 32 -13.38 0.62 2.33
N LEU A 33 -12.58 1.26 3.20
CA LEU A 33 -11.45 2.06 2.74
C LEU A 33 -10.38 1.17 2.11
N ILE A 34 -10.18 -0.02 2.68
CA ILE A 34 -9.19 -0.96 2.18
C ILE A 34 -9.57 -1.46 0.79
N THR A 35 -10.80 -1.93 0.65
CA THR A 35 -11.29 -2.45 -0.62
C THR A 35 -11.30 -1.35 -1.69
N HIS A 36 -11.66 -0.14 -1.28
CA HIS A 36 -11.70 0.99 -2.20
C HIS A 36 -10.30 1.35 -2.70
N VAL A 37 -9.40 1.61 -1.75
CA VAL A 37 -8.03 1.96 -2.09
C VAL A 37 -7.34 0.83 -2.86
N LEU A 38 -7.72 -0.40 -2.54
CA LEU A 38 -7.14 -1.57 -3.20
C LEU A 38 -7.53 -1.61 -4.68
N TRP A 39 -8.82 -1.44 -4.94
CA TRP A 39 -9.32 -1.44 -6.31
C TRP A 39 -8.73 -0.31 -7.12
N GLU A 40 -8.64 0.86 -6.50
CA GLU A 40 -8.09 2.04 -7.17
C GLU A 40 -6.63 1.82 -7.57
N ILE A 41 -5.84 1.33 -6.61
CA ILE A 41 -4.43 1.07 -6.85
C ILE A 41 -4.24 0.06 -7.99
N VAL A 42 -5.00 -1.01 -7.94
CA VAL A 42 -4.93 -2.05 -8.96
C VAL A 42 -5.21 -1.48 -10.34
N GLU A 43 -6.35 -0.82 -10.49
CA GLU A 43 -6.74 -0.22 -11.76
C GLU A 43 -5.68 0.76 -12.24
N MET A 44 -5.18 1.59 -11.33
CA MET A 44 -4.16 2.57 -11.67
C MET A 44 -2.85 1.88 -12.06
N ARG A 45 -2.60 0.73 -11.47
CA ARG A 45 -1.38 -0.03 -11.75
C ARG A 45 -1.40 -0.58 -13.18
N LYS A 46 -2.49 -1.25 -13.53
CA LYS A 46 -2.63 -1.81 -14.86
C LYS A 46 -2.83 -0.72 -15.90
N GLU A 47 -3.40 0.40 -15.49
CA GLU A 47 -3.63 1.52 -16.38
C GLU A 47 -2.34 1.97 -17.06
N LEU A 48 -1.25 1.89 -16.32
CA LEU A 48 0.07 2.28 -16.84
C LEU A 48 0.46 1.41 -18.04
N CYS A 49 -0.02 0.17 -18.04
CA CYS A 49 0.27 -0.76 -19.12
C CYS A 49 -0.86 -0.77 -20.15
N ASN A 50 -1.47 0.39 -20.35
CA ASN A 50 -2.57 0.52 -21.31
C ASN A 50 -3.75 -0.36 -20.90
N GLY A 51 -3.88 -0.60 -19.60
CA GLY A 51 -4.97 -1.42 -19.10
C GLY A 51 -4.88 -2.86 -19.58
N ASN A 52 -3.65 -3.38 -19.64
CA ASN A 52 -3.43 -4.74 -20.09
C ASN A 52 -3.27 -5.68 -18.88
N SER A 53 -4.09 -6.73 -18.85
CA SER A 53 -4.06 -7.69 -17.76
C SER A 53 -2.75 -8.48 -17.79
N ASP A 54 -2.18 -8.64 -18.97
CA ASP A 54 -0.93 -9.38 -19.13
C ASP A 54 0.18 -8.76 -18.29
N CYS A 55 0.22 -7.43 -18.26
CA CYS A 55 1.22 -6.71 -17.49
C CYS A 55 1.16 -7.10 -16.03
N MET A 56 -0.04 -7.37 -15.53
CA MET A 56 -0.24 -7.75 -14.14
C MET A 56 0.48 -9.06 -13.84
N ASN A 57 0.61 -9.91 -14.86
CA ASN A 57 1.28 -11.20 -14.69
C ASN A 57 2.48 -11.30 -15.61
N ASN A 58 3.07 -10.15 -15.94
CA ASN A 58 4.25 -10.12 -16.81
C ASN A 58 5.53 -10.03 -15.99
N ASP A 59 5.70 -8.94 -15.25
CA ASP A 59 6.87 -8.73 -14.43
C ASP A 59 6.61 -9.17 -12.99
N ASP A 60 5.61 -10.04 -12.82
CA ASP A 60 5.26 -10.54 -11.49
C ASP A 60 5.90 -11.91 -11.24
N ALA A 61 7.02 -12.16 -11.91
CA ALA A 61 7.72 -13.43 -11.77
C ALA A 61 9.13 -13.22 -11.21
N LEU A 62 9.71 -12.06 -11.52
CA LEU A 62 11.05 -11.74 -11.06
C LEU A 62 11.02 -10.58 -10.06
N ALA A 63 10.12 -9.63 -10.30
CA ALA A 63 9.99 -8.47 -9.42
C ALA A 63 9.79 -8.92 -7.97
N GLU A 64 9.00 -9.97 -7.78
CA GLU A 64 8.73 -10.49 -6.45
C GLU A 64 10.02 -10.90 -5.74
N ASN A 65 11.03 -11.25 -6.53
CA ASN A 65 12.32 -11.67 -6.00
C ASN A 65 13.37 -10.58 -6.19
N ASN A 66 12.92 -9.34 -6.29
CA ASN A 66 13.82 -8.21 -6.48
C ASN A 66 13.35 -6.99 -5.68
N LEU A 67 12.61 -7.25 -4.61
CA LEU A 67 12.10 -6.17 -3.76
C LEU A 67 12.65 -6.29 -2.34
N LYS A 68 13.12 -5.17 -1.81
CA LYS A 68 13.68 -5.15 -0.45
C LYS A 68 12.83 -4.28 0.46
N LEU A 69 11.57 -4.10 0.10
CA LEU A 69 10.64 -3.29 0.89
C LEU A 69 10.04 -4.10 2.03
N PRO A 70 9.63 -3.41 3.10
CA PRO A 70 9.02 -4.05 4.26
C PRO A 70 7.63 -4.61 3.96
N GLU A 71 7.46 -5.90 4.18
CA GLU A 71 6.17 -6.56 3.93
C GLU A 71 5.93 -7.68 4.93
N ILE A 72 4.67 -8.07 5.08
CA ILE A 72 4.30 -9.14 6.01
C ILE A 72 4.32 -10.50 5.31
N GLN A 73 4.91 -11.49 5.99
CA GLN A 73 4.98 -12.83 5.43
C GLN A 73 4.14 -13.81 6.25
N ARG A 74 4.06 -15.05 5.78
CA ARG A 74 3.28 -16.07 6.46
C ARG A 74 3.93 -16.46 7.78
N ASN A 75 3.33 -16.04 8.89
CA ASN A 75 3.88 -16.36 10.21
C ASN A 75 2.74 -16.60 11.21
N ASP A 76 1.64 -17.16 10.72
CA ASP A 76 0.49 -17.45 11.58
C ASP A 76 -0.22 -16.17 11.98
N GLY A 77 0.43 -15.37 12.83
CA GLY A 77 -0.15 -14.13 13.28
C GLY A 77 0.16 -13.84 14.74
N CYS A 78 -0.22 -12.65 15.20
CA CYS A 78 0.02 -12.24 16.58
C CYS A 78 -1.27 -12.32 17.40
N TYR A 79 -1.39 -13.37 18.19
CA TYR A 79 -2.58 -13.57 19.02
C TYR A 79 -2.31 -13.13 20.46
N GLN A 80 -2.68 -11.90 20.78
CA GLN A 80 -2.48 -11.37 22.13
C GLN A 80 -1.00 -11.31 22.47
N THR A 81 -0.35 -10.20 22.14
CA THR A 81 1.06 -10.02 22.42
C THR A 81 1.33 -9.96 23.92
N GLY A 82 2.49 -10.45 24.32
CA GLY A 82 2.85 -10.45 25.74
C GLY A 82 4.29 -10.03 25.97
N TYR A 83 4.74 -10.10 27.22
CA TYR A 83 6.10 -9.73 27.56
C TYR A 83 7.11 -10.72 26.99
N ASN A 84 6.69 -11.98 26.91
CA ASN A 84 7.56 -13.03 26.37
C ASN A 84 6.87 -13.78 25.24
N GLN A 85 7.63 -14.09 24.19
CA GLN A 85 7.09 -14.81 23.04
C GLN A 85 5.96 -14.01 22.38
N GLU A 86 5.31 -14.62 21.41
CA GLU A 86 4.20 -13.97 20.70
C GLU A 86 4.67 -12.67 20.06
N ILE A 87 5.70 -12.77 19.22
CA ILE A 87 6.25 -11.61 18.54
C ILE A 87 6.10 -11.73 17.03
N CYS A 88 5.84 -10.60 16.37
CA CYS A 88 5.68 -10.59 14.92
C CYS A 88 6.92 -10.02 14.23
N LEU A 89 7.57 -9.07 14.89
CA LEU A 89 8.76 -8.45 14.35
C LEU A 89 8.49 -7.83 12.98
N LEU A 90 7.27 -7.33 12.81
CA LEU A 90 6.88 -6.71 11.55
C LEU A 90 7.01 -5.19 11.63
N LYS A 91 7.13 -4.55 10.47
CA LYS A 91 7.25 -3.10 10.40
C LYS A 91 5.90 -2.44 10.15
N ILE A 92 5.39 -2.59 8.93
CA ILE A 92 4.10 -2.02 8.57
C ILE A 92 4.19 -0.50 8.46
N SER A 93 4.38 0.16 9.60
CA SER A 93 4.47 1.61 9.63
C SER A 93 5.51 2.11 8.62
N SER A 94 6.69 1.52 8.65
CA SER A 94 7.75 1.90 7.73
C SER A 94 7.29 1.84 6.28
N GLY A 95 6.72 0.70 5.89
CA GLY A 95 6.23 0.53 4.54
C GLY A 95 5.12 1.51 4.20
N LEU A 96 4.16 1.65 5.11
CA LEU A 96 3.04 2.57 4.89
C LEU A 96 3.53 3.98 4.57
N LEU A 97 4.46 4.47 5.38
CA LEU A 97 5.03 5.80 5.19
C LEU A 97 5.75 5.89 3.84
N GLU A 98 6.61 4.92 3.58
CA GLU A 98 7.37 4.90 2.33
C GLU A 98 6.42 4.92 1.12
N TYR A 99 5.46 4.01 1.12
CA TYR A 99 4.50 3.93 0.03
C TYR A 99 3.77 5.26 -0.17
N HIS A 100 3.25 5.81 0.93
CA HIS A 100 2.54 7.07 0.89
C HIS A 100 3.39 8.16 0.23
N SER A 101 4.66 8.23 0.62
CA SER A 101 5.57 9.22 0.07
C SER A 101 5.79 8.99 -1.43
N TYR A 102 5.88 7.73 -1.81
CA TYR A 102 6.10 7.37 -3.21
C TYR A 102 4.90 7.80 -4.06
N LEU A 103 3.75 7.19 -3.80
CA LEU A 103 2.53 7.49 -4.53
C LEU A 103 2.27 8.99 -4.56
N GLU A 104 2.48 9.64 -3.41
CA GLU A 104 2.27 11.08 -3.29
C GLU A 104 3.24 11.84 -4.19
N TYR A 105 4.48 11.36 -4.25
CA TYR A 105 5.50 12.01 -5.07
C TYR A 105 5.13 11.95 -6.54
N MET A 106 4.70 10.78 -7.00
CA MET A 106 4.31 10.60 -8.39
C MET A 106 2.97 11.27 -8.68
N LYS A 107 2.11 11.34 -7.67
CA LYS A 107 0.81 11.96 -7.81
C LYS A 107 0.93 13.37 -8.40
N ASN A 108 1.97 14.09 -7.97
CA ASN A 108 2.20 15.44 -8.45
C ASN A 108 2.41 15.46 -9.97
N ASN A 109 3.20 14.52 -10.46
CA ASN A 109 3.46 14.41 -11.89
C ASN A 109 2.68 13.27 -12.52
N LEU A 110 1.43 13.54 -12.87
CA LEU A 110 0.58 12.54 -13.48
C LEU A 110 -0.42 13.17 -14.44
N LYS A 111 -1.22 12.34 -15.10
CA LYS A 111 -2.23 12.83 -16.04
C LYS A 111 -3.51 13.22 -15.32
N ASP A 112 -4.52 13.60 -16.09
CA ASP A 112 -5.81 14.00 -15.52
C ASP A 112 -6.44 12.86 -14.74
N ASN A 113 -6.52 11.69 -15.37
CA ASN A 113 -7.10 10.51 -14.73
C ASN A 113 -6.22 10.04 -13.58
N LYS A 114 -4.94 9.86 -13.85
CA LYS A 114 -3.98 9.40 -12.84
C LYS A 114 -4.01 10.32 -11.62
N LYS A 115 -4.17 11.61 -11.87
CA LYS A 115 -4.21 12.59 -10.78
C LYS A 115 -5.45 12.39 -9.91
N ASP A 116 -6.62 12.35 -10.55
CA ASP A 116 -7.87 12.16 -9.84
C ASP A 116 -7.81 10.92 -8.95
N LYS A 117 -7.29 9.83 -9.51
CA LYS A 117 -7.17 8.57 -8.76
C LYS A 117 -6.08 8.68 -7.70
N ALA A 118 -5.00 9.37 -8.02
CA ALA A 118 -3.89 9.55 -7.09
C ALA A 118 -4.37 10.16 -5.78
N ARG A 119 -5.18 11.21 -5.88
CA ARG A 119 -5.71 11.89 -4.71
C ARG A 119 -6.44 10.90 -3.79
N VAL A 120 -7.16 9.97 -4.40
CA VAL A 120 -7.90 8.97 -3.64
C VAL A 120 -6.97 7.95 -3.01
N LEU A 121 -5.91 7.60 -3.74
CA LEU A 121 -4.93 6.63 -3.25
C LEU A 121 -4.17 7.17 -2.05
N GLN A 122 -3.63 8.37 -2.19
CA GLN A 122 -2.88 9.01 -1.12
C GLN A 122 -3.78 9.30 0.08
N ARG A 123 -4.96 9.82 -0.19
CA ARG A 123 -5.93 10.14 0.86
C ARG A 123 -6.28 8.90 1.67
N ASP A 124 -6.61 7.82 0.97
CA ASP A 124 -6.97 6.57 1.63
C ASP A 124 -5.82 6.06 2.49
N THR A 125 -4.63 6.06 1.92
CA THR A 125 -3.45 5.58 2.65
C THR A 125 -3.27 6.35 3.96
N GLU A 126 -3.30 7.67 3.88
CA GLU A 126 -3.14 8.51 5.06
C GLU A 126 -4.23 8.21 6.09
N THR A 127 -5.44 7.97 5.61
CA THR A 127 -6.56 7.67 6.49
C THR A 127 -6.34 6.36 7.25
N LEU A 128 -6.05 5.29 6.51
CA LEU A 128 -5.81 3.99 7.12
C LEU A 128 -4.59 4.02 8.02
N ILE A 129 -3.63 4.87 7.67
CA ILE A 129 -2.41 5.01 8.46
C ILE A 129 -2.68 5.70 9.79
N HIS A 130 -3.53 6.72 9.76
CA HIS A 130 -3.88 7.45 10.97
C HIS A 130 -4.75 6.61 11.89
N ILE A 131 -5.67 5.86 11.30
CA ILE A 131 -6.56 4.99 12.07
C ILE A 131 -5.79 3.87 12.75
N PHE A 132 -4.99 3.15 11.97
CA PHE A 132 -4.20 2.04 12.49
C PHE A 132 -3.18 2.53 13.51
N ASN A 133 -2.45 3.58 13.16
CA ASN A 133 -1.44 4.15 14.04
C ASN A 133 -2.07 4.63 15.34
N GLN A 134 -3.24 5.25 15.23
CA GLN A 134 -3.95 5.75 16.41
C GLN A 134 -4.34 4.60 17.34
N GLU A 135 -4.95 3.57 16.77
CA GLU A 135 -5.37 2.42 17.55
C GLU A 135 -4.19 1.79 18.29
N VAL A 136 -3.13 1.49 17.55
CA VAL A 136 -1.93 0.90 18.14
C VAL A 136 -1.26 1.86 19.10
N LYS A 137 -1.39 3.15 18.84
CA LYS A 137 -0.79 4.18 19.68
C LYS A 137 -1.43 4.18 21.07
N ASP A 138 -2.75 4.09 21.10
CA ASP A 138 -3.49 4.08 22.35
C ASP A 138 -3.40 2.72 23.03
N LEU A 139 -3.29 1.68 22.22
CA LEU A 139 -3.20 0.31 22.74
C LEU A 139 -1.86 0.08 23.42
N HIS A 140 -0.78 0.46 22.74
CA HIS A 140 0.56 0.30 23.29
C HIS A 140 1.43 1.51 22.96
N LYS A 141 1.87 1.58 21.71
CA LYS A 141 2.72 2.70 21.27
C LYS A 141 3.07 2.55 19.79
N ILE A 142 3.63 3.61 19.21
CA ILE A 142 4.02 3.59 17.81
C ILE A 142 4.69 4.89 17.41
N VAL A 143 5.76 4.80 16.62
CA VAL A 143 6.49 5.98 16.18
C VAL A 143 7.19 5.70 14.84
N LEU A 144 7.78 6.75 14.27
CA LEU A 144 8.48 6.63 12.99
C LEU A 144 9.62 7.65 12.91
N PRO A 145 10.64 7.33 12.10
CA PRO A 145 11.79 8.20 11.90
C PRO A 145 11.45 9.46 11.12
N THR A 146 11.51 9.37 9.80
CA THR A 146 11.19 10.51 8.94
C THR A 146 11.29 10.13 7.46
N PRO A 147 10.64 10.91 6.61
CA PRO A 147 10.63 10.68 5.16
C PRO A 147 11.99 10.97 4.52
N ILE A 148 12.58 9.95 3.91
CA ILE A 148 13.88 10.08 3.27
C ILE A 148 13.85 9.57 1.84
N SER A 149 13.13 8.46 1.64
CA SER A 149 13.02 7.86 0.31
C SER A 149 12.58 8.89 -0.72
N ASN A 150 11.72 9.82 -0.31
CA ASN A 150 11.24 10.86 -1.20
C ASN A 150 12.39 11.56 -1.91
N ALA A 151 13.40 11.97 -1.12
CA ALA A 151 14.56 12.65 -1.68
C ALA A 151 15.23 11.80 -2.76
N LEU A 152 15.46 10.53 -2.45
CA LEU A 152 16.10 9.61 -3.40
C LEU A 152 15.33 9.59 -4.72
N LEU A 153 14.04 9.31 -4.65
CA LEU A 153 13.21 9.25 -5.85
C LEU A 153 13.33 10.54 -6.65
N THR A 154 12.94 11.66 -6.05
CA THR A 154 13.00 12.95 -6.72
C THR A 154 14.40 13.20 -7.30
N ASP A 155 15.41 12.67 -6.62
CA ASP A 155 16.79 12.83 -7.07
C ASP A 155 16.94 12.37 -8.51
N LYS A 156 16.14 11.39 -8.91
CA LYS A 156 16.19 10.86 -10.27
C LYS A 156 15.75 11.90 -11.28
N LEU A 157 15.65 11.50 -12.54
CA LEU A 157 15.22 12.40 -13.61
C LEU A 157 13.82 12.94 -13.35
N GLU A 158 13.74 14.21 -12.95
CA GLU A 158 12.46 14.84 -12.67
C GLU A 158 11.64 15.01 -13.95
N SER A 159 12.34 15.13 -15.07
CA SER A 159 11.67 15.30 -16.36
C SER A 159 10.69 14.16 -16.63
N GLN A 160 9.96 14.27 -17.74
CA GLN A 160 8.98 13.24 -18.10
C GLN A 160 9.61 12.21 -19.04
N LYS A 161 10.81 11.76 -18.70
CA LYS A 161 11.50 10.76 -19.51
C LYS A 161 12.52 9.99 -18.67
N GLU A 162 12.17 9.74 -17.41
CA GLU A 162 13.05 9.01 -16.51
C GLU A 162 13.45 7.67 -17.10
N TRP A 163 14.56 7.12 -16.64
CA TRP A 163 15.05 5.84 -17.12
C TRP A 163 14.26 4.69 -16.51
N LEU A 164 13.39 4.09 -17.32
CA LEU A 164 12.56 2.98 -16.86
C LEU A 164 11.71 3.39 -15.66
N ARG A 165 10.94 4.46 -15.83
CA ARG A 165 10.08 4.95 -14.76
C ARG A 165 8.98 3.96 -14.44
N THR A 166 8.40 3.37 -15.49
CA THR A 166 7.33 2.40 -15.32
C THR A 166 7.73 1.31 -14.34
N LYS A 167 9.03 1.07 -14.22
CA LYS A 167 9.56 0.06 -13.32
C LYS A 167 9.36 0.48 -11.87
N THR A 168 10.10 1.50 -11.45
CA THR A 168 10.02 2.01 -10.08
C THR A 168 8.56 2.22 -9.66
N ILE A 169 7.79 2.84 -10.53
CA ILE A 169 6.38 3.10 -10.26
C ILE A 169 5.61 1.81 -10.06
N GLN A 170 5.76 0.89 -11.00
CA GLN A 170 5.08 -0.40 -10.93
C GLN A 170 5.52 -1.18 -9.69
N PHE A 171 6.74 -0.93 -9.24
CA PHE A 171 7.28 -1.61 -8.08
C PHE A 171 6.59 -1.13 -6.80
N ILE A 172 6.60 0.18 -6.58
CA ILE A 172 5.97 0.76 -5.41
C ILE A 172 4.48 0.48 -5.37
N LEU A 173 3.86 0.49 -6.55
CA LEU A 173 2.43 0.22 -6.67
C LEU A 173 2.11 -1.23 -6.31
N LYS A 174 2.85 -2.16 -6.90
CA LYS A 174 2.65 -3.58 -6.64
C LYS A 174 2.89 -3.90 -5.16
N SER A 175 4.00 -3.41 -4.63
CA SER A 175 4.35 -3.64 -3.23
C SER A 175 3.28 -3.06 -2.31
N LEU A 176 2.79 -1.87 -2.66
CA LEU A 176 1.78 -1.20 -1.85
C LEU A 176 0.49 -2.02 -1.81
N GLU A 177 0.02 -2.43 -2.98
CA GLU A 177 -1.20 -3.23 -3.08
C GLU A 177 -1.07 -4.51 -2.27
N GLU A 178 -0.07 -5.31 -2.59
CA GLU A 178 0.16 -6.57 -1.90
C GLU A 178 0.31 -6.35 -0.39
N PHE A 179 0.93 -5.23 -0.03
CA PHE A 179 1.14 -4.90 1.38
C PHE A 179 -0.17 -4.53 2.05
N LEU A 180 -1.08 -3.94 1.28
CA LEU A 180 -2.38 -3.54 1.80
C LEU A 180 -3.27 -4.75 2.06
N LYS A 181 -3.30 -5.67 1.11
CA LYS A 181 -4.10 -6.88 1.24
C LYS A 181 -3.57 -7.76 2.35
N VAL A 182 -2.25 -7.92 2.41
CA VAL A 182 -1.61 -8.74 3.44
C VAL A 182 -1.75 -8.10 4.81
N THR A 183 -1.71 -6.77 4.84
CA THR A 183 -1.83 -6.03 6.09
C THR A 183 -3.23 -6.15 6.67
N LEU A 184 -4.24 -5.93 5.84
CA LEU A 184 -5.62 -6.00 6.27
C LEU A 184 -6.02 -7.45 6.53
N ARG A 185 -5.43 -8.37 5.78
CA ARG A 185 -5.72 -9.79 5.94
C ARG A 185 -5.11 -10.35 7.21
N SER A 186 -3.90 -9.89 7.53
CA SER A 186 -3.20 -10.34 8.72
C SER A 186 -3.82 -9.73 9.98
N THR A 187 -3.98 -8.42 9.99
CA THR A 187 -4.56 -7.73 11.13
C THR A 187 -5.89 -8.35 11.53
N ARG A 188 -6.61 -8.89 10.55
CA ARG A 188 -7.90 -9.51 10.80
C ARG A 188 -7.77 -10.60 11.87
N GLN A 189 -8.76 -10.65 12.76
CA GLN A 189 -8.76 -11.64 13.84
C GLN A 189 -9.77 -12.74 13.56
N THR A 190 -10.21 -12.84 12.31
CA THR A 190 -11.18 -13.85 11.92
C THR A 190 -10.60 -14.80 10.89
N SER A 7 2.95 -20.62 -3.59
CA SER A 7 2.76 -19.29 -4.18
C SER A 7 1.90 -18.42 -3.26
N GLN A 8 1.84 -17.13 -3.58
CA GLN A 8 1.05 -16.18 -2.79
C GLN A 8 -0.25 -15.84 -3.49
N VAL A 9 -1.27 -16.68 -3.30
CA VAL A 9 -2.57 -16.46 -3.92
C VAL A 9 -3.13 -15.09 -3.54
N ARG A 10 -3.66 -14.38 -4.53
CA ARG A 10 -4.23 -13.06 -4.31
C ARG A 10 -5.48 -12.86 -5.15
N ARG A 11 -6.42 -12.07 -4.63
CA ARG A 11 -7.66 -11.80 -5.35
C ARG A 11 -7.50 -10.58 -6.27
N GLY A 12 -8.59 -10.23 -6.96
CA GLY A 12 -8.54 -9.10 -7.86
C GLY A 12 -9.88 -8.39 -7.96
N ASP A 13 -10.96 -9.17 -8.07
CA ASP A 13 -12.30 -8.61 -8.16
C ASP A 13 -12.75 -8.02 -6.82
N PHE A 14 -13.50 -6.93 -6.88
CA PHE A 14 -13.99 -6.28 -5.67
C PHE A 14 -15.34 -6.85 -5.26
N THR A 15 -15.88 -6.34 -4.15
CA THR A 15 -17.16 -6.80 -3.65
C THR A 15 -18.14 -5.64 -3.51
N GLU A 16 -17.63 -4.48 -3.13
CA GLU A 16 -18.46 -3.29 -2.95
C GLU A 16 -17.77 -2.06 -3.53
N ASP A 17 -18.34 -0.89 -3.26
CA ASP A 17 -17.78 0.37 -3.75
C ASP A 17 -18.50 1.56 -3.13
N THR A 18 -18.77 1.48 -1.83
CA THR A 18 -19.46 2.55 -1.12
C THR A 18 -18.68 2.97 0.12
N THR A 19 -18.86 4.23 0.51
CA THR A 19 -18.17 4.77 1.68
C THR A 19 -19.13 5.55 2.56
N PRO A 20 -18.76 5.72 3.85
CA PRO A 20 -19.57 6.47 4.82
C PRO A 20 -19.61 7.96 4.52
N ASN A 21 -20.17 8.73 5.45
CA ASN A 21 -20.27 10.17 5.29
C ASN A 21 -19.16 10.89 6.04
N ARG A 22 -18.72 10.29 7.15
CA ARG A 22 -17.66 10.86 7.97
C ARG A 22 -16.77 9.77 8.56
N PRO A 23 -15.52 10.13 8.88
CA PRO A 23 -14.56 9.20 9.46
C PRO A 23 -14.92 8.79 10.89
N VAL A 24 -15.35 7.55 11.06
CA VAL A 24 -15.73 7.04 12.37
C VAL A 24 -14.63 6.16 12.95
N TYR A 25 -13.67 5.78 12.11
CA TYR A 25 -12.56 4.95 12.54
C TYR A 25 -13.06 3.57 13.00
N THR A 26 -14.22 3.17 12.47
CA THR A 26 -14.80 1.88 12.82
C THR A 26 -14.38 0.80 11.83
N THR A 27 -14.57 -0.45 12.21
CA THR A 27 -14.21 -1.57 11.35
C THR A 27 -14.81 -1.42 9.96
N SER A 28 -16.09 -1.08 9.91
CA SER A 28 -16.79 -0.90 8.64
C SER A 28 -16.02 0.07 7.73
N GLN A 29 -15.69 1.23 8.27
CA GLN A 29 -14.97 2.24 7.52
C GLN A 29 -13.61 1.72 7.07
N VAL A 30 -12.97 0.92 7.93
CA VAL A 30 -11.67 0.35 7.61
C VAL A 30 -11.75 -0.60 6.43
N GLY A 31 -12.65 -1.57 6.52
CA GLY A 31 -12.81 -2.52 5.44
C GLY A 31 -13.16 -1.87 4.11
N GLY A 32 -14.18 -1.02 4.13
CA GLY A 32 -14.60 -0.33 2.93
C GLY A 32 -13.48 0.51 2.33
N LEU A 33 -12.78 1.25 3.17
CA LEU A 33 -11.69 2.11 2.72
C LEU A 33 -10.59 1.27 2.08
N ILE A 34 -10.16 0.24 2.79
CA ILE A 34 -9.11 -0.64 2.29
C ILE A 34 -9.45 -1.18 0.90
N THR A 35 -10.68 -1.65 0.74
CA THR A 35 -11.13 -2.19 -0.54
C THR A 35 -11.12 -1.12 -1.62
N HIS A 36 -11.55 0.09 -1.26
CA HIS A 36 -11.59 1.20 -2.20
C HIS A 36 -10.19 1.50 -2.75
N VAL A 37 -9.24 1.74 -1.85
CA VAL A 37 -7.87 2.03 -2.25
C VAL A 37 -7.25 0.86 -2.98
N LEU A 38 -7.56 -0.35 -2.53
CA LEU A 38 -7.03 -1.56 -3.16
C LEU A 38 -7.41 -1.63 -4.63
N TRP A 39 -8.68 -1.40 -4.93
CA TRP A 39 -9.17 -1.43 -6.30
C TRP A 39 -8.57 -0.29 -7.11
N GLU A 40 -8.50 0.90 -6.51
CA GLU A 40 -7.95 2.07 -7.18
C GLU A 40 -6.50 1.82 -7.59
N ILE A 41 -5.72 1.22 -6.69
CA ILE A 41 -4.32 0.93 -6.96
C ILE A 41 -4.18 -0.11 -8.08
N VAL A 42 -4.92 -1.21 -7.95
CA VAL A 42 -4.87 -2.27 -8.95
C VAL A 42 -5.22 -1.74 -10.33
N GLU A 43 -6.30 -0.96 -10.40
CA GLU A 43 -6.74 -0.39 -11.67
C GLU A 43 -5.70 0.59 -12.21
N MET A 44 -5.13 1.40 -11.32
CA MET A 44 -4.13 2.38 -11.71
C MET A 44 -2.87 1.70 -12.23
N ARG A 45 -2.57 0.52 -11.69
CA ARG A 45 -1.40 -0.24 -12.11
C ARG A 45 -1.61 -0.86 -13.49
N LYS A 46 -2.72 -1.57 -13.65
CA LYS A 46 -3.04 -2.22 -14.92
C LYS A 46 -3.35 -1.18 -16.00
N GLU A 47 -3.85 -0.03 -15.57
CA GLU A 47 -4.20 1.04 -16.49
C GLU A 47 -2.96 1.50 -17.28
N LEU A 48 -1.81 1.48 -16.61
CA LEU A 48 -0.57 1.89 -17.24
C LEU A 48 -0.33 1.13 -18.55
N CYS A 49 -0.69 -0.16 -18.54
CA CYS A 49 -0.51 -1.00 -19.72
C CYS A 49 -1.81 -1.10 -20.51
N ASN A 50 -2.56 0.00 -20.56
CA ASN A 50 -3.83 0.03 -21.28
C ASN A 50 -4.83 -0.92 -20.66
N GLY A 51 -4.80 -1.02 -19.33
CA GLY A 51 -5.72 -1.91 -18.63
C GLY A 51 -5.46 -3.37 -18.94
N ASN A 52 -4.18 -3.76 -18.94
CA ASN A 52 -3.80 -5.14 -19.22
C ASN A 52 -3.50 -5.89 -17.92
N SER A 53 -4.37 -6.82 -17.57
CA SER A 53 -4.21 -7.61 -16.36
C SER A 53 -2.94 -8.47 -16.45
N ASP A 54 -2.57 -8.85 -17.67
CA ASP A 54 -1.38 -9.67 -17.89
C ASP A 54 -0.12 -8.90 -17.54
N CYS A 55 -0.19 -7.57 -17.64
CA CYS A 55 0.95 -6.71 -17.34
C CYS A 55 1.33 -6.81 -15.86
N MET A 56 0.36 -7.16 -15.02
CA MET A 56 0.59 -7.29 -13.59
C MET A 56 1.50 -8.48 -13.30
N ASN A 57 1.15 -9.63 -13.85
CA ASN A 57 1.94 -10.85 -13.65
C ASN A 57 2.90 -11.07 -14.80
N ASN A 58 3.34 -9.98 -15.42
CA ASN A 58 4.27 -10.06 -16.55
C ASN A 58 5.71 -10.01 -16.07
N ASP A 59 6.01 -9.04 -15.20
CA ASP A 59 7.35 -8.90 -14.66
C ASP A 59 7.38 -9.22 -13.17
N ASP A 60 6.41 -10.00 -12.72
CA ASP A 60 6.33 -10.40 -11.32
C ASP A 60 7.25 -11.57 -11.02
N ALA A 61 7.51 -12.38 -12.05
CA ALA A 61 8.39 -13.55 -11.89
C ALA A 61 9.76 -13.14 -11.37
N LEU A 62 10.20 -11.95 -11.77
CA LEU A 62 11.50 -11.44 -11.34
C LEU A 62 11.35 -10.45 -10.19
N ALA A 63 10.19 -9.81 -10.12
CA ALA A 63 9.90 -8.84 -9.06
C ALA A 63 10.17 -9.44 -7.68
N GLU A 64 9.92 -10.74 -7.55
CA GLU A 64 10.13 -11.42 -6.28
C GLU A 64 11.54 -11.18 -5.75
N ASN A 65 12.48 -10.97 -6.66
CA ASN A 65 13.86 -10.71 -6.28
C ASN A 65 14.31 -9.34 -6.75
N ASN A 66 13.35 -8.42 -6.90
CA ASN A 66 13.65 -7.07 -7.34
C ASN A 66 12.80 -6.05 -6.58
N LEU A 67 12.39 -6.42 -5.38
CA LEU A 67 11.57 -5.55 -4.54
C LEU A 67 12.29 -5.21 -3.24
N LYS A 68 12.41 -6.20 -2.37
CA LYS A 68 13.08 -6.00 -1.08
C LYS A 68 12.40 -4.91 -0.27
N LEU A 69 11.12 -4.67 -0.56
CA LEU A 69 10.35 -3.64 0.14
C LEU A 69 9.83 -4.17 1.47
N PRO A 70 9.47 -3.25 2.38
CA PRO A 70 8.95 -3.59 3.70
C PRO A 70 7.56 -4.20 3.63
N GLU A 71 7.50 -5.50 3.35
CA GLU A 71 6.22 -6.21 3.25
C GLU A 71 6.14 -7.31 4.29
N ILE A 72 4.91 -7.76 4.57
CA ILE A 72 4.69 -8.81 5.55
C ILE A 72 4.31 -10.12 4.87
N GLN A 73 4.67 -11.24 5.49
CA GLN A 73 4.37 -12.56 4.94
C GLN A 73 4.69 -13.65 5.95
N ARG A 74 4.24 -13.47 7.18
CA ARG A 74 4.48 -14.44 8.24
C ARG A 74 3.74 -14.07 9.52
N ASN A 75 3.90 -14.88 10.56
CA ASN A 75 3.24 -14.63 11.83
C ASN A 75 1.73 -14.65 11.68
N ASP A 76 1.13 -15.82 11.86
CA ASP A 76 -0.31 -15.97 11.74
C ASP A 76 -0.92 -16.35 13.08
N GLY A 77 -0.33 -15.86 14.17
CA GLY A 77 -0.83 -16.16 15.49
C GLY A 77 -0.65 -15.00 16.45
N CYS A 78 0.26 -15.15 17.40
CA CYS A 78 0.51 -14.11 18.39
C CYS A 78 -0.73 -13.80 19.20
N TYR A 79 -1.38 -14.85 19.72
CA TYR A 79 -2.59 -14.70 20.51
C TYR A 79 -2.38 -15.24 21.93
N GLN A 80 -3.26 -14.84 22.84
CA GLN A 80 -3.19 -15.29 24.22
C GLN A 80 -1.79 -15.05 24.79
N THR A 81 -1.58 -13.87 25.37
CA THR A 81 -0.29 -13.51 25.95
C THR A 81 -0.04 -14.30 27.24
N GLY A 82 1.15 -14.89 27.34
CA GLY A 82 1.50 -15.67 28.51
C GLY A 82 2.95 -16.09 28.52
N TYR A 83 3.18 -17.38 28.76
CA TYR A 83 4.54 -17.91 28.79
C TYR A 83 5.06 -18.17 27.38
N ASN A 84 4.19 -18.68 26.52
CA ASN A 84 4.55 -18.98 25.14
C ASN A 84 4.59 -17.71 24.30
N GLN A 85 5.79 -17.19 24.08
CA GLN A 85 5.97 -15.97 23.30
C GLN A 85 7.42 -15.82 22.85
N GLU A 86 7.69 -14.77 22.09
CA GLU A 86 9.04 -14.51 21.59
C GLU A 86 9.17 -13.08 21.08
N ILE A 87 8.52 -12.80 19.95
CA ILE A 87 8.56 -11.46 19.37
C ILE A 87 7.27 -11.16 18.60
N CYS A 88 6.94 -9.88 18.51
CA CYS A 88 5.73 -9.44 17.81
C CYS A 88 5.65 -7.93 17.75
N LEU A 89 5.81 -7.38 16.55
CA LEU A 89 5.75 -5.94 16.35
C LEU A 89 5.74 -5.59 14.86
N LEU A 90 6.70 -6.15 14.13
CA LEU A 90 6.81 -5.91 12.70
C LEU A 90 7.08 -4.44 12.41
N LYS A 91 7.15 -4.08 11.13
CA LYS A 91 7.40 -2.70 10.73
C LYS A 91 6.40 -2.25 9.67
N ILE A 92 5.13 -2.17 10.05
CA ILE A 92 4.08 -1.76 9.12
C ILE A 92 4.08 -0.25 8.93
N SER A 93 4.48 0.47 9.99
CA SER A 93 4.52 1.93 9.94
C SER A 93 5.49 2.41 8.88
N SER A 94 6.71 1.87 8.91
CA SER A 94 7.75 2.24 7.95
C SER A 94 7.26 2.02 6.52
N GLY A 95 6.77 0.82 6.25
CA GLY A 95 6.28 0.51 4.91
C GLY A 95 5.21 1.47 4.44
N LEU A 96 4.18 1.67 5.28
CA LEU A 96 3.09 2.57 4.94
C LEU A 96 3.62 3.96 4.59
N LEU A 97 4.45 4.51 5.47
CA LEU A 97 5.02 5.83 5.26
C LEU A 97 5.70 5.92 3.89
N GLU A 98 6.55 4.94 3.61
CA GLU A 98 7.27 4.89 2.34
C GLU A 98 6.30 4.95 1.16
N TYR A 99 5.29 4.09 1.19
CA TYR A 99 4.30 4.03 0.13
C TYR A 99 3.66 5.40 -0.08
N HIS A 100 3.26 6.04 1.01
CA HIS A 100 2.63 7.35 0.94
C HIS A 100 3.55 8.35 0.24
N SER A 101 4.80 8.40 0.65
CA SER A 101 5.77 9.32 0.07
C SER A 101 5.98 9.01 -1.41
N TYR A 102 5.88 7.73 -1.77
CA TYR A 102 6.05 7.30 -3.15
C TYR A 102 4.90 7.81 -4.02
N LEU A 103 3.71 7.33 -3.75
CA LEU A 103 2.52 7.73 -4.51
C LEU A 103 2.40 9.25 -4.55
N GLU A 104 2.75 9.90 -3.45
CA GLU A 104 2.68 11.35 -3.36
C GLU A 104 3.70 12.01 -4.31
N TYR A 105 4.93 11.50 -4.29
CA TYR A 105 5.98 12.04 -5.13
C TYR A 105 5.61 11.94 -6.60
N MET A 106 5.07 10.78 -7.00
CA MET A 106 4.67 10.56 -8.38
C MET A 106 3.36 11.29 -8.69
N LYS A 107 2.55 11.50 -7.66
CA LYS A 107 1.27 12.19 -7.82
C LYS A 107 1.49 13.66 -8.16
N ASN A 108 2.57 14.24 -7.64
CA ASN A 108 2.88 15.63 -7.89
C ASN A 108 3.07 15.89 -9.39
N ASN A 109 3.43 14.84 -10.12
CA ASN A 109 3.63 14.95 -11.56
C ASN A 109 3.01 13.77 -12.29
N LEU A 110 1.75 13.91 -12.67
CA LEU A 110 1.04 12.85 -13.38
C LEU A 110 0.06 13.44 -14.39
N LYS A 111 -0.61 12.57 -15.13
CA LYS A 111 -1.58 13.00 -16.13
C LYS A 111 -2.88 13.47 -15.48
N ASP A 112 -3.86 13.80 -16.30
CA ASP A 112 -5.15 14.27 -15.80
C ASP A 112 -5.85 13.17 -15.01
N ASN A 113 -5.95 11.98 -15.61
CA ASN A 113 -6.60 10.85 -14.96
C ASN A 113 -5.73 10.29 -13.83
N LYS A 114 -4.45 10.11 -14.12
CA LYS A 114 -3.51 9.59 -13.14
C LYS A 114 -3.50 10.46 -11.87
N LYS A 115 -3.66 11.76 -12.06
CA LYS A 115 -3.67 12.69 -10.94
C LYS A 115 -4.95 12.54 -10.12
N ASP A 116 -6.08 12.42 -10.81
CA ASP A 116 -7.36 12.27 -10.14
C ASP A 116 -7.37 11.04 -9.25
N LYS A 117 -6.92 9.91 -9.80
CA LYS A 117 -6.87 8.66 -9.05
C LYS A 117 -5.78 8.71 -7.98
N ALA A 118 -4.64 9.28 -8.33
CA ALA A 118 -3.51 9.40 -7.40
C ALA A 118 -3.95 10.10 -6.12
N ARG A 119 -4.70 11.19 -6.27
CA ARG A 119 -5.17 11.95 -5.11
C ARG A 119 -5.96 11.06 -4.15
N VAL A 120 -6.90 10.30 -4.69
CA VAL A 120 -7.71 9.40 -3.88
C VAL A 120 -6.85 8.35 -3.19
N LEU A 121 -5.86 7.85 -3.90
CA LEU A 121 -4.96 6.84 -3.35
C LEU A 121 -4.23 7.37 -2.12
N GLN A 122 -3.64 8.56 -2.26
CA GLN A 122 -2.90 9.18 -1.16
C GLN A 122 -3.82 9.41 0.04
N ARG A 123 -4.98 10.00 -0.21
CA ARG A 123 -5.94 10.27 0.85
C ARG A 123 -6.26 9.00 1.63
N ASP A 124 -6.65 7.95 0.92
CA ASP A 124 -6.98 6.68 1.54
C ASP A 124 -5.83 6.16 2.40
N THR A 125 -4.62 6.23 1.84
CA THR A 125 -3.44 5.77 2.55
C THR A 125 -3.28 6.48 3.88
N GLU A 126 -3.35 7.80 3.86
CA GLU A 126 -3.22 8.60 5.08
C GLU A 126 -4.33 8.26 6.08
N THR A 127 -5.51 7.95 5.54
CA THR A 127 -6.65 7.61 6.38
C THR A 127 -6.41 6.30 7.12
N LEU A 128 -6.13 5.24 6.36
CA LEU A 128 -5.88 3.92 6.94
C LEU A 128 -4.67 3.95 7.88
N ILE A 129 -3.72 4.81 7.56
CA ILE A 129 -2.51 4.95 8.38
C ILE A 129 -2.82 5.64 9.69
N HIS A 130 -3.67 6.66 9.64
CA HIS A 130 -4.05 7.40 10.84
C HIS A 130 -4.89 6.54 11.77
N ILE A 131 -5.80 5.76 11.19
CA ILE A 131 -6.67 4.89 11.97
C ILE A 131 -5.87 3.74 12.60
N PHE A 132 -5.05 3.10 11.80
CA PHE A 132 -4.23 1.98 12.28
C PHE A 132 -3.21 2.46 13.31
N ASN A 133 -2.52 3.55 12.99
CA ASN A 133 -1.52 4.12 13.89
C ASN A 133 -2.16 4.58 15.19
N GLN A 134 -3.34 5.20 15.08
CA GLN A 134 -4.05 5.70 16.26
C GLN A 134 -4.43 4.55 17.19
N GLU A 135 -5.06 3.52 16.62
CA GLU A 135 -5.49 2.37 17.41
C GLU A 135 -4.29 1.68 18.05
N VAL A 136 -3.29 1.36 17.25
CA VAL A 136 -2.08 0.71 17.74
C VAL A 136 -1.40 1.56 18.81
N LYS A 137 -1.12 2.82 18.48
CA LYS A 137 -0.47 3.73 19.41
C LYS A 137 -1.19 3.76 20.74
N ASP A 138 -2.53 3.82 20.70
CA ASP A 138 -3.34 3.84 21.90
C ASP A 138 -3.23 2.53 22.67
N LEU A 139 -3.16 1.43 21.93
CA LEU A 139 -3.05 0.10 22.53
C LEU A 139 -1.68 -0.09 23.17
N HIS A 140 -0.65 0.48 22.55
CA HIS A 140 0.71 0.38 23.06
C HIS A 140 1.53 1.58 22.67
N LYS A 141 1.93 1.63 21.41
CA LYS A 141 2.73 2.75 20.90
C LYS A 141 3.04 2.57 19.42
N ILE A 142 3.85 3.46 18.88
CA ILE A 142 4.23 3.40 17.46
C ILE A 142 5.26 4.47 17.12
N VAL A 143 6.18 4.14 16.22
CA VAL A 143 7.22 5.08 15.80
C VAL A 143 7.68 4.77 14.38
N LEU A 144 8.53 5.64 13.84
CA LEU A 144 9.06 5.47 12.50
C LEU A 144 10.46 6.08 12.37
N PRO A 145 11.25 5.56 11.42
CA PRO A 145 12.61 6.04 11.18
C PRO A 145 12.63 7.44 10.57
N THR A 146 12.55 7.50 9.24
CA THR A 146 12.56 8.78 8.54
C THR A 146 12.49 8.58 7.04
N PRO A 147 11.85 9.53 6.34
CA PRO A 147 11.69 9.47 4.88
C PRO A 147 13.01 9.70 4.16
N ILE A 148 13.53 8.65 3.54
CA ILE A 148 14.79 8.73 2.80
C ILE A 148 14.60 8.36 1.34
N SER A 149 13.67 7.43 1.09
CA SER A 149 13.39 6.98 -0.27
C SER A 149 13.13 8.16 -1.20
N ASN A 150 12.40 9.15 -0.69
CA ASN A 150 12.08 10.34 -1.46
C ASN A 150 13.33 10.93 -2.09
N ALA A 151 14.36 11.13 -1.28
CA ALA A 151 15.62 11.69 -1.76
C ALA A 151 16.17 10.87 -2.93
N LEU A 152 16.19 9.56 -2.77
CA LEU A 152 16.70 8.67 -3.80
C LEU A 152 15.97 8.89 -5.11
N LEU A 153 14.64 8.81 -5.06
CA LEU A 153 13.82 9.00 -6.26
C LEU A 153 14.14 10.34 -6.94
N THR A 154 13.91 11.43 -6.22
CA THR A 154 14.17 12.75 -6.75
C THR A 154 15.60 12.85 -7.30
N ASP A 155 16.51 12.12 -6.69
CA ASP A 155 17.91 12.13 -7.12
C ASP A 155 18.01 11.84 -8.61
N LYS A 156 17.18 10.92 -9.09
CA LYS A 156 17.18 10.54 -10.50
C LYS A 156 18.56 10.07 -10.94
N LEU A 157 18.69 9.76 -12.22
CA LEU A 157 19.96 9.29 -12.77
C LEU A 157 20.39 10.16 -13.96
N GLU A 158 19.69 10.00 -15.07
CA GLU A 158 20.00 10.76 -16.27
C GLU A 158 18.75 10.96 -17.13
N SER A 159 18.20 9.87 -17.64
CA SER A 159 17.01 9.92 -18.48
C SER A 159 17.27 10.73 -19.75
N GLN A 160 18.12 10.18 -20.62
CA GLN A 160 18.44 10.85 -21.87
C GLN A 160 17.19 11.12 -22.70
N LYS A 161 16.57 10.05 -23.20
CA LYS A 161 15.37 10.17 -24.01
C LYS A 161 14.33 9.14 -23.60
N GLU A 162 14.75 7.89 -23.50
CA GLU A 162 13.87 6.80 -23.11
C GLU A 162 13.23 7.08 -21.75
N TRP A 163 12.15 6.36 -21.45
CA TRP A 163 11.46 6.53 -20.17
C TRP A 163 11.00 5.18 -19.62
N LEU A 164 11.58 4.78 -18.51
CA LEU A 164 11.23 3.51 -17.87
C LEU A 164 10.79 3.72 -16.42
N ARG A 165 9.99 4.77 -16.21
CA ARG A 165 9.50 5.09 -14.87
C ARG A 165 8.36 4.15 -14.48
N THR A 166 7.60 3.70 -15.48
CA THR A 166 6.48 2.81 -15.24
C THR A 166 6.89 1.61 -14.39
N LYS A 167 8.18 1.26 -14.46
CA LYS A 167 8.70 0.13 -13.70
C LYS A 167 8.74 0.46 -12.20
N THR A 168 9.63 1.37 -11.82
CA THR A 168 9.75 1.76 -10.42
C THR A 168 8.39 2.08 -9.81
N ILE A 169 7.57 2.81 -10.56
CA ILE A 169 6.24 3.18 -10.09
C ILE A 169 5.37 1.95 -9.87
N GLN A 170 5.29 1.11 -10.90
CA GLN A 170 4.48 -0.11 -10.82
C GLN A 170 4.99 -1.02 -9.71
N PHE A 171 6.27 -0.89 -9.39
CA PHE A 171 6.87 -1.71 -8.33
C PHE A 171 6.41 -1.26 -6.96
N ILE A 172 6.63 0.02 -6.65
CA ILE A 172 6.23 0.57 -5.37
C ILE A 172 4.71 0.48 -5.18
N LEU A 173 3.97 0.79 -6.23
CA LEU A 173 2.52 0.73 -6.19
C LEU A 173 2.02 -0.69 -5.98
N LYS A 174 2.56 -1.62 -6.75
CA LYS A 174 2.18 -3.02 -6.65
C LYS A 174 2.38 -3.54 -5.22
N SER A 175 3.56 -3.27 -4.66
CA SER A 175 3.88 -3.71 -3.31
C SER A 175 2.92 -3.10 -2.30
N LEU A 176 2.61 -1.82 -2.48
CA LEU A 176 1.70 -1.11 -1.59
C LEU A 176 0.36 -1.81 -1.52
N GLU A 177 -0.22 -2.08 -2.68
CA GLU A 177 -1.52 -2.75 -2.75
C GLU A 177 -1.45 -4.13 -2.09
N GLU A 178 -0.52 -4.96 -2.54
CA GLU A 178 -0.36 -6.30 -1.99
C GLU A 178 -0.20 -6.25 -0.47
N PHE A 179 0.70 -5.38 0.00
CA PHE A 179 0.94 -5.23 1.43
C PHE A 179 -0.36 -4.96 2.18
N LEU A 180 -1.11 -3.98 1.70
CA LEU A 180 -2.38 -3.61 2.32
C LEU A 180 -3.33 -4.80 2.38
N LYS A 181 -3.35 -5.59 1.31
CA LYS A 181 -4.20 -6.76 1.23
C LYS A 181 -3.87 -7.76 2.34
N VAL A 182 -2.64 -8.26 2.34
CA VAL A 182 -2.19 -9.21 3.34
C VAL A 182 -2.34 -8.63 4.74
N THR A 183 -2.05 -7.34 4.88
CA THR A 183 -2.15 -6.67 6.16
C THR A 183 -3.56 -6.78 6.74
N LEU A 184 -4.56 -6.47 5.90
CA LEU A 184 -5.94 -6.54 6.33
C LEU A 184 -6.38 -7.99 6.59
N ARG A 185 -5.85 -8.90 5.79
CA ARG A 185 -6.17 -10.32 5.93
C ARG A 185 -5.59 -10.88 7.22
N SER A 186 -4.48 -10.30 7.66
CA SER A 186 -3.82 -10.75 8.88
C SER A 186 -4.49 -10.14 10.11
N THR A 187 -4.66 -8.82 10.09
CA THR A 187 -5.30 -8.12 11.21
C THR A 187 -6.71 -8.61 11.44
N ARG A 188 -7.28 -9.28 10.43
CA ARG A 188 -8.64 -9.80 10.53
C ARG A 188 -8.68 -11.03 11.41
N GLN A 189 -9.86 -11.33 11.96
CA GLN A 189 -10.04 -12.48 12.83
C GLN A 189 -11.49 -12.59 13.30
N THR A 190 -12.24 -13.50 12.68
CA THR A 190 -13.63 -13.70 13.03
C THR A 190 -14.08 -15.13 12.72
N SER A 7 2.18 -16.37 1.71
CA SER A 7 1.68 -15.57 0.59
C SER A 7 0.43 -16.21 0.00
N GLN A 8 -0.73 -15.78 0.48
CA GLN A 8 -2.01 -16.29 0.00
C GLN A 8 -2.96 -15.16 -0.36
N VAL A 9 -2.96 -14.76 -1.62
CA VAL A 9 -3.82 -13.69 -2.08
C VAL A 9 -5.29 -14.07 -1.97
N ARG A 10 -6.07 -13.26 -1.26
CA ARG A 10 -7.49 -13.53 -1.08
C ARG A 10 -8.32 -12.35 -1.57
N ARG A 11 -8.99 -12.54 -2.70
CA ARG A 11 -9.83 -11.48 -3.27
C ARG A 11 -11.06 -11.24 -2.40
N GLY A 12 -11.78 -10.16 -2.69
CA GLY A 12 -12.97 -9.83 -1.93
C GLY A 12 -13.36 -8.37 -2.07
N ASP A 13 -13.37 -7.88 -3.30
CA ASP A 13 -13.72 -6.48 -3.56
C ASP A 13 -15.18 -6.22 -3.21
N PHE A 14 -15.55 -4.95 -3.16
CA PHE A 14 -16.92 -4.56 -2.84
C PHE A 14 -17.54 -3.75 -3.97
N THR A 15 -18.76 -3.26 -3.74
CA THR A 15 -19.46 -2.47 -4.74
C THR A 15 -19.73 -1.06 -4.24
N GLU A 16 -19.88 -0.91 -2.93
CA GLU A 16 -20.15 0.38 -2.31
C GLU A 16 -18.90 0.92 -1.62
N ASP A 17 -18.87 2.23 -1.42
CA ASP A 17 -17.74 2.88 -0.77
C ASP A 17 -18.11 4.27 -0.28
N THR A 18 -19.22 4.37 0.45
CA THR A 18 -19.69 5.65 0.98
C THR A 18 -19.31 5.81 2.44
N THR A 19 -19.30 7.06 2.90
CA THR A 19 -18.95 7.35 4.29
C THR A 19 -19.89 8.40 4.88
N PRO A 20 -19.95 8.44 6.22
CA PRO A 20 -20.80 9.40 6.94
C PRO A 20 -20.30 10.83 6.81
N ASN A 21 -20.93 11.74 7.56
CA ASN A 21 -20.55 13.15 7.53
C ASN A 21 -19.14 13.34 8.09
N ARG A 22 -18.86 12.69 9.22
CA ARG A 22 -17.56 12.79 9.86
C ARG A 22 -16.96 11.40 10.08
N PRO A 23 -15.63 11.35 10.17
CA PRO A 23 -14.90 10.09 10.38
C PRO A 23 -15.11 9.52 11.79
N VAL A 24 -15.60 8.30 11.85
CA VAL A 24 -15.85 7.64 13.13
C VAL A 24 -14.73 6.65 13.47
N TYR A 25 -14.01 6.20 12.44
CA TYR A 25 -12.92 5.26 12.63
C TYR A 25 -13.44 3.92 13.16
N THR A 26 -14.43 3.36 12.46
CA THR A 26 -15.02 2.10 12.86
C THR A 26 -14.59 0.97 11.93
N THR A 27 -14.76 -0.26 12.37
CA THR A 27 -14.39 -1.43 11.58
C THR A 27 -14.99 -1.35 10.18
N SER A 28 -16.29 -1.04 10.11
CA SER A 28 -16.98 -0.94 8.83
C SER A 28 -16.24 0.00 7.88
N GLN A 29 -15.93 1.20 8.37
CA GLN A 29 -15.22 2.19 7.57
C GLN A 29 -13.86 1.66 7.13
N VAL A 30 -13.21 0.92 8.02
CA VAL A 30 -11.90 0.36 7.73
C VAL A 30 -11.96 -0.63 6.58
N GLY A 31 -12.84 -1.62 6.71
CA GLY A 31 -12.98 -2.63 5.66
C GLY A 31 -13.34 -2.01 4.33
N GLY A 32 -14.38 -1.19 4.31
CA GLY A 32 -14.81 -0.56 3.08
C GLY A 32 -13.71 0.27 2.44
N LEU A 33 -13.00 1.04 3.26
CA LEU A 33 -11.92 1.89 2.78
C LEU A 33 -10.80 1.05 2.18
N ILE A 34 -10.37 0.03 2.92
CA ILE A 34 -9.31 -0.85 2.47
C ILE A 34 -9.63 -1.44 1.10
N THR A 35 -10.87 -1.87 0.92
CA THR A 35 -11.30 -2.45 -0.35
C THR A 35 -11.27 -1.42 -1.47
N HIS A 36 -11.74 -0.21 -1.17
CA HIS A 36 -11.77 0.87 -2.15
C HIS A 36 -10.36 1.17 -2.65
N VAL A 37 -9.45 1.46 -1.73
CA VAL A 37 -8.07 1.78 -2.08
C VAL A 37 -7.42 0.61 -2.82
N LEU A 38 -7.74 -0.61 -2.40
CA LEU A 38 -7.19 -1.81 -3.02
C LEU A 38 -7.53 -1.86 -4.51
N TRP A 39 -8.80 -1.63 -4.82
CA TRP A 39 -9.25 -1.65 -6.21
C TRP A 39 -8.61 -0.52 -7.00
N GLU A 40 -8.55 0.66 -6.40
CA GLU A 40 -7.97 1.83 -7.05
C GLU A 40 -6.50 1.58 -7.38
N ILE A 41 -5.77 1.03 -6.42
CA ILE A 41 -4.35 0.73 -6.60
C ILE A 41 -4.14 -0.25 -7.74
N VAL A 42 -4.87 -1.35 -7.71
CA VAL A 42 -4.76 -2.37 -8.74
C VAL A 42 -4.99 -1.78 -10.14
N GLU A 43 -6.16 -1.19 -10.33
CA GLU A 43 -6.50 -0.59 -11.61
C GLU A 43 -5.46 0.45 -12.03
N MET A 44 -4.97 1.21 -11.05
CA MET A 44 -3.96 2.23 -11.30
C MET A 44 -2.64 1.59 -11.75
N ARG A 45 -2.37 0.41 -11.23
CA ARG A 45 -1.13 -0.31 -11.57
C ARG A 45 -1.19 -0.83 -13.00
N LYS A 46 -2.27 -1.54 -13.32
CA LYS A 46 -2.45 -2.11 -14.65
C LYS A 46 -2.72 -1.01 -15.68
N GLU A 47 -3.32 0.09 -15.22
CA GLU A 47 -3.64 1.21 -16.10
C GLU A 47 -2.39 1.68 -16.84
N LEU A 48 -1.25 1.64 -16.17
CA LEU A 48 0.01 2.06 -16.77
C LEU A 48 0.37 1.19 -17.97
N CYS A 49 -0.05 -0.07 -17.91
CA CYS A 49 0.21 -1.02 -18.98
C CYS A 49 -0.96 -1.10 -19.95
N ASN A 50 -1.62 0.04 -20.16
CA ASN A 50 -2.77 0.10 -21.06
C ASN A 50 -3.87 -0.84 -20.60
N GLY A 51 -4.01 -0.98 -19.28
CA GLY A 51 -5.03 -1.85 -18.74
C GLY A 51 -4.92 -3.28 -19.23
N ASN A 52 -3.68 -3.80 -19.23
CA ASN A 52 -3.44 -5.16 -19.69
C ASN A 52 -3.30 -6.11 -18.50
N SER A 53 -4.27 -7.01 -18.35
CA SER A 53 -4.27 -7.97 -17.27
C SER A 53 -3.06 -8.90 -17.36
N ASP A 54 -2.59 -9.12 -18.58
CA ASP A 54 -1.44 -9.99 -18.81
C ASP A 54 -0.16 -9.34 -18.28
N CYS A 55 -0.15 -8.01 -18.24
CA CYS A 55 1.01 -7.27 -17.76
C CYS A 55 1.21 -7.48 -16.26
N MET A 56 0.12 -7.78 -15.56
CA MET A 56 0.17 -8.01 -14.12
C MET A 56 0.86 -9.33 -13.80
N ASN A 57 0.61 -10.34 -14.64
CA ASN A 57 1.21 -11.66 -14.45
C ASN A 57 2.40 -11.86 -15.39
N ASN A 58 3.06 -10.75 -15.74
CA ASN A 58 4.22 -10.80 -16.62
C ASN A 58 5.51 -10.68 -15.83
N ASP A 59 5.53 -9.75 -14.87
CA ASP A 59 6.70 -9.53 -14.04
C ASP A 59 6.43 -9.96 -12.60
N ASP A 60 5.46 -10.83 -12.42
CA ASP A 60 5.10 -11.32 -11.09
C ASP A 60 5.67 -12.71 -10.85
N ALA A 61 6.85 -12.96 -11.36
CA ALA A 61 7.52 -14.25 -11.20
C ALA A 61 8.83 -14.11 -10.45
N LEU A 62 9.51 -12.99 -10.65
CA LEU A 62 10.78 -12.73 -9.99
C LEU A 62 10.69 -11.50 -9.09
N ALA A 63 9.98 -10.48 -9.56
CA ALA A 63 9.80 -9.26 -8.79
C ALA A 63 9.25 -9.55 -7.40
N GLU A 64 8.40 -10.58 -7.31
CA GLU A 64 7.79 -10.96 -6.05
C GLU A 64 8.86 -11.28 -5.00
N ASN A 65 10.03 -11.69 -5.47
CA ASN A 65 11.14 -12.03 -4.59
C ASN A 65 12.41 -11.29 -4.98
N ASN A 66 12.24 -10.01 -5.34
CA ASN A 66 13.38 -9.19 -5.74
C ASN A 66 13.11 -7.72 -5.44
N LEU A 67 12.31 -7.47 -4.41
CA LEU A 67 11.97 -6.10 -4.01
C LEU A 67 12.89 -5.61 -2.89
N LYS A 68 13.38 -4.39 -3.03
CA LYS A 68 14.27 -3.80 -2.04
C LYS A 68 13.49 -3.40 -0.78
N LEU A 69 12.19 -3.16 -0.95
CA LEU A 69 11.34 -2.77 0.17
C LEU A 69 10.98 -3.97 1.04
N PRO A 70 10.68 -3.71 2.32
CA PRO A 70 10.32 -4.76 3.27
C PRO A 70 8.96 -5.37 2.98
N GLU A 71 8.72 -6.57 3.51
CA GLU A 71 7.45 -7.26 3.31
C GLU A 71 7.08 -8.10 4.52
N ILE A 72 5.86 -7.92 5.01
CA ILE A 72 5.39 -8.66 6.16
C ILE A 72 5.59 -10.16 5.98
N GLN A 73 6.10 -10.81 7.03
CA GLN A 73 6.34 -12.25 6.99
C GLN A 73 5.91 -12.91 8.28
N ARG A 74 5.64 -14.22 8.22
CA ARG A 74 5.21 -14.97 9.38
C ARG A 74 6.27 -14.92 10.48
N ASN A 75 5.89 -14.40 11.65
CA ASN A 75 6.81 -14.29 12.77
C ASN A 75 6.09 -13.74 14.01
N ASP A 76 6.77 -13.76 15.15
CA ASP A 76 6.20 -13.27 16.39
C ASP A 76 7.28 -13.10 17.45
N GLY A 77 6.95 -12.36 18.51
CA GLY A 77 7.91 -12.13 19.58
C GLY A 77 7.36 -11.20 20.65
N CYS A 78 8.18 -10.93 21.66
CA CYS A 78 7.77 -10.07 22.76
C CYS A 78 6.53 -10.62 23.46
N TYR A 79 6.74 -11.54 24.39
CA TYR A 79 5.64 -12.14 25.13
C TYR A 79 5.96 -12.25 26.61
N GLN A 80 7.20 -12.66 26.90
CA GLN A 80 7.64 -12.82 28.28
C GLN A 80 8.99 -12.13 28.50
N THR A 81 9.49 -12.19 29.73
CA THR A 81 10.76 -11.58 30.06
C THR A 81 11.93 -12.34 29.45
N GLY A 82 13.07 -11.66 29.31
CA GLY A 82 14.23 -12.30 28.74
C GLY A 82 15.31 -11.31 28.34
N TYR A 83 16.48 -11.81 27.98
CA TYR A 83 17.60 -10.96 27.59
C TYR A 83 17.87 -11.08 26.09
N ASN A 84 16.83 -11.39 25.32
CA ASN A 84 16.96 -11.54 23.88
C ASN A 84 16.71 -10.21 23.18
N GLN A 85 16.91 -10.19 21.86
CA GLN A 85 16.70 -8.99 21.07
C GLN A 85 15.23 -8.56 21.11
N GLU A 86 14.34 -9.51 20.87
CA GLU A 86 12.91 -9.23 20.88
C GLU A 86 12.56 -8.14 19.86
N ILE A 87 12.18 -8.56 18.66
CA ILE A 87 11.82 -7.63 17.61
C ILE A 87 10.62 -6.78 18.01
N CYS A 88 9.70 -7.38 18.76
CA CYS A 88 8.51 -6.68 19.21
C CYS A 88 7.74 -6.08 18.03
N LEU A 89 6.73 -5.29 18.33
CA LEU A 89 5.92 -4.65 17.29
C LEU A 89 6.77 -3.76 16.40
N LEU A 90 6.53 -3.83 15.10
CA LEU A 90 7.27 -3.03 14.13
C LEU A 90 6.70 -3.20 12.74
N LYS A 91 7.43 -2.68 11.75
CA LYS A 91 7.00 -2.77 10.35
C LYS A 91 5.69 -2.03 10.14
N ILE A 92 5.10 -2.21 8.96
CA ILE A 92 3.84 -1.56 8.62
C ILE A 92 4.03 -0.07 8.41
N SER A 93 4.33 0.64 9.50
CA SER A 93 4.54 2.08 9.44
C SER A 93 5.53 2.44 8.34
N SER A 94 6.68 1.78 8.34
CA SER A 94 7.71 2.03 7.34
C SER A 94 7.17 1.82 5.92
N GLY A 95 6.56 0.66 5.70
CA GLY A 95 6.00 0.37 4.39
C GLY A 95 4.96 1.38 3.96
N LEU A 96 3.98 1.62 4.82
CA LEU A 96 2.92 2.57 4.51
C LEU A 96 3.48 3.97 4.30
N LEU A 97 4.53 4.29 5.05
CA LEU A 97 5.18 5.60 4.95
C LEU A 97 5.79 5.80 3.58
N GLU A 98 6.56 4.82 3.12
CA GLU A 98 7.20 4.89 1.81
C GLU A 98 6.16 4.97 0.70
N TYR A 99 5.21 4.03 0.72
CA TYR A 99 4.17 3.99 -0.29
C TYR A 99 3.42 5.32 -0.35
N HIS A 100 3.14 5.89 0.82
CA HIS A 100 2.44 7.17 0.89
C HIS A 100 3.24 8.28 0.23
N SER A 101 4.55 8.31 0.51
CA SER A 101 5.43 9.32 -0.05
C SER A 101 5.57 9.13 -1.56
N TYR A 102 5.43 7.90 -2.02
CA TYR A 102 5.55 7.60 -3.45
C TYR A 102 4.32 8.09 -4.21
N LEU A 103 3.15 7.66 -3.78
CA LEU A 103 1.89 8.06 -4.41
C LEU A 103 1.71 9.58 -4.35
N GLU A 104 2.00 10.15 -3.19
CA GLU A 104 1.88 11.59 -3.00
C GLU A 104 2.90 12.35 -3.84
N TYR A 105 4.07 11.74 -4.02
CA TYR A 105 5.14 12.35 -4.79
C TYR A 105 4.76 12.45 -6.26
N MET A 106 4.29 11.35 -6.83
CA MET A 106 3.87 11.32 -8.23
C MET A 106 2.67 12.21 -8.46
N LYS A 107 1.71 12.16 -7.54
CA LYS A 107 0.50 12.96 -7.64
C LYS A 107 0.84 14.45 -7.69
N ASN A 108 1.96 14.82 -7.08
CA ASN A 108 2.39 16.21 -7.05
C ASN A 108 2.61 16.73 -8.47
N ASN A 109 2.88 15.82 -9.40
CA ASN A 109 3.10 16.19 -10.79
C ASN A 109 2.74 15.05 -11.73
N LEU A 110 1.44 14.79 -11.85
CA LEU A 110 0.96 13.72 -12.72
C LEU A 110 0.05 14.27 -13.81
N LYS A 111 -0.42 13.39 -14.69
CA LYS A 111 -1.30 13.78 -15.77
C LYS A 111 -2.62 14.33 -15.23
N ASP A 112 -3.54 14.64 -16.13
CA ASP A 112 -4.85 15.17 -15.75
C ASP A 112 -5.66 14.12 -15.01
N ASN A 113 -5.76 12.93 -15.61
CA ASN A 113 -6.52 11.83 -15.00
C ASN A 113 -5.74 11.20 -13.86
N LYS A 114 -4.45 10.97 -14.08
CA LYS A 114 -3.59 10.36 -13.07
C LYS A 114 -3.62 11.18 -11.78
N LYS A 115 -3.78 12.50 -11.92
CA LYS A 115 -3.82 13.38 -10.77
C LYS A 115 -5.12 13.19 -9.98
N ASP A 116 -6.22 13.05 -10.70
CA ASP A 116 -7.53 12.86 -10.07
C ASP A 116 -7.59 11.53 -9.35
N LYS A 117 -6.98 10.50 -9.95
CA LYS A 117 -6.96 9.16 -9.36
C LYS A 117 -5.96 9.09 -8.22
N ALA A 118 -4.75 9.59 -8.46
CA ALA A 118 -3.70 9.59 -7.46
C ALA A 118 -4.15 10.31 -6.19
N ARG A 119 -4.73 11.48 -6.36
CA ARG A 119 -5.20 12.27 -5.23
C ARG A 119 -6.12 11.45 -4.33
N VAL A 120 -7.11 10.81 -4.94
CA VAL A 120 -8.07 9.98 -4.21
C VAL A 120 -7.36 8.84 -3.49
N LEU A 121 -6.47 8.16 -4.20
CA LEU A 121 -5.72 7.04 -3.62
C LEU A 121 -4.92 7.49 -2.41
N GLN A 122 -4.29 8.65 -2.52
CA GLN A 122 -3.48 9.19 -1.43
C GLN A 122 -4.34 9.43 -0.20
N ARG A 123 -5.47 10.12 -0.38
CA ARG A 123 -6.38 10.41 0.72
C ARG A 123 -6.79 9.13 1.44
N ASP A 124 -7.25 8.15 0.69
CA ASP A 124 -7.67 6.87 1.25
C ASP A 124 -6.55 6.24 2.08
N THR A 125 -5.37 6.16 1.46
CA THR A 125 -4.22 5.57 2.14
C THR A 125 -3.91 6.29 3.44
N GLU A 126 -3.83 7.62 3.38
CA GLU A 126 -3.55 8.42 4.56
C GLU A 126 -4.54 8.13 5.67
N THR A 127 -5.80 7.93 5.30
CA THR A 127 -6.85 7.64 6.26
C THR A 127 -6.61 6.30 6.95
N LEU A 128 -6.38 5.26 6.16
CA LEU A 128 -6.13 3.93 6.68
C LEU A 128 -4.86 3.90 7.51
N ILE A 129 -3.90 4.74 7.15
CA ILE A 129 -2.63 4.82 7.86
C ILE A 129 -2.80 5.49 9.22
N HIS A 130 -3.63 6.53 9.26
CA HIS A 130 -3.88 7.26 10.49
C HIS A 130 -4.68 6.41 11.47
N ILE A 131 -5.66 5.68 10.94
CA ILE A 131 -6.51 4.82 11.77
C ILE A 131 -5.72 3.64 12.32
N PHE A 132 -4.97 2.97 11.45
CA PHE A 132 -4.16 1.83 11.84
C PHE A 132 -3.09 2.23 12.84
N ASN A 133 -2.39 3.32 12.53
CA ASN A 133 -1.32 3.81 13.39
C ASN A 133 -1.89 4.27 14.74
N GLN A 134 -3.04 4.92 14.69
CA GLN A 134 -3.68 5.42 15.90
C GLN A 134 -4.02 4.26 16.85
N GLU A 135 -4.73 3.27 16.33
CA GLU A 135 -5.14 2.11 17.12
C GLU A 135 -3.90 1.40 17.67
N VAL A 136 -2.97 1.07 16.79
CA VAL A 136 -1.74 0.37 17.19
C VAL A 136 -0.96 1.19 18.21
N LYS A 137 -0.97 2.51 18.04
CA LYS A 137 -0.26 3.40 18.95
C LYS A 137 -0.92 3.43 20.32
N ASP A 138 -2.25 3.33 20.33
CA ASP A 138 -3.01 3.33 21.58
C ASP A 138 -2.81 2.02 22.33
N LEU A 139 -2.74 0.92 21.58
CA LEU A 139 -2.55 -0.40 22.19
C LEU A 139 -1.10 -0.62 22.58
N HIS A 140 -0.21 -0.52 21.60
CA HIS A 140 1.22 -0.72 21.85
C HIS A 140 2.02 0.51 21.42
N LYS A 141 3.33 0.38 21.40
CA LYS A 141 4.21 1.48 21.01
C LYS A 141 4.67 1.32 19.57
N ILE A 142 5.37 2.33 19.06
CA ILE A 142 5.87 2.31 17.69
C ILE A 142 6.71 3.54 17.39
N VAL A 143 7.73 3.36 16.54
CA VAL A 143 8.61 4.46 16.17
C VAL A 143 9.03 4.35 14.72
N LEU A 144 9.80 5.34 14.25
CA LEU A 144 10.27 5.35 12.87
C LEU A 144 11.19 6.54 12.63
N PRO A 145 12.28 6.30 11.89
CA PRO A 145 13.27 7.35 11.56
C PRO A 145 12.70 8.38 10.58
N THR A 146 12.81 8.07 9.29
CA THR A 146 12.32 8.97 8.25
C THR A 146 12.57 8.39 6.86
N PRO A 147 11.67 8.69 5.92
CA PRO A 147 11.77 8.22 4.53
C PRO A 147 12.91 8.88 3.78
N ILE A 148 13.60 8.12 2.95
CA ILE A 148 14.72 8.63 2.17
C ILE A 148 14.43 8.56 0.67
N SER A 149 13.48 7.71 0.30
CA SER A 149 13.10 7.54 -1.10
C SER A 149 12.79 8.88 -1.74
N ASN A 150 12.17 9.77 -0.97
CA ASN A 150 11.81 11.10 -1.45
C ASN A 150 13.02 11.79 -2.08
N ALA A 151 14.13 11.80 -1.36
CA ALA A 151 15.36 12.44 -1.84
C ALA A 151 15.83 11.77 -3.13
N LEU A 152 15.76 10.44 -3.18
CA LEU A 152 16.18 9.69 -4.35
C LEU A 152 15.41 10.14 -5.59
N LEU A 153 14.10 9.92 -5.58
CA LEU A 153 13.25 10.30 -6.70
C LEU A 153 13.47 11.76 -7.07
N THR A 154 13.31 12.65 -6.10
CA THR A 154 13.49 14.08 -6.34
C THR A 154 14.87 14.37 -6.93
N ASP A 155 15.85 13.57 -6.55
CA ASP A 155 17.21 13.73 -7.05
C ASP A 155 17.33 13.26 -8.49
N LYS A 156 16.46 12.32 -8.87
CA LYS A 156 16.46 11.79 -10.23
C LYS A 156 15.74 12.73 -11.18
N LEU A 157 16.19 12.75 -12.44
CA LEU A 157 15.58 13.62 -13.45
C LEU A 157 14.16 13.15 -13.78
N GLU A 158 13.57 13.75 -14.80
CA GLU A 158 12.21 13.40 -15.22
C GLU A 158 11.90 13.97 -16.60
N SER A 159 10.70 13.70 -17.08
CA SER A 159 10.28 14.19 -18.39
C SER A 159 11.16 13.62 -19.50
N GLN A 160 10.75 13.82 -20.74
CA GLN A 160 11.52 13.33 -21.89
C GLN A 160 11.64 11.82 -21.85
N LYS A 161 12.33 11.25 -22.83
CA LYS A 161 12.53 9.81 -22.91
C LYS A 161 13.87 9.42 -22.32
N GLU A 162 13.91 9.24 -21.00
CA GLU A 162 15.14 8.85 -20.32
C GLU A 162 14.83 8.21 -18.97
N TRP A 163 15.45 7.06 -18.71
CA TRP A 163 15.25 6.34 -17.46
C TRP A 163 13.80 5.90 -17.33
N LEU A 164 13.52 4.66 -17.70
CA LEU A 164 12.17 4.12 -17.62
C LEU A 164 11.60 4.26 -16.21
N ARG A 165 10.68 5.20 -16.05
CA ARG A 165 10.06 5.45 -14.75
C ARG A 165 8.98 4.41 -14.46
N THR A 166 8.39 3.87 -15.51
CA THR A 166 7.33 2.87 -15.37
C THR A 166 7.79 1.73 -14.45
N LYS A 167 9.09 1.52 -14.38
CA LYS A 167 9.65 0.47 -13.54
C LYS A 167 9.49 0.81 -12.06
N THR A 168 10.23 1.83 -11.61
CA THR A 168 10.16 2.25 -10.22
C THR A 168 8.73 2.42 -9.76
N ILE A 169 7.90 3.05 -10.60
CA ILE A 169 6.50 3.26 -10.26
C ILE A 169 5.76 1.94 -10.13
N GLN A 170 5.97 1.05 -11.09
CA GLN A 170 5.33 -0.26 -11.08
C GLN A 170 5.75 -1.07 -9.86
N PHE A 171 6.99 -0.86 -9.42
CA PHE A 171 7.52 -1.57 -8.26
C PHE A 171 6.84 -1.10 -6.98
N ILE A 172 6.88 0.20 -6.74
CA ILE A 172 6.26 0.77 -5.55
C ILE A 172 4.77 0.50 -5.52
N LEU A 173 4.14 0.52 -6.68
CA LEU A 173 2.71 0.27 -6.78
C LEU A 173 2.37 -1.18 -6.42
N LYS A 174 3.02 -2.12 -7.10
CA LYS A 174 2.80 -3.54 -6.83
C LYS A 174 3.04 -3.86 -5.37
N SER A 175 4.14 -3.35 -4.83
CA SER A 175 4.49 -3.59 -3.43
C SER A 175 3.41 -3.03 -2.50
N LEU A 176 2.96 -1.83 -2.79
CA LEU A 176 1.93 -1.18 -1.98
C LEU A 176 0.68 -2.04 -1.91
N GLU A 177 0.19 -2.47 -3.07
CA GLU A 177 -1.00 -3.30 -3.14
C GLU A 177 -0.81 -4.59 -2.33
N GLU A 178 0.22 -5.35 -2.67
CA GLU A 178 0.51 -6.60 -1.99
C GLU A 178 0.61 -6.38 -0.48
N PHE A 179 1.39 -5.37 -0.09
CA PHE A 179 1.58 -5.06 1.32
C PHE A 179 0.25 -4.78 2.00
N LEU A 180 -0.57 -3.95 1.38
CA LEU A 180 -1.87 -3.60 1.93
C LEU A 180 -2.69 -4.85 2.20
N LYS A 181 -2.80 -5.72 1.21
CA LYS A 181 -3.55 -6.95 1.34
C LYS A 181 -3.03 -7.78 2.51
N VAL A 182 -1.72 -7.97 2.57
CA VAL A 182 -1.10 -8.73 3.63
C VAL A 182 -1.37 -8.11 5.00
N THR A 183 -1.24 -6.79 5.07
CA THR A 183 -1.47 -6.06 6.31
C THR A 183 -2.89 -6.31 6.84
N LEU A 184 -3.87 -6.21 5.95
CA LEU A 184 -5.26 -6.43 6.34
C LEU A 184 -5.48 -7.86 6.80
N ARG A 185 -5.00 -8.82 6.01
CA ARG A 185 -5.15 -10.24 6.35
C ARG A 185 -4.42 -10.55 7.65
N SER A 186 -3.33 -9.85 7.91
CA SER A 186 -2.55 -10.06 9.12
C SER A 186 -3.30 -9.57 10.35
N THR A 187 -3.76 -8.32 10.28
CA THR A 187 -4.49 -7.72 11.39
C THR A 187 -5.81 -8.46 11.65
N ARG A 188 -6.32 -9.12 10.61
CA ARG A 188 -7.57 -9.86 10.72
C ARG A 188 -7.34 -11.22 11.39
N GLN A 189 -8.43 -11.85 11.81
CA GLN A 189 -8.35 -13.15 12.47
C GLN A 189 -9.73 -13.66 12.82
N THR A 190 -10.23 -14.60 12.02
CA THR A 190 -11.55 -15.18 12.25
C THR A 190 -11.45 -16.56 12.88
N SER A 7 -8.79 -22.19 -8.19
CA SER A 7 -9.11 -21.34 -9.34
C SER A 7 -9.47 -19.93 -8.90
N GLN A 8 -9.42 -18.99 -9.83
CA GLN A 8 -9.74 -17.60 -9.54
C GLN A 8 -10.92 -17.13 -10.38
N VAL A 9 -12.13 -17.35 -9.87
CA VAL A 9 -13.33 -16.95 -10.57
C VAL A 9 -14.31 -16.26 -9.62
N ARG A 10 -14.76 -15.06 -10.00
CA ARG A 10 -15.70 -14.31 -9.19
C ARG A 10 -16.15 -13.03 -9.92
N ARG A 11 -17.46 -12.86 -10.04
CA ARG A 11 -18.02 -11.69 -10.71
C ARG A 11 -17.60 -10.41 -10.01
N GLY A 12 -17.87 -9.28 -10.65
CA GLY A 12 -17.51 -7.99 -10.08
C GLY A 12 -18.67 -7.02 -10.07
N ASP A 13 -19.39 -6.94 -11.18
CA ASP A 13 -20.53 -6.05 -11.29
C ASP A 13 -20.12 -4.61 -11.02
N PHE A 14 -21.08 -3.69 -11.09
CA PHE A 14 -20.82 -2.28 -10.84
C PHE A 14 -20.19 -2.07 -9.46
N THR A 15 -19.28 -1.11 -9.38
CA THR A 15 -18.60 -0.82 -8.12
C THR A 15 -18.65 0.67 -7.81
N GLU A 16 -19.40 1.42 -8.62
CA GLU A 16 -19.53 2.86 -8.43
C GLU A 16 -20.32 3.17 -7.16
N ASP A 17 -19.97 4.27 -6.51
CA ASP A 17 -20.64 4.68 -5.28
C ASP A 17 -20.05 5.98 -4.74
N THR A 18 -20.62 7.10 -5.18
CA THR A 18 -20.14 8.42 -4.74
C THR A 18 -20.63 8.73 -3.33
N THR A 19 -19.74 8.57 -2.35
CA THR A 19 -20.08 8.83 -0.97
C THR A 19 -18.94 9.55 -0.26
N PRO A 20 -19.26 10.22 0.86
CA PRO A 20 -18.27 10.96 1.67
C PRO A 20 -17.30 10.02 2.38
N ASN A 21 -16.34 10.61 3.08
CA ASN A 21 -15.35 9.84 3.81
C ASN A 21 -15.90 9.38 5.17
N ARG A 22 -16.39 10.33 5.95
CA ARG A 22 -16.96 10.03 7.26
C ARG A 22 -15.98 9.22 8.09
N PRO A 23 -14.92 9.87 8.58
CA PRO A 23 -13.89 9.23 9.41
C PRO A 23 -14.41 8.84 10.79
N VAL A 24 -15.07 7.69 10.85
CA VAL A 24 -15.61 7.18 12.10
C VAL A 24 -14.60 6.31 12.84
N TYR A 25 -13.59 5.84 12.10
CA TYR A 25 -12.56 4.98 12.69
C TYR A 25 -13.15 3.67 13.17
N THR A 26 -14.13 3.15 12.43
CA THR A 26 -14.77 1.90 12.79
C THR A 26 -14.40 0.78 11.82
N THR A 27 -14.58 -0.46 12.26
CA THR A 27 -14.25 -1.62 11.42
C THR A 27 -14.91 -1.50 10.04
N SER A 28 -16.20 -1.19 10.04
CA SER A 28 -16.95 -1.06 8.79
C SER A 28 -16.26 -0.07 7.86
N GLN A 29 -15.96 1.13 8.37
CA GLN A 29 -15.30 2.16 7.58
C GLN A 29 -13.93 1.69 7.10
N VAL A 30 -13.22 0.97 7.98
CA VAL A 30 -11.89 0.46 7.63
C VAL A 30 -11.96 -0.53 6.48
N GLY A 31 -12.80 -1.55 6.64
CA GLY A 31 -12.94 -2.56 5.61
C GLY A 31 -13.33 -1.96 4.27
N GLY A 32 -14.38 -1.15 4.26
CA GLY A 32 -14.83 -0.53 3.03
C GLY A 32 -13.77 0.34 2.39
N LEU A 33 -13.07 1.12 3.20
CA LEU A 33 -12.02 2.01 2.72
C LEU A 33 -10.87 1.20 2.12
N ILE A 34 -10.39 0.21 2.88
CA ILE A 34 -9.30 -0.64 2.42
C ILE A 34 -9.61 -1.26 1.06
N THR A 35 -10.83 -1.76 0.91
CA THR A 35 -11.25 -2.38 -0.34
C THR A 35 -11.28 -1.36 -1.47
N HIS A 36 -11.81 -0.16 -1.18
CA HIS A 36 -11.90 0.89 -2.17
C HIS A 36 -10.51 1.26 -2.70
N VAL A 37 -9.60 1.60 -1.79
CA VAL A 37 -8.25 1.97 -2.17
C VAL A 37 -7.54 0.82 -2.88
N LEU A 38 -7.82 -0.40 -2.45
CA LEU A 38 -7.22 -1.59 -3.05
C LEU A 38 -7.57 -1.69 -4.53
N TRP A 39 -8.85 -1.53 -4.85
CA TRP A 39 -9.31 -1.60 -6.23
C TRP A 39 -8.75 -0.45 -7.05
N GLU A 40 -8.73 0.74 -6.46
CA GLU A 40 -8.22 1.92 -7.15
C GLU A 40 -6.74 1.75 -7.49
N ILE A 41 -5.98 1.20 -6.54
CA ILE A 41 -4.56 0.99 -6.74
C ILE A 41 -4.30 -0.04 -7.84
N VAL A 42 -5.04 -1.15 -7.79
CA VAL A 42 -4.90 -2.21 -8.77
C VAL A 42 -5.20 -1.69 -10.17
N GLU A 43 -6.27 -0.92 -10.30
CA GLU A 43 -6.66 -0.35 -11.60
C GLU A 43 -5.68 0.71 -12.05
N MET A 44 -5.28 1.57 -11.11
CA MET A 44 -4.34 2.65 -11.41
C MET A 44 -2.97 2.07 -11.78
N ARG A 45 -2.63 0.93 -11.19
CA ARG A 45 -1.35 0.30 -11.47
C ARG A 45 -1.36 -0.39 -12.83
N LYS A 46 -2.37 -1.20 -13.07
CA LYS A 46 -2.50 -1.91 -14.34
C LYS A 46 -2.80 -0.94 -15.48
N GLU A 47 -3.46 0.17 -15.16
CA GLU A 47 -3.80 1.17 -16.15
C GLU A 47 -2.55 1.65 -16.89
N LEU A 48 -1.46 1.81 -16.16
CA LEU A 48 -0.20 2.25 -16.75
C LEU A 48 0.20 1.37 -17.92
N CYS A 49 -0.18 0.10 -17.85
CA CYS A 49 0.13 -0.85 -18.91
C CYS A 49 -1.03 -0.98 -19.90
N ASN A 50 -1.76 0.11 -20.09
CA ASN A 50 -2.89 0.12 -21.00
C ASN A 50 -3.92 -0.93 -20.59
N GLY A 51 -3.99 -1.21 -19.29
CA GLY A 51 -4.93 -2.19 -18.79
C GLY A 51 -4.74 -3.55 -19.42
N ASN A 52 -3.49 -3.98 -19.51
CA ASN A 52 -3.16 -5.28 -20.09
C ASN A 52 -2.90 -6.32 -19.00
N SER A 53 -3.72 -7.36 -18.96
CA SER A 53 -3.58 -8.41 -17.97
C SER A 53 -2.21 -9.09 -18.08
N ASP A 54 -1.64 -9.05 -19.28
CA ASP A 54 -0.34 -9.65 -19.52
C ASP A 54 0.75 -8.93 -18.73
N CYS A 55 0.66 -7.60 -18.68
CA CYS A 55 1.63 -6.78 -17.96
C CYS A 55 1.64 -7.13 -16.48
N MET A 56 0.47 -7.47 -15.95
CA MET A 56 0.33 -7.82 -14.55
C MET A 56 1.15 -9.07 -14.22
N ASN A 57 1.04 -10.08 -15.07
CA ASN A 57 1.78 -11.33 -14.88
C ASN A 57 2.96 -11.42 -15.82
N ASN A 58 3.48 -10.27 -16.23
CA ASN A 58 4.62 -10.21 -17.13
C ASN A 58 5.93 -10.35 -16.36
N ASP A 59 6.18 -9.40 -15.46
CA ASP A 59 7.40 -9.41 -14.67
C ASP A 59 7.10 -9.77 -13.21
N ASP A 60 6.01 -10.52 -13.02
CA ASP A 60 5.60 -10.93 -11.68
C ASP A 60 6.07 -12.36 -11.39
N ALA A 61 7.16 -12.76 -12.03
CA ALA A 61 7.70 -14.10 -11.85
C ALA A 61 9.01 -14.05 -11.05
N LEU A 62 9.74 -12.96 -11.20
CA LEU A 62 11.00 -12.79 -10.49
C LEU A 62 10.95 -11.58 -9.57
N ALA A 63 10.18 -10.58 -9.95
CA ALA A 63 10.04 -9.36 -9.16
C ALA A 63 9.46 -9.68 -7.78
N GLU A 64 8.60 -10.69 -7.72
CA GLU A 64 7.97 -11.09 -6.47
C GLU A 64 9.03 -11.34 -5.39
N ASN A 65 10.20 -11.82 -5.80
CA ASN A 65 11.28 -12.10 -4.88
C ASN A 65 12.52 -11.29 -5.24
N ASN A 66 12.31 -10.13 -5.87
CA ASN A 66 13.41 -9.26 -6.27
C ASN A 66 13.07 -7.81 -6.00
N LEU A 67 12.22 -7.57 -5.02
CA LEU A 67 11.80 -6.21 -4.66
C LEU A 67 12.68 -5.67 -3.54
N LYS A 68 13.16 -4.44 -3.72
CA LYS A 68 14.00 -3.79 -2.72
C LYS A 68 13.20 -3.44 -1.47
N LEU A 69 11.89 -3.24 -1.65
CA LEU A 69 11.02 -2.91 -0.53
C LEU A 69 10.66 -4.15 0.28
N PRO A 70 10.33 -3.94 1.57
CA PRO A 70 9.96 -5.03 2.48
C PRO A 70 8.61 -5.65 2.12
N GLU A 71 8.46 -6.93 2.42
CA GLU A 71 7.21 -7.64 2.13
C GLU A 71 6.95 -8.72 3.17
N ILE A 72 5.79 -8.65 3.82
CA ILE A 72 5.42 -9.62 4.84
C ILE A 72 5.49 -11.04 4.28
N GLN A 73 6.34 -11.86 4.90
CA GLN A 73 6.51 -13.24 4.47
C GLN A 73 7.13 -14.08 5.58
N ARG A 74 6.94 -13.66 6.82
CA ARG A 74 7.49 -14.37 7.97
C ARG A 74 6.77 -13.96 9.26
N ASN A 75 6.72 -14.88 10.22
CA ASN A 75 6.07 -14.61 11.50
C ASN A 75 6.97 -15.02 12.66
N ASP A 76 7.68 -14.06 13.23
CA ASP A 76 8.57 -14.32 14.35
C ASP A 76 7.92 -13.91 15.67
N GLY A 77 8.47 -14.41 16.77
CA GLY A 77 7.93 -14.08 18.08
C GLY A 77 8.84 -13.17 18.87
N CYS A 78 8.29 -12.54 19.91
CA CYS A 78 9.06 -11.63 20.74
C CYS A 78 8.37 -11.42 22.09
N TYR A 79 8.97 -11.94 23.15
CA TYR A 79 8.42 -11.82 24.49
C TYR A 79 9.53 -11.85 25.54
N GLN A 80 9.13 -11.85 26.81
CA GLN A 80 10.09 -11.88 27.91
C GLN A 80 10.06 -13.23 28.62
N THR A 81 8.85 -13.74 28.88
CA THR A 81 8.68 -15.01 29.55
C THR A 81 7.30 -15.59 29.28
N GLY A 82 6.27 -14.83 29.62
CA GLY A 82 4.91 -15.29 29.42
C GLY A 82 3.88 -14.40 30.09
N TYR A 83 2.62 -14.61 29.76
CA TYR A 83 1.53 -13.82 30.34
C TYR A 83 1.71 -12.34 30.01
N ASN A 84 0.77 -11.52 30.49
CA ASN A 84 0.82 -10.08 30.25
C ASN A 84 0.73 -9.78 28.76
N GLN A 85 0.75 -8.50 28.42
CA GLN A 85 0.67 -8.07 27.03
C GLN A 85 1.84 -7.14 26.68
N GLU A 86 2.84 -7.69 26.00
CA GLU A 86 4.02 -6.91 25.61
C GLU A 86 4.78 -7.61 24.49
N ILE A 87 4.53 -7.17 23.26
CA ILE A 87 5.20 -7.74 22.10
C ILE A 87 6.01 -6.70 21.34
N CYS A 88 6.97 -7.15 20.55
CA CYS A 88 7.81 -6.25 19.77
C CYS A 88 7.18 -5.93 18.43
N LEU A 89 7.42 -4.73 17.93
CA LEU A 89 6.87 -4.30 16.65
C LEU A 89 7.75 -3.23 16.00
N LEU A 90 7.61 -3.07 14.69
CA LEU A 90 8.39 -2.06 13.96
C LEU A 90 7.95 -2.01 12.50
N LYS A 91 7.66 -3.18 11.93
CA LYS A 91 7.24 -3.25 10.54
C LYS A 91 5.90 -2.55 10.34
N ILE A 92 5.30 -2.73 9.16
CA ILE A 92 4.02 -2.12 8.85
C ILE A 92 4.15 -0.61 8.68
N SER A 93 4.43 0.09 9.77
CA SER A 93 4.58 1.53 9.74
C SER A 93 5.56 1.95 8.64
N SER A 94 6.73 1.31 8.63
CA SER A 94 7.75 1.62 7.64
C SER A 94 7.20 1.46 6.22
N GLY A 95 6.62 0.30 5.95
CA GLY A 95 6.06 0.03 4.64
C GLY A 95 4.98 1.02 4.26
N LEU A 96 4.00 1.19 5.13
CA LEU A 96 2.90 2.11 4.88
C LEU A 96 3.41 3.54 4.67
N LEU A 97 4.41 3.93 5.48
CA LEU A 97 4.99 5.26 5.38
C LEU A 97 5.70 5.45 4.04
N GLU A 98 6.53 4.49 3.68
CA GLU A 98 7.27 4.55 2.42
C GLU A 98 6.31 4.62 1.23
N TYR A 99 5.35 3.71 1.20
CA TYR A 99 4.36 3.68 0.12
C TYR A 99 3.61 5.00 0.02
N HIS A 100 3.19 5.52 1.17
CA HIS A 100 2.46 6.79 1.22
C HIS A 100 3.28 7.91 0.57
N SER A 101 4.54 8.01 0.97
CA SER A 101 5.42 9.04 0.44
C SER A 101 5.64 8.85 -1.05
N TYR A 102 5.72 7.60 -1.49
CA TYR A 102 5.92 7.28 -2.90
C TYR A 102 4.76 7.78 -3.74
N LEU A 103 3.58 7.23 -3.51
CA LEU A 103 2.38 7.63 -4.25
C LEU A 103 2.16 9.13 -4.16
N GLU A 104 2.42 9.69 -2.99
CA GLU A 104 2.24 11.12 -2.78
C GLU A 104 3.22 11.93 -3.63
N TYR A 105 4.44 11.39 -3.78
CA TYR A 105 5.47 12.06 -4.56
C TYR A 105 5.10 12.07 -6.05
N MET A 106 4.75 10.88 -6.56
CA MET A 106 4.37 10.74 -7.97
C MET A 106 3.05 11.45 -8.25
N LYS A 107 2.22 11.56 -7.22
CA LYS A 107 0.91 12.21 -7.36
C LYS A 107 1.08 13.69 -7.67
N ASN A 108 2.17 14.28 -7.18
CA ASN A 108 2.45 15.69 -7.41
C ASN A 108 2.57 15.99 -8.90
N ASN A 109 3.16 15.06 -9.64
CA ASN A 109 3.34 15.22 -11.09
C ASN A 109 2.74 14.05 -11.83
N LEU A 110 1.51 14.20 -12.30
CA LEU A 110 0.82 13.15 -13.04
C LEU A 110 -0.10 13.74 -14.10
N LYS A 111 -0.71 12.87 -14.90
CA LYS A 111 -1.62 13.30 -15.95
C LYS A 111 -2.95 13.79 -15.37
N ASP A 112 -3.89 14.12 -16.23
CA ASP A 112 -5.20 14.60 -15.80
C ASP A 112 -5.94 13.52 -15.02
N ASN A 113 -6.01 12.33 -15.60
CA ASN A 113 -6.69 11.21 -14.95
C ASN A 113 -5.86 10.66 -13.80
N LYS A 114 -4.57 10.46 -14.05
CA LYS A 114 -3.66 9.94 -13.04
C LYS A 114 -3.70 10.81 -11.78
N LYS A 115 -3.83 12.12 -11.98
CA LYS A 115 -3.87 13.05 -10.85
C LYS A 115 -5.16 12.88 -10.05
N ASP A 116 -6.29 12.85 -10.76
CA ASP A 116 -7.59 12.70 -10.12
C ASP A 116 -7.61 11.44 -9.25
N LYS A 117 -7.14 10.34 -9.80
CA LYS A 117 -7.10 9.07 -9.09
C LYS A 117 -6.05 9.09 -7.99
N ALA A 118 -4.90 9.69 -8.30
CA ALA A 118 -3.80 9.78 -7.34
C ALA A 118 -4.26 10.43 -6.04
N ARG A 119 -5.04 11.51 -6.17
CA ARG A 119 -5.55 12.22 -5.00
C ARG A 119 -6.31 11.28 -4.08
N VAL A 120 -7.24 10.52 -4.65
CA VAL A 120 -8.03 9.57 -3.88
C VAL A 120 -7.14 8.51 -3.22
N LEU A 121 -6.20 7.98 -3.98
CA LEU A 121 -5.30 6.96 -3.47
C LEU A 121 -4.53 7.47 -2.25
N GLN A 122 -4.00 8.68 -2.36
CA GLN A 122 -3.26 9.28 -1.25
C GLN A 122 -4.14 9.45 -0.02
N ARG A 123 -5.31 10.06 -0.22
CA ARG A 123 -6.24 10.28 0.88
C ARG A 123 -6.54 8.98 1.61
N ASP A 124 -6.96 7.97 0.85
CA ASP A 124 -7.29 6.66 1.43
C ASP A 124 -6.12 6.12 2.24
N THR A 125 -4.93 6.12 1.63
CA THR A 125 -3.73 5.62 2.29
C THR A 125 -3.52 6.31 3.63
N GLU A 126 -3.70 7.62 3.66
CA GLU A 126 -3.53 8.40 4.87
C GLU A 126 -4.63 8.07 5.89
N THR A 127 -5.81 7.73 5.38
CA THR A 127 -6.93 7.39 6.24
C THR A 127 -6.68 6.09 6.99
N LEU A 128 -6.41 5.02 6.25
CA LEU A 128 -6.15 3.72 6.84
C LEU A 128 -4.92 3.76 7.73
N ILE A 129 -3.87 4.43 7.25
CA ILE A 129 -2.62 4.56 8.00
C ILE A 129 -2.84 5.35 9.29
N HIS A 130 -3.68 6.36 9.22
CA HIS A 130 -3.97 7.20 10.38
C HIS A 130 -4.79 6.43 11.41
N ILE A 131 -5.75 5.66 10.94
CA ILE A 131 -6.61 4.87 11.82
C ILE A 131 -5.80 3.80 12.54
N PHE A 132 -5.05 3.02 11.78
CA PHE A 132 -4.23 1.95 12.35
C PHE A 132 -3.16 2.52 13.28
N ASN A 133 -2.43 3.51 12.79
CA ASN A 133 -1.38 4.15 13.58
C ASN A 133 -1.95 4.72 14.88
N GLN A 134 -3.13 5.32 14.80
CA GLN A 134 -3.77 5.89 15.97
C GLN A 134 -4.13 4.82 16.99
N GLU A 135 -4.73 3.73 16.51
CA GLU A 135 -5.12 2.62 17.37
C GLU A 135 -3.93 2.06 18.12
N VAL A 136 -2.87 1.73 17.37
CA VAL A 136 -1.66 1.19 17.96
C VAL A 136 -0.95 2.22 18.84
N LYS A 137 -1.10 3.49 18.48
CA LYS A 137 -0.49 4.57 19.23
C LYS A 137 -1.15 4.74 20.59
N ASP A 138 -2.45 4.52 20.64
CA ASP A 138 -3.21 4.64 21.88
C ASP A 138 -3.01 3.41 22.76
N LEU A 139 -3.02 2.23 22.13
CA LEU A 139 -2.84 0.98 22.85
C LEU A 139 -1.40 0.83 23.34
N HIS A 140 -0.45 1.05 22.45
CA HIS A 140 0.96 0.95 22.78
C HIS A 140 1.75 2.13 22.21
N LYS A 141 3.07 2.10 22.39
CA LYS A 141 3.93 3.15 21.88
C LYS A 141 4.58 2.75 20.56
N ILE A 142 4.41 3.59 19.55
CA ILE A 142 4.98 3.32 18.24
C ILE A 142 4.73 4.47 17.28
N VAL A 143 5.69 4.74 16.40
CA VAL A 143 5.58 5.82 15.44
C VAL A 143 6.42 5.53 14.19
N LEU A 144 6.00 6.10 13.06
CA LEU A 144 6.71 5.91 11.81
C LEU A 144 8.20 6.20 11.97
N PRO A 145 9.02 5.59 11.10
CA PRO A 145 10.48 5.79 11.13
C PRO A 145 10.90 7.18 10.68
N THR A 146 11.06 7.36 9.38
CA THR A 146 11.45 8.65 8.83
C THR A 146 11.60 8.57 7.31
N PRO A 147 11.28 9.68 6.62
CA PRO A 147 11.38 9.76 5.17
C PRO A 147 12.83 9.76 4.67
N ILE A 148 13.18 8.73 3.92
CA ILE A 148 14.54 8.60 3.38
C ILE A 148 14.53 8.31 1.89
N SER A 149 13.58 7.47 1.47
CA SER A 149 13.46 7.10 0.07
C SER A 149 12.92 8.27 -0.76
N ASN A 150 12.03 9.05 -0.16
CA ASN A 150 11.46 10.21 -0.84
C ASN A 150 12.55 11.09 -1.43
N ALA A 151 13.53 11.43 -0.61
CA ALA A 151 14.64 12.26 -1.05
C ALA A 151 15.33 11.67 -2.28
N LEU A 152 15.65 10.38 -2.21
CA LEU A 152 16.30 9.70 -3.32
C LEU A 152 15.51 9.86 -4.61
N LEU A 153 14.23 9.49 -4.57
CA LEU A 153 13.36 9.60 -5.74
C LEU A 153 13.39 11.02 -6.30
N THR A 154 12.92 11.97 -5.50
CA THR A 154 12.89 13.36 -5.91
C THR A 154 14.25 13.82 -6.43
N ASP A 155 15.31 13.27 -5.86
CA ASP A 155 16.67 13.61 -6.26
C ASP A 155 16.99 13.04 -7.63
N LYS A 156 16.53 11.82 -7.88
CA LYS A 156 16.78 11.16 -9.16
C LYS A 156 15.81 11.67 -10.23
N LEU A 157 16.00 11.22 -11.46
CA LEU A 157 15.15 11.63 -12.57
C LEU A 157 15.52 10.88 -13.84
N GLU A 158 16.81 10.72 -14.09
CA GLU A 158 17.29 10.01 -15.27
C GLU A 158 18.82 9.97 -15.30
N SER A 159 19.36 8.77 -15.42
CA SER A 159 20.81 8.59 -15.46
C SER A 159 21.17 7.14 -15.80
N GLN A 160 20.57 6.63 -16.86
CA GLN A 160 20.83 5.25 -17.29
C GLN A 160 20.39 4.26 -16.22
N LYS A 161 20.37 2.98 -16.58
CA LYS A 161 19.97 1.93 -15.65
C LYS A 161 18.61 2.23 -15.04
N GLU A 162 17.78 2.95 -15.78
CA GLU A 162 16.44 3.31 -15.31
C GLU A 162 15.38 2.81 -16.29
N TRP A 163 15.70 2.85 -17.57
CA TRP A 163 14.76 2.40 -18.61
C TRP A 163 13.58 3.35 -18.72
N LEU A 164 12.66 3.26 -17.76
CA LEU A 164 11.47 4.11 -17.75
C LEU A 164 10.92 4.26 -16.34
N ARG A 165 10.23 5.37 -16.09
CA ARG A 165 9.64 5.62 -14.78
C ARG A 165 8.54 4.61 -14.47
N THR A 166 7.86 4.16 -15.51
CA THR A 166 6.77 3.20 -15.35
C THR A 166 7.21 2.00 -14.51
N LYS A 167 8.52 1.72 -14.53
CA LYS A 167 9.07 0.61 -13.77
C LYS A 167 9.00 0.90 -12.27
N THR A 168 9.81 1.85 -11.82
CA THR A 168 9.85 2.22 -10.41
C THR A 168 8.43 2.43 -9.86
N ILE A 169 7.61 3.13 -10.62
CA ILE A 169 6.23 3.41 -10.21
C ILE A 169 5.44 2.12 -10.09
N GLN A 170 5.56 1.25 -11.09
CA GLN A 170 4.85 -0.03 -11.09
C GLN A 170 5.29 -0.90 -9.93
N PHE A 171 6.56 -0.77 -9.54
CA PHE A 171 7.11 -1.55 -8.45
C PHE A 171 6.52 -1.11 -7.12
N ILE A 172 6.64 0.18 -6.82
CA ILE A 172 6.12 0.73 -5.57
C ILE A 172 4.61 0.53 -5.47
N LEU A 173 3.93 0.63 -6.61
CA LEU A 173 2.47 0.45 -6.66
C LEU A 173 2.10 -0.99 -6.32
N LYS A 174 2.67 -1.93 -7.07
CA LYS A 174 2.39 -3.35 -6.86
C LYS A 174 2.68 -3.76 -5.42
N SER A 175 3.85 -3.37 -4.92
CA SER A 175 4.25 -3.69 -3.56
C SER A 175 3.24 -3.11 -2.56
N LEU A 176 2.90 -1.85 -2.73
CA LEU A 176 1.95 -1.17 -1.84
C LEU A 176 0.66 -1.96 -1.75
N GLU A 177 0.08 -2.30 -2.89
CA GLU A 177 -1.17 -3.05 -2.93
C GLU A 177 -1.04 -4.37 -2.18
N GLU A 178 -0.05 -5.17 -2.58
CA GLU A 178 0.18 -6.46 -1.95
C GLU A 178 0.33 -6.31 -0.44
N PHE A 179 1.19 -5.38 -0.03
CA PHE A 179 1.43 -5.13 1.39
C PHE A 179 0.13 -4.77 2.10
N LEU A 180 -0.65 -3.87 1.50
CA LEU A 180 -1.91 -3.45 2.08
C LEU A 180 -2.82 -4.65 2.36
N LYS A 181 -2.97 -5.50 1.36
CA LYS A 181 -3.81 -6.69 1.50
C LYS A 181 -3.32 -7.57 2.64
N VAL A 182 -2.02 -7.85 2.65
CA VAL A 182 -1.43 -8.69 3.69
C VAL A 182 -1.59 -8.05 5.06
N THR A 183 -1.50 -6.72 5.11
CA THR A 183 -1.63 -5.99 6.36
C THR A 183 -3.03 -6.17 6.95
N LEU A 184 -4.04 -5.77 6.20
CA LEU A 184 -5.43 -5.90 6.64
C LEU A 184 -5.76 -7.33 7.02
N ARG A 185 -5.36 -8.27 6.17
CA ARG A 185 -5.62 -9.68 6.41
C ARG A 185 -4.86 -10.17 7.65
N SER A 186 -3.68 -9.59 7.87
CA SER A 186 -2.85 -9.97 9.02
C SER A 186 -3.48 -9.46 10.31
N THR A 187 -3.79 -8.16 10.35
CA THR A 187 -4.38 -7.56 11.53
C THR A 187 -5.73 -8.18 11.86
N ARG A 188 -6.38 -8.74 10.84
CA ARG A 188 -7.68 -9.37 11.01
C ARG A 188 -7.53 -10.77 11.62
N GLN A 189 -8.07 -10.94 12.83
CA GLN A 189 -7.99 -12.22 13.52
C GLN A 189 -9.37 -12.64 14.03
N THR A 190 -10.41 -12.01 13.50
CA THR A 190 -11.78 -12.33 13.90
C THR A 190 -12.18 -13.72 13.44
N SER A 7 -4.84 -12.50 -24.92
CA SER A 7 -5.70 -11.80 -23.98
C SER A 7 -5.73 -10.30 -24.28
N GLN A 8 -6.82 -9.84 -24.88
CA GLN A 8 -6.97 -8.44 -25.24
C GLN A 8 -8.30 -7.89 -24.73
N VAL A 9 -8.42 -7.73 -23.42
CA VAL A 9 -9.64 -7.22 -22.81
C VAL A 9 -9.66 -5.70 -22.83
N ARG A 10 -10.86 -5.13 -22.98
CA ARG A 10 -11.02 -3.68 -23.02
C ARG A 10 -12.19 -3.24 -22.15
N ARG A 11 -11.88 -2.64 -21.00
CA ARG A 11 -12.91 -2.18 -20.09
C ARG A 11 -12.88 -0.65 -19.96
N GLY A 12 -13.84 -0.10 -19.22
CA GLY A 12 -13.90 1.34 -19.04
C GLY A 12 -14.99 1.74 -18.06
N ASP A 13 -15.19 0.94 -17.03
CA ASP A 13 -16.20 1.22 -16.02
C ASP A 13 -15.56 1.67 -14.71
N PHE A 14 -16.17 2.66 -14.06
CA PHE A 14 -15.66 3.18 -12.81
C PHE A 14 -16.74 3.19 -11.73
N THR A 15 -16.38 2.77 -10.52
CA THR A 15 -17.32 2.73 -9.41
C THR A 15 -16.83 3.59 -8.25
N GLU A 16 -15.54 3.53 -7.98
CA GLU A 16 -14.95 4.30 -6.89
C GLU A 16 -15.82 4.22 -5.63
N ASP A 17 -15.58 5.13 -4.70
CA ASP A 17 -16.34 5.16 -3.45
C ASP A 17 -15.95 6.39 -2.61
N THR A 18 -16.66 7.49 -2.82
CA THR A 18 -16.38 8.71 -2.08
C THR A 18 -17.11 8.72 -0.74
N THR A 19 -16.42 9.19 0.29
CA THR A 19 -17.00 9.26 1.63
C THR A 19 -17.11 10.70 2.12
N PRO A 20 -17.98 10.92 3.11
CA PRO A 20 -18.19 12.26 3.69
C PRO A 20 -17.00 12.74 4.50
N ASN A 21 -17.17 13.85 5.21
CA ASN A 21 -16.10 14.41 6.03
C ASN A 21 -16.37 14.17 7.51
N ARG A 22 -17.05 13.06 7.81
CA ARG A 22 -17.37 12.72 9.18
C ARG A 22 -16.65 11.45 9.61
N PRO A 23 -15.33 11.56 9.84
CA PRO A 23 -14.49 10.43 10.26
C PRO A 23 -14.80 9.98 11.67
N VAL A 24 -15.26 8.74 11.80
CA VAL A 24 -15.60 8.19 13.11
C VAL A 24 -14.60 7.12 13.53
N TYR A 25 -13.81 6.65 12.56
CA TYR A 25 -12.80 5.62 12.82
C TYR A 25 -13.46 4.32 13.26
N THR A 26 -14.43 3.85 12.47
CA THR A 26 -15.14 2.62 12.79
C THR A 26 -14.74 1.51 11.83
N THR A 27 -14.97 0.26 12.25
CA THR A 27 -14.63 -0.90 11.43
C THR A 27 -15.20 -0.76 10.03
N SER A 28 -16.48 -0.40 9.96
CA SER A 28 -17.15 -0.24 8.67
C SER A 28 -16.35 0.66 7.74
N GLN A 29 -15.97 1.83 8.23
CA GLN A 29 -15.19 2.78 7.45
C GLN A 29 -13.86 2.18 7.03
N VAL A 30 -13.22 1.47 7.96
CA VAL A 30 -11.93 0.85 7.69
C VAL A 30 -12.04 -0.18 6.56
N GLY A 31 -12.97 -1.12 6.72
CA GLY A 31 -13.16 -2.14 5.70
C GLY A 31 -13.44 -1.57 4.33
N GLY A 32 -14.41 -0.66 4.27
CA GLY A 32 -14.77 -0.04 2.99
C GLY A 32 -13.59 0.69 2.37
N LEU A 33 -12.81 1.38 3.20
CA LEU A 33 -11.66 2.12 2.71
C LEU A 33 -10.60 1.18 2.14
N ILE A 34 -10.43 0.04 2.80
CA ILE A 34 -9.44 -0.95 2.35
C ILE A 34 -9.80 -1.51 0.98
N THR A 35 -11.01 -2.03 0.86
CA THR A 35 -11.48 -2.60 -0.40
C THR A 35 -11.43 -1.56 -1.52
N HIS A 36 -11.85 -0.34 -1.20
CA HIS A 36 -11.86 0.74 -2.17
C HIS A 36 -10.44 1.07 -2.62
N VAL A 37 -9.57 1.37 -1.67
CA VAL A 37 -8.18 1.70 -1.98
C VAL A 37 -7.50 0.57 -2.75
N LEU A 38 -7.93 -0.67 -2.48
CA LEU A 38 -7.36 -1.83 -3.15
C LEU A 38 -7.73 -1.84 -4.63
N TRP A 39 -9.00 -1.64 -4.92
CA TRP A 39 -9.48 -1.62 -6.30
C TRP A 39 -8.83 -0.50 -7.09
N GLU A 40 -8.72 0.67 -6.46
CA GLU A 40 -8.12 1.84 -7.10
C GLU A 40 -6.66 1.57 -7.44
N ILE A 41 -5.91 1.04 -6.48
CA ILE A 41 -4.50 0.73 -6.69
C ILE A 41 -4.32 -0.26 -7.83
N VAL A 42 -5.18 -1.26 -7.88
CA VAL A 42 -5.11 -2.28 -8.93
C VAL A 42 -5.33 -1.67 -10.31
N GLU A 43 -6.40 -0.87 -10.44
CA GLU A 43 -6.70 -0.22 -11.71
C GLU A 43 -5.62 0.78 -12.09
N MET A 44 -5.15 1.53 -11.09
CA MET A 44 -4.11 2.53 -11.33
C MET A 44 -2.79 1.86 -11.69
N ARG A 45 -2.54 0.70 -11.10
CA ARG A 45 -1.30 -0.04 -11.37
C ARG A 45 -1.29 -0.57 -12.80
N LYS A 46 -2.36 -1.26 -13.18
CA LYS A 46 -2.47 -1.83 -14.52
C LYS A 46 -2.63 -0.73 -15.56
N GLU A 47 -3.22 0.40 -15.15
CA GLU A 47 -3.41 1.52 -16.05
C GLU A 47 -2.11 1.93 -16.73
N LEU A 48 -1.01 1.80 -15.99
CA LEU A 48 0.30 2.16 -16.52
C LEU A 48 0.73 1.20 -17.63
N CYS A 49 0.25 -0.04 -17.55
CA CYS A 49 0.56 -1.05 -18.54
C CYS A 49 -0.54 -1.14 -19.60
N ASN A 50 -1.18 -0.01 -19.87
CA ASN A 50 -2.25 0.04 -20.86
C ASN A 50 -3.42 -0.84 -20.45
N GLY A 51 -3.72 -0.84 -19.15
CA GLY A 51 -4.82 -1.65 -18.65
C GLY A 51 -4.70 -3.11 -19.05
N ASN A 52 -3.50 -3.66 -18.91
CA ASN A 52 -3.25 -5.05 -19.26
C ASN A 52 -3.23 -5.93 -18.01
N SER A 53 -4.33 -6.66 -17.80
CA SER A 53 -4.44 -7.54 -16.63
C SER A 53 -3.31 -8.56 -16.63
N ASP A 54 -2.82 -8.91 -17.81
CA ASP A 54 -1.74 -9.89 -17.94
C ASP A 54 -0.41 -9.29 -17.45
N CYS A 55 -0.30 -7.96 -17.53
CA CYS A 55 0.90 -7.28 -17.10
C CYS A 55 1.11 -7.43 -15.60
N MET A 56 0.02 -7.57 -14.87
CA MET A 56 0.07 -7.72 -13.42
C MET A 56 0.93 -8.92 -13.03
N ASN A 57 0.91 -9.96 -13.87
CA ASN A 57 1.68 -11.17 -13.61
C ASN A 57 2.66 -11.43 -14.75
N ASN A 58 3.07 -10.38 -15.43
CA ASN A 58 4.00 -10.49 -16.55
C ASN A 58 5.45 -10.46 -16.04
N ASP A 59 5.75 -9.48 -15.20
CA ASP A 59 7.09 -9.35 -14.65
C ASP A 59 7.11 -9.64 -13.15
N ASP A 60 6.11 -10.41 -12.71
CA ASP A 60 6.01 -10.76 -11.30
C ASP A 60 6.50 -12.19 -11.05
N ALA A 61 7.56 -12.57 -11.76
CA ALA A 61 8.12 -13.91 -11.63
C ALA A 61 9.50 -13.86 -10.97
N LEU A 62 10.17 -12.72 -11.12
CA LEU A 62 11.50 -12.54 -10.56
C LEU A 62 11.55 -11.31 -9.65
N ALA A 63 10.85 -10.26 -10.04
CA ALA A 63 10.81 -9.04 -9.27
C ALA A 63 10.32 -9.30 -7.85
N GLU A 64 9.51 -10.33 -7.69
CA GLU A 64 8.97 -10.69 -6.38
C GLU A 64 10.10 -10.93 -5.38
N ASN A 65 11.26 -11.32 -5.89
CA ASN A 65 12.42 -11.58 -5.05
C ASN A 65 13.53 -10.58 -5.31
N ASN A 66 13.15 -9.38 -5.74
CA ASN A 66 14.12 -8.33 -6.04
C ASN A 66 13.54 -6.95 -5.72
N LEU A 67 12.64 -6.91 -4.75
CA LEU A 67 12.00 -5.65 -4.35
C LEU A 67 12.70 -5.06 -3.13
N LYS A 68 12.93 -5.90 -2.12
CA LYS A 68 13.59 -5.46 -0.90
C LYS A 68 12.83 -4.30 -0.25
N LEU A 69 11.53 -4.22 -0.55
CA LEU A 69 10.69 -3.17 0.02
C LEU A 69 10.18 -3.55 1.39
N PRO A 70 9.78 -2.54 2.18
CA PRO A 70 9.26 -2.74 3.54
C PRO A 70 7.90 -3.43 3.54
N GLU A 71 7.90 -4.76 3.65
CA GLU A 71 6.67 -5.53 3.67
C GLU A 71 6.78 -6.71 4.62
N ILE A 72 5.71 -6.96 5.37
CA ILE A 72 5.68 -8.07 6.32
C ILE A 72 6.10 -9.37 5.65
N GLN A 73 7.13 -10.00 6.20
CA GLN A 73 7.64 -11.26 5.68
C GLN A 73 7.12 -12.44 6.49
N ARG A 74 5.81 -12.62 6.50
CA ARG A 74 5.19 -13.72 7.24
C ARG A 74 5.56 -13.63 8.72
N ASN A 75 5.09 -12.59 9.39
CA ASN A 75 5.37 -12.40 10.81
C ASN A 75 4.82 -13.56 11.63
N ASP A 76 3.54 -13.86 11.44
CA ASP A 76 2.89 -14.95 12.16
C ASP A 76 3.06 -14.78 13.67
N GLY A 77 2.69 -15.81 14.42
CA GLY A 77 2.80 -15.75 15.86
C GLY A 77 4.13 -16.29 16.36
N CYS A 78 5.12 -16.35 15.47
CA CYS A 78 6.43 -16.86 15.83
C CYS A 78 6.34 -18.25 16.44
N TYR A 79 7.47 -18.77 16.91
CA TYR A 79 7.51 -20.10 17.51
C TYR A 79 7.75 -20.00 19.02
N GLN A 80 7.08 -20.87 19.76
CA GLN A 80 7.22 -20.89 21.22
C GLN A 80 6.86 -19.53 21.81
N THR A 81 7.01 -19.41 23.13
CA THR A 81 6.72 -18.17 23.83
C THR A 81 7.49 -18.06 25.13
N GLY A 82 8.50 -17.20 25.15
CA GLY A 82 9.31 -17.02 26.33
C GLY A 82 8.59 -16.24 27.41
N TYR A 83 9.29 -15.97 28.52
CA TYR A 83 8.69 -15.24 29.63
C TYR A 83 9.48 -13.96 29.90
N ASN A 84 9.74 -13.19 28.84
CA ASN A 84 10.48 -11.94 28.96
C ASN A 84 10.04 -10.95 27.90
N GLN A 85 10.20 -11.33 26.64
CA GLN A 85 9.82 -10.47 25.52
C GLN A 85 9.10 -11.27 24.44
N GLU A 86 7.93 -10.77 24.02
CA GLU A 86 7.15 -11.44 22.98
C GLU A 86 6.82 -10.48 21.84
N ILE A 87 7.76 -9.58 21.56
CA ILE A 87 7.57 -8.61 20.48
C ILE A 87 7.83 -9.24 19.12
N CYS A 88 8.96 -9.91 18.97
CA CYS A 88 9.32 -10.57 17.73
C CYS A 88 9.62 -9.53 16.65
N LEU A 89 8.57 -8.93 16.10
CA LEU A 89 8.73 -7.92 15.06
C LEU A 89 7.40 -7.24 14.76
N LEU A 90 7.47 -6.05 14.16
CA LEU A 90 6.26 -5.30 13.81
C LEU A 90 6.63 -4.00 13.10
N LYS A 91 6.44 -3.97 11.80
CA LYS A 91 6.73 -2.80 11.00
C LYS A 91 5.73 -2.63 9.86
N ILE A 92 4.70 -1.84 10.11
CA ILE A 92 3.66 -1.60 9.10
C ILE A 92 3.64 -0.14 8.67
N SER A 93 4.11 0.75 9.55
CA SER A 93 4.14 2.17 9.27
C SER A 93 5.20 2.49 8.22
N SER A 94 6.29 1.73 8.25
CA SER A 94 7.39 1.94 7.31
C SER A 94 6.90 1.83 5.88
N GLY A 95 6.21 0.74 5.57
CA GLY A 95 5.69 0.54 4.22
C GLY A 95 4.61 1.53 3.87
N LEU A 96 3.61 1.65 4.74
CA LEU A 96 2.49 2.57 4.51
C LEU A 96 3.00 3.99 4.28
N LEU A 97 3.94 4.42 5.11
CA LEU A 97 4.52 5.75 5.01
C LEU A 97 5.26 5.91 3.68
N GLU A 98 6.13 4.96 3.38
CA GLU A 98 6.92 4.99 2.16
C GLU A 98 6.01 5.04 0.93
N TYR A 99 5.08 4.09 0.85
CA TYR A 99 4.15 4.03 -0.26
C TYR A 99 3.39 5.34 -0.42
N HIS A 100 2.88 5.86 0.69
CA HIS A 100 2.14 7.11 0.68
C HIS A 100 2.97 8.23 0.06
N SER A 101 4.22 8.34 0.50
CA SER A 101 5.11 9.38 0.00
C SER A 101 5.39 9.18 -1.49
N TYR A 102 5.46 7.92 -1.91
CA TYR A 102 5.72 7.60 -3.30
C TYR A 102 4.56 8.05 -4.19
N LEU A 103 3.39 7.44 -3.99
CA LEU A 103 2.21 7.78 -4.77
C LEU A 103 1.97 9.29 -4.77
N GLU A 104 2.06 9.89 -3.58
CA GLU A 104 1.84 11.32 -3.44
C GLU A 104 2.81 12.11 -4.33
N TYR A 105 4.09 11.79 -4.22
CA TYR A 105 5.11 12.47 -5.01
C TYR A 105 4.80 12.39 -6.50
N MET A 106 4.32 11.23 -6.93
CA MET A 106 3.98 11.02 -8.34
C MET A 106 2.71 11.80 -8.70
N LYS A 107 1.82 11.95 -7.73
CA LYS A 107 0.58 12.68 -7.95
C LYS A 107 0.83 14.15 -8.23
N ASN A 108 1.89 14.69 -7.62
CA ASN A 108 2.26 16.09 -7.81
C ASN A 108 2.53 16.38 -9.28
N ASN A 109 2.83 15.34 -10.04
CA ASN A 109 3.11 15.49 -11.47
C ASN A 109 2.58 14.30 -12.25
N LEU A 110 1.27 14.30 -12.52
CA LEU A 110 0.64 13.23 -13.27
C LEU A 110 -0.34 13.79 -14.30
N LYS A 111 -0.95 12.90 -15.07
CA LYS A 111 -1.92 13.30 -16.10
C LYS A 111 -3.21 13.80 -15.46
N ASP A 112 -4.18 14.15 -16.30
CA ASP A 112 -5.47 14.64 -15.83
C ASP A 112 -6.19 13.57 -15.01
N ASN A 113 -6.31 12.37 -15.59
CA ASN A 113 -6.98 11.27 -14.93
C ASN A 113 -6.13 10.73 -13.79
N LYS A 114 -4.86 10.46 -14.07
CA LYS A 114 -3.94 9.94 -13.07
C LYS A 114 -3.90 10.85 -11.85
N LYS A 115 -4.15 12.13 -12.07
CA LYS A 115 -4.14 13.11 -10.97
C LYS A 115 -5.30 12.88 -10.02
N ASP A 116 -6.49 12.67 -10.59
CA ASP A 116 -7.69 12.43 -9.79
C ASP A 116 -7.59 11.09 -9.07
N LYS A 117 -7.04 10.09 -9.74
CA LYS A 117 -6.89 8.75 -9.16
C LYS A 117 -5.79 8.75 -8.09
N ALA A 118 -4.64 9.30 -8.45
CA ALA A 118 -3.51 9.35 -7.51
C ALA A 118 -3.88 10.10 -6.24
N ARG A 119 -4.47 11.28 -6.40
CA ARG A 119 -4.87 12.09 -5.25
C ARG A 119 -5.77 11.29 -4.31
N VAL A 120 -6.80 10.66 -4.87
CA VAL A 120 -7.73 9.85 -4.09
C VAL A 120 -7.00 8.73 -3.35
N LEU A 121 -6.08 8.07 -4.05
CA LEU A 121 -5.32 6.97 -3.47
C LEU A 121 -4.56 7.44 -2.23
N GLN A 122 -3.89 8.58 -2.35
CA GLN A 122 -3.13 9.14 -1.24
C GLN A 122 -4.04 9.43 -0.04
N ARG A 123 -5.16 10.10 -0.30
CA ARG A 123 -6.10 10.43 0.75
C ARG A 123 -6.52 9.19 1.53
N ASP A 124 -6.95 8.16 0.80
CA ASP A 124 -7.37 6.91 1.43
C ASP A 124 -6.25 6.31 2.28
N THR A 125 -5.06 6.22 1.69
CA THR A 125 -3.90 5.67 2.40
C THR A 125 -3.63 6.43 3.69
N GLU A 126 -3.59 7.75 3.59
CA GLU A 126 -3.33 8.59 4.75
C GLU A 126 -4.34 8.30 5.87
N THR A 127 -5.61 8.20 5.49
CA THR A 127 -6.67 7.94 6.46
C THR A 127 -6.43 6.61 7.17
N LEU A 128 -6.26 5.55 6.40
CA LEU A 128 -6.03 4.22 6.96
C LEU A 128 -4.75 4.20 7.79
N ILE A 129 -3.79 5.04 7.41
CA ILE A 129 -2.51 5.12 8.12
C ILE A 129 -2.70 5.72 9.51
N HIS A 130 -3.49 6.79 9.58
CA HIS A 130 -3.75 7.46 10.86
C HIS A 130 -4.54 6.56 11.79
N ILE A 131 -5.60 5.95 11.26
CA ILE A 131 -6.44 5.06 12.05
C ILE A 131 -5.64 3.88 12.58
N PHE A 132 -4.95 3.19 11.68
CA PHE A 132 -4.15 2.04 12.06
C PHE A 132 -3.03 2.43 13.02
N ASN A 133 -2.35 3.53 12.71
CA ASN A 133 -1.27 4.02 13.54
C ASN A 133 -1.75 4.26 14.98
N GLN A 134 -2.93 4.85 15.10
CA GLN A 134 -3.51 5.14 16.42
C GLN A 134 -3.82 3.85 17.16
N GLU A 135 -4.51 2.93 16.49
CA GLU A 135 -4.88 1.66 17.09
C GLU A 135 -3.64 0.93 17.61
N VAL A 136 -2.64 0.76 16.75
CA VAL A 136 -1.41 0.08 17.11
C VAL A 136 -0.64 0.88 18.16
N LYS A 137 -0.76 2.20 18.10
CA LYS A 137 -0.08 3.07 19.04
C LYS A 137 -0.56 2.84 20.47
N ASP A 138 -1.87 2.66 20.61
CA ASP A 138 -2.47 2.42 21.92
C ASP A 138 -2.48 0.93 22.25
N LEU A 139 -2.36 0.10 21.22
CA LEU A 139 -2.36 -1.34 21.41
C LEU A 139 -0.98 -1.83 21.81
N HIS A 140 0.02 -1.56 20.98
CA HIS A 140 1.39 -1.98 21.27
C HIS A 140 2.39 -0.92 20.79
N LYS A 141 2.02 0.35 20.95
CA LYS A 141 2.87 1.45 20.53
C LYS A 141 3.10 1.43 19.02
N ILE A 142 3.94 2.35 18.55
CA ILE A 142 4.25 2.43 17.13
C ILE A 142 5.65 2.98 16.89
N VAL A 143 6.29 2.52 15.82
CA VAL A 143 7.63 2.96 15.49
C VAL A 143 7.61 3.97 14.34
N LEU A 144 8.63 4.82 14.28
CA LEU A 144 8.73 5.83 13.24
C LEU A 144 10.06 5.71 12.49
N PRO A 145 10.06 4.96 11.37
CA PRO A 145 11.25 4.77 10.55
C PRO A 145 11.67 6.04 9.82
N THR A 146 10.71 6.72 9.22
CA THR A 146 10.98 7.95 8.49
C THR A 146 11.86 7.68 7.27
N PRO A 147 11.24 7.24 6.17
CA PRO A 147 11.95 6.95 4.92
C PRO A 147 12.49 8.21 4.24
N ILE A 148 13.59 8.05 3.51
CA ILE A 148 14.20 9.17 2.82
C ILE A 148 14.21 8.93 1.30
N SER A 149 13.89 7.71 0.90
CA SER A 149 13.87 7.36 -0.51
C SER A 149 13.12 8.40 -1.33
N ASN A 150 12.06 8.96 -0.74
CA ASN A 150 11.25 9.97 -1.41
C ASN A 150 12.13 11.09 -1.95
N ALA A 151 12.98 11.63 -1.09
CA ALA A 151 13.88 12.71 -1.49
C ALA A 151 14.67 12.35 -2.74
N LEU A 152 15.19 11.13 -2.77
CA LEU A 152 15.97 10.66 -3.92
C LEU A 152 15.12 10.67 -5.18
N LEU A 153 13.92 10.09 -5.09
CA LEU A 153 13.02 10.03 -6.23
C LEU A 153 12.78 11.43 -6.81
N THR A 154 12.24 12.32 -6.00
CA THR A 154 11.96 13.68 -6.43
C THR A 154 13.21 14.33 -7.02
N ASP A 155 14.35 14.08 -6.39
CA ASP A 155 15.61 14.65 -6.84
C ASP A 155 15.97 14.12 -8.23
N LYS A 156 15.72 12.83 -8.46
CA LYS A 156 16.02 12.21 -9.73
C LYS A 156 17.53 12.10 -9.96
N LEU A 157 18.15 13.23 -10.28
CA LEU A 157 19.59 13.26 -10.52
C LEU A 157 20.05 14.68 -10.83
N GLU A 158 19.46 15.29 -11.85
CA GLU A 158 19.82 16.64 -12.24
C GLU A 158 18.74 17.25 -13.15
N SER A 159 18.24 16.43 -14.08
CA SER A 159 17.22 16.88 -15.02
C SER A 159 16.08 15.88 -15.10
N GLN A 160 15.00 16.26 -15.78
CA GLN A 160 13.84 15.40 -15.93
C GLN A 160 13.91 14.62 -17.24
N LYS A 161 14.32 13.35 -17.16
CA LYS A 161 14.42 12.50 -18.33
C LYS A 161 13.47 11.31 -18.24
N GLU A 162 13.24 10.85 -17.01
CA GLU A 162 12.36 9.72 -16.79
C GLU A 162 12.90 8.46 -17.46
N TRP A 163 13.96 7.91 -16.90
CA TRP A 163 14.58 6.71 -17.44
C TRP A 163 13.79 5.46 -17.03
N LEU A 164 12.84 5.06 -17.87
CA LEU A 164 12.02 3.88 -17.59
C LEU A 164 11.41 3.96 -16.18
N ARG A 165 10.78 5.10 -15.89
CA ARG A 165 10.15 5.30 -14.59
C ARG A 165 9.07 4.26 -14.33
N THR A 166 8.50 3.73 -15.42
CA THR A 166 7.45 2.73 -15.32
C THR A 166 7.87 1.58 -14.40
N LYS A 167 9.17 1.37 -14.28
CA LYS A 167 9.71 0.31 -13.44
C LYS A 167 9.50 0.63 -11.97
N THR A 168 10.21 1.65 -11.47
CA THR A 168 10.10 2.06 -10.09
C THR A 168 8.64 2.21 -9.67
N ILE A 169 7.87 2.87 -10.52
CA ILE A 169 6.45 3.08 -10.25
C ILE A 169 5.69 1.77 -10.16
N GLN A 170 5.97 0.86 -11.10
CA GLN A 170 5.32 -0.44 -11.12
C GLN A 170 5.66 -1.24 -9.87
N PHE A 171 6.87 -1.05 -9.36
CA PHE A 171 7.31 -1.75 -8.16
C PHE A 171 6.58 -1.25 -6.93
N ILE A 172 6.62 0.06 -6.70
CA ILE A 172 5.96 0.65 -5.55
C ILE A 172 4.46 0.37 -5.58
N LEU A 173 3.89 0.36 -6.78
CA LEU A 173 2.46 0.09 -6.95
C LEU A 173 2.13 -1.34 -6.57
N LYS A 174 2.82 -2.29 -7.19
CA LYS A 174 2.59 -3.71 -6.91
C LYS A 174 2.81 -4.02 -5.43
N SER A 175 3.95 -3.57 -4.90
CA SER A 175 4.27 -3.80 -3.50
C SER A 175 3.23 -3.15 -2.58
N LEU A 176 2.79 -1.96 -2.94
CA LEU A 176 1.80 -1.24 -2.16
C LEU A 176 0.51 -2.05 -2.02
N GLU A 177 -0.04 -2.46 -3.16
CA GLU A 177 -1.27 -3.24 -3.18
C GLU A 177 -1.10 -4.53 -2.37
N GLU A 178 -0.11 -5.33 -2.75
CA GLU A 178 0.16 -6.59 -2.06
C GLU A 178 0.32 -6.37 -0.56
N PHE A 179 1.06 -5.32 -0.19
CA PHE A 179 1.28 -5.01 1.21
C PHE A 179 -0.04 -4.78 1.94
N LEU A 180 -0.90 -3.97 1.35
CA LEU A 180 -2.20 -3.67 1.95
C LEU A 180 -3.00 -4.95 2.16
N LYS A 181 -3.15 -5.74 1.11
CA LYS A 181 -3.89 -7.00 1.19
C LYS A 181 -3.39 -7.86 2.34
N VAL A 182 -2.07 -8.05 2.39
CA VAL A 182 -1.46 -8.85 3.45
C VAL A 182 -1.77 -8.27 4.83
N THR A 183 -1.62 -6.95 4.96
CA THR A 183 -1.88 -6.28 6.23
C THR A 183 -3.33 -6.50 6.67
N LEU A 184 -4.24 -6.57 5.71
CA LEU A 184 -5.65 -6.77 6.01
C LEU A 184 -5.90 -8.19 6.51
N ARG A 185 -5.42 -9.18 5.75
CA ARG A 185 -5.60 -10.58 6.12
C ARG A 185 -4.78 -10.92 7.37
N SER A 186 -3.78 -10.08 7.66
CA SER A 186 -2.93 -10.29 8.82
C SER A 186 -3.60 -9.79 10.09
N THR A 187 -4.11 -8.55 10.03
CA THR A 187 -4.77 -7.95 11.18
C THR A 187 -5.98 -8.77 11.61
N ARG A 188 -6.52 -9.55 10.68
CA ARG A 188 -7.68 -10.39 10.96
C ARG A 188 -7.28 -11.64 11.74
N GLN A 189 -8.23 -12.55 11.92
CA GLN A 189 -7.97 -13.79 12.63
C GLN A 189 -7.60 -13.50 14.09
N THR A 190 -7.90 -12.29 14.54
CA THR A 190 -7.59 -11.89 15.91
C THR A 190 -8.14 -12.90 16.92
N SER A 7 1.05 -11.83 -0.55
CA SER A 7 2.08 -12.84 -0.75
C SER A 7 1.69 -13.82 -1.85
N GLN A 8 2.16 -13.56 -3.06
CA GLN A 8 1.85 -14.42 -4.20
C GLN A 8 0.35 -14.53 -4.40
N VAL A 9 -0.31 -13.41 -4.64
CA VAL A 9 -1.75 -13.39 -4.84
C VAL A 9 -2.09 -12.95 -6.26
N ARG A 10 -3.13 -13.55 -6.84
CA ARG A 10 -3.55 -13.22 -8.19
C ARG A 10 -5.08 -13.09 -8.26
N ARG A 11 -5.61 -12.09 -7.58
CA ARG A 11 -7.06 -11.85 -7.57
C ARG A 11 -7.36 -10.36 -7.44
N GLY A 12 -8.63 -10.01 -7.65
CA GLY A 12 -9.03 -8.61 -7.57
C GLY A 12 -10.03 -8.24 -8.64
N ASP A 13 -11.10 -9.01 -8.74
CA ASP A 13 -12.14 -8.76 -9.74
C ASP A 13 -13.38 -8.17 -9.09
N PHE A 14 -13.41 -6.84 -8.96
CA PHE A 14 -14.55 -6.15 -8.34
C PHE A 14 -14.62 -4.71 -8.82
N THR A 15 -15.81 -4.12 -8.74
CA THR A 15 -16.01 -2.74 -9.15
C THR A 15 -16.66 -1.91 -8.04
N GLU A 16 -17.57 -2.53 -7.31
CA GLU A 16 -18.26 -1.87 -6.22
C GLU A 16 -19.09 -0.69 -6.74
N ASP A 17 -19.96 -0.16 -5.89
CA ASP A 17 -20.81 0.96 -6.25
C ASP A 17 -21.50 1.56 -5.04
N THR A 18 -20.79 1.57 -3.91
CA THR A 18 -21.34 2.09 -2.67
C THR A 18 -20.77 3.48 -2.37
N THR A 19 -21.57 4.31 -1.70
CA THR A 19 -21.15 5.66 -1.35
C THR A 19 -20.54 5.71 0.04
N PRO A 20 -19.74 6.75 0.32
CA PRO A 20 -19.09 6.93 1.61
C PRO A 20 -20.07 7.27 2.72
N ASN A 21 -19.56 7.41 3.95
CA ASN A 21 -20.40 7.74 5.09
C ASN A 21 -19.60 8.45 6.17
N ARG A 22 -18.75 9.37 5.75
CA ARG A 22 -17.91 10.13 6.67
C ARG A 22 -16.98 9.20 7.45
N PRO A 23 -15.91 9.78 8.02
CA PRO A 23 -14.93 9.02 8.81
C PRO A 23 -15.50 8.53 10.13
N VAL A 24 -15.78 7.24 10.21
CA VAL A 24 -16.33 6.64 11.43
C VAL A 24 -15.22 6.05 12.29
N TYR A 25 -14.08 5.76 11.67
CA TYR A 25 -12.95 5.18 12.39
C TYR A 25 -13.30 3.81 12.96
N THR A 26 -14.26 3.14 12.33
CA THR A 26 -14.69 1.83 12.78
C THR A 26 -14.26 0.75 11.79
N THR A 27 -14.40 -0.51 12.20
CA THR A 27 -14.01 -1.63 11.35
C THR A 27 -14.63 -1.50 9.96
N SER A 28 -15.86 -0.98 9.91
CA SER A 28 -16.56 -0.81 8.64
C SER A 28 -15.90 0.29 7.80
N GLN A 29 -15.55 1.39 8.46
CA GLN A 29 -14.92 2.51 7.78
C GLN A 29 -13.57 2.10 7.19
N VAL A 30 -12.73 1.49 8.02
CA VAL A 30 -11.41 1.05 7.59
C VAL A 30 -11.52 0.03 6.47
N GLY A 31 -12.44 -0.91 6.62
CA GLY A 31 -12.62 -1.94 5.61
C GLY A 31 -12.97 -1.37 4.26
N GLY A 32 -14.00 -0.51 4.23
CA GLY A 32 -14.42 0.09 2.97
C GLY A 32 -13.31 0.93 2.34
N LEU A 33 -12.58 1.66 3.17
CA LEU A 33 -11.50 2.51 2.69
C LEU A 33 -10.39 1.67 2.06
N ILE A 34 -9.99 0.60 2.75
CA ILE A 34 -8.94 -0.28 2.26
C ILE A 34 -9.32 -0.88 0.91
N THR A 35 -10.58 -1.31 0.80
CA THR A 35 -11.07 -1.91 -0.44
C THR A 35 -11.06 -0.90 -1.58
N HIS A 36 -11.51 0.32 -1.29
CA HIS A 36 -11.57 1.38 -2.29
C HIS A 36 -10.17 1.65 -2.86
N VAL A 37 -9.23 1.96 -1.97
CA VAL A 37 -7.87 2.25 -2.38
C VAL A 37 -7.25 1.06 -3.10
N LEU A 38 -7.60 -0.15 -2.67
CA LEU A 38 -7.08 -1.37 -3.27
C LEU A 38 -7.46 -1.45 -4.75
N TRP A 39 -8.74 -1.21 -5.03
CA TRP A 39 -9.23 -1.26 -6.41
C TRP A 39 -8.60 -0.14 -7.24
N GLU A 40 -8.50 1.05 -6.66
CA GLU A 40 -7.92 2.19 -7.35
C GLU A 40 -6.46 1.94 -7.71
N ILE A 41 -5.73 1.34 -6.77
CA ILE A 41 -4.32 1.03 -6.99
C ILE A 41 -4.14 0.01 -8.09
N VAL A 42 -4.92 -1.06 -8.03
CA VAL A 42 -4.85 -2.12 -9.04
C VAL A 42 -5.14 -1.57 -10.43
N GLU A 43 -6.20 -0.77 -10.54
CA GLU A 43 -6.58 -0.19 -11.83
C GLU A 43 -5.54 0.83 -12.28
N MET A 44 -5.07 1.65 -11.35
CA MET A 44 -4.07 2.66 -11.65
C MET A 44 -2.75 2.03 -12.07
N ARG A 45 -2.46 0.87 -11.50
CA ARG A 45 -1.23 0.16 -11.81
C ARG A 45 -1.30 -0.47 -13.20
N LYS A 46 -2.36 -1.22 -13.46
CA LYS A 46 -2.55 -1.87 -14.75
C LYS A 46 -2.82 -0.84 -15.84
N GLU A 47 -3.41 0.29 -15.46
CA GLU A 47 -3.72 1.34 -16.41
C GLU A 47 -2.46 1.80 -17.15
N LEU A 48 -1.36 1.89 -16.41
CA LEU A 48 -0.08 2.32 -16.99
C LEU A 48 0.29 1.44 -18.18
N CYS A 49 -0.16 0.20 -18.16
CA CYS A 49 0.12 -0.75 -19.24
C CYS A 49 -1.04 -0.83 -20.21
N ASN A 50 -1.78 0.27 -20.35
CA ASN A 50 -2.93 0.31 -21.24
C ASN A 50 -3.98 -0.71 -20.82
N GLY A 51 -4.02 -1.02 -19.54
CA GLY A 51 -4.98 -1.98 -19.03
C GLY A 51 -4.72 -3.38 -19.54
N ASN A 52 -3.45 -3.78 -19.55
CA ASN A 52 -3.07 -5.11 -20.01
C ASN A 52 -2.86 -6.06 -18.83
N SER A 53 -3.78 -6.99 -18.66
CA SER A 53 -3.70 -7.96 -17.57
C SER A 53 -2.36 -8.70 -17.60
N ASP A 54 -1.81 -8.85 -18.80
CA ASP A 54 -0.54 -9.53 -18.97
C ASP A 54 0.58 -8.78 -18.27
N CYS A 55 0.45 -7.46 -18.21
CA CYS A 55 1.45 -6.61 -17.57
C CYS A 55 1.56 -6.94 -16.08
N MET A 56 0.47 -7.42 -15.50
CA MET A 56 0.44 -7.77 -14.09
C MET A 56 1.41 -8.91 -13.79
N ASN A 57 1.32 -9.98 -14.57
CA ASN A 57 2.19 -11.14 -14.38
C ASN A 57 3.19 -11.26 -15.54
N ASN A 58 3.66 -10.12 -16.02
CA ASN A 58 4.61 -10.10 -17.12
C ASN A 58 6.01 -10.48 -16.64
N ASP A 59 6.40 -9.94 -15.50
CA ASP A 59 7.71 -10.23 -14.92
C ASP A 59 7.64 -10.29 -13.40
N ASP A 60 6.47 -10.65 -12.89
CA ASP A 60 6.27 -10.75 -11.44
C ASP A 60 6.88 -12.04 -10.90
N ALA A 61 6.98 -13.05 -11.76
CA ALA A 61 7.56 -14.33 -11.36
C ALA A 61 8.92 -14.15 -10.72
N LEU A 62 9.67 -13.16 -11.21
CA LEU A 62 11.00 -12.88 -10.67
C LEU A 62 10.98 -11.67 -9.75
N ALA A 63 10.08 -10.74 -10.04
CA ALA A 63 9.96 -9.53 -9.24
C ALA A 63 9.63 -9.87 -7.79
N GLU A 64 8.86 -10.93 -7.59
CA GLU A 64 8.47 -11.36 -6.25
C GLU A 64 9.70 -11.54 -5.36
N ASN A 65 10.81 -11.93 -5.97
CA ASN A 65 12.06 -12.14 -5.23
C ASN A 65 13.12 -11.13 -5.66
N ASN A 66 12.68 -9.92 -6.00
CA ASN A 66 13.59 -8.88 -6.44
C ASN A 66 13.15 -7.51 -5.92
N LEU A 67 12.43 -7.52 -4.80
CA LEU A 67 11.94 -6.28 -4.20
C LEU A 67 12.77 -5.90 -2.98
N LYS A 68 13.16 -4.64 -2.91
CA LYS A 68 13.96 -4.15 -1.79
C LYS A 68 13.07 -3.62 -0.68
N LEU A 69 11.87 -3.19 -1.03
CA LEU A 69 10.92 -2.67 -0.06
C LEU A 69 10.49 -3.76 0.92
N PRO A 70 9.96 -3.34 2.07
CA PRO A 70 9.50 -4.26 3.12
C PRO A 70 8.25 -5.03 2.71
N GLU A 71 8.17 -6.30 3.10
CA GLU A 71 7.03 -7.13 2.77
C GLU A 71 6.74 -8.12 3.91
N ILE A 72 5.46 -8.38 4.13
CA ILE A 72 5.04 -9.29 5.19
C ILE A 72 5.15 -10.74 4.73
N GLN A 73 6.18 -11.44 5.21
CA GLN A 73 6.39 -12.84 4.86
C GLN A 73 5.94 -13.76 5.98
N ARG A 74 4.99 -14.64 5.66
CA ARG A 74 4.47 -15.59 6.64
C ARG A 74 3.82 -14.85 7.82
N ASN A 75 3.27 -15.61 8.75
CA ASN A 75 2.61 -15.03 9.92
C ASN A 75 2.70 -15.98 11.11
N ASP A 76 2.42 -17.25 10.87
CA ASP A 76 2.46 -18.26 11.92
C ASP A 76 3.90 -18.60 12.29
N GLY A 77 4.19 -18.66 13.59
CA GLY A 77 5.53 -18.98 14.04
C GLY A 77 6.24 -17.77 14.61
N CYS A 78 6.19 -17.63 15.93
CA CYS A 78 6.85 -16.50 16.61
C CYS A 78 8.05 -16.99 17.41
N TYR A 79 9.02 -17.59 16.73
CA TYR A 79 10.21 -18.09 17.38
C TYR A 79 9.87 -19.17 18.41
N GLN A 80 9.95 -20.42 17.99
CA GLN A 80 9.65 -21.54 18.88
C GLN A 80 8.28 -21.37 19.52
N THR A 81 7.24 -21.79 18.81
CA THR A 81 5.87 -21.68 19.31
C THR A 81 5.57 -20.26 19.78
N GLY A 82 4.42 -20.09 20.42
CA GLY A 82 4.03 -18.77 20.91
C GLY A 82 4.02 -18.70 22.43
N TYR A 83 3.69 -19.82 23.07
CA TYR A 83 3.65 -19.87 24.53
C TYR A 83 2.78 -18.74 25.08
N ASN A 84 1.77 -18.36 24.32
CA ASN A 84 0.85 -17.29 24.74
C ASN A 84 -0.35 -17.20 23.80
N GLN A 85 -1.18 -16.18 24.00
CA GLN A 85 -2.36 -15.98 23.18
C GLN A 85 -1.97 -15.74 21.73
N GLU A 86 -1.45 -14.55 21.45
CA GLU A 86 -1.04 -14.18 20.10
C GLU A 86 -0.29 -12.86 20.09
N ILE A 87 0.95 -12.89 20.57
CA ILE A 87 1.79 -11.69 20.63
C ILE A 87 2.82 -11.70 19.51
N CYS A 88 2.54 -10.95 18.45
CA CYS A 88 3.45 -10.86 17.32
C CYS A 88 3.09 -9.69 16.41
N LEU A 89 4.09 -8.86 16.11
CA LEU A 89 3.88 -7.70 15.26
C LEU A 89 5.14 -7.36 14.47
N LEU A 90 4.99 -6.53 13.44
CA LEU A 90 6.12 -6.13 12.61
C LEU A 90 6.08 -4.63 12.31
N LYS A 91 7.04 -4.16 11.54
CA LYS A 91 7.11 -2.74 11.18
C LYS A 91 6.23 -2.44 9.98
N ILE A 92 4.96 -2.14 10.24
CA ILE A 92 4.01 -1.83 9.17
C ILE A 92 3.98 -0.33 8.91
N SER A 93 4.08 0.47 9.96
CA SER A 93 4.06 1.92 9.84
C SER A 93 5.07 2.40 8.80
N SER A 94 6.27 1.84 8.85
CA SER A 94 7.33 2.19 7.92
C SER A 94 6.88 1.98 6.48
N GLY A 95 6.39 0.78 6.19
CA GLY A 95 5.93 0.47 4.85
C GLY A 95 4.88 1.44 4.34
N LEU A 96 3.84 1.65 5.15
CA LEU A 96 2.77 2.57 4.79
C LEU A 96 3.32 3.96 4.48
N LEU A 97 4.21 4.44 5.35
CA LEU A 97 4.81 5.76 5.17
C LEU A 97 5.52 5.86 3.82
N GLU A 98 6.34 4.86 3.52
CA GLU A 98 7.08 4.85 2.26
C GLU A 98 6.13 4.92 1.07
N TYR A 99 5.14 4.03 1.05
CA TYR A 99 4.17 3.98 -0.02
C TYR A 99 3.48 5.34 -0.18
N HIS A 100 3.06 5.91 0.94
CA HIS A 100 2.39 7.20 0.93
C HIS A 100 3.24 8.27 0.23
N SER A 101 4.51 8.33 0.61
CA SER A 101 5.43 9.30 0.03
C SER A 101 5.61 9.05 -1.47
N TYR A 102 5.64 7.78 -1.85
CA TYR A 102 5.79 7.40 -3.25
C TYR A 102 4.64 7.93 -4.09
N LEU A 103 3.44 7.45 -3.80
CA LEU A 103 2.25 7.87 -4.54
C LEU A 103 2.09 9.38 -4.49
N GLU A 104 2.45 9.98 -3.36
CA GLU A 104 2.35 11.42 -3.19
C GLU A 104 3.24 12.15 -4.18
N TYR A 105 4.48 11.68 -4.32
CA TYR A 105 5.44 12.29 -5.24
C TYR A 105 4.98 12.12 -6.69
N MET A 106 4.50 10.92 -7.01
CA MET A 106 4.04 10.63 -8.36
C MET A 106 2.73 11.37 -8.66
N LYS A 107 1.98 11.68 -7.61
CA LYS A 107 0.71 12.39 -7.75
C LYS A 107 0.94 13.84 -8.16
N ASN A 108 2.11 14.37 -7.81
CA ASN A 108 2.46 15.75 -8.13
C ASN A 108 2.44 15.97 -9.65
N ASN A 109 2.87 14.95 -10.39
CA ASN A 109 2.92 15.03 -11.85
C ASN A 109 2.24 13.81 -12.48
N LEU A 110 0.98 13.98 -12.85
CA LEU A 110 0.22 12.90 -13.46
C LEU A 110 -0.82 13.45 -14.44
N LYS A 111 -1.52 12.54 -15.12
CA LYS A 111 -2.54 12.94 -16.09
C LYS A 111 -3.80 13.41 -15.38
N ASP A 112 -4.84 13.71 -16.16
CA ASP A 112 -6.10 14.19 -15.60
C ASP A 112 -6.74 13.11 -14.73
N ASN A 113 -6.86 11.90 -15.28
CA ASN A 113 -7.45 10.78 -14.55
C ASN A 113 -6.50 10.26 -13.48
N LYS A 114 -5.23 10.09 -13.85
CA LYS A 114 -4.21 9.60 -12.93
C LYS A 114 -4.15 10.48 -11.68
N LYS A 115 -4.26 11.79 -11.89
CA LYS A 115 -4.21 12.74 -10.79
C LYS A 115 -5.40 12.56 -9.85
N ASP A 116 -6.60 12.51 -10.44
CA ASP A 116 -7.82 12.34 -9.66
C ASP A 116 -7.73 11.11 -8.78
N LYS A 117 -7.32 9.99 -9.36
CA LYS A 117 -7.19 8.73 -8.63
C LYS A 117 -6.07 8.82 -7.61
N ALA A 118 -4.96 9.43 -8.00
CA ALA A 118 -3.81 9.59 -7.11
C ALA A 118 -4.21 10.25 -5.81
N ARG A 119 -4.98 11.33 -5.91
CA ARG A 119 -5.42 12.07 -4.73
C ARG A 119 -6.16 11.15 -3.76
N VAL A 120 -7.12 10.39 -4.28
CA VAL A 120 -7.89 9.46 -3.47
C VAL A 120 -6.98 8.42 -2.80
N LEU A 121 -6.00 7.93 -3.56
CA LEU A 121 -5.07 6.94 -3.04
C LEU A 121 -4.32 7.48 -1.81
N GLN A 122 -3.76 8.68 -1.96
CA GLN A 122 -3.02 9.30 -0.86
C GLN A 122 -3.91 9.49 0.36
N ARG A 123 -5.07 10.10 0.15
CA ARG A 123 -6.00 10.35 1.24
C ARG A 123 -6.32 9.05 1.99
N ASP A 124 -6.74 8.03 1.24
CA ASP A 124 -7.09 6.74 1.82
C ASP A 124 -5.93 6.20 2.66
N THR A 125 -4.72 6.27 2.12
CA THR A 125 -3.54 5.79 2.81
C THR A 125 -3.36 6.51 4.15
N GLU A 126 -3.47 7.84 4.12
CA GLU A 126 -3.32 8.64 5.32
C GLU A 126 -4.40 8.29 6.35
N THR A 127 -5.59 7.94 5.86
CA THR A 127 -6.70 7.58 6.73
C THR A 127 -6.44 6.26 7.44
N LEU A 128 -6.18 5.22 6.66
CA LEU A 128 -5.91 3.89 7.22
C LEU A 128 -4.70 3.92 8.14
N ILE A 129 -3.73 4.78 7.80
CA ILE A 129 -2.51 4.90 8.59
C ILE A 129 -2.79 5.59 9.91
N HIS A 130 -3.59 6.66 9.86
CA HIS A 130 -3.94 7.41 11.07
C HIS A 130 -4.72 6.54 12.04
N ILE A 131 -5.68 5.79 11.51
CA ILE A 131 -6.51 4.92 12.35
C ILE A 131 -5.68 3.78 12.93
N PHE A 132 -4.97 3.06 12.06
CA PHE A 132 -4.15 1.94 12.50
C PHE A 132 -3.10 2.39 13.50
N ASN A 133 -2.39 3.47 13.16
CA ASN A 133 -1.36 4.02 14.03
C ASN A 133 -1.94 4.45 15.38
N GLN A 134 -3.11 5.08 15.33
CA GLN A 134 -3.78 5.54 16.53
C GLN A 134 -4.15 4.37 17.44
N GLU A 135 -4.62 3.29 16.83
CA GLU A 135 -5.00 2.10 17.58
C GLU A 135 -3.79 1.46 18.26
N VAL A 136 -2.75 1.22 17.48
CA VAL A 136 -1.53 0.61 17.99
C VAL A 136 -0.85 1.53 18.99
N LYS A 137 -0.95 2.83 18.76
CA LYS A 137 -0.34 3.83 19.64
C LYS A 137 -1.05 3.87 20.99
N ASP A 138 -2.38 3.77 20.97
CA ASP A 138 -3.17 3.80 22.19
C ASP A 138 -3.14 2.44 22.88
N LEU A 139 -2.90 1.38 22.11
CA LEU A 139 -2.83 0.03 22.64
C LEU A 139 -1.48 -0.23 23.29
N HIS A 140 -0.42 0.10 22.57
CA HIS A 140 0.94 -0.10 23.08
C HIS A 140 1.82 1.11 22.78
N LYS A 141 2.23 1.24 21.52
CA LYS A 141 3.08 2.35 21.10
C LYS A 141 3.38 2.28 19.62
N ILE A 142 4.31 3.11 19.16
CA ILE A 142 4.70 3.13 17.75
C ILE A 142 5.87 4.07 17.52
N VAL A 143 6.73 3.70 16.58
CA VAL A 143 7.90 4.52 16.26
C VAL A 143 8.18 4.51 14.75
N LEU A 144 9.04 5.42 14.31
CA LEU A 144 9.39 5.52 12.90
C LEU A 144 10.41 6.64 12.67
N PRO A 145 11.41 6.35 11.83
CA PRO A 145 12.46 7.32 11.50
C PRO A 145 11.94 8.48 10.65
N THR A 146 11.93 8.28 9.33
CA THR A 146 11.45 9.32 8.42
C THR A 146 11.57 8.86 6.97
N PRO A 147 10.63 9.31 6.13
CA PRO A 147 10.61 8.96 4.71
C PRO A 147 11.76 9.59 3.93
N ILE A 148 12.59 8.75 3.32
CA ILE A 148 13.73 9.23 2.55
C ILE A 148 13.60 8.84 1.08
N SER A 149 12.80 7.81 0.81
CA SER A 149 12.59 7.34 -0.55
C SER A 149 12.18 8.49 -1.46
N ASN A 150 11.23 9.31 -0.99
CA ASN A 150 10.75 10.44 -1.76
C ASN A 150 11.92 11.30 -2.27
N ALA A 151 12.82 11.65 -1.36
CA ALA A 151 13.98 12.44 -1.72
C ALA A 151 14.75 11.82 -2.87
N LEU A 152 15.12 10.56 -2.71
CA LEU A 152 15.87 9.83 -3.73
C LEU A 152 15.18 9.95 -5.09
N LEU A 153 13.90 9.60 -5.14
CA LEU A 153 13.14 9.67 -6.37
C LEU A 153 13.24 11.05 -7.00
N THR A 154 12.72 12.06 -6.30
CA THR A 154 12.76 13.43 -6.79
C THR A 154 14.17 13.83 -7.20
N ASP A 155 15.16 13.29 -6.50
CA ASP A 155 16.55 13.59 -6.80
C ASP A 155 16.86 13.36 -8.27
N LYS A 156 16.15 12.42 -8.88
CA LYS A 156 16.35 12.09 -10.28
C LYS A 156 17.80 11.67 -10.55
N LEU A 157 18.07 11.31 -11.80
CA LEU A 157 19.42 10.87 -12.19
C LEU A 157 19.64 11.08 -13.68
N GLU A 158 20.12 12.26 -14.05
CA GLU A 158 20.38 12.58 -15.45
C GLU A 158 19.09 12.58 -16.26
N SER A 159 19.13 13.20 -17.42
CA SER A 159 17.96 13.28 -18.30
C SER A 159 17.93 12.10 -19.27
N GLN A 160 17.38 10.98 -18.81
CA GLN A 160 17.30 9.77 -19.62
C GLN A 160 16.03 8.98 -19.30
N LYS A 161 14.96 9.69 -18.98
CA LYS A 161 13.69 9.05 -18.65
C LYS A 161 12.68 9.23 -19.78
N GLU A 162 11.99 8.15 -20.13
CA GLU A 162 11.00 8.19 -21.19
C GLU A 162 9.99 7.04 -21.04
N TRP A 163 10.52 5.83 -20.84
CA TRP A 163 9.68 4.66 -20.68
C TRP A 163 10.31 3.66 -19.71
N LEU A 164 11.04 4.18 -18.73
CA LEU A 164 11.68 3.33 -17.74
C LEU A 164 11.06 3.52 -16.36
N ARG A 165 10.47 4.69 -16.14
CA ARG A 165 9.83 5.01 -14.87
C ARG A 165 8.74 3.98 -14.55
N THR A 166 8.14 3.40 -15.59
CA THR A 166 7.10 2.41 -15.41
C THR A 166 7.54 1.30 -14.47
N LYS A 167 8.84 1.07 -14.41
CA LYS A 167 9.40 0.04 -13.54
C LYS A 167 9.26 0.43 -12.07
N THR A 168 10.02 1.43 -11.65
CA THR A 168 9.98 1.90 -10.28
C THR A 168 8.54 2.11 -9.81
N ILE A 169 7.74 2.76 -10.65
CA ILE A 169 6.35 3.03 -10.33
C ILE A 169 5.57 1.73 -10.13
N GLN A 170 5.70 0.82 -11.07
CA GLN A 170 5.01 -0.46 -11.00
C GLN A 170 5.46 -1.25 -9.77
N PHE A 171 6.69 -1.03 -9.35
CA PHE A 171 7.24 -1.72 -8.18
C PHE A 171 6.59 -1.21 -6.91
N ILE A 172 6.65 0.09 -6.70
CA ILE A 172 6.06 0.70 -5.50
C ILE A 172 4.56 0.47 -5.45
N LEU A 173 3.92 0.52 -6.62
CA LEU A 173 2.48 0.32 -6.70
C LEU A 173 2.11 -1.12 -6.35
N LYS A 174 2.75 -2.07 -7.01
CA LYS A 174 2.49 -3.49 -6.76
C LYS A 174 2.76 -3.84 -5.30
N SER A 175 3.86 -3.32 -4.77
CA SER A 175 4.24 -3.59 -3.38
C SER A 175 3.21 -3.00 -2.42
N LEU A 176 2.75 -1.78 -2.72
CA LEU A 176 1.77 -1.12 -1.88
C LEU A 176 0.46 -1.89 -1.84
N GLU A 177 0.05 -2.40 -3.01
CA GLU A 177 -1.18 -3.17 -3.12
C GLU A 177 -1.09 -4.47 -2.33
N GLU A 178 -0.09 -5.29 -2.67
CA GLU A 178 0.11 -6.56 -2.00
C GLU A 178 0.27 -6.37 -0.49
N PHE A 179 0.93 -5.28 -0.11
CA PHE A 179 1.16 -4.98 1.30
C PHE A 179 -0.17 -4.68 2.00
N LEU A 180 -0.97 -3.81 1.40
CA LEU A 180 -2.25 -3.43 1.96
C LEU A 180 -3.16 -4.64 2.10
N LYS A 181 -3.10 -5.54 1.12
CA LYS A 181 -3.91 -6.75 1.13
C LYS A 181 -3.51 -7.67 2.27
N VAL A 182 -2.25 -8.10 2.26
CA VAL A 182 -1.73 -8.98 3.29
C VAL A 182 -1.91 -8.37 4.68
N THR A 183 -1.85 -7.04 4.74
CA THR A 183 -2.01 -6.33 6.01
C THR A 183 -3.47 -6.26 6.42
N LEU A 184 -4.35 -6.17 5.44
CA LEU A 184 -5.79 -6.09 5.70
C LEU A 184 -6.33 -7.44 6.18
N ARG A 185 -5.78 -8.52 5.63
CA ARG A 185 -6.21 -9.86 6.00
C ARG A 185 -5.51 -10.31 7.28
N SER A 186 -4.25 -9.95 7.43
CA SER A 186 -3.47 -10.32 8.60
C SER A 186 -3.97 -9.59 9.84
N THR A 187 -4.12 -8.27 9.71
CA THR A 187 -4.59 -7.44 10.82
C THR A 187 -5.88 -8.00 11.42
N ARG A 188 -6.67 -8.66 10.58
CA ARG A 188 -7.93 -9.25 11.03
C ARG A 188 -7.70 -10.25 12.15
N GLN A 189 -8.77 -10.88 12.62
CA GLN A 189 -8.69 -11.86 13.69
C GLN A 189 -9.09 -13.24 13.19
N THR A 190 -9.81 -13.29 12.07
CA THR A 190 -10.25 -14.54 11.49
C THR A 190 -9.08 -15.49 11.28
N SER A 7 -6.85 -13.45 -0.41
CA SER A 7 -7.67 -12.60 -1.27
C SER A 7 -9.12 -12.60 -0.81
N GLN A 8 -9.65 -11.42 -0.53
CA GLN A 8 -11.03 -11.28 -0.08
C GLN A 8 -11.61 -9.93 -0.50
N VAL A 9 -12.31 -9.92 -1.63
CA VAL A 9 -12.92 -8.70 -2.14
C VAL A 9 -14.44 -8.84 -2.23
N ARG A 10 -15.13 -7.74 -1.96
CA ARG A 10 -16.59 -7.74 -2.00
C ARG A 10 -17.10 -6.66 -2.96
N ARG A 11 -17.84 -7.09 -3.98
CA ARG A 11 -18.39 -6.15 -4.96
C ARG A 11 -19.87 -6.39 -5.16
N GLY A 12 -20.50 -5.57 -6.00
CA GLY A 12 -21.91 -5.70 -6.26
C GLY A 12 -22.60 -4.37 -6.50
N ASP A 13 -21.96 -3.30 -6.04
CA ASP A 13 -22.51 -1.95 -6.20
C ASP A 13 -21.59 -1.09 -7.06
N PHE A 14 -21.82 -1.11 -8.36
CA PHE A 14 -21.02 -0.32 -9.30
C PHE A 14 -19.54 -0.62 -9.11
N THR A 15 -18.69 0.15 -9.79
CA THR A 15 -17.25 -0.02 -9.70
C THR A 15 -16.62 1.03 -8.80
N GLU A 16 -17.21 2.22 -8.78
CA GLU A 16 -16.70 3.30 -7.96
C GLU A 16 -17.84 4.18 -7.44
N ASP A 17 -17.63 4.79 -6.29
CA ASP A 17 -18.65 5.66 -5.68
C ASP A 17 -18.03 6.57 -4.63
N THR A 18 -16.74 6.89 -4.82
CA THR A 18 -16.04 7.75 -3.88
C THR A 18 -16.17 7.26 -2.46
N THR A 19 -15.68 8.05 -1.51
CA THR A 19 -15.74 7.69 -0.10
C THR A 19 -16.73 8.57 0.65
N PRO A 20 -17.20 8.08 1.82
CA PRO A 20 -18.16 8.83 2.65
C PRO A 20 -17.53 10.05 3.30
N ASN A 21 -18.33 10.77 4.08
CA ASN A 21 -17.86 11.97 4.76
C ASN A 21 -18.09 11.87 6.27
N ARG A 22 -18.12 10.64 6.77
CA ARG A 22 -18.34 10.41 8.20
C ARG A 22 -17.24 9.51 8.76
N PRO A 23 -16.04 10.09 8.95
CA PRO A 23 -14.89 9.36 9.49
C PRO A 23 -15.07 9.02 10.97
N VAL A 24 -15.70 7.89 11.24
CA VAL A 24 -15.93 7.46 12.61
C VAL A 24 -14.77 6.60 13.12
N TYR A 25 -13.90 6.19 12.20
CA TYR A 25 -12.76 5.35 12.55
C TYR A 25 -13.21 4.01 13.11
N THR A 26 -14.04 3.32 12.35
CA THR A 26 -14.55 2.01 12.77
C THR A 26 -14.15 0.92 11.77
N THR A 27 -14.28 -0.33 12.20
CA THR A 27 -13.93 -1.47 11.34
C THR A 27 -14.59 -1.34 9.98
N SER A 28 -15.78 -0.76 9.95
CA SER A 28 -16.52 -0.59 8.69
C SER A 28 -15.83 0.44 7.80
N GLN A 29 -15.41 1.55 8.40
CA GLN A 29 -14.75 2.62 7.66
C GLN A 29 -13.44 2.11 7.05
N VAL A 30 -12.62 1.48 7.88
CA VAL A 30 -11.34 0.95 7.42
C VAL A 30 -11.53 -0.12 6.36
N GLY A 31 -12.54 -0.96 6.54
CA GLY A 31 -12.81 -2.02 5.59
C GLY A 31 -13.15 -1.49 4.21
N GLY A 32 -14.10 -0.57 4.15
CA GLY A 32 -14.49 0.01 2.88
C GLY A 32 -13.38 0.83 2.24
N LEU A 33 -12.61 1.52 3.08
CA LEU A 33 -11.51 2.35 2.60
C LEU A 33 -10.38 1.48 2.05
N ILE A 34 -10.16 0.33 2.68
CA ILE A 34 -9.12 -0.58 2.26
C ILE A 34 -9.44 -1.21 0.92
N THR A 35 -10.67 -1.70 0.79
CA THR A 35 -11.12 -2.34 -0.45
C THR A 35 -11.14 -1.33 -1.60
N HIS A 36 -11.60 -0.12 -1.31
CA HIS A 36 -11.67 0.93 -2.31
C HIS A 36 -10.27 1.32 -2.80
N VAL A 37 -9.41 1.69 -1.86
CA VAL A 37 -8.05 2.08 -2.19
C VAL A 37 -7.29 0.94 -2.87
N LEU A 38 -7.62 -0.28 -2.48
CA LEU A 38 -6.97 -1.47 -3.07
C LEU A 38 -7.30 -1.59 -4.55
N TRP A 39 -8.58 -1.49 -4.87
CA TRP A 39 -9.03 -1.59 -6.26
C TRP A 39 -8.46 -0.46 -7.10
N GLU A 40 -8.46 0.75 -6.54
CA GLU A 40 -7.94 1.91 -7.25
C GLU A 40 -6.45 1.74 -7.56
N ILE A 41 -5.71 1.25 -6.58
CA ILE A 41 -4.28 1.04 -6.74
C ILE A 41 -3.99 0.03 -7.84
N VAL A 42 -4.71 -1.09 -7.81
CA VAL A 42 -4.54 -2.13 -8.82
C VAL A 42 -4.82 -1.61 -10.22
N GLU A 43 -5.90 -0.84 -10.35
CA GLU A 43 -6.28 -0.28 -11.64
C GLU A 43 -5.28 0.79 -12.08
N MET A 44 -4.87 1.64 -11.14
CA MET A 44 -3.92 2.70 -11.42
C MET A 44 -2.56 2.14 -11.78
N ARG A 45 -2.23 0.99 -11.19
CA ARG A 45 -0.95 0.34 -11.45
C ARG A 45 -0.94 -0.34 -12.82
N LYS A 46 -1.97 -1.16 -13.07
CA LYS A 46 -2.10 -1.86 -14.34
C LYS A 46 -2.38 -0.89 -15.48
N GLU A 47 -3.03 0.22 -15.15
CA GLU A 47 -3.36 1.23 -16.15
C GLU A 47 -2.11 1.66 -16.92
N LEU A 48 -1.01 1.82 -16.20
CA LEU A 48 0.25 2.24 -16.82
C LEU A 48 0.64 1.30 -17.96
N CYS A 49 0.19 0.05 -17.87
CA CYS A 49 0.48 -0.94 -18.90
C CYS A 49 -0.68 -1.06 -19.88
N ASN A 50 -1.38 0.04 -20.10
CA ASN A 50 -2.52 0.06 -21.01
C ASN A 50 -3.59 -0.94 -20.58
N GLY A 51 -3.63 -1.21 -19.27
CA GLY A 51 -4.61 -2.13 -18.75
C GLY A 51 -4.44 -3.53 -19.29
N ASN A 52 -3.19 -3.99 -19.38
CA ASN A 52 -2.90 -5.33 -19.89
C ASN A 52 -2.92 -6.36 -18.77
N SER A 53 -3.96 -7.18 -18.73
CA SER A 53 -4.09 -8.21 -17.71
C SER A 53 -2.83 -9.07 -17.64
N ASP A 54 -2.27 -9.37 -18.80
CA ASP A 54 -1.07 -10.20 -18.87
C ASP A 54 0.12 -9.47 -18.24
N CYS A 55 0.18 -8.17 -18.45
CA CYS A 55 1.26 -7.35 -17.89
C CYS A 55 1.38 -7.56 -16.39
N MET A 56 0.27 -7.90 -15.75
CA MET A 56 0.25 -8.12 -14.31
C MET A 56 1.06 -9.37 -13.94
N ASN A 57 0.76 -10.47 -14.62
CA ASN A 57 1.46 -11.73 -14.36
C ASN A 57 2.49 -12.01 -15.44
N ASN A 58 3.10 -10.95 -15.97
CA ASN A 58 4.11 -11.07 -17.00
C ASN A 58 5.50 -11.18 -16.39
N ASP A 59 5.92 -10.14 -15.68
CA ASP A 59 7.23 -10.13 -15.04
C ASP A 59 7.10 -10.19 -13.53
N ASP A 60 6.04 -10.84 -13.06
CA ASP A 60 5.79 -10.99 -11.63
C ASP A 60 6.32 -12.33 -11.11
N ALA A 61 7.37 -12.82 -11.76
CA ALA A 61 7.97 -14.10 -11.37
C ALA A 61 9.32 -13.88 -10.69
N LEU A 62 10.05 -12.87 -11.16
CA LEU A 62 11.36 -12.56 -10.59
C LEU A 62 11.33 -11.22 -9.84
N ALA A 63 10.56 -10.29 -10.36
CA ALA A 63 10.43 -8.97 -9.73
C ALA A 63 9.78 -9.07 -8.36
N GLU A 64 8.91 -10.06 -8.20
CA GLU A 64 8.22 -10.27 -6.93
C GLU A 64 9.21 -10.57 -5.81
N ASN A 65 10.35 -11.14 -6.18
CA ASN A 65 11.38 -11.48 -5.20
C ASN A 65 12.63 -10.63 -5.42
N ASN A 66 12.44 -9.44 -5.97
CA ASN A 66 13.55 -8.53 -6.23
C ASN A 66 13.17 -7.09 -5.89
N LEU A 67 12.22 -6.94 -4.99
CA LEU A 67 11.76 -5.61 -4.58
C LEU A 67 12.53 -5.11 -3.36
N LYS A 68 12.79 -6.02 -2.42
CA LYS A 68 13.52 -5.68 -1.21
C LYS A 68 12.82 -4.56 -0.44
N LEU A 69 11.52 -4.41 -0.69
CA LEU A 69 10.73 -3.37 -0.01
C LEU A 69 10.26 -3.86 1.35
N PRO A 70 9.93 -2.90 2.23
CA PRO A 70 9.46 -3.20 3.59
C PRO A 70 8.06 -3.81 3.59
N GLU A 71 8.00 -5.13 3.38
CA GLU A 71 6.73 -5.84 3.36
C GLU A 71 6.72 -6.96 4.39
N ILE A 72 5.54 -7.24 4.95
CA ILE A 72 5.39 -8.28 5.94
C ILE A 72 5.98 -9.60 5.45
N GLN A 73 6.58 -10.36 6.38
CA GLN A 73 7.18 -11.64 6.04
C GLN A 73 7.04 -12.63 7.19
N ARG A 74 5.98 -13.42 7.15
CA ARG A 74 5.73 -14.41 8.19
C ARG A 74 5.51 -13.73 9.55
N ASN A 75 4.26 -13.66 9.97
CA ASN A 75 3.92 -13.03 11.25
C ASN A 75 2.84 -13.84 11.98
N ASP A 76 2.85 -13.75 13.31
CA ASP A 76 1.88 -14.47 14.12
C ASP A 76 1.57 -13.69 15.40
N GLY A 77 1.10 -12.46 15.25
CA GLY A 77 0.78 -11.63 16.40
C GLY A 77 1.98 -11.38 17.29
N CYS A 78 3.10 -11.01 16.68
CA CYS A 78 4.32 -10.73 17.42
C CYS A 78 4.91 -12.02 17.99
N TYR A 79 4.29 -12.53 19.06
CA TYR A 79 4.75 -13.76 19.70
C TYR A 79 3.78 -14.19 20.80
N GLN A 80 2.76 -14.95 20.40
CA GLN A 80 1.77 -15.44 21.35
C GLN A 80 1.08 -14.28 22.05
N THR A 81 0.29 -14.59 23.09
CA THR A 81 -0.42 -13.58 23.83
C THR A 81 0.54 -12.61 24.51
N GLY A 82 1.63 -13.14 25.05
CA GLY A 82 2.62 -12.31 25.71
C GLY A 82 2.16 -11.86 27.08
N TYR A 83 3.12 -11.47 27.92
CA TYR A 83 2.81 -11.02 29.27
C TYR A 83 3.36 -9.61 29.52
N ASN A 84 4.67 -9.46 29.36
CA ASN A 84 5.31 -8.17 29.56
C ASN A 84 6.78 -8.21 29.12
N GLN A 85 7.48 -9.26 29.56
CA GLN A 85 8.89 -9.43 29.21
C GLN A 85 9.08 -9.45 27.71
N GLU A 86 10.33 -9.57 27.27
CA GLU A 86 10.65 -9.61 25.84
C GLU A 86 10.22 -8.31 25.16
N ILE A 87 10.50 -8.22 23.86
CA ILE A 87 10.15 -7.04 23.09
C ILE A 87 9.38 -7.42 21.83
N CYS A 88 8.99 -6.41 21.05
CA CYS A 88 8.25 -6.63 19.82
C CYS A 88 8.81 -5.78 18.68
N LEU A 89 9.27 -6.45 17.63
CA LEU A 89 9.83 -5.76 16.47
C LEU A 89 8.76 -5.52 15.41
N LEU A 90 8.49 -4.24 15.15
CA LEU A 90 7.48 -3.86 14.16
C LEU A 90 8.15 -3.26 12.92
N LYS A 91 7.52 -3.45 11.77
CA LYS A 91 8.04 -2.92 10.51
C LYS A 91 6.91 -2.59 9.55
N ILE A 92 5.74 -2.26 10.10
CA ILE A 92 4.58 -1.91 9.29
C ILE A 92 4.53 -0.43 9.02
N SER A 93 4.84 0.37 10.03
CA SER A 93 4.82 1.83 9.90
C SER A 93 5.77 2.28 8.80
N SER A 94 6.99 1.75 8.81
CA SER A 94 7.99 2.10 7.81
C SER A 94 7.44 1.89 6.40
N GLY A 95 6.92 0.69 6.15
CA GLY A 95 6.38 0.38 4.84
C GLY A 95 5.22 1.30 4.46
N LEU A 96 4.25 1.44 5.35
CA LEU A 96 3.10 2.29 5.10
C LEU A 96 3.54 3.72 4.77
N LEU A 97 4.43 4.27 5.58
CA LEU A 97 4.92 5.62 5.38
C LEU A 97 5.56 5.76 4.00
N GLU A 98 6.43 4.82 3.66
CA GLU A 98 7.11 4.84 2.37
C GLU A 98 6.09 4.89 1.23
N TYR A 99 5.11 4.00 1.27
CA TYR A 99 4.07 3.93 0.24
C TYR A 99 3.37 5.28 0.10
N HIS A 100 2.94 5.84 1.22
CA HIS A 100 2.25 7.13 1.21
C HIS A 100 3.10 8.20 0.55
N SER A 101 4.40 8.21 0.87
CA SER A 101 5.32 9.18 0.30
C SER A 101 5.44 9.00 -1.21
N TYR A 102 5.44 7.75 -1.65
CA TYR A 102 5.56 7.43 -3.07
C TYR A 102 4.35 7.96 -3.84
N LEU A 103 3.18 7.45 -3.49
CA LEU A 103 1.94 7.87 -4.15
C LEU A 103 1.78 9.39 -4.10
N GLU A 104 2.15 9.98 -2.98
CA GLU A 104 2.05 11.43 -2.80
C GLU A 104 3.05 12.15 -3.71
N TYR A 105 4.22 11.55 -3.90
CA TYR A 105 5.25 12.14 -4.73
C TYR A 105 4.86 12.09 -6.20
N MET A 106 4.23 10.99 -6.60
CA MET A 106 3.80 10.81 -7.98
C MET A 106 2.56 11.67 -8.28
N LYS A 107 1.70 11.82 -7.28
CA LYS A 107 0.48 12.61 -7.43
C LYS A 107 0.82 14.06 -7.72
N ASN A 108 2.00 14.50 -7.28
CA ASN A 108 2.43 15.87 -7.49
C ASN A 108 2.50 16.20 -8.99
N ASN A 109 2.98 15.24 -9.77
CA ASN A 109 3.10 15.41 -11.21
C ASN A 109 2.49 14.24 -11.96
N LEU A 110 1.25 14.42 -12.42
CA LEU A 110 0.56 13.38 -13.16
C LEU A 110 -0.40 13.98 -14.18
N LYS A 111 -1.07 13.11 -14.95
CA LYS A 111 -2.02 13.57 -15.96
C LYS A 111 -3.35 13.94 -15.33
N ASP A 112 -4.33 14.29 -16.17
CA ASP A 112 -5.64 14.68 -15.69
C ASP A 112 -6.31 13.52 -14.96
N ASN A 113 -6.35 12.36 -15.59
CA ASN A 113 -6.96 11.18 -15.00
C ASN A 113 -6.14 10.67 -13.82
N LYS A 114 -4.83 10.53 -14.03
CA LYS A 114 -3.93 10.06 -12.99
C LYS A 114 -4.04 10.93 -11.74
N LYS A 115 -4.21 12.23 -11.95
CA LYS A 115 -4.32 13.17 -10.84
C LYS A 115 -5.61 12.93 -10.05
N ASP A 116 -6.74 12.91 -10.76
CA ASP A 116 -8.03 12.69 -10.14
C ASP A 116 -8.02 11.42 -9.29
N LYS A 117 -7.46 10.35 -9.85
CA LYS A 117 -7.39 9.07 -9.15
C LYS A 117 -6.38 9.14 -8.01
N ALA A 118 -5.25 9.80 -8.27
CA ALA A 118 -4.21 9.94 -7.26
C ALA A 118 -4.75 10.56 -5.98
N ARG A 119 -5.58 11.59 -6.13
CA ARG A 119 -6.17 12.27 -4.99
C ARG A 119 -6.91 11.28 -4.09
N VAL A 120 -7.68 10.38 -4.71
CA VAL A 120 -8.43 9.38 -3.96
C VAL A 120 -7.51 8.32 -3.36
N LEU A 121 -6.44 8.01 -4.09
CA LEU A 121 -5.47 7.01 -3.63
C LEU A 121 -4.74 7.49 -2.39
N GLN A 122 -4.17 8.70 -2.48
CA GLN A 122 -3.43 9.28 -1.36
C GLN A 122 -4.36 9.55 -0.18
N ARG A 123 -5.55 10.07 -0.47
CA ARG A 123 -6.53 10.37 0.57
C ARG A 123 -6.89 9.11 1.36
N ASP A 124 -7.29 8.06 0.64
CA ASP A 124 -7.66 6.81 1.28
C ASP A 124 -6.51 6.27 2.13
N THR A 125 -5.34 6.11 1.52
CA THR A 125 -4.17 5.60 2.23
C THR A 125 -3.87 6.45 3.46
N GLU A 126 -3.91 7.77 3.28
CA GLU A 126 -3.63 8.69 4.37
C GLU A 126 -4.50 8.39 5.58
N THR A 127 -5.81 8.33 5.36
CA THR A 127 -6.76 8.04 6.44
C THR A 127 -6.51 6.67 7.04
N LEU A 128 -6.12 5.72 6.20
CA LEU A 128 -5.84 4.37 6.64
C LEU A 128 -4.66 4.33 7.61
N ILE A 129 -3.55 4.92 7.19
CA ILE A 129 -2.35 4.97 8.01
C ILE A 129 -2.61 5.70 9.32
N HIS A 130 -3.42 6.75 9.26
CA HIS A 130 -3.75 7.52 10.45
C HIS A 130 -4.52 6.67 11.45
N ILE A 131 -5.55 5.98 10.97
CA ILE A 131 -6.36 5.12 11.82
C ILE A 131 -5.54 3.98 12.42
N PHE A 132 -4.86 3.23 11.54
CA PHE A 132 -4.03 2.12 11.97
C PHE A 132 -2.96 2.58 12.96
N ASN A 133 -2.36 3.72 12.66
CA ASN A 133 -1.31 4.27 13.52
C ASN A 133 -1.86 4.57 14.91
N GLN A 134 -2.98 5.27 14.97
CA GLN A 134 -3.60 5.62 16.24
C GLN A 134 -3.89 4.37 17.07
N GLU A 135 -4.56 3.40 16.45
CA GLU A 135 -4.90 2.16 17.13
C GLU A 135 -3.65 1.48 17.69
N VAL A 136 -2.65 1.31 16.84
CA VAL A 136 -1.40 0.68 17.26
C VAL A 136 -0.73 1.46 18.37
N LYS A 137 -0.69 2.78 18.22
CA LYS A 137 -0.08 3.66 19.22
C LYS A 137 -0.72 3.45 20.59
N ASP A 138 -2.05 3.37 20.61
CA ASP A 138 -2.77 3.16 21.85
C ASP A 138 -2.69 1.70 22.30
N LEU A 139 -2.44 0.80 21.36
CA LEU A 139 -2.33 -0.61 21.64
C LEU A 139 -1.03 -0.93 22.38
N HIS A 140 0.09 -0.59 21.75
CA HIS A 140 1.40 -0.83 22.34
C HIS A 140 2.41 0.22 21.87
N LYS A 141 1.93 1.41 21.57
CA LYS A 141 2.78 2.49 21.09
C LYS A 141 3.46 2.11 19.78
N ILE A 142 4.04 3.11 19.11
CA ILE A 142 4.72 2.88 17.83
C ILE A 142 5.34 4.17 17.30
N VAL A 143 6.57 4.07 16.81
CA VAL A 143 7.28 5.22 16.28
C VAL A 143 8.21 4.81 15.14
N LEU A 144 8.59 5.78 14.32
CA LEU A 144 9.48 5.53 13.19
C LEU A 144 10.29 6.77 12.85
N PRO A 145 11.46 6.56 12.23
CA PRO A 145 12.35 7.65 11.83
C PRO A 145 11.78 8.47 10.67
N THR A 146 12.05 8.03 9.45
CA THR A 146 11.56 8.71 8.27
C THR A 146 11.98 7.98 6.99
N PRO A 147 11.26 8.25 5.89
CA PRO A 147 11.54 7.63 4.59
C PRO A 147 12.84 8.13 3.97
N ILE A 148 13.44 7.32 3.12
CA ILE A 148 14.69 7.69 2.46
C ILE A 148 14.55 7.62 0.94
N SER A 149 13.77 6.65 0.47
CA SER A 149 13.56 6.48 -0.97
C SER A 149 13.06 7.77 -1.60
N ASN A 150 12.38 8.59 -0.81
CA ASN A 150 11.85 9.86 -1.29
C ASN A 150 12.94 10.67 -1.98
N ALA A 151 14.11 10.75 -1.34
CA ALA A 151 15.23 11.49 -1.90
C ALA A 151 15.70 10.89 -3.21
N LEU A 152 15.56 9.58 -3.35
CA LEU A 152 15.96 8.88 -4.57
C LEU A 152 15.04 9.23 -5.72
N LEU A 153 13.75 8.98 -5.55
CA LEU A 153 12.77 9.28 -6.59
C LEU A 153 12.82 10.75 -6.98
N THR A 154 12.86 11.63 -5.98
CA THR A 154 12.92 13.07 -6.23
C THR A 154 14.21 13.45 -6.94
N ASP A 155 15.32 12.86 -6.52
CA ASP A 155 16.61 13.14 -7.11
C ASP A 155 16.58 12.90 -8.62
N LYS A 156 15.87 11.85 -9.03
CA LYS A 156 15.75 11.51 -10.45
C LYS A 156 14.69 12.37 -11.13
N LEU A 157 15.10 13.07 -12.18
CA LEU A 157 14.18 13.93 -12.92
C LEU A 157 14.67 14.14 -14.35
N GLU A 158 13.73 14.20 -15.29
CA GLU A 158 14.07 14.41 -16.69
C GLU A 158 12.84 14.77 -17.51
N SER A 159 13.03 14.99 -18.80
CA SER A 159 11.93 15.35 -19.69
C SER A 159 12.30 15.08 -21.15
N GLN A 160 12.02 13.87 -21.61
CA GLN A 160 12.33 13.50 -22.99
C GLN A 160 11.57 12.23 -23.39
N LYS A 161 10.29 12.19 -23.07
CA LYS A 161 9.46 11.03 -23.40
C LYS A 161 10.09 9.74 -22.89
N GLU A 162 10.21 9.63 -21.58
CA GLU A 162 10.80 8.45 -20.96
C GLU A 162 9.73 7.43 -20.57
N TRP A 163 10.08 6.16 -20.63
CA TRP A 163 9.14 5.10 -20.28
C TRP A 163 9.78 4.09 -19.33
N LEU A 164 10.77 4.55 -18.57
CA LEU A 164 11.47 3.69 -17.62
C LEU A 164 10.87 3.81 -16.23
N ARG A 165 10.25 4.96 -15.95
CA ARG A 165 9.63 5.20 -14.66
C ARG A 165 8.60 4.14 -14.34
N THR A 166 8.00 3.57 -15.39
CA THR A 166 6.98 2.53 -15.21
C THR A 166 7.49 1.42 -14.31
N LYS A 167 8.80 1.24 -14.28
CA LYS A 167 9.41 0.20 -13.45
C LYS A 167 9.30 0.55 -11.97
N THR A 168 10.03 1.57 -11.54
CA THR A 168 10.01 2.00 -10.15
C THR A 168 8.57 2.16 -9.65
N ILE A 169 7.74 2.80 -10.46
CA ILE A 169 6.35 3.02 -10.09
C ILE A 169 5.61 1.70 -9.90
N GLN A 170 5.75 0.80 -10.88
CA GLN A 170 5.10 -0.50 -10.82
C GLN A 170 5.55 -1.28 -9.59
N PHE A 171 6.78 -1.03 -9.16
CA PHE A 171 7.34 -1.71 -7.99
C PHE A 171 6.68 -1.20 -6.72
N ILE A 172 6.73 0.11 -6.51
CA ILE A 172 6.15 0.72 -5.32
C ILE A 172 4.65 0.49 -5.27
N LEU A 173 4.01 0.53 -6.43
CA LEU A 173 2.57 0.31 -6.53
C LEU A 173 2.20 -1.13 -6.16
N LYS A 174 2.80 -2.08 -6.87
CA LYS A 174 2.54 -3.49 -6.62
C LYS A 174 2.79 -3.84 -5.14
N SER A 175 3.90 -3.35 -4.60
CA SER A 175 4.24 -3.60 -3.21
C SER A 175 3.17 -3.05 -2.27
N LEU A 176 2.79 -1.79 -2.49
CA LEU A 176 1.77 -1.15 -1.66
C LEU A 176 0.50 -1.98 -1.60
N GLU A 177 -0.04 -2.30 -2.77
CA GLU A 177 -1.27 -3.10 -2.85
C GLU A 177 -1.09 -4.41 -2.09
N GLU A 178 -0.04 -5.15 -2.43
CA GLU A 178 0.22 -6.43 -1.78
C GLU A 178 0.24 -6.28 -0.25
N PHE A 179 0.93 -5.25 0.22
CA PHE A 179 1.03 -4.99 1.65
C PHE A 179 -0.33 -4.69 2.25
N LEU A 180 -1.17 -4.00 1.48
CA LEU A 180 -2.51 -3.65 1.92
C LEU A 180 -3.35 -4.91 2.17
N LYS A 181 -3.51 -5.72 1.13
CA LYS A 181 -4.29 -6.94 1.23
C LYS A 181 -3.75 -7.84 2.33
N VAL A 182 -2.43 -8.00 2.37
CA VAL A 182 -1.78 -8.83 3.38
C VAL A 182 -2.06 -8.29 4.79
N THR A 183 -1.77 -7.01 4.99
CA THR A 183 -1.98 -6.37 6.29
C THR A 183 -3.40 -6.63 6.79
N LEU A 184 -4.39 -6.37 5.94
CA LEU A 184 -5.78 -6.57 6.30
C LEU A 184 -6.05 -8.03 6.64
N ARG A 185 -5.47 -8.93 5.85
CA ARG A 185 -5.66 -10.37 6.07
C ARG A 185 -5.06 -10.79 7.40
N SER A 186 -4.01 -10.10 7.83
CA SER A 186 -3.35 -10.41 9.09
C SER A 186 -4.19 -9.93 10.28
N THR A 187 -4.58 -8.66 10.24
CA THR A 187 -5.39 -8.09 11.32
C THR A 187 -6.72 -8.84 11.47
N ARG A 188 -7.24 -9.34 10.36
CA ARG A 188 -8.50 -10.07 10.37
C ARG A 188 -8.41 -11.30 11.27
N GLN A 189 -9.56 -11.79 11.72
CA GLN A 189 -9.61 -12.95 12.59
C GLN A 189 -8.98 -14.16 11.91
N THR A 190 -8.89 -14.12 10.59
CA THR A 190 -8.32 -15.21 9.82
C THR A 190 -6.94 -15.59 10.35
N SER A 7 -28.22 10.11 25.63
CA SER A 7 -27.76 8.75 25.39
C SER A 7 -28.43 7.78 26.35
N GLN A 8 -29.66 7.40 26.04
CA GLN A 8 -30.41 6.48 26.87
C GLN A 8 -31.24 5.52 26.01
N VAL A 9 -30.87 4.24 26.04
CA VAL A 9 -31.58 3.23 25.27
C VAL A 9 -33.06 3.20 25.62
N ARG A 10 -33.89 2.90 24.63
CA ARG A 10 -35.34 2.83 24.83
C ARG A 10 -36.01 2.08 23.69
N ARG A 11 -37.14 1.45 23.99
CA ARG A 11 -37.88 0.69 22.99
C ARG A 11 -38.49 1.63 21.94
N GLY A 12 -39.16 1.05 20.96
CA GLY A 12 -39.77 1.84 19.91
C GLY A 12 -39.10 1.64 18.56
N ASP A 13 -39.03 0.39 18.13
CA ASP A 13 -38.40 0.08 16.84
C ASP A 13 -36.97 0.59 16.79
N PHE A 14 -36.31 0.37 15.67
CA PHE A 14 -34.93 0.81 15.49
C PHE A 14 -34.81 2.32 15.71
N THR A 15 -33.62 2.76 16.10
CA THR A 15 -33.37 4.17 16.34
C THR A 15 -32.18 4.68 15.53
N GLU A 16 -31.17 3.82 15.39
CA GLU A 16 -29.98 4.18 14.63
C GLU A 16 -29.52 5.60 14.98
N ASP A 17 -28.66 6.15 14.13
CA ASP A 17 -28.15 7.51 14.35
C ASP A 17 -27.21 7.91 13.22
N THR A 18 -27.76 8.56 12.20
CA THR A 18 -26.97 9.00 11.06
C THR A 18 -25.75 9.81 11.51
N THR A 19 -24.58 9.19 11.43
CA THR A 19 -23.34 9.85 11.82
C THR A 19 -23.05 11.06 10.94
N PRO A 20 -22.21 11.97 11.44
CA PRO A 20 -21.83 13.19 10.72
C PRO A 20 -20.95 12.88 9.51
N ASN A 21 -20.40 13.93 8.91
CA ASN A 21 -19.53 13.79 7.74
C ASN A 21 -18.07 13.74 8.17
N ARG A 22 -17.79 13.06 9.28
CA ARG A 22 -16.43 12.94 9.78
C ARG A 22 -16.08 11.48 10.06
N PRO A 23 -14.77 11.17 10.00
CA PRO A 23 -14.28 9.82 10.23
C PRO A 23 -14.41 9.39 11.70
N VAL A 24 -15.12 8.30 11.93
CA VAL A 24 -15.32 7.79 13.28
C VAL A 24 -14.31 6.71 13.62
N TYR A 25 -13.56 6.26 12.61
CA TYR A 25 -12.57 5.22 12.80
C TYR A 25 -13.21 3.92 13.24
N THR A 26 -14.18 3.45 12.47
CA THR A 26 -14.88 2.21 12.78
C THR A 26 -14.48 1.10 11.80
N THR A 27 -14.70 -0.15 12.21
CA THR A 27 -14.37 -1.30 11.37
C THR A 27 -14.97 -1.15 9.98
N SER A 28 -16.25 -0.79 9.92
CA SER A 28 -16.94 -0.62 8.65
C SER A 28 -16.15 0.31 7.73
N GLN A 29 -15.78 1.48 8.24
CA GLN A 29 -15.02 2.44 7.45
C GLN A 29 -13.69 1.86 7.02
N VAL A 30 -13.05 1.11 7.91
CA VAL A 30 -11.76 0.50 7.62
C VAL A 30 -11.87 -0.47 6.45
N GLY A 31 -12.79 -1.43 6.56
CA GLY A 31 -12.98 -2.41 5.52
C GLY A 31 -13.31 -1.77 4.18
N GLY A 32 -14.31 -0.89 4.17
CA GLY A 32 -14.71 -0.23 2.94
C GLY A 32 -13.57 0.56 2.32
N LEU A 33 -12.78 1.22 3.16
CA LEU A 33 -11.65 2.02 2.69
C LEU A 33 -10.58 1.12 2.06
N ILE A 34 -10.34 -0.03 2.69
CA ILE A 34 -9.35 -0.96 2.19
C ILE A 34 -9.71 -1.47 0.79
N THR A 35 -10.93 -1.99 0.66
CA THR A 35 -11.41 -2.50 -0.62
C THR A 35 -11.43 -1.40 -1.68
N HIS A 36 -11.80 -0.20 -1.27
CA HIS A 36 -11.87 0.94 -2.19
C HIS A 36 -10.47 1.32 -2.66
N VAL A 37 -9.57 1.59 -1.72
CA VAL A 37 -8.21 1.98 -2.05
C VAL A 37 -7.48 0.86 -2.79
N LEU A 38 -7.84 -0.38 -2.48
CA LEU A 38 -7.23 -1.53 -3.12
C LEU A 38 -7.60 -1.60 -4.59
N TRP A 39 -8.90 -1.46 -4.87
CA TRP A 39 -9.39 -1.50 -6.25
C TRP A 39 -8.83 -0.35 -7.07
N GLU A 40 -8.77 0.83 -6.45
CA GLU A 40 -8.25 2.02 -7.12
C GLU A 40 -6.78 1.83 -7.50
N ILE A 41 -5.97 1.40 -6.54
CA ILE A 41 -4.55 1.18 -6.77
C ILE A 41 -4.33 0.17 -7.88
N VAL A 42 -5.07 -0.94 -7.82
CA VAL A 42 -4.95 -1.99 -8.82
C VAL A 42 -5.26 -1.46 -10.21
N GLU A 43 -6.37 -0.71 -10.32
CA GLU A 43 -6.78 -0.15 -11.59
C GLU A 43 -5.78 0.88 -12.09
N MET A 44 -5.31 1.73 -11.17
CA MET A 44 -4.33 2.76 -11.51
C MET A 44 -3.00 2.16 -11.91
N ARG A 45 -2.68 1.01 -11.32
CA ARG A 45 -1.43 0.31 -11.61
C ARG A 45 -1.49 -0.36 -12.98
N LYS A 46 -2.55 -1.12 -13.22
CA LYS A 46 -2.72 -1.81 -14.48
C LYS A 46 -3.03 -0.83 -15.60
N GLU A 47 -3.66 0.29 -15.26
CA GLU A 47 -4.00 1.31 -16.24
C GLU A 47 -2.77 1.74 -17.03
N LEU A 48 -1.63 1.79 -16.36
CA LEU A 48 -0.38 2.19 -17.00
C LEU A 48 -0.06 1.26 -18.18
N CYS A 49 -0.51 0.01 -18.08
CA CYS A 49 -0.27 -0.97 -19.13
C CYS A 49 -1.47 -1.07 -20.06
N ASN A 50 -2.20 0.04 -20.20
CA ASN A 50 -3.38 0.07 -21.08
C ASN A 50 -4.40 -0.96 -20.64
N GLY A 51 -4.38 -1.32 -19.36
CA GLY A 51 -5.31 -2.31 -18.84
C GLY A 51 -4.95 -3.72 -19.26
N ASN A 52 -3.66 -4.00 -19.33
CA ASN A 52 -3.18 -5.32 -19.72
C ASN A 52 -3.01 -6.22 -18.49
N SER A 53 -3.79 -7.28 -18.42
CA SER A 53 -3.73 -8.22 -17.31
C SER A 53 -2.36 -8.90 -17.25
N ASP A 54 -1.85 -9.25 -18.43
CA ASP A 54 -0.55 -9.92 -18.51
C ASP A 54 0.55 -9.06 -17.89
N CYS A 55 0.33 -7.74 -17.88
CA CYS A 55 1.30 -6.81 -17.32
C CYS A 55 1.43 -7.02 -15.81
N MET A 56 0.34 -7.46 -15.18
CA MET A 56 0.35 -7.69 -13.74
C MET A 56 1.34 -8.79 -13.36
N ASN A 57 1.26 -9.92 -14.08
CA ASN A 57 2.15 -11.05 -13.82
C ASN A 57 3.14 -11.23 -14.96
N ASN A 58 3.55 -10.12 -15.57
CA ASN A 58 4.50 -10.16 -16.68
C ASN A 58 5.88 -10.56 -16.20
N ASP A 59 6.29 -10.02 -15.06
CA ASP A 59 7.60 -10.32 -14.48
C ASP A 59 7.55 -10.26 -12.96
N ASP A 60 6.38 -10.53 -12.40
CA ASP A 60 6.20 -10.50 -10.95
C ASP A 60 6.77 -11.76 -10.31
N ALA A 61 6.82 -12.84 -11.09
CA ALA A 61 7.36 -14.11 -10.60
C ALA A 61 8.72 -13.93 -9.97
N LEU A 62 9.47 -12.94 -10.47
CA LEU A 62 10.81 -12.66 -9.95
C LEU A 62 10.83 -11.35 -9.18
N ALA A 63 10.09 -10.36 -9.67
CA ALA A 63 10.02 -9.05 -9.02
C ALA A 63 9.64 -9.19 -7.55
N GLU A 64 8.74 -10.12 -7.26
CA GLU A 64 8.29 -10.35 -5.89
C GLU A 64 9.48 -10.63 -4.98
N ASN A 65 10.53 -11.21 -5.54
CA ASN A 65 11.73 -11.54 -4.77
C ASN A 65 12.88 -10.61 -5.15
N ASN A 66 12.55 -9.39 -5.58
CA ASN A 66 13.56 -8.41 -5.98
C ASN A 66 13.22 -7.03 -5.41
N LEU A 67 12.49 -7.01 -4.30
CA LEU A 67 12.10 -5.76 -3.67
C LEU A 67 12.89 -5.54 -2.38
N LYS A 68 13.52 -4.36 -2.27
CA LYS A 68 14.30 -4.03 -1.08
C LYS A 68 13.40 -3.43 0.00
N LEU A 69 12.32 -2.79 -0.42
CA LEU A 69 11.38 -2.17 0.51
C LEU A 69 10.73 -3.22 1.39
N PRO A 70 10.25 -2.79 2.57
CA PRO A 70 9.59 -3.68 3.54
C PRO A 70 8.22 -4.14 3.05
N GLU A 71 8.05 -5.46 2.94
CA GLU A 71 6.79 -6.03 2.48
C GLU A 71 6.52 -7.36 3.16
N ILE A 72 5.35 -7.48 3.78
CA ILE A 72 4.97 -8.70 4.47
C ILE A 72 5.08 -9.91 3.55
N GLN A 73 5.48 -11.04 4.11
CA GLN A 73 5.63 -12.27 3.34
C GLN A 73 5.99 -13.45 4.25
N ARG A 74 5.41 -13.46 5.45
CA ARG A 74 5.66 -14.52 6.42
C ARG A 74 4.36 -15.22 6.81
N ASN A 75 4.50 -16.35 7.49
CA ASN A 75 3.33 -17.12 7.92
C ASN A 75 3.55 -17.70 9.31
N ASP A 76 2.68 -17.32 10.25
CA ASP A 76 2.77 -17.81 11.62
C ASP A 76 1.42 -17.75 12.32
N GLY A 77 1.31 -18.43 13.46
CA GLY A 77 0.06 -18.43 14.20
C GLY A 77 0.13 -17.58 15.45
N CYS A 78 -1.04 -17.20 15.96
CA CYS A 78 -1.10 -16.37 17.17
C CYS A 78 -1.70 -17.15 18.33
N TYR A 79 -2.59 -18.09 18.02
CA TYR A 79 -3.24 -18.91 19.04
C TYR A 79 -4.02 -18.04 20.02
N GLN A 80 -5.29 -17.80 19.69
CA GLN A 80 -6.15 -16.98 20.53
C GLN A 80 -5.50 -15.63 20.83
N THR A 81 -6.12 -14.86 21.73
CA THR A 81 -5.61 -13.55 22.09
C THR A 81 -6.22 -13.07 23.41
N GLY A 82 -5.37 -12.56 24.29
CA GLY A 82 -5.84 -12.07 25.57
C GLY A 82 -5.37 -12.93 26.73
N TYR A 83 -5.57 -14.23 26.60
CA TYR A 83 -5.16 -15.17 27.66
C TYR A 83 -3.76 -15.71 27.39
N ASN A 84 -3.52 -16.14 26.15
CA ASN A 84 -2.22 -16.68 25.77
C ASN A 84 -1.37 -15.61 25.09
N GLN A 85 -0.17 -16.00 24.65
CA GLN A 85 0.73 -15.08 23.99
C GLN A 85 0.06 -14.41 22.80
N GLU A 86 0.67 -13.33 22.30
CA GLU A 86 0.12 -12.60 21.16
C GLU A 86 1.18 -11.68 20.55
N ILE A 87 2.12 -12.28 19.82
CA ILE A 87 3.18 -11.51 19.19
C ILE A 87 3.16 -11.70 17.67
N CYS A 88 2.15 -11.13 17.03
CA CYS A 88 2.01 -11.23 15.57
C CYS A 88 2.08 -9.86 14.92
N LEU A 89 3.19 -9.16 15.13
CA LEU A 89 3.38 -7.83 14.56
C LEU A 89 4.71 -7.74 13.82
N LEU A 90 4.86 -6.68 13.03
CA LEU A 90 6.09 -6.47 12.27
C LEU A 90 6.18 -5.03 11.76
N LYS A 91 7.16 -4.78 10.89
CA LYS A 91 7.34 -3.45 10.32
C LYS A 91 6.19 -3.08 9.39
N ILE A 92 5.30 -2.22 9.87
CA ILE A 92 4.16 -1.79 9.08
C ILE A 92 4.21 -0.29 8.81
N SER A 93 4.85 0.44 9.71
CA SER A 93 4.98 1.90 9.57
C SER A 93 5.92 2.25 8.44
N SER A 94 7.09 1.63 8.42
CA SER A 94 8.09 1.89 7.39
C SER A 94 7.49 1.70 6.00
N GLY A 95 6.87 0.54 5.78
CA GLY A 95 6.26 0.26 4.49
C GLY A 95 5.19 1.27 4.13
N LEU A 96 4.25 1.49 5.04
CA LEU A 96 3.16 2.44 4.81
C LEU A 96 3.71 3.82 4.44
N LEU A 97 4.64 4.31 5.25
CA LEU A 97 5.24 5.62 5.01
C LEU A 97 5.85 5.69 3.61
N GLU A 98 6.64 4.69 3.27
CA GLU A 98 7.29 4.62 1.95
C GLU A 98 6.26 4.75 0.84
N TYR A 99 5.22 3.92 0.91
CA TYR A 99 4.16 3.94 -0.11
C TYR A 99 3.56 5.34 -0.24
N HIS A 100 3.21 5.93 0.89
CA HIS A 100 2.63 7.27 0.90
C HIS A 100 3.53 8.26 0.16
N SER A 101 4.81 8.24 0.48
CA SER A 101 5.77 9.13 -0.14
C SER A 101 5.85 8.88 -1.65
N TYR A 102 5.75 7.62 -2.04
CA TYR A 102 5.81 7.24 -3.44
C TYR A 102 4.63 7.84 -4.21
N LEU A 103 3.43 7.39 -3.86
CA LEU A 103 2.22 7.87 -4.52
C LEU A 103 2.14 9.39 -4.49
N GLU A 104 2.59 9.98 -3.39
CA GLU A 104 2.58 11.42 -3.23
C GLU A 104 3.57 12.08 -4.19
N TYR A 105 4.72 11.44 -4.37
CA TYR A 105 5.74 11.97 -5.27
C TYR A 105 5.27 11.94 -6.72
N MET A 106 4.62 10.85 -7.10
CA MET A 106 4.12 10.69 -8.46
C MET A 106 2.87 11.55 -8.68
N LYS A 107 2.06 11.68 -7.64
CA LYS A 107 0.84 12.47 -7.71
C LYS A 107 1.15 13.93 -8.04
N ASN A 108 2.34 14.38 -7.66
CA ASN A 108 2.76 15.75 -7.93
C ASN A 108 2.77 16.03 -9.42
N ASN A 109 3.25 15.07 -10.20
CA ASN A 109 3.31 15.21 -11.65
C ASN A 109 2.62 14.05 -12.35
N LEU A 110 1.36 14.25 -12.72
CA LEU A 110 0.58 13.22 -13.40
C LEU A 110 -0.41 13.84 -14.37
N LYS A 111 -1.15 12.98 -15.08
CA LYS A 111 -2.14 13.44 -16.04
C LYS A 111 -3.43 13.88 -15.33
N ASP A 112 -4.43 14.24 -16.11
CA ASP A 112 -5.71 14.68 -15.56
C ASP A 112 -6.36 13.56 -14.76
N ASN A 113 -6.47 12.39 -15.38
CA ASN A 113 -7.08 11.23 -14.73
C ASN A 113 -6.19 10.70 -13.61
N LYS A 114 -4.91 10.52 -13.92
CA LYS A 114 -3.94 10.02 -12.95
C LYS A 114 -3.94 10.90 -11.70
N LYS A 115 -4.08 12.21 -11.89
CA LYS A 115 -4.09 13.15 -10.79
C LYS A 115 -5.33 12.97 -9.92
N ASP A 116 -6.49 12.96 -10.56
CA ASP A 116 -7.76 12.79 -9.85
C ASP A 116 -7.72 11.53 -8.97
N LYS A 117 -7.29 10.42 -9.57
CA LYS A 117 -7.21 9.15 -8.86
C LYS A 117 -6.10 9.18 -7.81
N ALA A 118 -4.98 9.81 -8.17
CA ALA A 118 -3.84 9.90 -7.26
C ALA A 118 -4.26 10.54 -5.93
N ARG A 119 -5.01 11.63 -6.01
CA ARG A 119 -5.47 12.33 -4.82
C ARG A 119 -6.23 11.38 -3.89
N VAL A 120 -7.19 10.65 -4.47
CA VAL A 120 -7.99 9.70 -3.70
C VAL A 120 -7.12 8.62 -3.06
N LEU A 121 -6.15 8.12 -3.83
CA LEU A 121 -5.25 7.09 -3.34
C LEU A 121 -4.48 7.57 -2.12
N GLN A 122 -3.88 8.76 -2.24
CA GLN A 122 -3.11 9.33 -1.14
C GLN A 122 -3.98 9.50 0.10
N ARG A 123 -5.15 10.10 -0.07
CA ARG A 123 -6.06 10.32 1.04
C ARG A 123 -6.35 9.02 1.78
N ASP A 124 -6.77 8.00 1.03
CA ASP A 124 -7.08 6.70 1.61
C ASP A 124 -5.90 6.16 2.40
N THR A 125 -4.71 6.24 1.80
CA THR A 125 -3.50 5.77 2.44
C THR A 125 -3.30 6.41 3.80
N GLU A 126 -3.36 7.75 3.83
CA GLU A 126 -3.18 8.49 5.07
C GLU A 126 -4.29 8.14 6.07
N THR A 127 -5.47 7.82 5.55
CA THR A 127 -6.60 7.48 6.40
C THR A 127 -6.37 6.15 7.11
N LEU A 128 -6.03 5.11 6.34
CA LEU A 128 -5.79 3.80 6.90
C LEU A 128 -4.56 3.80 7.80
N ILE A 129 -3.58 4.64 7.45
CA ILE A 129 -2.35 4.75 8.23
C ILE A 129 -2.60 5.45 9.55
N HIS A 130 -3.45 6.49 9.52
CA HIS A 130 -3.77 7.24 10.72
C HIS A 130 -4.64 6.43 11.66
N ILE A 131 -5.58 5.67 11.09
CA ILE A 131 -6.48 4.85 11.86
C ILE A 131 -5.75 3.67 12.49
N PHE A 132 -4.92 3.00 11.70
CA PHE A 132 -4.16 1.86 12.18
C PHE A 132 -3.10 2.29 13.19
N ASN A 133 -2.42 3.39 12.90
CA ASN A 133 -1.39 3.91 13.79
C ASN A 133 -2.00 4.38 15.10
N GLN A 134 -3.12 5.09 15.01
CA GLN A 134 -3.80 5.60 16.20
C GLN A 134 -4.28 4.46 17.08
N GLU A 135 -4.95 3.48 16.47
CA GLU A 135 -5.47 2.34 17.20
C GLU A 135 -4.34 1.58 17.89
N VAL A 136 -3.32 1.22 17.13
CA VAL A 136 -2.17 0.49 17.66
C VAL A 136 -1.44 1.32 18.72
N LYS A 137 -1.34 2.62 18.48
CA LYS A 137 -0.66 3.52 19.41
C LYS A 137 -1.38 3.53 20.77
N ASP A 138 -2.70 3.58 20.73
CA ASP A 138 -3.49 3.59 21.95
C ASP A 138 -3.47 2.23 22.63
N LEU A 139 -3.45 1.17 21.83
CA LEU A 139 -3.42 -0.19 22.35
C LEU A 139 -2.07 -0.51 22.99
N HIS A 140 -1.00 -0.07 22.34
CA HIS A 140 0.35 -0.29 22.85
C HIS A 140 1.28 0.83 22.44
N LYS A 141 1.68 0.84 21.17
CA LYS A 141 2.57 1.88 20.66
C LYS A 141 2.85 1.66 19.17
N ILE A 142 3.55 2.60 18.56
CA ILE A 142 3.88 2.51 17.14
C ILE A 142 4.76 3.69 16.71
N VAL A 143 5.74 3.40 15.86
CA VAL A 143 6.65 4.44 15.37
C VAL A 143 7.20 4.07 14.00
N LEU A 144 8.07 4.93 13.47
CA LEU A 144 8.68 4.70 12.16
C LEU A 144 10.05 5.36 12.08
N PRO A 145 10.91 4.82 11.19
CA PRO A 145 12.26 5.35 10.99
C PRO A 145 12.26 6.71 10.30
N THR A 146 12.23 6.70 8.97
CA THR A 146 12.21 7.93 8.19
C THR A 146 12.22 7.64 6.69
N PRO A 147 11.56 8.51 5.92
CA PRO A 147 11.47 8.37 4.47
C PRO A 147 12.81 8.61 3.78
N ILE A 148 13.24 7.63 2.98
CA ILE A 148 14.50 7.74 2.25
C ILE A 148 14.28 7.69 0.74
N SER A 149 13.24 6.98 0.33
CA SER A 149 12.92 6.84 -1.08
C SER A 149 12.83 8.21 -1.75
N ASN A 150 12.44 9.21 -0.97
CA ASN A 150 12.31 10.57 -1.50
C ASN A 150 13.59 11.00 -2.20
N ALA A 151 14.72 10.84 -1.52
CA ALA A 151 16.01 11.22 -2.08
C ALA A 151 16.31 10.44 -3.35
N LEU A 152 15.95 9.16 -3.35
CA LEU A 152 16.17 8.30 -4.51
C LEU A 152 15.44 8.84 -5.73
N LEU A 153 14.13 8.89 -5.67
CA LEU A 153 13.32 9.39 -6.77
C LEU A 153 13.79 10.77 -7.21
N THR A 154 13.88 11.70 -6.26
CA THR A 154 14.32 13.05 -6.54
C THR A 154 15.70 13.06 -7.20
N ASP A 155 16.53 12.10 -6.84
CA ASP A 155 17.87 11.98 -7.40
C ASP A 155 17.81 11.56 -8.86
N LYS A 156 16.75 10.85 -9.23
CA LYS A 156 16.56 10.40 -10.60
C LYS A 156 15.17 10.74 -11.11
N LEU A 157 15.04 11.89 -11.75
CA LEU A 157 13.77 12.33 -12.29
C LEU A 157 13.65 11.98 -13.77
N GLU A 158 14.57 12.49 -14.58
CA GLU A 158 14.57 12.23 -16.01
C GLU A 158 13.32 12.79 -16.67
N SER A 159 13.44 13.98 -17.24
CA SER A 159 12.32 14.63 -17.90
C SER A 159 12.47 14.57 -19.42
N GLN A 160 11.60 13.80 -20.07
CA GLN A 160 11.64 13.65 -21.51
C GLN A 160 10.34 13.03 -22.04
N LYS A 161 10.27 12.85 -23.35
CA LYS A 161 9.08 12.26 -23.97
C LYS A 161 8.84 10.85 -23.45
N GLU A 162 9.86 10.01 -23.53
CA GLU A 162 9.76 8.64 -23.05
C GLU A 162 10.73 8.36 -21.92
N TRP A 163 10.54 7.24 -21.24
CA TRP A 163 11.41 6.86 -20.13
C TRP A 163 11.04 5.48 -19.59
N LEU A 164 11.85 4.98 -18.66
CA LEU A 164 11.60 3.66 -18.07
C LEU A 164 11.06 3.80 -16.65
N ARG A 165 10.41 4.93 -16.38
CA ARG A 165 9.84 5.18 -15.06
C ARG A 165 8.75 4.16 -14.73
N THR A 166 8.11 3.63 -15.76
CA THR A 166 7.05 2.65 -15.59
C THR A 166 7.49 1.52 -14.68
N LYS A 167 8.80 1.28 -14.63
CA LYS A 167 9.36 0.22 -13.79
C LYS A 167 9.24 0.58 -12.32
N THR A 168 10.00 1.57 -11.89
CA THR A 168 9.98 2.02 -10.50
C THR A 168 8.55 2.22 -10.01
N ILE A 169 7.73 2.86 -10.83
CA ILE A 169 6.34 3.12 -10.48
C ILE A 169 5.57 1.81 -10.31
N GLN A 170 5.75 0.90 -11.27
CA GLN A 170 5.07 -0.39 -11.23
C GLN A 170 5.50 -1.19 -10.01
N PHE A 171 6.75 -1.01 -9.61
CA PHE A 171 7.30 -1.72 -8.45
C PHE A 171 6.65 -1.23 -7.15
N ILE A 172 6.73 0.08 -6.93
CA ILE A 172 6.16 0.68 -5.73
C ILE A 172 4.65 0.43 -5.66
N LEU A 173 4.00 0.45 -6.82
CA LEU A 173 2.56 0.24 -6.88
C LEU A 173 2.21 -1.20 -6.50
N LYS A 174 2.89 -2.15 -7.14
CA LYS A 174 2.64 -3.56 -6.86
C LYS A 174 2.88 -3.88 -5.38
N SER A 175 3.97 -3.35 -4.83
CA SER A 175 4.29 -3.58 -3.43
C SER A 175 3.24 -2.96 -2.52
N LEU A 176 2.84 -1.74 -2.84
CA LEU A 176 1.83 -1.03 -2.05
C LEU A 176 0.55 -1.84 -1.95
N GLU A 177 -0.01 -2.19 -3.11
CA GLU A 177 -1.25 -2.96 -3.16
C GLU A 177 -1.07 -4.30 -2.45
N GLU A 178 -0.05 -5.05 -2.86
CA GLU A 178 0.22 -6.35 -2.27
C GLU A 178 0.32 -6.25 -0.75
N PHE A 179 1.09 -5.29 -0.27
CA PHE A 179 1.27 -5.09 1.17
C PHE A 179 -0.08 -4.82 1.85
N LEU A 180 -0.86 -3.92 1.27
CA LEU A 180 -2.17 -3.58 1.81
C LEU A 180 -3.02 -4.84 2.00
N LYS A 181 -3.20 -5.60 0.93
CA LYS A 181 -4.00 -6.82 0.98
C LYS A 181 -3.50 -7.75 2.08
N VAL A 182 -2.20 -8.05 2.04
CA VAL A 182 -1.59 -8.93 3.03
C VAL A 182 -1.81 -8.39 4.45
N THR A 183 -1.78 -7.07 4.58
CA THR A 183 -1.97 -6.43 5.88
C THR A 183 -3.36 -6.71 6.43
N LEU A 184 -4.38 -6.29 5.69
CA LEU A 184 -5.76 -6.51 6.11
C LEU A 184 -6.03 -7.98 6.37
N ARG A 185 -5.45 -8.85 5.55
CA ARG A 185 -5.62 -10.29 5.69
C ARG A 185 -4.95 -10.79 6.96
N SER A 186 -3.69 -10.38 7.17
CA SER A 186 -2.93 -10.79 8.34
C SER A 186 -3.63 -10.34 9.62
N THR A 187 -3.96 -9.05 9.69
CA THR A 187 -4.63 -8.51 10.86
C THR A 187 -5.98 -9.18 11.10
N ARG A 188 -6.55 -9.74 10.03
CA ARG A 188 -7.83 -10.41 10.13
C ARG A 188 -7.67 -11.84 10.64
N GLN A 189 -8.32 -12.14 11.76
CA GLN A 189 -8.24 -13.47 12.35
C GLN A 189 -9.63 -14.09 12.47
N THR A 190 -10.59 -13.31 12.97
CA THR A 190 -11.95 -13.77 13.15
C THR A 190 -11.98 -15.23 13.61
N SER A 7 6.86 -16.32 -0.73
CA SER A 7 5.73 -16.70 -1.57
C SER A 7 4.43 -16.71 -0.77
N GLN A 8 3.50 -15.85 -1.14
CA GLN A 8 2.22 -15.77 -0.45
C GLN A 8 1.22 -14.91 -1.24
N VAL A 9 0.31 -15.58 -1.94
CA VAL A 9 -0.70 -14.89 -2.73
C VAL A 9 -2.02 -15.63 -2.70
N ARG A 10 -3.11 -14.88 -2.50
CA ARG A 10 -4.44 -15.47 -2.45
C ARG A 10 -5.52 -14.41 -2.67
N ARG A 11 -5.88 -14.20 -3.93
CA ARG A 11 -6.89 -13.21 -4.28
C ARG A 11 -8.22 -13.52 -3.60
N GLY A 12 -9.11 -12.54 -3.57
CA GLY A 12 -10.40 -12.73 -2.94
C GLY A 12 -10.90 -11.48 -2.24
N ASP A 13 -10.92 -10.37 -2.98
CA ASP A 13 -11.38 -9.09 -2.42
C ASP A 13 -12.54 -8.53 -3.24
N PHE A 14 -13.20 -7.51 -2.69
CA PHE A 14 -14.32 -6.88 -3.36
C PHE A 14 -14.04 -5.42 -3.66
N THR A 15 -15.00 -4.74 -4.27
CA THR A 15 -14.85 -3.33 -4.62
C THR A 15 -15.79 -2.46 -3.78
N GLU A 16 -16.98 -2.99 -3.51
CA GLU A 16 -17.97 -2.25 -2.72
C GLU A 16 -18.34 -0.94 -3.40
N ASP A 17 -19.22 -0.17 -2.77
CA ASP A 17 -19.66 1.10 -3.31
C ASP A 17 -20.45 1.90 -2.27
N THR A 18 -20.11 1.70 -1.00
CA THR A 18 -20.79 2.40 0.09
C THR A 18 -19.81 2.84 1.16
N THR A 19 -19.80 4.14 1.45
CA THR A 19 -18.91 4.68 2.46
C THR A 19 -19.63 5.70 3.34
N PRO A 20 -19.07 5.96 4.54
CA PRO A 20 -19.64 6.91 5.49
C PRO A 20 -19.51 8.36 5.02
N ASN A 21 -19.88 9.29 5.88
CA ASN A 21 -19.81 10.71 5.54
C ASN A 21 -18.65 11.38 6.26
N ARG A 22 -18.25 10.82 7.39
CA ARG A 22 -17.14 11.36 8.17
C ARG A 22 -16.29 10.24 8.77
N PRO A 23 -15.03 10.56 9.08
CA PRO A 23 -14.10 9.58 9.66
C PRO A 23 -14.46 9.22 11.10
N VAL A 24 -15.01 8.03 11.27
CA VAL A 24 -15.39 7.55 12.59
C VAL A 24 -14.36 6.58 13.16
N TYR A 25 -13.45 6.13 12.30
CA TYR A 25 -12.41 5.20 12.72
C TYR A 25 -13.02 3.87 13.17
N THR A 26 -14.03 3.41 12.44
CA THR A 26 -14.69 2.15 12.77
C THR A 26 -14.34 1.07 11.77
N THR A 27 -14.54 -0.19 12.16
CA THR A 27 -14.24 -1.32 11.29
C THR A 27 -14.89 -1.15 9.92
N SER A 28 -16.17 -0.81 9.92
CA SER A 28 -16.91 -0.62 8.67
C SER A 28 -16.18 0.34 7.75
N GLN A 29 -15.81 1.51 8.29
CA GLN A 29 -15.11 2.51 7.51
C GLN A 29 -13.76 1.98 7.02
N VAL A 30 -13.06 1.26 7.90
CA VAL A 30 -11.77 0.70 7.55
C VAL A 30 -11.88 -0.29 6.39
N GLY A 31 -12.76 -1.27 6.54
CA GLY A 31 -12.95 -2.26 5.50
C GLY A 31 -13.32 -1.63 4.16
N GLY A 32 -14.34 -0.77 4.18
CA GLY A 32 -14.77 -0.13 2.95
C GLY A 32 -13.66 0.67 2.29
N LEU A 33 -12.88 1.38 3.10
CA LEU A 33 -11.78 2.18 2.58
C LEU A 33 -10.71 1.31 1.96
N ILE A 34 -10.28 0.29 2.69
CA ILE A 34 -9.27 -0.63 2.20
C ILE A 34 -9.66 -1.22 0.85
N THR A 35 -10.93 -1.62 0.73
CA THR A 35 -11.43 -2.20 -0.52
C THR A 35 -11.41 -1.18 -1.64
N HIS A 36 -11.86 0.04 -1.36
CA HIS A 36 -11.90 1.10 -2.35
C HIS A 36 -10.49 1.45 -2.81
N VAL A 37 -9.62 1.78 -1.86
CA VAL A 37 -8.24 2.13 -2.18
C VAL A 37 -7.52 0.99 -2.88
N LEU A 38 -7.88 -0.24 -2.53
CA LEU A 38 -7.28 -1.43 -3.13
C LEU A 38 -7.63 -1.52 -4.62
N TRP A 39 -8.90 -1.35 -4.94
CA TRP A 39 -9.36 -1.41 -6.32
C TRP A 39 -8.75 -0.28 -7.14
N GLU A 40 -8.67 0.90 -6.55
CA GLU A 40 -8.11 2.06 -7.23
C GLU A 40 -6.64 1.83 -7.58
N ILE A 41 -5.88 1.35 -6.60
CA ILE A 41 -4.46 1.08 -6.79
C ILE A 41 -4.24 0.04 -7.89
N VAL A 42 -4.98 -1.06 -7.82
CA VAL A 42 -4.88 -2.12 -8.81
C VAL A 42 -5.13 -1.58 -10.21
N GLU A 43 -6.28 -0.95 -10.41
CA GLU A 43 -6.64 -0.39 -11.70
C GLU A 43 -5.58 0.60 -12.18
N MET A 44 -5.17 1.49 -11.29
CA MET A 44 -4.16 2.49 -11.62
C MET A 44 -2.83 1.83 -11.98
N ARG A 45 -2.56 0.68 -11.37
CA ARG A 45 -1.32 -0.04 -11.62
C ARG A 45 -1.32 -0.63 -13.03
N LYS A 46 -2.39 -1.35 -13.38
CA LYS A 46 -2.51 -1.96 -14.69
C LYS A 46 -2.73 -0.90 -15.76
N GLU A 47 -3.35 0.21 -15.37
CA GLU A 47 -3.62 1.30 -16.30
C GLU A 47 -2.33 1.78 -16.97
N LEU A 48 -1.22 1.66 -16.25
CA LEU A 48 0.07 2.09 -16.77
C LEU A 48 0.47 1.27 -17.99
N CYS A 49 -0.05 0.05 -18.07
CA CYS A 49 0.24 -0.83 -19.19
C CYS A 49 -0.93 -0.87 -20.17
N ASN A 50 -1.67 0.23 -20.24
CA ASN A 50 -2.83 0.32 -21.14
C ASN A 50 -3.89 -0.70 -20.76
N GLY A 51 -3.99 -0.99 -19.46
CA GLY A 51 -4.97 -1.96 -18.99
C GLY A 51 -4.72 -3.35 -19.53
N ASN A 52 -3.45 -3.71 -19.66
CA ASN A 52 -3.07 -5.03 -20.16
C ASN A 52 -2.92 -6.02 -19.02
N SER A 53 -3.88 -6.93 -18.90
CA SER A 53 -3.85 -7.94 -17.85
C SER A 53 -2.54 -8.73 -17.88
N ASP A 54 -1.96 -8.83 -19.06
CA ASP A 54 -0.70 -9.55 -19.23
C ASP A 54 0.43 -8.88 -18.44
N CYS A 55 0.41 -7.54 -18.42
CA CYS A 55 1.42 -6.79 -17.71
C CYS A 55 1.42 -7.13 -16.22
N MET A 56 0.26 -7.55 -15.72
CA MET A 56 0.12 -7.91 -14.32
C MET A 56 0.88 -9.20 -14.01
N ASN A 57 0.72 -10.20 -14.87
CA ASN A 57 1.39 -11.48 -14.69
C ASN A 57 2.53 -11.64 -15.67
N ASN A 58 3.19 -10.53 -15.99
CA ASN A 58 4.32 -10.55 -16.92
C ASN A 58 5.64 -10.69 -16.19
N ASP A 59 5.96 -9.69 -15.37
CA ASP A 59 7.20 -9.70 -14.60
C ASP A 59 6.92 -9.93 -13.11
N ASP A 60 5.88 -10.69 -12.81
CA ASP A 60 5.50 -10.97 -11.43
C ASP A 60 6.02 -12.33 -11.00
N ALA A 61 7.12 -12.77 -11.62
CA ALA A 61 7.72 -14.06 -11.29
C ALA A 61 9.08 -13.88 -10.64
N LEU A 62 9.81 -12.84 -11.07
CA LEU A 62 11.13 -12.56 -10.52
C LEU A 62 11.11 -11.29 -9.67
N ALA A 63 10.33 -10.31 -10.12
CA ALA A 63 10.22 -9.05 -9.40
C ALA A 63 9.84 -9.28 -7.93
N GLU A 64 8.99 -10.26 -7.70
CA GLU A 64 8.55 -10.59 -6.34
C GLU A 64 9.74 -10.83 -5.43
N ASN A 65 10.83 -11.33 -6.00
CA ASN A 65 12.04 -11.61 -5.24
C ASN A 65 13.14 -10.62 -5.58
N ASN A 66 12.75 -9.43 -6.03
CA ASN A 66 13.71 -8.39 -6.40
C ASN A 66 13.21 -7.02 -5.96
N LEU A 67 12.37 -7.00 -4.92
CA LEU A 67 11.83 -5.75 -4.41
C LEU A 67 12.54 -5.32 -3.13
N LYS A 68 12.68 -6.27 -2.21
CA LYS A 68 13.35 -5.99 -0.93
C LYS A 68 12.67 -4.84 -0.20
N LEU A 69 11.40 -4.61 -0.50
CA LEU A 69 10.64 -3.55 0.14
C LEU A 69 10.07 -4.00 1.47
N PRO A 70 9.73 -3.03 2.33
CA PRO A 70 9.17 -3.31 3.66
C PRO A 70 7.75 -3.86 3.59
N GLU A 71 7.62 -5.17 3.82
CA GLU A 71 6.32 -5.82 3.78
C GLU A 71 6.25 -6.98 4.79
N ILE A 72 5.04 -7.38 5.12
CA ILE A 72 4.84 -8.48 6.06
C ILE A 72 5.07 -9.84 5.39
N GLN A 73 5.89 -10.67 6.02
CA GLN A 73 6.19 -11.99 5.49
C GLN A 73 6.12 -13.05 6.58
N ARG A 74 5.08 -12.97 7.41
CA ARG A 74 4.90 -13.93 8.49
C ARG A 74 6.14 -13.97 9.40
N ASN A 75 6.18 -13.07 10.37
CA ASN A 75 7.30 -13.01 11.31
C ASN A 75 6.83 -13.11 12.75
N ASP A 76 7.38 -14.08 13.47
CA ASP A 76 7.02 -14.29 14.86
C ASP A 76 8.26 -14.56 15.72
N GLY A 77 8.19 -14.17 16.99
CA GLY A 77 9.31 -14.37 17.90
C GLY A 77 9.35 -13.35 19.01
N CYS A 78 8.22 -13.18 19.69
CA CYS A 78 8.12 -12.22 20.79
C CYS A 78 7.30 -12.79 21.93
N TYR A 79 7.97 -13.19 23.01
CA TYR A 79 7.29 -13.75 24.17
C TYR A 79 6.61 -12.65 24.98
N GLN A 80 6.02 -13.04 26.11
CA GLN A 80 5.33 -12.10 26.98
C GLN A 80 6.13 -11.87 28.27
N THR A 81 6.74 -12.93 28.77
CA THR A 81 7.54 -12.85 29.99
C THR A 81 6.70 -12.33 31.16
N GLY A 82 5.77 -13.16 31.63
CA GLY A 82 4.92 -12.77 32.74
C GLY A 82 4.16 -11.49 32.46
N TYR A 83 3.50 -10.95 33.48
CA TYR A 83 2.73 -9.72 33.34
C TYR A 83 1.60 -9.90 32.33
N ASN A 84 0.87 -8.83 32.08
CA ASN A 84 -0.25 -8.86 31.14
C ASN A 84 0.22 -9.36 29.77
N GLN A 85 -0.73 -9.54 28.86
CA GLN A 85 -0.42 -10.02 27.52
C GLN A 85 0.02 -8.87 26.62
N GLU A 86 1.23 -8.98 26.08
CA GLU A 86 1.77 -7.96 25.21
C GLU A 86 2.85 -8.54 24.29
N ILE A 87 2.78 -8.19 23.01
CA ILE A 87 3.74 -8.67 22.03
C ILE A 87 4.19 -7.55 21.10
N CYS A 88 5.40 -7.66 20.59
CA CYS A 88 5.95 -6.66 19.67
C CYS A 88 5.23 -6.71 18.32
N LEU A 89 5.44 -5.68 17.51
CA LEU A 89 4.83 -5.60 16.20
C LEU A 89 5.86 -5.26 15.13
N LEU A 90 6.35 -4.03 15.16
CA LEU A 90 7.35 -3.57 14.19
C LEU A 90 6.81 -3.69 12.76
N LYS A 91 7.61 -3.25 11.80
CA LYS A 91 7.22 -3.30 10.40
C LYS A 91 5.88 -2.60 10.18
N ILE A 92 5.35 -2.72 8.97
CA ILE A 92 4.08 -2.10 8.63
C ILE A 92 4.21 -0.59 8.55
N SER A 93 4.41 0.05 9.69
CA SER A 93 4.56 1.50 9.75
C SER A 93 5.57 1.99 8.72
N SER A 94 6.75 1.37 8.72
CA SER A 94 7.82 1.74 7.80
C SER A 94 7.31 1.71 6.36
N GLY A 95 6.72 0.60 5.97
CA GLY A 95 6.20 0.46 4.62
C GLY A 95 5.13 1.47 4.31
N LEU A 96 4.18 1.63 5.22
CA LEU A 96 3.08 2.57 5.03
C LEU A 96 3.61 3.97 4.72
N LEU A 97 4.62 4.39 5.49
CA LEU A 97 5.23 5.71 5.29
C LEU A 97 5.91 5.80 3.93
N GLU A 98 6.74 4.80 3.62
CA GLU A 98 7.45 4.77 2.35
C GLU A 98 6.48 4.84 1.18
N TYR A 99 5.49 3.96 1.17
CA TYR A 99 4.50 3.91 0.11
C TYR A 99 3.77 5.24 -0.01
N HIS A 100 3.32 5.78 1.12
CA HIS A 100 2.62 7.05 1.15
C HIS A 100 3.44 8.14 0.48
N SER A 101 4.73 8.18 0.78
CA SER A 101 5.63 9.19 0.20
C SER A 101 5.76 8.98 -1.31
N TYR A 102 5.87 7.72 -1.73
CA TYR A 102 6.00 7.40 -3.14
C TYR A 102 4.80 7.89 -3.93
N LEU A 103 3.62 7.36 -3.61
CA LEU A 103 2.39 7.74 -4.30
C LEU A 103 2.19 9.25 -4.24
N GLU A 104 2.43 9.84 -3.07
CA GLU A 104 2.28 11.27 -2.89
C GLU A 104 3.17 12.05 -3.85
N TYR A 105 4.39 11.54 -4.04
CA TYR A 105 5.35 12.18 -4.93
C TYR A 105 4.88 12.10 -6.39
N MET A 106 4.42 10.92 -6.78
CA MET A 106 3.94 10.71 -8.15
C MET A 106 2.65 11.48 -8.39
N LYS A 107 1.86 11.65 -7.34
CA LYS A 107 0.59 12.37 -7.44
C LYS A 107 0.83 13.85 -7.76
N ASN A 108 2.00 14.34 -7.38
CA ASN A 108 2.35 15.74 -7.63
C ASN A 108 2.34 16.05 -9.13
N ASN A 109 2.79 15.09 -9.92
CA ASN A 109 2.83 15.25 -11.37
C ASN A 109 2.27 14.02 -12.08
N LEU A 110 1.03 14.10 -12.52
CA LEU A 110 0.38 12.99 -13.21
C LEU A 110 -0.61 13.50 -14.25
N LYS A 111 -1.20 12.58 -15.01
CA LYS A 111 -2.17 12.94 -16.03
C LYS A 111 -3.49 13.36 -15.40
N ASP A 112 -4.48 13.63 -16.25
CA ASP A 112 -5.80 14.05 -15.77
C ASP A 112 -6.45 12.94 -14.94
N ASN A 113 -6.49 11.74 -15.48
CA ASN A 113 -7.09 10.60 -14.80
C ASN A 113 -6.18 10.12 -13.66
N LYS A 114 -4.89 10.00 -13.95
CA LYS A 114 -3.92 9.54 -12.96
C LYS A 114 -3.96 10.43 -11.73
N LYS A 115 -4.11 11.74 -11.94
CA LYS A 115 -4.17 12.69 -10.84
C LYS A 115 -5.44 12.50 -10.03
N ASP A 116 -6.57 12.45 -10.72
CA ASP A 116 -7.87 12.27 -10.05
C ASP A 116 -7.83 11.06 -9.12
N LYS A 117 -7.35 9.93 -9.63
CA LYS A 117 -7.27 8.71 -8.84
C LYS A 117 -6.16 8.81 -7.80
N ALA A 118 -5.06 9.45 -8.17
CA ALA A 118 -3.93 9.62 -7.27
C ALA A 118 -4.36 10.27 -5.95
N ARG A 119 -5.17 11.32 -6.07
CA ARG A 119 -5.65 12.03 -4.88
C ARG A 119 -6.38 11.08 -3.93
N VAL A 120 -7.29 10.29 -4.48
CA VAL A 120 -8.04 9.34 -3.67
C VAL A 120 -7.12 8.32 -3.02
N LEU A 121 -6.13 7.86 -3.77
CA LEU A 121 -5.17 6.89 -3.26
C LEU A 121 -4.41 7.44 -2.05
N GLN A 122 -3.87 8.64 -2.20
CA GLN A 122 -3.13 9.29 -1.13
C GLN A 122 -3.99 9.45 0.12
N ARG A 123 -5.17 10.03 -0.06
CA ARG A 123 -6.10 10.25 1.05
C ARG A 123 -6.37 8.94 1.79
N ASP A 124 -6.78 7.92 1.04
CA ASP A 124 -7.07 6.62 1.62
C ASP A 124 -5.90 6.10 2.44
N THR A 125 -4.70 6.21 1.87
CA THR A 125 -3.49 5.75 2.54
C THR A 125 -3.32 6.44 3.89
N GLU A 126 -3.40 7.76 3.89
CA GLU A 126 -3.26 8.54 5.11
C GLU A 126 -4.38 8.21 6.11
N THR A 127 -5.52 7.81 5.57
CA THR A 127 -6.67 7.45 6.41
C THR A 127 -6.43 6.14 7.14
N LEU A 128 -6.15 5.08 6.38
CA LEU A 128 -5.91 3.77 6.96
C LEU A 128 -4.69 3.79 7.88
N ILE A 129 -3.70 4.60 7.50
CA ILE A 129 -2.48 4.72 8.30
C ILE A 129 -2.74 5.43 9.61
N HIS A 130 -3.43 6.57 9.54
CA HIS A 130 -3.76 7.36 10.71
C HIS A 130 -4.61 6.55 11.68
N ILE A 131 -5.56 5.80 11.15
CA ILE A 131 -6.46 4.97 11.96
C ILE A 131 -5.69 3.85 12.64
N PHE A 132 -4.94 3.08 11.85
CA PHE A 132 -4.16 1.97 12.37
C PHE A 132 -3.11 2.46 13.36
N ASN A 133 -2.40 3.52 12.98
CA ASN A 133 -1.36 4.08 13.85
C ASN A 133 -1.96 4.58 15.16
N GLN A 134 -3.13 5.22 15.07
CA GLN A 134 -3.80 5.74 16.25
C GLN A 134 -4.20 4.62 17.19
N GLU A 135 -4.77 3.56 16.64
CA GLU A 135 -5.19 2.41 17.44
C GLU A 135 -4.02 1.78 18.16
N VAL A 136 -2.97 1.47 17.40
CA VAL A 136 -1.77 0.85 17.96
C VAL A 136 -1.05 1.80 18.91
N LYS A 137 -1.17 3.10 18.65
CA LYS A 137 -0.55 4.11 19.47
C LYS A 137 -1.21 4.17 20.86
N ASP A 138 -2.53 4.10 20.87
CA ASP A 138 -3.28 4.15 22.12
C ASP A 138 -3.20 2.80 22.85
N LEU A 139 -3.09 1.72 22.08
CA LEU A 139 -3.00 0.39 22.64
C LEU A 139 -1.66 0.17 23.32
N HIS A 140 -0.58 0.53 22.64
CA HIS A 140 0.76 0.38 23.18
C HIS A 140 1.64 1.56 22.80
N LYS A 141 2.08 1.59 21.55
CA LYS A 141 2.93 2.67 21.06
C LYS A 141 3.28 2.46 19.58
N ILE A 142 3.82 3.50 18.96
CA ILE A 142 4.20 3.43 17.56
C ILE A 142 4.89 4.71 17.11
N VAL A 143 5.89 4.57 16.23
CA VAL A 143 6.63 5.71 15.73
C VAL A 143 7.20 5.42 14.34
N LEU A 144 7.88 6.42 13.77
CA LEU A 144 8.48 6.27 12.45
C LEU A 144 9.71 7.17 12.30
N PRO A 145 10.62 6.78 11.40
CA PRO A 145 11.85 7.54 11.15
C PRO A 145 11.58 8.86 10.44
N THR A 146 11.52 8.81 9.12
CA THR A 146 11.27 10.01 8.32
C THR A 146 11.30 9.70 6.83
N PRO A 147 10.48 10.43 6.05
CA PRO A 147 10.41 10.24 4.60
C PRO A 147 11.66 10.72 3.88
N ILE A 148 12.46 9.77 3.39
CA ILE A 148 13.69 10.11 2.69
C ILE A 148 13.64 9.64 1.24
N SER A 149 12.81 8.63 0.97
CA SER A 149 12.67 8.09 -0.38
C SER A 149 12.37 9.20 -1.37
N ASN A 150 11.62 10.20 -0.93
CA ASN A 150 11.26 11.32 -1.79
C ASN A 150 12.49 11.92 -2.45
N ALA A 151 13.51 12.21 -1.66
CA ALA A 151 14.75 12.78 -2.17
C ALA A 151 15.34 11.91 -3.27
N LEU A 152 15.44 10.61 -2.99
CA LEU A 152 15.98 9.67 -3.96
C LEU A 152 15.26 9.76 -5.30
N LEU A 153 13.94 9.61 -5.26
CA LEU A 153 13.12 9.69 -6.47
C LEU A 153 13.40 10.98 -7.23
N THR A 154 13.10 12.12 -6.60
CA THR A 154 13.31 13.41 -7.21
C THR A 154 14.73 13.55 -7.73
N ASP A 155 15.68 12.91 -7.04
CA ASP A 155 17.08 12.95 -7.43
C ASP A 155 17.32 12.12 -8.69
N LYS A 156 16.59 11.02 -8.80
CA LYS A 156 16.72 10.13 -9.95
C LYS A 156 15.90 10.64 -11.13
N LEU A 157 16.58 10.93 -12.23
CA LEU A 157 15.91 11.43 -13.43
C LEU A 157 16.88 11.54 -14.60
N GLU A 158 16.42 11.21 -15.79
CA GLU A 158 17.25 11.27 -16.99
C GLU A 158 16.39 11.24 -18.24
N SER A 159 17.00 11.58 -19.38
CA SER A 159 16.30 11.59 -20.66
C SER A 159 16.34 10.22 -21.31
N GLN A 160 15.27 9.87 -22.01
CA GLN A 160 15.17 8.58 -22.68
C GLN A 160 13.92 8.51 -23.56
N LYS A 161 13.68 7.34 -24.14
CA LYS A 161 12.52 7.14 -25.00
C LYS A 161 11.22 7.30 -24.21
N GLU A 162 10.94 6.33 -23.35
CA GLU A 162 9.73 6.36 -22.53
C GLU A 162 9.81 5.35 -21.39
N TRP A 163 10.05 4.09 -21.74
CA TRP A 163 10.15 3.02 -20.75
C TRP A 163 11.32 3.28 -19.81
N LEU A 164 11.02 3.59 -18.55
CA LEU A 164 12.04 3.85 -17.55
C LEU A 164 11.43 4.02 -16.17
N ARG A 165 10.60 5.04 -16.01
CA ARG A 165 9.93 5.31 -14.74
C ARG A 165 8.88 4.25 -14.45
N THR A 166 8.33 3.66 -15.50
CA THR A 166 7.30 2.63 -15.35
C THR A 166 7.74 1.54 -14.38
N LYS A 167 9.06 1.36 -14.26
CA LYS A 167 9.62 0.35 -13.37
C LYS A 167 9.40 0.74 -11.92
N THR A 168 10.10 1.78 -11.46
CA THR A 168 9.98 2.24 -10.09
C THR A 168 8.52 2.42 -9.69
N ILE A 169 7.74 3.01 -10.59
CA ILE A 169 6.31 3.23 -10.33
C ILE A 169 5.58 1.90 -10.13
N GLN A 170 5.82 0.97 -11.05
CA GLN A 170 5.18 -0.34 -10.97
C GLN A 170 5.58 -1.08 -9.70
N PHE A 171 6.79 -0.78 -9.22
CA PHE A 171 7.30 -1.42 -8.01
C PHE A 171 6.56 -0.92 -6.78
N ILE A 172 6.57 0.40 -6.59
CA ILE A 172 5.90 1.02 -5.45
C ILE A 172 4.41 0.70 -5.45
N LEU A 173 3.81 0.66 -6.64
CA LEU A 173 2.39 0.37 -6.78
C LEU A 173 2.09 -1.07 -6.39
N LYS A 174 2.79 -2.00 -7.05
CA LYS A 174 2.60 -3.43 -6.77
C LYS A 174 2.86 -3.74 -5.29
N SER A 175 3.96 -3.20 -4.77
CA SER A 175 4.32 -3.41 -3.37
C SER A 175 3.24 -2.88 -2.44
N LEU A 176 2.77 -1.66 -2.72
CA LEU A 176 1.74 -1.04 -1.90
C LEU A 176 0.49 -1.92 -1.83
N GLU A 177 -0.07 -2.22 -2.99
CA GLU A 177 -1.26 -3.06 -3.07
C GLU A 177 -1.06 -4.37 -2.31
N GLU A 178 0.04 -5.06 -2.61
CA GLU A 178 0.34 -6.32 -1.95
C GLU A 178 0.45 -6.15 -0.44
N PHE A 179 1.02 -5.02 -0.02
CA PHE A 179 1.19 -4.73 1.40
C PHE A 179 -0.17 -4.46 2.05
N LEU A 180 -1.10 -3.93 1.27
CA LEU A 180 -2.43 -3.62 1.78
C LEU A 180 -3.25 -4.90 1.99
N LYS A 181 -3.21 -5.79 0.99
CA LYS A 181 -3.95 -7.05 1.06
C LYS A 181 -3.40 -7.93 2.18
N VAL A 182 -2.07 -7.99 2.28
CA VAL A 182 -1.42 -8.80 3.31
C VAL A 182 -1.63 -8.20 4.70
N THR A 183 -1.63 -6.87 4.77
CA THR A 183 -1.83 -6.18 6.03
C THR A 183 -3.27 -6.28 6.49
N LEU A 184 -4.20 -6.26 5.55
CA LEU A 184 -5.62 -6.35 5.85
C LEU A 184 -6.00 -7.77 6.28
N ARG A 185 -5.43 -8.76 5.59
CA ARG A 185 -5.71 -10.15 5.90
C ARG A 185 -4.99 -10.58 7.18
N SER A 186 -3.81 -10.01 7.41
CA SER A 186 -3.02 -10.33 8.58
C SER A 186 -3.63 -9.71 9.83
N THR A 187 -3.88 -8.41 9.78
CA THR A 187 -4.47 -7.69 10.91
C THR A 187 -5.80 -8.30 11.32
N ARG A 188 -6.51 -8.88 10.35
CA ARG A 188 -7.80 -9.50 10.62
C ARG A 188 -7.62 -10.90 11.20
N GLN A 189 -7.67 -10.99 12.53
CA GLN A 189 -7.51 -12.28 13.21
C GLN A 189 -8.86 -12.92 13.47
N THR A 190 -9.91 -12.11 13.42
CA THR A 190 -11.27 -12.61 13.65
C THR A 190 -12.06 -12.70 12.34
N SER A 7 -0.45 -18.51 -7.36
CA SER A 7 -1.38 -18.87 -6.29
C SER A 7 -2.77 -19.17 -6.85
N GLN A 8 -3.71 -19.39 -5.94
CA GLN A 8 -5.09 -19.70 -6.35
C GLN A 8 -6.08 -19.06 -5.38
N VAL A 9 -6.54 -17.86 -5.71
CA VAL A 9 -7.50 -17.14 -4.87
C VAL A 9 -8.64 -16.57 -5.71
N ARG A 10 -9.85 -16.64 -5.18
CA ARG A 10 -11.03 -16.13 -5.87
C ARG A 10 -11.54 -14.85 -5.22
N ARG A 11 -10.89 -13.73 -5.52
CA ARG A 11 -11.28 -12.45 -4.95
C ARG A 11 -12.08 -11.63 -5.95
N GLY A 12 -12.52 -10.45 -5.53
CA GLY A 12 -13.30 -9.59 -6.40
C GLY A 12 -14.78 -9.86 -6.31
N ASP A 13 -15.24 -10.29 -5.13
CA ASP A 13 -16.64 -10.58 -4.91
C ASP A 13 -17.22 -9.68 -3.82
N PHE A 14 -17.62 -8.48 -4.21
CA PHE A 14 -18.18 -7.52 -3.26
C PHE A 14 -19.45 -6.90 -3.82
N THR A 15 -20.25 -6.28 -2.94
CA THR A 15 -21.49 -5.64 -3.34
C THR A 15 -21.50 -4.17 -2.95
N GLU A 16 -20.89 -3.86 -1.80
CA GLU A 16 -20.83 -2.49 -1.32
C GLU A 16 -20.30 -1.55 -2.40
N ASP A 17 -20.82 -0.32 -2.41
CA ASP A 17 -20.38 0.67 -3.39
C ASP A 17 -20.84 2.06 -2.97
N THR A 18 -20.95 2.28 -1.67
CA THR A 18 -21.38 3.57 -1.15
C THR A 18 -20.70 3.88 0.19
N THR A 19 -20.66 5.15 0.55
CA THR A 19 -20.05 5.57 1.81
C THR A 19 -20.96 6.52 2.57
N PRO A 20 -20.73 6.63 3.88
CA PRO A 20 -21.52 7.51 4.76
C PRO A 20 -21.27 8.99 4.48
N ASN A 21 -21.79 9.85 5.34
CA ASN A 21 -21.62 11.29 5.20
C ASN A 21 -20.38 11.77 5.93
N ARG A 22 -20.18 11.26 7.14
CA ARG A 22 -19.03 11.63 7.95
C ARG A 22 -18.24 10.40 8.39
N PRO A 23 -16.95 10.59 8.68
CA PRO A 23 -16.06 9.51 9.11
C PRO A 23 -16.39 9.01 10.51
N VAL A 24 -16.38 7.70 10.69
CA VAL A 24 -16.68 7.09 11.99
C VAL A 24 -15.44 6.46 12.59
N TYR A 25 -14.45 6.19 11.76
CA TYR A 25 -13.21 5.57 12.22
C TYR A 25 -13.47 4.21 12.83
N THR A 26 -14.47 3.51 12.31
CA THR A 26 -14.83 2.19 12.81
C THR A 26 -14.41 1.10 11.83
N THR A 27 -14.59 -0.16 12.24
CA THR A 27 -14.23 -1.29 11.40
C THR A 27 -14.84 -1.17 10.01
N SER A 28 -16.04 -0.61 9.94
CA SER A 28 -16.74 -0.43 8.67
C SER A 28 -16.02 0.61 7.81
N GLN A 29 -15.65 1.73 8.42
CA GLN A 29 -14.96 2.79 7.71
C GLN A 29 -13.64 2.31 7.15
N VAL A 30 -12.83 1.69 7.99
CA VAL A 30 -11.53 1.17 7.57
C VAL A 30 -11.69 0.11 6.49
N GLY A 31 -12.67 -0.76 6.66
CA GLY A 31 -12.92 -1.82 5.69
C GLY A 31 -13.20 -1.27 4.31
N GLY A 32 -14.17 -0.36 4.22
CA GLY A 32 -14.53 0.21 2.95
C GLY A 32 -13.40 1.00 2.32
N LEU A 33 -12.66 1.73 3.15
CA LEU A 33 -11.54 2.53 2.67
C LEU A 33 -10.42 1.63 2.14
N ILE A 34 -10.24 0.47 2.77
CA ILE A 34 -9.21 -0.46 2.35
C ILE A 34 -9.54 -1.08 1.00
N THR A 35 -10.76 -1.59 0.86
CA THR A 35 -11.20 -2.21 -0.39
C THR A 35 -11.21 -1.18 -1.52
N HIS A 36 -11.61 0.04 -1.21
CA HIS A 36 -11.67 1.10 -2.21
C HIS A 36 -10.27 1.45 -2.70
N VAL A 37 -9.38 1.80 -1.78
CA VAL A 37 -8.00 2.15 -2.12
C VAL A 37 -7.29 0.99 -2.80
N LEU A 38 -7.65 -0.22 -2.42
CA LEU A 38 -7.04 -1.42 -3.00
C LEU A 38 -7.41 -1.56 -4.47
N TRP A 39 -8.70 -1.42 -4.76
CA TRP A 39 -9.19 -1.53 -6.14
C TRP A 39 -8.61 -0.41 -7.01
N GLU A 40 -8.54 0.78 -6.45
CA GLU A 40 -8.01 1.93 -7.17
C GLU A 40 -6.54 1.73 -7.52
N ILE A 41 -5.78 1.26 -6.55
CA ILE A 41 -4.35 1.02 -6.75
C ILE A 41 -4.12 -0.04 -7.83
N VAL A 42 -4.89 -1.13 -7.75
CA VAL A 42 -4.76 -2.21 -8.72
C VAL A 42 -5.06 -1.72 -10.13
N GLU A 43 -6.18 -1.03 -10.29
CA GLU A 43 -6.57 -0.51 -11.60
C GLU A 43 -5.59 0.56 -12.07
N MET A 44 -5.16 1.42 -11.15
CA MET A 44 -4.22 2.49 -11.47
C MET A 44 -2.86 1.92 -11.85
N ARG A 45 -2.51 0.79 -11.24
CA ARG A 45 -1.23 0.15 -11.52
C ARG A 45 -1.24 -0.51 -12.90
N LYS A 46 -2.26 -1.31 -13.16
CA LYS A 46 -2.39 -1.99 -14.44
C LYS A 46 -2.71 -1.01 -15.56
N GLU A 47 -3.38 0.08 -15.20
CA GLU A 47 -3.74 1.10 -16.18
C GLU A 47 -2.51 1.60 -16.93
N LEU A 48 -1.40 1.75 -16.20
CA LEU A 48 -0.16 2.23 -16.80
C LEU A 48 0.23 1.36 -17.99
N CYS A 49 -0.17 0.10 -17.96
CA CYS A 49 0.14 -0.83 -19.05
C CYS A 49 -1.06 -1.00 -19.98
N ASN A 50 -1.82 0.07 -20.17
CA ASN A 50 -2.99 0.05 -21.03
C ASN A 50 -4.01 -0.96 -20.52
N GLY A 51 -4.02 -1.18 -19.21
CA GLY A 51 -4.95 -2.12 -18.62
C GLY A 51 -4.71 -3.55 -19.08
N ASN A 52 -3.44 -3.93 -19.18
CA ASN A 52 -3.08 -5.28 -19.61
C ASN A 52 -2.79 -6.18 -18.41
N SER A 53 -3.72 -7.08 -18.12
CA SER A 53 -3.57 -8.00 -17.00
C SER A 53 -2.25 -8.76 -17.10
N ASP A 54 -1.83 -9.05 -18.33
CA ASP A 54 -0.59 -9.76 -18.57
C ASP A 54 0.60 -9.01 -17.99
N CYS A 55 0.50 -7.68 -17.98
CA CYS A 55 1.57 -6.83 -17.47
C CYS A 55 1.76 -7.05 -15.97
N MET A 56 0.65 -7.34 -15.28
CA MET A 56 0.70 -7.57 -13.84
C MET A 56 1.43 -8.87 -13.52
N ASN A 57 1.22 -9.88 -14.37
CA ASN A 57 1.86 -11.18 -14.17
C ASN A 57 2.91 -11.44 -15.25
N ASN A 58 3.52 -10.36 -15.74
CA ASN A 58 4.53 -10.48 -16.78
C ASN A 58 5.91 -10.77 -16.17
N ASP A 59 6.40 -9.82 -15.38
CA ASP A 59 7.70 -9.98 -14.74
C ASP A 59 7.54 -10.12 -13.22
N ASP A 60 6.36 -10.56 -12.79
CA ASP A 60 6.08 -10.74 -11.37
C ASP A 60 6.75 -12.00 -10.84
N ALA A 61 6.98 -12.97 -11.72
CA ALA A 61 7.61 -14.22 -11.35
C ALA A 61 8.98 -13.97 -10.71
N LEU A 62 9.59 -12.85 -11.05
CA LEU A 62 10.89 -12.49 -10.52
C LEU A 62 10.81 -11.23 -9.67
N ALA A 63 10.04 -10.25 -10.14
CA ALA A 63 9.87 -9.00 -9.42
C ALA A 63 9.31 -9.23 -8.02
N GLU A 64 8.53 -10.31 -7.87
CA GLU A 64 7.94 -10.65 -6.58
C GLU A 64 9.02 -10.93 -5.54
N ASN A 65 10.19 -11.36 -6.01
CA ASN A 65 11.30 -11.67 -5.11
C ASN A 65 12.54 -10.87 -5.49
N ASN A 66 12.31 -9.67 -6.03
CA ASN A 66 13.41 -8.80 -6.44
C ASN A 66 13.19 -7.37 -5.95
N LEU A 67 12.44 -7.23 -4.86
CA LEU A 67 12.15 -5.93 -4.29
C LEU A 67 12.98 -5.68 -3.04
N LYS A 68 13.67 -4.54 -3.02
CA LYS A 68 14.51 -4.18 -1.88
C LYS A 68 13.66 -3.62 -0.74
N LEU A 69 12.59 -2.91 -1.10
CA LEU A 69 11.70 -2.32 -0.11
C LEU A 69 11.01 -3.39 0.73
N PRO A 70 10.59 -3.01 1.94
CA PRO A 70 9.91 -3.93 2.87
C PRO A 70 8.51 -4.32 2.37
N GLU A 71 8.30 -5.62 2.17
CA GLU A 71 7.02 -6.12 1.71
C GLU A 71 6.73 -7.51 2.28
N ILE A 72 5.63 -7.62 3.01
CA ILE A 72 5.24 -8.90 3.60
C ILE A 72 5.24 -10.02 2.57
N GLN A 73 5.65 -11.20 2.99
CA GLN A 73 5.69 -12.35 2.10
C GLN A 73 5.58 -13.66 2.88
N ARG A 74 4.56 -14.45 2.56
CA ARG A 74 4.34 -15.72 3.23
C ARG A 74 4.06 -15.51 4.71
N ASN A 75 2.89 -14.94 5.01
CA ASN A 75 2.50 -14.68 6.40
C ASN A 75 1.04 -15.06 6.64
N ASP A 76 0.82 -15.89 7.65
CA ASP A 76 -0.52 -16.35 7.98
C ASP A 76 -1.23 -15.34 8.88
N GLY A 77 -2.51 -15.58 9.15
CA GLY A 77 -3.27 -14.68 9.99
C GLY A 77 -2.89 -14.79 11.46
N CYS A 78 -3.58 -14.05 12.31
CA CYS A 78 -3.31 -14.06 13.74
C CYS A 78 -4.22 -15.04 14.46
N TYR A 79 -5.53 -14.79 14.40
CA TYR A 79 -6.51 -15.65 15.04
C TYR A 79 -6.30 -15.67 16.55
N GLN A 80 -7.07 -16.51 17.24
CA GLN A 80 -6.97 -16.63 18.68
C GLN A 80 -6.35 -17.96 19.08
N THR A 81 -5.36 -17.91 19.98
CA THR A 81 -4.69 -19.11 20.44
C THR A 81 -4.47 -19.08 21.95
N GLY A 82 -3.64 -18.15 22.40
CA GLY A 82 -3.37 -18.03 23.82
C GLY A 82 -2.61 -16.76 24.17
N TYR A 83 -1.51 -16.91 24.89
CA TYR A 83 -0.70 -15.77 25.29
C TYR A 83 0.69 -15.84 24.65
N ASN A 84 0.98 -14.89 23.77
CA ASN A 84 2.27 -14.85 23.10
C ASN A 84 2.51 -16.12 22.28
N GLN A 85 1.47 -16.56 21.57
CA GLN A 85 1.57 -17.76 20.76
C GLN A 85 1.25 -17.45 19.29
N GLU A 86 1.54 -16.23 18.88
CA GLU A 86 1.29 -15.81 17.50
C GLU A 86 2.12 -14.58 17.14
N ILE A 87 2.25 -14.31 15.85
CA ILE A 87 3.01 -13.17 15.38
C ILE A 87 2.50 -12.68 14.03
N CYS A 88 2.31 -11.38 13.90
CA CYS A 88 1.83 -10.77 12.67
C CYS A 88 2.56 -9.47 12.37
N LEU A 89 3.31 -9.47 11.26
CA LEU A 89 4.06 -8.28 10.86
C LEU A 89 5.07 -7.88 11.93
N LEU A 90 5.81 -6.83 11.67
CA LEU A 90 6.82 -6.33 12.62
C LEU A 90 6.95 -4.81 12.53
N LYS A 91 7.16 -4.31 11.32
CA LYS A 91 7.31 -2.88 11.10
C LYS A 91 5.98 -2.26 10.68
N ILE A 92 5.61 -2.46 9.42
CA ILE A 92 4.36 -1.92 8.90
C ILE A 92 4.45 -0.41 8.71
N SER A 93 4.66 0.31 9.80
CA SER A 93 4.77 1.76 9.76
C SER A 93 5.76 2.21 8.69
N SER A 94 6.95 1.60 8.70
CA SER A 94 7.99 1.93 7.75
C SER A 94 7.46 1.81 6.31
N GLY A 95 6.89 0.66 6.00
CA GLY A 95 6.36 0.43 4.67
C GLY A 95 5.25 1.41 4.32
N LEU A 96 4.31 1.59 5.23
CA LEU A 96 3.19 2.50 5.02
C LEU A 96 3.69 3.90 4.68
N LEU A 97 4.68 4.37 5.43
CA LEU A 97 5.25 5.70 5.20
C LEU A 97 5.89 5.78 3.82
N GLU A 98 6.72 4.80 3.50
CA GLU A 98 7.40 4.77 2.20
C GLU A 98 6.39 4.84 1.06
N TYR A 99 5.42 3.94 1.07
CA TYR A 99 4.39 3.90 0.04
C TYR A 99 3.69 5.25 -0.07
N HIS A 100 3.29 5.80 1.08
CA HIS A 100 2.59 7.08 1.10
C HIS A 100 3.42 8.16 0.40
N SER A 101 4.72 8.16 0.65
CA SER A 101 5.61 9.14 0.05
C SER A 101 5.77 8.89 -1.44
N TYR A 102 5.68 7.61 -1.83
CA TYR A 102 5.82 7.23 -3.23
C TYR A 102 4.61 7.68 -4.04
N LEU A 103 3.43 7.30 -3.58
CA LEU A 103 2.19 7.66 -4.25
C LEU A 103 1.99 9.18 -4.26
N GLU A 104 2.23 9.80 -3.11
CA GLU A 104 2.09 11.26 -2.98
C GLU A 104 3.12 11.98 -3.84
N TYR A 105 4.29 11.37 -4.00
CA TYR A 105 5.35 11.96 -4.80
C TYR A 105 4.99 11.98 -6.28
N MET A 106 4.60 10.82 -6.80
CA MET A 106 4.22 10.69 -8.20
C MET A 106 2.87 11.36 -8.46
N LYS A 107 2.04 11.45 -7.42
CA LYS A 107 0.73 12.06 -7.52
C LYS A 107 0.84 13.52 -7.96
N ASN A 108 1.87 14.20 -7.46
CA ASN A 108 2.09 15.60 -7.80
C ASN A 108 2.28 15.78 -9.29
N ASN A 109 2.97 14.83 -9.93
CA ASN A 109 3.21 14.89 -11.36
C ASN A 109 2.57 13.69 -12.07
N LEU A 110 1.35 13.88 -12.53
CA LEU A 110 0.63 12.81 -13.23
C LEU A 110 -0.33 13.38 -14.27
N LYS A 111 -1.01 12.51 -15.00
CA LYS A 111 -1.95 12.93 -16.01
C LYS A 111 -3.26 13.42 -15.39
N ASP A 112 -4.22 13.74 -16.24
CA ASP A 112 -5.52 14.21 -15.77
C ASP A 112 -6.23 13.13 -14.96
N ASN A 113 -6.33 11.94 -15.53
CA ASN A 113 -6.99 10.82 -14.87
C ASN A 113 -6.14 10.30 -13.72
N LYS A 114 -4.85 10.10 -13.99
CA LYS A 114 -3.92 9.60 -12.98
C LYS A 114 -3.95 10.49 -11.74
N LYS A 115 -4.06 11.79 -11.95
CA LYS A 115 -4.08 12.75 -10.85
C LYS A 115 -5.38 12.61 -10.05
N ASP A 116 -6.50 12.57 -10.76
CA ASP A 116 -7.80 12.44 -10.10
C ASP A 116 -7.83 11.22 -9.18
N LYS A 117 -7.37 10.09 -9.70
CA LYS A 117 -7.35 8.86 -8.92
C LYS A 117 -6.25 8.90 -7.85
N ALA A 118 -5.12 9.50 -8.21
CA ALA A 118 -4.00 9.62 -7.28
C ALA A 118 -4.44 10.29 -5.98
N ARG A 119 -5.18 11.38 -6.10
CA ARG A 119 -5.67 12.11 -4.94
C ARG A 119 -6.44 11.20 -4.00
N VAL A 120 -7.34 10.40 -4.57
CA VAL A 120 -8.15 9.47 -3.79
C VAL A 120 -7.29 8.38 -3.16
N LEU A 121 -6.23 8.00 -3.86
CA LEU A 121 -5.33 6.97 -3.37
C LEU A 121 -4.58 7.44 -2.12
N GLN A 122 -3.97 8.61 -2.22
CA GLN A 122 -3.23 9.19 -1.11
C GLN A 122 -4.15 9.47 0.07
N ARG A 123 -5.33 10.00 -0.22
CA ARG A 123 -6.30 10.33 0.82
C ARG A 123 -6.70 9.07 1.59
N ASP A 124 -7.14 8.04 0.86
CA ASP A 124 -7.56 6.80 1.48
C ASP A 124 -6.44 6.21 2.34
N THR A 125 -5.27 6.02 1.73
CA THR A 125 -4.12 5.47 2.43
C THR A 125 -3.81 6.28 3.69
N GLU A 126 -3.78 7.60 3.55
CA GLU A 126 -3.49 8.48 4.68
C GLU A 126 -4.43 8.20 5.83
N THR A 127 -5.73 8.11 5.53
CA THR A 127 -6.74 7.86 6.56
C THR A 127 -6.53 6.49 7.20
N LEU A 128 -6.28 5.49 6.36
CA LEU A 128 -6.07 4.12 6.85
C LEU A 128 -4.82 4.04 7.72
N ILE A 129 -3.81 4.82 7.36
CA ILE A 129 -2.55 4.85 8.10
C ILE A 129 -2.73 5.53 9.46
N HIS A 130 -3.51 6.61 9.47
CA HIS A 130 -3.76 7.35 10.69
C HIS A 130 -4.54 6.50 11.70
N ILE A 131 -5.60 5.86 11.20
CA ILE A 131 -6.43 5.01 12.06
C ILE A 131 -5.64 3.82 12.59
N PHE A 132 -4.95 3.13 11.69
CA PHE A 132 -4.15 1.96 12.07
C PHE A 132 -3.06 2.36 13.07
N ASN A 133 -2.34 3.43 12.75
CA ASN A 133 -1.26 3.90 13.62
C ASN A 133 -1.80 4.26 15.00
N GLN A 134 -2.97 4.89 15.03
CA GLN A 134 -3.59 5.28 16.30
C GLN A 134 -3.92 4.06 17.14
N GLU A 135 -4.57 3.08 16.52
CA GLU A 135 -4.96 1.86 17.22
C GLU A 135 -3.74 1.16 17.81
N VAL A 136 -2.73 0.94 16.98
CA VAL A 136 -1.50 0.28 17.43
C VAL A 136 -0.76 1.14 18.45
N LYS A 137 -0.90 2.46 18.32
CA LYS A 137 -0.25 3.40 19.22
C LYS A 137 -0.85 3.31 20.62
N ASP A 138 -2.17 3.10 20.68
CA ASP A 138 -2.87 3.01 21.95
C ASP A 138 -2.86 1.57 22.47
N LEU A 139 -2.64 0.63 21.57
CA LEU A 139 -2.61 -0.79 21.92
C LEU A 139 -1.24 -1.18 22.49
N HIS A 140 -0.19 -0.96 21.69
CA HIS A 140 1.16 -1.28 22.12
C HIS A 140 2.16 -0.26 21.58
N LYS A 141 1.70 0.99 21.44
CA LYS A 141 2.55 2.06 20.94
C LYS A 141 3.06 1.74 19.55
N ILE A 142 3.80 2.67 18.96
CA ILE A 142 4.36 2.49 17.63
C ILE A 142 5.26 3.65 17.25
N VAL A 143 6.34 3.35 16.52
CA VAL A 143 7.27 4.39 16.08
C VAL A 143 7.74 4.13 14.65
N LEU A 144 8.50 5.07 14.11
CA LEU A 144 9.01 4.95 12.74
C LEU A 144 10.39 5.58 12.62
N PRO A 145 11.17 5.12 11.63
CA PRO A 145 12.52 5.63 11.39
C PRO A 145 12.51 7.06 10.84
N THR A 146 12.41 7.18 9.52
CA THR A 146 12.39 8.48 8.87
C THR A 146 12.31 8.34 7.36
N PRO A 147 11.64 9.29 6.70
CA PRO A 147 11.48 9.30 5.24
C PRO A 147 12.79 9.59 4.53
N ILE A 148 13.25 8.64 3.73
CA ILE A 148 14.49 8.80 2.99
C ILE A 148 14.29 8.48 1.50
N SER A 149 13.49 7.45 1.24
CA SER A 149 13.20 7.04 -0.14
C SER A 149 12.76 8.23 -0.98
N ASN A 150 11.86 9.04 -0.42
CA ASN A 150 11.35 10.21 -1.12
C ASN A 150 12.49 11.06 -1.67
N ALA A 151 13.52 11.26 -0.86
CA ALA A 151 14.68 12.05 -1.26
C ALA A 151 15.35 11.45 -2.49
N LEU A 152 15.70 10.18 -2.40
CA LEU A 152 16.36 9.48 -3.51
C LEU A 152 15.57 9.66 -4.80
N LEU A 153 14.29 9.29 -4.76
CA LEU A 153 13.43 9.40 -5.93
C LEU A 153 13.46 10.82 -6.50
N THR A 154 13.02 11.79 -5.70
CA THR A 154 13.01 13.18 -6.12
C THR A 154 14.38 13.60 -6.66
N ASP A 155 15.43 13.03 -6.09
CA ASP A 155 16.79 13.35 -6.52
C ASP A 155 17.00 13.00 -7.99
N LYS A 156 16.40 11.89 -8.42
CA LYS A 156 16.52 11.44 -9.80
C LYS A 156 17.96 11.10 -10.14
N LEU A 157 18.17 10.49 -11.30
CA LEU A 157 19.50 10.12 -11.75
C LEU A 157 20.14 9.12 -10.78
N GLU A 158 19.39 8.08 -10.43
CA GLU A 158 19.88 7.06 -9.51
C GLU A 158 19.97 5.70 -10.21
N SER A 159 20.85 4.85 -9.71
CA SER A 159 21.03 3.52 -10.27
C SER A 159 21.53 3.60 -11.72
N GLN A 160 21.99 2.48 -12.25
CA GLN A 160 22.49 2.42 -13.61
C GLN A 160 21.47 3.01 -14.59
N LYS A 161 20.32 2.35 -14.70
CA LYS A 161 19.27 2.79 -15.59
C LYS A 161 17.91 2.32 -15.12
N GLU A 162 17.14 3.22 -14.51
CA GLU A 162 15.82 2.88 -14.00
C GLU A 162 14.92 2.40 -15.12
N TRP A 163 15.20 2.84 -16.34
CA TRP A 163 14.41 2.45 -17.50
C TRP A 163 12.97 2.95 -17.38
N LEU A 164 12.75 4.21 -17.73
CA LEU A 164 11.42 4.80 -17.66
C LEU A 164 10.92 4.84 -16.22
N ARG A 165 9.93 5.68 -15.96
CA ARG A 165 9.36 5.81 -14.62
C ARG A 165 8.34 4.71 -14.36
N THR A 166 7.72 4.22 -15.42
CA THR A 166 6.72 3.15 -15.30
C THR A 166 7.26 1.98 -14.51
N LYS A 167 8.59 1.80 -14.55
CA LYS A 167 9.23 0.71 -13.83
C LYS A 167 9.17 0.93 -12.33
N THR A 168 9.93 1.92 -11.85
CA THR A 168 9.96 2.23 -10.42
C THR A 168 8.55 2.35 -9.86
N ILE A 169 7.67 3.04 -10.59
CA ILE A 169 6.29 3.22 -10.16
C ILE A 169 5.56 1.89 -10.06
N GLN A 170 5.72 1.05 -11.08
CA GLN A 170 5.08 -0.26 -11.10
C GLN A 170 5.53 -1.10 -9.91
N PHE A 171 6.79 -0.96 -9.53
CA PHE A 171 7.34 -1.72 -8.41
C PHE A 171 6.73 -1.25 -7.10
N ILE A 172 6.83 0.05 -6.83
CA ILE A 172 6.29 0.62 -5.60
C ILE A 172 4.78 0.43 -5.52
N LEU A 173 4.12 0.51 -6.68
CA LEU A 173 2.68 0.35 -6.75
C LEU A 173 2.27 -1.07 -6.39
N LYS A 174 2.91 -2.04 -7.03
CA LYS A 174 2.62 -3.45 -6.79
C LYS A 174 2.85 -3.80 -5.33
N SER A 175 4.00 -3.39 -4.79
CA SER A 175 4.34 -3.66 -3.41
C SER A 175 3.30 -3.06 -2.46
N LEU A 176 2.93 -1.81 -2.71
CA LEU A 176 1.94 -1.12 -1.89
C LEU A 176 0.64 -1.91 -1.83
N GLU A 177 0.09 -2.23 -3.00
CA GLU A 177 -1.16 -2.97 -3.09
C GLU A 177 -1.07 -4.27 -2.29
N GLU A 178 -0.06 -5.08 -2.59
CA GLU A 178 0.14 -6.35 -1.91
C GLU A 178 0.25 -6.14 -0.41
N PHE A 179 1.03 -5.13 -0.01
CA PHE A 179 1.22 -4.82 1.40
C PHE A 179 -0.10 -4.47 2.07
N LEU A 180 -0.99 -3.83 1.32
CA LEU A 180 -2.29 -3.44 1.85
C LEU A 180 -3.17 -4.66 2.09
N LYS A 181 -3.43 -5.41 1.03
CA LYS A 181 -4.26 -6.62 1.11
C LYS A 181 -3.76 -7.54 2.22
N VAL A 182 -2.44 -7.67 2.33
CA VAL A 182 -1.84 -8.51 3.36
C VAL A 182 -2.09 -7.95 4.75
N THR A 183 -1.81 -6.67 4.92
CA THR A 183 -2.00 -6.00 6.21
C THR A 183 -3.41 -6.25 6.74
N LEU A 184 -4.40 -6.10 5.88
CA LEU A 184 -5.79 -6.30 6.26
C LEU A 184 -6.06 -7.77 6.57
N ARG A 185 -5.58 -8.65 5.70
CA ARG A 185 -5.78 -10.08 5.87
C ARG A 185 -5.20 -10.55 7.21
N SER A 186 -4.19 -9.84 7.69
CA SER A 186 -3.55 -10.17 8.96
C SER A 186 -4.34 -9.61 10.13
N THR A 187 -4.64 -8.31 10.07
CA THR A 187 -5.39 -7.65 11.12
C THR A 187 -6.81 -8.18 11.20
N ARG A 188 -7.24 -8.87 10.16
CA ARG A 188 -8.59 -9.43 10.11
C ARG A 188 -8.66 -10.73 10.91
N GLN A 189 -9.19 -10.63 12.13
CA GLN A 189 -9.32 -11.80 13.00
C GLN A 189 -10.19 -12.87 12.35
N THR A 190 -11.02 -12.45 11.40
CA THR A 190 -11.91 -13.37 10.69
C THR A 190 -11.13 -14.28 9.75
N SER A 7 -0.72 -21.44 -13.93
CA SER A 7 -2.03 -21.12 -13.40
C SER A 7 -1.91 -20.54 -11.98
N GLN A 8 -1.85 -19.22 -11.90
CA GLN A 8 -1.73 -18.54 -10.61
C GLN A 8 -2.52 -17.24 -10.61
N VAL A 9 -3.70 -17.26 -10.00
CA VAL A 9 -4.55 -16.07 -9.94
C VAL A 9 -5.33 -16.04 -8.63
N ARG A 10 -5.56 -14.84 -8.11
CA ARG A 10 -6.29 -14.66 -6.86
C ARG A 10 -7.64 -13.99 -7.13
N ARG A 11 -8.72 -14.70 -6.78
CA ARG A 11 -10.06 -14.17 -6.98
C ARG A 11 -10.39 -13.11 -5.93
N GLY A 12 -11.59 -12.56 -6.00
CA GLY A 12 -12.01 -11.54 -5.05
C GLY A 12 -12.17 -10.19 -5.70
N ASP A 13 -12.91 -10.14 -6.81
CA ASP A 13 -13.13 -8.89 -7.53
C ASP A 13 -14.56 -8.40 -7.32
N PHE A 14 -14.69 -7.11 -7.00
CA PHE A 14 -16.00 -6.51 -6.77
C PHE A 14 -16.22 -5.31 -7.69
N THR A 15 -17.44 -4.79 -7.68
CA THR A 15 -17.78 -3.64 -8.51
C THR A 15 -18.18 -2.43 -7.65
N GLU A 16 -18.78 -2.71 -6.50
CA GLU A 16 -19.21 -1.65 -5.59
C GLU A 16 -18.70 -1.92 -4.17
N ASP A 17 -18.79 -0.90 -3.32
CA ASP A 17 -18.34 -1.02 -1.94
C ASP A 17 -19.09 -0.04 -1.04
N THR A 18 -20.38 0.14 -1.31
CA THR A 18 -21.20 1.05 -0.52
C THR A 18 -20.57 2.44 -0.45
N THR A 19 -21.18 3.32 0.34
CA THR A 19 -20.67 4.69 0.48
C THR A 19 -20.04 4.88 1.86
N PRO A 20 -19.19 5.91 1.99
CA PRO A 20 -18.51 6.24 3.24
C PRO A 20 -19.47 6.78 4.29
N ASN A 21 -18.94 7.05 5.49
CA ASN A 21 -19.75 7.58 6.57
C ASN A 21 -18.90 8.38 7.55
N ARG A 22 -18.14 9.33 7.02
CA ARG A 22 -17.28 10.16 7.84
C ARG A 22 -16.23 9.32 8.56
N PRO A 23 -15.15 9.98 9.02
CA PRO A 23 -14.05 9.31 9.72
C PRO A 23 -14.46 8.82 11.11
N VAL A 24 -15.16 7.69 11.15
CA VAL A 24 -15.62 7.12 12.42
C VAL A 24 -14.56 6.20 13.02
N TYR A 25 -13.59 5.81 12.19
CA TYR A 25 -12.53 4.93 12.64
C TYR A 25 -13.07 3.56 13.06
N THR A 26 -14.24 3.23 12.53
CA THR A 26 -14.88 1.95 12.84
C THR A 26 -14.40 0.85 11.90
N THR A 27 -14.57 -0.40 12.33
CA THR A 27 -14.15 -1.54 11.52
C THR A 27 -14.73 -1.45 10.12
N SER A 28 -16.02 -1.17 10.02
CA SER A 28 -16.69 -1.06 8.73
C SER A 28 -15.94 -0.12 7.80
N GLN A 29 -15.64 1.08 8.30
CA GLN A 29 -14.93 2.08 7.52
C GLN A 29 -13.56 1.56 7.09
N VAL A 30 -12.90 0.82 7.99
CA VAL A 30 -11.59 0.26 7.71
C VAL A 30 -11.64 -0.73 6.55
N GLY A 31 -12.52 -1.72 6.66
CA GLY A 31 -12.67 -2.71 5.61
C GLY A 31 -12.99 -2.09 4.26
N GLY A 32 -14.04 -1.27 4.23
CA GLY A 32 -14.43 -0.62 2.99
C GLY A 32 -13.32 0.21 2.38
N LEU A 33 -12.59 0.94 3.23
CA LEU A 33 -11.50 1.78 2.78
C LEU A 33 -10.40 0.94 2.14
N ILE A 34 -10.02 -0.14 2.81
CA ILE A 34 -8.99 -1.04 2.29
C ILE A 34 -9.34 -1.57 0.92
N THR A 35 -10.60 -1.94 0.74
CA THR A 35 -11.08 -2.46 -0.53
C THR A 35 -11.02 -1.39 -1.63
N HIS A 36 -11.42 -0.19 -1.27
CA HIS A 36 -11.41 0.93 -2.23
C HIS A 36 -10.01 1.19 -2.75
N VAL A 37 -9.06 1.40 -1.84
CA VAL A 37 -7.68 1.65 -2.21
C VAL A 37 -7.10 0.48 -2.98
N LEU A 38 -7.44 -0.73 -2.55
CA LEU A 38 -6.95 -1.94 -3.21
C LEU A 38 -7.31 -1.95 -4.69
N TRP A 39 -8.57 -1.67 -5.00
CA TRP A 39 -9.04 -1.64 -6.37
C TRP A 39 -8.42 -0.46 -7.13
N GLU A 40 -8.26 0.66 -6.44
CA GLU A 40 -7.68 1.85 -7.05
C GLU A 40 -6.23 1.60 -7.47
N ILE A 41 -5.48 0.95 -6.59
CA ILE A 41 -4.08 0.65 -6.87
C ILE A 41 -3.95 -0.35 -8.01
N VAL A 42 -4.75 -1.41 -7.96
CA VAL A 42 -4.72 -2.43 -9.01
C VAL A 42 -5.05 -1.84 -10.37
N GLU A 43 -6.06 -0.97 -10.40
CA GLU A 43 -6.47 -0.33 -11.64
C GLU A 43 -5.44 0.70 -12.10
N MET A 44 -4.95 1.50 -11.15
CA MET A 44 -3.96 2.53 -11.45
C MET A 44 -2.65 1.90 -11.92
N ARG A 45 -2.35 0.71 -11.39
CA ARG A 45 -1.13 0.01 -11.76
C ARG A 45 -1.25 -0.62 -13.14
N LYS A 46 -2.33 -1.36 -13.35
CA LYS A 46 -2.56 -2.02 -14.64
C LYS A 46 -2.85 -1.00 -15.73
N GLU A 47 -3.41 0.14 -15.33
CA GLU A 47 -3.73 1.21 -16.28
C GLU A 47 -2.50 1.62 -17.06
N LEU A 48 -1.34 1.58 -16.41
CA LEU A 48 -0.09 1.96 -17.05
C LEU A 48 0.14 1.15 -18.32
N CYS A 49 -0.30 -0.10 -18.30
CA CYS A 49 -0.14 -0.98 -19.44
C CYS A 49 -1.40 -1.00 -20.31
N ASN A 50 -2.10 0.13 -20.35
CA ASN A 50 -3.32 0.26 -21.13
C ASN A 50 -4.33 -0.81 -20.71
N GLY A 51 -4.32 -1.17 -19.43
CA GLY A 51 -5.24 -2.17 -18.93
C GLY A 51 -5.04 -3.51 -19.59
N ASN A 52 -3.79 -3.88 -19.84
CA ASN A 52 -3.47 -5.16 -20.47
C ASN A 52 -3.27 -6.24 -19.42
N SER A 53 -4.18 -7.23 -19.43
CA SER A 53 -4.11 -8.33 -18.47
C SER A 53 -2.78 -9.07 -18.60
N ASP A 54 -2.20 -9.03 -19.80
CA ASP A 54 -0.94 -9.70 -20.06
C ASP A 54 0.20 -9.06 -19.27
N CYS A 55 0.13 -7.74 -19.12
CA CYS A 55 1.15 -7.00 -18.39
C CYS A 55 1.15 -7.40 -16.92
N MET A 56 -0.02 -7.71 -16.39
CA MET A 56 -0.16 -8.11 -14.99
C MET A 56 0.64 -9.38 -14.71
N ASN A 57 0.76 -10.23 -15.72
CA ASN A 57 1.50 -11.48 -15.58
C ASN A 57 2.71 -11.50 -16.51
N ASN A 58 3.22 -10.32 -16.83
CA ASN A 58 4.39 -10.20 -17.70
C ASN A 58 5.67 -10.18 -16.89
N ASP A 59 5.82 -9.17 -16.04
CA ASP A 59 7.01 -9.03 -15.20
C ASP A 59 6.65 -9.22 -13.73
N ASP A 60 5.59 -9.97 -13.47
CA ASP A 60 5.14 -10.23 -12.11
C ASP A 60 5.65 -11.58 -11.62
N ALA A 61 6.78 -12.02 -12.17
CA ALA A 61 7.37 -13.30 -11.79
C ALA A 61 8.71 -13.10 -11.09
N LEU A 62 9.38 -12.00 -11.41
CA LEU A 62 10.68 -11.70 -10.81
C LEU A 62 10.56 -10.54 -9.82
N ALA A 63 9.65 -9.63 -10.10
CA ALA A 63 9.43 -8.47 -9.23
C ALA A 63 9.19 -8.92 -7.79
N GLU A 64 8.37 -9.96 -7.63
CA GLU A 64 8.05 -10.48 -6.30
C GLU A 64 9.30 -11.02 -5.61
N ASN A 65 10.28 -11.43 -6.41
CA ASN A 65 11.53 -11.97 -5.88
C ASN A 65 12.68 -10.98 -6.09
N ASN A 66 12.34 -9.70 -6.17
CA ASN A 66 13.34 -8.66 -6.37
C ASN A 66 12.99 -7.40 -5.57
N LEU A 67 12.25 -7.59 -4.49
CA LEU A 67 11.84 -6.47 -3.63
C LEU A 67 12.66 -6.45 -2.34
N LYS A 68 12.77 -5.27 -1.74
CA LYS A 68 13.52 -5.11 -0.50
C LYS A 68 12.77 -4.21 0.48
N LEU A 69 11.48 -4.03 0.23
CA LEU A 69 10.65 -3.19 1.09
C LEU A 69 10.14 -3.97 2.29
N PRO A 70 9.73 -3.25 3.34
CA PRO A 70 9.20 -3.86 4.57
C PRO A 70 7.85 -4.51 4.36
N GLU A 71 7.85 -5.76 3.91
CA GLU A 71 6.63 -6.50 3.68
C GLU A 71 6.47 -7.64 4.67
N ILE A 72 5.25 -8.13 4.82
CA ILE A 72 4.97 -9.22 5.74
C ILE A 72 5.37 -10.57 5.15
N GLN A 73 6.43 -11.16 5.69
CA GLN A 73 6.91 -12.45 5.21
C GLN A 73 6.87 -13.50 6.32
N ARG A 74 5.82 -13.45 7.12
CA ARG A 74 5.65 -14.39 8.22
C ARG A 74 4.29 -15.08 8.16
N ASN A 75 4.08 -16.05 9.05
CA ASN A 75 2.82 -16.77 9.09
C ASN A 75 2.25 -16.80 10.50
N ASP A 76 2.91 -17.54 11.38
CA ASP A 76 2.48 -17.64 12.77
C ASP A 76 3.54 -18.33 13.62
N GLY A 77 3.21 -18.59 14.89
CA GLY A 77 4.15 -19.23 15.79
C GLY A 77 4.91 -18.24 16.63
N CYS A 78 4.68 -18.28 17.94
CA CYS A 78 5.35 -17.38 18.87
C CYS A 78 5.02 -17.73 20.31
N TYR A 79 4.94 -19.02 20.59
CA TYR A 79 4.63 -19.49 21.93
C TYR A 79 4.96 -20.97 22.09
N GLN A 80 4.23 -21.81 21.36
CA GLN A 80 4.43 -23.25 21.41
C GLN A 80 5.69 -23.64 20.64
N THR A 81 5.79 -23.19 19.40
CA THR A 81 6.94 -23.50 18.55
C THR A 81 8.16 -22.67 18.97
N GLY A 82 7.91 -21.47 19.49
CA GLY A 82 9.00 -20.61 19.91
C GLY A 82 9.82 -21.23 21.02
N TYR A 83 11.09 -21.46 20.74
CA TYR A 83 11.99 -22.06 21.73
C TYR A 83 13.34 -21.34 21.74
N ASN A 84 13.94 -21.20 20.56
CA ASN A 84 15.22 -20.53 20.44
C ASN A 84 15.08 -19.02 20.59
N GLN A 85 13.94 -18.50 20.14
CA GLN A 85 13.67 -17.07 20.22
C GLN A 85 12.18 -16.80 20.27
N GLU A 86 11.81 -15.60 20.72
CA GLU A 86 10.40 -15.22 20.81
C GLU A 86 10.25 -13.70 20.75
N ILE A 87 10.31 -13.16 19.54
CA ILE A 87 10.17 -11.72 19.34
C ILE A 87 8.87 -11.38 18.63
N CYS A 88 8.80 -11.73 17.35
CA CYS A 88 7.60 -11.46 16.55
C CYS A 88 7.19 -9.99 16.65
N LEU A 89 7.91 -9.14 15.93
CA LEU A 89 7.63 -7.71 15.94
C LEU A 89 7.82 -7.12 14.54
N LEU A 90 6.70 -6.82 13.88
CA LEU A 90 6.75 -6.25 12.53
C LEU A 90 6.80 -4.72 12.60
N LYS A 91 7.03 -4.09 11.45
CA LYS A 91 7.11 -2.63 11.38
C LYS A 91 5.79 -2.05 10.89
N ILE A 92 5.51 -2.21 9.60
CA ILE A 92 4.29 -1.70 9.01
C ILE A 92 4.34 -0.19 8.86
N SER A 93 4.50 0.51 9.97
CA SER A 93 4.57 1.97 9.97
C SER A 93 5.57 2.46 8.93
N SER A 94 6.73 1.82 8.88
CA SER A 94 7.77 2.18 7.94
C SER A 94 7.29 2.05 6.50
N GLY A 95 6.75 0.87 6.17
CA GLY A 95 6.26 0.63 4.83
C GLY A 95 5.13 1.58 4.46
N LEU A 96 4.12 1.66 5.31
CA LEU A 96 2.98 2.54 5.06
C LEU A 96 3.44 3.96 4.75
N LEU A 97 4.33 4.49 5.59
CA LEU A 97 4.85 5.83 5.41
C LEU A 97 5.51 5.98 4.04
N GLU A 98 6.39 5.03 3.72
CA GLU A 98 7.10 5.06 2.45
C GLU A 98 6.12 5.16 1.28
N TYR A 99 5.12 4.30 1.29
CA TYR A 99 4.11 4.29 0.23
C TYR A 99 3.44 5.65 0.11
N HIS A 100 3.00 6.20 1.25
CA HIS A 100 2.33 7.49 1.27
C HIS A 100 3.19 8.56 0.60
N SER A 101 4.50 8.52 0.87
CA SER A 101 5.43 9.48 0.29
C SER A 101 5.62 9.23 -1.21
N TYR A 102 5.54 7.96 -1.60
CA TYR A 102 5.72 7.57 -2.99
C TYR A 102 4.52 8.03 -3.82
N LEU A 103 3.32 7.67 -3.37
CA LEU A 103 2.09 8.05 -4.07
C LEU A 103 1.91 9.56 -4.08
N GLU A 104 2.11 10.19 -2.93
CA GLU A 104 1.98 11.63 -2.81
C GLU A 104 3.02 12.35 -3.66
N TYR A 105 4.19 11.74 -3.80
CA TYR A 105 5.27 12.33 -4.58
C TYR A 105 4.94 12.30 -6.07
N MET A 106 4.48 11.14 -6.55
CA MET A 106 4.12 10.98 -7.95
C MET A 106 2.84 11.73 -8.27
N LYS A 107 1.96 11.85 -7.28
CA LYS A 107 0.69 12.55 -7.47
C LYS A 107 0.92 14.01 -7.83
N ASN A 108 1.98 14.59 -7.28
CA ASN A 108 2.31 15.99 -7.54
C ASN A 108 2.54 16.21 -9.04
N ASN A 109 3.04 15.19 -9.72
CA ASN A 109 3.32 15.28 -11.15
C ASN A 109 2.76 14.07 -11.88
N LEU A 110 1.55 14.20 -12.42
CA LEU A 110 0.91 13.12 -13.15
C LEU A 110 -0.01 13.66 -14.25
N LYS A 111 -0.62 12.75 -15.00
CA LYS A 111 -1.52 13.14 -16.08
C LYS A 111 -2.85 13.62 -15.54
N ASP A 112 -3.78 13.93 -16.44
CA ASP A 112 -5.10 14.39 -16.04
C ASP A 112 -5.84 13.33 -15.24
N ASN A 113 -5.90 12.12 -15.80
CA ASN A 113 -6.58 11.01 -15.15
C ASN A 113 -5.77 10.48 -13.97
N LYS A 114 -4.47 10.31 -14.19
CA LYS A 114 -3.58 9.81 -13.14
C LYS A 114 -3.66 10.70 -11.90
N LYS A 115 -3.78 12.00 -12.12
CA LYS A 115 -3.86 12.97 -11.02
C LYS A 115 -5.18 12.80 -10.26
N ASP A 116 -6.29 12.80 -11.00
CA ASP A 116 -7.60 12.66 -10.38
C ASP A 116 -7.65 11.42 -9.49
N LYS A 117 -7.16 10.30 -10.00
CA LYS A 117 -7.14 9.05 -9.25
C LYS A 117 -6.09 9.10 -8.14
N ALA A 118 -4.95 9.72 -8.44
CA ALA A 118 -3.87 9.84 -7.47
C ALA A 118 -4.36 10.47 -6.17
N ARG A 119 -5.15 11.54 -6.31
CA ARG A 119 -5.69 12.25 -5.15
C ARG A 119 -6.45 11.30 -4.23
N VAL A 120 -7.36 10.52 -4.82
CA VAL A 120 -8.16 9.57 -4.05
C VAL A 120 -7.26 8.54 -3.38
N LEU A 121 -6.30 8.01 -4.12
CA LEU A 121 -5.38 7.01 -3.58
C LEU A 121 -4.70 7.52 -2.32
N GLN A 122 -4.13 8.72 -2.40
CA GLN A 122 -3.45 9.31 -1.26
C GLN A 122 -4.43 9.61 -0.12
N ARG A 123 -5.68 9.85 -0.48
CA ARG A 123 -6.71 10.16 0.50
C ARG A 123 -6.96 8.95 1.41
N ASP A 124 -7.25 7.81 0.80
CA ASP A 124 -7.50 6.58 1.55
C ASP A 124 -6.25 6.14 2.29
N THR A 125 -5.10 6.27 1.64
CA THR A 125 -3.83 5.87 2.25
C THR A 125 -3.59 6.62 3.55
N GLU A 126 -3.76 7.94 3.52
CA GLU A 126 -3.55 8.77 4.70
C GLU A 126 -4.58 8.44 5.78
N THR A 127 -5.82 8.20 5.36
CA THR A 127 -6.89 7.86 6.29
C THR A 127 -6.61 6.55 7.01
N LEU A 128 -6.35 5.50 6.23
CA LEU A 128 -6.07 4.19 6.79
C LEU A 128 -4.81 4.21 7.64
N ILE A 129 -3.85 5.04 7.24
CA ILE A 129 -2.60 5.17 7.97
C ILE A 129 -2.80 5.85 9.31
N HIS A 130 -3.70 6.83 9.35
CA HIS A 130 -4.01 7.55 10.57
C HIS A 130 -4.77 6.67 11.56
N ILE A 131 -5.71 5.89 11.03
CA ILE A 131 -6.52 5.00 11.87
C ILE A 131 -5.66 3.90 12.47
N PHE A 132 -4.89 3.23 11.62
CA PHE A 132 -4.03 2.14 12.07
C PHE A 132 -2.96 2.66 13.03
N ASN A 133 -2.27 3.72 12.62
CA ASN A 133 -1.22 4.30 13.43
C ASN A 133 -1.77 4.76 14.78
N GLN A 134 -2.97 5.33 14.76
CA GLN A 134 -3.61 5.80 15.99
C GLN A 134 -3.88 4.64 16.95
N GLU A 135 -4.51 3.59 16.44
CA GLU A 135 -4.82 2.42 17.24
C GLU A 135 -3.57 1.84 17.87
N VAL A 136 -2.56 1.57 17.03
CA VAL A 136 -1.30 1.02 17.51
C VAL A 136 -0.57 2.00 18.42
N LYS A 137 -0.81 3.29 18.21
CA LYS A 137 -0.19 4.32 19.01
C LYS A 137 -0.71 4.30 20.44
N ASP A 138 -2.02 4.15 20.58
CA ASP A 138 -2.66 4.11 21.89
C ASP A 138 -2.37 2.78 22.59
N LEU A 139 -2.37 1.70 21.83
CA LEU A 139 -2.11 0.38 22.39
C LEU A 139 -0.63 0.22 22.74
N HIS A 140 0.24 0.40 21.76
CA HIS A 140 1.67 0.28 21.98
C HIS A 140 2.41 1.51 21.46
N LYS A 141 3.73 1.43 21.40
CA LYS A 141 4.55 2.54 20.92
C LYS A 141 4.83 2.39 19.43
N ILE A 142 5.60 3.34 18.89
CA ILE A 142 5.94 3.32 17.47
C ILE A 142 6.91 4.45 17.12
N VAL A 143 7.79 4.19 16.17
CA VAL A 143 8.77 5.18 15.74
C VAL A 143 8.94 5.17 14.23
N LEU A 144 8.70 6.32 13.61
CA LEU A 144 8.82 6.46 12.16
C LEU A 144 8.59 7.89 11.72
N PRO A 145 9.67 8.70 11.75
CA PRO A 145 9.61 10.11 11.35
C PRO A 145 9.38 10.28 9.85
N THR A 146 10.17 9.57 9.05
CA THR A 146 10.07 9.64 7.60
C THR A 146 11.11 8.76 6.92
N PRO A 147 10.77 8.22 5.74
CA PRO A 147 11.66 7.35 4.97
C PRO A 147 12.84 8.11 4.39
N ILE A 148 13.64 7.43 3.59
CA ILE A 148 14.80 8.04 2.95
C ILE A 148 14.77 7.88 1.45
N SER A 149 14.24 6.75 0.99
CA SER A 149 14.13 6.46 -0.44
C SER A 149 13.46 7.63 -1.17
N ASN A 150 12.57 8.32 -0.47
CA ASN A 150 11.85 9.44 -1.05
C ASN A 150 12.82 10.43 -1.71
N ALA A 151 13.85 10.81 -0.96
CA ALA A 151 14.85 11.74 -1.47
C ALA A 151 15.42 11.26 -2.80
N LEU A 152 15.78 9.99 -2.87
CA LEU A 152 16.34 9.40 -4.08
C LEU A 152 15.36 9.53 -5.24
N LEU A 153 14.11 9.18 -5.00
CA LEU A 153 13.07 9.26 -6.03
C LEU A 153 12.98 10.67 -6.59
N THR A 154 12.62 11.62 -5.74
CA THR A 154 12.48 13.02 -6.14
C THR A 154 13.77 13.53 -6.76
N ASP A 155 14.90 13.04 -6.26
CA ASP A 155 16.20 13.45 -6.76
C ASP A 155 16.38 13.05 -8.22
N LYS A 156 15.77 11.93 -8.59
CA LYS A 156 15.85 11.44 -9.97
C LYS A 156 15.44 12.52 -10.96
N LEU A 157 16.17 12.60 -12.07
CA LEU A 157 15.88 13.59 -13.11
C LEU A 157 16.69 13.32 -14.37
N GLU A 158 16.00 13.14 -15.48
CA GLU A 158 16.67 12.87 -16.76
C GLU A 158 15.84 13.42 -17.92
N SER A 159 16.32 13.17 -19.15
CA SER A 159 15.63 13.63 -20.34
C SER A 159 15.44 12.49 -21.33
N GLN A 160 15.15 11.30 -20.81
CA GLN A 160 14.95 10.13 -21.64
C GLN A 160 14.40 8.97 -20.82
N LYS A 161 13.57 9.27 -19.83
CA LYS A 161 12.97 8.26 -18.98
C LYS A 161 11.49 8.07 -19.29
N GLU A 162 11.17 7.00 -19.99
CA GLU A 162 9.78 6.70 -20.35
C GLU A 162 9.41 5.27 -19.98
N TRP A 163 10.16 4.31 -20.50
CA TRP A 163 9.91 2.91 -20.21
C TRP A 163 10.87 2.38 -19.16
N LEU A 164 11.18 3.22 -18.17
CA LEU A 164 12.09 2.83 -17.10
C LEU A 164 11.46 3.07 -15.73
N ARG A 165 10.85 4.25 -15.57
CA ARG A 165 10.21 4.60 -14.31
C ARG A 165 9.09 3.61 -13.97
N THR A 166 8.49 3.02 -15.00
CA THR A 166 7.42 2.07 -14.81
C THR A 166 7.81 0.99 -13.80
N LYS A 167 9.11 0.74 -13.68
CA LYS A 167 9.62 -0.27 -12.76
C LYS A 167 9.43 0.19 -11.31
N THR A 168 10.18 1.21 -10.92
CA THR A 168 10.09 1.74 -9.56
C THR A 168 8.64 1.97 -9.16
N ILE A 169 7.87 2.60 -10.04
CA ILE A 169 6.47 2.88 -9.77
C ILE A 169 5.68 1.59 -9.54
N GLN A 170 5.90 0.61 -10.41
CA GLN A 170 5.22 -0.67 -10.30
C GLN A 170 5.59 -1.38 -9.00
N PHE A 171 6.81 -1.13 -8.53
CA PHE A 171 7.29 -1.75 -7.30
C PHE A 171 6.57 -1.17 -6.08
N ILE A 172 6.57 0.16 -5.97
CA ILE A 172 5.92 0.83 -4.86
C ILE A 172 4.42 0.58 -4.87
N LEU A 173 3.83 0.55 -6.06
CA LEU A 173 2.40 0.32 -6.21
C LEU A 173 2.05 -1.11 -5.86
N LYS A 174 2.66 -2.06 -6.56
CA LYS A 174 2.41 -3.48 -6.32
C LYS A 174 2.71 -3.85 -4.87
N SER A 175 3.67 -3.15 -4.27
CA SER A 175 4.05 -3.41 -2.88
C SER A 175 2.98 -2.89 -1.93
N LEU A 176 2.53 -1.65 -2.16
CA LEU A 176 1.52 -1.05 -1.31
C LEU A 176 0.24 -1.87 -1.31
N GLU A 177 -0.21 -2.28 -2.49
CA GLU A 177 -1.41 -3.09 -2.61
C GLU A 177 -1.22 -4.46 -1.97
N GLU A 178 -0.15 -5.16 -2.36
CA GLU A 178 0.14 -6.47 -1.83
C GLU A 178 0.23 -6.44 -0.30
N PHE A 179 1.00 -5.49 0.21
CA PHE A 179 1.16 -5.35 1.66
C PHE A 179 -0.14 -4.88 2.31
N LEU A 180 -0.93 -4.14 1.55
CA LEU A 180 -2.21 -3.64 2.06
C LEU A 180 -3.16 -4.77 2.39
N LYS A 181 -3.50 -5.56 1.38
CA LYS A 181 -4.40 -6.70 1.57
C LYS A 181 -3.81 -7.71 2.54
N VAL A 182 -2.50 -7.95 2.43
CA VAL A 182 -1.82 -8.90 3.31
C VAL A 182 -1.87 -8.43 4.75
N THR A 183 -1.63 -7.14 4.96
CA THR A 183 -1.64 -6.56 6.30
C THR A 183 -3.04 -6.62 6.92
N LEU A 184 -4.05 -6.31 6.10
CA LEU A 184 -5.43 -6.34 6.56
C LEU A 184 -5.86 -7.74 6.96
N ARG A 185 -5.51 -8.72 6.14
CA ARG A 185 -5.84 -10.11 6.42
C ARG A 185 -5.10 -10.62 7.65
N SER A 186 -3.83 -10.22 7.77
CA SER A 186 -3.01 -10.63 8.90
C SER A 186 -3.60 -10.14 10.22
N THR A 187 -3.88 -8.84 10.28
CA THR A 187 -4.45 -8.23 11.48
C THR A 187 -5.85 -8.76 11.76
N ARG A 188 -6.52 -9.22 10.71
CA ARG A 188 -7.87 -9.75 10.83
C ARG A 188 -7.83 -11.21 11.29
N GLN A 189 -8.40 -11.47 12.47
CA GLN A 189 -8.43 -12.82 13.01
C GLN A 189 -9.78 -13.48 12.75
N THR A 190 -10.54 -12.91 11.82
CA THR A 190 -11.85 -13.44 11.47
C THR A 190 -11.73 -14.75 10.71
N SER A 7 -2.46 -22.22 -2.84
CA SER A 7 -2.69 -22.10 -4.26
C SER A 7 -2.61 -20.65 -4.72
N GLN A 8 -2.61 -20.44 -6.02
CA GLN A 8 -2.54 -19.10 -6.58
C GLN A 8 -3.81 -18.74 -7.34
N VAL A 9 -4.75 -18.09 -6.67
CA VAL A 9 -6.01 -17.70 -7.29
C VAL A 9 -5.93 -16.28 -7.85
N ARG A 10 -6.65 -16.05 -8.93
CA ARG A 10 -6.66 -14.73 -9.57
C ARG A 10 -8.01 -14.06 -9.39
N ARG A 11 -8.13 -13.24 -8.35
CA ARG A 11 -9.37 -12.52 -8.07
C ARG A 11 -9.15 -11.02 -8.11
N GLY A 12 -10.25 -10.26 -8.03
CA GLY A 12 -10.16 -8.82 -8.06
C GLY A 12 -11.52 -8.15 -8.06
N ASP A 13 -12.49 -8.79 -8.72
CA ASP A 13 -13.84 -8.25 -8.80
C ASP A 13 -14.38 -7.93 -7.41
N PHE A 14 -15.21 -6.89 -7.32
CA PHE A 14 -15.79 -6.48 -6.05
C PHE A 14 -17.22 -5.99 -6.24
N THR A 15 -17.94 -5.82 -5.13
CA THR A 15 -19.31 -5.36 -5.18
C THR A 15 -19.48 -4.05 -4.41
N GLU A 16 -18.83 -3.97 -3.25
CA GLU A 16 -18.90 -2.78 -2.42
C GLU A 16 -20.34 -2.27 -2.33
N ASP A 17 -20.49 -1.01 -1.90
CA ASP A 17 -21.81 -0.41 -1.77
C ASP A 17 -21.69 1.09 -1.51
N THR A 18 -21.37 1.84 -2.55
CA THR A 18 -21.22 3.29 -2.44
C THR A 18 -20.27 3.65 -1.31
N THR A 19 -20.16 4.95 -1.03
CA THR A 19 -19.26 5.43 0.02
C THR A 19 -20.06 5.98 1.20
N PRO A 20 -19.41 6.05 2.37
CA PRO A 20 -20.04 6.55 3.60
C PRO A 20 -20.30 8.05 3.54
N ASN A 21 -20.70 8.62 4.68
CA ASN A 21 -20.98 10.04 4.75
C ASN A 21 -19.97 10.76 5.63
N ARG A 22 -19.37 10.01 6.56
CA ARG A 22 -18.37 10.59 7.47
C ARG A 22 -17.48 9.48 8.03
N PRO A 23 -16.24 9.86 8.40
CA PRO A 23 -15.26 8.93 8.97
C PRO A 23 -15.65 8.46 10.37
N VAL A 24 -15.99 7.18 10.48
CA VAL A 24 -16.37 6.61 11.76
C VAL A 24 -15.18 5.98 12.47
N TYR A 25 -14.15 5.65 11.69
CA TYR A 25 -12.95 5.04 12.24
C TYR A 25 -13.25 3.68 12.86
N THR A 26 -14.42 3.13 12.51
CA THR A 26 -14.83 1.83 13.04
C THR A 26 -14.38 0.70 12.12
N THR A 27 -14.50 -0.54 12.61
CA THR A 27 -14.11 -1.71 11.84
C THR A 27 -14.72 -1.67 10.44
N SER A 28 -16.01 -1.34 10.37
CA SER A 28 -16.72 -1.29 9.10
C SER A 28 -16.02 -0.34 8.13
N GLN A 29 -15.75 0.87 8.60
CA GLN A 29 -15.08 1.87 7.78
C GLN A 29 -13.69 1.41 7.37
N VAL A 30 -13.03 0.68 8.26
CA VAL A 30 -11.69 0.16 7.99
C VAL A 30 -11.70 -0.82 6.83
N GLY A 31 -12.55 -1.85 6.94
CA GLY A 31 -12.65 -2.85 5.90
C GLY A 31 -13.06 -2.26 4.56
N GLY A 32 -14.15 -1.50 4.56
CA GLY A 32 -14.62 -0.88 3.34
C GLY A 32 -13.60 0.05 2.71
N LEU A 33 -12.90 0.80 3.54
CA LEU A 33 -11.88 1.73 3.07
C LEU A 33 -10.73 0.98 2.42
N ILE A 34 -10.27 -0.08 3.06
CA ILE A 34 -9.18 -0.88 2.53
C ILE A 34 -9.54 -1.49 1.19
N THR A 35 -10.78 -1.97 1.08
CA THR A 35 -11.25 -2.58 -0.16
C THR A 35 -11.28 -1.56 -1.30
N HIS A 36 -11.82 -0.38 -1.01
CA HIS A 36 -11.91 0.69 -2.01
C HIS A 36 -10.53 1.08 -2.51
N VAL A 37 -9.65 1.45 -1.59
CA VAL A 37 -8.30 1.85 -1.93
C VAL A 37 -7.56 0.73 -2.65
N LEU A 38 -7.83 -0.50 -2.25
CA LEU A 38 -7.19 -1.66 -2.86
C LEU A 38 -7.54 -1.76 -4.34
N TRP A 39 -8.82 -1.65 -4.65
CA TRP A 39 -9.30 -1.73 -6.03
C TRP A 39 -8.72 -0.58 -6.86
N GLU A 40 -8.73 0.62 -6.29
CA GLU A 40 -8.22 1.79 -6.98
C GLU A 40 -6.73 1.61 -7.34
N ILE A 41 -5.97 1.08 -6.39
CA ILE A 41 -4.55 0.85 -6.61
C ILE A 41 -4.31 -0.17 -7.71
N VAL A 42 -5.04 -1.27 -7.66
CA VAL A 42 -4.91 -2.33 -8.66
C VAL A 42 -5.18 -1.78 -10.06
N GLU A 43 -6.27 -1.03 -10.20
CA GLU A 43 -6.63 -0.45 -11.49
C GLU A 43 -5.58 0.56 -11.95
N MET A 44 -5.08 1.35 -11.01
CA MET A 44 -4.08 2.36 -11.32
C MET A 44 -2.76 1.70 -11.72
N ARG A 45 -2.45 0.57 -11.08
CA ARG A 45 -1.22 -0.15 -11.37
C ARG A 45 -1.25 -0.76 -12.78
N LYS A 46 -2.33 -1.49 -13.07
CA LYS A 46 -2.49 -2.11 -14.38
C LYS A 46 -2.72 -1.07 -15.46
N GLU A 47 -3.30 0.06 -15.08
CA GLU A 47 -3.58 1.14 -16.02
C GLU A 47 -2.31 1.54 -16.76
N LEU A 48 -1.18 1.53 -16.06
CA LEU A 48 0.09 1.90 -16.65
C LEU A 48 0.37 1.06 -17.89
N CYS A 49 -0.01 -0.20 -17.85
CA CYS A 49 0.20 -1.10 -18.97
C CYS A 49 -1.04 -1.16 -19.86
N ASN A 50 -1.70 -0.03 -20.03
CA ASN A 50 -2.90 0.04 -20.86
C ASN A 50 -3.96 -0.94 -20.37
N GLY A 51 -3.94 -1.21 -19.07
CA GLY A 51 -4.91 -2.14 -18.50
C GLY A 51 -4.82 -3.52 -19.11
N ASN A 52 -3.60 -3.98 -19.35
CA ASN A 52 -3.38 -5.30 -19.94
C ASN A 52 -3.01 -6.32 -18.87
N SER A 53 -3.88 -7.31 -18.67
CA SER A 53 -3.64 -8.35 -17.67
C SER A 53 -2.29 -9.02 -17.90
N ASP A 54 -1.85 -9.04 -19.16
CA ASP A 54 -0.57 -9.64 -19.51
C ASP A 54 0.57 -9.01 -18.71
N CYS A 55 0.38 -7.77 -18.30
CA CYS A 55 1.39 -7.06 -17.53
C CYS A 55 1.31 -7.43 -16.04
N MET A 56 0.13 -7.83 -15.61
CA MET A 56 -0.08 -8.22 -14.22
C MET A 56 0.56 -9.56 -13.93
N ASN A 57 0.61 -10.42 -14.94
CA ASN A 57 1.21 -11.74 -14.79
C ASN A 57 2.49 -11.86 -15.61
N ASN A 58 3.19 -10.74 -15.77
CA ASN A 58 4.43 -10.71 -16.54
C ASN A 58 5.63 -10.83 -15.61
N ASP A 59 5.94 -9.75 -14.90
CA ASP A 59 7.07 -9.73 -13.98
C ASP A 59 6.61 -9.96 -12.54
N ASP A 60 5.50 -10.69 -12.39
CA ASP A 60 4.95 -10.99 -11.07
C ASP A 60 5.35 -12.38 -10.61
N ALA A 61 6.49 -12.86 -11.12
CA ALA A 61 6.99 -14.18 -10.77
C ALA A 61 8.34 -14.09 -10.09
N LEU A 62 9.12 -13.08 -10.48
CA LEU A 62 10.45 -12.88 -9.91
C LEU A 62 10.49 -11.64 -9.03
N ALA A 63 9.71 -10.63 -9.40
CA ALA A 63 9.64 -9.39 -8.64
C ALA A 63 9.26 -9.65 -7.19
N GLU A 64 8.36 -10.61 -6.99
CA GLU A 64 7.91 -10.95 -5.64
C GLU A 64 9.08 -11.28 -4.73
N ASN A 65 10.16 -11.79 -5.33
CA ASN A 65 11.36 -12.14 -4.59
C ASN A 65 12.56 -11.30 -5.03
N ASN A 66 12.29 -10.04 -5.35
CA ASN A 66 13.35 -9.13 -5.79
C ASN A 66 13.00 -7.69 -5.44
N LEU A 67 12.23 -7.51 -4.38
CA LEU A 67 11.82 -6.18 -3.94
C LEU A 67 12.66 -5.71 -2.76
N LYS A 68 13.12 -4.47 -2.83
CA LYS A 68 13.94 -3.89 -1.76
C LYS A 68 13.06 -3.30 -0.66
N LEU A 69 11.85 -2.90 -1.03
CA LEU A 69 10.91 -2.32 -0.07
C LEU A 69 10.52 -3.34 0.98
N PRO A 70 10.00 -2.85 2.12
CA PRO A 70 9.56 -3.71 3.23
C PRO A 70 8.31 -4.51 2.88
N GLU A 71 8.39 -5.83 3.01
CA GLU A 71 7.27 -6.70 2.73
C GLU A 71 6.97 -7.63 3.90
N ILE A 72 5.70 -8.01 4.04
CA ILE A 72 5.29 -8.89 5.13
C ILE A 72 4.66 -10.16 4.59
N GLN A 73 4.86 -11.26 5.30
CA GLN A 73 4.32 -12.55 4.88
C GLN A 73 3.63 -13.25 6.05
N ARG A 74 3.13 -14.46 5.81
CA ARG A 74 2.45 -15.23 6.84
C ARG A 74 3.41 -15.59 7.97
N ASN A 75 2.94 -15.42 9.21
CA ASN A 75 3.75 -15.72 10.37
C ASN A 75 3.12 -16.83 11.21
N ASP A 76 3.88 -17.88 11.47
CA ASP A 76 3.38 -19.01 12.26
C ASP A 76 3.87 -18.91 13.70
N GLY A 77 3.90 -17.69 14.23
CA GLY A 77 4.34 -17.49 15.60
C GLY A 77 5.69 -16.80 15.67
N CYS A 78 5.76 -15.71 16.44
CA CYS A 78 6.99 -14.96 16.59
C CYS A 78 8.13 -15.85 17.07
N TYR A 79 7.85 -16.67 18.08
CA TYR A 79 8.85 -17.57 18.63
C TYR A 79 8.27 -18.97 18.84
N GLN A 80 7.30 -19.08 19.75
CA GLN A 80 6.67 -20.36 20.04
C GLN A 80 5.46 -20.17 20.95
N THR A 81 4.58 -21.17 20.97
CA THR A 81 3.38 -21.11 21.80
C THR A 81 3.71 -21.38 23.25
N GLY A 82 3.23 -20.51 24.14
CA GLY A 82 3.49 -20.68 25.56
C GLY A 82 4.84 -20.12 25.98
N TYR A 83 4.94 -19.70 27.23
CA TYR A 83 6.18 -19.15 27.75
C TYR A 83 6.55 -17.86 27.01
N ASN A 84 5.75 -16.82 27.19
CA ASN A 84 6.00 -15.55 26.54
C ASN A 84 7.21 -14.84 27.15
N GLN A 85 7.92 -14.08 26.33
CA GLN A 85 9.10 -13.36 26.79
C GLN A 85 9.56 -12.36 25.75
N GLU A 86 9.55 -12.77 24.48
CA GLU A 86 9.98 -11.91 23.39
C GLU A 86 8.77 -11.33 22.65
N ILE A 87 8.74 -10.01 22.51
CA ILE A 87 7.64 -9.33 21.83
C ILE A 87 7.95 -9.16 20.35
N CYS A 88 6.92 -8.82 19.58
CA CYS A 88 7.08 -8.63 18.14
C CYS A 88 7.11 -7.13 17.79
N LEU A 89 8.03 -6.76 16.91
CA LEU A 89 8.17 -5.37 16.50
C LEU A 89 7.59 -5.15 15.11
N LEU A 90 8.05 -5.95 14.15
CA LEU A 90 7.57 -5.85 12.77
C LEU A 90 7.90 -4.47 12.19
N LYS A 91 7.42 -4.23 10.97
CA LYS A 91 7.65 -2.96 10.30
C LYS A 91 6.52 -2.65 9.32
N ILE A 92 5.52 -1.91 9.79
CA ILE A 92 4.38 -1.55 8.96
C ILE A 92 4.35 -0.04 8.71
N SER A 93 4.91 0.72 9.64
CA SER A 93 4.93 2.17 9.53
C SER A 93 5.90 2.62 8.44
N SER A 94 7.10 2.03 8.45
CA SER A 94 8.12 2.37 7.46
C SER A 94 7.57 2.21 6.04
N GLY A 95 7.00 1.05 5.75
CA GLY A 95 6.45 0.80 4.43
C GLY A 95 5.31 1.74 4.09
N LEU A 96 4.37 1.90 5.03
CA LEU A 96 3.23 2.78 4.82
C LEU A 96 3.69 4.20 4.51
N LEU A 97 4.57 4.74 5.35
CA LEU A 97 5.08 6.09 5.16
C LEU A 97 5.74 6.24 3.79
N GLU A 98 6.61 5.29 3.46
CA GLU A 98 7.31 5.32 2.18
C GLU A 98 6.32 5.39 1.02
N TYR A 99 5.34 4.50 1.04
CA TYR A 99 4.32 4.45 0.00
C TYR A 99 3.64 5.81 -0.16
N HIS A 100 3.15 6.35 0.95
CA HIS A 100 2.48 7.63 0.95
C HIS A 100 3.35 8.71 0.30
N SER A 101 4.63 8.72 0.67
CA SER A 101 5.57 9.69 0.13
C SER A 101 5.74 9.51 -1.38
N TYR A 102 5.74 8.25 -1.82
CA TYR A 102 5.88 7.94 -3.24
C TYR A 102 4.69 8.45 -4.03
N LEU A 103 3.52 7.88 -3.75
CA LEU A 103 2.30 8.27 -4.45
C LEU A 103 2.11 9.79 -4.42
N GLU A 104 2.29 10.38 -3.24
CA GLU A 104 2.15 11.83 -3.09
C GLU A 104 3.10 12.58 -4.02
N TYR A 105 4.37 12.19 -3.98
CA TYR A 105 5.39 12.83 -4.82
C TYR A 105 5.02 12.72 -6.29
N MET A 106 4.40 11.60 -6.66
CA MET A 106 3.99 11.36 -8.04
C MET A 106 2.77 12.21 -8.39
N LYS A 107 1.82 12.27 -7.47
CA LYS A 107 0.59 13.05 -7.69
C LYS A 107 0.92 14.54 -7.81
N ASN A 108 2.02 14.95 -7.21
CA ASN A 108 2.43 16.35 -7.26
C ASN A 108 2.64 16.81 -8.70
N ASN A 109 2.85 15.85 -9.60
CA ASN A 109 3.07 16.15 -11.01
C ASN A 109 2.66 14.97 -11.88
N LEU A 110 1.36 14.83 -12.11
CA LEU A 110 0.83 13.74 -12.94
C LEU A 110 -0.08 14.28 -14.04
N LYS A 111 -0.57 13.38 -14.87
CA LYS A 111 -1.47 13.76 -15.96
C LYS A 111 -2.81 14.23 -15.42
N ASP A 112 -3.74 14.53 -16.33
CA ASP A 112 -5.08 14.98 -15.94
C ASP A 112 -5.82 13.90 -15.17
N ASN A 113 -5.85 12.69 -15.74
CA ASN A 113 -6.55 11.57 -15.11
C ASN A 113 -5.72 11.02 -13.95
N LYS A 114 -4.42 10.82 -14.19
CA LYS A 114 -3.53 10.29 -13.17
C LYS A 114 -3.57 11.16 -11.91
N LYS A 115 -3.85 12.45 -12.09
CA LYS A 115 -3.93 13.38 -10.97
C LYS A 115 -5.15 13.10 -10.11
N ASP A 116 -6.29 12.89 -10.76
CA ASP A 116 -7.54 12.61 -10.05
C ASP A 116 -7.47 11.25 -9.35
N LYS A 117 -6.81 10.29 -9.99
CA LYS A 117 -6.67 8.95 -9.42
C LYS A 117 -5.63 8.93 -8.31
N ALA A 118 -4.47 9.53 -8.58
CA ALA A 118 -3.39 9.59 -7.60
C ALA A 118 -3.85 10.29 -6.32
N ARG A 119 -4.48 11.44 -6.48
CA ARG A 119 -4.97 12.21 -5.35
C ARG A 119 -5.86 11.35 -4.45
N VAL A 120 -6.84 10.69 -5.06
CA VAL A 120 -7.76 9.83 -4.33
C VAL A 120 -7.02 8.72 -3.59
N LEU A 121 -6.07 8.10 -4.28
CA LEU A 121 -5.28 7.02 -3.69
C LEU A 121 -4.55 7.50 -2.45
N GLN A 122 -3.96 8.69 -2.53
CA GLN A 122 -3.23 9.26 -1.41
C GLN A 122 -4.14 9.47 -0.21
N ARG A 123 -5.29 10.11 -0.45
CA ARG A 123 -6.25 10.38 0.62
C ARG A 123 -6.62 9.09 1.34
N ASP A 124 -7.03 8.08 0.58
CA ASP A 124 -7.42 6.80 1.15
C ASP A 124 -6.30 6.22 2.01
N THR A 125 -5.10 6.18 1.44
CA THR A 125 -3.94 5.65 2.16
C THR A 125 -3.72 6.39 3.46
N GLU A 126 -3.69 7.71 3.39
CA GLU A 126 -3.48 8.54 4.59
C GLU A 126 -4.51 8.20 5.67
N THR A 127 -5.74 7.95 5.25
CA THR A 127 -6.81 7.60 6.18
C THR A 127 -6.53 6.28 6.88
N LEU A 128 -6.29 5.24 6.09
CA LEU A 128 -6.00 3.92 6.64
C LEU A 128 -4.76 3.94 7.53
N ILE A 129 -3.82 4.83 7.18
CA ILE A 129 -2.59 4.96 7.94
C ILE A 129 -2.83 5.64 9.28
N HIS A 130 -3.69 6.66 9.28
CA HIS A 130 -4.01 7.39 10.49
C HIS A 130 -4.75 6.50 11.49
N ILE A 131 -5.73 5.75 10.99
CA ILE A 131 -6.51 4.85 11.83
C ILE A 131 -5.64 3.70 12.36
N PHE A 132 -4.86 3.10 11.47
CA PHE A 132 -3.99 2.00 11.84
C PHE A 132 -2.90 2.47 12.81
N ASN A 133 -2.29 3.61 12.49
CA ASN A 133 -1.23 4.16 13.33
C ASN A 133 -1.76 4.48 14.73
N GLN A 134 -2.95 5.06 14.79
CA GLN A 134 -3.56 5.42 16.07
C GLN A 134 -3.84 4.18 16.90
N GLU A 135 -4.56 3.22 16.32
CA GLU A 135 -4.90 1.99 17.01
C GLU A 135 -3.63 1.29 17.52
N VAL A 136 -2.68 1.08 16.61
CA VAL A 136 -1.42 0.42 16.97
C VAL A 136 -0.67 1.21 18.03
N LYS A 137 -0.56 2.52 17.82
CA LYS A 137 0.14 3.39 18.75
C LYS A 137 -0.39 3.20 20.18
N ASP A 138 -1.70 3.16 20.31
CA ASP A 138 -2.34 2.99 21.61
C ASP A 138 -2.29 1.52 22.04
N LEU A 139 -2.17 0.63 21.06
CA LEU A 139 -2.11 -0.80 21.34
C LEU A 139 -0.78 -1.18 21.98
N HIS A 140 0.32 -0.88 21.29
CA HIS A 140 1.64 -1.19 21.79
C HIS A 140 2.68 -0.27 21.15
N LYS A 141 2.27 0.94 20.83
CA LYS A 141 3.18 1.92 20.22
C LYS A 141 3.65 1.44 18.86
N ILE A 142 4.30 2.32 18.11
CA ILE A 142 4.82 1.98 16.79
C ILE A 142 5.58 3.15 16.18
N VAL A 143 6.68 2.83 15.49
CA VAL A 143 7.51 3.86 14.86
C VAL A 143 8.24 3.29 13.65
N LEU A 144 9.00 4.15 12.97
CA LEU A 144 9.75 3.74 11.80
C LEU A 144 11.04 4.56 11.66
N PRO A 145 12.04 3.98 10.97
CA PRO A 145 13.33 4.64 10.75
C PRO A 145 13.22 5.82 9.80
N THR A 146 13.34 5.54 8.51
CA THR A 146 13.25 6.58 7.49
C THR A 146 13.47 6.00 6.09
N PRO A 147 12.80 6.60 5.09
CA PRO A 147 12.91 6.16 3.69
C PRO A 147 14.29 6.45 3.09
N ILE A 148 14.58 5.80 1.98
CA ILE A 148 15.86 5.99 1.30
C ILE A 148 15.66 6.24 -0.18
N SER A 149 14.72 5.54 -0.79
CA SER A 149 14.42 5.69 -2.20
C SER A 149 13.65 6.97 -2.47
N ASN A 150 12.87 7.40 -1.49
CA ASN A 150 12.07 8.61 -1.61
C ASN A 150 12.93 9.78 -2.05
N ALA A 151 14.07 9.97 -1.39
CA ALA A 151 14.98 11.05 -1.72
C ALA A 151 15.36 11.02 -3.20
N LEU A 152 15.78 9.86 -3.67
CA LEU A 152 16.17 9.69 -5.07
C LEU A 152 15.03 10.10 -6.00
N LEU A 153 13.83 9.61 -5.71
CA LEU A 153 12.67 9.92 -6.52
C LEU A 153 12.46 11.42 -6.63
N THR A 154 12.19 12.06 -5.49
CA THR A 154 11.97 13.50 -5.45
C THR A 154 13.16 14.26 -6.05
N ASP A 155 14.35 13.69 -5.88
CA ASP A 155 15.57 14.31 -6.42
C ASP A 155 15.62 14.18 -7.93
N LYS A 156 14.96 13.15 -8.46
CA LYS A 156 14.94 12.91 -9.90
C LYS A 156 16.34 12.61 -10.42
N LEU A 157 16.41 12.03 -11.61
CA LEU A 157 17.69 11.69 -12.23
C LEU A 157 17.95 12.57 -13.45
N GLU A 158 17.97 13.89 -13.24
CA GLU A 158 18.21 14.82 -14.33
C GLU A 158 17.03 14.86 -15.30
N SER A 159 16.92 13.81 -16.12
CA SER A 159 15.85 13.73 -17.10
C SER A 159 15.91 12.40 -17.84
N GLN A 160 14.97 12.20 -18.77
CA GLN A 160 14.91 10.98 -19.55
C GLN A 160 14.16 11.20 -20.86
N LYS A 161 14.22 10.22 -21.76
CA LYS A 161 13.54 10.31 -23.04
C LYS A 161 12.56 9.16 -23.21
N GLU A 162 13.08 7.94 -23.23
CA GLU A 162 12.24 6.75 -23.39
C GLU A 162 11.64 6.33 -22.05
N TRP A 163 10.82 5.28 -22.08
CA TRP A 163 10.18 4.77 -20.88
C TRP A 163 11.21 4.18 -19.91
N LEU A 164 10.91 4.24 -18.63
CA LEU A 164 11.81 3.71 -17.60
C LEU A 164 11.20 3.86 -16.21
N ARG A 165 10.55 4.99 -15.97
CA ARG A 165 9.93 5.26 -14.68
C ARG A 165 8.84 4.24 -14.38
N THR A 166 8.24 3.68 -15.43
CA THR A 166 7.19 2.69 -15.28
C THR A 166 7.62 1.56 -14.35
N LYS A 167 8.92 1.34 -14.27
CA LYS A 167 9.48 0.30 -13.40
C LYS A 167 9.30 0.67 -11.93
N THR A 168 10.04 1.69 -11.48
CA THR A 168 9.96 2.14 -10.10
C THR A 168 8.51 2.32 -9.65
N ILE A 169 7.71 2.95 -10.51
CA ILE A 169 6.31 3.18 -10.20
C ILE A 169 5.55 1.88 -10.05
N GLN A 170 5.77 0.96 -10.99
CA GLN A 170 5.11 -0.34 -10.97
C GLN A 170 5.51 -1.13 -9.72
N PHE A 171 6.74 -0.93 -9.26
CA PHE A 171 7.24 -1.62 -8.08
C PHE A 171 6.55 -1.11 -6.82
N ILE A 172 6.60 0.20 -6.60
CA ILE A 172 5.98 0.81 -5.44
C ILE A 172 4.48 0.55 -5.41
N LEU A 173 3.87 0.54 -6.60
CA LEU A 173 2.44 0.30 -6.72
C LEU A 173 2.09 -1.14 -6.33
N LYS A 174 2.76 -2.10 -6.96
CA LYS A 174 2.53 -3.51 -6.68
C LYS A 174 2.76 -3.81 -5.20
N SER A 175 3.86 -3.31 -4.67
CA SER A 175 4.20 -3.54 -3.26
C SER A 175 3.12 -2.96 -2.35
N LEU A 176 2.74 -1.71 -2.60
CA LEU A 176 1.72 -1.05 -1.80
C LEU A 176 0.44 -1.88 -1.76
N GLU A 177 -0.12 -2.17 -2.93
CA GLU A 177 -1.34 -2.96 -3.02
C GLU A 177 -1.20 -4.27 -2.24
N GLU A 178 -0.16 -5.03 -2.55
CA GLU A 178 0.08 -6.30 -1.88
C GLU A 178 0.20 -6.10 -0.37
N PHE A 179 0.74 -4.95 0.03
CA PHE A 179 0.92 -4.64 1.44
C PHE A 179 -0.43 -4.34 2.10
N LEU A 180 -1.35 -3.76 1.33
CA LEU A 180 -2.66 -3.41 1.84
C LEU A 180 -3.52 -4.66 2.04
N LYS A 181 -3.61 -5.47 1.00
CA LYS A 181 -4.39 -6.70 1.05
C LYS A 181 -3.84 -7.65 2.10
N VAL A 182 -2.52 -7.79 2.12
CA VAL A 182 -1.86 -8.67 3.09
C VAL A 182 -2.03 -8.16 4.51
N THR A 183 -2.00 -6.84 4.66
CA THR A 183 -2.15 -6.21 5.97
C THR A 183 -3.59 -6.32 6.47
N LEU A 184 -4.54 -6.35 5.54
CA LEU A 184 -5.95 -6.45 5.88
C LEU A 184 -6.30 -7.87 6.30
N ARG A 185 -5.75 -8.85 5.59
CA ARG A 185 -6.00 -10.26 5.88
C ARG A 185 -5.18 -10.72 7.08
N SER A 186 -4.05 -10.05 7.31
CA SER A 186 -3.16 -10.39 8.42
C SER A 186 -3.66 -9.79 9.72
N THR A 187 -3.98 -8.50 9.68
CA THR A 187 -4.46 -7.79 10.86
C THR A 187 -5.70 -8.47 11.43
N ARG A 188 -6.42 -9.18 10.59
CA ARG A 188 -7.63 -9.87 11.00
C ARG A 188 -7.33 -10.88 12.12
N GLN A 189 -8.34 -11.62 12.53
CA GLN A 189 -8.18 -12.61 13.58
C GLN A 189 -7.80 -11.94 14.91
N THR A 190 -8.01 -10.64 14.98
CA THR A 190 -7.69 -9.88 16.18
C THR A 190 -8.31 -10.53 17.42
N SER A 7 -8.25 -15.60 -2.23
CA SER A 7 -8.64 -16.26 -1.00
C SER A 7 -10.17 -16.26 -0.84
N GLN A 8 -10.85 -16.50 -1.95
CA GLN A 8 -12.31 -16.52 -1.93
C GLN A 8 -12.88 -15.21 -1.42
N VAL A 9 -13.03 -14.25 -2.31
CA VAL A 9 -13.57 -12.93 -1.95
C VAL A 9 -14.94 -12.71 -2.58
N ARG A 10 -15.81 -12.02 -1.85
CA ARG A 10 -17.16 -11.73 -2.33
C ARG A 10 -17.37 -10.23 -2.47
N ARG A 11 -18.06 -9.82 -3.53
CA ARG A 11 -18.34 -8.42 -3.78
C ARG A 11 -19.84 -8.17 -3.88
N GLY A 12 -20.22 -6.89 -3.88
CA GLY A 12 -21.63 -6.54 -3.96
C GLY A 12 -21.85 -5.21 -4.66
N ASP A 13 -21.01 -4.22 -4.33
CA ASP A 13 -21.13 -2.90 -4.92
C ASP A 13 -22.51 -2.32 -4.70
N PHE A 14 -22.73 -1.10 -5.21
CA PHE A 14 -24.02 -0.43 -5.06
C PHE A 14 -24.62 -0.10 -6.43
N THR A 15 -25.86 0.37 -6.41
CA THR A 15 -26.55 0.73 -7.65
C THR A 15 -25.96 2.01 -8.25
N GLU A 16 -25.59 2.94 -7.39
CA GLU A 16 -25.02 4.21 -7.83
C GLU A 16 -23.66 3.99 -8.49
N ASP A 17 -22.95 5.09 -8.75
CA ASP A 17 -21.64 5.02 -9.38
C ASP A 17 -20.62 5.85 -8.59
N THR A 18 -20.93 6.11 -7.33
CA THR A 18 -20.05 6.88 -6.46
C THR A 18 -20.65 7.07 -5.08
N THR A 19 -19.78 7.12 -4.06
CA THR A 19 -20.23 7.28 -2.69
C THR A 19 -19.25 8.16 -1.90
N PRO A 20 -19.74 8.73 -0.79
CA PRO A 20 -18.93 9.59 0.07
C PRO A 20 -17.86 8.82 0.82
N ASN A 21 -17.20 9.49 1.77
CA ASN A 21 -16.15 8.87 2.56
C ASN A 21 -16.63 8.56 3.97
N ARG A 22 -17.23 9.56 4.62
CA ARG A 22 -17.73 9.40 5.98
C ARG A 22 -16.67 8.80 6.89
N PRO A 23 -15.69 9.62 7.27
CA PRO A 23 -14.59 9.20 8.15
C PRO A 23 -15.06 8.93 9.57
N VAL A 24 -15.61 7.73 9.80
CA VAL A 24 -16.09 7.35 11.11
C VAL A 24 -14.97 6.73 11.95
N TYR A 25 -13.87 6.39 11.30
CA TYR A 25 -12.73 5.79 11.98
C TYR A 25 -13.13 4.48 12.64
N THR A 26 -14.18 3.85 12.12
CA THR A 26 -14.67 2.59 12.66
C THR A 26 -14.39 1.44 11.70
N THR A 27 -14.66 0.22 12.15
CA THR A 27 -14.43 -0.98 11.34
C THR A 27 -15.08 -0.82 9.97
N SER A 28 -16.31 -0.32 9.95
CA SER A 28 -17.05 -0.13 8.70
C SER A 28 -16.29 0.81 7.77
N GLN A 29 -15.92 1.98 8.29
CA GLN A 29 -15.20 2.98 7.51
C GLN A 29 -13.85 2.42 7.05
N VAL A 30 -13.18 1.70 7.93
CA VAL A 30 -11.87 1.12 7.61
C VAL A 30 -11.98 0.12 6.46
N GLY A 31 -12.87 -0.86 6.63
CA GLY A 31 -13.07 -1.87 5.60
C GLY A 31 -13.41 -1.26 4.25
N GLY A 32 -14.42 -0.40 4.23
CA GLY A 32 -14.83 0.23 2.99
C GLY A 32 -13.72 1.02 2.34
N LEU A 33 -12.98 1.77 3.15
CA LEU A 33 -11.88 2.58 2.65
C LEU A 33 -10.77 1.70 2.07
N ILE A 34 -10.37 0.69 2.83
CA ILE A 34 -9.33 -0.23 2.38
C ILE A 34 -9.67 -0.84 1.03
N THR A 35 -10.92 -1.25 0.87
CA THR A 35 -11.38 -1.84 -0.38
C THR A 35 -11.33 -0.83 -1.52
N HIS A 36 -11.77 0.40 -1.24
CA HIS A 36 -11.78 1.45 -2.25
C HIS A 36 -10.37 1.70 -2.77
N VAL A 37 -9.44 1.98 -1.87
CA VAL A 37 -8.06 2.25 -2.25
C VAL A 37 -7.44 1.04 -2.94
N LEU A 38 -7.81 -0.15 -2.49
CA LEU A 38 -7.29 -1.39 -3.08
C LEU A 38 -7.63 -1.48 -4.56
N TRP A 39 -8.90 -1.22 -4.89
CA TRP A 39 -9.35 -1.26 -6.27
C TRP A 39 -8.70 -0.16 -7.10
N GLU A 40 -8.59 1.03 -6.51
CA GLU A 40 -7.98 2.16 -7.19
C GLU A 40 -6.52 1.88 -7.53
N ILE A 41 -5.81 1.26 -6.59
CA ILE A 41 -4.40 0.93 -6.79
C ILE A 41 -4.24 -0.12 -7.88
N VAL A 42 -5.02 -1.20 -7.78
CA VAL A 42 -4.95 -2.27 -8.77
C VAL A 42 -5.21 -1.74 -10.18
N GLU A 43 -6.24 -0.93 -10.32
CA GLU A 43 -6.60 -0.35 -11.62
C GLU A 43 -5.51 0.60 -12.10
N MET A 44 -5.02 1.43 -11.18
CA MET A 44 -3.97 2.39 -11.51
C MET A 44 -2.68 1.69 -11.90
N ARG A 45 -2.44 0.53 -11.29
CA ARG A 45 -1.24 -0.25 -11.58
C ARG A 45 -1.32 -0.89 -12.96
N LYS A 46 -2.42 -1.60 -13.22
CA LYS A 46 -2.62 -2.26 -14.50
C LYS A 46 -2.84 -1.25 -15.61
N GLU A 47 -3.39 -0.09 -15.25
CA GLU A 47 -3.64 0.97 -16.23
C GLU A 47 -2.35 1.41 -16.91
N LEU A 48 -1.25 1.38 -16.17
CA LEU A 48 0.05 1.77 -16.69
C LEU A 48 0.39 0.97 -17.94
N CYS A 49 -0.09 -0.27 -17.98
CA CYS A 49 0.17 -1.14 -19.12
C CYS A 49 -1.01 -1.15 -20.08
N ASN A 50 -1.73 -0.04 -20.15
CA ASN A 50 -2.89 0.10 -21.03
C ASN A 50 -3.99 -0.88 -20.62
N GLY A 51 -4.07 -1.18 -19.33
CA GLY A 51 -5.07 -2.10 -18.84
C GLY A 51 -4.85 -3.52 -19.33
N ASN A 52 -3.59 -3.97 -19.29
CA ASN A 52 -3.25 -5.31 -19.74
C ASN A 52 -3.17 -6.27 -18.55
N SER A 53 -4.14 -7.17 -18.45
CA SER A 53 -4.17 -8.14 -17.37
C SER A 53 -2.91 -8.99 -17.36
N ASP A 54 -2.29 -9.13 -18.53
CA ASP A 54 -1.07 -9.92 -18.65
C ASP A 54 0.09 -9.24 -17.94
N CYS A 55 0.09 -7.91 -17.94
CA CYS A 55 1.14 -7.13 -17.29
C CYS A 55 1.22 -7.48 -15.80
N MET A 56 0.09 -7.88 -15.23
CA MET A 56 0.04 -8.22 -13.81
C MET A 56 1.01 -9.36 -13.49
N ASN A 57 1.15 -10.29 -14.44
CA ASN A 57 2.04 -11.42 -14.26
C ASN A 57 3.08 -11.49 -15.37
N ASN A 58 3.41 -10.33 -15.93
CA ASN A 58 4.39 -10.25 -17.01
C ASN A 58 5.79 -10.06 -16.46
N ASP A 59 5.95 -9.07 -15.58
CA ASP A 59 7.25 -8.78 -14.97
C ASP A 59 7.24 -9.12 -13.48
N ASP A 60 6.32 -10.01 -13.09
CA ASP A 60 6.21 -10.41 -11.69
C ASP A 60 6.92 -11.75 -11.45
N ALA A 61 7.91 -12.04 -12.29
CA ALA A 61 8.67 -13.28 -12.16
C ALA A 61 10.03 -13.03 -11.52
N LEU A 62 10.68 -11.95 -11.93
CA LEU A 62 11.99 -11.59 -11.41
C LEU A 62 11.86 -10.63 -10.23
N ALA A 63 10.84 -9.78 -10.27
CA ALA A 63 10.60 -8.82 -9.21
C ALA A 63 10.58 -9.51 -7.84
N GLU A 64 10.13 -10.76 -7.82
CA GLU A 64 10.06 -11.51 -6.58
C GLU A 64 11.40 -11.53 -5.86
N ASN A 65 12.48 -11.46 -6.64
CA ASN A 65 13.83 -11.46 -6.09
C ASN A 65 14.58 -10.20 -6.49
N ASN A 66 13.84 -9.13 -6.78
CA ASN A 66 14.44 -7.87 -7.18
C ASN A 66 13.64 -6.69 -6.64
N LEU A 67 12.94 -6.91 -5.53
CA LEU A 67 12.13 -5.86 -4.92
C LEU A 67 12.84 -5.26 -3.71
N LYS A 68 13.11 -6.09 -2.71
CA LYS A 68 13.80 -5.64 -1.51
C LYS A 68 13.01 -4.53 -0.83
N LEU A 69 11.72 -4.46 -1.11
CA LEU A 69 10.86 -3.44 -0.52
C LEU A 69 10.35 -3.88 0.85
N PRO A 70 9.94 -2.89 1.67
CA PRO A 70 9.43 -3.15 3.02
C PRO A 70 8.08 -3.85 3.01
N GLU A 71 8.09 -5.16 2.77
CA GLU A 71 6.85 -5.94 2.73
C GLU A 71 6.91 -7.09 3.72
N ILE A 72 5.75 -7.49 4.23
CA ILE A 72 5.66 -8.59 5.18
C ILE A 72 6.14 -9.89 4.56
N GLN A 73 6.86 -10.69 5.35
CA GLN A 73 7.38 -11.97 4.88
C GLN A 73 7.08 -13.08 5.88
N ARG A 74 5.96 -12.95 6.59
CA ARG A 74 5.57 -13.94 7.58
C ARG A 74 4.17 -13.65 8.11
N ASN A 75 3.73 -14.44 9.09
CA ASN A 75 2.42 -14.26 9.68
C ASN A 75 2.44 -14.59 11.18
N ASP A 76 3.17 -13.77 11.94
CA ASP A 76 3.28 -13.98 13.38
C ASP A 76 2.05 -13.43 14.09
N GLY A 77 2.01 -13.62 15.41
CA GLY A 77 0.89 -13.13 16.20
C GLY A 77 1.22 -11.86 16.98
N CYS A 78 2.06 -12.01 17.99
CA CYS A 78 2.45 -10.88 18.81
C CYS A 78 1.24 -10.25 19.50
N TYR A 79 0.96 -10.69 20.73
CA TYR A 79 -0.16 -10.19 21.49
C TYR A 79 0.01 -10.47 22.98
N GLN A 80 1.26 -10.46 23.44
CA GLN A 80 1.56 -10.71 24.84
C GLN A 80 2.84 -9.99 25.26
N THR A 81 3.04 -9.87 26.57
CA THR A 81 4.22 -9.21 27.11
C THR A 81 5.49 -9.98 26.77
N GLY A 82 6.64 -9.37 27.04
CA GLY A 82 7.91 -10.02 26.76
C GLY A 82 8.32 -10.99 27.87
N TYR A 83 8.77 -12.17 27.48
CA TYR A 83 9.20 -13.18 28.44
C TYR A 83 10.64 -13.59 28.20
N ASN A 84 10.90 -14.18 27.04
CA ASN A 84 12.23 -14.63 26.67
C ASN A 84 12.76 -13.84 25.47
N GLN A 85 12.54 -12.53 25.49
CA GLN A 85 12.99 -11.67 24.40
C GLN A 85 12.42 -12.14 23.07
N GLU A 86 11.14 -11.90 22.86
CA GLU A 86 10.47 -12.30 21.62
C GLU A 86 10.87 -11.39 20.47
N ILE A 87 10.53 -11.79 19.25
CA ILE A 87 10.85 -11.01 18.07
C ILE A 87 9.69 -11.00 17.08
N CYS A 88 9.35 -9.82 16.58
CA CYS A 88 8.25 -9.67 15.63
C CYS A 88 8.76 -9.11 14.30
N LEU A 89 8.23 -9.63 13.21
CA LEU A 89 8.64 -9.18 11.87
C LEU A 89 7.47 -8.48 11.18
N LEU A 90 6.80 -7.60 11.90
CA LEU A 90 5.67 -6.85 11.34
C LEU A 90 5.91 -5.35 11.44
N LYS A 91 6.36 -4.76 10.34
CA LYS A 91 6.63 -3.33 10.32
C LYS A 91 5.34 -2.54 10.10
N ILE A 92 4.79 -2.62 8.90
CA ILE A 92 3.55 -1.91 8.57
C ILE A 92 3.78 -0.40 8.49
N SER A 93 4.05 0.21 9.63
CA SER A 93 4.29 1.65 9.68
C SER A 93 5.34 2.06 8.65
N SER A 94 6.44 1.31 8.61
CA SER A 94 7.52 1.61 7.67
C SER A 94 7.02 1.52 6.22
N GLY A 95 6.39 0.40 5.88
CA GLY A 95 5.88 0.22 4.53
C GLY A 95 4.87 1.29 4.15
N LEU A 96 3.88 1.49 5.00
CA LEU A 96 2.85 2.48 4.73
C LEU A 96 3.46 3.85 4.46
N LEU A 97 4.34 4.28 5.37
CA LEU A 97 5.01 5.57 5.22
C LEU A 97 5.71 5.68 3.87
N GLU A 98 6.50 4.65 3.54
CA GLU A 98 7.23 4.63 2.28
C GLU A 98 6.27 4.72 1.09
N TYR A 99 5.32 3.78 1.03
CA TYR A 99 4.35 3.75 -0.06
C TYR A 99 3.63 5.08 -0.18
N HIS A 100 3.25 5.66 0.96
CA HIS A 100 2.56 6.93 0.99
C HIS A 100 3.39 8.03 0.32
N SER A 101 4.67 8.09 0.67
CA SER A 101 5.57 9.09 0.11
C SER A 101 5.74 8.87 -1.39
N TYR A 102 5.73 7.61 -1.81
CA TYR A 102 5.89 7.27 -3.22
C TYR A 102 4.70 7.77 -4.03
N LEU A 103 3.53 7.21 -3.75
CA LEU A 103 2.31 7.60 -4.46
C LEU A 103 2.12 9.12 -4.43
N GLU A 104 2.42 9.72 -3.29
CA GLU A 104 2.28 11.17 -3.13
C GLU A 104 3.21 11.91 -4.09
N TYR A 105 4.48 11.50 -4.12
CA TYR A 105 5.46 12.13 -4.99
C TYR A 105 5.02 12.05 -6.45
N MET A 106 4.55 10.88 -6.86
CA MET A 106 4.09 10.68 -8.23
C MET A 106 2.77 11.40 -8.47
N LYS A 107 2.00 11.60 -7.40
CA LYS A 107 0.71 12.27 -7.50
C LYS A 107 0.90 13.76 -7.75
N ASN A 108 2.01 14.31 -7.25
CA ASN A 108 2.30 15.73 -7.42
C ASN A 108 2.39 16.10 -8.90
N ASN A 109 2.68 15.10 -9.73
CA ASN A 109 2.80 15.31 -11.16
C ASN A 109 2.28 14.11 -11.95
N LEU A 110 1.02 14.18 -12.37
CA LEU A 110 0.40 13.10 -13.12
C LEU A 110 -0.64 13.64 -14.10
N LYS A 111 -1.23 12.74 -14.87
CA LYS A 111 -2.25 13.12 -15.84
C LYS A 111 -3.55 13.51 -15.14
N ASP A 112 -4.58 13.80 -15.93
CA ASP A 112 -5.88 14.17 -15.39
C ASP A 112 -6.49 13.03 -14.59
N ASN A 113 -6.55 11.85 -15.21
CA ASN A 113 -7.11 10.67 -14.57
C ASN A 113 -6.20 10.18 -13.45
N LYS A 114 -4.91 10.06 -13.75
CA LYS A 114 -3.93 9.60 -12.77
C LYS A 114 -3.98 10.46 -11.52
N LYS A 115 -4.13 11.77 -11.70
CA LYS A 115 -4.19 12.70 -10.59
C LYS A 115 -5.45 12.48 -9.76
N ASP A 116 -6.58 12.30 -10.45
CA ASP A 116 -7.86 12.08 -9.77
C ASP A 116 -7.78 10.86 -8.86
N LYS A 117 -7.29 9.76 -9.40
CA LYS A 117 -7.16 8.52 -8.63
C LYS A 117 -6.06 8.64 -7.59
N ALA A 118 -4.95 9.26 -7.97
CA ALA A 118 -3.82 9.44 -7.07
C ALA A 118 -4.25 10.12 -5.78
N ARG A 119 -5.06 11.17 -5.91
CA ARG A 119 -5.54 11.92 -4.76
C ARG A 119 -6.26 10.99 -3.78
N VAL A 120 -7.18 10.20 -4.29
CA VAL A 120 -7.94 9.26 -3.46
C VAL A 120 -7.02 8.23 -2.83
N LEU A 121 -5.96 7.87 -3.54
CA LEU A 121 -5.00 6.88 -3.04
C LEU A 121 -4.21 7.44 -1.87
N GLN A 122 -3.77 8.69 -1.98
CA GLN A 122 -3.01 9.32 -0.92
C GLN A 122 -3.87 9.53 0.32
N ARG A 123 -5.02 10.17 0.15
CA ARG A 123 -5.93 10.43 1.25
C ARG A 123 -6.33 9.12 1.94
N ASP A 124 -6.68 8.12 1.14
CA ASP A 124 -7.08 6.82 1.67
C ASP A 124 -5.98 6.22 2.53
N THR A 125 -4.77 6.17 1.98
CA THR A 125 -3.63 5.62 2.70
C THR A 125 -3.39 6.35 4.02
N GLU A 126 -3.42 7.68 3.96
CA GLU A 126 -3.22 8.50 5.14
C GLU A 126 -4.28 8.22 6.20
N THR A 127 -5.51 7.97 5.74
CA THR A 127 -6.62 7.69 6.64
C THR A 127 -6.41 6.38 7.37
N LEU A 128 -6.22 5.31 6.61
CA LEU A 128 -6.00 3.98 7.20
C LEU A 128 -4.76 3.98 8.08
N ILE A 129 -3.77 4.78 7.72
CA ILE A 129 -2.53 4.87 8.48
C ILE A 129 -2.75 5.61 9.80
N HIS A 130 -3.58 6.64 9.76
CA HIS A 130 -3.88 7.43 10.95
C HIS A 130 -4.70 6.61 11.96
N ILE A 131 -5.67 5.87 11.44
CA ILE A 131 -6.52 5.04 12.29
C ILE A 131 -5.75 3.86 12.87
N PHE A 132 -4.95 3.20 12.01
CA PHE A 132 -4.16 2.06 12.44
C PHE A 132 -3.06 2.48 13.41
N ASN A 133 -2.39 3.58 13.10
CA ASN A 133 -1.32 4.10 13.95
C ASN A 133 -1.86 4.54 15.31
N GLN A 134 -3.00 5.25 15.27
CA GLN A 134 -3.62 5.74 16.51
C GLN A 134 -4.04 4.58 17.40
N GLU A 135 -4.78 3.63 16.81
CA GLU A 135 -5.26 2.47 17.55
C GLU A 135 -4.09 1.70 18.17
N VAL A 136 -3.11 1.38 17.34
CA VAL A 136 -1.93 0.64 17.80
C VAL A 136 -1.14 1.46 18.82
N LYS A 137 -1.16 2.77 18.65
CA LYS A 137 -0.43 3.67 19.56
C LYS A 137 -1.10 3.70 20.93
N ASP A 138 -2.42 3.59 20.95
CA ASP A 138 -3.17 3.60 22.20
C ASP A 138 -3.01 2.26 22.93
N LEU A 139 -3.22 1.17 22.20
CA LEU A 139 -3.12 -0.17 22.77
C LEU A 139 -1.66 -0.50 23.12
N HIS A 140 -0.80 -0.45 22.11
CA HIS A 140 0.61 -0.74 22.30
C HIS A 140 1.47 0.48 22.00
N LYS A 141 2.78 0.30 21.94
CA LYS A 141 3.71 1.38 21.66
C LYS A 141 4.27 1.27 20.24
N ILE A 142 4.47 2.41 19.59
CA ILE A 142 5.01 2.43 18.25
C ILE A 142 5.24 3.88 17.78
N VAL A 143 6.30 4.07 17.00
CA VAL A 143 6.64 5.38 16.48
C VAL A 143 7.41 5.28 15.16
N LEU A 144 7.62 6.43 14.52
CA LEU A 144 8.34 6.46 13.25
C LEU A 144 8.59 7.90 12.81
N PRO A 145 9.82 8.17 12.34
CA PRO A 145 10.21 9.51 11.88
C PRO A 145 9.52 9.89 10.57
N THR A 146 10.10 9.46 9.46
CA THR A 146 9.55 9.76 8.14
C THR A 146 10.34 9.06 7.05
N PRO A 147 9.71 8.90 5.87
CA PRO A 147 10.34 8.25 4.71
C PRO A 147 11.46 9.10 4.10
N ILE A 148 12.48 8.44 3.56
CA ILE A 148 13.59 9.14 2.94
C ILE A 148 13.68 8.85 1.45
N SER A 149 13.10 7.71 1.05
CA SER A 149 13.11 7.31 -0.35
C SER A 149 12.60 8.43 -1.25
N ASN A 150 11.67 9.23 -0.72
CA ASN A 150 11.09 10.34 -1.47
C ASN A 150 12.19 11.22 -2.05
N ALA A 151 13.16 11.58 -1.22
CA ALA A 151 14.27 12.43 -1.65
C ALA A 151 14.99 11.80 -2.85
N LEU A 152 15.41 10.55 -2.70
CA LEU A 152 16.11 9.85 -3.76
C LEU A 152 15.34 9.94 -5.08
N LEU A 153 14.07 9.53 -5.05
CA LEU A 153 13.23 9.56 -6.23
C LEU A 153 13.22 10.95 -6.86
N THR A 154 12.71 11.93 -6.12
CA THR A 154 12.67 13.30 -6.61
C THR A 154 14.02 13.76 -7.13
N ASP A 155 15.09 13.26 -6.50
CA ASP A 155 16.44 13.61 -6.90
C ASP A 155 16.80 12.96 -8.23
N LYS A 156 16.32 11.75 -8.44
CA LYS A 156 16.60 11.01 -9.67
C LYS A 156 15.80 11.58 -10.84
N LEU A 157 14.50 11.30 -10.86
CA LEU A 157 13.63 11.80 -11.92
C LEU A 157 12.83 13.00 -11.44
N GLU A 158 11.98 13.53 -12.33
CA GLU A 158 11.16 14.69 -12.01
C GLU A 158 10.03 14.86 -13.02
N SER A 159 10.37 14.71 -14.30
CA SER A 159 9.39 14.84 -15.37
C SER A 159 9.58 13.77 -16.42
N GLN A 160 8.89 13.91 -17.54
CA GLN A 160 8.97 12.93 -18.63
C GLN A 160 8.46 11.57 -18.18
N LYS A 161 7.26 11.22 -18.64
CA LYS A 161 6.65 9.94 -18.28
C LYS A 161 6.18 9.20 -19.53
N GLU A 162 6.62 7.95 -19.67
CA GLU A 162 6.24 7.14 -20.82
C GLU A 162 6.87 5.75 -20.74
N TRP A 163 8.17 5.71 -20.47
CA TRP A 163 8.89 4.45 -20.37
C TRP A 163 9.94 4.51 -19.26
N LEU A 164 10.52 3.36 -18.94
CA LEU A 164 11.55 3.29 -17.91
C LEU A 164 10.93 3.47 -16.52
N ARG A 165 10.47 4.68 -16.23
CA ARG A 165 9.85 4.99 -14.95
C ARG A 165 8.75 3.99 -14.63
N THR A 166 8.11 3.46 -15.67
CA THR A 166 7.03 2.50 -15.49
C THR A 166 7.46 1.36 -14.57
N LYS A 167 8.76 1.10 -14.52
CA LYS A 167 9.29 0.04 -13.67
C LYS A 167 9.17 0.40 -12.19
N THR A 168 9.94 1.40 -11.77
CA THR A 168 9.92 1.85 -10.39
C THR A 168 8.49 2.06 -9.91
N ILE A 169 7.68 2.70 -10.73
CA ILE A 169 6.29 2.96 -10.40
C ILE A 169 5.50 1.66 -10.22
N GLN A 170 5.69 0.75 -11.16
CA GLN A 170 5.01 -0.55 -11.10
C GLN A 170 5.42 -1.33 -9.87
N PHE A 171 6.66 -1.13 -9.43
CA PHE A 171 7.18 -1.82 -8.26
C PHE A 171 6.52 -1.30 -6.98
N ILE A 172 6.62 0.01 -6.77
CA ILE A 172 6.04 0.64 -5.58
C ILE A 172 4.53 0.39 -5.52
N LEU A 173 3.88 0.44 -6.67
CA LEU A 173 2.43 0.23 -6.74
C LEU A 173 2.10 -1.22 -6.41
N LYS A 174 2.80 -2.16 -7.04
CA LYS A 174 2.57 -3.58 -6.82
C LYS A 174 2.74 -3.93 -5.34
N SER A 175 3.87 -3.53 -4.77
CA SER A 175 4.15 -3.81 -3.37
C SER A 175 3.12 -3.14 -2.46
N LEU A 176 2.79 -1.90 -2.77
CA LEU A 176 1.81 -1.15 -1.98
C LEU A 176 0.50 -1.91 -1.88
N GLU A 177 -0.02 -2.36 -3.03
CA GLU A 177 -1.27 -3.09 -3.07
C GLU A 177 -1.15 -4.40 -2.27
N GLU A 178 -0.17 -5.22 -2.64
CA GLU A 178 0.05 -6.49 -1.97
C GLU A 178 0.16 -6.29 -0.46
N PHE A 179 0.82 -5.22 -0.06
CA PHE A 179 1.01 -4.92 1.36
C PHE A 179 -0.34 -4.64 2.03
N LEU A 180 -1.12 -3.74 1.43
CA LEU A 180 -2.42 -3.38 1.97
C LEU A 180 -3.31 -4.61 2.12
N LYS A 181 -3.20 -5.53 1.16
CA LYS A 181 -3.99 -6.77 1.18
C LYS A 181 -3.56 -7.66 2.34
N VAL A 182 -2.31 -8.10 2.32
CA VAL A 182 -1.79 -8.96 3.37
C VAL A 182 -1.99 -8.34 4.75
N THR A 183 -1.95 -7.01 4.80
CA THR A 183 -2.13 -6.29 6.06
C THR A 183 -3.57 -6.37 6.54
N LEU A 184 -4.51 -6.11 5.64
CA LEU A 184 -5.92 -6.16 5.97
C LEU A 184 -6.32 -7.55 6.47
N ARG A 185 -5.87 -8.58 5.77
CA ARG A 185 -6.18 -9.96 6.13
C ARG A 185 -5.44 -10.35 7.41
N SER A 186 -4.20 -9.87 7.54
CA SER A 186 -3.39 -10.18 8.72
C SER A 186 -4.08 -9.71 10.00
N THR A 187 -4.49 -8.45 10.00
CA THR A 187 -5.16 -7.87 11.16
C THR A 187 -6.50 -8.54 11.41
N ARG A 188 -7.09 -9.09 10.35
CA ARG A 188 -8.38 -9.76 10.46
C ARG A 188 -8.21 -11.18 11.00
N GLN A 189 -7.05 -11.77 10.74
CA GLN A 189 -6.77 -13.13 11.20
C GLN A 189 -7.72 -14.13 10.56
N THR A 190 -8.37 -13.71 9.49
CA THR A 190 -9.32 -14.58 8.79
C THR A 190 -8.63 -15.31 7.65
N SER A 7 -0.81 -15.29 -7.98
CA SER A 7 -1.84 -16.19 -8.48
C SER A 7 -2.91 -16.42 -7.42
N GLN A 8 -3.76 -15.41 -7.21
CA GLN A 8 -4.83 -15.51 -6.22
C GLN A 8 -6.11 -14.84 -6.73
N VAL A 9 -7.09 -15.65 -7.11
CA VAL A 9 -8.36 -15.15 -7.61
C VAL A 9 -9.23 -14.63 -6.48
N ARG A 10 -9.75 -13.42 -6.65
CA ARG A 10 -10.62 -12.81 -5.64
C ARG A 10 -11.75 -12.03 -6.29
N ARG A 11 -12.94 -12.12 -5.69
CA ARG A 11 -14.11 -11.43 -6.21
C ARG A 11 -13.84 -9.94 -6.35
N GLY A 12 -14.77 -9.25 -7.00
CA GLY A 12 -14.61 -7.81 -7.20
C GLY A 12 -15.94 -7.09 -7.34
N ASP A 13 -17.01 -7.71 -6.81
CA ASP A 13 -18.34 -7.12 -6.87
C ASP A 13 -18.36 -5.75 -6.22
N PHE A 14 -18.45 -4.71 -7.04
CA PHE A 14 -18.47 -3.34 -6.53
C PHE A 14 -17.17 -2.99 -5.85
N THR A 15 -16.81 -1.70 -5.88
CA THR A 15 -15.58 -1.24 -5.26
C THR A 15 -15.84 -0.03 -4.37
N GLU A 16 -16.72 0.85 -4.83
CA GLU A 16 -17.06 2.06 -4.08
C GLU A 16 -18.46 2.55 -4.43
N ASP A 17 -18.93 3.55 -3.70
CA ASP A 17 -20.27 4.11 -3.92
C ASP A 17 -20.32 5.57 -3.51
N THR A 18 -19.19 6.26 -3.64
CA THR A 18 -19.09 7.67 -3.28
C THR A 18 -19.74 7.93 -1.91
N THR A 19 -18.93 7.84 -0.87
CA THR A 19 -19.42 8.05 0.50
C THR A 19 -19.18 9.50 0.93
N PRO A 20 -19.93 9.94 1.95
CA PRO A 20 -19.83 11.30 2.48
C PRO A 20 -18.51 11.53 3.23
N ASN A 21 -18.40 12.67 3.90
CA ASN A 21 -17.20 13.00 4.66
C ASN A 21 -17.45 12.91 6.16
N ARG A 22 -18.10 11.82 6.58
CA ARG A 22 -18.41 11.61 7.99
C ARG A 22 -17.63 10.42 8.55
N PRO A 23 -16.32 10.61 8.76
CA PRO A 23 -15.44 9.56 9.29
C PRO A 23 -15.74 9.24 10.75
N VAL A 24 -15.91 7.97 11.05
CA VAL A 24 -16.21 7.53 12.41
C VAL A 24 -15.06 6.69 12.97
N TYR A 25 -14.17 6.25 12.09
CA TYR A 25 -13.03 5.44 12.50
C TYR A 25 -13.49 4.11 13.08
N THR A 26 -14.30 3.38 12.32
CA THR A 26 -14.80 2.09 12.76
C THR A 26 -14.40 0.98 11.80
N THR A 27 -14.53 -0.26 12.24
CA THR A 27 -14.18 -1.42 11.42
C THR A 27 -14.81 -1.32 10.04
N SER A 28 -16.00 -0.75 9.98
CA SER A 28 -16.71 -0.60 8.71
C SER A 28 -16.01 0.42 7.81
N GLN A 29 -15.68 1.57 8.39
CA GLN A 29 -15.01 2.63 7.64
C GLN A 29 -13.69 2.14 7.06
N VAL A 30 -12.86 1.54 7.91
CA VAL A 30 -11.57 1.02 7.49
C VAL A 30 -11.74 -0.07 6.43
N GLY A 31 -12.68 -0.97 6.66
CA GLY A 31 -12.93 -2.05 5.72
C GLY A 31 -13.23 -1.55 4.33
N GLY A 32 -14.19 -0.64 4.21
CA GLY A 32 -14.55 -0.09 2.92
C GLY A 32 -13.41 0.67 2.28
N LEU A 33 -12.67 1.42 3.09
CA LEU A 33 -11.54 2.21 2.60
C LEU A 33 -10.43 1.30 2.08
N ILE A 34 -10.20 0.20 2.79
CA ILE A 34 -9.17 -0.75 2.40
C ILE A 34 -9.48 -1.39 1.06
N THR A 35 -10.66 -1.99 0.96
CA THR A 35 -11.09 -2.63 -0.28
C THR A 35 -11.12 -1.65 -1.45
N HIS A 36 -11.60 -0.44 -1.17
CA HIS A 36 -11.67 0.60 -2.20
C HIS A 36 -10.28 1.00 -2.68
N VAL A 37 -9.43 1.39 -1.74
CA VAL A 37 -8.07 1.79 -2.06
C VAL A 37 -7.32 0.68 -2.79
N LEU A 38 -7.65 -0.56 -2.45
CA LEU A 38 -7.02 -1.72 -3.07
C LEU A 38 -7.39 -1.82 -4.55
N TRP A 39 -8.69 -1.73 -4.83
CA TRP A 39 -9.18 -1.82 -6.20
C TRP A 39 -8.63 -0.68 -7.06
N GLU A 40 -8.59 0.52 -6.48
CA GLU A 40 -8.07 1.69 -7.18
C GLU A 40 -6.60 1.51 -7.53
N ILE A 41 -5.79 1.14 -6.53
CA ILE A 41 -4.37 0.94 -6.73
C ILE A 41 -4.10 -0.08 -7.83
N VAL A 42 -4.85 -1.18 -7.79
CA VAL A 42 -4.69 -2.24 -8.79
C VAL A 42 -4.99 -1.71 -10.20
N GLU A 43 -6.15 -1.09 -10.36
CA GLU A 43 -6.55 -0.54 -11.65
C GLU A 43 -5.51 0.47 -12.15
N MET A 44 -5.14 1.40 -11.27
CA MET A 44 -4.16 2.43 -11.63
C MET A 44 -2.81 1.80 -11.96
N ARG A 45 -2.50 0.69 -11.31
CA ARG A 45 -1.25 -0.01 -11.53
C ARG A 45 -1.18 -0.59 -12.94
N LYS A 46 -2.22 -1.34 -13.31
CA LYS A 46 -2.29 -1.95 -14.63
C LYS A 46 -2.56 -0.90 -15.70
N GLU A 47 -3.23 0.18 -15.32
CA GLU A 47 -3.55 1.26 -16.25
C GLU A 47 -2.28 1.76 -16.94
N LEU A 48 -1.16 1.76 -16.21
CA LEU A 48 0.11 2.22 -16.74
C LEU A 48 0.57 1.33 -17.88
N CYS A 49 0.13 0.07 -17.86
CA CYS A 49 0.50 -0.88 -18.89
C CYS A 49 -0.57 -0.97 -19.98
N ASN A 50 -1.30 0.13 -20.16
CA ASN A 50 -2.36 0.19 -21.16
C ASN A 50 -3.46 -0.82 -20.85
N GLY A 51 -3.62 -1.14 -19.57
CA GLY A 51 -4.63 -2.10 -19.16
C GLY A 51 -4.38 -3.47 -19.72
N ASN A 52 -3.11 -3.86 -19.82
CA ASN A 52 -2.74 -5.17 -20.35
C ASN A 52 -2.73 -6.22 -19.25
N SER A 53 -3.68 -7.13 -19.30
CA SER A 53 -3.79 -8.19 -18.29
C SER A 53 -2.48 -8.97 -18.20
N ASP A 54 -1.72 -8.99 -19.29
CA ASP A 54 -0.45 -9.70 -19.33
C ASP A 54 0.58 -9.00 -18.44
N CYS A 55 0.67 -7.69 -18.56
CA CYS A 55 1.62 -6.90 -17.78
C CYS A 55 1.47 -7.23 -16.28
N MET A 56 0.25 -7.48 -15.85
CA MET A 56 -0.02 -7.80 -14.46
C MET A 56 0.83 -8.97 -13.99
N ASN A 57 1.14 -9.88 -14.91
CA ASN A 57 1.94 -11.06 -14.60
C ASN A 57 3.05 -11.23 -15.63
N ASN A 58 3.55 -10.12 -16.16
CA ASN A 58 4.62 -10.15 -17.15
C ASN A 58 5.97 -10.35 -16.48
N ASP A 59 6.35 -9.40 -15.63
CA ASP A 59 7.62 -9.47 -14.92
C ASP A 59 7.41 -9.70 -13.43
N ASP A 60 6.26 -10.27 -13.09
CA ASP A 60 5.93 -10.55 -11.69
C ASP A 60 6.55 -11.86 -11.24
N ALA A 61 6.77 -12.77 -12.19
CA ALA A 61 7.36 -14.07 -11.89
C ALA A 61 8.73 -13.91 -11.24
N LEU A 62 9.37 -12.79 -11.51
CA LEU A 62 10.70 -12.51 -10.96
C LEU A 62 10.64 -11.39 -9.94
N ALA A 63 9.83 -10.37 -10.23
CA ALA A 63 9.68 -9.23 -9.33
C ALA A 63 9.19 -9.67 -7.96
N GLU A 64 8.34 -10.70 -7.94
CA GLU A 64 7.81 -11.22 -6.70
C GLU A 64 8.92 -11.59 -5.72
N ASN A 65 10.07 -11.97 -6.27
CA ASN A 65 11.22 -12.34 -5.45
C ASN A 65 12.43 -11.47 -5.78
N ASN A 66 12.17 -10.24 -6.20
CA ASN A 66 13.24 -9.31 -6.55
C ASN A 66 12.88 -7.89 -6.14
N LEU A 67 12.03 -7.77 -5.12
CA LEU A 67 11.60 -6.47 -4.62
C LEU A 67 12.55 -5.97 -3.53
N LYS A 68 12.87 -4.68 -3.58
CA LYS A 68 13.76 -4.07 -2.60
C LYS A 68 12.97 -3.48 -1.44
N LEU A 69 11.72 -3.11 -1.72
CA LEU A 69 10.85 -2.52 -0.71
C LEU A 69 10.57 -3.52 0.41
N PRO A 70 10.14 -3.01 1.57
CA PRO A 70 9.82 -3.84 2.74
C PRO A 70 8.56 -4.67 2.53
N GLU A 71 8.58 -5.91 3.02
CA GLU A 71 7.45 -6.80 2.88
C GLU A 71 7.35 -7.74 4.08
N ILE A 72 6.15 -7.89 4.62
CA ILE A 72 5.92 -8.76 5.76
C ILE A 72 6.27 -10.20 5.43
N GLN A 73 6.91 -10.89 6.38
CA GLN A 73 7.31 -12.27 6.19
C GLN A 73 6.73 -13.16 7.29
N ARG A 74 6.80 -14.46 7.10
CA ARG A 74 6.29 -15.43 8.07
C ARG A 74 6.95 -15.22 9.43
N ASN A 75 6.13 -15.05 10.46
CA ASN A 75 6.63 -14.84 11.82
C ASN A 75 5.71 -15.47 12.84
N ASP A 76 6.07 -15.34 14.11
CA ASP A 76 5.26 -15.90 15.20
C ASP A 76 4.05 -15.02 15.49
N GLY A 77 4.32 -13.80 15.95
CA GLY A 77 3.24 -12.88 16.26
C GLY A 77 3.55 -12.03 17.48
N CYS A 78 4.42 -12.53 18.34
CA CYS A 78 4.79 -11.80 19.55
C CYS A 78 3.56 -11.47 20.38
N TYR A 79 3.18 -12.40 21.26
CA TYR A 79 2.01 -12.20 22.11
C TYR A 79 2.35 -12.56 23.56
N GLN A 80 1.35 -12.42 24.44
CA GLN A 80 1.53 -12.72 25.85
C GLN A 80 1.97 -14.17 26.04
N THR A 81 3.17 -14.36 26.59
CA THR A 81 3.70 -15.69 26.83
C THR A 81 3.85 -15.97 28.32
N GLY A 82 4.00 -14.90 29.11
CA GLY A 82 4.16 -15.05 30.54
C GLY A 82 5.61 -14.99 30.97
N TYR A 83 6.39 -14.14 30.32
CA TYR A 83 7.80 -14.00 30.64
C TYR A 83 8.23 -12.54 30.54
N ASN A 84 7.88 -11.89 29.44
CA ASN A 84 8.23 -10.50 29.23
C ASN A 84 7.20 -9.81 28.34
N GLN A 85 7.21 -10.14 27.05
CA GLN A 85 6.28 -9.54 26.10
C GLN A 85 6.46 -8.03 26.03
N GLU A 86 7.33 -7.58 25.12
CA GLU A 86 7.59 -6.15 24.96
C GLU A 86 8.58 -5.91 23.84
N ILE A 87 8.27 -4.94 22.98
CA ILE A 87 9.14 -4.61 21.86
C ILE A 87 9.31 -5.80 20.93
N CYS A 88 8.48 -5.87 19.90
CA CYS A 88 8.54 -6.95 18.93
C CYS A 88 7.93 -6.52 17.59
N LEU A 89 8.00 -5.23 17.31
CA LEU A 89 7.45 -4.70 16.07
C LEU A 89 8.47 -3.77 15.38
N LEU A 90 8.51 -3.82 14.05
CA LEU A 90 9.42 -2.99 13.29
C LEU A 90 9.05 -3.00 11.80
N LYS A 91 7.75 -3.16 11.52
CA LYS A 91 7.27 -3.17 10.15
C LYS A 91 5.93 -2.46 10.04
N ILE A 92 5.29 -2.58 8.89
CA ILE A 92 4.00 -1.94 8.65
C ILE A 92 4.15 -0.43 8.53
N SER A 93 4.46 0.22 9.64
CA SER A 93 4.63 1.67 9.67
C SER A 93 5.64 2.11 8.60
N SER A 94 6.79 1.46 8.58
CA SER A 94 7.83 1.79 7.62
C SER A 94 7.29 1.75 6.19
N GLY A 95 6.66 0.64 5.83
CA GLY A 95 6.10 0.50 4.51
C GLY A 95 5.01 1.51 4.22
N LEU A 96 4.08 1.65 5.15
CA LEU A 96 2.97 2.59 5.00
C LEU A 96 3.49 3.99 4.73
N LEU A 97 4.49 4.42 5.50
CA LEU A 97 5.07 5.74 5.35
C LEU A 97 5.73 5.89 3.98
N GLU A 98 6.55 4.91 3.62
CA GLU A 98 7.24 4.93 2.33
C GLU A 98 6.24 4.99 1.18
N TYR A 99 5.26 4.09 1.21
CA TYR A 99 4.25 4.04 0.16
C TYR A 99 3.54 5.39 0.02
N HIS A 100 3.06 5.91 1.14
CA HIS A 100 2.36 7.20 1.14
C HIS A 100 3.22 8.28 0.50
N SER A 101 4.50 8.31 0.86
CA SER A 101 5.43 9.29 0.33
C SER A 101 5.57 9.14 -1.18
N TYR A 102 5.61 7.89 -1.64
CA TYR A 102 5.76 7.60 -3.06
C TYR A 102 4.54 8.11 -3.84
N LEU A 103 3.38 7.54 -3.55
CA LEU A 103 2.14 7.93 -4.22
C LEU A 103 1.95 9.43 -4.17
N GLU A 104 2.28 10.03 -3.03
CA GLU A 104 2.14 11.47 -2.84
C GLU A 104 3.11 12.23 -3.75
N TYR A 105 4.31 11.70 -3.89
CA TYR A 105 5.33 12.33 -4.73
C TYR A 105 4.93 12.27 -6.20
N MET A 106 4.44 11.11 -6.62
CA MET A 106 4.02 10.94 -8.02
C MET A 106 2.69 11.65 -8.28
N LYS A 107 1.87 11.78 -7.25
CA LYS A 107 0.58 12.44 -7.37
C LYS A 107 0.76 13.88 -7.83
N ASN A 108 1.87 14.49 -7.43
CA ASN A 108 2.16 15.87 -7.80
C ASN A 108 2.33 16.01 -9.32
N ASN A 109 2.93 15.00 -9.94
CA ASN A 109 3.15 15.01 -11.38
C ASN A 109 2.46 13.81 -12.04
N LEU A 110 1.24 14.02 -12.51
CA LEU A 110 0.47 12.97 -13.15
C LEU A 110 -0.46 13.54 -14.22
N LYS A 111 -1.06 12.66 -15.02
CA LYS A 111 -1.97 13.08 -16.06
C LYS A 111 -3.28 13.60 -15.47
N ASP A 112 -4.23 13.94 -16.35
CA ASP A 112 -5.52 14.46 -15.91
C ASP A 112 -6.26 13.43 -15.08
N ASN A 113 -6.37 12.21 -15.61
CA ASN A 113 -7.06 11.13 -14.92
C ASN A 113 -6.21 10.58 -13.78
N LYS A 114 -4.93 10.35 -14.06
CA LYS A 114 -4.00 9.83 -13.07
C LYS A 114 -3.99 10.71 -11.83
N LYS A 115 -4.09 12.02 -12.03
CA LYS A 115 -4.08 12.98 -10.93
C LYS A 115 -5.34 12.83 -10.09
N ASP A 116 -6.49 12.81 -10.75
CA ASP A 116 -7.77 12.68 -10.05
C ASP A 116 -7.79 11.44 -9.18
N LYS A 117 -7.37 10.30 -9.75
CA LYS A 117 -7.34 9.04 -9.02
C LYS A 117 -6.24 9.05 -7.97
N ALA A 118 -5.10 9.63 -8.31
CA ALA A 118 -3.97 9.71 -7.39
C ALA A 118 -4.39 10.38 -6.07
N ARG A 119 -5.11 11.49 -6.18
CA ARG A 119 -5.57 12.22 -5.01
C ARG A 119 -6.36 11.30 -4.07
N VAL A 120 -7.34 10.59 -4.64
CA VAL A 120 -8.17 9.68 -3.86
C VAL A 120 -7.32 8.60 -3.19
N LEU A 121 -6.35 8.08 -3.94
CA LEU A 121 -5.47 7.04 -3.41
C LEU A 121 -4.71 7.53 -2.19
N GLN A 122 -4.14 8.73 -2.29
CA GLN A 122 -3.38 9.31 -1.19
C GLN A 122 -4.26 9.49 0.04
N ARG A 123 -5.42 10.12 -0.16
CA ARG A 123 -6.35 10.36 0.94
C ARG A 123 -6.68 9.06 1.67
N ASP A 124 -7.12 8.06 0.91
CA ASP A 124 -7.49 6.77 1.47
C ASP A 124 -6.33 6.21 2.30
N THR A 125 -5.15 6.13 1.68
CA THR A 125 -3.96 5.61 2.36
C THR A 125 -3.72 6.32 3.68
N GLU A 126 -3.78 7.65 3.64
CA GLU A 126 -3.56 8.46 4.84
C GLU A 126 -4.64 8.16 5.89
N THR A 127 -5.82 7.80 5.43
CA THR A 127 -6.93 7.50 6.32
C THR A 127 -6.67 6.20 7.09
N LEU A 128 -6.45 5.11 6.35
CA LEU A 128 -6.19 3.81 6.97
C LEU A 128 -4.94 3.86 7.83
N ILE A 129 -3.95 4.64 7.40
CA ILE A 129 -2.70 4.77 8.14
C ILE A 129 -2.92 5.53 9.45
N HIS A 130 -3.66 6.62 9.38
CA HIS A 130 -3.95 7.43 10.57
C HIS A 130 -4.70 6.61 11.61
N ILE A 131 -5.74 5.91 11.18
CA ILE A 131 -6.54 5.08 12.07
C ILE A 131 -5.70 3.97 12.69
N PHE A 132 -5.03 3.21 11.84
CA PHE A 132 -4.19 2.10 12.30
C PHE A 132 -3.10 2.61 13.24
N ASN A 133 -2.42 3.66 12.84
CA ASN A 133 -1.34 4.24 13.64
C ASN A 133 -1.86 4.65 15.01
N GLN A 134 -3.06 5.23 15.04
CA GLN A 134 -3.66 5.67 16.30
C GLN A 134 -3.93 4.49 17.21
N GLU A 135 -4.56 3.45 16.67
CA GLU A 135 -4.87 2.26 17.45
C GLU A 135 -3.59 1.65 18.05
N VAL A 136 -2.60 1.41 17.19
CA VAL A 136 -1.34 0.83 17.63
C VAL A 136 -0.59 1.79 18.56
N LYS A 137 -0.82 3.08 18.37
CA LYS A 137 -0.17 4.10 19.20
C LYS A 137 -0.71 4.06 20.63
N ASP A 138 -2.01 3.82 20.76
CA ASP A 138 -2.66 3.77 22.06
C ASP A 138 -2.33 2.45 22.77
N LEU A 139 -2.47 1.35 22.05
CA LEU A 139 -2.19 0.03 22.61
C LEU A 139 -0.69 -0.14 22.86
N HIS A 140 0.10 -0.01 21.81
CA HIS A 140 1.55 -0.15 21.92
C HIS A 140 2.25 1.15 21.55
N LYS A 141 3.57 1.08 21.39
CA LYS A 141 4.36 2.25 21.03
C LYS A 141 5.30 1.94 19.87
N ILE A 142 5.12 2.65 18.76
CA ILE A 142 5.96 2.44 17.59
C ILE A 142 5.65 3.45 16.50
N VAL A 143 6.68 4.14 16.01
CA VAL A 143 6.50 5.14 14.96
C VAL A 143 7.78 5.32 14.14
N LEU A 144 7.73 6.20 13.16
CA LEU A 144 8.89 6.46 12.31
C LEU A 144 9.00 7.94 11.97
N PRO A 145 10.23 8.46 11.93
CA PRO A 145 10.50 9.86 11.62
C PRO A 145 10.21 10.19 10.16
N THR A 146 10.74 9.38 9.27
CA THR A 146 10.56 9.59 7.84
C THR A 146 11.24 8.50 7.02
N PRO A 147 10.80 8.32 5.77
CA PRO A 147 11.37 7.32 4.86
C PRO A 147 12.78 7.67 4.42
N ILE A 148 13.31 6.90 3.47
CA ILE A 148 14.66 7.13 2.95
C ILE A 148 14.66 7.18 1.44
N SER A 149 13.86 6.32 0.81
CA SER A 149 13.78 6.27 -0.64
C SER A 149 13.11 7.53 -1.19
N ASN A 150 12.22 8.11 -0.39
CA ASN A 150 11.51 9.33 -0.81
C ASN A 150 12.49 10.39 -1.29
N ALA A 151 13.67 10.42 -0.67
CA ALA A 151 14.69 11.39 -1.05
C ALA A 151 15.21 11.14 -2.46
N LEU A 152 15.50 9.87 -2.75
CA LEU A 152 16.01 9.49 -4.07
C LEU A 152 14.98 9.80 -5.15
N LEU A 153 13.75 9.36 -4.95
CA LEU A 153 12.68 9.58 -5.91
C LEU A 153 12.47 11.08 -6.14
N THR A 154 12.19 11.82 -5.07
CA THR A 154 11.98 13.24 -5.16
C THR A 154 13.19 13.95 -5.79
N ASP A 155 14.38 13.41 -5.53
CA ASP A 155 15.60 13.98 -6.07
C ASP A 155 15.67 13.78 -7.58
N LYS A 156 15.26 12.60 -8.04
CA LYS A 156 15.27 12.28 -9.45
C LYS A 156 14.58 13.36 -10.27
N LEU A 157 15.11 13.64 -11.45
CA LEU A 157 14.54 14.67 -12.33
C LEU A 157 15.25 14.68 -13.67
N GLU A 158 14.74 13.90 -14.62
CA GLU A 158 15.34 13.84 -15.96
C GLU A 158 14.25 13.83 -17.03
N SER A 159 14.65 14.10 -18.27
CA SER A 159 13.71 14.13 -19.38
C SER A 159 14.45 14.33 -20.71
N GLN A 160 14.20 13.42 -21.65
CA GLN A 160 14.85 13.50 -22.96
C GLN A 160 14.27 12.44 -23.91
N LYS A 161 14.12 11.23 -23.40
CA LYS A 161 13.59 10.12 -24.20
C LYS A 161 13.15 8.97 -23.31
N GLU A 162 14.12 8.24 -22.77
CA GLU A 162 13.84 7.10 -21.90
C GLU A 162 13.79 7.54 -20.43
N TRP A 163 12.69 7.22 -19.76
CA TRP A 163 12.54 7.58 -18.35
C TRP A 163 12.72 6.36 -17.45
N LEU A 164 12.19 5.23 -17.89
CA LEU A 164 12.31 3.99 -17.11
C LEU A 164 11.67 4.15 -15.73
N ARG A 165 10.70 5.04 -15.63
CA ARG A 165 10.01 5.28 -14.36
C ARG A 165 8.94 4.23 -14.12
N THR A 166 8.41 3.66 -15.20
CA THR A 166 7.39 2.63 -15.09
C THR A 166 7.82 1.52 -14.15
N LYS A 167 9.12 1.32 -14.04
CA LYS A 167 9.66 0.28 -13.17
C LYS A 167 9.44 0.63 -11.70
N THR A 168 10.15 1.64 -11.22
CA THR A 168 10.03 2.07 -9.84
C THR A 168 8.56 2.25 -9.44
N ILE A 169 7.80 2.90 -10.31
CA ILE A 169 6.38 3.14 -10.05
C ILE A 169 5.62 1.82 -9.92
N GLN A 170 5.87 0.91 -10.84
CA GLN A 170 5.21 -0.40 -10.84
C GLN A 170 5.56 -1.17 -9.57
N PHE A 171 6.76 -0.94 -9.06
CA PHE A 171 7.22 -1.62 -7.85
C PHE A 171 6.47 -1.11 -6.63
N ILE A 172 6.52 0.20 -6.42
CA ILE A 172 5.84 0.82 -5.28
C ILE A 172 4.34 0.54 -5.32
N LEU A 173 3.78 0.52 -6.52
CA LEU A 173 2.35 0.26 -6.69
C LEU A 173 2.00 -1.18 -6.31
N LYS A 174 2.67 -2.14 -6.94
CA LYS A 174 2.44 -3.54 -6.65
C LYS A 174 2.74 -3.87 -5.19
N SER A 175 3.90 -3.40 -4.72
CA SER A 175 4.31 -3.65 -3.34
C SER A 175 3.28 -3.08 -2.37
N LEU A 176 2.83 -1.85 -2.62
CA LEU A 176 1.86 -1.20 -1.77
C LEU A 176 0.57 -2.02 -1.68
N GLU A 177 -0.01 -2.33 -2.83
CA GLU A 177 -1.24 -3.11 -2.89
C GLU A 177 -1.09 -4.40 -2.10
N GLU A 178 -0.10 -5.20 -2.47
CA GLU A 178 0.15 -6.47 -1.79
C GLU A 178 0.32 -6.26 -0.29
N PHE A 179 1.16 -5.31 0.09
CA PHE A 179 1.41 -5.02 1.49
C PHE A 179 0.10 -4.74 2.22
N LEU A 180 -0.76 -3.93 1.61
CA LEU A 180 -2.04 -3.57 2.20
C LEU A 180 -2.90 -4.82 2.43
N LYS A 181 -3.00 -5.65 1.40
CA LYS A 181 -3.79 -6.88 1.49
C LYS A 181 -3.32 -7.73 2.66
N VAL A 182 -2.01 -7.96 2.75
CA VAL A 182 -1.45 -8.76 3.83
C VAL A 182 -1.78 -8.17 5.19
N THR A 183 -1.59 -6.86 5.33
CA THR A 183 -1.88 -6.17 6.58
C THR A 183 -3.32 -6.39 7.01
N LEU A 184 -4.24 -6.28 6.05
CA LEU A 184 -5.66 -6.46 6.33
C LEU A 184 -5.94 -7.88 6.82
N ARG A 185 -5.47 -8.87 6.07
CA ARG A 185 -5.67 -10.27 6.42
C ARG A 185 -5.02 -10.58 7.77
N SER A 186 -3.91 -9.91 8.06
CA SER A 186 -3.20 -10.12 9.32
C SER A 186 -4.03 -9.62 10.50
N THR A 187 -4.50 -8.38 10.41
CA THR A 187 -5.30 -7.79 11.46
C THR A 187 -6.65 -8.49 11.60
N ARG A 188 -7.08 -9.12 10.52
CA ARG A 188 -8.36 -9.84 10.51
C ARG A 188 -8.21 -11.22 11.13
N GLN A 189 -7.00 -11.76 11.06
CA GLN A 189 -6.73 -13.08 11.62
C GLN A 189 -7.87 -14.04 11.31
N THR A 190 -7.82 -14.66 10.14
CA THR A 190 -8.85 -15.61 9.71
C THR A 190 -8.37 -17.04 9.87
N SER A 7 4.57 -21.26 -4.00
CA SER A 7 3.93 -20.32 -4.91
C SER A 7 2.42 -20.57 -4.99
N GLN A 8 1.79 -20.67 -3.82
CA GLN A 8 0.36 -20.91 -3.75
C GLN A 8 -0.43 -19.60 -3.81
N VAL A 9 -0.67 -19.11 -5.02
CA VAL A 9 -1.40 -17.87 -5.21
C VAL A 9 -2.88 -18.05 -4.90
N ARG A 10 -3.51 -17.00 -4.39
CA ARG A 10 -4.93 -17.05 -4.05
C ARG A 10 -5.68 -15.90 -4.71
N ARG A 11 -6.96 -16.10 -4.97
CA ARG A 11 -7.80 -15.09 -5.59
C ARG A 11 -8.27 -14.07 -4.55
N GLY A 12 -9.02 -13.06 -5.02
CA GLY A 12 -9.52 -12.04 -4.12
C GLY A 12 -10.56 -11.16 -4.78
N ASP A 13 -10.33 -10.81 -6.05
CA ASP A 13 -11.26 -9.97 -6.79
C ASP A 13 -11.50 -8.65 -6.06
N PHE A 14 -12.36 -7.80 -6.63
CA PHE A 14 -12.67 -6.51 -6.04
C PHE A 14 -14.17 -6.37 -5.82
N THR A 15 -14.53 -5.71 -4.72
CA THR A 15 -15.93 -5.50 -4.38
C THR A 15 -16.24 -4.02 -4.18
N GLU A 16 -15.28 -3.30 -3.60
CA GLU A 16 -15.45 -1.87 -3.35
C GLU A 16 -16.59 -1.63 -2.38
N ASP A 17 -16.61 -0.44 -1.78
CA ASP A 17 -17.65 -0.06 -0.82
C ASP A 17 -17.45 1.35 -0.32
N THR A 18 -18.04 2.32 -1.02
CA THR A 18 -17.92 3.72 -0.63
C THR A 18 -18.58 3.99 0.71
N THR A 19 -18.17 5.07 1.36
CA THR A 19 -18.73 5.43 2.67
C THR A 19 -18.97 6.93 2.76
N PRO A 20 -19.84 7.33 3.69
CA PRO A 20 -20.17 8.74 3.92
C PRO A 20 -19.02 9.53 4.52
N ASN A 21 -19.30 10.76 4.93
CA ASN A 21 -18.28 11.62 5.53
C ASN A 21 -18.32 11.53 7.04
N ARG A 22 -18.70 10.37 7.55
CA ARG A 22 -18.78 10.15 9.00
C ARG A 22 -17.75 9.12 9.45
N PRO A 23 -16.47 9.55 9.49
CA PRO A 23 -15.38 8.68 9.91
C PRO A 23 -15.42 8.34 11.40
N VAL A 24 -15.70 7.09 11.71
CA VAL A 24 -15.77 6.65 13.10
C VAL A 24 -14.55 5.82 13.47
N TYR A 25 -13.72 5.52 12.48
CA TYR A 25 -12.52 4.73 12.71
C TYR A 25 -12.87 3.31 13.17
N THR A 26 -14.05 2.85 12.77
CA THR A 26 -14.51 1.52 13.14
C THR A 26 -14.16 0.50 12.06
N THR A 27 -14.35 -0.78 12.39
CA THR A 27 -14.05 -1.85 11.44
C THR A 27 -14.72 -1.60 10.09
N SER A 28 -15.98 -1.18 10.13
CA SER A 28 -16.73 -0.91 8.91
C SER A 28 -15.98 0.07 8.03
N GLN A 29 -15.59 1.20 8.61
CA GLN A 29 -14.86 2.22 7.86
C GLN A 29 -13.54 1.67 7.32
N VAL A 30 -12.88 0.82 8.10
CA VAL A 30 -11.62 0.22 7.69
C VAL A 30 -11.82 -0.71 6.50
N GLY A 31 -12.79 -1.62 6.61
CA GLY A 31 -13.05 -2.55 5.54
C GLY A 31 -13.40 -1.85 4.23
N GLY A 32 -14.36 -0.94 4.29
CA GLY A 32 -14.76 -0.21 3.10
C GLY A 32 -13.66 0.65 2.54
N LEU A 33 -12.90 1.29 3.43
CA LEU A 33 -11.80 2.15 3.01
C LEU A 33 -10.69 1.34 2.36
N ILE A 34 -10.23 0.31 3.05
CA ILE A 34 -9.17 -0.55 2.54
C ILE A 34 -9.55 -1.14 1.18
N THR A 35 -10.79 -1.58 1.06
CA THR A 35 -11.27 -2.16 -0.20
C THR A 35 -11.27 -1.13 -1.32
N HIS A 36 -11.74 0.08 -1.01
CA HIS A 36 -11.79 1.15 -2.00
C HIS A 36 -10.39 1.44 -2.55
N VAL A 37 -9.45 1.73 -1.65
CA VAL A 37 -8.08 2.02 -2.05
C VAL A 37 -7.45 0.85 -2.78
N LEU A 38 -7.81 -0.37 -2.36
CA LEU A 38 -7.28 -1.58 -2.99
C LEU A 38 -7.64 -1.63 -4.46
N TRP A 39 -8.91 -1.38 -4.78
CA TRP A 39 -9.37 -1.40 -6.16
C TRP A 39 -8.76 -0.25 -6.95
N GLU A 40 -8.67 0.92 -6.33
CA GLU A 40 -8.10 2.10 -6.98
C GLU A 40 -6.65 1.85 -7.38
N ILE A 41 -5.90 1.25 -6.47
CA ILE A 41 -4.49 0.95 -6.72
C ILE A 41 -4.34 -0.09 -7.82
N VAL A 42 -5.08 -1.18 -7.70
CA VAL A 42 -5.03 -2.25 -8.69
C VAL A 42 -5.33 -1.72 -10.10
N GLU A 43 -6.33 -0.86 -10.19
CA GLU A 43 -6.73 -0.28 -11.47
C GLU A 43 -5.65 0.67 -11.98
N MET A 44 -5.14 1.50 -11.09
CA MET A 44 -4.10 2.46 -11.46
C MET A 44 -2.82 1.74 -11.88
N ARG A 45 -2.57 0.59 -11.28
CA ARG A 45 -1.38 -0.19 -11.58
C ARG A 45 -1.51 -0.87 -12.94
N LYS A 46 -2.62 -1.57 -13.15
CA LYS A 46 -2.87 -2.26 -14.40
C LYS A 46 -3.09 -1.27 -15.54
N GLU A 47 -3.60 -0.09 -15.20
CA GLU A 47 -3.87 0.95 -16.19
C GLU A 47 -2.57 1.42 -16.83
N LEU A 48 -1.53 1.55 -16.02
CA LEU A 48 -0.22 1.99 -16.50
C LEU A 48 0.24 1.14 -17.68
N CYS A 49 -0.20 -0.11 -17.71
CA CYS A 49 0.16 -1.03 -18.78
C CYS A 49 -0.94 -1.10 -19.84
N ASN A 50 -1.59 0.03 -20.09
CA ASN A 50 -2.67 0.09 -21.07
C ASN A 50 -3.77 -0.91 -20.73
N GLY A 51 -3.95 -1.17 -19.45
CA GLY A 51 -4.97 -2.10 -19.02
C GLY A 51 -4.76 -3.49 -19.57
N ASN A 52 -3.52 -3.97 -19.52
CA ASN A 52 -3.19 -5.30 -20.02
C ASN A 52 -3.30 -6.35 -18.93
N SER A 53 -4.30 -7.22 -19.04
CA SER A 53 -4.52 -8.28 -18.06
C SER A 53 -3.27 -9.15 -17.91
N ASP A 54 -2.52 -9.27 -18.99
CA ASP A 54 -1.31 -10.08 -19.00
C ASP A 54 -0.19 -9.39 -18.21
N CYS A 55 -0.13 -8.07 -18.32
CA CYS A 55 0.89 -7.29 -17.62
C CYS A 55 0.82 -7.54 -16.12
N MET A 56 -0.36 -7.91 -15.64
CA MET A 56 -0.54 -8.18 -14.22
C MET A 56 0.32 -9.36 -13.77
N ASN A 57 0.34 -10.41 -14.57
CA ASN A 57 1.12 -11.61 -14.26
C ASN A 57 2.21 -11.82 -15.30
N ASN A 58 2.77 -10.72 -15.80
CA ASN A 58 3.84 -10.80 -16.80
C ASN A 58 5.20 -10.94 -16.13
N ASP A 59 5.64 -9.87 -15.47
CA ASP A 59 6.93 -9.86 -14.79
C ASP A 59 6.77 -9.52 -13.32
N ASP A 60 5.59 -9.83 -12.77
CA ASP A 60 5.30 -9.56 -11.37
C ASP A 60 5.92 -10.62 -10.47
N ALA A 61 6.11 -11.82 -11.02
CA ALA A 61 6.68 -12.93 -10.26
C ALA A 61 8.02 -12.54 -9.67
N LEU A 62 9.00 -12.28 -10.52
CA LEU A 62 10.33 -11.88 -10.07
C LEU A 62 10.30 -10.54 -9.34
N ALA A 63 9.54 -9.60 -9.89
CA ALA A 63 9.41 -8.28 -9.30
C ALA A 63 8.99 -8.38 -7.84
N GLU A 64 8.08 -9.30 -7.55
CA GLU A 64 7.59 -9.49 -6.19
C GLU A 64 8.69 -10.04 -5.29
N ASN A 65 9.61 -10.80 -5.88
CA ASN A 65 10.71 -11.39 -5.12
C ASN A 65 12.01 -10.65 -5.41
N ASN A 66 11.92 -9.35 -5.66
CA ASN A 66 13.09 -8.53 -5.94
C ASN A 66 12.88 -7.10 -5.47
N LEU A 67 12.03 -6.94 -4.45
CA LEU A 67 11.75 -5.63 -3.90
C LEU A 67 12.65 -5.34 -2.70
N LYS A 68 13.23 -4.13 -2.67
CA LYS A 68 14.11 -3.73 -1.59
C LYS A 68 13.30 -3.38 -0.34
N LEU A 69 12.04 -3.04 -0.53
CA LEU A 69 11.17 -2.68 0.58
C LEU A 69 10.67 -3.93 1.30
N PRO A 70 10.32 -3.78 2.58
CA PRO A 70 9.82 -4.89 3.42
C PRO A 70 8.43 -5.34 2.99
N GLU A 71 8.16 -6.63 3.17
CA GLU A 71 6.85 -7.19 2.80
C GLU A 71 6.48 -8.33 3.73
N ILE A 72 5.31 -8.21 4.37
CA ILE A 72 4.83 -9.24 5.29
C ILE A 72 4.87 -10.62 4.64
N GLN A 73 5.39 -11.59 5.37
CA GLN A 73 5.48 -12.96 4.87
C GLN A 73 4.28 -13.79 5.32
N ARG A 74 4.29 -15.07 4.97
CA ARG A 74 3.20 -15.96 5.34
C ARG A 74 3.75 -17.29 5.87
N ASN A 75 3.10 -17.81 6.91
CA ASN A 75 3.53 -19.07 7.52
C ASN A 75 2.34 -19.79 8.16
N ASP A 76 1.45 -20.31 7.33
CA ASP A 76 0.28 -21.03 7.81
C ASP A 76 -0.70 -20.06 8.49
N GLY A 77 -0.37 -19.65 9.72
CA GLY A 77 -1.22 -18.73 10.44
C GLY A 77 -0.44 -17.76 11.30
N CYS A 78 -1.15 -16.86 11.98
CA CYS A 78 -0.51 -15.86 12.82
C CYS A 78 -0.64 -16.25 14.29
N TYR A 79 -0.77 -17.53 14.56
CA TYR A 79 -0.91 -18.03 15.93
C TYR A 79 0.45 -18.37 16.52
N GLN A 80 1.39 -18.71 15.66
CA GLN A 80 2.74 -19.06 16.10
C GLN A 80 3.31 -17.97 17.01
N THR A 81 4.40 -18.30 17.72
CA THR A 81 5.03 -17.35 18.62
C THR A 81 5.36 -16.04 17.90
N GLY A 82 6.20 -16.12 16.87
CA GLY A 82 6.57 -14.94 16.13
C GLY A 82 7.83 -14.27 16.67
N TYR A 83 7.92 -14.20 18.00
CA TYR A 83 9.08 -13.58 18.64
C TYR A 83 9.25 -12.14 18.18
N ASN A 84 8.38 -11.26 18.65
CA ASN A 84 8.44 -9.84 18.28
C ASN A 84 7.76 -8.99 19.34
N GLN A 85 6.59 -9.41 19.80
CA GLN A 85 5.85 -8.68 20.82
C GLN A 85 4.68 -9.50 21.34
N GLU A 86 3.89 -10.06 20.42
CA GLU A 86 2.74 -10.87 20.80
C GLU A 86 2.62 -12.09 19.88
N ILE A 87 2.44 -11.85 18.59
CA ILE A 87 2.30 -12.92 17.61
C ILE A 87 2.74 -12.47 16.23
N CYS A 88 2.37 -11.24 15.87
CA CYS A 88 2.72 -10.69 14.57
C CYS A 88 2.19 -9.26 14.42
N LEU A 89 3.10 -8.29 14.43
CA LEU A 89 2.73 -6.89 14.29
C LEU A 89 3.96 -6.00 14.16
N LEU A 90 3.76 -4.70 14.23
CA LEU A 90 4.86 -3.74 14.12
C LEU A 90 5.53 -3.84 12.75
N LYS A 91 6.42 -2.90 12.47
CA LYS A 91 7.14 -2.88 11.20
C LYS A 91 6.17 -2.69 10.03
N ILE A 92 5.12 -1.91 10.27
CA ILE A 92 4.13 -1.64 9.23
C ILE A 92 4.05 -0.16 8.92
N SER A 93 4.28 0.67 9.93
CA SER A 93 4.24 2.12 9.76
C SER A 93 5.28 2.58 8.75
N SER A 94 6.45 1.95 8.78
CA SER A 94 7.54 2.30 7.87
C SER A 94 7.12 2.08 6.42
N GLY A 95 6.62 0.89 6.13
CA GLY A 95 6.19 0.56 4.78
C GLY A 95 5.11 1.50 4.28
N LEU A 96 4.06 1.66 5.08
CA LEU A 96 2.95 2.53 4.71
C LEU A 96 3.43 3.95 4.44
N LEU A 97 4.22 4.49 5.36
CA LEU A 97 4.76 5.84 5.22
C LEU A 97 5.50 5.99 3.90
N GLU A 98 6.40 5.05 3.62
CA GLU A 98 7.19 5.08 2.40
C GLU A 98 6.27 5.13 1.17
N TYR A 99 5.27 4.26 1.14
CA TYR A 99 4.34 4.20 0.03
C TYR A 99 3.64 5.54 -0.16
N HIS A 100 3.22 6.14 0.96
CA HIS A 100 2.53 7.42 0.91
C HIS A 100 3.40 8.49 0.27
N SER A 101 4.67 8.54 0.68
CA SER A 101 5.60 9.52 0.14
C SER A 101 5.84 9.29 -1.35
N TYR A 102 5.92 8.01 -1.74
CA TYR A 102 6.14 7.66 -3.14
C TYR A 102 4.98 8.14 -4.01
N LEU A 103 3.79 7.60 -3.77
CA LEU A 103 2.61 7.97 -4.53
C LEU A 103 2.41 9.48 -4.51
N GLU A 104 2.68 10.10 -3.36
CA GLU A 104 2.53 11.54 -3.22
C GLU A 104 3.49 12.29 -4.14
N TYR A 105 4.72 11.78 -4.24
CA TYR A 105 5.74 12.41 -5.07
C TYR A 105 5.35 12.33 -6.55
N MET A 106 5.02 11.12 -7.01
CA MET A 106 4.62 10.91 -8.40
C MET A 106 3.30 11.61 -8.69
N LYS A 107 2.48 11.78 -7.66
CA LYS A 107 1.18 12.43 -7.82
C LYS A 107 1.35 13.86 -8.31
N ASN A 108 2.44 14.49 -7.90
CA ASN A 108 2.72 15.88 -8.29
C ASN A 108 2.82 15.99 -9.81
N ASN A 109 3.54 15.06 -10.43
CA ASN A 109 3.72 15.06 -11.88
C ASN A 109 3.23 13.75 -12.48
N LEU A 110 1.97 13.75 -12.93
CA LEU A 110 1.38 12.57 -13.53
C LEU A 110 0.35 12.95 -14.59
N LYS A 111 -0.24 11.95 -15.23
CA LYS A 111 -1.24 12.18 -16.26
C LYS A 111 -2.59 12.53 -15.63
N ASP A 112 -3.61 12.69 -16.48
CA ASP A 112 -4.94 13.03 -16.01
C ASP A 112 -5.52 11.90 -15.16
N ASN A 113 -5.48 10.68 -15.70
CA ASN A 113 -6.01 9.53 -14.99
C ASN A 113 -5.17 9.21 -13.75
N LYS A 114 -3.86 9.12 -13.94
CA LYS A 114 -2.94 8.82 -12.85
C LYS A 114 -3.11 9.83 -11.72
N LYS A 115 -3.43 11.07 -12.08
CA LYS A 115 -3.63 12.13 -11.10
C LYS A 115 -4.92 11.91 -10.31
N ASP A 116 -6.02 11.74 -11.03
CA ASP A 116 -7.32 11.52 -10.40
C ASP A 116 -7.26 10.34 -9.43
N LYS A 117 -6.53 9.30 -9.82
CA LYS A 117 -6.39 8.11 -8.99
C LYS A 117 -5.36 8.33 -7.89
N ALA A 118 -4.35 9.12 -8.19
CA ALA A 118 -3.29 9.42 -7.22
C ALA A 118 -3.87 10.11 -5.99
N ARG A 119 -4.68 11.13 -6.21
CA ARG A 119 -5.29 11.87 -5.11
C ARG A 119 -6.06 10.94 -4.19
N VAL A 120 -6.91 10.10 -4.78
CA VAL A 120 -7.71 9.16 -4.01
C VAL A 120 -6.82 8.20 -3.23
N LEU A 121 -5.76 7.73 -3.87
CA LEU A 121 -4.83 6.80 -3.24
C LEU A 121 -4.16 7.44 -2.03
N GLN A 122 -3.64 8.65 -2.21
CA GLN A 122 -2.97 9.37 -1.14
C GLN A 122 -3.92 9.56 0.05
N ARG A 123 -5.08 10.13 -0.21
CA ARG A 123 -6.06 10.36 0.84
C ARG A 123 -6.37 9.08 1.60
N ASP A 124 -6.69 8.02 0.86
CA ASP A 124 -7.01 6.73 1.46
C ASP A 124 -5.87 6.27 2.37
N THR A 125 -4.66 6.26 1.83
CA THR A 125 -3.49 5.84 2.59
C THR A 125 -3.38 6.59 3.92
N GLU A 126 -3.56 7.90 3.85
CA GLU A 126 -3.50 8.74 5.05
C GLU A 126 -4.54 8.32 6.08
N THR A 127 -5.76 8.07 5.59
CA THR A 127 -6.85 7.67 6.47
C THR A 127 -6.56 6.33 7.13
N LEU A 128 -6.28 5.31 6.33
CA LEU A 128 -5.98 3.98 6.84
C LEU A 128 -4.83 4.04 7.85
N ILE A 129 -3.73 4.66 7.44
CA ILE A 129 -2.56 4.78 8.31
C ILE A 129 -2.92 5.49 9.62
N HIS A 130 -3.76 6.51 9.51
CA HIS A 130 -4.18 7.28 10.68
C HIS A 130 -4.92 6.38 11.67
N ILE A 131 -5.87 5.60 11.17
CA ILE A 131 -6.64 4.70 12.01
C ILE A 131 -5.77 3.58 12.56
N PHE A 132 -5.07 2.90 11.67
CA PHE A 132 -4.19 1.80 12.06
C PHE A 132 -3.17 2.26 13.09
N ASN A 133 -2.57 3.42 12.84
CA ASN A 133 -1.57 3.98 13.74
C ASN A 133 -2.18 4.28 15.11
N GLN A 134 -3.32 4.96 15.11
CA GLN A 134 -4.00 5.31 16.34
C GLN A 134 -4.23 4.08 17.21
N GLU A 135 -4.78 3.03 16.59
CA GLU A 135 -5.06 1.79 17.30
C GLU A 135 -3.77 1.18 17.87
N VAL A 136 -2.78 1.02 17.01
CA VAL A 136 -1.50 0.46 17.42
C VAL A 136 -0.90 1.25 18.58
N LYS A 137 -0.74 2.55 18.40
CA LYS A 137 -0.18 3.42 19.43
C LYS A 137 -0.95 3.26 20.74
N ASP A 138 -2.27 3.21 20.63
CA ASP A 138 -3.12 3.05 21.81
C ASP A 138 -2.94 1.68 22.45
N LEU A 139 -2.61 0.69 21.62
CA LEU A 139 -2.41 -0.67 22.10
C LEU A 139 -1.06 -0.81 22.78
N HIS A 140 0.00 -0.51 22.05
CA HIS A 140 1.36 -0.60 22.59
C HIS A 140 2.12 0.71 22.38
N LYS A 141 2.55 0.95 21.15
CA LYS A 141 3.29 2.16 20.82
C LYS A 141 3.66 2.20 19.34
N ILE A 142 4.41 3.23 18.95
CA ILE A 142 4.83 3.37 17.56
C ILE A 142 6.01 4.33 17.45
N VAL A 143 6.91 4.03 16.52
CA VAL A 143 8.09 4.87 16.31
C VAL A 143 8.28 5.18 14.82
N LEU A 144 9.39 5.84 14.50
CA LEU A 144 9.69 6.19 13.12
C LEU A 144 8.61 7.09 12.53
N PRO A 145 8.94 8.38 12.36
CA PRO A 145 8.01 9.38 11.81
C PRO A 145 7.73 9.14 10.33
N THR A 146 8.79 8.97 9.55
CA THR A 146 8.66 8.74 8.11
C THR A 146 10.03 8.61 7.46
N PRO A 147 10.11 7.78 6.40
CA PRO A 147 11.34 7.56 5.66
C PRO A 147 11.77 8.78 4.85
N ILE A 148 12.94 8.69 4.22
CA ILE A 148 13.46 9.79 3.42
C ILE A 148 13.68 9.36 1.98
N SER A 149 12.85 8.43 1.51
CA SER A 149 12.96 7.93 0.15
C SER A 149 12.56 9.00 -0.86
N ASN A 150 11.67 9.90 -0.43
CA ASN A 150 11.21 10.98 -1.30
C ASN A 150 12.38 11.72 -1.94
N ALA A 151 13.37 12.05 -1.13
CA ALA A 151 14.56 12.75 -1.61
C ALA A 151 15.24 11.97 -2.73
N LEU A 152 15.50 10.68 -2.47
CA LEU A 152 16.15 9.81 -3.44
C LEU A 152 15.41 9.85 -4.77
N LEU A 153 14.12 9.53 -4.74
CA LEU A 153 13.31 9.52 -5.95
C LEU A 153 13.42 10.85 -6.70
N THR A 154 13.00 11.92 -6.04
CA THR A 154 13.06 13.26 -6.64
C THR A 154 14.46 13.54 -7.20
N ASP A 155 15.47 13.00 -6.55
CA ASP A 155 16.85 13.19 -6.98
C ASP A 155 17.04 12.70 -8.41
N LYS A 156 16.40 11.59 -8.74
CA LYS A 156 16.49 11.00 -10.07
C LYS A 156 15.59 11.73 -11.05
N LEU A 157 15.84 11.52 -12.34
CA LEU A 157 15.05 12.16 -13.39
C LEU A 157 15.22 11.45 -14.72
N GLU A 158 16.47 11.30 -15.14
CA GLU A 158 16.77 10.62 -16.41
C GLU A 158 16.17 11.38 -17.59
N SER A 159 16.44 10.89 -18.79
CA SER A 159 15.92 11.53 -20.00
C SER A 159 14.41 11.34 -20.12
N GLN A 160 13.74 12.34 -20.66
CA GLN A 160 12.29 12.30 -20.83
C GLN A 160 11.90 11.38 -21.98
N LYS A 161 10.61 11.35 -22.30
CA LYS A 161 10.11 10.52 -23.38
C LYS A 161 10.43 9.05 -23.13
N GLU A 162 9.97 8.19 -24.03
CA GLU A 162 10.21 6.76 -23.92
C GLU A 162 9.67 6.22 -22.59
N TRP A 163 9.94 4.95 -22.31
CA TRP A 163 9.47 4.32 -21.08
C TRP A 163 10.63 4.10 -20.12
N LEU A 164 10.38 4.29 -18.82
CA LEU A 164 11.40 4.11 -17.80
C LEU A 164 10.82 4.30 -16.41
N ARG A 165 10.13 5.42 -16.20
CA ARG A 165 9.52 5.72 -14.92
C ARG A 165 8.52 4.63 -14.52
N THR A 166 7.96 3.96 -15.52
CA THR A 166 6.99 2.90 -15.28
C THR A 166 7.55 1.86 -14.32
N LYS A 167 8.87 1.75 -14.27
CA LYS A 167 9.53 0.79 -13.40
C LYS A 167 9.37 1.18 -11.94
N THR A 168 10.04 2.26 -11.54
CA THR A 168 9.98 2.74 -10.17
C THR A 168 8.53 2.89 -9.71
N ILE A 169 7.70 3.47 -10.56
CA ILE A 169 6.29 3.66 -10.25
C ILE A 169 5.60 2.33 -9.98
N GLN A 170 5.80 1.38 -10.88
CA GLN A 170 5.19 0.06 -10.75
C GLN A 170 5.65 -0.62 -9.46
N PHE A 171 6.89 -0.33 -9.06
CA PHE A 171 7.46 -0.93 -7.86
C PHE A 171 6.74 -0.40 -6.61
N ILE A 172 6.71 0.93 -6.48
CA ILE A 172 6.06 1.56 -5.33
C ILE A 172 4.57 1.25 -5.30
N LEU A 173 3.95 1.22 -6.48
CA LEU A 173 2.53 0.93 -6.58
C LEU A 173 2.23 -0.52 -6.24
N LYS A 174 2.84 -1.44 -6.98
CA LYS A 174 2.66 -2.86 -6.75
C LYS A 174 3.01 -3.23 -5.31
N SER A 175 3.97 -2.52 -4.74
CA SER A 175 4.40 -2.76 -3.37
C SER A 175 3.32 -2.35 -2.37
N LEU A 176 2.85 -1.11 -2.51
CA LEU A 176 1.81 -0.59 -1.62
C LEU A 176 0.57 -1.48 -1.66
N GLU A 177 0.16 -1.86 -2.85
CA GLU A 177 -1.01 -2.70 -3.03
C GLU A 177 -0.82 -4.05 -2.34
N GLU A 178 0.29 -4.70 -2.66
CA GLU A 178 0.60 -6.00 -2.07
C GLU A 178 0.65 -5.92 -0.55
N PHE A 179 1.18 -4.81 -0.04
CA PHE A 179 1.29 -4.60 1.40
C PHE A 179 -0.07 -4.30 2.01
N LEU A 180 -0.95 -3.69 1.22
CA LEU A 180 -2.29 -3.35 1.68
C LEU A 180 -3.17 -4.59 1.78
N LYS A 181 -3.18 -5.38 0.71
CA LYS A 181 -3.98 -6.60 0.67
C LYS A 181 -3.53 -7.57 1.76
N VAL A 182 -2.22 -7.75 1.88
CA VAL A 182 -1.67 -8.66 2.88
C VAL A 182 -1.92 -8.14 4.29
N THR A 183 -1.80 -6.82 4.47
CA THR A 183 -2.02 -6.20 5.77
C THR A 183 -3.48 -6.34 6.21
N LEU A 184 -4.38 -6.25 5.23
CA LEU A 184 -5.81 -6.36 5.51
C LEU A 184 -6.19 -7.79 5.88
N ARG A 185 -5.74 -8.74 5.07
CA ARG A 185 -6.03 -10.14 5.30
C ARG A 185 -5.31 -10.65 6.55
N SER A 186 -4.18 -10.03 6.86
CA SER A 186 -3.41 -10.42 8.04
C SER A 186 -4.06 -9.92 9.32
N THR A 187 -4.37 -8.62 9.36
CA THR A 187 -5.00 -8.02 10.52
C THR A 187 -6.38 -8.61 10.77
N ARG A 188 -7.00 -9.12 9.71
CA ARG A 188 -8.32 -9.72 9.80
C ARG A 188 -8.27 -11.06 10.52
N GLN A 189 -9.44 -11.65 10.75
CA GLN A 189 -9.53 -12.94 11.43
C GLN A 189 -10.06 -14.02 10.49
N THR A 190 -10.72 -13.59 9.43
CA THR A 190 -11.29 -14.52 8.45
C THR A 190 -10.24 -14.95 7.43
N SER A 7 -6.82 -16.48 -2.22
CA SER A 7 -8.09 -17.16 -2.47
C SER A 7 -9.26 -16.32 -1.96
N GLN A 8 -10.45 -16.64 -2.45
CA GLN A 8 -11.65 -15.90 -2.06
C GLN A 8 -11.56 -14.44 -2.46
N VAL A 9 -12.26 -14.08 -3.53
CA VAL A 9 -12.26 -12.71 -4.02
C VAL A 9 -13.66 -12.27 -4.42
N ARG A 10 -13.97 -11.00 -4.16
CA ARG A 10 -15.28 -10.45 -4.50
C ARG A 10 -15.16 -8.99 -4.95
N ARG A 11 -16.01 -8.60 -5.89
CA ARG A 11 -16.00 -7.23 -6.41
C ARG A 11 -17.10 -6.40 -5.76
N GLY A 12 -17.19 -5.13 -6.15
CA GLY A 12 -18.19 -4.26 -5.60
C GLY A 12 -17.61 -2.94 -5.10
N ASP A 13 -16.35 -2.97 -4.70
CA ASP A 13 -15.68 -1.78 -4.19
C ASP A 13 -16.60 -0.96 -3.31
N PHE A 14 -17.16 -1.60 -2.29
CA PHE A 14 -18.07 -0.92 -1.37
C PHE A 14 -19.33 -0.46 -2.10
N THR A 15 -20.38 -0.20 -1.33
CA THR A 15 -21.65 0.25 -1.90
C THR A 15 -21.57 1.71 -2.35
N GLU A 16 -20.82 2.51 -1.60
CA GLU A 16 -20.67 3.92 -1.91
C GLU A 16 -19.20 4.26 -2.14
N ASP A 17 -18.90 5.56 -2.24
CA ASP A 17 -17.53 6.02 -2.45
C ASP A 17 -17.35 7.44 -1.93
N THR A 18 -17.75 7.65 -0.67
CA THR A 18 -17.63 8.97 -0.05
C THR A 18 -18.18 8.94 1.37
N THR A 19 -17.59 9.76 2.24
CA THR A 19 -18.02 9.84 3.63
C THR A 19 -18.06 11.29 4.12
N PRO A 20 -18.81 11.53 5.20
CA PRO A 20 -18.95 12.87 5.78
C PRO A 20 -17.67 13.34 6.45
N ASN A 21 -17.75 14.46 7.18
CA ASN A 21 -16.60 15.01 7.86
C ASN A 21 -16.58 14.57 9.32
N ARG A 22 -17.16 13.40 9.59
CA ARG A 22 -17.19 12.86 10.94
C ARG A 22 -16.90 11.37 10.95
N PRO A 23 -15.61 11.02 10.74
CA PRO A 23 -15.17 9.63 10.71
C PRO A 23 -15.22 8.97 12.08
N VAL A 24 -15.97 7.87 12.18
CA VAL A 24 -16.10 7.15 13.44
C VAL A 24 -14.92 6.21 13.67
N TYR A 25 -14.23 5.87 12.58
CA TYR A 25 -13.07 4.98 12.67
C TYR A 25 -13.49 3.59 13.15
N THR A 26 -14.55 3.05 12.57
CA THR A 26 -15.04 1.74 12.95
C THR A 26 -14.55 0.66 11.99
N THR A 27 -14.64 -0.60 12.41
CA THR A 27 -14.19 -1.72 11.60
C THR A 27 -14.80 -1.66 10.21
N SER A 28 -16.11 -1.42 10.14
CA SER A 28 -16.81 -1.35 8.87
C SER A 28 -16.12 -0.38 7.93
N GLN A 29 -15.87 0.83 8.41
CA GLN A 29 -15.21 1.86 7.62
C GLN A 29 -13.83 1.40 7.16
N VAL A 30 -13.12 0.71 8.05
CA VAL A 30 -11.79 0.20 7.75
C VAL A 30 -11.82 -0.79 6.59
N GLY A 31 -12.66 -1.82 6.73
CA GLY A 31 -12.77 -2.82 5.69
C GLY A 31 -13.15 -2.23 4.36
N GLY A 32 -14.23 -1.45 4.34
CA GLY A 32 -14.69 -0.84 3.10
C GLY A 32 -13.63 0.04 2.47
N LEU A 33 -12.92 0.80 3.30
CA LEU A 33 -11.87 1.69 2.81
C LEU A 33 -10.73 0.90 2.17
N ILE A 34 -10.26 -0.12 2.87
CA ILE A 34 -9.17 -0.96 2.38
C ILE A 34 -9.53 -1.57 1.02
N THR A 35 -10.77 -2.02 0.89
CA THR A 35 -11.23 -2.61 -0.36
C THR A 35 -11.26 -1.58 -1.49
N HIS A 36 -11.78 -0.39 -1.18
CA HIS A 36 -11.86 0.68 -2.16
C HIS A 36 -10.48 1.03 -2.70
N VAL A 37 -9.55 1.34 -1.80
CA VAL A 37 -8.20 1.70 -2.18
C VAL A 37 -7.53 0.57 -2.95
N LEU A 38 -7.82 -0.67 -2.54
CA LEU A 38 -7.25 -1.84 -3.19
C LEU A 38 -7.62 -1.89 -4.67
N TRP A 39 -8.90 -1.70 -4.96
CA TRP A 39 -9.39 -1.72 -6.33
C TRP A 39 -8.81 -0.56 -7.13
N GLU A 40 -8.78 0.62 -6.52
CA GLU A 40 -8.25 1.81 -7.17
C GLU A 40 -6.79 1.61 -7.55
N ILE A 41 -6.01 1.08 -6.62
CA ILE A 41 -4.59 0.83 -6.86
C ILE A 41 -4.38 -0.17 -7.98
N VAL A 42 -5.16 -1.25 -7.96
CA VAL A 42 -5.06 -2.29 -8.98
C VAL A 42 -5.33 -1.72 -10.37
N GLU A 43 -6.40 -0.92 -10.48
CA GLU A 43 -6.76 -0.30 -11.75
C GLU A 43 -5.72 0.73 -12.18
N MET A 44 -5.28 1.55 -11.24
CA MET A 44 -4.28 2.57 -11.52
C MET A 44 -2.95 1.94 -11.91
N ARG A 45 -2.66 0.78 -11.34
CA ARG A 45 -1.42 0.06 -11.63
C ARG A 45 -1.44 -0.53 -13.03
N LYS A 46 -2.51 -1.27 -13.33
CA LYS A 46 -2.65 -1.91 -14.63
C LYS A 46 -2.90 -0.86 -15.72
N GLU A 47 -3.49 0.25 -15.34
CA GLU A 47 -3.78 1.33 -16.27
C GLU A 47 -2.52 1.76 -17.02
N LEU A 48 -1.39 1.76 -16.30
CA LEU A 48 -0.12 2.15 -16.89
C LEU A 48 0.19 1.31 -18.12
N CYS A 49 -0.23 0.05 -18.09
CA CYS A 49 0.00 -0.85 -19.22
C CYS A 49 -1.22 -0.91 -20.13
N ASN A 50 -1.84 0.24 -20.36
CA ASN A 50 -3.01 0.32 -21.22
C ASN A 50 -4.11 -0.63 -20.74
N GLY A 51 -4.13 -0.88 -19.43
CA GLY A 51 -5.13 -1.78 -18.87
C GLY A 51 -4.95 -3.20 -19.33
N ASN A 52 -3.69 -3.65 -19.39
CA ASN A 52 -3.40 -5.01 -19.83
C ASN A 52 -3.25 -5.95 -18.63
N SER A 53 -4.22 -6.86 -18.47
CA SER A 53 -4.20 -7.80 -17.37
C SER A 53 -2.90 -8.59 -17.34
N ASP A 54 -2.30 -8.77 -18.51
CA ASP A 54 -1.04 -9.50 -18.63
C ASP A 54 0.06 -8.82 -17.85
N CYS A 55 0.07 -7.49 -17.90
CA CYS A 55 1.08 -6.70 -17.18
C CYS A 55 1.10 -7.06 -15.70
N MET A 56 -0.05 -7.47 -15.18
CA MET A 56 -0.16 -7.84 -13.78
C MET A 56 0.66 -9.08 -13.48
N ASN A 57 0.48 -10.11 -14.31
CA ASN A 57 1.21 -11.37 -14.12
C ASN A 57 2.37 -11.48 -15.11
N ASN A 58 2.99 -10.34 -15.41
CA ASN A 58 4.11 -10.32 -16.35
C ASN A 58 5.44 -10.55 -15.62
N ASP A 59 5.75 -9.67 -14.67
CA ASP A 59 6.99 -9.79 -13.90
C ASP A 59 6.69 -9.92 -12.42
N ASP A 60 5.62 -10.63 -12.09
CA ASP A 60 5.22 -10.83 -10.69
C ASP A 60 5.61 -12.23 -10.21
N ALA A 61 6.70 -12.76 -10.76
CA ALA A 61 7.17 -14.09 -10.38
C ALA A 61 8.50 -14.01 -9.66
N LEU A 62 9.25 -12.95 -9.92
CA LEU A 62 10.56 -12.76 -9.29
C LEU A 62 10.59 -11.46 -8.48
N ALA A 63 9.88 -10.45 -8.97
CA ALA A 63 9.82 -9.16 -8.30
C ALA A 63 9.33 -9.32 -6.87
N GLU A 64 8.33 -10.17 -6.68
CA GLU A 64 7.77 -10.41 -5.35
C GLU A 64 8.86 -10.79 -4.35
N ASN A 65 9.92 -11.42 -4.87
CA ASN A 65 11.04 -11.84 -4.02
C ASN A 65 12.31 -11.09 -4.39
N ASN A 66 12.16 -9.82 -4.77
CA ASN A 66 13.30 -9.01 -5.15
C ASN A 66 12.99 -7.52 -4.96
N LEU A 67 12.11 -7.22 -4.02
CA LEU A 67 11.72 -5.84 -3.75
C LEU A 67 12.54 -5.27 -2.60
N LYS A 68 13.03 -4.03 -2.79
CA LYS A 68 13.83 -3.37 -1.78
C LYS A 68 12.98 -3.04 -0.54
N LEU A 69 11.68 -2.90 -0.76
CA LEU A 69 10.76 -2.58 0.33
C LEU A 69 10.44 -3.83 1.15
N PRO A 70 10.06 -3.62 2.43
CA PRO A 70 9.73 -4.71 3.35
C PRO A 70 8.41 -5.40 2.97
N GLU A 71 8.26 -6.64 3.39
CA GLU A 71 7.04 -7.40 3.10
C GLU A 71 6.71 -8.35 4.24
N ILE A 72 5.42 -8.52 4.51
CA ILE A 72 4.97 -9.41 5.57
C ILE A 72 5.01 -10.87 5.13
N GLN A 73 5.37 -11.75 6.05
CA GLN A 73 5.44 -13.18 5.75
C GLN A 73 4.42 -13.96 6.58
N ARG A 74 4.04 -15.13 6.08
CA ARG A 74 3.07 -15.97 6.77
C ARG A 74 3.72 -16.71 7.95
N ASN A 75 3.19 -16.49 9.14
CA ASN A 75 3.72 -17.12 10.34
C ASN A 75 2.62 -17.84 11.10
N ASP A 76 2.96 -18.38 12.27
CA ASP A 76 2.01 -19.10 13.10
C ASP A 76 1.98 -18.54 14.52
N GLY A 77 3.17 -18.46 15.14
CA GLY A 77 3.26 -17.96 16.49
C GLY A 77 4.53 -17.14 16.71
N CYS A 78 4.65 -16.57 17.89
CA CYS A 78 5.82 -15.76 18.23
C CYS A 78 6.01 -15.68 19.75
N TYR A 79 5.68 -16.75 20.44
CA TYR A 79 5.81 -16.81 21.88
C TYR A 79 6.11 -18.22 22.36
N GLN A 80 5.20 -19.14 22.06
CA GLN A 80 5.37 -20.54 22.46
C GLN A 80 4.53 -21.46 21.56
N THR A 81 4.67 -22.77 21.79
CA THR A 81 3.93 -23.75 21.02
C THR A 81 2.42 -23.56 21.19
N GLY A 82 1.65 -24.06 20.22
CA GLY A 82 0.21 -23.95 20.29
C GLY A 82 -0.34 -23.01 19.23
N TYR A 83 -0.82 -21.84 19.66
CA TYR A 83 -1.39 -20.86 18.74
C TYR A 83 -1.40 -19.48 19.37
N ASN A 84 -1.10 -18.46 18.57
CA ASN A 84 -1.08 -17.09 19.03
C ASN A 84 -2.23 -16.29 18.46
N GLN A 85 -2.31 -15.01 18.83
CA GLN A 85 -3.38 -14.15 18.35
C GLN A 85 -2.91 -12.69 18.26
N GLU A 86 -3.68 -11.87 17.56
CA GLU A 86 -3.34 -10.45 17.41
C GLU A 86 -1.99 -10.30 16.70
N ILE A 87 -1.56 -9.05 16.53
CA ILE A 87 -0.29 -8.77 15.87
C ILE A 87 0.89 -9.17 16.75
N CYS A 88 2.09 -8.97 16.23
CA CYS A 88 3.31 -9.32 16.96
C CYS A 88 4.48 -8.44 16.50
N LEU A 89 4.16 -7.26 16.02
CA LEU A 89 5.19 -6.32 15.56
C LEU A 89 5.98 -6.91 14.40
N LEU A 90 5.64 -6.51 13.18
CA LEU A 90 6.32 -7.00 11.99
C LEU A 90 6.71 -5.84 11.08
N LYS A 91 6.95 -4.68 11.68
CA LYS A 91 7.34 -3.49 10.92
C LYS A 91 6.35 -3.22 9.79
N ILE A 92 5.29 -2.49 10.10
CA ILE A 92 4.28 -2.16 9.10
C ILE A 92 4.26 -0.66 8.82
N SER A 93 4.73 0.13 9.79
CA SER A 93 4.77 1.58 9.64
C SER A 93 5.76 1.99 8.56
N SER A 94 6.92 1.35 8.55
CA SER A 94 7.95 1.65 7.56
C SER A 94 7.40 1.56 6.14
N GLY A 95 6.77 0.44 5.84
CA GLY A 95 6.20 0.24 4.51
C GLY A 95 5.14 1.28 4.18
N LEU A 96 4.17 1.45 5.08
CA LEU A 96 3.11 2.42 4.88
C LEU A 96 3.67 3.80 4.55
N LEU A 97 4.56 4.28 5.42
CA LEU A 97 5.17 5.58 5.22
C LEU A 97 5.82 5.68 3.84
N GLU A 98 6.64 4.68 3.50
CA GLU A 98 7.31 4.65 2.22
C GLU A 98 6.34 4.84 1.07
N TYR A 99 5.23 4.10 1.12
CA TYR A 99 4.21 4.18 0.08
C TYR A 99 3.64 5.60 -0.01
N HIS A 100 3.32 6.17 1.14
CA HIS A 100 2.76 7.52 1.20
C HIS A 100 3.68 8.51 0.48
N SER A 101 4.98 8.43 0.77
CA SER A 101 5.95 9.32 0.16
C SER A 101 6.04 9.08 -1.34
N TYR A 102 5.99 7.81 -1.74
CA TYR A 102 6.07 7.44 -3.14
C TYR A 102 4.94 8.08 -3.94
N LEU A 103 3.71 7.69 -3.64
CA LEU A 103 2.54 8.23 -4.32
C LEU A 103 2.54 9.76 -4.27
N GLU A 104 2.86 10.31 -3.10
CA GLU A 104 2.89 11.75 -2.93
C GLU A 104 3.82 12.41 -3.93
N TYR A 105 5.00 11.80 -4.13
CA TYR A 105 5.98 12.32 -5.07
C TYR A 105 5.46 12.25 -6.49
N MET A 106 4.80 11.15 -6.82
CA MET A 106 4.25 10.95 -8.17
C MET A 106 3.12 11.95 -8.44
N LYS A 107 2.35 12.25 -7.40
CA LYS A 107 1.23 13.19 -7.54
C LYS A 107 1.70 14.50 -8.17
N ASN A 108 2.85 14.99 -7.71
CA ASN A 108 3.39 16.24 -8.23
C ASN A 108 3.64 16.14 -9.73
N ASN A 109 3.73 14.92 -10.23
CA ASN A 109 3.96 14.68 -11.66
C ASN A 109 3.04 13.58 -12.18
N LEU A 110 1.83 13.95 -12.57
CA LEU A 110 0.86 13.00 -13.09
C LEU A 110 -0.06 13.65 -14.11
N LYS A 111 -0.63 12.85 -15.00
CA LYS A 111 -1.54 13.35 -16.03
C LYS A 111 -2.84 13.84 -15.41
N ASP A 112 -3.78 14.25 -16.25
CA ASP A 112 -5.06 14.74 -15.79
C ASP A 112 -5.84 13.64 -15.08
N ASN A 113 -5.97 12.49 -15.73
CA ASN A 113 -6.68 11.36 -15.16
C ASN A 113 -5.91 10.75 -13.99
N LYS A 114 -4.61 10.55 -14.19
CA LYS A 114 -3.75 9.97 -13.16
C LYS A 114 -3.83 10.79 -11.87
N LYS A 115 -3.73 12.11 -12.01
CA LYS A 115 -3.78 13.01 -10.87
C LYS A 115 -5.10 12.84 -10.11
N ASP A 116 -6.21 12.85 -10.85
CA ASP A 116 -7.53 12.70 -10.25
C ASP A 116 -7.59 11.44 -9.39
N LYS A 117 -7.16 10.32 -9.96
CA LYS A 117 -7.17 9.04 -9.25
C LYS A 117 -6.15 9.05 -8.11
N ALA A 118 -5.01 9.69 -8.35
CA ALA A 118 -3.96 9.77 -7.35
C ALA A 118 -4.49 10.36 -6.04
N ARG A 119 -5.21 11.47 -6.15
CA ARG A 119 -5.78 12.13 -4.97
C ARG A 119 -6.58 11.14 -4.13
N VAL A 120 -7.47 10.40 -4.79
CA VAL A 120 -8.30 9.42 -4.10
C VAL A 120 -7.45 8.34 -3.44
N LEU A 121 -6.39 7.94 -4.11
CA LEU A 121 -5.48 6.91 -3.59
C LEU A 121 -4.75 7.41 -2.36
N GLN A 122 -4.15 8.59 -2.46
CA GLN A 122 -3.41 9.19 -1.36
C GLN A 122 -4.33 9.45 -0.17
N ARG A 123 -5.60 9.71 -0.46
CA ARG A 123 -6.58 9.98 0.58
C ARG A 123 -6.90 8.72 1.37
N ASP A 124 -7.24 7.65 0.66
CA ASP A 124 -7.57 6.38 1.29
C ASP A 124 -6.38 5.84 2.07
N THR A 125 -5.18 6.01 1.51
CA THR A 125 -3.96 5.54 2.16
C THR A 125 -3.70 6.29 3.46
N GLU A 126 -3.76 7.62 3.38
CA GLU A 126 -3.53 8.46 4.55
C GLU A 126 -4.54 8.15 5.65
N THR A 127 -5.78 7.86 5.25
CA THR A 127 -6.83 7.55 6.20
C THR A 127 -6.56 6.24 6.92
N LEU A 128 -6.38 5.18 6.15
CA LEU A 128 -6.10 3.85 6.72
C LEU A 128 -4.85 3.88 7.58
N ILE A 129 -3.88 4.71 7.19
CA ILE A 129 -2.64 4.83 7.93
C ILE A 129 -2.86 5.53 9.27
N HIS A 130 -3.65 6.60 9.25
CA HIS A 130 -3.94 7.35 10.47
C HIS A 130 -4.72 6.50 11.47
N ILE A 131 -5.66 5.71 10.96
CA ILE A 131 -6.47 4.84 11.82
C ILE A 131 -5.62 3.74 12.44
N PHE A 132 -4.87 3.03 11.59
CA PHE A 132 -4.01 1.95 12.05
C PHE A 132 -2.92 2.47 12.97
N ASN A 133 -2.22 3.51 12.52
CA ASN A 133 -1.15 4.11 13.30
C ASN A 133 -1.65 4.58 14.65
N GLN A 134 -2.83 5.19 14.65
CA GLN A 134 -3.43 5.68 15.89
C GLN A 134 -3.73 4.54 16.85
N GLU A 135 -4.35 3.48 16.33
CA GLU A 135 -4.69 2.32 17.15
C GLU A 135 -3.45 1.75 17.83
N VAL A 136 -2.41 1.48 17.03
CA VAL A 136 -1.17 0.94 17.56
C VAL A 136 -0.46 1.94 18.45
N LYS A 137 -0.58 3.22 18.11
CA LYS A 137 0.04 4.29 18.88
C LYS A 137 -0.63 4.44 20.24
N ASP A 138 -1.90 4.08 20.32
CA ASP A 138 -2.66 4.17 21.56
C ASP A 138 -2.40 2.96 22.44
N LEU A 139 -2.43 1.78 21.85
CA LEU A 139 -2.20 0.54 22.58
C LEU A 139 -0.76 0.08 22.43
N HIS A 140 0.12 1.00 22.08
CA HIS A 140 1.53 0.70 21.90
C HIS A 140 2.32 1.93 21.47
N LYS A 141 3.56 1.72 21.07
CA LYS A 141 4.42 2.82 20.63
C LYS A 141 4.41 2.94 19.11
N ILE A 142 5.28 3.79 18.58
CA ILE A 142 5.38 3.98 17.14
C ILE A 142 6.53 4.93 16.79
N VAL A 143 7.18 4.68 15.65
CA VAL A 143 8.28 5.50 15.20
C VAL A 143 8.20 5.76 13.70
N LEU A 144 9.20 6.46 13.18
CA LEU A 144 9.24 6.78 11.75
C LEU A 144 10.42 6.09 11.07
N PRO A 145 10.18 5.60 9.84
CA PRO A 145 11.21 4.91 9.06
C PRO A 145 12.32 5.86 8.58
N THR A 146 11.91 6.99 8.01
CA THR A 146 12.85 7.97 7.51
C THR A 146 13.65 7.42 6.35
N PRO A 147 12.98 7.17 5.21
CA PRO A 147 13.61 6.64 4.00
C PRO A 147 14.53 7.66 3.34
N ILE A 148 15.32 7.19 2.38
CA ILE A 148 16.24 8.06 1.66
C ILE A 148 15.90 8.11 0.17
N SER A 149 15.09 7.17 -0.28
CA SER A 149 14.69 7.10 -1.68
C SER A 149 14.15 8.45 -2.16
N ASN A 150 13.56 9.20 -1.23
CA ASN A 150 13.00 10.51 -1.56
C ASN A 150 14.03 11.37 -2.30
N ALA A 151 15.28 11.31 -1.85
CA ALA A 151 16.35 12.07 -2.49
C ALA A 151 16.59 11.62 -3.92
N LEU A 152 16.53 10.30 -4.12
CA LEU A 152 16.74 9.73 -5.45
C LEU A 152 15.66 10.18 -6.42
N LEU A 153 14.40 9.91 -6.07
CA LEU A 153 13.27 10.29 -6.91
C LEU A 153 13.29 11.79 -7.20
N THR A 154 13.37 12.59 -6.14
CA THR A 154 13.39 14.04 -6.27
C THR A 154 14.57 14.49 -7.13
N ASP A 155 15.69 13.79 -6.99
CA ASP A 155 16.90 14.13 -7.75
C ASP A 155 16.65 13.95 -9.24
N LYS A 156 15.80 12.99 -9.59
CA LYS A 156 15.49 12.71 -11.00
C LYS A 156 16.73 12.25 -11.75
N LEU A 157 16.56 11.96 -13.04
CA LEU A 157 17.65 11.51 -13.87
C LEU A 157 17.59 12.14 -15.26
N GLU A 158 18.55 11.79 -16.11
CA GLU A 158 18.59 12.33 -17.46
C GLU A 158 18.32 11.23 -18.49
N SER A 159 17.14 11.28 -19.11
CA SER A 159 16.76 10.28 -20.10
C SER A 159 16.08 10.94 -21.29
N GLN A 160 15.56 10.12 -22.20
CA GLN A 160 14.90 10.63 -23.40
C GLN A 160 13.38 10.42 -23.30
N LYS A 161 12.97 9.15 -23.28
CA LYS A 161 11.56 8.80 -23.19
C LYS A 161 11.15 8.58 -21.74
N GLU A 162 9.84 8.42 -21.52
CA GLU A 162 9.31 8.19 -20.18
C GLU A 162 8.91 6.74 -19.99
N TRP A 163 9.89 5.85 -20.00
CA TRP A 163 9.64 4.42 -19.83
C TRP A 163 10.30 3.90 -18.57
N LEU A 164 11.39 4.54 -18.17
CA LEU A 164 12.12 4.14 -16.96
C LEU A 164 11.30 4.41 -15.71
N ARG A 165 10.50 5.48 -15.75
CA ARG A 165 9.66 5.85 -14.62
C ARG A 165 8.61 4.77 -14.35
N THR A 166 8.00 4.27 -15.41
CA THR A 166 6.97 3.24 -15.29
C THR A 166 7.48 2.07 -14.45
N LYS A 167 8.78 1.87 -14.43
CA LYS A 167 9.39 0.78 -13.68
C LYS A 167 9.29 1.05 -12.17
N THR A 168 10.05 2.04 -11.70
CA THR A 168 10.04 2.40 -10.30
C THR A 168 8.61 2.54 -9.77
N ILE A 169 7.77 3.22 -10.54
CA ILE A 169 6.38 3.42 -10.16
C ILE A 169 5.64 2.10 -10.04
N GLN A 170 5.81 1.25 -11.04
CA GLN A 170 5.16 -0.05 -11.05
C GLN A 170 5.59 -0.90 -9.86
N PHE A 171 6.84 -0.72 -9.44
CA PHE A 171 7.38 -1.47 -8.31
C PHE A 171 6.74 -1.01 -7.01
N ILE A 172 6.83 0.30 -6.74
CA ILE A 172 6.26 0.87 -5.53
C ILE A 172 4.75 0.66 -5.47
N LEU A 173 4.11 0.73 -6.62
CA LEU A 173 2.66 0.53 -6.71
C LEU A 173 2.28 -0.90 -6.37
N LYS A 174 2.92 -1.85 -7.06
CA LYS A 174 2.65 -3.27 -6.84
C LYS A 174 2.90 -3.64 -5.37
N SER A 175 3.97 -3.11 -4.80
CA SER A 175 4.32 -3.39 -3.41
C SER A 175 3.26 -2.85 -2.46
N LEU A 176 2.86 -1.61 -2.69
CA LEU A 176 1.84 -0.98 -1.85
C LEU A 176 0.56 -1.79 -1.84
N GLU A 177 0.04 -2.09 -3.03
CA GLU A 177 -1.18 -2.86 -3.16
C GLU A 177 -1.05 -4.22 -2.46
N GLU A 178 -0.03 -4.98 -2.84
CA GLU A 178 0.21 -6.29 -2.26
C GLU A 178 0.37 -6.19 -0.75
N PHE A 179 0.89 -5.05 -0.29
CA PHE A 179 1.10 -4.81 1.14
C PHE A 179 -0.22 -4.52 1.84
N LEU A 180 -1.13 -3.87 1.13
CA LEU A 180 -2.43 -3.51 1.68
C LEU A 180 -3.31 -4.75 1.83
N LYS A 181 -3.34 -5.58 0.79
CA LYS A 181 -4.14 -6.80 0.80
C LYS A 181 -3.54 -7.82 1.77
N VAL A 182 -2.23 -7.97 1.73
CA VAL A 182 -1.54 -8.91 2.61
C VAL A 182 -1.65 -8.49 4.07
N THR A 183 -1.68 -7.19 4.31
CA THR A 183 -1.78 -6.65 5.66
C THR A 183 -3.20 -6.79 6.19
N LEU A 184 -4.18 -6.49 5.35
CA LEU A 184 -5.58 -6.58 5.74
C LEU A 184 -5.97 -8.02 6.06
N ARG A 185 -5.47 -8.95 5.25
CA ARG A 185 -5.76 -10.37 5.45
C ARG A 185 -4.98 -10.93 6.63
N SER A 186 -3.68 -10.63 6.67
CA SER A 186 -2.82 -11.10 7.75
C SER A 186 -3.38 -10.70 9.11
N THR A 187 -3.67 -9.41 9.26
CA THR A 187 -4.21 -8.89 10.52
C THR A 187 -5.61 -9.44 10.79
N ARG A 188 -6.28 -9.90 9.72
CA ARG A 188 -7.62 -10.45 9.84
C ARG A 188 -7.56 -11.93 10.21
N GLN A 189 -8.74 -12.55 10.35
CA GLN A 189 -8.82 -13.96 10.70
C GLN A 189 -9.07 -14.81 9.45
N THR A 190 -8.82 -14.22 8.28
CA THR A 190 -9.01 -14.93 7.02
C THR A 190 -7.71 -15.01 6.23
N SER A 7 -0.02 -15.12 -8.01
CA SER A 7 -1.13 -15.09 -8.97
C SER A 7 -2.33 -14.37 -8.39
N GLN A 8 -2.56 -13.14 -8.84
CA GLN A 8 -3.68 -12.34 -8.37
C GLN A 8 -4.58 -11.93 -9.53
N VAL A 9 -5.72 -12.60 -9.65
CA VAL A 9 -6.67 -12.30 -10.72
C VAL A 9 -8.10 -12.56 -10.26
N ARG A 10 -8.95 -11.53 -10.38
CA ARG A 10 -10.34 -11.65 -9.98
C ARG A 10 -11.26 -11.01 -11.01
N ARG A 11 -11.34 -11.63 -12.19
CA ARG A 11 -12.18 -11.13 -13.26
C ARG A 11 -11.84 -9.68 -13.58
N GLY A 12 -12.58 -9.08 -14.50
CA GLY A 12 -12.34 -7.71 -14.89
C GLY A 12 -13.44 -6.78 -14.42
N ASP A 13 -14.10 -7.15 -13.33
CA ASP A 13 -15.18 -6.33 -12.78
C ASP A 13 -15.17 -6.38 -11.26
N PHE A 14 -15.57 -5.28 -10.62
CA PHE A 14 -15.61 -5.19 -9.17
C PHE A 14 -16.95 -4.67 -8.69
N THR A 15 -17.12 -4.61 -7.38
CA THR A 15 -18.37 -4.13 -6.78
C THR A 15 -18.11 -2.98 -5.82
N GLU A 16 -17.02 -3.07 -5.07
CA GLU A 16 -16.66 -2.02 -4.12
C GLU A 16 -17.89 -1.56 -3.33
N ASP A 17 -17.77 -0.40 -2.69
CA ASP A 17 -18.86 0.15 -1.91
C ASP A 17 -18.47 1.50 -1.29
N THR A 18 -18.78 2.58 -2.01
CA THR A 18 -18.46 3.91 -1.54
C THR A 18 -19.19 4.24 -0.25
N THR A 19 -18.66 5.19 0.52
CA THR A 19 -19.27 5.60 1.77
C THR A 19 -19.39 7.11 1.87
N PRO A 20 -20.29 7.58 2.75
CA PRO A 20 -20.52 9.01 2.96
C PRO A 20 -19.34 9.69 3.64
N ASN A 21 -19.54 10.95 4.05
CA ASN A 21 -18.49 11.70 4.73
C ASN A 21 -18.62 11.58 6.24
N ARG A 22 -18.95 10.38 6.71
CA ARG A 22 -19.10 10.13 8.14
C ARG A 22 -18.02 9.18 8.64
N PRO A 23 -16.78 9.69 8.77
CA PRO A 23 -15.64 8.90 9.24
C PRO A 23 -15.76 8.56 10.72
N VAL A 24 -16.44 7.45 11.02
CA VAL A 24 -16.61 7.00 12.40
C VAL A 24 -15.36 6.31 12.91
N TYR A 25 -14.44 6.01 12.00
CA TYR A 25 -13.19 5.33 12.36
C TYR A 25 -13.48 3.93 12.91
N THR A 26 -14.56 3.32 12.44
CA THR A 26 -14.93 1.99 12.87
C THR A 26 -14.45 0.93 11.89
N THR A 27 -14.69 -0.34 12.24
CA THR A 27 -14.27 -1.44 11.39
C THR A 27 -14.90 -1.33 9.99
N SER A 28 -16.08 -0.74 9.92
CA SER A 28 -16.78 -0.57 8.66
C SER A 28 -16.06 0.44 7.77
N GLN A 29 -15.67 1.56 8.36
CA GLN A 29 -14.98 2.62 7.63
C GLN A 29 -13.67 2.09 7.05
N VAL A 30 -12.85 1.47 7.90
CA VAL A 30 -11.57 0.93 7.46
C VAL A 30 -11.76 -0.14 6.40
N GLY A 31 -12.75 -1.02 6.61
CA GLY A 31 -13.02 -2.08 5.66
C GLY A 31 -13.32 -1.56 4.26
N GLY A 32 -14.26 -0.62 4.18
CA GLY A 32 -14.61 -0.05 2.89
C GLY A 32 -13.48 0.71 2.25
N LEU A 33 -12.70 1.41 3.07
CA LEU A 33 -11.57 2.18 2.57
C LEU A 33 -10.48 1.26 2.02
N ILE A 34 -10.25 0.15 2.70
CA ILE A 34 -9.24 -0.81 2.28
C ILE A 34 -9.62 -1.45 0.94
N THR A 35 -10.85 -1.92 0.85
CA THR A 35 -11.34 -2.56 -0.37
C THR A 35 -11.32 -1.58 -1.54
N HIS A 36 -11.79 -0.36 -1.30
CA HIS A 36 -11.83 0.68 -2.33
C HIS A 36 -10.42 1.02 -2.80
N VAL A 37 -9.56 1.38 -1.86
CA VAL A 37 -8.18 1.73 -2.19
C VAL A 37 -7.47 0.59 -2.90
N LEU A 38 -7.85 -0.65 -2.56
CA LEU A 38 -7.27 -1.83 -3.17
C LEU A 38 -7.62 -1.92 -4.65
N TRP A 39 -8.91 -1.77 -4.95
CA TRP A 39 -9.39 -1.83 -6.33
C TRP A 39 -8.78 -0.71 -7.17
N GLU A 40 -8.69 0.48 -6.59
CA GLU A 40 -8.12 1.64 -7.28
C GLU A 40 -6.66 1.40 -7.62
N ILE A 41 -5.89 0.99 -6.62
CA ILE A 41 -4.47 0.73 -6.81
C ILE A 41 -4.24 -0.31 -7.90
N VAL A 42 -5.02 -1.39 -7.86
CA VAL A 42 -4.91 -2.47 -8.84
C VAL A 42 -5.15 -1.93 -10.25
N GLU A 43 -6.32 -1.32 -10.46
CA GLU A 43 -6.67 -0.78 -11.76
C GLU A 43 -5.63 0.25 -12.23
N MET A 44 -5.26 1.13 -11.31
CA MET A 44 -4.27 2.17 -11.62
C MET A 44 -2.92 1.56 -11.97
N ARG A 45 -2.63 0.42 -11.36
CA ARG A 45 -1.36 -0.27 -11.60
C ARG A 45 -1.33 -0.86 -13.00
N LYS A 46 -2.36 -1.61 -13.36
CA LYS A 46 -2.45 -2.23 -14.67
C LYS A 46 -2.69 -1.18 -15.75
N GLU A 47 -3.34 -0.08 -15.37
CA GLU A 47 -3.63 1.00 -16.31
C GLU A 47 -2.36 1.46 -17.01
N LEU A 48 -1.25 1.45 -16.28
CA LEU A 48 0.04 1.88 -16.83
C LEU A 48 0.37 1.09 -18.10
N CYS A 49 -0.05 -0.16 -18.14
CA CYS A 49 0.20 -1.02 -19.30
C CYS A 49 -1.00 -1.02 -20.24
N ASN A 50 -1.68 0.12 -20.33
CA ASN A 50 -2.86 0.24 -21.19
C ASN A 50 -3.96 -0.72 -20.75
N GLY A 51 -3.96 -1.05 -19.46
CA GLY A 51 -4.97 -1.95 -18.94
C GLY A 51 -4.86 -3.35 -19.52
N ASN A 52 -3.63 -3.82 -19.70
CA ASN A 52 -3.39 -5.14 -20.26
C ASN A 52 -3.25 -6.18 -19.14
N SER A 53 -4.21 -7.08 -19.05
CA SER A 53 -4.19 -8.13 -18.03
C SER A 53 -2.89 -8.93 -18.10
N ASP A 54 -2.29 -8.97 -19.29
CA ASP A 54 -1.04 -9.70 -19.49
C ASP A 54 0.09 -9.08 -18.67
N CYS A 55 0.20 -7.76 -18.75
CA CYS A 55 1.24 -7.04 -18.01
C CYS A 55 1.18 -7.38 -16.52
N MET A 56 0.01 -7.73 -16.05
CA MET A 56 -0.18 -8.08 -14.64
C MET A 56 0.59 -9.34 -14.29
N ASN A 57 0.66 -10.27 -15.24
CA ASN A 57 1.37 -11.53 -15.04
C ASN A 57 2.48 -11.71 -16.05
N ASN A 58 3.03 -10.59 -16.53
CA ASN A 58 4.10 -10.62 -17.51
C ASN A 58 5.46 -10.46 -16.84
N ASP A 59 5.61 -9.37 -16.10
CA ASP A 59 6.87 -9.09 -15.39
C ASP A 59 6.79 -9.57 -13.94
N ASP A 60 5.95 -10.57 -13.70
CA ASP A 60 5.79 -11.11 -12.36
C ASP A 60 6.65 -12.35 -12.16
N ALA A 61 7.75 -12.41 -12.92
CA ALA A 61 8.66 -13.55 -12.83
C ALA A 61 10.00 -13.13 -12.22
N LEU A 62 10.36 -11.87 -12.43
CA LEU A 62 11.62 -11.34 -11.90
C LEU A 62 11.37 -10.19 -10.93
N ALA A 63 10.39 -9.36 -11.26
CA ALA A 63 10.04 -8.22 -10.43
C ALA A 63 9.58 -8.67 -9.05
N GLU A 64 8.85 -9.79 -9.01
CA GLU A 64 8.33 -10.34 -7.76
C GLU A 64 9.47 -10.84 -6.89
N ASN A 65 10.55 -11.28 -7.53
CA ASN A 65 11.71 -11.80 -6.81
C ASN A 65 12.85 -10.79 -6.82
N ASN A 66 12.51 -9.51 -6.94
CA ASN A 66 13.51 -8.44 -6.96
C ASN A 66 13.05 -7.25 -6.14
N LEU A 67 12.20 -7.51 -5.15
CA LEU A 67 11.69 -6.45 -4.28
C LEU A 67 12.37 -6.48 -2.92
N LYS A 68 12.80 -5.31 -2.45
CA LYS A 68 13.46 -5.21 -1.15
C LYS A 68 12.67 -4.31 -0.21
N LEU A 69 11.36 -4.21 -0.45
CA LEU A 69 10.50 -3.39 0.39
C LEU A 69 10.05 -4.14 1.64
N PRO A 70 9.61 -3.39 2.65
CA PRO A 70 9.15 -3.96 3.92
C PRO A 70 7.84 -4.72 3.77
N GLU A 71 7.86 -6.01 4.07
CA GLU A 71 6.68 -6.85 3.97
C GLU A 71 6.44 -7.63 5.27
N ILE A 72 5.22 -8.10 5.45
CA ILE A 72 4.87 -8.86 6.64
C ILE A 72 5.19 -10.34 6.47
N GLN A 73 5.57 -10.99 7.56
CA GLN A 73 5.91 -12.41 7.52
C GLN A 73 4.72 -13.27 7.96
N ARG A 74 3.65 -13.24 7.16
CA ARG A 74 2.46 -14.00 7.48
C ARG A 74 1.74 -13.43 8.70
N ASN A 75 2.30 -13.69 9.88
CA ASN A 75 1.71 -13.20 11.12
C ASN A 75 0.26 -13.61 11.25
N ASP A 76 0.03 -14.77 11.84
CA ASP A 76 -1.33 -15.27 12.03
C ASP A 76 -1.55 -15.77 13.46
N GLY A 77 -1.49 -14.84 14.41
CA GLY A 77 -1.68 -15.20 15.80
C GLY A 77 -0.56 -16.08 16.32
N CYS A 78 -0.32 -16.01 17.64
CA CYS A 78 0.73 -16.81 18.26
C CYS A 78 0.16 -17.66 19.39
N TYR A 79 -1.01 -18.25 19.15
CA TYR A 79 -1.66 -19.10 20.14
C TYR A 79 -2.04 -18.28 21.38
N GLN A 80 -2.78 -18.91 22.29
CA GLN A 80 -3.20 -18.24 23.51
C GLN A 80 -4.01 -16.99 23.20
N THR A 81 -5.33 -17.15 23.17
CA THR A 81 -6.23 -16.02 22.89
C THR A 81 -7.21 -15.79 24.03
N GLY A 82 -7.03 -14.66 24.72
CA GLY A 82 -7.91 -14.34 25.84
C GLY A 82 -7.51 -13.06 26.53
N TYR A 83 -7.44 -11.97 25.77
CA TYR A 83 -7.07 -10.68 26.32
C TYR A 83 -5.65 -10.72 26.89
N ASN A 84 -5.10 -9.54 27.18
CA ASN A 84 -3.76 -9.44 27.72
C ASN A 84 -2.74 -10.11 26.80
N GLN A 85 -2.81 -9.80 25.52
CA GLN A 85 -1.90 -10.37 24.53
C GLN A 85 -1.31 -9.28 23.64
N GLU A 86 -0.03 -8.98 23.84
CA GLU A 86 0.65 -7.97 23.06
C GLU A 86 2.04 -8.43 22.65
N ILE A 87 2.09 -9.61 22.03
CA ILE A 87 3.37 -10.17 21.59
C ILE A 87 3.39 -10.34 20.07
N CYS A 88 4.54 -10.76 19.54
CA CYS A 88 4.69 -10.96 18.11
C CYS A 88 4.41 -9.67 17.35
N LEU A 89 5.41 -8.79 17.29
CA LEU A 89 5.27 -7.53 16.59
C LEU A 89 6.02 -7.55 15.26
N LEU A 90 5.87 -6.49 14.48
CA LEU A 90 6.52 -6.39 13.18
C LEU A 90 6.69 -4.93 12.76
N LYS A 91 7.31 -4.72 11.61
CA LYS A 91 7.53 -3.37 11.10
C LYS A 91 6.42 -2.98 10.12
N ILE A 92 5.45 -2.20 10.61
CA ILE A 92 4.34 -1.76 9.78
C ILE A 92 4.36 -0.24 9.61
N SER A 93 4.88 0.45 10.62
CA SER A 93 4.95 1.91 10.59
C SER A 93 5.90 2.38 9.48
N SER A 94 7.10 1.81 9.45
CA SER A 94 8.09 2.18 8.45
C SER A 94 7.57 1.93 7.04
N GLY A 95 7.07 0.71 6.81
CA GLY A 95 6.55 0.36 5.50
C GLY A 95 5.43 1.29 5.06
N LEU A 96 4.44 1.49 5.93
CA LEU A 96 3.31 2.35 5.62
C LEU A 96 3.79 3.74 5.23
N LEU A 97 4.61 4.34 6.07
CA LEU A 97 5.14 5.69 5.81
C LEU A 97 5.80 5.74 4.44
N GLU A 98 6.67 4.78 4.17
CA GLU A 98 7.37 4.72 2.88
C GLU A 98 6.37 4.74 1.73
N TYR A 99 5.40 3.85 1.77
CA TYR A 99 4.38 3.77 0.73
C TYR A 99 3.71 5.12 0.50
N HIS A 100 3.28 5.75 1.59
CA HIS A 100 2.63 7.05 1.53
C HIS A 100 3.49 8.06 0.78
N SER A 101 4.75 8.14 1.18
CA SER A 101 5.68 9.07 0.55
C SER A 101 5.86 8.76 -0.93
N TYR A 102 5.84 7.46 -1.26
CA TYR A 102 6.00 7.04 -2.64
C TYR A 102 4.84 7.54 -3.50
N LEU A 103 3.63 7.07 -3.20
CA LEU A 103 2.45 7.47 -3.95
C LEU A 103 2.30 8.99 -3.96
N GLU A 104 2.68 9.62 -2.86
CA GLU A 104 2.60 11.07 -2.74
C GLU A 104 3.56 11.75 -3.72
N TYR A 105 4.75 11.21 -3.84
CA TYR A 105 5.76 11.76 -4.74
C TYR A 105 5.33 11.63 -6.19
N MET A 106 4.96 10.42 -6.59
CA MET A 106 4.52 10.15 -7.95
C MET A 106 3.24 10.91 -8.27
N LYS A 107 2.40 11.10 -7.25
CA LYS A 107 1.14 11.81 -7.42
C LYS A 107 1.39 13.29 -7.71
N ASN A 108 2.53 13.80 -7.26
CA ASN A 108 2.89 15.19 -7.49
C ASN A 108 2.96 15.51 -8.98
N ASN A 109 3.48 14.57 -9.76
CA ASN A 109 3.61 14.75 -11.20
C ASN A 109 2.95 13.58 -11.95
N LEU A 110 1.71 13.78 -12.37
CA LEU A 110 0.98 12.75 -13.09
C LEU A 110 0.06 13.37 -14.14
N LYS A 111 -0.56 12.52 -14.96
CA LYS A 111 -1.47 12.99 -15.99
C LYS A 111 -2.79 13.47 -15.39
N ASP A 112 -3.73 13.85 -16.26
CA ASP A 112 -5.02 14.33 -15.81
C ASP A 112 -5.77 13.24 -15.04
N ASN A 113 -5.86 12.05 -15.63
CA ASN A 113 -6.55 10.93 -15.00
C ASN A 113 -5.73 10.38 -13.84
N LYS A 114 -4.44 10.16 -14.07
CA LYS A 114 -3.55 9.63 -13.04
C LYS A 114 -3.58 10.52 -11.80
N LYS A 115 -3.74 11.82 -12.02
CA LYS A 115 -3.78 12.78 -10.91
C LYS A 115 -5.03 12.58 -10.07
N ASP A 116 -6.17 12.44 -10.74
CA ASP A 116 -7.44 12.24 -10.04
C ASP A 116 -7.42 10.95 -9.23
N LYS A 117 -6.93 9.87 -9.83
CA LYS A 117 -6.85 8.58 -9.16
C LYS A 117 -5.81 8.61 -8.04
N ALA A 118 -4.62 9.14 -8.36
CA ALA A 118 -3.55 9.22 -7.39
C ALA A 118 -4.00 9.96 -6.13
N ARG A 119 -4.72 11.06 -6.33
CA ARG A 119 -5.22 11.86 -5.21
C ARG A 119 -6.04 11.00 -4.26
N VAL A 120 -6.99 10.25 -4.80
CA VAL A 120 -7.84 9.38 -4.00
C VAL A 120 -7.02 8.32 -3.27
N LEU A 121 -6.07 7.72 -3.98
CA LEU A 121 -5.21 6.70 -3.40
C LEU A 121 -4.50 7.21 -2.16
N GLN A 122 -3.88 8.38 -2.28
CA GLN A 122 -3.17 8.99 -1.16
C GLN A 122 -4.11 9.27 0.00
N ARG A 123 -5.24 9.90 -0.30
CA ARG A 123 -6.23 10.23 0.70
C ARG A 123 -6.66 8.99 1.48
N ASP A 124 -7.08 7.96 0.76
CA ASP A 124 -7.52 6.72 1.38
C ASP A 124 -6.43 6.16 2.29
N THR A 125 -5.24 5.97 1.74
CA THR A 125 -4.12 5.43 2.50
C THR A 125 -3.83 6.29 3.73
N GLU A 126 -3.85 7.60 3.54
CA GLU A 126 -3.59 8.54 4.64
C GLU A 126 -4.52 8.27 5.82
N THR A 127 -5.82 8.23 5.53
CA THR A 127 -6.83 7.98 6.57
C THR A 127 -6.64 6.61 7.19
N LEU A 128 -6.26 5.63 6.36
CA LEU A 128 -6.04 4.27 6.84
C LEU A 128 -4.90 4.22 7.85
N ILE A 129 -3.76 4.78 7.47
CA ILE A 129 -2.58 4.79 8.34
C ILE A 129 -2.87 5.56 9.62
N HIS A 130 -3.63 6.65 9.50
CA HIS A 130 -3.98 7.47 10.66
C HIS A 130 -4.81 6.67 11.65
N ILE A 131 -5.81 5.96 11.15
CA ILE A 131 -6.68 5.15 12.00
C ILE A 131 -5.90 4.04 12.69
N PHE A 132 -5.18 3.25 11.90
CA PHE A 132 -4.39 2.15 12.44
C PHE A 132 -3.35 2.67 13.43
N ASN A 133 -2.60 3.68 13.01
CA ASN A 133 -1.56 4.26 13.86
C ASN A 133 -2.17 4.85 15.12
N GLN A 134 -3.34 5.46 14.99
CA GLN A 134 -4.02 6.07 16.12
C GLN A 134 -4.36 5.03 17.18
N GLU A 135 -5.03 3.95 16.76
CA GLU A 135 -5.42 2.88 17.68
C GLU A 135 -4.18 2.24 18.30
N VAL A 136 -3.24 1.84 17.46
CA VAL A 136 -2.01 1.21 17.92
C VAL A 136 -1.26 2.11 18.88
N LYS A 137 -1.24 3.41 18.58
CA LYS A 137 -0.56 4.38 19.42
C LYS A 137 -1.25 4.52 20.77
N ASP A 138 -2.58 4.50 20.75
CA ASP A 138 -3.36 4.62 21.97
C ASP A 138 -3.11 3.45 22.91
N LEU A 139 -3.16 2.24 22.35
CA LEU A 139 -2.93 1.03 23.13
C LEU A 139 -1.46 0.86 23.46
N HIS A 140 -0.60 1.45 22.63
CA HIS A 140 0.84 1.36 22.83
C HIS A 140 1.57 2.37 21.93
N LYS A 141 2.05 3.45 22.53
CA LYS A 141 2.77 4.48 21.77
C LYS A 141 3.90 3.86 20.95
N ILE A 142 3.93 4.19 19.67
CA ILE A 142 4.95 3.68 18.77
C ILE A 142 4.96 4.43 17.44
N VAL A 143 6.15 4.83 17.01
CA VAL A 143 6.29 5.56 15.75
C VAL A 143 7.67 5.34 15.14
N LEU A 144 7.77 5.59 13.84
CA LEU A 144 9.05 5.42 13.14
C LEU A 144 8.93 5.87 11.68
N PRO A 145 9.13 7.18 11.45
CA PRO A 145 9.05 7.76 10.11
C PRO A 145 10.20 7.33 9.22
N THR A 146 11.32 8.05 9.31
CA THR A 146 12.50 7.74 8.51
C THR A 146 12.20 7.85 7.02
N PRO A 147 11.96 9.09 6.56
CA PRO A 147 11.66 9.37 5.15
C PRO A 147 12.87 9.17 4.24
N ILE A 148 12.89 8.04 3.55
CA ILE A 148 14.00 7.72 2.64
C ILE A 148 13.51 7.60 1.20
N SER A 149 12.25 7.21 1.04
CA SER A 149 11.66 7.06 -0.29
C SER A 149 11.86 8.32 -1.12
N ASN A 150 11.57 9.46 -0.52
CA ASN A 150 11.71 10.74 -1.20
C ASN A 150 13.13 10.93 -1.72
N ALA A 151 14.10 10.70 -0.84
CA ALA A 151 15.51 10.83 -1.21
C ALA A 151 15.84 9.99 -2.43
N LEU A 152 15.45 8.72 -2.40
CA LEU A 152 15.71 7.80 -3.50
C LEU A 152 15.13 8.34 -4.81
N LEU A 153 13.81 8.54 -4.82
CA LEU A 153 13.12 9.05 -6.00
C LEU A 153 13.77 10.35 -6.48
N THR A 154 13.86 11.33 -5.58
CA THR A 154 14.46 12.62 -5.92
C THR A 154 15.86 12.44 -6.49
N ASP A 155 16.56 11.42 -6.02
CA ASP A 155 17.92 11.15 -6.49
C ASP A 155 17.92 10.81 -7.98
N LYS A 156 16.84 10.18 -8.44
CA LYS A 156 16.72 9.82 -9.84
C LYS A 156 16.37 11.02 -10.70
N LEU A 157 15.45 11.85 -10.21
CA LEU A 157 15.02 13.04 -10.92
C LEU A 157 16.22 13.90 -11.30
N GLU A 158 16.38 14.13 -12.60
CA GLU A 158 17.49 14.94 -13.09
C GLU A 158 17.42 15.11 -14.60
N SER A 159 18.00 16.19 -15.11
CA SER A 159 17.99 16.46 -16.55
C SER A 159 16.57 16.59 -17.07
N GLN A 160 16.44 16.74 -18.38
CA GLN A 160 15.13 16.88 -19.01
C GLN A 160 14.23 15.70 -18.65
N LYS A 161 14.52 14.53 -19.23
CA LYS A 161 13.74 13.33 -18.97
C LYS A 161 14.44 12.10 -19.55
N GLU A 162 14.26 10.95 -18.90
CA GLU A 162 14.86 9.70 -19.36
C GLU A 162 14.42 8.54 -18.49
N TRP A 163 14.91 7.35 -18.81
CA TRP A 163 14.56 6.15 -18.07
C TRP A 163 13.06 5.89 -18.12
N LEU A 164 12.63 4.77 -17.54
CA LEU A 164 11.21 4.40 -17.53
C LEU A 164 10.63 4.57 -16.13
N ARG A 165 9.80 5.60 -15.95
CA ARG A 165 9.17 5.86 -14.67
C ARG A 165 8.11 4.82 -14.35
N THR A 166 7.45 4.31 -15.39
CA THR A 166 6.42 3.30 -15.23
C THR A 166 6.92 2.12 -14.41
N LYS A 167 8.23 1.90 -14.44
CA LYS A 167 8.84 0.80 -13.70
C LYS A 167 8.78 1.06 -12.20
N THR A 168 9.57 2.03 -11.75
CA THR A 168 9.61 2.38 -10.33
C THR A 168 8.20 2.57 -9.77
N ILE A 169 7.37 3.29 -10.51
CA ILE A 169 6.00 3.55 -10.09
C ILE A 169 5.22 2.24 -9.94
N GLN A 170 5.29 1.39 -10.96
CA GLN A 170 4.59 0.11 -10.93
C GLN A 170 5.10 -0.76 -9.78
N PHE A 171 6.36 -0.58 -9.42
CA PHE A 171 6.97 -1.35 -8.34
C PHE A 171 6.39 -0.94 -6.99
N ILE A 172 6.47 0.35 -6.68
CA ILE A 172 5.95 0.87 -5.42
C ILE A 172 4.45 0.61 -5.30
N LEU A 173 3.75 0.68 -6.42
CA LEU A 173 2.31 0.46 -6.43
C LEU A 173 1.98 -1.00 -6.11
N LYS A 174 2.62 -1.92 -6.83
CA LYS A 174 2.40 -3.33 -6.62
C LYS A 174 2.69 -3.72 -5.17
N SER A 175 3.84 -3.28 -4.66
CA SER A 175 4.24 -3.58 -3.29
C SER A 175 3.22 -3.03 -2.30
N LEU A 176 2.82 -1.77 -2.50
CA LEU A 176 1.87 -1.11 -1.63
C LEU A 176 0.58 -1.93 -1.54
N GLU A 177 0.07 -2.34 -2.69
CA GLU A 177 -1.17 -3.13 -2.73
C GLU A 177 -1.00 -4.44 -1.98
N GLU A 178 0.02 -5.20 -2.34
CA GLU A 178 0.29 -6.48 -1.69
C GLU A 178 0.40 -6.31 -0.18
N PHE A 179 1.22 -5.36 0.24
CA PHE A 179 1.43 -5.10 1.66
C PHE A 179 0.11 -4.70 2.33
N LEU A 180 -0.73 -3.98 1.60
CA LEU A 180 -2.02 -3.54 2.12
C LEU A 180 -2.91 -4.74 2.45
N LYS A 181 -3.24 -5.52 1.43
CA LYS A 181 -4.08 -6.70 1.60
C LYS A 181 -3.52 -7.60 2.69
N VAL A 182 -2.21 -7.82 2.67
CA VAL A 182 -1.57 -8.67 3.66
C VAL A 182 -1.74 -8.11 5.07
N THR A 183 -1.62 -6.80 5.19
CA THR A 183 -1.77 -6.14 6.49
C THR A 183 -3.18 -6.31 7.04
N LEU A 184 -4.18 -6.13 6.17
CA LEU A 184 -5.57 -6.27 6.57
C LEU A 184 -5.87 -7.71 7.01
N ARG A 185 -5.37 -8.66 6.24
CA ARG A 185 -5.58 -10.08 6.56
C ARG A 185 -4.80 -10.49 7.80
N SER A 186 -3.63 -9.88 7.98
CA SER A 186 -2.78 -10.18 9.12
C SER A 186 -3.37 -9.61 10.41
N THR A 187 -3.69 -8.32 10.38
CA THR A 187 -4.27 -7.64 11.53
C THR A 187 -5.65 -8.20 11.86
N ARG A 188 -6.24 -8.91 10.91
CA ARG A 188 -7.57 -9.49 11.10
C ARG A 188 -7.47 -10.83 11.80
N GLN A 189 -8.06 -10.92 12.98
CA GLN A 189 -8.04 -12.15 13.77
C GLN A 189 -9.42 -12.78 13.84
N THR A 190 -10.45 -11.97 13.58
CA THR A 190 -11.83 -12.43 13.62
C THR A 190 -12.17 -13.23 12.36
N SER A 7 -3.57 -18.43 -4.73
CA SER A 7 -4.88 -18.94 -4.38
C SER A 7 -5.66 -17.93 -3.53
N GLN A 8 -6.92 -18.24 -3.27
CA GLN A 8 -7.77 -17.36 -2.47
C GLN A 8 -7.97 -16.03 -3.17
N VAL A 9 -8.95 -15.96 -4.07
CA VAL A 9 -9.23 -14.74 -4.81
C VAL A 9 -9.96 -13.73 -3.93
N ARG A 10 -9.66 -12.45 -4.12
CA ARG A 10 -10.29 -11.39 -3.35
C ARG A 10 -11.55 -10.90 -4.03
N ARG A 11 -12.65 -10.86 -3.27
CA ARG A 11 -13.93 -10.40 -3.81
C ARG A 11 -14.32 -9.05 -3.21
N GLY A 12 -15.33 -8.42 -3.81
CA GLY A 12 -15.77 -7.13 -3.33
C GLY A 12 -15.89 -6.10 -4.44
N ASP A 13 -16.61 -6.45 -5.50
CA ASP A 13 -16.80 -5.54 -6.62
C ASP A 13 -17.79 -4.43 -6.29
N PHE A 14 -17.35 -3.19 -6.43
CA PHE A 14 -18.19 -2.04 -6.13
C PHE A 14 -18.17 -1.04 -7.28
N THR A 15 -18.97 0.01 -7.16
CA THR A 15 -19.05 1.04 -8.20
C THR A 15 -18.79 2.42 -7.61
N GLU A 16 -19.30 2.65 -6.40
CA GLU A 16 -19.12 3.94 -5.74
C GLU A 16 -18.78 3.75 -4.26
N ASP A 17 -18.51 4.86 -3.57
CA ASP A 17 -18.17 4.81 -2.16
C ASP A 17 -18.10 6.21 -1.56
N THR A 18 -18.92 7.11 -2.10
CA THR A 18 -18.96 8.49 -1.62
C THR A 18 -19.60 8.59 -0.25
N THR A 19 -18.90 9.24 0.68
CA THR A 19 -19.40 9.41 2.04
C THR A 19 -19.18 10.83 2.53
N PRO A 20 -19.95 11.22 3.57
CA PRO A 20 -19.87 12.56 4.16
C PRO A 20 -18.56 12.77 4.92
N ASN A 21 -18.48 13.88 5.64
CA ASN A 21 -17.28 14.20 6.42
C ASN A 21 -17.46 13.77 7.88
N ARG A 22 -18.20 12.70 8.09
CA ARG A 22 -18.44 12.18 9.43
C ARG A 22 -17.82 10.81 9.61
N PRO A 23 -16.47 10.77 9.72
CA PRO A 23 -15.73 9.52 9.90
C PRO A 23 -15.96 8.90 11.27
N VAL A 24 -16.42 7.66 11.28
CA VAL A 24 -16.69 6.94 12.53
C VAL A 24 -15.44 6.18 12.99
N TYR A 25 -14.54 5.91 12.06
CA TYR A 25 -13.32 5.19 12.39
C TYR A 25 -13.62 3.79 12.91
N THR A 26 -14.69 3.20 12.41
CA THR A 26 -15.09 1.86 12.83
C THR A 26 -14.58 0.81 11.86
N THR A 27 -14.64 -0.46 12.29
CA THR A 27 -14.17 -1.56 11.46
C THR A 27 -14.82 -1.52 10.08
N SER A 28 -16.06 -1.07 10.02
CA SER A 28 -16.79 -0.98 8.76
C SER A 28 -16.19 0.10 7.87
N GLN A 29 -15.91 1.26 8.46
CA GLN A 29 -15.33 2.37 7.71
C GLN A 29 -13.97 1.99 7.11
N VAL A 30 -13.10 1.46 7.96
CA VAL A 30 -11.76 1.06 7.52
C VAL A 30 -11.85 -0.02 6.45
N GLY A 31 -12.75 -0.98 6.64
CA GLY A 31 -12.90 -2.06 5.69
C GLY A 31 -13.28 -1.55 4.30
N GLY A 32 -14.34 -0.75 4.23
CA GLY A 32 -14.77 -0.21 2.95
C GLY A 32 -13.71 0.64 2.29
N LEU A 33 -13.07 1.50 3.07
CA LEU A 33 -12.01 2.37 2.54
C LEU A 33 -10.84 1.55 2.01
N ILE A 34 -10.43 0.55 2.78
CA ILE A 34 -9.32 -0.31 2.39
C ILE A 34 -9.58 -0.97 1.05
N THR A 35 -10.81 -1.45 0.85
CA THR A 35 -11.19 -2.10 -0.40
C THR A 35 -11.17 -1.12 -1.56
N HIS A 36 -11.70 0.09 -1.33
CA HIS A 36 -11.74 1.11 -2.36
C HIS A 36 -10.34 1.43 -2.87
N VAL A 37 -9.45 1.79 -1.94
CA VAL A 37 -8.08 2.12 -2.30
C VAL A 37 -7.39 0.95 -2.98
N LEU A 38 -7.65 -0.26 -2.49
CA LEU A 38 -7.06 -1.46 -3.05
C LEU A 38 -7.35 -1.56 -4.55
N TRP A 39 -8.61 -1.38 -4.92
CA TRP A 39 -9.02 -1.45 -6.32
C TRP A 39 -8.42 -0.29 -7.12
N GLU A 40 -8.37 0.89 -6.50
CA GLU A 40 -7.83 2.07 -7.15
C GLU A 40 -6.35 1.86 -7.50
N ILE A 41 -5.60 1.30 -6.56
CA ILE A 41 -4.18 1.04 -6.77
C ILE A 41 -3.96 0.02 -7.87
N VAL A 42 -4.68 -1.10 -7.78
CA VAL A 42 -4.55 -2.15 -8.78
C VAL A 42 -4.80 -1.62 -10.19
N GLU A 43 -5.99 -1.06 -10.40
CA GLU A 43 -6.35 -0.50 -11.69
C GLU A 43 -5.33 0.54 -12.15
N MET A 44 -4.97 1.44 -11.24
CA MET A 44 -4.00 2.48 -11.56
C MET A 44 -2.66 1.88 -11.96
N ARG A 45 -2.34 0.72 -11.38
CA ARG A 45 -1.08 0.05 -11.68
C ARG A 45 -1.11 -0.55 -13.09
N LYS A 46 -2.16 -1.30 -13.39
CA LYS A 46 -2.30 -1.92 -14.70
C LYS A 46 -2.53 -0.88 -15.78
N GLU A 47 -3.15 0.23 -15.39
CA GLU A 47 -3.44 1.32 -16.33
C GLU A 47 -2.16 1.77 -17.04
N LEU A 48 -1.05 1.75 -16.31
CA LEU A 48 0.24 2.15 -16.87
C LEU A 48 0.65 1.25 -18.03
N CYS A 49 0.21 0.00 -17.97
CA CYS A 49 0.52 -0.96 -19.02
C CYS A 49 -0.61 -1.05 -20.03
N ASN A 50 -1.29 0.07 -20.27
CA ASN A 50 -2.40 0.12 -21.21
C ASN A 50 -3.54 -0.79 -20.76
N GLY A 51 -3.70 -0.92 -19.45
CA GLY A 51 -4.75 -1.76 -18.92
C GLY A 51 -4.60 -3.22 -19.33
N ASN A 52 -3.38 -3.73 -19.24
CA ASN A 52 -3.09 -5.11 -19.60
C ASN A 52 -3.00 -5.99 -18.36
N SER A 53 -3.95 -6.90 -18.21
CA SER A 53 -3.98 -7.81 -17.07
C SER A 53 -2.75 -8.71 -17.05
N ASP A 54 -2.34 -9.16 -18.24
CA ASP A 54 -1.17 -10.02 -18.36
C ASP A 54 0.08 -9.32 -17.85
N CYS A 55 0.07 -8.00 -17.91
CA CYS A 55 1.21 -7.21 -17.46
C CYS A 55 1.40 -7.33 -15.96
N MET A 56 0.32 -7.62 -15.25
CA MET A 56 0.36 -7.78 -13.80
C MET A 56 1.04 -9.09 -13.42
N ASN A 57 0.73 -10.16 -14.15
CA ASN A 57 1.32 -11.47 -13.89
C ASN A 57 2.51 -11.73 -14.80
N ASN A 58 3.21 -10.66 -15.16
CA ASN A 58 4.38 -10.76 -16.04
C ASN A 58 5.66 -10.90 -15.22
N ASP A 59 5.95 -9.88 -14.41
CA ASP A 59 7.15 -9.89 -13.58
C ASP A 59 6.81 -10.28 -12.15
N ASP A 60 5.77 -11.10 -11.99
CA ASP A 60 5.34 -11.56 -10.67
C ASP A 60 5.91 -12.94 -10.36
N ALA A 61 7.10 -13.22 -10.91
CA ALA A 61 7.74 -14.51 -10.69
C ALA A 61 9.09 -14.32 -9.99
N LEU A 62 9.73 -13.19 -10.24
CA LEU A 62 11.03 -12.90 -9.65
C LEU A 62 10.95 -11.66 -8.76
N ALA A 63 10.19 -10.66 -9.20
CA ALA A 63 10.03 -9.43 -8.45
C ALA A 63 9.52 -9.71 -7.04
N GLU A 64 8.68 -10.73 -6.91
CA GLU A 64 8.12 -11.11 -5.61
C GLU A 64 9.23 -11.39 -4.60
N ASN A 65 10.38 -11.83 -5.10
CA ASN A 65 11.52 -12.14 -4.25
C ASN A 65 12.75 -11.33 -4.66
N ASN A 66 12.52 -10.07 -5.02
CA ASN A 66 13.60 -9.19 -5.44
C ASN A 66 13.23 -7.72 -5.19
N LEU A 67 12.39 -7.49 -4.20
CA LEU A 67 11.97 -6.14 -3.85
C LEU A 67 12.76 -5.59 -2.67
N LYS A 68 13.12 -4.32 -2.74
CA LYS A 68 13.88 -3.68 -1.67
C LYS A 68 12.97 -3.30 -0.51
N LEU A 69 11.69 -3.10 -0.80
CA LEU A 69 10.72 -2.74 0.22
C LEU A 69 10.30 -3.97 1.03
N PRO A 70 9.85 -3.73 2.27
CA PRO A 70 9.41 -4.80 3.17
C PRO A 70 8.10 -5.43 2.71
N GLU A 71 7.97 -6.73 2.94
CA GLU A 71 6.76 -7.45 2.56
C GLU A 71 6.47 -8.60 3.52
N ILE A 72 5.32 -8.54 4.19
CA ILE A 72 4.93 -9.56 5.14
C ILE A 72 5.03 -10.96 4.52
N GLN A 73 5.47 -11.92 5.33
CA GLN A 73 5.61 -13.29 4.86
C GLN A 73 4.53 -14.18 5.46
N ARG A 74 4.18 -13.93 6.71
CA ARG A 74 3.16 -14.71 7.39
C ARG A 74 2.89 -14.17 8.79
N ASN A 75 1.97 -14.80 9.51
CA ASN A 75 1.63 -14.37 10.85
C ASN A 75 1.35 -15.57 11.75
N ASP A 76 1.15 -15.30 13.04
CA ASP A 76 0.88 -16.36 14.01
C ASP A 76 -0.40 -16.07 14.79
N GLY A 77 -0.40 -14.95 15.51
CA GLY A 77 -1.55 -14.57 16.30
C GLY A 77 -1.17 -13.95 17.62
N CYS A 78 -0.65 -14.76 18.53
CA CYS A 78 -0.24 -14.26 19.85
C CYS A 78 -1.40 -13.57 20.55
N TYR A 79 -2.35 -14.36 21.04
CA TYR A 79 -3.51 -13.83 21.74
C TYR A 79 -4.10 -14.87 22.69
N GLN A 80 -3.25 -15.75 23.19
CA GLN A 80 -3.69 -16.79 24.11
C GLN A 80 -3.34 -16.43 25.56
N THR A 81 -3.83 -17.24 26.49
CA THR A 81 -3.56 -17.01 27.90
C THR A 81 -4.16 -15.68 28.36
N GLY A 82 -4.10 -15.43 29.67
CA GLY A 82 -4.64 -14.19 30.21
C GLY A 82 -3.68 -13.50 31.15
N TYR A 83 -2.39 -13.75 30.97
CA TYR A 83 -1.36 -13.16 31.83
C TYR A 83 -0.31 -12.45 30.99
N ASN A 84 0.14 -13.13 29.93
CA ASN A 84 1.15 -12.57 29.05
C ASN A 84 1.15 -13.28 27.70
N GLN A 85 0.95 -12.51 26.63
CA GLN A 85 0.93 -13.08 25.28
C GLN A 85 2.17 -12.65 24.49
N GLU A 86 3.25 -12.40 25.21
CA GLU A 86 4.50 -11.98 24.57
C GLU A 86 4.27 -10.77 23.66
N ILE A 87 5.29 -10.43 22.88
CA ILE A 87 5.20 -9.31 21.96
C ILE A 87 5.36 -9.76 20.51
N CYS A 88 4.30 -9.60 19.73
CA CYS A 88 4.31 -9.98 18.33
C CYS A 88 3.88 -8.84 17.43
N LEU A 89 4.86 -8.22 16.76
CA LEU A 89 4.58 -7.10 15.87
C LEU A 89 5.58 -7.05 14.73
N LEU A 90 5.27 -6.27 13.70
CA LEU A 90 6.14 -6.13 12.54
C LEU A 90 6.25 -4.67 12.10
N LYS A 91 7.23 -4.39 11.24
CA LYS A 91 7.43 -3.03 10.75
C LYS A 91 6.40 -2.69 9.67
N ILE A 92 5.30 -2.09 10.10
CA ILE A 92 4.24 -1.69 9.17
C ILE A 92 4.28 -0.20 8.90
N SER A 93 4.83 0.56 9.83
CA SER A 93 4.93 2.01 9.70
C SER A 93 5.83 2.39 8.52
N SER A 94 7.01 1.79 8.48
CA SER A 94 7.98 2.07 7.42
C SER A 94 7.36 1.78 6.04
N GLY A 95 6.80 0.60 5.89
CA GLY A 95 6.18 0.22 4.63
C GLY A 95 5.09 1.18 4.21
N LEU A 96 4.14 1.43 5.12
CA LEU A 96 3.03 2.34 4.84
C LEU A 96 3.54 3.75 4.55
N LEU A 97 4.57 4.17 5.28
CA LEU A 97 5.15 5.49 5.09
C LEU A 97 5.75 5.63 3.69
N GLU A 98 6.55 4.65 3.30
CA GLU A 98 7.18 4.66 1.99
C GLU A 98 6.14 4.70 0.87
N TYR A 99 5.20 3.76 0.94
CA TYR A 99 4.14 3.69 -0.06
C TYR A 99 3.40 5.00 -0.19
N HIS A 100 3.04 5.58 0.96
CA HIS A 100 2.32 6.85 0.99
C HIS A 100 3.12 7.94 0.27
N SER A 101 4.41 8.06 0.62
CA SER A 101 5.27 9.06 0.01
C SER A 101 5.40 8.83 -1.49
N TYR A 102 5.35 7.56 -1.89
CA TYR A 102 5.46 7.20 -3.29
C TYR A 102 4.26 7.68 -4.09
N LEU A 103 3.09 7.14 -3.77
CA LEU A 103 1.85 7.51 -4.44
C LEU A 103 1.66 9.03 -4.43
N GLU A 104 2.00 9.65 -3.30
CA GLU A 104 1.86 11.09 -3.16
C GLU A 104 2.83 11.82 -4.10
N TYR A 105 4.07 11.34 -4.15
CA TYR A 105 5.08 11.94 -5.01
C TYR A 105 4.65 11.93 -6.47
N MET A 106 4.14 10.78 -6.91
CA MET A 106 3.68 10.64 -8.28
C MET A 106 2.35 11.35 -8.51
N LYS A 107 1.57 11.47 -7.45
CA LYS A 107 0.28 12.14 -7.52
C LYS A 107 0.44 13.63 -7.81
N ASN A 108 1.55 14.20 -7.33
CA ASN A 108 1.83 15.61 -7.54
C ASN A 108 1.92 15.93 -9.02
N ASN A 109 2.42 14.98 -9.81
CA ASN A 109 2.55 15.17 -11.25
C ASN A 109 1.95 13.99 -12.00
N LEU A 110 0.71 14.17 -12.47
CA LEU A 110 0.02 13.12 -13.22
C LEU A 110 -0.94 13.72 -14.24
N LYS A 111 -1.53 12.86 -15.05
CA LYS A 111 -2.47 13.31 -16.08
C LYS A 111 -3.74 13.89 -15.45
N ASP A 112 -4.69 14.25 -16.28
CA ASP A 112 -5.94 14.82 -15.81
C ASP A 112 -6.71 13.81 -14.95
N ASN A 113 -6.89 12.61 -15.48
CA ASN A 113 -7.60 11.56 -14.77
C ASN A 113 -6.73 10.96 -13.67
N LYS A 114 -5.46 10.69 -14.00
CA LYS A 114 -4.53 10.12 -13.04
C LYS A 114 -4.43 10.98 -11.79
N LYS A 115 -4.49 12.30 -11.99
CA LYS A 115 -4.41 13.24 -10.87
C LYS A 115 -5.64 13.13 -9.98
N ASP A 116 -6.81 13.04 -10.61
CA ASP A 116 -8.07 12.94 -9.86
C ASP A 116 -8.08 11.67 -8.99
N LYS A 117 -7.71 10.55 -9.59
CA LYS A 117 -7.68 9.29 -8.87
C LYS A 117 -6.54 9.27 -7.85
N ALA A 118 -5.37 9.74 -8.26
CA ALA A 118 -4.21 9.79 -7.37
C ALA A 118 -4.54 10.54 -6.09
N ARG A 119 -5.21 11.67 -6.22
CA ARG A 119 -5.58 12.48 -5.06
C ARG A 119 -6.37 11.67 -4.05
N VAL A 120 -7.40 10.97 -4.54
CA VAL A 120 -8.24 10.14 -3.68
C VAL A 120 -7.43 9.00 -3.06
N LEU A 121 -6.45 8.51 -3.80
CA LEU A 121 -5.60 7.43 -3.31
C LEU A 121 -4.70 7.90 -2.19
N GLN A 122 -4.22 9.13 -2.29
CA GLN A 122 -3.35 9.70 -1.28
C GLN A 122 -4.11 10.00 0.00
N ARG A 123 -5.20 10.76 -0.13
CA ARG A 123 -6.01 11.11 1.03
C ARG A 123 -6.45 9.87 1.80
N ASP A 124 -6.88 8.85 1.07
CA ASP A 124 -7.32 7.60 1.67
C ASP A 124 -6.15 6.91 2.39
N THR A 125 -5.01 6.86 1.72
CA THR A 125 -3.83 6.22 2.29
C THR A 125 -3.46 6.84 3.63
N GLU A 126 -3.48 8.17 3.70
CA GLU A 126 -3.15 8.88 4.92
C GLU A 126 -4.17 8.59 6.02
N THR A 127 -5.45 8.57 5.64
CA THR A 127 -6.52 8.29 6.59
C THR A 127 -6.39 6.90 7.19
N LEU A 128 -6.33 5.88 6.34
CA LEU A 128 -6.19 4.51 6.79
C LEU A 128 -4.90 4.32 7.58
N ILE A 129 -3.85 5.03 7.16
CA ILE A 129 -2.56 4.93 7.82
C ILE A 129 -2.61 5.56 9.21
N HIS A 130 -3.42 6.62 9.35
CA HIS A 130 -3.55 7.31 10.63
C HIS A 130 -4.34 6.47 11.62
N ILE A 131 -5.41 5.83 11.14
CA ILE A 131 -6.24 4.99 11.99
C ILE A 131 -5.49 3.75 12.45
N PHE A 132 -4.82 3.08 11.50
CA PHE A 132 -4.06 1.88 11.81
C PHE A 132 -2.88 2.21 12.73
N ASN A 133 -2.11 3.22 12.35
CA ASN A 133 -0.95 3.63 13.14
C ASN A 133 -1.36 4.05 14.54
N GLN A 134 -2.48 4.76 14.63
CA GLN A 134 -2.99 5.23 15.92
C GLN A 134 -3.36 4.06 16.82
N GLU A 135 -4.20 3.16 16.30
CA GLU A 135 -4.62 1.99 17.05
C GLU A 135 -3.43 1.19 17.55
N VAL A 136 -2.50 0.91 16.65
CA VAL A 136 -1.30 0.15 17.00
C VAL A 136 -0.44 0.92 18.00
N LYS A 137 -0.28 2.22 17.78
CA LYS A 137 0.51 3.06 18.66
C LYS A 137 0.00 2.97 20.10
N ASP A 138 -1.31 3.04 20.27
CA ASP A 138 -1.92 2.96 21.59
C ASP A 138 -1.90 1.53 22.11
N LEU A 139 -1.97 0.56 21.20
CA LEU A 139 -1.96 -0.84 21.56
C LEU A 139 -0.62 -1.25 22.15
N HIS A 140 0.46 -0.89 21.45
CA HIS A 140 1.81 -1.21 21.91
C HIS A 140 2.72 0.01 21.79
N LYS A 141 3.13 0.32 20.57
CA LYS A 141 4.01 1.45 20.31
C LYS A 141 4.33 1.59 18.82
N ILE A 142 5.06 2.63 18.47
CA ILE A 142 5.43 2.86 17.08
C ILE A 142 6.34 4.08 16.94
N VAL A 143 7.27 4.00 16.00
CA VAL A 143 8.21 5.10 15.78
C VAL A 143 8.16 5.58 14.33
N LEU A 144 8.49 6.85 14.12
CA LEU A 144 8.47 7.43 12.78
C LEU A 144 9.02 8.86 12.81
N PRO A 145 10.34 8.97 12.66
CA PRO A 145 11.03 10.28 12.65
C PRO A 145 10.71 11.09 11.40
N THR A 146 10.83 10.46 10.24
CA THR A 146 10.55 11.13 8.98
C THR A 146 10.73 10.16 7.80
N PRO A 147 10.11 10.51 6.66
CA PRO A 147 10.19 9.69 5.44
C PRO A 147 11.57 9.73 4.82
N ILE A 148 11.82 8.78 3.91
CA ILE A 148 13.11 8.70 3.23
C ILE A 148 12.94 8.58 1.73
N SER A 149 11.93 7.82 1.31
CA SER A 149 11.65 7.63 -0.11
C SER A 149 11.56 8.97 -0.83
N ASN A 150 10.90 9.94 -0.19
CA ASN A 150 10.75 11.27 -0.77
C ASN A 150 12.09 11.83 -1.22
N ALA A 151 13.09 11.73 -0.34
CA ALA A 151 14.42 12.24 -0.65
C ALA A 151 15.04 11.48 -1.82
N LEU A 152 14.76 10.18 -1.90
CA LEU A 152 15.29 9.34 -2.97
C LEU A 152 14.77 9.81 -4.33
N LEU A 153 13.45 9.80 -4.49
CA LEU A 153 12.84 10.22 -5.74
C LEU A 153 13.25 11.65 -6.09
N THR A 154 13.11 12.56 -5.14
CA THR A 154 13.48 13.95 -5.35
C THR A 154 14.95 14.08 -5.72
N ASP A 155 15.78 13.20 -5.17
CA ASP A 155 17.21 13.23 -5.44
C ASP A 155 17.49 12.90 -6.90
N LYS A 156 16.60 12.10 -7.50
CA LYS A 156 16.75 11.70 -8.89
C LYS A 156 15.71 12.40 -9.77
N LEU A 157 16.14 13.45 -10.46
CA LEU A 157 15.24 14.20 -11.34
C LEU A 157 15.97 14.64 -12.61
N GLU A 158 15.25 14.63 -13.72
CA GLU A 158 15.82 15.02 -15.01
C GLU A 158 14.84 15.86 -15.81
N SER A 159 13.82 15.20 -16.36
CA SER A 159 12.80 15.88 -17.16
C SER A 159 11.71 14.90 -17.59
N GLN A 160 12.02 14.05 -18.56
CA GLN A 160 11.07 13.06 -19.05
C GLN A 160 11.79 11.81 -19.53
N LYS A 161 12.48 11.92 -20.66
CA LYS A 161 13.20 10.79 -21.23
C LYS A 161 12.26 9.62 -21.53
N GLU A 162 12.81 8.55 -22.07
CA GLU A 162 12.01 7.37 -22.40
C GLU A 162 11.26 6.86 -21.18
N TRP A 163 10.42 5.85 -21.38
CA TRP A 163 9.64 5.27 -20.30
C TRP A 163 10.52 4.45 -19.37
N LEU A 164 11.17 5.12 -18.42
CA LEU A 164 12.05 4.46 -17.47
C LEU A 164 11.45 4.50 -16.06
N ARG A 165 10.77 5.59 -15.75
CA ARG A 165 10.15 5.74 -14.44
C ARG A 165 9.09 4.66 -14.20
N THR A 166 8.52 4.16 -15.29
CA THR A 166 7.49 3.13 -15.20
C THR A 166 7.95 1.97 -14.33
N LYS A 167 9.27 1.78 -14.25
CA LYS A 167 9.84 0.71 -13.44
C LYS A 167 9.65 0.98 -11.96
N THR A 168 10.35 2.00 -11.45
CA THR A 168 10.26 2.36 -10.05
C THR A 168 8.81 2.48 -9.60
N ILE A 169 7.97 3.08 -10.44
CA ILE A 169 6.56 3.25 -10.14
C ILE A 169 5.84 1.90 -10.08
N GLN A 170 6.15 1.03 -11.04
CA GLN A 170 5.53 -0.29 -11.10
C GLN A 170 5.92 -1.11 -9.87
N PHE A 171 7.14 -0.93 -9.39
CA PHE A 171 7.63 -1.66 -8.23
C PHE A 171 6.92 -1.19 -6.96
N ILE A 172 6.97 0.11 -6.70
CA ILE A 172 6.33 0.68 -5.52
C ILE A 172 4.83 0.43 -5.53
N LEU A 173 4.24 0.46 -6.73
CA LEU A 173 2.81 0.23 -6.87
C LEU A 173 2.45 -1.22 -6.53
N LYS A 174 3.13 -2.16 -7.17
CA LYS A 174 2.89 -3.58 -6.94
C LYS A 174 3.12 -3.94 -5.47
N SER A 175 4.23 -3.46 -4.91
CA SER A 175 4.56 -3.72 -3.53
C SER A 175 3.51 -3.12 -2.59
N LEU A 176 3.09 -1.91 -2.90
CA LEU A 176 2.08 -1.22 -2.08
C LEU A 176 0.80 -2.03 -2.01
N GLU A 177 0.24 -2.36 -3.17
CA GLU A 177 -0.99 -3.13 -3.24
C GLU A 177 -0.85 -4.46 -2.50
N GLU A 178 0.21 -5.20 -2.85
CA GLU A 178 0.47 -6.49 -2.22
C GLU A 178 0.52 -6.36 -0.70
N PHE A 179 1.29 -5.40 -0.21
CA PHE A 179 1.43 -5.17 1.22
C PHE A 179 0.10 -4.74 1.83
N LEU A 180 -0.68 -3.98 1.06
CA LEU A 180 -1.97 -3.50 1.53
C LEU A 180 -2.92 -4.66 1.78
N LYS A 181 -3.31 -5.35 0.71
CA LYS A 181 -4.22 -6.48 0.82
C LYS A 181 -3.71 -7.48 1.86
N VAL A 182 -2.42 -7.77 1.82
CA VAL A 182 -1.80 -8.70 2.76
C VAL A 182 -2.00 -8.25 4.20
N THR A 183 -1.84 -6.95 4.43
CA THR A 183 -1.99 -6.39 5.76
C THR A 183 -3.43 -6.52 6.25
N LEU A 184 -4.37 -6.09 5.42
CA LEU A 184 -5.79 -6.17 5.77
C LEU A 184 -6.18 -7.60 6.14
N ARG A 185 -5.85 -8.54 5.26
CA ARG A 185 -6.18 -9.94 5.49
C ARG A 185 -5.41 -10.48 6.69
N SER A 186 -4.19 -9.98 6.89
CA SER A 186 -3.35 -10.41 8.00
C SER A 186 -3.99 -10.05 9.34
N THR A 187 -4.37 -8.78 9.48
CA THR A 187 -5.00 -8.31 10.71
C THR A 187 -6.36 -8.96 10.92
N ARG A 188 -6.99 -9.39 9.82
CA ARG A 188 -8.30 -10.02 9.88
C ARG A 188 -8.19 -11.47 10.31
N GLN A 189 -9.26 -12.00 10.88
CA GLN A 189 -9.28 -13.39 11.34
C GLN A 189 -9.02 -14.35 10.18
N THR A 190 -9.26 -13.87 8.96
CA THR A 190 -9.05 -14.69 7.76
C THR A 190 -7.90 -14.13 6.91
N SER A 7 3.53 -19.65 -13.87
CA SER A 7 2.67 -18.48 -13.84
C SER A 7 1.45 -18.72 -12.97
N GLN A 8 1.55 -18.36 -11.70
CA GLN A 8 0.45 -18.54 -10.75
C GLN A 8 0.22 -17.27 -9.93
N VAL A 9 -0.79 -16.51 -10.31
CA VAL A 9 -1.12 -15.28 -9.61
C VAL A 9 -2.40 -15.42 -8.80
N ARG A 10 -2.49 -14.69 -7.70
CA ARG A 10 -3.66 -14.74 -6.84
C ARG A 10 -4.51 -13.48 -6.99
N ARG A 11 -5.57 -13.56 -7.79
CA ARG A 11 -6.45 -12.44 -8.02
C ARG A 11 -7.23 -12.09 -6.76
N GLY A 12 -7.86 -10.92 -6.76
CA GLY A 12 -8.64 -10.50 -5.62
C GLY A 12 -9.95 -9.84 -6.01
N ASP A 13 -9.93 -9.05 -7.06
CA ASP A 13 -11.12 -8.36 -7.54
C ASP A 13 -11.75 -7.53 -6.43
N PHE A 14 -12.86 -6.88 -6.75
CA PHE A 14 -13.57 -6.04 -5.78
C PHE A 14 -14.93 -6.62 -5.44
N THR A 15 -15.55 -6.10 -4.38
CA THR A 15 -16.85 -6.58 -3.94
C THR A 15 -17.84 -5.43 -3.84
N GLU A 16 -17.36 -4.27 -3.39
CA GLU A 16 -18.21 -3.10 -3.25
C GLU A 16 -17.54 -1.87 -3.85
N ASP A 17 -18.18 -0.72 -3.69
CA ASP A 17 -17.64 0.54 -4.22
C ASP A 17 -18.41 1.73 -3.65
N THR A 18 -18.47 1.82 -2.32
CA THR A 18 -19.17 2.91 -1.66
C THR A 18 -18.47 3.30 -0.36
N THR A 19 -18.62 4.55 0.04
CA THR A 19 -18.01 5.05 1.27
C THR A 19 -18.98 5.94 2.04
N PRO A 20 -18.71 6.10 3.35
CA PRO A 20 -19.55 6.93 4.23
C PRO A 20 -19.43 8.41 3.91
N ASN A 21 -20.02 9.25 4.77
CA ASN A 21 -19.99 10.69 4.58
C ASN A 21 -18.98 11.34 5.53
N ARG A 22 -18.74 10.68 6.66
CA ARG A 22 -17.80 11.19 7.65
C ARG A 22 -16.96 10.06 8.24
N PRO A 23 -15.78 10.41 8.76
CA PRO A 23 -14.86 9.44 9.36
C PRO A 23 -15.38 8.88 10.68
N VAL A 24 -15.84 7.64 10.65
CA VAL A 24 -16.38 6.99 11.84
C VAL A 24 -15.29 6.21 12.57
N TYR A 25 -14.23 5.88 11.85
CA TYR A 25 -13.12 5.13 12.43
C TYR A 25 -13.57 3.75 12.89
N THR A 26 -14.62 3.24 12.26
CA THR A 26 -15.15 1.93 12.60
C THR A 26 -14.64 0.86 11.65
N THR A 27 -14.72 -0.40 12.08
CA THR A 27 -14.25 -1.52 11.26
C THR A 27 -14.85 -1.47 9.87
N SER A 28 -16.11 -1.02 9.78
CA SER A 28 -16.80 -0.93 8.51
C SER A 28 -16.17 0.14 7.62
N GLN A 29 -15.85 1.29 8.22
CA GLN A 29 -15.25 2.39 7.49
C GLN A 29 -13.89 1.99 6.92
N VAL A 30 -13.03 1.45 7.79
CA VAL A 30 -11.70 1.02 7.38
C VAL A 30 -11.78 -0.08 6.33
N GLY A 31 -12.72 -1.00 6.50
CA GLY A 31 -12.88 -2.09 5.56
C GLY A 31 -13.22 -1.60 4.17
N GLY A 32 -14.27 -0.78 4.07
CA GLY A 32 -14.68 -0.26 2.78
C GLY A 32 -13.62 0.61 2.13
N LEU A 33 -12.89 1.37 2.96
CA LEU A 33 -11.85 2.24 2.47
C LEU A 33 -10.66 1.44 1.93
N ILE A 34 -10.33 0.36 2.62
CA ILE A 34 -9.22 -0.50 2.21
C ILE A 34 -9.51 -1.17 0.87
N THR A 35 -10.69 -1.76 0.75
CA THR A 35 -11.09 -2.43 -0.48
C THR A 35 -11.17 -1.46 -1.64
N HIS A 36 -11.68 -0.26 -1.37
CA HIS A 36 -11.80 0.77 -2.40
C HIS A 36 -10.43 1.17 -2.94
N VAL A 37 -9.54 1.57 -2.04
CA VAL A 37 -8.20 1.98 -2.42
C VAL A 37 -7.45 0.83 -3.11
N LEU A 38 -7.73 -0.38 -2.68
CA LEU A 38 -7.10 -1.57 -3.26
C LEU A 38 -7.44 -1.70 -4.74
N TRP A 39 -8.72 -1.60 -5.06
CA TRP A 39 -9.17 -1.70 -6.44
C TRP A 39 -8.62 -0.56 -7.29
N GLU A 40 -8.64 0.65 -6.72
CA GLU A 40 -8.15 1.83 -7.43
C GLU A 40 -6.66 1.67 -7.77
N ILE A 41 -5.90 1.14 -6.83
CA ILE A 41 -4.46 0.94 -7.03
C ILE A 41 -4.20 -0.07 -8.14
N VAL A 42 -4.91 -1.20 -8.09
CA VAL A 42 -4.76 -2.24 -9.09
C VAL A 42 -5.06 -1.72 -10.48
N GLU A 43 -6.13 -0.92 -10.59
CA GLU A 43 -6.53 -0.34 -11.87
C GLU A 43 -5.56 0.75 -12.30
N MET A 44 -5.16 1.59 -11.35
CA MET A 44 -4.23 2.68 -11.64
C MET A 44 -2.87 2.15 -12.04
N ARG A 45 -2.50 0.99 -11.49
CA ARG A 45 -1.21 0.37 -11.79
C ARG A 45 -1.25 -0.30 -13.16
N LYS A 46 -2.26 -1.14 -13.37
CA LYS A 46 -2.41 -1.86 -14.63
C LYS A 46 -2.73 -0.90 -15.77
N GLU A 47 -3.38 0.21 -15.44
CA GLU A 47 -3.74 1.22 -16.43
C GLU A 47 -2.52 1.66 -17.22
N LEU A 48 -1.39 1.81 -16.53
CA LEU A 48 -0.15 2.23 -17.17
C LEU A 48 0.22 1.30 -18.32
N CYS A 49 -0.20 0.04 -18.21
CA CYS A 49 0.08 -0.95 -19.24
C CYS A 49 -1.10 -1.10 -20.20
N ASN A 50 -1.88 -0.03 -20.34
CA ASN A 50 -3.04 -0.03 -21.22
C ASN A 50 -4.04 -1.09 -20.79
N GLY A 51 -4.11 -1.34 -19.48
CA GLY A 51 -5.04 -2.33 -18.96
C GLY A 51 -4.80 -3.70 -19.54
N ASN A 52 -3.53 -4.11 -19.60
CA ASN A 52 -3.17 -5.42 -20.13
C ASN A 52 -2.94 -6.42 -19.01
N SER A 53 -3.77 -7.46 -18.96
CA SER A 53 -3.66 -8.48 -17.94
C SER A 53 -2.29 -9.16 -17.99
N ASP A 54 -1.73 -9.24 -19.19
CA ASP A 54 -0.42 -9.86 -19.37
C ASP A 54 0.66 -9.07 -18.65
N CYS A 55 0.58 -7.76 -18.74
CA CYS A 55 1.56 -6.88 -18.10
C CYS A 55 1.59 -7.11 -16.59
N MET A 56 0.47 -7.58 -16.05
CA MET A 56 0.36 -7.84 -14.62
C MET A 56 1.22 -9.05 -14.23
N ASN A 57 1.11 -10.12 -15.01
CA ASN A 57 1.88 -11.34 -14.75
C ASN A 57 3.10 -11.41 -15.63
N ASN A 58 3.64 -10.25 -16.01
CA ASN A 58 4.82 -10.18 -16.86
C ASN A 58 6.10 -10.23 -16.03
N ASP A 59 6.19 -9.33 -15.06
CA ASP A 59 7.36 -9.26 -14.19
C ASP A 59 7.01 -9.67 -12.76
N ASP A 60 5.92 -10.43 -12.63
CA ASP A 60 5.47 -10.90 -11.32
C ASP A 60 5.93 -12.32 -11.06
N ALA A 61 7.07 -12.69 -11.63
CA ALA A 61 7.63 -14.03 -11.46
C ALA A 61 8.91 -13.99 -10.64
N LEU A 62 9.66 -12.90 -10.78
CA LEU A 62 10.92 -12.74 -10.05
C LEU A 62 10.83 -11.57 -9.07
N ALA A 63 9.98 -10.61 -9.39
CA ALA A 63 9.80 -9.44 -8.54
C ALA A 63 9.44 -9.84 -7.11
N GLU A 64 8.67 -10.92 -6.99
CA GLU A 64 8.26 -11.42 -5.67
C GLU A 64 9.48 -11.65 -4.78
N ASN A 65 10.62 -11.94 -5.39
CA ASN A 65 11.84 -12.18 -4.65
C ASN A 65 12.94 -11.21 -5.07
N ASN A 66 12.54 -9.98 -5.38
CA ASN A 66 13.49 -8.95 -5.79
C ASN A 66 13.05 -7.58 -5.30
N LEU A 67 12.30 -7.55 -4.20
CA LEU A 67 11.82 -6.30 -3.63
C LEU A 67 12.57 -5.95 -2.35
N LYS A 68 13.00 -4.71 -2.25
CA LYS A 68 13.74 -4.24 -1.08
C LYS A 68 12.78 -3.69 -0.02
N LEU A 69 11.62 -3.24 -0.47
CA LEU A 69 10.61 -2.69 0.44
C LEU A 69 10.09 -3.75 1.40
N PRO A 70 9.50 -3.30 2.51
CA PRO A 70 8.94 -4.20 3.53
C PRO A 70 7.70 -4.94 3.04
N GLU A 71 7.69 -6.25 3.21
CA GLU A 71 6.56 -7.08 2.78
C GLU A 71 6.24 -8.13 3.84
N ILE A 72 4.99 -8.58 3.84
CA ILE A 72 4.54 -9.59 4.79
C ILE A 72 4.41 -10.96 4.12
N GLN A 73 5.01 -11.96 4.73
CA GLN A 73 4.95 -13.33 4.20
C GLN A 73 3.73 -14.06 4.71
N ARG A 74 3.75 -14.42 5.99
CA ARG A 74 2.63 -15.13 6.61
C ARG A 74 2.77 -15.15 8.12
N ASN A 75 3.98 -15.38 8.61
CA ASN A 75 4.24 -15.42 10.04
C ASN A 75 3.59 -16.65 10.69
N ASP A 76 2.27 -16.59 10.85
CA ASP A 76 1.53 -17.68 11.45
C ASP A 76 2.06 -18.01 12.84
N GLY A 77 2.02 -17.01 13.72
CA GLY A 77 2.51 -17.20 15.08
C GLY A 77 2.54 -15.91 15.87
N CYS A 78 3.72 -15.56 16.39
CA CYS A 78 3.88 -14.35 17.18
C CYS A 78 2.94 -14.34 18.37
N TYR A 79 2.98 -15.41 19.17
CA TYR A 79 2.13 -15.53 20.34
C TYR A 79 2.59 -16.69 21.22
N GLN A 80 2.80 -17.84 20.61
CA GLN A 80 3.23 -19.02 21.35
C GLN A 80 4.59 -18.81 21.99
N THR A 81 5.39 -17.92 21.38
CA THR A 81 6.72 -17.62 21.89
C THR A 81 7.68 -18.78 21.64
N GLY A 82 7.29 -19.97 22.10
CA GLY A 82 8.14 -21.14 21.92
C GLY A 82 9.56 -20.93 22.42
N TYR A 83 10.53 -21.35 21.63
CA TYR A 83 11.93 -21.21 22.01
C TYR A 83 12.77 -20.77 20.81
N ASN A 84 12.99 -21.70 19.88
CA ASN A 84 13.78 -21.41 18.68
C ASN A 84 12.87 -21.03 17.51
N GLN A 85 11.82 -20.27 17.81
CA GLN A 85 10.88 -19.84 16.78
C GLN A 85 9.86 -18.85 17.34
N GLU A 86 8.87 -18.50 16.53
CA GLU A 86 7.83 -17.57 16.96
C GLU A 86 8.43 -16.20 17.28
N ILE A 87 7.59 -15.29 17.75
CA ILE A 87 8.03 -13.95 18.10
C ILE A 87 8.55 -13.21 16.87
N CYS A 88 7.75 -12.27 16.36
CA CYS A 88 8.14 -11.49 15.19
C CYS A 88 8.30 -10.02 15.55
N LEU A 89 8.98 -9.27 14.69
CA LEU A 89 9.20 -7.85 14.91
C LEU A 89 8.09 -7.01 14.27
N LEU A 90 8.07 -5.72 14.58
CA LEU A 90 7.06 -4.82 14.04
C LEU A 90 7.66 -3.91 12.97
N LYS A 91 7.07 -3.93 11.78
CA LYS A 91 7.54 -3.11 10.68
C LYS A 91 6.42 -2.83 9.68
N ILE A 92 5.39 -2.11 10.14
CA ILE A 92 4.25 -1.78 9.30
C ILE A 92 4.23 -0.28 8.99
N SER A 93 4.84 0.51 9.86
CA SER A 93 4.88 1.96 9.68
C SER A 93 5.80 2.33 8.51
N SER A 94 7.00 1.76 8.51
CA SER A 94 7.97 2.04 7.45
C SER A 94 7.37 1.78 6.08
N GLY A 95 6.74 0.62 5.93
CA GLY A 95 6.13 0.26 4.66
C GLY A 95 5.00 1.20 4.27
N LEU A 96 4.06 1.40 5.18
CA LEU A 96 2.92 2.28 4.93
C LEU A 96 3.39 3.69 4.61
N LEU A 97 4.18 4.27 5.51
CA LEU A 97 4.70 5.62 5.31
C LEU A 97 5.39 5.75 3.96
N GLU A 98 6.25 4.79 3.66
CA GLU A 98 6.98 4.80 2.38
C GLU A 98 6.02 4.89 1.21
N TYR A 99 5.02 4.01 1.19
CA TYR A 99 4.04 3.98 0.12
C TYR A 99 3.36 5.34 -0.03
N HIS A 100 2.94 5.91 1.09
CA HIS A 100 2.28 7.22 1.10
C HIS A 100 3.14 8.26 0.41
N SER A 101 4.41 8.31 0.78
CA SER A 101 5.35 9.27 0.20
C SER A 101 5.52 9.02 -1.30
N TYR A 102 5.52 7.76 -1.69
CA TYR A 102 5.68 7.38 -3.09
C TYR A 102 4.53 7.94 -3.93
N LEU A 103 3.31 7.47 -3.63
CA LEU A 103 2.13 7.92 -4.36
C LEU A 103 2.01 9.44 -4.31
N GLU A 104 2.36 10.02 -3.17
CA GLU A 104 2.29 11.48 -3.00
C GLU A 104 3.23 12.18 -3.97
N TYR A 105 4.44 11.64 -4.12
CA TYR A 105 5.43 12.22 -5.02
C TYR A 105 5.01 12.06 -6.48
N MET A 106 4.41 10.92 -6.79
CA MET A 106 3.96 10.63 -8.14
C MET A 106 2.70 11.43 -8.47
N LYS A 107 1.91 11.72 -7.45
CA LYS A 107 0.68 12.48 -7.63
C LYS A 107 0.97 13.91 -8.06
N ASN A 108 2.13 14.42 -7.66
CA ASN A 108 2.54 15.78 -8.00
C ASN A 108 2.61 15.97 -9.51
N ASN A 109 3.00 14.90 -10.21
CA ASN A 109 3.12 14.94 -11.66
C ASN A 109 2.44 13.73 -12.30
N LEU A 110 1.19 13.91 -12.74
CA LEU A 110 0.44 12.83 -13.36
C LEU A 110 -0.53 13.39 -14.41
N LYS A 111 -1.25 12.49 -15.08
CA LYS A 111 -2.21 12.88 -16.10
C LYS A 111 -3.45 13.50 -15.46
N ASP A 112 -4.44 13.83 -16.30
CA ASP A 112 -5.68 14.42 -15.82
C ASP A 112 -6.45 13.44 -14.94
N ASN A 113 -6.64 12.23 -15.44
CA ASN A 113 -7.36 11.20 -14.70
C ASN A 113 -6.49 10.61 -13.59
N LYS A 114 -5.23 10.35 -13.92
CA LYS A 114 -4.29 9.79 -12.96
C LYS A 114 -4.19 10.66 -11.72
N LYS A 115 -4.14 11.97 -11.92
CA LYS A 115 -4.05 12.92 -10.81
C LYS A 115 -5.35 12.91 -10.00
N ASP A 116 -6.47 13.00 -10.69
CA ASP A 116 -7.78 13.01 -10.03
C ASP A 116 -7.91 11.83 -9.07
N LYS A 117 -7.60 10.64 -9.57
CA LYS A 117 -7.69 9.42 -8.76
C LYS A 117 -6.56 9.37 -7.74
N ALA A 118 -5.38 9.85 -8.14
CA ALA A 118 -4.22 9.85 -7.25
C ALA A 118 -4.53 10.58 -5.95
N ARG A 119 -5.17 11.74 -6.06
CA ARG A 119 -5.52 12.53 -4.89
C ARG A 119 -6.34 11.71 -3.91
N VAL A 120 -7.39 11.06 -4.41
CA VAL A 120 -8.26 10.25 -3.57
C VAL A 120 -7.48 9.11 -2.92
N LEU A 121 -6.59 8.49 -3.69
CA LEU A 121 -5.78 7.38 -3.19
C LEU A 121 -4.95 7.82 -1.98
N GLN A 122 -4.32 8.99 -2.10
CA GLN A 122 -3.50 9.51 -1.02
C GLN A 122 -4.35 9.84 0.20
N ARG A 123 -5.52 10.40 -0.04
CA ARG A 123 -6.44 10.77 1.04
C ARG A 123 -6.78 9.54 1.89
N ASP A 124 -7.28 8.50 1.23
CA ASP A 124 -7.67 7.28 1.92
C ASP A 124 -6.45 6.63 2.58
N THR A 125 -5.31 6.70 1.91
CA THR A 125 -4.08 6.12 2.44
C THR A 125 -3.70 6.75 3.76
N GLU A 126 -3.80 8.07 3.85
CA GLU A 126 -3.47 8.79 5.07
C GLU A 126 -4.47 8.49 6.17
N THR A 127 -5.74 8.36 5.79
CA THR A 127 -6.80 8.07 6.74
C THR A 127 -6.60 6.70 7.38
N LEU A 128 -6.51 5.67 6.55
CA LEU A 128 -6.33 4.30 7.03
C LEU A 128 -5.01 4.17 7.79
N ILE A 129 -3.98 4.84 7.29
CA ILE A 129 -2.67 4.81 7.92
C ILE A 129 -2.70 5.46 9.31
N HIS A 130 -3.49 6.52 9.43
CA HIS A 130 -3.62 7.23 10.70
C HIS A 130 -4.36 6.38 11.73
N ILE A 131 -5.42 5.72 11.28
CA ILE A 131 -6.22 4.87 12.17
C ILE A 131 -5.41 3.68 12.68
N PHE A 132 -4.80 2.95 11.75
CA PHE A 132 -3.98 1.80 12.11
C PHE A 132 -2.80 2.21 12.99
N ASN A 133 -2.06 3.22 12.53
CA ASN A 133 -0.90 3.71 13.27
C ASN A 133 -1.30 4.15 14.67
N GLN A 134 -2.46 4.80 14.78
CA GLN A 134 -2.95 5.27 16.07
C GLN A 134 -3.21 4.11 17.02
N GLU A 135 -3.97 3.12 16.54
CA GLU A 135 -4.30 1.96 17.35
C GLU A 135 -3.03 1.27 17.85
N VAL A 136 -2.11 0.98 16.93
CA VAL A 136 -0.86 0.32 17.28
C VAL A 136 0.01 1.23 18.15
N LYS A 137 -0.16 2.54 17.97
CA LYS A 137 0.61 3.52 18.74
C LYS A 137 0.20 3.51 20.21
N ASP A 138 -1.10 3.36 20.45
CA ASP A 138 -1.64 3.34 21.81
C ASP A 138 -1.36 1.98 22.47
N LEU A 139 -1.52 0.92 21.70
CA LEU A 139 -1.30 -0.43 22.21
C LEU A 139 0.18 -0.69 22.42
N HIS A 140 0.96 -0.56 21.35
CA HIS A 140 2.40 -0.78 21.40
C HIS A 140 3.16 0.48 20.98
N LYS A 141 4.47 0.34 20.80
CA LYS A 141 5.31 1.45 20.39
C LYS A 141 5.54 1.45 18.89
N ILE A 142 6.35 2.38 18.41
CA ILE A 142 6.65 2.48 16.99
C ILE A 142 7.69 3.56 16.72
N VAL A 143 8.53 3.33 15.70
CA VAL A 143 9.57 4.29 15.34
C VAL A 143 9.55 4.57 13.85
N LEU A 144 9.57 5.85 13.50
CA LEU A 144 9.56 6.26 12.10
C LEU A 144 9.69 7.77 11.97
N PRO A 145 10.94 8.27 11.95
CA PRO A 145 11.23 9.70 11.84
C PRO A 145 10.89 10.24 10.45
N THR A 146 11.34 9.55 9.41
CA THR A 146 11.08 9.96 8.04
C THR A 146 11.75 9.02 7.04
N PRO A 147 11.12 8.86 5.87
CA PRO A 147 11.63 7.98 4.82
C PRO A 147 12.89 8.54 4.16
N ILE A 148 13.48 7.76 3.26
CA ILE A 148 14.69 8.18 2.57
C ILE A 148 14.49 8.14 1.05
N SER A 149 13.72 7.16 0.58
CA SER A 149 13.46 7.01 -0.84
C SER A 149 12.98 8.33 -1.44
N ASN A 150 12.20 9.07 -0.67
CA ASN A 150 11.67 10.35 -1.13
C ASN A 150 12.78 11.25 -1.68
N ALA A 151 13.84 11.40 -0.89
CA ALA A 151 14.98 12.22 -1.31
C ALA A 151 15.61 11.67 -2.58
N LEU A 152 15.61 10.36 -2.72
CA LEU A 152 16.19 9.71 -3.90
C LEU A 152 15.44 10.10 -5.16
N LEU A 153 14.14 9.82 -5.19
CA LEU A 153 13.31 10.15 -6.34
C LEU A 153 13.38 11.63 -6.66
N THR A 154 13.17 12.46 -5.64
CA THR A 154 13.21 13.91 -5.81
C THR A 154 14.57 14.36 -6.33
N ASP A 155 15.62 13.69 -5.89
CA ASP A 155 16.97 14.03 -6.31
C ASP A 155 17.20 13.64 -7.77
N LYS A 156 16.47 12.61 -8.23
CA LYS A 156 16.59 12.15 -9.60
C LYS A 156 15.83 13.06 -10.55
N LEU A 157 14.52 12.96 -10.54
CA LEU A 157 13.68 13.78 -11.41
C LEU A 157 12.61 14.52 -10.60
N GLU A 158 11.88 15.40 -11.26
CA GLU A 158 10.82 16.17 -10.60
C GLU A 158 10.08 17.04 -11.60
N SER A 159 9.87 16.51 -12.81
CA SER A 159 9.17 17.24 -13.86
C SER A 159 8.91 16.34 -15.07
N GLN A 160 9.98 15.85 -15.66
CA GLN A 160 9.87 14.97 -16.82
C GLN A 160 9.59 13.53 -16.40
N LYS A 161 9.43 12.65 -17.39
CA LYS A 161 9.15 11.25 -17.12
C LYS A 161 9.62 10.37 -18.27
N GLU A 162 10.16 9.20 -17.94
CA GLU A 162 10.64 8.27 -18.95
C GLU A 162 10.12 6.86 -18.69
N TRP A 163 10.28 5.99 -19.67
CA TRP A 163 9.82 4.60 -19.55
C TRP A 163 10.47 3.92 -18.34
N LEU A 164 11.66 4.38 -17.98
CA LEU A 164 12.38 3.81 -16.84
C LEU A 164 11.62 4.06 -15.54
N ARG A 165 10.83 5.13 -15.52
CA ARG A 165 10.05 5.48 -14.34
C ARG A 165 8.97 4.43 -14.08
N THR A 166 8.38 3.91 -15.15
CA THR A 166 7.33 2.90 -15.04
C THR A 166 7.77 1.74 -14.15
N LYS A 167 9.08 1.52 -14.10
CA LYS A 167 9.63 0.44 -13.29
C LYS A 167 9.47 0.74 -11.80
N THR A 168 10.23 1.72 -11.32
CA THR A 168 10.17 2.10 -9.91
C THR A 168 8.73 2.29 -9.45
N ILE A 169 7.93 2.97 -10.26
CA ILE A 169 6.53 3.22 -9.93
C ILE A 169 5.76 1.91 -9.82
N GLN A 170 5.95 1.04 -10.80
CA GLN A 170 5.28 -0.25 -10.82
C GLN A 170 5.67 -1.09 -9.59
N PHE A 171 6.90 -0.92 -9.15
CA PHE A 171 7.40 -1.66 -7.99
C PHE A 171 6.72 -1.20 -6.71
N ILE A 172 6.79 0.11 -6.45
CA ILE A 172 6.18 0.68 -5.27
C ILE A 172 4.67 0.45 -5.26
N LEU A 173 4.06 0.51 -6.43
CA LEU A 173 2.62 0.30 -6.57
C LEU A 173 2.24 -1.13 -6.21
N LYS A 174 2.92 -2.09 -6.84
CA LYS A 174 2.66 -3.51 -6.58
C LYS A 174 2.85 -3.84 -5.11
N SER A 175 3.96 -3.38 -4.54
CA SER A 175 4.26 -3.63 -3.14
C SER A 175 3.17 -3.06 -2.23
N LEU A 176 2.76 -1.83 -2.52
CA LEU A 176 1.73 -1.16 -1.73
C LEU A 176 0.44 -1.99 -1.72
N GLU A 177 -0.06 -2.30 -2.91
CA GLU A 177 -1.28 -3.09 -3.04
C GLU A 177 -1.18 -4.38 -2.25
N GLU A 178 -0.17 -5.18 -2.55
CA GLU A 178 0.03 -6.45 -1.86
C GLU A 178 0.11 -6.25 -0.35
N PHE A 179 0.94 -5.30 0.07
CA PHE A 179 1.11 -5.00 1.48
C PHE A 179 -0.24 -4.68 2.13
N LEU A 180 -1.07 -3.92 1.43
CA LEU A 180 -2.38 -3.53 1.93
C LEU A 180 -3.27 -4.76 2.12
N LYS A 181 -3.20 -5.68 1.16
CA LYS A 181 -3.99 -6.90 1.22
C LYS A 181 -3.56 -7.78 2.39
N VAL A 182 -2.26 -8.09 2.45
CA VAL A 182 -1.73 -8.91 3.52
C VAL A 182 -1.98 -8.28 4.89
N THR A 183 -1.94 -6.95 4.94
CA THR A 183 -2.16 -6.23 6.17
C THR A 183 -3.63 -6.26 6.58
N LEU A 184 -4.51 -6.19 5.59
CA LEU A 184 -5.95 -6.21 5.84
C LEU A 184 -6.39 -7.59 6.32
N ARG A 185 -5.78 -8.64 5.75
CA ARG A 185 -6.11 -10.00 6.11
C ARG A 185 -5.42 -10.41 7.40
N SER A 186 -4.24 -9.85 7.63
CA SER A 186 -3.46 -10.16 8.83
C SER A 186 -4.07 -9.47 10.05
N THR A 187 -4.32 -8.17 9.94
CA THR A 187 -4.90 -7.39 11.03
C THR A 187 -6.16 -8.06 11.57
N ARG A 188 -6.86 -8.77 10.69
CA ARG A 188 -8.09 -9.46 11.08
C ARG A 188 -7.85 -10.38 12.28
N GLN A 189 -7.21 -11.51 12.02
CA GLN A 189 -6.91 -12.48 13.07
C GLN A 189 -5.62 -13.24 12.76
N THR A 190 -4.81 -12.69 11.87
CA THR A 190 -3.56 -13.31 11.48
C THR A 190 -2.53 -12.28 11.04
N SER A 7 -8.47 -21.61 11.26
CA SER A 7 -7.67 -22.08 10.14
C SER A 7 -6.94 -20.92 9.47
N GLN A 8 -6.17 -21.24 8.43
CA GLN A 8 -5.42 -20.22 7.69
C GLN A 8 -5.90 -20.12 6.26
N VAL A 9 -7.09 -19.57 6.07
CA VAL A 9 -7.67 -19.40 4.75
C VAL A 9 -7.69 -17.94 4.32
N ARG A 10 -7.51 -17.69 3.03
CA ARG A 10 -7.50 -16.34 2.51
C ARG A 10 -8.93 -15.80 2.37
N ARG A 11 -9.18 -14.63 2.94
CA ARG A 11 -10.50 -14.02 2.88
C ARG A 11 -10.41 -12.57 2.39
N GLY A 12 -11.55 -11.91 2.31
CA GLY A 12 -11.58 -10.53 1.85
C GLY A 12 -12.72 -10.24 0.90
N ASP A 13 -13.92 -10.70 1.27
CA ASP A 13 -15.10 -10.49 0.43
C ASP A 13 -16.29 -10.05 1.28
N PHE A 14 -16.49 -8.74 1.37
CA PHE A 14 -17.61 -8.19 2.15
C PHE A 14 -18.50 -7.32 1.27
N THR A 15 -19.68 -7.00 1.79
CA THR A 15 -20.64 -6.18 1.06
C THR A 15 -20.88 -4.85 1.77
N GLU A 16 -20.80 -4.88 3.10
CA GLU A 16 -21.01 -3.68 3.90
C GLU A 16 -22.21 -2.88 3.39
N ASP A 17 -22.29 -1.63 3.79
CA ASP A 17 -23.39 -0.76 3.37
C ASP A 17 -22.96 0.72 3.41
N THR A 18 -22.14 1.11 2.45
CA THR A 18 -21.65 2.48 2.37
C THR A 18 -21.04 2.92 3.69
N THR A 19 -20.68 4.20 3.77
CA THR A 19 -20.07 4.75 4.99
C THR A 19 -21.01 5.76 5.66
N PRO A 20 -20.77 6.00 6.95
CA PRO A 20 -21.58 6.94 7.74
C PRO A 20 -21.35 8.38 7.32
N ASN A 21 -21.90 9.32 8.09
CA ASN A 21 -21.75 10.74 7.81
C ASN A 21 -20.37 11.24 8.21
N ARG A 22 -19.86 10.72 9.32
CA ARG A 22 -18.55 11.12 9.81
C ARG A 22 -17.66 9.90 10.02
N PRO A 23 -16.33 10.11 9.96
CA PRO A 23 -15.35 9.04 10.14
C PRO A 23 -15.31 8.52 11.58
N VAL A 24 -16.21 7.60 11.89
CA VAL A 24 -16.27 7.02 13.23
C VAL A 24 -15.03 6.20 13.53
N TYR A 25 -14.25 5.90 12.49
CA TYR A 25 -13.03 5.11 12.64
C TYR A 25 -13.35 3.70 13.14
N THR A 26 -14.55 3.23 12.82
CA THR A 26 -14.98 1.89 13.22
C THR A 26 -14.45 0.83 12.27
N THR A 27 -14.74 -0.43 12.58
CA THR A 27 -14.30 -1.55 11.75
C THR A 27 -14.92 -1.47 10.36
N SER A 28 -16.15 -0.96 10.29
CA SER A 28 -16.85 -0.83 9.03
C SER A 28 -16.19 0.22 8.14
N GLN A 29 -15.82 1.35 8.73
CA GLN A 29 -15.18 2.43 8.01
C GLN A 29 -13.84 1.98 7.43
N VAL A 30 -13.00 1.38 8.28
CA VAL A 30 -11.70 0.90 7.85
C VAL A 30 -11.83 -0.18 6.79
N GLY A 31 -12.82 -1.06 6.96
CA GLY A 31 -13.03 -2.12 6.01
C GLY A 31 -13.36 -1.61 4.62
N GLY A 32 -14.35 -0.74 4.53
CA GLY A 32 -14.75 -0.19 3.25
C GLY A 32 -13.66 0.67 2.63
N LEU A 33 -12.94 1.40 3.48
CA LEU A 33 -11.87 2.27 3.00
C LEU A 33 -10.72 1.44 2.42
N ILE A 34 -10.41 0.32 3.06
CA ILE A 34 -9.34 -0.55 2.61
C ILE A 34 -9.68 -1.19 1.27
N THR A 35 -10.84 -1.82 1.21
CA THR A 35 -11.29 -2.48 -0.02
C THR A 35 -11.35 -1.49 -1.18
N HIS A 36 -11.84 -0.28 -0.90
CA HIS A 36 -11.94 0.75 -1.92
C HIS A 36 -10.57 1.16 -2.43
N VAL A 37 -9.69 1.55 -1.52
CA VAL A 37 -8.34 1.96 -1.89
C VAL A 37 -7.59 0.84 -2.61
N LEU A 38 -7.92 -0.40 -2.26
CA LEU A 38 -7.30 -1.56 -2.87
C LEU A 38 -7.67 -1.68 -4.34
N TRP A 39 -8.97 -1.58 -4.62
CA TRP A 39 -9.47 -1.67 -5.99
C TRP A 39 -8.93 -0.53 -6.84
N GLU A 40 -8.88 0.67 -6.26
CA GLU A 40 -8.39 1.85 -6.97
C GLU A 40 -6.92 1.67 -7.35
N ILE A 41 -6.12 1.27 -6.38
CA ILE A 41 -4.69 1.07 -6.61
C ILE A 41 -4.45 0.04 -7.70
N VAL A 42 -5.19 -1.07 -7.63
CA VAL A 42 -5.07 -2.14 -8.62
C VAL A 42 -5.38 -1.63 -10.03
N GLU A 43 -6.49 -0.90 -10.15
CA GLU A 43 -6.89 -0.36 -11.44
C GLU A 43 -5.90 0.70 -11.93
N MET A 44 -5.49 1.57 -11.01
CA MET A 44 -4.54 2.63 -11.35
C MET A 44 -3.19 2.04 -11.73
N ARG A 45 -2.83 0.92 -11.12
CA ARG A 45 -1.57 0.25 -11.40
C ARG A 45 -1.57 -0.39 -12.77
N LYS A 46 -2.62 -1.18 -13.04
CA LYS A 46 -2.74 -1.86 -14.32
C LYS A 46 -3.04 -0.87 -15.44
N GLU A 47 -3.70 0.23 -15.08
CA GLU A 47 -4.05 1.25 -16.05
C GLU A 47 -2.82 1.72 -16.82
N LEU A 48 -1.67 1.74 -16.14
CA LEU A 48 -0.43 2.16 -16.75
C LEU A 48 -0.12 1.34 -18.00
N CYS A 49 -0.46 0.06 -17.95
CA CYS A 49 -0.23 -0.84 -19.08
C CYS A 49 -1.50 -1.03 -19.90
N ASN A 50 -2.34 0.00 -19.91
CA ASN A 50 -3.60 -0.05 -20.66
C ASN A 50 -4.50 -1.17 -20.14
N GLY A 51 -4.51 -1.33 -18.81
CA GLY A 51 -5.33 -2.37 -18.21
C GLY A 51 -5.08 -3.75 -18.81
N ASN A 52 -3.80 -4.06 -19.03
CA ASN A 52 -3.43 -5.35 -19.61
C ASN A 52 -2.95 -6.31 -18.52
N SER A 53 -3.72 -7.39 -18.32
CA SER A 53 -3.37 -8.38 -17.31
C SER A 53 -1.96 -8.92 -17.54
N ASP A 54 -1.51 -8.88 -18.79
CA ASP A 54 -0.18 -9.36 -19.14
C ASP A 54 0.89 -8.60 -18.35
N CYS A 55 0.60 -7.36 -18.02
CA CYS A 55 1.55 -6.53 -17.27
C CYS A 55 1.49 -6.85 -15.78
N MET A 56 0.35 -7.35 -15.32
CA MET A 56 0.17 -7.71 -13.93
C MET A 56 0.91 -8.99 -13.59
N ASN A 57 1.03 -9.89 -14.58
CA ASN A 57 1.71 -11.15 -14.38
C ASN A 57 2.91 -11.27 -15.32
N ASN A 58 3.49 -10.12 -15.68
CA ASN A 58 4.64 -10.10 -16.57
C ASN A 58 5.93 -10.36 -15.80
N ASP A 59 6.28 -9.44 -14.92
CA ASP A 59 7.48 -9.57 -14.11
C ASP A 59 7.14 -9.91 -12.66
N ASP A 60 6.15 -10.78 -12.48
CA ASP A 60 5.72 -11.19 -11.15
C ASP A 60 6.38 -12.50 -10.74
N ALA A 61 7.55 -12.76 -11.31
CA ALA A 61 8.29 -13.98 -11.01
C ALA A 61 9.71 -13.67 -10.54
N LEU A 62 10.36 -12.74 -11.24
CA LEU A 62 11.73 -12.34 -10.89
C LEU A 62 11.72 -11.16 -9.92
N ALA A 63 10.74 -10.28 -10.08
CA ALA A 63 10.62 -9.10 -9.22
C ALA A 63 10.66 -9.49 -7.75
N GLU A 64 10.14 -10.68 -7.45
CA GLU A 64 10.11 -11.18 -6.08
C GLU A 64 11.51 -11.19 -5.47
N ASN A 65 12.51 -11.47 -6.31
CA ASN A 65 13.90 -11.51 -5.86
C ASN A 65 14.66 -10.29 -6.34
N ASN A 66 13.93 -9.20 -6.57
CA ASN A 66 14.55 -7.96 -7.03
C ASN A 66 13.74 -6.75 -6.58
N LEU A 67 13.00 -6.92 -5.49
CA LEU A 67 12.18 -5.85 -4.94
C LEU A 67 12.83 -5.24 -3.70
N LYS A 68 13.12 -6.09 -2.72
CA LYS A 68 13.75 -5.63 -1.49
C LYS A 68 12.89 -4.58 -0.80
N LEU A 69 11.60 -4.55 -1.12
CA LEU A 69 10.68 -3.59 -0.53
C LEU A 69 10.16 -4.09 0.82
N PRO A 70 9.67 -3.16 1.64
CA PRO A 70 9.14 -3.48 2.97
C PRO A 70 7.82 -4.25 2.89
N GLU A 71 7.92 -5.57 2.72
CA GLU A 71 6.74 -6.41 2.64
C GLU A 71 6.63 -7.34 3.84
N ILE A 72 5.44 -7.86 4.09
CA ILE A 72 5.20 -8.76 5.21
C ILE A 72 4.72 -10.13 4.73
N GLN A 73 5.05 -11.16 5.50
CA GLN A 73 4.65 -12.52 5.15
C GLN A 73 4.01 -13.22 6.34
N ARG A 74 3.15 -12.50 7.06
CA ARG A 74 2.47 -13.04 8.22
C ARG A 74 0.96 -13.10 8.00
N ASN A 75 0.29 -13.96 8.75
CA ASN A 75 -1.16 -14.12 8.63
C ASN A 75 -1.83 -14.04 10.01
N ASP A 76 -1.22 -14.70 10.99
CA ASP A 76 -1.75 -14.71 12.35
C ASP A 76 -1.02 -13.71 13.22
N GLY A 77 0.26 -13.50 12.94
CA GLY A 77 1.06 -12.56 13.72
C GLY A 77 2.03 -13.27 14.66
N CYS A 78 1.49 -13.94 15.66
CA CYS A 78 2.31 -14.65 16.63
C CYS A 78 1.65 -15.96 17.05
N TYR A 79 2.44 -17.03 17.15
CA TYR A 79 1.94 -18.33 17.55
C TYR A 79 2.71 -18.88 18.73
N GLN A 80 1.97 -19.32 19.76
CA GLN A 80 2.59 -19.87 20.96
C GLN A 80 3.43 -21.09 20.62
N THR A 81 4.65 -21.14 21.17
CA THR A 81 5.56 -22.25 20.93
C THR A 81 6.20 -22.72 22.23
N GLY A 82 6.88 -21.80 22.91
CA GLY A 82 7.53 -22.14 24.16
C GLY A 82 7.19 -21.18 25.28
N TYR A 83 7.81 -21.38 26.45
CA TYR A 83 7.56 -20.52 27.60
C TYR A 83 7.98 -19.08 27.30
N ASN A 84 8.99 -18.93 26.45
CA ASN A 84 9.48 -17.60 26.09
C ASN A 84 10.37 -17.68 24.85
N GLN A 85 10.15 -16.77 23.92
CA GLN A 85 10.93 -16.73 22.69
C GLN A 85 10.59 -15.49 21.86
N GLU A 86 11.56 -15.00 21.10
CA GLU A 86 11.36 -13.82 20.26
C GLU A 86 11.48 -14.18 18.79
N ILE A 87 10.34 -14.47 18.16
CA ILE A 87 10.31 -14.83 16.75
C ILE A 87 9.52 -13.80 15.94
N CYS A 88 8.53 -13.19 16.58
CA CYS A 88 7.70 -12.19 15.92
C CYS A 88 8.51 -10.95 15.56
N LEU A 89 8.19 -10.36 14.42
CA LEU A 89 8.90 -9.16 13.95
C LEU A 89 8.23 -8.59 12.71
N LEU A 90 7.34 -7.61 12.91
CA LEU A 90 6.64 -6.98 11.80
C LEU A 90 6.83 -5.46 11.84
N LYS A 91 6.84 -4.85 10.66
CA LYS A 91 7.01 -3.40 10.56
C LYS A 91 5.67 -2.73 10.30
N ILE A 92 5.17 -2.86 9.08
CA ILE A 92 3.89 -2.25 8.70
C ILE A 92 4.01 -0.73 8.60
N SER A 93 4.21 -0.08 9.75
CA SER A 93 4.33 1.37 9.78
C SER A 93 5.37 1.85 8.76
N SER A 94 6.55 1.23 8.79
CA SER A 94 7.62 1.60 7.88
C SER A 94 7.14 1.52 6.42
N GLY A 95 6.58 0.39 6.05
CA GLY A 95 6.09 0.20 4.69
C GLY A 95 5.02 1.21 4.32
N LEU A 96 4.01 1.33 5.18
CA LEU A 96 2.91 2.26 4.93
C LEU A 96 3.45 3.67 4.66
N LEU A 97 4.39 4.11 5.47
CA LEU A 97 4.99 5.43 5.31
C LEU A 97 5.69 5.56 3.96
N GLU A 98 6.52 4.57 3.64
CA GLU A 98 7.24 4.58 2.37
C GLU A 98 6.28 4.68 1.19
N TYR A 99 5.34 3.74 1.12
CA TYR A 99 4.36 3.73 0.04
C TYR A 99 3.64 5.07 -0.07
N HIS A 100 3.23 5.60 1.08
CA HIS A 100 2.53 6.89 1.13
C HIS A 100 3.35 7.98 0.43
N SER A 101 4.62 8.08 0.81
CA SER A 101 5.50 9.08 0.22
C SER A 101 5.67 8.85 -1.28
N TYR A 102 5.66 7.59 -1.69
CA TYR A 102 5.81 7.23 -3.09
C TYR A 102 4.64 7.76 -3.92
N LEU A 103 3.45 7.25 -3.63
CA LEU A 103 2.25 7.67 -4.34
C LEU A 103 2.09 9.19 -4.31
N GLU A 104 2.41 9.78 -3.16
CA GLU A 104 2.32 11.23 -3.00
C GLU A 104 3.33 11.94 -3.89
N TYR A 105 4.50 11.35 -4.02
CA TYR A 105 5.57 11.93 -4.84
C TYR A 105 5.17 11.96 -6.31
N MET A 106 4.75 10.81 -6.83
CA MET A 106 4.32 10.71 -8.22
C MET A 106 3.01 11.45 -8.46
N LYS A 107 2.21 11.57 -7.40
CA LYS A 107 0.92 12.25 -7.49
C LYS A 107 1.12 13.74 -7.75
N ASN A 108 2.21 14.29 -7.21
CA ASN A 108 2.52 15.71 -7.37
C ASN A 108 2.67 16.07 -8.84
N ASN A 109 3.09 15.09 -9.64
CA ASN A 109 3.28 15.30 -11.08
C ASN A 109 2.73 14.12 -11.88
N LEU A 110 1.50 14.26 -12.36
CA LEU A 110 0.87 13.21 -13.15
C LEU A 110 -0.08 13.80 -14.19
N LYS A 111 -0.56 12.96 -15.10
CA LYS A 111 -1.47 13.40 -16.14
C LYS A 111 -2.78 13.90 -15.55
N ASP A 112 -3.73 14.24 -16.42
CA ASP A 112 -5.03 14.73 -15.97
C ASP A 112 -5.78 13.65 -15.20
N ASN A 113 -5.88 12.46 -15.79
CA ASN A 113 -6.58 11.35 -15.17
C ASN A 113 -5.75 10.78 -14.02
N LYS A 114 -4.47 10.56 -14.26
CA LYS A 114 -3.57 10.02 -13.24
C LYS A 114 -3.60 10.89 -11.99
N LYS A 115 -3.74 12.19 -12.18
CA LYS A 115 -3.78 13.13 -11.06
C LYS A 115 -5.04 12.94 -10.23
N ASP A 116 -6.19 12.82 -10.91
CA ASP A 116 -7.46 12.63 -10.23
C ASP A 116 -7.44 11.35 -9.40
N LYS A 117 -6.94 10.27 -9.99
CA LYS A 117 -6.86 8.99 -9.29
C LYS A 117 -5.78 9.00 -8.22
N ALA A 118 -4.71 9.73 -8.49
CA ALA A 118 -3.60 9.83 -7.54
C ALA A 118 -4.02 10.58 -6.28
N ARG A 119 -4.88 11.58 -6.46
CA ARG A 119 -5.36 12.38 -5.34
C ARG A 119 -6.20 11.53 -4.38
N VAL A 120 -7.17 10.81 -4.93
CA VAL A 120 -8.03 9.94 -4.13
C VAL A 120 -7.23 8.81 -3.49
N LEU A 121 -6.26 8.29 -4.23
CA LEU A 121 -5.43 7.20 -3.74
C LEU A 121 -4.61 7.64 -2.53
N GLN A 122 -3.97 8.80 -2.65
CA GLN A 122 -3.16 9.34 -1.56
C GLN A 122 -4.02 9.62 -0.32
N ARG A 123 -5.12 10.33 -0.52
CA ARG A 123 -6.01 10.67 0.58
C ARG A 123 -6.45 9.41 1.33
N ASP A 124 -6.97 8.44 0.59
CA ASP A 124 -7.43 7.19 1.18
C ASP A 124 -6.30 6.51 1.93
N THR A 125 -5.11 6.51 1.34
CA THR A 125 -3.94 5.89 1.96
C THR A 125 -3.63 6.51 3.31
N GLU A 126 -3.69 7.84 3.37
CA GLU A 126 -3.41 8.56 4.61
C GLU A 126 -4.50 8.28 5.65
N THR A 127 -5.73 8.11 5.18
CA THR A 127 -6.85 7.84 6.07
C THR A 127 -6.71 6.47 6.74
N LEU A 128 -6.61 5.43 5.91
CA LEU A 128 -6.47 4.08 6.43
C LEU A 128 -5.20 3.93 7.26
N ILE A 129 -4.12 4.57 6.83
CA ILE A 129 -2.86 4.52 7.54
C ILE A 129 -2.95 5.23 8.88
N HIS A 130 -3.69 6.34 8.90
CA HIS A 130 -3.86 7.12 10.12
C HIS A 130 -4.68 6.34 11.14
N ILE A 131 -5.72 5.65 10.68
CA ILE A 131 -6.58 4.88 11.55
C ILE A 131 -5.82 3.70 12.17
N PHE A 132 -5.19 2.91 11.32
CA PHE A 132 -4.42 1.76 11.77
C PHE A 132 -3.26 2.19 12.67
N ASN A 133 -2.48 3.15 12.19
CA ASN A 133 -1.35 3.66 12.96
C ASN A 133 -1.79 4.20 14.31
N GLN A 134 -2.93 4.88 14.33
CA GLN A 134 -3.46 5.45 15.55
C GLN A 134 -3.80 4.37 16.56
N GLU A 135 -4.56 3.36 16.11
CA GLU A 135 -4.95 2.26 16.97
C GLU A 135 -3.74 1.57 17.57
N VAL A 136 -2.79 1.19 16.71
CA VAL A 136 -1.57 0.52 17.17
C VAL A 136 -0.72 1.46 18.01
N LYS A 137 -0.83 2.76 17.76
CA LYS A 137 -0.07 3.76 18.51
C LYS A 137 -0.57 3.85 19.94
N ASP A 138 -1.88 3.78 20.11
CA ASP A 138 -2.48 3.85 21.45
C ASP A 138 -2.30 2.54 22.20
N LEU A 139 -2.42 1.43 21.48
CA LEU A 139 -2.26 0.11 22.09
C LEU A 139 -0.80 -0.17 22.42
N HIS A 140 0.05 -0.12 21.39
CA HIS A 140 1.48 -0.36 21.57
C HIS A 140 2.30 0.84 21.09
N LYS A 141 3.61 0.64 21.02
CA LYS A 141 4.51 1.71 20.58
C LYS A 141 4.88 1.54 19.10
N ILE A 142 5.67 2.47 18.59
CA ILE A 142 6.11 2.42 17.19
C ILE A 142 7.09 3.54 16.88
N VAL A 143 8.04 3.25 16.00
CA VAL A 143 9.05 4.24 15.62
C VAL A 143 9.16 4.33 14.09
N LEU A 144 8.89 5.52 13.56
CA LEU A 144 8.96 5.75 12.12
C LEU A 144 8.70 7.22 11.79
N PRO A 145 9.77 8.03 11.82
CA PRO A 145 9.69 9.46 11.51
C PRO A 145 9.39 9.73 10.04
N THR A 146 10.15 9.07 9.16
CA THR A 146 9.97 9.24 7.73
C THR A 146 10.97 8.39 6.96
N PRO A 147 10.54 7.91 5.77
CA PRO A 147 11.38 7.08 4.91
C PRO A 147 12.54 7.87 4.29
N ILE A 148 13.31 7.20 3.43
CA ILE A 148 14.44 7.83 2.78
C ILE A 148 14.25 7.85 1.26
N SER A 149 13.32 7.03 0.78
CA SER A 149 13.05 6.95 -0.65
C SER A 149 12.84 8.33 -1.25
N ASN A 150 12.30 9.24 -0.45
CA ASN A 150 12.05 10.61 -0.90
C ASN A 150 13.30 11.22 -1.51
N ALA A 151 14.42 11.14 -0.80
CA ALA A 151 15.68 11.68 -1.28
C ALA A 151 16.12 10.99 -2.56
N LEU A 152 15.90 9.68 -2.63
CA LEU A 152 16.27 8.90 -3.81
C LEU A 152 15.56 9.43 -5.05
N LEU A 153 14.24 9.31 -5.07
CA LEU A 153 13.45 9.77 -6.20
C LEU A 153 13.78 11.22 -6.54
N THR A 154 13.70 12.09 -5.53
CA THR A 154 13.99 13.51 -5.72
C THR A 154 15.38 13.71 -6.30
N ASP A 155 16.31 12.83 -5.92
CA ASP A 155 17.68 12.92 -6.41
C ASP A 155 17.75 12.54 -7.88
N LYS A 156 17.04 11.50 -8.27
CA LYS A 156 17.02 11.03 -9.65
C LYS A 156 15.83 11.62 -10.41
N LEU A 157 16.10 12.61 -11.24
CA LEU A 157 15.05 13.25 -12.03
C LEU A 157 15.31 13.07 -13.52
N GLU A 158 16.48 13.48 -13.97
CA GLU A 158 16.85 13.37 -15.38
C GLU A 158 16.04 14.33 -16.23
N SER A 159 14.77 13.98 -16.46
CA SER A 159 13.88 14.81 -17.26
C SER A 159 14.47 15.04 -18.65
N GLN A 160 15.15 14.03 -19.19
CA GLN A 160 15.76 14.12 -20.50
C GLN A 160 15.89 12.74 -21.13
N LYS A 161 14.95 12.40 -22.02
CA LYS A 161 14.96 11.11 -22.69
C LYS A 161 14.94 9.97 -21.69
N GLU A 162 13.86 9.88 -20.92
CA GLU A 162 13.71 8.84 -19.92
C GLU A 162 12.26 8.38 -19.81
N TRP A 163 12.01 7.12 -20.14
CA TRP A 163 10.65 6.57 -20.07
C TRP A 163 10.66 5.20 -19.39
N LEU A 164 11.60 5.00 -18.47
CA LEU A 164 11.71 3.74 -17.75
C LEU A 164 11.25 3.90 -16.31
N ARG A 165 10.38 4.88 -16.07
CA ARG A 165 9.87 5.14 -14.73
C ARG A 165 8.72 4.19 -14.40
N THR A 166 8.02 3.74 -15.44
CA THR A 166 6.90 2.83 -15.26
C THR A 166 7.28 1.64 -14.37
N LYS A 167 8.57 1.31 -14.37
CA LYS A 167 9.06 0.19 -13.57
C LYS A 167 9.00 0.53 -12.09
N THR A 168 9.84 1.47 -11.66
CA THR A 168 9.88 1.87 -10.25
C THR A 168 8.48 2.15 -9.73
N ILE A 169 7.69 2.89 -10.50
CA ILE A 169 6.33 3.23 -10.11
C ILE A 169 5.48 1.98 -9.96
N GLN A 170 5.54 1.09 -10.95
CA GLN A 170 4.77 -0.14 -10.92
C GLN A 170 5.20 -1.02 -9.74
N PHE A 171 6.46 -0.89 -9.35
CA PHE A 171 6.99 -1.67 -8.23
C PHE A 171 6.41 -1.20 -6.90
N ILE A 172 6.56 0.10 -6.63
CA ILE A 172 6.06 0.68 -5.39
C ILE A 172 4.55 0.49 -5.28
N LEU A 173 3.85 0.59 -6.41
CA LEU A 173 2.40 0.43 -6.44
C LEU A 173 2.00 -1.01 -6.11
N LYS A 174 2.59 -1.96 -6.84
CA LYS A 174 2.29 -3.37 -6.62
C LYS A 174 2.53 -3.76 -5.16
N SER A 175 3.67 -3.33 -4.63
CA SER A 175 4.02 -3.64 -3.24
C SER A 175 3.00 -3.04 -2.28
N LEU A 176 2.72 -1.76 -2.45
CA LEU A 176 1.75 -1.07 -1.60
C LEU A 176 0.43 -1.82 -1.55
N GLU A 177 -0.10 -2.16 -2.71
CA GLU A 177 -1.37 -2.88 -2.80
C GLU A 177 -1.28 -4.21 -2.04
N GLU A 178 -0.32 -5.04 -2.42
CA GLU A 178 -0.13 -6.33 -1.76
C GLU A 178 0.04 -6.17 -0.26
N PHE A 179 0.62 -5.03 0.14
CA PHE A 179 0.85 -4.74 1.56
C PHE A 179 -0.45 -4.38 2.26
N LEU A 180 -1.33 -3.69 1.53
CA LEU A 180 -2.61 -3.27 2.09
C LEU A 180 -3.54 -4.47 2.28
N LYS A 181 -3.63 -5.31 1.26
CA LYS A 181 -4.47 -6.50 1.32
C LYS A 181 -3.95 -7.50 2.35
N VAL A 182 -2.65 -7.74 2.31
CA VAL A 182 -2.02 -8.67 3.26
C VAL A 182 -2.13 -8.17 4.68
N THR A 183 -2.07 -6.84 4.85
CA THR A 183 -2.17 -6.23 6.16
C THR A 183 -3.59 -6.32 6.71
N LEU A 184 -4.56 -6.09 5.85
CA LEU A 184 -5.97 -6.14 6.24
C LEU A 184 -6.38 -7.56 6.61
N ARG A 185 -5.89 -8.53 5.84
CA ARG A 185 -6.20 -9.93 6.10
C ARG A 185 -5.41 -10.47 7.27
N SER A 186 -4.19 -9.94 7.45
CA SER A 186 -3.33 -10.38 8.54
C SER A 186 -3.90 -9.94 9.89
N THR A 187 -4.23 -8.67 10.00
CA THR A 187 -4.79 -8.12 11.23
C THR A 187 -6.04 -8.88 11.65
N ARG A 188 -6.70 -9.50 10.69
CA ARG A 188 -7.91 -10.27 10.97
C ARG A 188 -7.58 -11.54 11.75
N GLN A 189 -6.46 -12.16 11.41
CA GLN A 189 -6.03 -13.38 12.09
C GLN A 189 -7.22 -14.31 12.32
N THR A 190 -7.56 -15.11 11.32
CA THR A 190 -8.66 -16.05 11.41
C THR A 190 -8.17 -17.48 11.55
N SER A 7 5.19 -20.65 -3.27
CA SER A 7 4.61 -19.31 -3.17
C SER A 7 3.60 -19.07 -4.29
N GLN A 8 2.33 -19.25 -3.98
CA GLN A 8 1.27 -19.05 -4.97
C GLN A 8 0.43 -17.82 -4.62
N VAL A 9 0.76 -16.70 -5.25
CA VAL A 9 0.03 -15.45 -5.01
C VAL A 9 -1.36 -15.49 -5.63
N ARG A 10 -2.36 -15.08 -4.86
CA ARG A 10 -3.73 -15.07 -5.33
C ARG A 10 -4.41 -13.74 -5.02
N ARG A 11 -5.27 -13.28 -5.92
CA ARG A 11 -5.98 -12.02 -5.74
C ARG A 11 -7.40 -12.12 -6.28
N GLY A 12 -8.17 -11.05 -6.10
CA GLY A 12 -9.54 -11.03 -6.58
C GLY A 12 -10.52 -11.53 -5.55
N ASP A 13 -10.18 -11.37 -4.27
CA ASP A 13 -11.04 -11.81 -3.19
C ASP A 13 -11.47 -10.63 -2.32
N PHE A 14 -12.61 -10.04 -2.65
CA PHE A 14 -13.13 -8.91 -1.90
C PHE A 14 -14.57 -9.16 -1.44
N THR A 15 -15.12 -8.21 -0.70
CA THR A 15 -16.49 -8.33 -0.20
C THR A 15 -17.33 -7.11 -0.58
N GLU A 16 -16.71 -5.94 -0.56
CA GLU A 16 -17.40 -4.70 -0.91
C GLU A 16 -16.49 -3.78 -1.70
N ASP A 17 -16.94 -2.55 -1.90
CA ASP A 17 -16.16 -1.56 -2.65
C ASP A 17 -16.77 -0.17 -2.52
N THR A 18 -17.32 0.11 -1.34
CA THR A 18 -17.94 1.41 -1.07
C THR A 18 -17.53 1.96 0.29
N THR A 19 -17.72 3.26 0.48
CA THR A 19 -17.36 3.91 1.73
C THR A 19 -18.52 4.74 2.27
N PRO A 20 -18.48 5.03 3.57
CA PRO A 20 -19.52 5.83 4.25
C PRO A 20 -19.49 7.29 3.82
N ASN A 21 -20.28 8.11 4.50
CA ASN A 21 -20.34 9.54 4.20
C ASN A 21 -19.41 10.33 5.10
N ARG A 22 -19.13 9.78 6.28
CA ARG A 22 -18.26 10.44 7.25
C ARG A 22 -17.31 9.44 7.89
N PRO A 23 -16.18 9.93 8.41
CA PRO A 23 -15.17 9.09 9.06
C PRO A 23 -15.66 8.55 10.41
N VAL A 24 -15.96 7.26 10.45
CA VAL A 24 -16.43 6.62 11.66
C VAL A 24 -15.28 5.98 12.43
N TYR A 25 -14.19 5.70 11.72
CA TYR A 25 -13.01 5.09 12.34
C TYR A 25 -13.35 3.70 12.86
N THR A 26 -14.39 3.10 12.32
CA THR A 26 -14.81 1.77 12.74
C THR A 26 -14.31 0.71 11.77
N THR A 27 -14.38 -0.55 12.18
CA THR A 27 -13.92 -1.66 11.36
C THR A 27 -14.54 -1.59 9.97
N SER A 28 -15.78 -1.11 9.89
CA SER A 28 -16.48 -1.01 8.63
C SER A 28 -15.83 0.05 7.74
N GLN A 29 -15.46 1.18 8.33
CA GLN A 29 -14.83 2.27 7.60
C GLN A 29 -13.48 1.83 7.03
N VAL A 30 -12.65 1.26 7.88
CA VAL A 30 -11.32 0.80 7.45
C VAL A 30 -11.45 -0.29 6.39
N GLY A 31 -12.42 -1.19 6.58
CA GLY A 31 -12.61 -2.26 5.63
C GLY A 31 -12.97 -1.76 4.25
N GLY A 32 -13.99 -0.92 4.16
CA GLY A 32 -14.41 -0.38 2.89
C GLY A 32 -13.33 0.47 2.23
N LEU A 33 -12.60 1.21 3.05
CA LEU A 33 -11.53 2.08 2.55
C LEU A 33 -10.37 1.25 2.01
N ILE A 34 -10.09 0.13 2.67
CA ILE A 34 -9.00 -0.75 2.26
C ILE A 34 -9.31 -1.40 0.91
N THR A 35 -10.52 -1.92 0.77
CA THR A 35 -10.94 -2.57 -0.47
C THR A 35 -11.03 -1.56 -1.61
N HIS A 36 -11.53 -0.37 -1.31
CA HIS A 36 -11.66 0.68 -2.31
C HIS A 36 -10.30 1.11 -2.84
N VAL A 37 -9.41 1.51 -1.94
CA VAL A 37 -8.07 1.93 -2.33
C VAL A 37 -7.31 0.80 -3.03
N LEU A 38 -7.54 -0.43 -2.57
CA LEU A 38 -6.88 -1.59 -3.15
C LEU A 38 -7.23 -1.74 -4.62
N TRP A 39 -8.52 -1.66 -4.93
CA TRP A 39 -8.99 -1.80 -6.31
C TRP A 39 -8.47 -0.64 -7.16
N GLU A 40 -8.53 0.57 -6.61
CA GLU A 40 -8.06 1.75 -7.33
C GLU A 40 -6.58 1.62 -7.68
N ILE A 41 -5.79 1.14 -6.74
CA ILE A 41 -4.35 0.97 -6.96
C ILE A 41 -4.09 -0.05 -8.06
N VAL A 42 -4.77 -1.18 -8.00
CA VAL A 42 -4.60 -2.23 -9.00
C VAL A 42 -4.94 -1.72 -10.39
N GLU A 43 -6.01 -0.95 -10.50
CA GLU A 43 -6.43 -0.41 -11.78
C GLU A 43 -5.49 0.70 -12.24
N MET A 44 -5.10 1.56 -11.30
CA MET A 44 -4.20 2.66 -11.61
C MET A 44 -2.82 2.14 -12.00
N ARG A 45 -2.43 1.00 -11.43
CA ARG A 45 -1.14 0.40 -11.73
C ARG A 45 -1.15 -0.27 -13.10
N LYS A 46 -2.15 -1.12 -13.33
CA LYS A 46 -2.28 -1.83 -14.60
C LYS A 46 -2.62 -0.85 -15.73
N GLU A 47 -3.30 0.23 -15.38
CA GLU A 47 -3.68 1.24 -16.36
C GLU A 47 -2.47 1.75 -17.13
N LEU A 48 -1.35 1.86 -16.43
CA LEU A 48 -0.10 2.33 -17.03
C LEU A 48 0.26 1.51 -18.27
N CYS A 49 -0.14 0.24 -18.25
CA CYS A 49 0.14 -0.65 -19.38
C CYS A 49 -1.10 -0.79 -20.28
N ASN A 50 -1.86 0.29 -20.38
CA ASN A 50 -3.06 0.30 -21.21
C ASN A 50 -4.02 -0.81 -20.78
N GLY A 51 -4.00 -1.14 -19.50
CA GLY A 51 -4.88 -2.17 -18.98
C GLY A 51 -4.62 -3.52 -19.62
N ASN A 52 -3.35 -3.89 -19.71
CA ASN A 52 -2.97 -5.17 -20.31
C ASN A 52 -2.92 -6.26 -19.26
N SER A 53 -3.88 -7.19 -19.30
CA SER A 53 -3.95 -8.28 -18.35
C SER A 53 -2.61 -9.02 -18.29
N ASP A 54 -2.01 -9.24 -19.46
CA ASP A 54 -0.73 -9.93 -19.55
C ASP A 54 0.37 -9.15 -18.83
N CYS A 55 0.32 -7.83 -18.97
CA CYS A 55 1.31 -6.96 -18.34
C CYS A 55 1.33 -7.16 -16.83
N MET A 56 0.19 -7.59 -16.28
CA MET A 56 0.08 -7.82 -14.85
C MET A 56 0.95 -8.99 -14.40
N ASN A 57 0.81 -10.12 -15.09
CA ASN A 57 1.59 -11.30 -14.77
C ASN A 57 2.81 -11.42 -15.68
N ASN A 58 3.27 -10.28 -16.19
CA ASN A 58 4.43 -10.25 -17.07
C ASN A 58 5.73 -10.22 -16.28
N ASP A 59 5.83 -9.29 -15.36
CA ASP A 59 7.02 -9.16 -14.53
C ASP A 59 6.77 -9.71 -13.13
N ASP A 60 5.91 -10.73 -13.04
CA ASP A 60 5.59 -11.35 -11.77
C ASP A 60 6.44 -12.59 -11.53
N ALA A 61 7.62 -12.61 -12.16
CA ALA A 61 8.53 -13.75 -12.01
C ALA A 61 9.88 -13.30 -11.47
N LEU A 62 10.31 -12.11 -11.90
CA LEU A 62 11.59 -11.57 -11.45
C LEU A 62 11.38 -10.50 -10.38
N ALA A 63 10.22 -9.86 -10.41
CA ALA A 63 9.91 -8.82 -9.43
C ALA A 63 10.06 -9.33 -8.01
N GLU A 64 9.78 -10.62 -7.81
CA GLU A 64 9.89 -11.24 -6.50
C GLU A 64 11.29 -11.04 -5.92
N ASN A 65 12.27 -10.87 -6.79
CA ASN A 65 13.64 -10.68 -6.37
C ASN A 65 14.16 -9.31 -6.82
N ASN A 66 13.25 -8.37 -6.99
CA ASN A 66 13.60 -7.02 -7.41
C ASN A 66 12.77 -5.98 -6.67
N LEU A 67 12.31 -6.34 -5.48
CA LEU A 67 11.50 -5.44 -4.67
C LEU A 67 12.33 -4.86 -3.51
N LYS A 68 12.72 -5.72 -2.58
CA LYS A 68 13.52 -5.29 -1.43
C LYS A 68 12.78 -4.22 -0.64
N LEU A 69 11.46 -4.17 -0.78
CA LEU A 69 10.65 -3.20 -0.07
C LEU A 69 10.31 -3.69 1.33
N PRO A 70 9.92 -2.76 2.21
CA PRO A 70 9.56 -3.08 3.59
C PRO A 70 8.25 -3.85 3.70
N GLU A 71 8.32 -5.15 3.44
CA GLU A 71 7.14 -6.01 3.49
C GLU A 71 7.22 -6.98 4.66
N ILE A 72 6.08 -7.53 5.06
CA ILE A 72 6.03 -8.47 6.16
C ILE A 72 6.62 -9.82 5.76
N GLN A 73 7.30 -10.46 6.70
CA GLN A 73 7.91 -11.76 6.45
C GLN A 73 8.12 -12.53 7.75
N ARG A 74 7.22 -12.33 8.70
CA ARG A 74 7.31 -13.00 9.99
C ARG A 74 5.92 -13.42 10.48
N ASN A 75 5.88 -14.02 11.66
CA ASN A 75 4.61 -14.47 12.23
C ASN A 75 4.58 -14.23 13.75
N ASP A 76 3.50 -14.65 14.38
CA ASP A 76 3.35 -14.48 15.83
C ASP A 76 3.19 -13.01 16.19
N GLY A 77 4.29 -12.27 16.16
CA GLY A 77 4.25 -10.85 16.48
C GLY A 77 4.37 -10.60 17.97
N CYS A 78 3.74 -9.52 18.44
CA CYS A 78 3.77 -9.17 19.85
C CYS A 78 2.62 -9.81 20.61
N TYR A 79 1.42 -9.73 20.03
CA TYR A 79 0.22 -10.30 20.64
C TYR A 79 -0.21 -9.48 21.85
N GLN A 80 0.59 -9.52 22.91
CA GLN A 80 0.28 -8.78 24.13
C GLN A 80 1.42 -8.91 25.15
N THR A 81 2.63 -8.53 24.74
CA THR A 81 3.79 -8.61 25.62
C THR A 81 4.00 -10.04 26.11
N GLY A 82 5.00 -10.22 26.96
CA GLY A 82 5.30 -11.53 27.49
C GLY A 82 6.18 -11.47 28.73
N TYR A 83 7.50 -11.46 28.51
CA TYR A 83 8.45 -11.42 29.61
C TYR A 83 9.65 -10.56 29.25
N ASN A 84 10.30 -10.90 28.14
CA ASN A 84 11.47 -10.16 27.68
C ASN A 84 11.06 -8.95 26.86
N GLN A 85 10.02 -9.11 26.06
CA GLN A 85 9.52 -8.01 25.22
C GLN A 85 10.57 -7.60 24.20
N GLU A 86 11.21 -8.58 23.57
CA GLU A 86 12.24 -8.31 22.57
C GLU A 86 11.92 -9.01 21.26
N ILE A 87 10.66 -8.96 20.85
CA ILE A 87 10.23 -9.59 19.61
C ILE A 87 9.18 -8.76 18.90
N CYS A 88 9.41 -7.45 18.82
CA CYS A 88 8.49 -6.54 18.16
C CYS A 88 9.21 -5.66 17.16
N LEU A 89 9.43 -6.19 15.96
CA LEU A 89 10.11 -5.45 14.91
C LEU A 89 9.31 -4.22 14.49
N LEU A 90 9.89 -3.40 13.62
CA LEU A 90 9.22 -2.19 13.14
C LEU A 90 8.66 -2.40 11.74
N LYS A 91 7.53 -3.10 11.65
CA LYS A 91 6.89 -3.37 10.37
C LYS A 91 5.56 -2.62 10.27
N ILE A 92 4.94 -2.70 9.10
CA ILE A 92 3.66 -2.03 8.87
C ILE A 92 3.84 -0.53 8.79
N SER A 93 4.16 0.09 9.93
CA SER A 93 4.35 1.54 9.99
C SER A 93 5.36 1.99 8.93
N SER A 94 6.51 1.32 8.90
CA SER A 94 7.57 1.67 7.95
C SER A 94 7.05 1.55 6.52
N GLY A 95 6.47 0.40 6.19
CA GLY A 95 5.95 0.18 4.85
C GLY A 95 4.90 1.20 4.46
N LEU A 96 3.99 1.48 5.38
CA LEU A 96 2.92 2.45 5.13
C LEU A 96 3.50 3.82 4.82
N LEU A 97 4.48 4.25 5.59
CA LEU A 97 5.11 5.54 5.40
C LEU A 97 5.77 5.62 4.02
N GLU A 98 6.54 4.60 3.68
CA GLU A 98 7.23 4.55 2.39
C GLU A 98 6.23 4.66 1.25
N TYR A 99 5.25 3.77 1.24
CA TYR A 99 4.23 3.77 0.20
C TYR A 99 3.56 5.13 0.07
N HIS A 100 3.20 5.72 1.22
CA HIS A 100 2.56 7.03 1.23
C HIS A 100 3.43 8.06 0.51
N SER A 101 4.71 8.10 0.85
CA SER A 101 5.62 9.05 0.24
C SER A 101 5.75 8.80 -1.26
N TYR A 102 5.68 7.53 -1.64
CA TYR A 102 5.79 7.15 -3.05
C TYR A 102 4.63 7.71 -3.86
N LEU A 103 3.42 7.27 -3.53
CA LEU A 103 2.22 7.72 -4.22
C LEU A 103 2.12 9.24 -4.17
N GLU A 104 2.51 9.83 -3.03
CA GLU A 104 2.47 11.28 -2.86
C GLU A 104 3.43 11.97 -3.81
N TYR A 105 4.60 11.38 -3.99
CA TYR A 105 5.63 11.94 -4.87
C TYR A 105 5.17 11.90 -6.32
N MET A 106 4.75 10.72 -6.78
CA MET A 106 4.29 10.56 -8.15
C MET A 106 2.99 11.32 -8.38
N LYS A 107 2.21 11.49 -7.32
CA LYS A 107 0.94 12.20 -7.41
C LYS A 107 1.16 13.63 -7.90
N ASN A 108 2.28 14.22 -7.53
CA ASN A 108 2.60 15.59 -7.93
C ASN A 108 2.75 15.68 -9.45
N ASN A 109 3.27 14.63 -10.06
CA ASN A 109 3.46 14.59 -11.50
C ASN A 109 2.71 13.42 -12.12
N LEU A 110 1.49 13.67 -12.58
CA LEU A 110 0.67 12.64 -13.20
C LEU A 110 -0.25 13.24 -14.25
N LYS A 111 -0.90 12.37 -15.02
CA LYS A 111 -1.82 12.81 -16.06
C LYS A 111 -3.07 13.45 -15.46
N ASP A 112 -4.00 13.83 -16.33
CA ASP A 112 -5.26 14.45 -15.88
C ASP A 112 -6.05 13.50 -15.00
N ASN A 113 -6.26 12.28 -15.50
CA ASN A 113 -7.02 11.27 -14.77
C ASN A 113 -6.18 10.67 -13.64
N LYS A 114 -4.91 10.38 -13.95
CA LYS A 114 -4.00 9.81 -12.96
C LYS A 114 -3.92 10.69 -11.73
N LYS A 115 -3.90 12.00 -11.94
CA LYS A 115 -3.82 12.96 -10.83
C LYS A 115 -5.11 12.94 -10.01
N ASP A 116 -6.24 12.98 -10.69
CA ASP A 116 -7.54 12.97 -10.02
C ASP A 116 -7.66 11.76 -9.09
N LYS A 117 -7.31 10.59 -9.61
CA LYS A 117 -7.37 9.36 -8.82
C LYS A 117 -6.26 9.32 -7.78
N ALA A 118 -5.08 9.79 -8.17
CA ALA A 118 -3.93 9.81 -7.26
C ALA A 118 -4.27 10.54 -5.96
N ARG A 119 -4.88 11.71 -6.09
CA ARG A 119 -5.26 12.50 -4.92
C ARG A 119 -6.12 11.69 -3.97
N VAL A 120 -7.17 11.08 -4.51
CA VAL A 120 -8.07 10.27 -3.70
C VAL A 120 -7.33 9.13 -3.01
N LEU A 121 -6.41 8.51 -3.73
CA LEU A 121 -5.63 7.40 -3.19
C LEU A 121 -4.84 7.85 -1.96
N GLN A 122 -4.14 8.97 -2.09
CA GLN A 122 -3.34 9.51 -0.99
C GLN A 122 -4.22 9.88 0.19
N ARG A 123 -5.42 10.38 -0.10
CA ARG A 123 -6.36 10.79 0.93
C ARG A 123 -6.77 9.58 1.79
N ASP A 124 -7.26 8.54 1.13
CA ASP A 124 -7.68 7.33 1.82
C ASP A 124 -6.51 6.69 2.57
N THR A 125 -5.34 6.72 1.96
CA THR A 125 -4.15 6.15 2.57
C THR A 125 -3.81 6.84 3.89
N GLU A 126 -3.77 8.17 3.85
CA GLU A 126 -3.47 8.96 5.05
C GLU A 126 -4.47 8.68 6.15
N THR A 127 -5.76 8.69 5.80
CA THR A 127 -6.82 8.44 6.77
C THR A 127 -6.65 7.08 7.43
N LEU A 128 -6.58 6.04 6.61
CA LEU A 128 -6.42 4.68 7.11
C LEU A 128 -5.16 4.55 7.96
N ILE A 129 -4.04 4.99 7.40
CA ILE A 129 -2.76 4.93 8.11
C ILE A 129 -2.85 5.62 9.46
N HIS A 130 -3.63 6.70 9.53
CA HIS A 130 -3.81 7.44 10.76
C HIS A 130 -4.64 6.66 11.77
N ILE A 131 -5.66 5.97 11.26
CA ILE A 131 -6.53 5.17 12.12
C ILE A 131 -5.77 4.03 12.78
N PHE A 132 -5.06 3.25 11.96
CA PHE A 132 -4.29 2.12 12.47
C PHE A 132 -3.15 2.61 13.36
N ASN A 133 -2.37 3.57 12.87
CA ASN A 133 -1.26 4.12 13.61
C ASN A 133 -1.72 4.66 14.96
N GLN A 134 -2.88 5.32 14.97
CA GLN A 134 -3.43 5.89 16.19
C GLN A 134 -3.80 4.78 17.18
N GLU A 135 -4.55 3.80 16.71
CA GLU A 135 -4.98 2.70 17.55
C GLU A 135 -3.78 2.02 18.21
N VAL A 136 -2.79 1.65 17.40
CA VAL A 136 -1.59 0.99 17.90
C VAL A 136 -0.77 1.95 18.77
N LYS A 137 -0.85 3.23 18.45
CA LYS A 137 -0.10 4.25 19.19
C LYS A 137 -0.59 4.31 20.64
N ASP A 138 -1.91 4.31 20.82
CA ASP A 138 -2.50 4.37 22.16
C ASP A 138 -2.45 3.00 22.83
N LEU A 139 -2.52 1.95 22.02
CA LEU A 139 -2.49 0.59 22.54
C LEU A 139 -1.16 0.29 23.22
N HIS A 140 -0.07 0.54 22.50
CA HIS A 140 1.27 0.31 23.04
C HIS A 140 2.18 1.49 22.75
N LYS A 141 2.62 1.60 21.49
CA LYS A 141 3.51 2.68 21.08
C LYS A 141 3.84 2.57 19.60
N ILE A 142 4.81 3.38 19.16
CA ILE A 142 5.22 3.38 17.76
C ILE A 142 6.43 4.28 17.55
N VAL A 143 7.31 3.87 16.63
CA VAL A 143 8.50 4.64 16.33
C VAL A 143 8.91 4.48 14.87
N LEU A 144 9.72 5.40 14.39
CA LEU A 144 10.19 5.37 13.00
C LEU A 144 11.13 6.53 12.70
N PRO A 145 12.22 6.23 11.97
CA PRO A 145 13.22 7.24 11.61
C PRO A 145 12.69 8.24 10.59
N THR A 146 12.79 7.89 9.31
CA THR A 146 12.32 8.75 8.24
C THR A 146 12.59 8.13 6.87
N PRO A 147 11.69 8.41 5.92
CA PRO A 147 11.81 7.89 4.54
C PRO A 147 12.96 8.52 3.79
N ILE A 148 13.73 7.67 3.08
CA ILE A 148 14.87 8.16 2.31
C ILE A 148 14.69 7.84 0.82
N SER A 149 13.99 6.75 0.53
CA SER A 149 13.75 6.35 -0.84
C SER A 149 13.17 7.49 -1.66
N ASN A 150 12.24 8.23 -1.05
CA ASN A 150 11.60 9.35 -1.72
C ASN A 150 12.65 10.31 -2.31
N ALA A 151 13.62 10.68 -1.48
CA ALA A 151 14.68 11.58 -1.90
C ALA A 151 15.35 11.08 -3.18
N LEU A 152 15.78 9.83 -3.16
CA LEU A 152 16.44 9.24 -4.32
C LEU A 152 15.56 9.34 -5.56
N LEU A 153 14.29 8.94 -5.42
CA LEU A 153 13.35 8.99 -6.53
C LEU A 153 13.30 10.39 -7.14
N THR A 154 12.88 11.36 -6.35
CA THR A 154 12.79 12.74 -6.80
C THR A 154 14.10 13.20 -7.44
N ASP A 155 15.22 12.74 -6.88
CA ASP A 155 16.54 13.10 -7.39
C ASP A 155 16.72 12.59 -8.81
N LYS A 156 16.21 11.38 -9.07
CA LYS A 156 16.32 10.78 -10.40
C LYS A 156 15.53 9.48 -10.46
N LEU A 157 16.03 8.44 -9.81
CA LEU A 157 15.34 7.15 -9.80
C LEU A 157 16.05 6.17 -8.86
N GLU A 158 15.46 5.01 -8.67
CA GLU A 158 16.03 3.99 -7.80
C GLU A 158 16.75 2.92 -8.61
N SER A 159 17.56 2.11 -7.93
CA SER A 159 18.31 1.05 -8.59
C SER A 159 19.16 1.61 -9.73
N GLN A 160 19.69 2.81 -9.51
CA GLN A 160 20.52 3.47 -10.52
C GLN A 160 19.76 3.64 -11.83
N LYS A 161 20.45 4.14 -12.85
CA LYS A 161 19.84 4.37 -14.16
C LYS A 161 18.69 5.37 -14.05
N GLU A 162 18.16 5.76 -15.20
CA GLU A 162 17.06 6.72 -15.24
C GLU A 162 16.18 6.48 -16.47
N TRP A 163 15.74 5.24 -16.64
CA TRP A 163 14.88 4.88 -17.77
C TRP A 163 13.81 3.88 -17.35
N LEU A 164 12.68 3.91 -18.04
CA LEU A 164 11.58 3.00 -17.73
C LEU A 164 11.08 3.19 -16.30
N ARG A 165 10.31 4.25 -16.09
CA ARG A 165 9.78 4.55 -14.77
C ARG A 165 8.64 3.59 -14.41
N THR A 166 7.97 3.06 -15.43
CA THR A 166 6.86 2.14 -15.23
C THR A 166 7.26 1.02 -14.28
N LYS A 167 8.55 0.72 -14.23
CA LYS A 167 9.06 -0.34 -13.36
C LYS A 167 8.96 0.07 -11.89
N THR A 168 9.77 1.04 -11.50
CA THR A 168 9.77 1.53 -10.13
C THR A 168 8.36 1.81 -9.64
N ILE A 169 7.57 2.48 -10.47
CA ILE A 169 6.19 2.81 -10.13
C ILE A 169 5.36 1.55 -9.91
N GLN A 170 5.43 0.63 -10.87
CA GLN A 170 4.68 -0.61 -10.78
C GLN A 170 5.13 -1.44 -9.58
N PHE A 171 6.39 -1.26 -9.19
CA PHE A 171 6.95 -1.98 -8.05
C PHE A 171 6.34 -1.49 -6.74
N ILE A 172 6.44 -0.18 -6.51
CA ILE A 172 5.91 0.42 -5.29
C ILE A 172 4.39 0.21 -5.19
N LEU A 173 3.72 0.28 -6.34
CA LEU A 173 2.27 0.10 -6.39
C LEU A 173 1.89 -1.33 -6.03
N LYS A 174 2.50 -2.30 -6.70
CA LYS A 174 2.24 -3.70 -6.45
C LYS A 174 2.46 -4.05 -4.99
N SER A 175 3.62 -3.66 -4.47
CA SER A 175 3.96 -3.94 -3.07
C SER A 175 2.96 -3.28 -2.14
N LEU A 176 2.60 -2.04 -2.43
CA LEU A 176 1.65 -1.29 -1.61
C LEU A 176 0.34 -2.06 -1.47
N GLU A 177 -0.28 -2.37 -2.61
CA GLU A 177 -1.55 -3.10 -2.61
C GLU A 177 -1.41 -4.41 -1.84
N GLU A 178 -0.45 -5.23 -2.23
CA GLU A 178 -0.22 -6.52 -1.58
C GLU A 178 -0.06 -6.33 -0.07
N PHE A 179 0.72 -5.34 0.32
CA PHE A 179 0.96 -5.06 1.73
C PHE A 179 -0.35 -4.82 2.47
N LEU A 180 -1.21 -3.99 1.88
CA LEU A 180 -2.50 -3.67 2.47
C LEU A 180 -3.36 -4.92 2.62
N LYS A 181 -3.29 -5.79 1.61
CA LYS A 181 -4.06 -7.03 1.61
C LYS A 181 -3.67 -7.91 2.80
N VAL A 182 -2.39 -8.29 2.84
CA VAL A 182 -1.88 -9.13 3.92
C VAL A 182 -2.14 -8.50 5.28
N THR A 183 -1.98 -7.18 5.34
CA THR A 183 -2.20 -6.44 6.59
C THR A 183 -3.62 -6.63 7.10
N LEU A 184 -4.59 -6.40 6.23
CA LEU A 184 -6.00 -6.55 6.60
C LEU A 184 -6.31 -8.00 6.96
N ARG A 185 -5.69 -8.93 6.24
CA ARG A 185 -5.92 -10.35 6.49
C ARG A 185 -5.33 -10.77 7.84
N SER A 186 -4.25 -10.11 8.24
CA SER A 186 -3.59 -10.42 9.51
C SER A 186 -4.41 -9.87 10.68
N THR A 187 -4.74 -8.59 10.61
CA THR A 187 -5.51 -7.95 11.67
C THR A 187 -6.82 -8.69 11.92
N ARG A 188 -7.35 -9.33 10.88
CA ARG A 188 -8.59 -10.08 10.99
C ARG A 188 -8.41 -11.33 11.85
N GLN A 189 -7.22 -11.92 11.77
CA GLN A 189 -6.92 -13.13 12.54
C GLN A 189 -8.11 -14.09 12.54
N THR A 190 -8.19 -14.91 11.50
CA THR A 190 -9.28 -15.87 11.38
C THR A 190 -8.81 -17.28 11.75
N SER A 7 6.88 -21.33 -4.58
CA SER A 7 5.90 -21.79 -3.59
C SER A 7 5.30 -20.61 -2.84
N GLN A 8 4.39 -19.90 -3.49
CA GLN A 8 3.73 -18.76 -2.88
C GLN A 8 2.39 -18.48 -3.55
N VAL A 9 1.31 -18.90 -2.89
CA VAL A 9 -0.03 -18.70 -3.42
C VAL A 9 -0.52 -17.28 -3.14
N ARG A 10 -1.31 -16.74 -4.06
CA ARG A 10 -1.84 -15.38 -3.90
C ARG A 10 -3.27 -15.43 -3.38
N ARG A 11 -3.58 -14.56 -2.42
CA ARG A 11 -4.91 -14.50 -1.83
C ARG A 11 -5.60 -13.18 -2.17
N GLY A 12 -6.82 -13.01 -1.68
CA GLY A 12 -7.56 -11.79 -1.94
C GLY A 12 -8.75 -12.02 -2.85
N ASP A 13 -9.65 -12.92 -2.43
CA ASP A 13 -10.84 -13.22 -3.22
C ASP A 13 -11.92 -12.20 -2.98
N PHE A 14 -13.06 -12.37 -3.64
CA PHE A 14 -14.19 -11.45 -3.50
C PHE A 14 -13.81 -10.06 -4.01
N THR A 15 -14.82 -9.24 -4.29
CA THR A 15 -14.60 -7.89 -4.79
C THR A 15 -15.31 -6.87 -3.91
N GLU A 16 -16.49 -7.24 -3.42
CA GLU A 16 -17.27 -6.34 -2.56
C GLU A 16 -17.69 -5.09 -3.32
N ASP A 17 -18.68 -4.39 -2.79
CA ASP A 17 -19.18 -3.18 -3.42
C ASP A 17 -20.19 -2.47 -2.53
N THR A 18 -19.69 -1.60 -1.65
CA THR A 18 -20.56 -0.87 -0.73
C THR A 18 -20.17 0.61 -0.68
N THR A 19 -21.13 1.45 -0.30
CA THR A 19 -20.89 2.88 -0.20
C THR A 19 -20.26 3.25 1.14
N PRO A 20 -19.61 4.42 1.19
CA PRO A 20 -18.95 4.91 2.41
C PRO A 20 -19.96 5.30 3.49
N ASN A 21 -19.44 5.71 4.65
CA ASN A 21 -20.31 6.12 5.76
C ASN A 21 -19.57 7.07 6.68
N ARG A 22 -18.92 8.07 6.10
CA ARG A 22 -18.17 9.05 6.89
C ARG A 22 -17.05 8.38 7.67
N PRO A 23 -16.06 9.19 8.09
CA PRO A 23 -14.91 8.70 8.85
C PRO A 23 -15.29 8.26 10.26
N VAL A 24 -15.69 7.00 10.41
CA VAL A 24 -16.08 6.47 11.71
C VAL A 24 -14.88 5.90 12.45
N TYR A 25 -13.79 5.66 11.72
CA TYR A 25 -12.57 5.12 12.32
C TYR A 25 -12.84 3.75 12.92
N THR A 26 -13.88 3.08 12.43
CA THR A 26 -14.23 1.76 12.93
C THR A 26 -13.81 0.67 11.95
N THR A 27 -13.92 -0.58 12.38
CA THR A 27 -13.56 -1.72 11.54
C THR A 27 -14.24 -1.63 10.18
N SER A 28 -15.48 -1.14 10.18
CA SER A 28 -16.25 -1.01 8.94
C SER A 28 -15.65 0.06 8.03
N GLN A 29 -15.27 1.18 8.63
CA GLN A 29 -14.68 2.29 7.89
C GLN A 29 -13.37 1.87 7.24
N VAL A 30 -12.48 1.29 8.05
CA VAL A 30 -11.18 0.84 7.56
C VAL A 30 -11.33 -0.23 6.48
N GLY A 31 -12.28 -1.14 6.70
CA GLY A 31 -12.51 -2.20 5.73
C GLY A 31 -12.93 -1.67 4.36
N GLY A 32 -13.95 -0.83 4.35
CA GLY A 32 -14.44 -0.26 3.11
C GLY A 32 -13.40 0.61 2.42
N LEU A 33 -12.66 1.37 3.21
CA LEU A 33 -11.63 2.25 2.68
C LEU A 33 -10.50 1.45 2.04
N ILE A 34 -10.07 0.39 2.72
CA ILE A 34 -9.01 -0.46 2.21
C ILE A 34 -9.41 -1.11 0.89
N THR A 35 -10.65 -1.58 0.82
CA THR A 35 -11.15 -2.22 -0.39
C THR A 35 -11.19 -1.24 -1.56
N HIS A 36 -11.71 -0.05 -1.30
CA HIS A 36 -11.82 0.99 -2.33
C HIS A 36 -10.44 1.32 -2.89
N VAL A 37 -9.52 1.70 -2.00
CA VAL A 37 -8.17 2.05 -2.41
C VAL A 37 -7.48 0.89 -3.11
N LEU A 38 -7.78 -0.33 -2.66
CA LEU A 38 -7.20 -1.53 -3.24
C LEU A 38 -7.56 -1.65 -4.72
N TRP A 39 -8.84 -1.49 -5.03
CA TRP A 39 -9.31 -1.57 -6.41
C TRP A 39 -8.73 -0.44 -7.25
N GLU A 40 -8.72 0.76 -6.68
CA GLU A 40 -8.19 1.92 -7.39
C GLU A 40 -6.70 1.76 -7.69
N ILE A 41 -5.97 1.21 -6.73
CA ILE A 41 -4.54 1.00 -6.88
C ILE A 41 -4.26 0.00 -8.00
N VAL A 42 -4.97 -1.12 -7.99
CA VAL A 42 -4.80 -2.15 -9.00
C VAL A 42 -5.10 -1.61 -10.39
N GLU A 43 -6.20 -0.87 -10.52
CA GLU A 43 -6.59 -0.30 -11.80
C GLU A 43 -5.63 0.79 -12.22
N MET A 44 -5.23 1.63 -11.27
CA MET A 44 -4.30 2.72 -11.54
C MET A 44 -2.93 2.17 -11.92
N ARG A 45 -2.57 1.04 -11.35
CA ARG A 45 -1.28 0.42 -11.61
C ARG A 45 -1.26 -0.24 -13.00
N LYS A 46 -2.27 -1.04 -13.28
CA LYS A 46 -2.38 -1.72 -14.57
C LYS A 46 -2.69 -0.73 -15.68
N GLU A 47 -3.37 0.35 -15.33
CA GLU A 47 -3.73 1.39 -16.29
C GLU A 47 -2.50 1.87 -17.05
N LEU A 48 -1.37 1.94 -16.35
CA LEU A 48 -0.12 2.39 -16.95
C LEU A 48 0.26 1.51 -18.14
N CYS A 49 -0.11 0.25 -18.08
CA CYS A 49 0.19 -0.70 -19.16
C CYS A 49 -1.00 -0.83 -20.11
N ASN A 50 -1.73 0.26 -20.28
CA ASN A 50 -2.89 0.28 -21.17
C ASN A 50 -3.91 -0.78 -20.74
N GLY A 51 -3.91 -1.12 -19.45
CA GLY A 51 -4.84 -2.11 -18.95
C GLY A 51 -4.53 -3.51 -19.46
N ASN A 52 -3.24 -3.83 -19.57
CA ASN A 52 -2.82 -5.14 -20.06
C ASN A 52 -2.65 -6.11 -18.91
N SER A 53 -3.56 -7.09 -18.82
CA SER A 53 -3.51 -8.08 -17.77
C SER A 53 -2.17 -8.81 -17.76
N ASP A 54 -1.55 -8.90 -18.94
CA ASP A 54 -0.26 -9.56 -19.07
C ASP A 54 0.84 -8.78 -18.36
N CYS A 55 0.71 -7.46 -18.37
CA CYS A 55 1.69 -6.58 -17.73
C CYS A 55 1.75 -6.85 -16.22
N MET A 56 0.64 -7.32 -15.67
CA MET A 56 0.57 -7.61 -14.23
C MET A 56 1.53 -8.74 -13.87
N ASN A 57 1.48 -9.84 -14.62
CA ASN A 57 2.34 -10.98 -14.37
C ASN A 57 3.39 -11.12 -15.47
N ASN A 58 3.80 -10.00 -16.03
CA ASN A 58 4.80 -10.00 -17.10
C ASN A 58 6.19 -10.36 -16.55
N ASP A 59 6.61 -9.65 -15.52
CA ASP A 59 7.91 -9.89 -14.89
C ASP A 59 7.74 -10.25 -13.42
N ASP A 60 6.59 -10.80 -13.07
CA ASP A 60 6.31 -11.18 -11.69
C ASP A 60 7.09 -12.45 -11.32
N ALA A 61 7.40 -13.26 -12.32
CA ALA A 61 8.14 -14.50 -12.09
C ALA A 61 9.45 -14.23 -11.36
N LEU A 62 9.97 -13.02 -11.52
CA LEU A 62 11.23 -12.64 -10.89
C LEU A 62 11.01 -11.49 -9.92
N ALA A 63 10.16 -10.54 -10.31
CA ALA A 63 9.86 -9.39 -9.47
C ALA A 63 9.26 -9.81 -8.14
N GLU A 64 8.59 -10.96 -8.13
CA GLU A 64 7.98 -11.46 -6.92
C GLU A 64 9.02 -11.70 -5.83
N ASN A 65 10.25 -12.02 -6.26
CA ASN A 65 11.34 -12.26 -5.32
C ASN A 65 12.51 -11.33 -5.60
N ASN A 66 12.21 -10.13 -6.07
CA ASN A 66 13.24 -9.14 -6.38
C ASN A 66 12.86 -7.76 -5.86
N LEU A 67 12.04 -7.74 -4.82
CA LEU A 67 11.59 -6.49 -4.22
C LEU A 67 12.33 -6.22 -2.92
N LYS A 68 12.81 -4.98 -2.77
CA LYS A 68 13.54 -4.58 -1.57
C LYS A 68 12.59 -4.09 -0.49
N LEU A 69 11.43 -3.59 -0.91
CA LEU A 69 10.43 -3.09 0.02
C LEU A 69 9.90 -4.20 0.91
N PRO A 70 9.31 -3.83 2.05
CA PRO A 70 8.75 -4.77 3.01
C PRO A 70 7.50 -5.48 2.47
N GLU A 71 7.40 -6.77 2.73
CA GLU A 71 6.26 -7.56 2.27
C GLU A 71 5.93 -8.68 3.25
N ILE A 72 4.65 -8.90 3.50
CA ILE A 72 4.21 -9.94 4.41
C ILE A 72 3.97 -11.26 3.68
N GLN A 73 4.71 -12.29 4.05
CA GLN A 73 4.57 -13.60 3.44
C GLN A 73 4.11 -14.63 4.45
N ARG A 74 4.68 -14.59 5.65
CA ARG A 74 4.33 -15.53 6.70
C ARG A 74 3.58 -14.81 7.84
N ASN A 75 3.03 -15.59 8.76
CA ASN A 75 2.29 -15.04 9.89
C ASN A 75 2.31 -16.00 11.07
N ASP A 76 3.47 -16.60 11.32
CA ASP A 76 3.61 -17.54 12.43
C ASP A 76 3.67 -16.81 13.76
N GLY A 77 4.55 -15.82 13.85
CA GLY A 77 4.68 -15.06 15.08
C GLY A 77 5.50 -15.77 16.13
N CYS A 78 5.93 -15.05 17.15
CA CYS A 78 6.73 -15.63 18.23
C CYS A 78 5.97 -16.77 18.91
N TYR A 79 4.65 -16.68 18.91
CA TYR A 79 3.82 -17.70 19.52
C TYR A 79 3.90 -17.63 21.05
N GLN A 80 5.07 -17.98 21.58
CA GLN A 80 5.28 -17.96 23.03
C GLN A 80 5.89 -16.63 23.46
N THR A 81 6.03 -16.45 24.77
CA THR A 81 6.59 -15.22 25.32
C THR A 81 5.71 -14.02 24.99
N GLY A 82 4.83 -13.67 25.92
CA GLY A 82 3.94 -12.54 25.71
C GLY A 82 2.81 -12.50 26.71
N TYR A 83 3.03 -11.86 27.86
CA TYR A 83 2.02 -11.76 28.89
C TYR A 83 1.61 -10.31 29.13
N ASN A 84 2.51 -9.55 29.75
CA ASN A 84 2.24 -8.14 30.04
C ASN A 84 2.32 -7.31 28.77
N GLN A 85 3.18 -7.73 27.84
CA GLN A 85 3.36 -7.02 26.58
C GLN A 85 3.20 -7.97 25.39
N GLU A 86 3.10 -7.40 24.19
CA GLU A 86 2.96 -8.20 22.98
C GLU A 86 4.26 -8.91 22.64
N ILE A 87 5.35 -8.15 22.58
CA ILE A 87 6.65 -8.71 22.26
C ILE A 87 6.69 -9.23 20.82
N CYS A 88 7.85 -9.08 20.18
CA CYS A 88 8.02 -9.55 18.81
C CYS A 88 7.06 -8.81 17.86
N LEU A 89 7.54 -7.71 17.29
CA LEU A 89 6.73 -6.93 16.37
C LEU A 89 7.24 -7.06 14.94
N LEU A 90 6.46 -6.55 13.99
CA LEU A 90 6.84 -6.60 12.59
C LEU A 90 7.05 -5.20 12.02
N LYS A 91 7.69 -5.13 10.85
CA LYS A 91 7.95 -3.86 10.20
C LYS A 91 6.81 -3.47 9.27
N ILE A 92 5.91 -2.63 9.77
CA ILE A 92 4.77 -2.19 8.98
C ILE A 92 4.77 -0.67 8.80
N SER A 93 5.23 0.04 9.82
CA SER A 93 5.29 1.49 9.79
C SER A 93 6.19 1.96 8.64
N SER A 94 7.40 1.41 8.57
CA SER A 94 8.35 1.77 7.54
C SER A 94 7.73 1.62 6.15
N GLY A 95 7.17 0.45 5.89
CA GLY A 95 6.54 0.20 4.60
C GLY A 95 5.40 1.15 4.32
N LEU A 96 4.47 1.26 5.27
CA LEU A 96 3.31 2.14 5.12
C LEU A 96 3.76 3.56 4.79
N LEU A 97 4.63 4.11 5.61
CA LEU A 97 5.13 5.47 5.42
C LEU A 97 5.73 5.62 4.02
N GLU A 98 6.60 4.68 3.65
CA GLU A 98 7.24 4.71 2.34
C GLU A 98 6.20 4.80 1.22
N TYR A 99 5.21 3.92 1.28
CA TYR A 99 4.15 3.90 0.28
C TYR A 99 3.46 5.25 0.17
N HIS A 100 3.08 5.80 1.32
CA HIS A 100 2.41 7.09 1.36
C HIS A 100 3.23 8.16 0.65
N SER A 101 4.51 8.22 0.98
CA SER A 101 5.41 9.20 0.37
C SER A 101 5.51 8.98 -1.14
N TYR A 102 5.50 7.70 -1.55
CA TYR A 102 5.60 7.36 -2.96
C TYR A 102 4.40 7.90 -3.73
N LEU A 103 3.21 7.39 -3.40
CA LEU A 103 1.99 7.83 -4.08
C LEU A 103 1.84 9.35 -4.01
N GLU A 104 2.22 9.93 -2.87
CA GLU A 104 2.14 11.37 -2.69
C GLU A 104 3.13 12.10 -3.59
N TYR A 105 4.28 11.47 -3.82
CA TYR A 105 5.31 12.06 -4.66
C TYR A 105 4.87 12.09 -6.12
N MET A 106 4.44 10.94 -6.63
CA MET A 106 3.99 10.84 -8.02
C MET A 106 2.70 11.62 -8.22
N LYS A 107 1.87 11.67 -7.18
CA LYS A 107 0.60 12.38 -7.25
C LYS A 107 0.83 13.87 -7.53
N ASN A 108 1.97 14.38 -7.10
CA ASN A 108 2.30 15.80 -7.30
C ASN A 108 2.35 16.13 -8.79
N ASN A 109 2.89 15.22 -9.58
CA ASN A 109 2.98 15.42 -11.02
C ASN A 109 2.44 14.22 -11.78
N LEU A 110 1.19 14.33 -12.24
CA LEU A 110 0.55 13.26 -12.98
C LEU A 110 -0.38 13.81 -14.06
N LYS A 111 -1.00 12.92 -14.83
CA LYS A 111 -1.90 13.31 -15.89
C LYS A 111 -3.27 13.70 -15.33
N ASP A 112 -4.21 14.00 -16.21
CA ASP A 112 -5.55 14.39 -15.80
C ASP A 112 -6.23 13.25 -15.05
N ASN A 113 -6.23 12.06 -15.65
CA ASN A 113 -6.84 10.90 -15.02
C ASN A 113 -6.03 10.41 -13.83
N LYS A 114 -4.72 10.26 -14.05
CA LYS A 114 -3.82 9.81 -12.99
C LYS A 114 -3.94 10.70 -11.76
N LYS A 115 -4.20 11.98 -11.98
CA LYS A 115 -4.34 12.93 -10.88
C LYS A 115 -5.57 12.63 -10.05
N ASP A 116 -6.72 12.48 -10.72
CA ASP A 116 -7.97 12.18 -10.04
C ASP A 116 -7.86 10.90 -9.22
N LYS A 117 -7.23 9.88 -9.81
CA LYS A 117 -7.05 8.60 -9.14
C LYS A 117 -6.05 8.72 -8.00
N ALA A 118 -5.02 9.53 -8.21
CA ALA A 118 -3.98 9.73 -7.20
C ALA A 118 -4.55 10.42 -5.97
N ARG A 119 -5.48 11.34 -6.18
CA ARG A 119 -6.11 12.07 -5.09
C ARG A 119 -6.84 11.12 -4.15
N VAL A 120 -7.67 10.25 -4.72
CA VAL A 120 -8.42 9.28 -3.92
C VAL A 120 -7.51 8.23 -3.32
N LEU A 121 -6.43 7.91 -4.04
CA LEU A 121 -5.48 6.91 -3.58
C LEU A 121 -4.72 7.40 -2.34
N GLN A 122 -4.15 8.59 -2.45
CA GLN A 122 -3.39 9.18 -1.34
C GLN A 122 -4.31 9.50 -0.17
N ARG A 123 -5.55 9.89 -0.49
CA ARG A 123 -6.52 10.22 0.54
C ARG A 123 -6.90 9.00 1.36
N ASP A 124 -7.32 7.94 0.67
CA ASP A 124 -7.70 6.70 1.33
C ASP A 124 -6.56 6.15 2.18
N THR A 125 -5.40 5.97 1.55
CA THR A 125 -4.23 5.45 2.25
C THR A 125 -3.88 6.31 3.45
N GLU A 126 -3.90 7.62 3.25
CA GLU A 126 -3.57 8.57 4.31
C GLU A 126 -4.43 8.31 5.55
N THR A 127 -5.75 8.28 5.35
CA THR A 127 -6.69 8.04 6.44
C THR A 127 -6.46 6.68 7.08
N LEU A 128 -6.11 5.69 6.25
CA LEU A 128 -5.86 4.35 6.73
C LEU A 128 -4.65 4.31 7.66
N ILE A 129 -3.53 4.87 7.20
CA ILE A 129 -2.31 4.90 7.99
C ILE A 129 -2.53 5.65 9.30
N HIS A 130 -3.33 6.72 9.24
CA HIS A 130 -3.62 7.52 10.42
C HIS A 130 -4.41 6.71 11.45
N ILE A 131 -5.42 5.99 10.98
CA ILE A 131 -6.24 5.17 11.86
C ILE A 131 -5.41 4.08 12.53
N PHE A 132 -4.71 3.30 11.71
CA PHE A 132 -3.88 2.21 12.22
C PHE A 132 -2.83 2.74 13.19
N ASN A 133 -2.11 3.78 12.78
CA ASN A 133 -1.08 4.38 13.61
C ASN A 133 -1.65 4.86 14.94
N GLN A 134 -2.84 5.46 14.88
CA GLN A 134 -3.50 5.96 16.09
C GLN A 134 -3.90 4.80 17.00
N GLU A 135 -4.32 3.69 16.41
CA GLU A 135 -4.74 2.53 17.16
C GLU A 135 -3.56 1.91 17.89
N VAL A 136 -2.48 1.63 17.15
CA VAL A 136 -1.28 1.03 17.73
C VAL A 136 -0.61 1.99 18.70
N LYS A 137 -0.67 3.28 18.40
CA LYS A 137 -0.06 4.29 19.25
C LYS A 137 -0.83 4.42 20.56
N ASP A 138 -2.15 4.36 20.48
CA ASP A 138 -3.00 4.46 21.66
C ASP A 138 -3.02 3.15 22.44
N LEU A 139 -2.79 2.05 21.73
CA LEU A 139 -2.78 0.73 22.34
C LEU A 139 -1.49 0.49 23.10
N HIS A 140 -0.36 0.73 22.44
CA HIS A 140 0.95 0.54 23.05
C HIS A 140 1.86 1.72 22.76
N LYS A 141 2.36 1.77 21.52
CA LYS A 141 3.26 2.85 21.11
C LYS A 141 3.66 2.69 19.64
N ILE A 142 4.54 3.57 19.17
CA ILE A 142 5.00 3.52 17.79
C ILE A 142 6.21 4.41 17.60
N VAL A 143 7.17 3.94 16.79
CA VAL A 143 8.38 4.70 16.50
C VAL A 143 8.78 4.57 15.04
N LEU A 144 9.58 5.53 14.57
CA LEU A 144 10.03 5.53 13.19
C LEU A 144 10.95 6.73 12.91
N PRO A 145 12.04 6.47 12.18
CA PRO A 145 13.01 7.51 11.83
C PRO A 145 12.45 8.52 10.83
N THR A 146 12.56 8.18 9.54
CA THR A 146 12.05 9.05 8.49
C THR A 146 12.31 8.45 7.11
N PRO A 147 11.40 8.73 6.16
CA PRO A 147 11.49 8.22 4.80
C PRO A 147 12.64 8.87 4.03
N ILE A 148 13.43 8.04 3.35
CA ILE A 148 14.56 8.53 2.57
C ILE A 148 14.38 8.22 1.09
N SER A 149 13.58 7.20 0.80
CA SER A 149 13.32 6.81 -0.58
C SER A 149 12.88 8.00 -1.42
N ASN A 150 12.06 8.86 -0.82
CA ASN A 150 11.55 10.05 -1.50
C ASN A 150 12.70 10.84 -2.13
N ALA A 151 13.76 11.06 -1.36
CA ALA A 151 14.91 11.80 -1.85
C ALA A 151 15.48 11.17 -3.12
N LEU A 152 15.79 9.88 -3.04
CA LEU A 152 16.34 9.16 -4.18
C LEU A 152 15.47 9.35 -5.41
N LEU A 153 14.18 9.10 -5.26
CA LEU A 153 13.24 9.25 -6.36
C LEU A 153 13.34 10.64 -6.98
N THR A 154 13.00 11.66 -6.21
CA THR A 154 13.05 13.04 -6.69
C THR A 154 14.42 13.35 -7.30
N ASP A 155 15.46 12.73 -6.75
CA ASP A 155 16.82 12.95 -7.25
C ASP A 155 16.91 12.66 -8.74
N LYS A 156 16.10 11.70 -9.20
CA LYS A 156 16.09 11.33 -10.61
C LYS A 156 15.20 12.27 -11.41
N LEU A 157 15.83 13.13 -12.20
CA LEU A 157 15.09 14.09 -13.03
C LEU A 157 15.99 14.67 -14.11
N GLU A 158 15.72 14.30 -15.36
CA GLU A 158 16.50 14.79 -16.49
C GLU A 158 15.70 14.71 -17.78
N SER A 159 15.28 13.50 -18.14
CA SER A 159 14.50 13.29 -19.35
C SER A 159 13.15 12.64 -19.03
N GLN A 160 12.21 12.78 -19.95
CA GLN A 160 10.88 12.22 -19.78
C GLN A 160 10.41 11.51 -21.05
N LYS A 161 10.63 10.20 -21.10
CA LYS A 161 10.24 9.40 -22.26
C LYS A 161 9.77 8.02 -21.83
N GLU A 162 9.18 7.94 -20.64
CA GLU A 162 8.68 6.66 -20.12
C GLU A 162 9.71 5.56 -20.34
N TRP A 163 9.28 4.32 -20.14
CA TRP A 163 10.17 3.17 -20.30
C TRP A 163 11.33 3.23 -19.33
N LEU A 164 11.07 3.74 -18.13
CA LEU A 164 12.09 3.85 -17.11
C LEU A 164 11.47 3.97 -15.72
N ARG A 165 10.71 5.05 -15.50
CA ARG A 165 10.06 5.27 -14.22
C ARG A 165 8.91 4.30 -14.02
N THR A 166 8.33 3.83 -15.13
CA THR A 166 7.22 2.89 -15.07
C THR A 166 7.54 1.71 -14.16
N LYS A 167 8.83 1.40 -14.03
CA LYS A 167 9.26 0.29 -13.19
C LYS A 167 9.06 0.62 -11.71
N THR A 168 9.85 1.56 -11.21
CA THR A 168 9.77 1.97 -9.81
C THR A 168 8.33 2.26 -9.42
N ILE A 169 7.55 2.80 -10.36
CA ILE A 169 6.15 3.13 -10.11
C ILE A 169 5.33 1.87 -9.91
N GLN A 170 5.42 0.94 -10.85
CA GLN A 170 4.67 -0.31 -10.78
C GLN A 170 5.13 -1.15 -9.60
N PHE A 171 6.38 -0.93 -9.17
CA PHE A 171 6.94 -1.67 -8.05
C PHE A 171 6.33 -1.19 -6.73
N ILE A 172 6.40 0.11 -6.49
CA ILE A 172 5.86 0.70 -5.26
C ILE A 172 4.35 0.50 -5.19
N LEU A 173 3.69 0.60 -6.34
CA LEU A 173 2.25 0.44 -6.41
C LEU A 173 1.84 -1.00 -6.09
N LYS A 174 2.43 -1.95 -6.81
CA LYS A 174 2.13 -3.36 -6.61
C LYS A 174 2.39 -3.76 -5.16
N SER A 175 3.53 -3.34 -4.63
CA SER A 175 3.90 -3.67 -3.26
C SER A 175 2.89 -3.09 -2.27
N LEU A 176 2.55 -1.82 -2.47
CA LEU A 176 1.59 -1.13 -1.60
C LEU A 176 0.28 -1.90 -1.53
N GLU A 177 -0.31 -2.18 -2.69
CA GLU A 177 -1.57 -2.92 -2.76
C GLU A 177 -1.45 -4.26 -2.04
N GLU A 178 -0.47 -5.06 -2.45
CA GLU A 178 -0.26 -6.37 -1.85
C GLU A 178 -0.14 -6.27 -0.34
N PHE A 179 0.66 -5.31 0.12
CA PHE A 179 0.86 -5.09 1.54
C PHE A 179 -0.45 -4.73 2.24
N LEU A 180 -1.25 -3.90 1.57
CA LEU A 180 -2.53 -3.47 2.13
C LEU A 180 -3.47 -4.67 2.31
N LYS A 181 -3.43 -5.59 1.35
CA LYS A 181 -4.27 -6.78 1.41
C LYS A 181 -3.83 -7.71 2.54
N VAL A 182 -2.57 -8.12 2.50
CA VAL A 182 -2.03 -9.01 3.52
C VAL A 182 -2.23 -8.43 4.92
N THR A 183 -2.12 -7.10 5.03
CA THR A 183 -2.29 -6.42 6.30
C THR A 183 -3.74 -6.47 6.76
N LEU A 184 -4.65 -5.98 5.92
CA LEU A 184 -6.07 -5.97 6.24
C LEU A 184 -6.54 -7.36 6.65
N ARG A 185 -6.00 -8.38 5.99
CA ARG A 185 -6.38 -9.76 6.29
C ARG A 185 -5.70 -10.25 7.56
N SER A 186 -4.38 -10.12 7.62
CA SER A 186 -3.62 -10.53 8.79
C SER A 186 -4.19 -9.92 10.07
N THR A 187 -4.35 -8.60 10.06
CA THR A 187 -4.88 -7.88 11.20
C THR A 187 -6.31 -8.32 11.53
N ARG A 188 -7.00 -8.83 10.51
CA ARG A 188 -8.38 -9.30 10.68
C ARG A 188 -8.40 -10.73 11.21
N GLN A 189 -9.45 -11.04 11.97
CA GLN A 189 -9.59 -12.38 12.54
C GLN A 189 -10.89 -12.48 13.35
N THR A 190 -11.89 -13.11 12.75
CA THR A 190 -13.19 -13.27 13.42
C THR A 190 -13.35 -14.69 13.95
N SER A 7 1.39 -15.69 -10.39
CA SER A 7 0.58 -15.59 -9.19
C SER A 7 -0.89 -15.37 -9.54
N GLN A 8 -1.78 -15.92 -8.73
CA GLN A 8 -3.21 -15.78 -8.95
C GLN A 8 -3.79 -14.60 -8.17
N VAL A 9 -3.78 -13.43 -8.79
CA VAL A 9 -4.29 -12.22 -8.15
C VAL A 9 -5.74 -12.40 -7.73
N ARG A 10 -6.11 -11.75 -6.63
CA ARG A 10 -7.47 -11.84 -6.12
C ARG A 10 -8.33 -10.68 -6.61
N ARG A 11 -9.36 -11.00 -7.37
CA ARG A 11 -10.26 -9.99 -7.92
C ARG A 11 -11.66 -10.11 -7.32
N GLY A 12 -12.56 -9.22 -7.74
CA GLY A 12 -13.91 -9.25 -7.23
C GLY A 12 -14.20 -8.12 -6.26
N ASP A 13 -13.89 -6.89 -6.69
CA ASP A 13 -14.11 -5.72 -5.85
C ASP A 13 -15.21 -4.83 -6.44
N PHE A 14 -15.71 -3.91 -5.62
CA PHE A 14 -16.76 -3.00 -6.06
C PHE A 14 -16.19 -1.90 -6.95
N THR A 15 -17.02 -0.91 -7.27
CA THR A 15 -16.60 0.20 -8.11
C THR A 15 -16.70 1.53 -7.37
N GLU A 16 -17.66 1.62 -6.45
CA GLU A 16 -17.87 2.83 -5.68
C GLU A 16 -17.92 2.52 -4.18
N ASP A 17 -17.55 3.49 -3.37
CA ASP A 17 -17.56 3.33 -1.91
C ASP A 17 -17.15 4.62 -1.21
N THR A 18 -17.78 5.72 -1.61
CA THR A 18 -17.49 7.02 -1.02
C THR A 18 -18.11 7.15 0.37
N THR A 19 -17.56 8.05 1.17
CA THR A 19 -18.05 8.27 2.53
C THR A 19 -18.11 9.77 2.86
N PRO A 20 -18.92 10.12 3.86
CA PRO A 20 -19.08 11.50 4.30
C PRO A 20 -17.83 12.04 4.99
N ASN A 21 -17.94 13.24 5.57
CA ASN A 21 -16.82 13.85 6.27
C ASN A 21 -16.91 13.61 7.77
N ARG A 22 -17.56 12.52 8.15
CA ARG A 22 -17.73 12.18 9.56
C ARG A 22 -17.11 10.82 9.85
N PRO A 23 -15.76 10.77 9.88
CA PRO A 23 -15.02 9.53 10.16
C PRO A 23 -15.17 9.08 11.60
N VAL A 24 -15.60 7.83 11.79
CA VAL A 24 -15.78 7.27 13.12
C VAL A 24 -14.65 6.32 13.47
N TYR A 25 -13.87 5.92 12.47
CA TYR A 25 -12.75 5.01 12.67
C TYR A 25 -13.25 3.65 13.16
N THR A 26 -14.33 3.17 12.56
CA THR A 26 -14.90 1.89 12.92
C THR A 26 -14.51 0.80 11.93
N THR A 27 -14.70 -0.46 12.32
CA THR A 27 -14.36 -1.59 11.46
C THR A 27 -14.99 -1.44 10.08
N SER A 28 -16.27 -1.09 10.06
CA SER A 28 -16.98 -0.91 8.80
C SER A 28 -16.22 0.03 7.86
N GLN A 29 -15.86 1.19 8.38
CA GLN A 29 -15.12 2.18 7.59
C GLN A 29 -13.79 1.61 7.11
N VAL A 30 -13.12 0.88 8.00
CA VAL A 30 -11.83 0.27 7.66
C VAL A 30 -11.97 -0.72 6.51
N GLY A 31 -12.88 -1.67 6.66
CA GLY A 31 -13.09 -2.66 5.62
C GLY A 31 -13.43 -2.05 4.28
N GLY A 32 -14.42 -1.17 4.28
CA GLY A 32 -14.83 -0.52 3.05
C GLY A 32 -13.70 0.27 2.41
N LEU A 33 -12.92 0.95 3.23
CA LEU A 33 -11.80 1.75 2.74
C LEU A 33 -10.71 0.85 2.15
N ILE A 34 -10.50 -0.31 2.76
CA ILE A 34 -9.50 -1.25 2.29
C ILE A 34 -9.85 -1.78 0.89
N THR A 35 -11.07 -2.28 0.75
CA THR A 35 -11.53 -2.81 -0.53
C THR A 35 -11.55 -1.73 -1.60
N HIS A 36 -11.97 -0.52 -1.21
CA HIS A 36 -12.03 0.60 -2.15
C HIS A 36 -10.63 1.01 -2.60
N VAL A 37 -9.76 1.30 -1.63
CA VAL A 37 -8.39 1.70 -1.93
C VAL A 37 -7.64 0.60 -2.68
N LEU A 38 -7.99 -0.64 -2.38
CA LEU A 38 -7.35 -1.79 -3.02
C LEU A 38 -7.71 -1.84 -4.50
N TRP A 39 -8.99 -1.72 -4.81
CA TRP A 39 -9.46 -1.75 -6.19
C TRP A 39 -8.88 -0.59 -6.99
N GLU A 40 -8.86 0.59 -6.38
CA GLU A 40 -8.32 1.78 -7.03
C GLU A 40 -6.86 1.60 -7.39
N ILE A 41 -6.06 1.17 -6.42
CA ILE A 41 -4.63 0.95 -6.62
C ILE A 41 -4.39 -0.05 -7.75
N VAL A 42 -5.09 -1.18 -7.70
CA VAL A 42 -4.96 -2.21 -8.71
C VAL A 42 -5.21 -1.65 -10.11
N GLU A 43 -6.40 -1.09 -10.31
CA GLU A 43 -6.76 -0.51 -11.60
C GLU A 43 -5.71 0.49 -12.06
N MET A 44 -5.21 1.29 -11.12
CA MET A 44 -4.20 2.29 -11.43
C MET A 44 -2.89 1.64 -11.84
N ARG A 45 -2.61 0.47 -11.26
CA ARG A 45 -1.38 -0.26 -11.57
C ARG A 45 -1.43 -0.84 -12.98
N LYS A 46 -2.51 -1.55 -13.28
CA LYS A 46 -2.69 -2.16 -14.60
C LYS A 46 -2.96 -1.09 -15.67
N GLU A 47 -3.55 0.02 -15.24
CA GLU A 47 -3.87 1.11 -16.16
C GLU A 47 -2.62 1.57 -16.89
N LEU A 48 -1.50 1.65 -16.17
CA LEU A 48 -0.24 2.08 -16.76
C LEU A 48 0.11 1.25 -17.98
N CYS A 49 -0.36 0.00 -18.00
CA CYS A 49 -0.11 -0.90 -19.11
C CYS A 49 -1.30 -0.94 -20.07
N ASN A 50 -1.96 0.20 -20.22
CA ASN A 50 -3.12 0.29 -21.10
C ASN A 50 -4.24 -0.63 -20.63
N GLY A 51 -4.28 -0.89 -19.32
CA GLY A 51 -5.30 -1.76 -18.77
C GLY A 51 -5.12 -3.21 -19.16
N ASN A 52 -3.86 -3.64 -19.25
CA ASN A 52 -3.56 -5.02 -19.62
C ASN A 52 -3.36 -5.89 -18.39
N SER A 53 -4.35 -6.72 -18.08
CA SER A 53 -4.28 -7.60 -16.93
C SER A 53 -3.04 -8.49 -17.00
N ASP A 54 -2.58 -8.76 -18.21
CA ASP A 54 -1.41 -9.59 -18.42
C ASP A 54 -0.16 -8.93 -17.83
N CYS A 55 -0.11 -7.61 -17.90
CA CYS A 55 1.02 -6.84 -17.39
C CYS A 55 1.23 -7.13 -15.90
N MET A 56 0.14 -7.45 -15.21
CA MET A 56 0.20 -7.74 -13.78
C MET A 56 0.85 -9.09 -13.53
N ASN A 57 0.65 -10.02 -14.46
CA ASN A 57 1.21 -11.35 -14.34
C ASN A 57 2.33 -11.58 -15.36
N ASN A 58 2.96 -10.48 -15.78
CA ASN A 58 4.04 -10.56 -16.75
C ASN A 58 5.40 -10.43 -16.07
N ASP A 59 5.55 -9.40 -15.24
CA ASP A 59 6.80 -9.17 -14.53
C ASP A 59 6.67 -9.56 -13.06
N ASP A 60 5.82 -10.54 -12.80
CA ASP A 60 5.60 -11.02 -11.44
C ASP A 60 6.45 -12.26 -11.14
N ALA A 61 7.58 -12.36 -11.82
CA ALA A 61 8.48 -13.49 -11.64
C ALA A 61 9.84 -13.03 -11.13
N LEU A 62 10.25 -11.83 -11.55
CA LEU A 62 11.54 -11.28 -11.13
C LEU A 62 11.34 -10.14 -10.14
N ALA A 63 10.19 -9.49 -10.22
CA ALA A 63 9.87 -8.38 -9.32
C ALA A 63 9.97 -8.81 -7.86
N GLU A 64 9.68 -10.08 -7.60
CA GLU A 64 9.73 -10.62 -6.24
C GLU A 64 11.10 -10.39 -5.62
N ASN A 65 12.12 -10.27 -6.46
CA ASN A 65 13.48 -10.05 -5.99
C ASN A 65 13.96 -8.64 -6.36
N ASN A 66 13.02 -7.72 -6.50
CA ASN A 66 13.34 -6.34 -6.84
C ASN A 66 12.54 -5.36 -6.00
N LEU A 67 12.12 -5.81 -4.81
CA LEU A 67 11.36 -4.98 -3.91
C LEU A 67 12.07 -4.81 -2.57
N LYS A 68 12.10 -5.87 -1.79
CA LYS A 68 12.77 -5.86 -0.48
C LYS A 68 12.15 -4.78 0.41
N LEU A 69 10.92 -4.40 0.12
CA LEU A 69 10.22 -3.38 0.90
C LEU A 69 9.65 -3.97 2.18
N PRO A 70 9.36 -3.10 3.16
CA PRO A 70 8.79 -3.52 4.45
C PRO A 70 7.36 -4.01 4.32
N GLU A 71 7.19 -5.32 4.31
CA GLU A 71 5.87 -5.93 4.20
C GLU A 71 5.80 -7.25 4.95
N ILE A 72 4.63 -7.56 5.49
CA ILE A 72 4.42 -8.79 6.24
C ILE A 72 4.76 -10.01 5.39
N GLN A 73 5.41 -10.99 6.01
CA GLN A 73 5.79 -12.21 5.30
C GLN A 73 4.94 -13.39 5.76
N ARG A 74 5.16 -13.83 7.00
CA ARG A 74 4.41 -14.95 7.55
C ARG A 74 4.64 -15.06 9.06
N ASN A 75 5.87 -15.37 9.45
CA ASN A 75 6.23 -15.50 10.85
C ASN A 75 5.33 -16.54 11.54
N ASP A 76 5.77 -17.79 11.53
CA ASP A 76 5.01 -18.87 12.16
C ASP A 76 5.34 -18.98 13.64
N GLY A 77 4.33 -19.30 14.44
CA GLY A 77 4.53 -19.43 15.87
C GLY A 77 4.96 -18.13 16.51
N CYS A 78 4.00 -17.40 17.07
CA CYS A 78 4.28 -16.13 17.72
C CYS A 78 4.48 -16.31 19.22
N TYR A 79 3.59 -17.09 19.83
CA TYR A 79 3.66 -17.35 21.27
C TYR A 79 4.11 -18.78 21.54
N GLN A 80 3.76 -19.68 20.62
CA GLN A 80 4.12 -21.09 20.76
C GLN A 80 5.64 -21.26 20.79
N THR A 81 6.08 -22.47 21.15
CA THR A 81 7.51 -22.76 21.22
C THR A 81 8.20 -21.90 22.28
N GLY A 82 8.20 -22.38 23.53
CA GLY A 82 8.82 -21.63 24.61
C GLY A 82 10.23 -22.13 24.90
N TYR A 83 11.20 -21.60 24.16
CA TYR A 83 12.59 -21.98 24.34
C TYR A 83 13.53 -20.90 23.83
N ASN A 84 13.41 -20.56 22.56
CA ASN A 84 14.24 -19.54 21.95
C ASN A 84 13.55 -18.17 22.00
N GLN A 85 12.23 -18.17 21.83
CA GLN A 85 11.46 -16.94 21.85
C GLN A 85 12.01 -15.93 20.85
N GLU A 86 11.63 -16.09 19.59
CA GLU A 86 12.08 -15.20 18.54
C GLU A 86 11.07 -14.09 18.29
N ILE A 87 9.80 -14.39 18.53
CA ILE A 87 8.73 -13.42 18.33
C ILE A 87 8.59 -13.05 16.86
N CYS A 88 7.37 -12.70 16.46
CA CYS A 88 7.08 -12.32 15.08
C CYS A 88 7.78 -11.01 14.73
N LEU A 89 7.45 -9.95 15.44
CA LEU A 89 8.03 -8.63 15.21
C LEU A 89 7.72 -8.15 13.80
N LEU A 90 6.65 -7.37 13.66
CA LEU A 90 6.25 -6.84 12.37
C LEU A 90 6.44 -5.33 12.32
N LYS A 91 6.63 -4.80 11.11
CA LYS A 91 6.83 -3.37 10.92
C LYS A 91 5.51 -2.67 10.60
N ILE A 92 5.02 -2.88 9.39
CA ILE A 92 3.76 -2.27 8.95
C ILE A 92 3.92 -0.77 8.75
N SER A 93 4.12 -0.05 9.85
CA SER A 93 4.28 1.39 9.80
C SER A 93 5.33 1.79 8.76
N SER A 94 6.40 1.00 8.68
CA SER A 94 7.47 1.27 7.73
C SER A 94 6.92 1.39 6.30
N GLY A 95 6.16 0.39 5.88
CA GLY A 95 5.59 0.40 4.56
C GLY A 95 4.60 1.54 4.35
N LEU A 96 3.74 1.75 5.33
CA LEU A 96 2.74 2.81 5.27
C LEU A 96 3.40 4.15 4.94
N LEU A 97 4.39 4.52 5.74
CA LEU A 97 5.10 5.78 5.53
C LEU A 97 5.79 5.79 4.17
N GLU A 98 6.53 4.73 3.86
CA GLU A 98 7.23 4.62 2.60
C GLU A 98 6.28 4.86 1.42
N TYR A 99 5.17 4.13 1.42
CA TYR A 99 4.18 4.26 0.35
C TYR A 99 3.64 5.67 0.28
N HIS A 100 3.35 6.25 1.44
CA HIS A 100 2.82 7.61 1.50
C HIS A 100 3.72 8.58 0.75
N SER A 101 5.01 8.54 1.04
CA SER A 101 5.98 9.41 0.40
C SER A 101 6.09 9.09 -1.09
N TYR A 102 6.06 7.80 -1.41
CA TYR A 102 6.15 7.36 -2.80
C TYR A 102 5.07 8.00 -3.65
N LEU A 103 3.81 7.66 -3.35
CA LEU A 103 2.67 8.20 -4.08
C LEU A 103 2.70 9.72 -4.08
N GLU A 104 2.94 10.31 -2.91
CA GLU A 104 2.98 11.76 -2.78
C GLU A 104 4.02 12.36 -3.73
N TYR A 105 5.09 11.63 -3.97
CA TYR A 105 6.16 12.09 -4.87
C TYR A 105 5.70 12.03 -6.32
N MET A 106 5.21 10.87 -6.73
CA MET A 106 4.75 10.68 -8.10
C MET A 106 3.55 11.59 -8.40
N LYS A 107 2.78 11.90 -7.37
CA LYS A 107 1.62 12.77 -7.52
C LYS A 107 1.98 14.05 -8.26
N ASN A 108 3.01 14.74 -7.77
CA ASN A 108 3.46 15.98 -8.39
C ASN A 108 3.88 15.74 -9.84
N ASN A 109 4.15 14.50 -10.18
CA ASN A 109 4.55 14.14 -11.53
C ASN A 109 3.64 13.06 -12.11
N LEU A 110 2.47 13.48 -12.57
CA LEU A 110 1.50 12.54 -13.15
C LEU A 110 0.65 13.24 -14.20
N LYS A 111 -0.02 12.43 -15.03
CA LYS A 111 -0.87 12.97 -16.10
C LYS A 111 -2.20 13.46 -15.53
N ASP A 112 -3.08 13.91 -16.41
CA ASP A 112 -4.39 14.40 -16.00
C ASP A 112 -5.20 13.30 -15.32
N ASN A 113 -5.29 12.15 -15.98
CA ASN A 113 -6.03 11.02 -15.44
C ASN A 113 -5.32 10.42 -14.24
N LYS A 114 -4.02 10.18 -14.38
CA LYS A 114 -3.22 9.61 -13.30
C LYS A 114 -3.32 10.47 -12.05
N LYS A 115 -3.25 11.79 -12.22
CA LYS A 115 -3.33 12.71 -11.11
C LYS A 115 -4.64 12.54 -10.34
N ASP A 116 -5.74 12.49 -11.09
CA ASP A 116 -7.07 12.32 -10.48
C ASP A 116 -7.11 11.05 -9.64
N LYS A 117 -6.69 9.93 -10.24
CA LYS A 117 -6.69 8.65 -9.54
C LYS A 117 -5.74 8.68 -8.34
N ALA A 118 -4.57 9.24 -8.53
CA ALA A 118 -3.57 9.34 -7.47
C ALA A 118 -4.16 10.02 -6.24
N ARG A 119 -4.89 11.12 -6.46
CA ARG A 119 -5.50 11.86 -5.37
C ARG A 119 -6.34 10.95 -4.49
N VAL A 120 -7.20 10.16 -5.12
CA VAL A 120 -8.06 9.23 -4.39
C VAL A 120 -7.24 8.19 -3.64
N LEU A 121 -6.19 7.70 -4.29
CA LEU A 121 -5.32 6.70 -3.68
C LEU A 121 -4.64 7.25 -2.43
N GLN A 122 -4.04 8.43 -2.56
CA GLN A 122 -3.35 9.07 -1.45
C GLN A 122 -4.30 9.27 -0.28
N ARG A 123 -5.45 9.88 -0.55
CA ARG A 123 -6.45 10.14 0.48
C ARG A 123 -6.81 8.87 1.23
N ASP A 124 -7.18 7.84 0.49
CA ASP A 124 -7.55 6.56 1.09
C ASP A 124 -6.40 6.00 1.92
N THR A 125 -5.19 6.08 1.39
CA THR A 125 -4.01 5.58 2.08
C THR A 125 -3.80 6.33 3.39
N GLU A 126 -3.89 7.65 3.34
CA GLU A 126 -3.71 8.49 4.51
C GLU A 126 -4.74 8.14 5.59
N THR A 127 -5.95 7.82 5.16
CA THR A 127 -7.02 7.47 6.08
C THR A 127 -6.74 6.16 6.79
N LEU A 128 -6.53 5.10 6.01
CA LEU A 128 -6.24 3.79 6.56
C LEU A 128 -5.00 3.82 7.44
N ILE A 129 -4.04 4.66 7.07
CA ILE A 129 -2.81 4.79 7.83
C ILE A 129 -3.05 5.51 9.15
N HIS A 130 -3.87 6.55 9.11
CA HIS A 130 -4.18 7.32 10.31
C HIS A 130 -4.88 6.45 11.35
N ILE A 131 -5.83 5.65 10.89
CA ILE A 131 -6.59 4.77 11.78
C ILE A 131 -5.69 3.67 12.34
N PHE A 132 -5.01 2.94 11.45
CA PHE A 132 -4.13 1.87 11.86
C PHE A 132 -3.01 2.39 12.77
N ASN A 133 -2.35 3.46 12.34
CA ASN A 133 -1.28 4.06 13.11
C ASN A 133 -1.78 4.54 14.47
N GLN A 134 -3.00 5.09 14.49
CA GLN A 134 -3.60 5.59 15.71
C GLN A 134 -3.73 4.48 16.74
N GLU A 135 -4.39 3.39 16.36
CA GLU A 135 -4.59 2.26 17.26
C GLU A 135 -3.25 1.64 17.66
N VAL A 136 -2.43 1.32 16.66
CA VAL A 136 -1.13 0.73 16.92
C VAL A 136 -0.30 1.60 17.86
N LYS A 137 -0.32 2.90 17.62
CA LYS A 137 0.43 3.85 18.44
C LYS A 137 -0.09 3.85 19.88
N ASP A 138 -1.41 3.79 20.02
CA ASP A 138 -2.04 3.78 21.33
C ASP A 138 -1.72 2.48 22.08
N LEU A 139 -1.50 1.41 21.33
CA LEU A 139 -1.18 0.12 21.92
C LEU A 139 0.26 0.08 22.41
N HIS A 140 1.01 1.16 22.15
CA HIS A 140 2.40 1.25 22.57
C HIS A 140 3.26 0.24 21.81
N LYS A 141 2.95 0.05 20.54
CA LYS A 141 3.70 -0.89 19.71
C LYS A 141 3.93 -0.30 18.32
N ILE A 142 4.69 0.78 18.25
CA ILE A 142 4.99 1.44 16.98
C ILE A 142 6.44 1.90 16.93
N VAL A 143 7.05 1.81 15.76
CA VAL A 143 8.44 2.22 15.57
C VAL A 143 8.56 3.27 14.48
N LEU A 144 9.74 3.88 14.36
CA LEU A 144 9.99 4.90 13.35
C LEU A 144 11.23 4.58 12.55
N PRO A 145 11.05 3.86 11.43
CA PRO A 145 12.15 3.48 10.54
C PRO A 145 12.75 4.68 9.80
N THR A 146 11.88 5.53 9.27
CA THR A 146 12.31 6.71 8.55
C THR A 146 13.03 6.32 7.25
N PRO A 147 12.25 6.03 6.21
CA PRO A 147 12.79 5.64 4.90
C PRO A 147 13.47 6.80 4.19
N ILE A 148 14.43 6.47 3.33
CA ILE A 148 15.16 7.50 2.58
C ILE A 148 14.98 7.31 1.08
N SER A 149 14.43 6.17 0.69
CA SER A 149 14.20 5.87 -0.72
C SER A 149 13.50 7.03 -1.41
N ASN A 150 12.44 7.54 -0.78
CA ASN A 150 11.68 8.66 -1.33
C ASN A 150 12.60 9.83 -1.68
N ALA A 151 13.51 10.15 -0.77
CA ALA A 151 14.46 11.23 -0.97
C ALA A 151 15.25 11.04 -2.26
N LEU A 152 15.80 9.84 -2.43
CA LEU A 152 16.59 9.52 -3.61
C LEU A 152 15.78 9.72 -4.89
N LEU A 153 14.55 9.20 -4.89
CA LEU A 153 13.67 9.33 -6.05
C LEU A 153 13.45 10.80 -6.40
N THR A 154 12.84 11.54 -5.48
CA THR A 154 12.57 12.96 -5.70
C THR A 154 13.84 13.70 -6.07
N ASP A 155 14.97 13.24 -5.54
CA ASP A 155 16.26 13.87 -5.82
C ASP A 155 16.46 14.05 -7.32
N LYS A 156 16.07 13.04 -8.08
CA LYS A 156 16.20 13.08 -9.54
C LYS A 156 15.64 11.80 -10.17
N LEU A 157 16.05 10.66 -9.63
CA LEU A 157 15.59 9.37 -10.15
C LEU A 157 16.04 9.17 -11.59
N GLU A 158 16.01 7.92 -12.05
CA GLU A 158 16.41 7.59 -13.41
C GLU A 158 15.66 8.46 -14.42
N SER A 159 14.39 8.13 -14.64
CA SER A 159 13.55 8.88 -15.58
C SER A 159 14.25 9.01 -16.93
N GLN A 160 15.06 8.00 -17.27
CA GLN A 160 15.79 8.00 -18.53
C GLN A 160 16.61 6.73 -18.69
N LYS A 161 16.12 5.81 -19.52
CA LYS A 161 16.81 4.55 -19.75
C LYS A 161 16.90 3.73 -18.47
N GLU A 162 17.16 2.43 -18.62
CA GLU A 162 17.27 1.55 -17.47
C GLU A 162 16.04 1.66 -16.57
N TRP A 163 15.00 0.90 -16.89
CA TRP A 163 13.78 0.93 -16.11
C TRP A 163 13.14 2.31 -16.14
N LEU A 164 12.08 2.45 -16.94
CA LEU A 164 11.38 3.72 -17.07
C LEU A 164 10.59 4.04 -15.80
N ARG A 165 10.07 5.25 -15.72
CA ARG A 165 9.30 5.68 -14.56
C ARG A 165 8.19 4.67 -14.24
N THR A 166 7.55 4.16 -15.29
CA THR A 166 6.47 3.20 -15.13
C THR A 166 6.93 2.01 -14.29
N LYS A 167 8.22 1.74 -14.31
CA LYS A 167 8.79 0.62 -13.55
C LYS A 167 8.72 0.91 -12.05
N THR A 168 9.53 1.86 -11.60
CA THR A 168 9.57 2.23 -10.18
C THR A 168 8.16 2.45 -9.64
N ILE A 169 7.34 3.16 -10.41
CA ILE A 169 5.97 3.45 -10.00
C ILE A 169 5.16 2.16 -9.86
N GLN A 170 5.29 1.27 -10.84
CA GLN A 170 4.58 0.01 -10.82
C GLN A 170 5.02 -0.86 -9.65
N PHE A 171 6.28 -0.71 -9.25
CA PHE A 171 6.83 -1.48 -8.14
C PHE A 171 6.23 -1.00 -6.81
N ILE A 172 6.36 0.29 -6.54
CA ILE A 172 5.84 0.87 -5.31
C ILE A 172 4.34 0.65 -5.19
N LEU A 173 3.64 0.77 -6.31
CA LEU A 173 2.19 0.57 -6.34
C LEU A 173 1.82 -0.88 -6.04
N LYS A 174 2.49 -1.80 -6.73
CA LYS A 174 2.24 -3.23 -6.53
C LYS A 174 2.43 -3.62 -5.07
N SER A 175 3.54 -3.17 -4.49
CA SER A 175 3.85 -3.48 -3.10
C SER A 175 2.80 -2.89 -2.17
N LEU A 176 2.41 -1.65 -2.44
CA LEU A 176 1.41 -0.96 -1.62
C LEU A 176 0.12 -1.77 -1.55
N GLU A 177 -0.37 -2.20 -2.72
CA GLU A 177 -1.60 -2.98 -2.79
C GLU A 177 -1.45 -4.29 -2.03
N GLU A 178 -0.45 -5.09 -2.42
CA GLU A 178 -0.20 -6.36 -1.77
C GLU A 178 -0.09 -6.21 -0.26
N PHE A 179 0.70 -5.22 0.18
CA PHE A 179 0.89 -4.96 1.60
C PHE A 179 -0.45 -4.74 2.29
N LEU A 180 -1.27 -3.86 1.71
CA LEU A 180 -2.58 -3.55 2.27
C LEU A 180 -3.41 -4.82 2.47
N LYS A 181 -3.52 -5.62 1.41
CA LYS A 181 -4.28 -6.86 1.47
C LYS A 181 -3.81 -7.73 2.62
N VAL A 182 -2.51 -8.00 2.67
CA VAL A 182 -1.93 -8.81 3.72
C VAL A 182 -2.15 -8.19 5.09
N THR A 183 -2.05 -6.87 5.16
CA THR A 183 -2.24 -6.15 6.41
C THR A 183 -3.62 -6.41 6.98
N LEU A 184 -4.63 -6.38 6.12
CA LEU A 184 -6.01 -6.62 6.55
C LEU A 184 -6.20 -8.07 6.97
N ARG A 185 -5.86 -8.99 6.07
CA ARG A 185 -5.99 -10.42 6.34
C ARG A 185 -5.16 -10.82 7.56
N SER A 186 -4.16 -10.01 7.88
CA SER A 186 -3.29 -10.28 9.02
C SER A 186 -3.93 -9.83 10.32
N THR A 187 -4.45 -8.59 10.33
CA THR A 187 -5.09 -8.04 11.51
C THR A 187 -6.37 -8.78 11.85
N ARG A 188 -6.99 -9.38 10.83
CA ARG A 188 -8.22 -10.14 11.02
C ARG A 188 -7.96 -11.42 11.79
N GLN A 189 -6.82 -12.05 11.53
CA GLN A 189 -6.45 -13.29 12.21
C GLN A 189 -7.65 -14.22 12.32
N THR A 190 -7.91 -14.99 11.27
CA THR A 190 -9.02 -15.92 11.25
C THR A 190 -8.56 -17.35 11.51
#